data_7E5S
#
_entry.id   7E5S
#
loop_
_entity.id
_entity.type
_entity.pdbx_description
1 polymer 'Spike glycoprotein'
2 polymer 'H014 light chain'
3 polymer 'H014 heavy chain'
4 polymer 'P17 heavy chain'
5 polymer 'P17 light chain'
6 polymer 'FC05 light chain'
7 polymer 'HB27 light chain'
8 polymer 'FC05 heavy chain'
9 polymer 'HB27 heavy chain'
10 branched 2-acetamido-2-deoxy-beta-D-glucopyranose-(1-4)-2-acetamido-2-deoxy-beta-D-glucopyranose
#
loop_
_entity_poly.entity_id
_entity_poly.type
_entity_poly.pdbx_seq_one_letter_code
_entity_poly.pdbx_strand_id
1 'polypeptide(L)'
;MFVFLVLLPLVSSQCVNLTTRTQLPPAYTNSFTRGVYYPDKVFRSSVLHSTQDLFLPFFSNVTWFHAIHVSGTNGTKRFD
NPVLPFNDGVYFASTEKSNIIRGWIFGTTLDSKTQSLLIVNNATNVVIKVCEFQFCNDPFLGVYYHKNNKSWMESEFRVY
SSANNCTFEYVSQPFLMDLEGKQGNFKNLREFVFKNIDGYFKIYSKHTPINLVRDLPQGFSALEPLVDLPIGINITRFQT
LLALHRSYLTPGDSSSGWTAGAAAYYVGYLQPRTFLLKYNENGTITDAVDCALDPLSETKCTLKSFTVEKGIYQTSNFRV
QPTESIVRFPNITNLCPFGEVFNATRFASVYAWNRKRISNCVADYSVLYNSASFSTFKCYGVSPTKLNDLCFTNVYADSF
VIRGDEVRQIAPGQTGKIADYNYKLPDDFTGCVIAWNSNNLDSKVGGNYNYLYRLFRKSNLKPFERDISTEIYQAGSTPC
NGVEGFNCYFPLQSYGFQPTNGVGYQPYRVVVLSFELLHAPATVCGPKKSTNLVKNKCVNFNFNGLTGTGVLTESNKKFL
PFQQFGRDIADTTDAVRDPQTLEILDITPCSFGGVSVITPGTNTSNQVAVLYQDVNCTEVPVAIHADQLTPTWRVYSTGS
NVFQTRAGCLIGAEHVNNSYECDIPIGAGICASYQTQTNSPGSASSVASQSIIAYTMSLGAENSVAYSNNSIAIPTNFTI
SVTTEILPVSMTKTSVDCTMYICGDSTECSNLLLQYGSFCTQLNRALTGIAVEQDKNTQEVFAQVKQIYKTPPIKDFGGF
NFSQILPDPSKPSKRSFIEDLLFNKVTLADAGFIKQYGDCLGDIAARDLICAQKFNGLTVLPPLLTDEMIAQYTSALLAG
TITSGWTFGAGAALQIPFAMQMAYRFNGIGVTQNVLYENQKLIANQFNSAIGKIQDSLSSTASALGKLQDVVNQNAQALN
TLVKQLSSNFGAISSVLNDILSRLDPPEAEVQIDRLITGRLQSLQTYVTQQLIRAAEIRASANLAATKMSECVLGQSKRV
DFCGKGYHLMSFPQSAPHGVVFLHVTYVPAQEKNFTTAPAICHDGKAHFPREGVFVSNGTHWFVTQRNFYEPQIITTDNT
FVSGNCDVVIGIVNNTVYDPLQPELDSFKEELDKYFKNHTSPDVDLGDISGINASVVNIQKEIDRLNEVAKNLNESLIDL
QELGKYEQGGRGSGYIPEAPRDGQAYVRKDGEWVLLSTFLGRSLEVLFQGPGWSHPQFEKGGGSGGGSGGSSAWSHPQFE
K
;
A,B,C
2 'polypeptide(L)'
;IVLTQSPFQSVSPKEKVTITCRASQSISSNLHWYQQKPDQSPKLLIKYASQSISGIPSRFSGSGSGTDFTLTINSLEAED
FGIYFCQQTNFWPYIFGQGTKLEILKRTVAAPSVFIFPPSDEQLKSGTASVVCLLNNFYPREAKVQWKVDNALQSGNSES
VTEQDSKDSTYSLSSTLTLSKADYEKHKVYACEVTHQGLSSTKSFNRGEC
;
D,H
3 'polypeptide(L)'
;EVQLVQSGAEVKKPGATVKISCKVSGYSFSNYYIHWVKQAPGKSLEWIGYIDPFNGGTSDNLKFKGAATLTADTSTDTAY
MELSSLRSEDTAVYYCARSEYDPYYVMDYWGQGTTVTVSSASTKGPSVFPLAPSSKSTSGGTAALGCLVKDYFPEPVTVS
WNSGALTSGVHTFPAVLQSSGLYSLSSVVTVPSSSLGTQTYICNVNHKPSNTKVDKKVEPKSC
;
E,L
4 'polypeptide(L)'
;QQLVESGGGVVQPGRSLRLSCAASGFTFSSYAMHWVRQAPGKGLEWVAVISYDGSNKYYADSVKGRFTISRDNSKNTLYL
QMNSLRAEDTAVYYCARHATLMNNKDIWGQGTLVTVSSAS
;
I,J
5 'polypeptide(L)'
;GDIQLTQSPSSLSASVGDRVTITCRASQSISSYLNWYQQKPGKAPKLLIYAASSLQSGVPSRFSGSGSGTDFTLTISSLQ
PEDFATYYCQQSYSTPRTFGQGTKVEIK
;
K,T
6 'polypeptide(L)'
;SVLTQAPSVSGAPGQKVTISCSGSSSNIGNNYVSWYQQLPGTAPKLLIYDNNKRPSGIPDRFSGSKSGTSATLGITGLQT
GDEADYYCGTWDSSLSAVVFGGGTKLTVL
;
N,Q,S
7 'polypeptide(L)'
;EIVLTQSPTLSLSPGERATLSCRASESVDNYGISFMNWFQQKPGQAPRLLIYAASNQGSGIPSRFSGSGSGTDFSLTISS
LEPEDFAVYFCQQSKEVPRIFGQGTKVEILK
;
O
8 'polypeptide(L)'
;EVQLLEQSGAEVKKPGASVRVSCKVSGYTLPEVAMHWVRQAPGKGLEWMGGFDPEDGETMYAQKFQGRVTMTEDTSTDTA
YMELSSLRSEDTAVYYCATTTPFSSSYWFDPWGQGTLVTV
;
P,U,V
9 'polypeptide(L)'
;EVKLVESGGGLVKPGGSLRLSCAASGFTFTNYGMSWVRQAPGKRLEWVAEISSGGSYTYYPDTVTGRFTISRDNAKNTLY
LQMNSLRAEDTAVYYCARFRYGGGGTVDYWGQGTLVTVSSASTKGPSVFPLAPSSKSTSGGTAALGCLVKDYFPEPVTVS
WNSGALTSGVHTFPAVLQSSGLYSLSSVVTVPSSSLGTQTYICNVNHKPSNTKVDKKVEPKSC
;
R
#
loop_
_chem_comp.id
_chem_comp.type
_chem_comp.name
_chem_comp.formula
NAG D-saccharide, beta linking 2-acetamido-2-deoxy-beta-D-glucopyranose 'C8 H15 N O6'
#
# COMPACT_ATOMS: atom_id res chain seq x y z
N GLN A 14 23.26 10.93 63.64
CA GLN A 14 23.16 11.68 62.36
C GLN A 14 21.73 12.17 62.16
N CYS A 15 21.40 12.63 60.94
CA CYS A 15 20.03 13.12 60.62
C CYS A 15 19.58 14.19 61.61
N VAL A 16 20.48 15.09 62.02
CA VAL A 16 20.07 16.22 62.91
C VAL A 16 19.10 17.10 62.14
N ASN A 17 18.02 17.56 62.78
CA ASN A 17 17.03 18.43 62.10
C ASN A 17 16.92 19.77 62.85
N LEU A 18 17.04 20.89 62.12
CA LEU A 18 16.89 22.22 62.76
C LEU A 18 15.71 22.96 62.13
N THR A 19 14.69 23.31 62.92
CA THR A 19 13.57 24.12 62.39
C THR A 19 13.74 25.56 62.90
N THR A 20 14.69 25.78 63.80
CA THR A 20 14.95 27.13 64.39
C THR A 20 13.65 27.69 65.00
N ARG A 21 13.34 28.95 64.72
CA ARG A 21 12.09 29.56 65.25
C ARG A 21 11.03 29.65 64.15
N THR A 22 11.38 30.19 62.97
CA THR A 22 10.39 30.34 61.88
C THR A 22 11.09 30.28 60.51
N GLN A 23 10.37 29.81 59.47
CA GLN A 23 10.93 29.79 58.10
C GLN A 23 11.14 31.22 57.61
N LEU A 24 10.24 32.15 57.95
CA LEU A 24 10.34 33.60 57.58
C LEU A 24 9.76 33.83 56.17
N PRO A 25 9.35 35.08 55.82
CA PRO A 25 8.85 35.37 54.46
C PRO A 25 9.92 35.21 53.36
N PRO A 26 9.58 34.64 52.19
CA PRO A 26 10.53 34.52 51.07
C PRO A 26 10.86 35.86 50.41
N ALA A 27 12.12 36.06 50.02
CA ALA A 27 12.51 37.29 49.29
C ALA A 27 12.29 37.06 47.79
N TYR A 28 12.01 38.13 47.03
CA TYR A 28 11.80 38.00 45.56
C TYR A 28 12.66 39.00 44.80
N THR A 29 13.32 38.56 43.73
CA THR A 29 14.19 39.44 42.90
C THR A 29 14.01 39.09 41.43
N ASN A 30 14.28 40.03 40.52
CA ASN A 30 14.04 39.78 39.07
C ASN A 30 15.36 39.62 38.32
N SER A 31 15.48 38.56 37.50
CA SER A 31 16.70 38.39 36.67
C SER A 31 16.36 38.84 35.24
N PHE A 32 17.08 39.85 34.74
CA PHE A 32 16.77 40.41 33.39
C PHE A 32 16.99 39.34 32.31
N THR A 33 18.13 38.64 32.37
CA THR A 33 18.40 37.53 31.41
C THR A 33 18.88 36.32 32.20
N ARG A 34 18.27 35.14 31.98
CA ARG A 34 18.65 33.93 32.77
C ARG A 34 18.23 32.66 32.03
N GLY A 35 18.75 31.51 32.46
CA GLY A 35 18.39 30.21 31.83
C GLY A 35 18.69 30.16 30.35
N VAL A 36 19.86 30.67 29.94
CA VAL A 36 20.27 30.61 28.50
C VAL A 36 21.24 29.44 28.32
N TYR A 37 20.97 28.55 27.34
CA TYR A 37 21.93 27.46 27.04
C TYR A 37 21.80 27.12 25.55
N TYR A 38 22.36 25.98 25.12
CA TYR A 38 22.25 25.56 23.70
C TYR A 38 21.35 24.34 23.58
N PRO A 39 20.11 24.49 23.08
CA PRO A 39 19.23 23.34 22.87
C PRO A 39 19.74 22.42 21.75
N ASP A 40 20.27 22.99 20.66
CA ASP A 40 20.68 22.17 19.48
C ASP A 40 21.82 21.23 19.83
N LYS A 41 21.82 20.03 19.23
CA LYS A 41 22.90 19.03 19.48
C LYS A 41 24.07 19.32 18.53
N VAL A 42 23.92 20.34 17.67
CA VAL A 42 24.96 20.67 16.66
C VAL A 42 25.68 21.95 17.05
N PHE A 43 27.02 21.93 17.09
CA PHE A 43 27.77 23.19 17.33
C PHE A 43 27.62 24.05 16.06
N ARG A 44 27.29 25.33 16.22
CA ARG A 44 27.09 26.22 15.04
C ARG A 44 27.85 27.53 15.25
N SER A 45 28.31 28.15 14.15
CA SER A 45 29.05 29.45 14.25
C SER A 45 28.46 30.49 13.30
N SER A 46 28.23 31.71 13.77
CA SER A 46 27.75 32.84 12.91
C SER A 46 26.46 32.50 12.14
N VAL A 47 25.50 31.83 12.78
CA VAL A 47 24.20 31.49 12.13
C VAL A 47 23.05 31.84 13.08
N LEU A 48 21.85 32.11 12.56
CA LEU A 48 20.67 32.37 13.42
C LEU A 48 19.69 31.19 13.32
N HIS A 49 19.29 30.62 14.45
CA HIS A 49 18.35 29.45 14.45
C HIS A 49 17.30 29.64 15.54
N SER A 50 16.10 29.08 15.36
CA SER A 50 15.06 29.15 16.42
C SER A 50 14.72 27.73 16.91
N THR A 51 14.78 27.50 18.22
CA THR A 51 14.45 26.17 18.79
C THR A 51 13.57 26.35 20.03
N GLN A 52 12.70 25.38 20.33
CA GLN A 52 11.84 25.47 21.54
C GLN A 52 12.30 24.44 22.57
N ASP A 53 12.54 24.88 23.81
CA ASP A 53 13.02 23.97 24.89
C ASP A 53 12.63 24.59 26.23
N LEU A 54 12.73 23.85 27.33
CA LEU A 54 12.45 24.45 28.66
C LEU A 54 13.52 25.52 28.93
N PHE A 55 13.10 26.72 29.35
CA PHE A 55 14.06 27.83 29.60
C PHE A 55 13.53 28.70 30.74
N LEU A 56 14.40 29.46 31.41
CA LEU A 56 13.90 30.40 32.44
C LEU A 56 13.50 31.69 31.72
N PRO A 57 12.22 32.15 31.82
CA PRO A 57 11.77 33.33 31.08
C PRO A 57 12.51 34.60 31.48
N PHE A 58 12.84 35.45 30.50
CA PHE A 58 13.56 36.72 30.79
C PHE A 58 12.66 37.70 31.53
N PHE A 59 13.23 38.54 32.40
CA PHE A 59 12.44 39.58 33.12
C PHE A 59 11.29 38.93 33.89
N SER A 60 11.55 37.79 34.53
CA SER A 60 10.52 37.10 35.34
C SER A 60 10.96 37.03 36.79
N ASN A 61 10.06 37.30 37.74
CA ASN A 61 10.43 37.34 39.18
C ASN A 61 10.93 35.94 39.58
N VAL A 62 12.05 35.89 40.30
CA VAL A 62 12.64 34.59 40.76
C VAL A 62 12.64 34.57 42.28
N THR A 63 12.08 33.51 42.88
CA THR A 63 12.00 33.43 44.36
C THR A 63 13.41 33.29 44.93
N TRP A 64 13.67 33.98 46.04
CA TRP A 64 15.02 33.92 46.66
C TRP A 64 14.89 33.45 48.11
N PHE A 65 15.70 32.46 48.51
CA PHE A 65 15.65 31.93 49.89
C PHE A 65 17.06 31.91 50.46
N HIS A 66 17.18 31.91 51.78
CA HIS A 66 18.52 31.78 52.40
C HIS A 66 18.63 30.40 53.05
N ALA A 67 19.63 29.61 52.66
CA ALA A 67 19.82 28.30 53.34
C ALA A 67 20.11 28.61 54.81
N ILE A 68 20.95 29.61 55.08
CA ILE A 68 21.18 30.05 56.49
C ILE A 68 20.88 31.55 56.53
N HIS A 69 20.02 31.98 57.45
CA HIS A 69 19.64 33.42 57.55
C HIS A 69 20.15 33.98 58.87
N VAL A 70 20.83 35.14 58.82
CA VAL A 70 21.30 35.78 60.08
C VAL A 70 20.52 37.07 60.31
N SER A 71 19.88 37.21 61.48
CA SER A 71 19.16 38.46 61.84
C SER A 71 20.17 39.47 62.36
N GLY A 72 19.76 40.71 62.64
CA GLY A 72 20.75 41.73 63.04
C GLY A 72 21.13 41.58 64.50
N THR A 73 21.74 40.44 64.87
CA THR A 73 22.20 40.16 66.26
C THR A 73 23.23 39.03 66.18
N ASN A 74 23.98 38.80 67.26
CA ASN A 74 24.98 37.68 67.27
C ASN A 74 24.23 36.35 67.12
N GLY A 75 24.80 35.41 66.35
CA GLY A 75 24.15 34.11 66.11
C GLY A 75 22.80 34.24 65.43
N THR A 76 21.75 33.61 65.99
CA THR A 76 20.39 33.64 65.38
C THR A 76 20.41 33.11 63.94
N LYS A 77 21.17 32.04 63.69
CA LYS A 77 21.18 31.42 62.34
C LYS A 77 19.82 30.74 62.11
N ARG A 78 19.28 30.83 60.89
CA ARG A 78 17.93 30.25 60.62
C ARG A 78 18.03 29.23 59.49
N PHE A 79 17.41 28.05 59.67
CA PHE A 79 17.38 27.03 58.60
C PHE A 79 16.15 27.33 57.74
N ASP A 80 16.34 28.04 56.61
CA ASP A 80 15.18 28.47 55.79
C ASP A 80 15.19 27.79 54.41
N ASN A 81 15.86 26.65 54.29
CA ASN A 81 15.83 25.90 52.99
C ASN A 81 14.77 24.80 53.05
N PRO A 82 13.62 24.94 52.36
CA PRO A 82 12.57 23.92 52.34
C PRO A 82 12.70 22.96 51.14
N VAL A 83 11.98 21.83 51.17
CA VAL A 83 11.99 20.96 49.97
C VAL A 83 11.31 21.74 48.83
N LEU A 84 11.96 21.85 47.67
CA LEU A 84 11.39 22.67 46.57
C LEU A 84 11.02 21.76 45.40
N PRO A 85 9.76 21.79 44.90
CA PRO A 85 9.35 20.89 43.84
C PRO A 85 10.16 21.11 42.57
N PHE A 86 10.68 20.04 41.96
CA PHE A 86 11.52 20.18 40.74
C PHE A 86 10.71 20.75 39.58
N ASN A 87 9.47 20.28 39.40
CA ASN A 87 8.59 20.75 38.30
C ASN A 87 9.22 20.48 36.93
N ASP A 88 9.04 21.38 35.97
CA ASP A 88 9.62 21.20 34.61
C ASP A 88 11.15 21.23 34.70
N GLY A 89 11.70 22.18 35.46
CA GLY A 89 13.16 22.27 35.64
C GLY A 89 13.52 23.07 36.88
N VAL A 90 14.75 22.91 37.38
CA VAL A 90 15.21 23.73 38.54
C VAL A 90 16.47 24.52 38.16
N TYR A 91 16.50 25.82 38.45
CA TYR A 91 17.73 26.61 38.19
C TYR A 91 18.31 27.04 39.55
N PHE A 92 19.60 26.80 39.77
CA PHE A 92 20.24 27.16 41.06
C PHE A 92 21.25 28.27 40.84
N ALA A 93 21.11 29.39 41.55
CA ALA A 93 22.10 30.49 41.45
C ALA A 93 22.59 30.84 42.85
N SER A 94 23.91 30.89 43.04
CA SER A 94 24.47 31.29 44.36
C SER A 94 25.75 32.10 44.14
N THR A 95 26.02 33.10 44.99
CA THR A 95 27.30 33.84 44.84
C THR A 95 28.42 32.83 45.09
N GLU A 96 28.31 32.01 46.14
CA GLU A 96 29.31 30.93 46.39
C GLU A 96 30.74 31.48 46.41
N LYS A 97 30.99 32.63 47.04
CA LYS A 97 32.39 33.10 47.18
C LYS A 97 33.10 32.01 48.00
N SER A 98 32.42 31.48 49.02
CA SER A 98 32.95 30.33 49.79
C SER A 98 32.02 29.16 49.48
N ASN A 99 32.57 27.96 49.21
CA ASN A 99 31.70 26.85 48.78
C ASN A 99 31.05 26.18 49.99
N ILE A 100 29.92 26.73 50.48
CA ILE A 100 29.17 26.10 51.60
C ILE A 100 28.18 25.09 50.99
N ILE A 101 27.97 25.15 49.68
CA ILE A 101 27.09 24.17 48.99
C ILE A 101 27.99 23.26 48.16
N ARG A 102 27.99 21.94 48.44
CA ARG A 102 28.88 21.00 47.71
C ARG A 102 28.04 20.09 46.84
N GLY A 103 26.75 19.94 47.17
CA GLY A 103 25.94 18.97 46.44
C GLY A 103 24.47 19.27 46.46
N TRP A 104 23.68 18.47 45.73
CA TRP A 104 22.23 18.74 45.61
C TRP A 104 21.48 17.41 45.52
N ILE A 105 20.34 17.29 46.22
CA ILE A 105 19.62 15.98 46.26
C ILE A 105 18.36 16.03 45.38
N PHE A 106 18.20 15.04 44.51
CA PHE A 106 17.05 14.99 43.58
C PHE A 106 16.33 13.66 43.78
N GLY A 107 15.01 13.66 43.89
CA GLY A 107 14.27 12.40 44.13
C GLY A 107 12.77 12.61 44.03
N THR A 108 12.06 11.60 43.51
CA THR A 108 10.58 11.73 43.38
C THR A 108 9.97 11.98 44.76
N THR A 109 10.41 11.21 45.76
CA THR A 109 9.89 11.39 47.14
C THR A 109 11.08 11.73 48.06
N LEU A 110 12.31 11.67 47.53
CA LEU A 110 13.51 11.89 48.37
C LEU A 110 13.46 10.92 49.55
N ASP A 111 13.05 9.66 49.30
CA ASP A 111 12.86 8.68 50.40
C ASP A 111 13.40 7.31 49.95
N SER A 112 13.58 6.39 50.89
CA SER A 112 14.06 5.02 50.56
C SER A 112 13.00 4.32 49.69
N LYS A 113 13.43 3.41 48.80
CA LYS A 113 12.52 2.66 47.87
C LYS A 113 12.22 3.54 46.64
N THR A 114 12.78 4.75 46.60
CA THR A 114 12.62 5.63 45.41
C THR A 114 14.03 6.06 44.96
N GLN A 115 14.32 5.99 43.66
CA GLN A 115 15.69 6.31 43.18
C GLN A 115 16.00 7.76 43.54
N SER A 116 17.21 8.03 44.06
CA SER A 116 17.56 9.41 44.48
C SER A 116 18.93 9.79 43.89
N LEU A 117 19.13 11.07 43.59
CA LEU A 117 20.41 11.54 43.00
C LEU A 117 21.15 12.35 44.06
N LEU A 118 22.40 11.97 44.37
CA LEU A 118 23.19 12.69 45.41
C LEU A 118 24.47 13.24 44.76
N ILE A 119 24.77 14.51 45.00
CA ILE A 119 26.03 15.11 44.49
C ILE A 119 26.90 15.46 45.70
N VAL A 120 28.16 15.03 45.71
CA VAL A 120 29.08 15.35 46.83
C VAL A 120 30.38 15.94 46.27
N ASN A 121 30.78 17.13 46.74
CA ASN A 121 32.03 17.78 46.26
C ASN A 121 33.13 17.63 47.32
N ASN A 122 32.90 16.79 48.33
CA ASN A 122 33.91 16.58 49.41
C ASN A 122 35.19 16.02 48.78
N ALA A 123 35.05 15.10 47.82
CA ALA A 123 36.22 14.53 47.11
C ALA A 123 36.77 15.58 46.12
N THR A 124 38.03 15.43 45.70
CA THR A 124 38.65 16.42 44.78
C THR A 124 37.84 16.46 43.47
N ASN A 125 37.38 15.29 43.01
CA ASN A 125 36.50 15.24 41.80
C ASN A 125 35.08 14.97 42.28
N VAL A 126 34.08 15.70 41.76
CA VAL A 126 32.69 15.56 42.26
C VAL A 126 32.21 14.12 42.01
N VAL A 127 31.45 13.56 42.95
CA VAL A 127 30.94 12.17 42.81
C VAL A 127 29.41 12.21 42.72
N ILE A 128 28.83 11.56 41.72
CA ILE A 128 27.35 11.55 41.54
C ILE A 128 26.84 10.13 41.87
N LYS A 129 25.82 10.03 42.73
CA LYS A 129 25.30 8.72 43.17
C LYS A 129 23.84 8.55 42.74
N VAL A 130 23.45 7.39 42.20
CA VAL A 130 22.04 7.11 41.81
C VAL A 130 21.63 5.86 42.62
N CYS A 131 21.26 6.05 43.88
CA CYS A 131 20.99 4.96 44.86
C CYS A 131 19.73 5.38 45.66
N GLU A 132 18.99 4.43 46.23
CA GLU A 132 17.76 4.85 46.95
C GLU A 132 18.23 5.36 48.31
N PHE A 133 17.90 6.61 48.64
CA PHE A 133 18.42 7.20 49.90
C PHE A 133 17.24 7.65 50.76
N GLN A 134 17.23 7.27 52.04
CA GLN A 134 16.16 7.78 52.93
C GLN A 134 16.67 9.10 53.54
N PHE A 135 16.23 10.22 52.99
CA PHE A 135 16.71 11.54 53.46
C PHE A 135 15.98 11.94 54.75
N CYS A 136 16.69 12.57 55.69
CA CYS A 136 16.06 13.07 56.94
C CYS A 136 15.23 14.31 56.60
N ASN A 137 14.29 14.69 57.47
CA ASN A 137 13.40 15.84 57.14
C ASN A 137 14.28 17.07 56.88
N ASP A 138 15.29 17.28 57.71
CA ASP A 138 16.26 18.38 57.42
C ASP A 138 17.61 17.72 57.14
N PRO A 139 18.07 17.66 55.87
CA PRO A 139 19.33 16.99 55.53
C PRO A 139 20.49 17.94 55.19
N PHE A 140 21.60 17.83 55.93
CA PHE A 140 22.79 18.66 55.63
C PHE A 140 24.06 17.82 55.84
N LEU A 141 25.13 18.14 55.09
CA LEU A 141 26.42 17.43 55.28
C LEU A 141 27.01 17.79 56.64
N GLY A 142 27.64 16.83 57.33
CA GLY A 142 28.29 17.12 58.62
C GLY A 142 29.79 17.08 58.47
N VAL A 143 30.48 18.16 58.85
CA VAL A 143 31.95 18.23 58.64
C VAL A 143 32.66 18.11 59.99
N TYR A 144 33.61 17.18 60.11
CA TYR A 144 34.39 17.02 61.36
C TYR A 144 35.88 17.08 61.03
N TYR A 145 36.68 17.66 61.92
CA TYR A 145 38.15 17.69 61.67
C TYR A 145 38.67 16.26 61.84
N HIS A 146 39.36 15.73 60.83
CA HIS A 146 39.86 14.33 60.89
C HIS A 146 40.90 14.20 62.01
N LYS A 147 41.75 15.22 62.19
CA LYS A 147 42.82 15.23 63.23
C LYS A 147 44.03 14.46 62.70
N ASN A 148 43.91 13.91 61.49
CA ASN A 148 45.03 13.15 60.86
C ASN A 148 45.40 13.82 59.54
N ASN A 149 46.69 14.13 59.34
CA ASN A 149 47.18 14.75 58.08
C ASN A 149 46.55 16.14 57.89
N LYS A 150 46.17 16.80 58.99
CA LYS A 150 45.63 18.19 58.91
C LYS A 150 44.49 18.25 57.89
N SER A 151 43.54 17.32 57.95
CA SER A 151 42.46 17.27 56.92
C SER A 151 41.08 17.33 57.57
N TRP A 152 40.07 17.80 56.83
CA TRP A 152 38.67 17.85 57.34
C TRP A 152 37.81 16.86 56.54
N MET A 153 37.02 16.03 57.22
CA MET A 153 36.20 15.02 56.52
C MET A 153 34.71 15.37 56.67
N GLU A 154 33.97 15.36 55.56
CA GLU A 154 32.51 15.65 55.60
C GLU A 154 31.75 14.36 55.23
N SER A 155 30.70 14.01 55.98
CA SER A 155 30.01 12.73 55.73
C SER A 155 28.68 12.94 54.99
N GLU A 156 28.51 12.28 53.84
CA GLU A 156 27.23 12.36 53.08
C GLU A 156 26.13 11.62 53.84
N PHE A 157 26.51 10.67 54.70
CA PHE A 157 25.51 9.84 55.45
C PHE A 157 24.67 10.71 56.39
N ARG A 158 25.18 11.89 56.78
CA ARG A 158 24.33 12.79 57.60
C ARG A 158 23.08 13.14 56.78
N VAL A 159 23.25 13.40 55.48
CA VAL A 159 22.09 13.73 54.58
C VAL A 159 21.14 12.53 54.47
N TYR A 160 21.64 11.32 54.29
CA TYR A 160 20.75 10.15 54.08
C TYR A 160 21.06 9.01 55.07
N SER A 161 20.01 8.48 55.72
CA SER A 161 20.22 7.40 56.72
C SER A 161 20.81 6.14 56.08
N SER A 162 20.32 5.74 54.90
CA SER A 162 20.79 4.47 54.29
C SER A 162 20.84 4.54 52.76
N ALA A 163 21.67 3.71 52.12
CA ALA A 163 21.75 3.66 50.64
C ALA A 163 21.52 2.20 50.20
N ASN A 164 20.62 1.97 49.23
CA ASN A 164 20.29 0.59 48.79
C ASN A 164 19.83 0.56 47.34
N ASN A 165 19.89 -0.61 46.68
CA ASN A 165 19.36 -0.77 45.30
C ASN A 165 19.98 0.28 44.37
N CYS A 166 21.30 0.47 44.43
CA CYS A 166 21.95 1.54 43.63
C CYS A 166 22.02 1.15 42.14
N THR A 167 21.20 1.80 41.30
CA THR A 167 21.20 1.56 39.83
C THR A 167 22.59 1.90 39.28
N PHE A 168 23.25 2.96 39.78
CA PHE A 168 24.55 3.35 39.16
C PHE A 168 25.36 4.36 40.00
N GLU A 169 26.63 4.63 39.63
CA GLU A 169 27.51 5.60 40.32
C GLU A 169 28.37 6.30 39.26
N TYR A 170 28.56 7.61 39.37
CA TYR A 170 29.33 8.35 38.33
C TYR A 170 30.41 9.23 38.97
N VAL A 171 31.56 9.38 38.30
CA VAL A 171 32.64 10.29 38.79
C VAL A 171 32.83 11.39 37.76
N SER A 172 32.83 12.66 38.18
CA SER A 172 32.93 13.80 37.23
C SER A 172 33.86 14.88 37.78
N GLN A 173 34.34 15.79 36.93
CA GLN A 173 35.16 16.93 37.42
C GLN A 173 34.28 17.79 38.32
N PRO A 174 34.81 18.44 39.38
CA PRO A 174 33.95 19.17 40.33
C PRO A 174 33.10 20.27 39.68
N PHE A 175 31.80 20.26 39.97
CA PHE A 175 30.88 21.30 39.42
C PHE A 175 31.24 22.66 40.00
N LEU A 176 31.55 22.72 41.31
CA LEU A 176 31.82 24.02 41.98
C LEU A 176 33.33 24.24 42.11
N MET A 177 33.89 25.15 41.30
CA MET A 177 35.33 25.48 41.43
C MET A 177 35.48 26.99 41.64
N ASP A 178 36.22 27.41 42.68
CA ASP A 178 36.48 28.87 42.89
C ASP A 178 37.98 29.15 42.81
N LEU A 179 38.39 30.06 41.92
CA LEU A 179 39.82 30.45 41.86
C LEU A 179 40.18 31.17 43.17
N GLU A 180 39.28 32.02 43.67
CA GLU A 180 39.49 32.77 44.95
C GLU A 180 40.43 33.96 44.72
N GLY A 181 40.69 34.75 45.77
CA GLY A 181 41.57 35.93 45.65
C GLY A 181 40.84 37.10 45.01
N LYS A 182 39.53 36.94 44.76
CA LYS A 182 38.73 38.00 44.09
C LYS A 182 38.65 39.24 44.98
N GLN A 183 38.50 39.06 46.28
CA GLN A 183 38.37 40.19 47.25
C GLN A 183 37.23 41.13 46.83
N GLY A 184 36.41 40.71 45.85
CA GLY A 184 35.25 41.52 45.44
C GLY A 184 35.24 41.82 43.94
N ASN A 185 34.08 42.18 43.39
CA ASN A 185 33.92 42.54 41.95
C ASN A 185 33.78 41.28 41.10
N PHE A 186 33.87 40.10 41.71
CA PHE A 186 33.64 38.83 40.97
C PHE A 186 32.63 38.00 41.76
N LYS A 187 32.89 37.77 43.06
CA LYS A 187 31.95 37.05 43.97
C LYS A 187 31.98 35.54 43.70
N ASN A 188 32.82 35.08 42.76
CA ASN A 188 32.90 33.63 42.40
C ASN A 188 31.51 33.12 42.03
N LEU A 189 30.69 33.92 41.33
CA LEU A 189 29.29 33.50 41.05
C LEU A 189 29.27 32.22 40.21
N ARG A 190 28.44 31.25 40.59
CA ARG A 190 28.31 29.99 39.83
C ARG A 190 26.83 29.74 39.53
N GLU A 191 26.50 29.40 38.28
CA GLU A 191 25.09 29.20 37.87
C GLU A 191 24.88 27.73 37.48
N PHE A 192 23.83 27.09 38.02
CA PHE A 192 23.59 25.66 37.73
C PHE A 192 22.17 25.45 37.20
N VAL A 193 22.02 24.70 36.11
CA VAL A 193 20.66 24.39 35.56
C VAL A 193 20.45 22.88 35.67
N PHE A 194 19.31 22.45 36.24
CA PHE A 194 18.99 21.01 36.34
C PHE A 194 17.66 20.75 35.62
N LYS A 195 17.64 19.80 34.69
CA LYS A 195 16.38 19.44 33.98
C LYS A 195 16.35 17.93 33.69
N ASN A 196 15.17 17.32 33.73
CA ASN A 196 15.06 15.87 33.40
C ASN A 196 14.10 15.73 32.20
N ILE A 197 14.59 15.21 31.07
CA ILE A 197 13.72 14.98 29.88
C ILE A 197 13.94 13.55 29.37
N ASP A 198 12.85 12.80 29.10
CA ASP A 198 12.96 11.43 28.53
C ASP A 198 13.91 10.56 29.36
N GLY A 199 13.84 10.67 30.69
CA GLY A 199 14.68 9.83 31.56
C GLY A 199 16.14 10.24 31.55
N TYR A 200 16.44 11.44 31.06
CA TYR A 200 17.84 11.94 31.01
C TYR A 200 17.99 13.19 31.87
N PHE A 201 18.99 13.20 32.76
CA PHE A 201 19.22 14.37 33.65
C PHE A 201 20.53 15.05 33.25
N LYS A 202 20.49 16.36 33.02
CA LYS A 202 21.71 17.10 32.61
C LYS A 202 22.05 18.17 33.65
N ILE A 203 23.32 18.24 34.07
CA ILE A 203 23.75 19.26 35.06
C ILE A 203 24.55 20.32 34.31
N TYR A 204 24.18 21.59 34.45
CA TYR A 204 24.85 22.67 33.67
C TYR A 204 25.67 23.53 34.62
N SER A 205 26.94 23.80 34.30
CA SER A 205 27.73 24.72 35.16
C SER A 205 28.23 25.92 34.35
N LYS A 206 27.96 27.14 34.82
CA LYS A 206 28.50 28.36 34.16
C LYS A 206 29.11 29.25 35.24
N HIS A 207 30.34 29.72 35.04
CA HIS A 207 30.96 30.66 36.03
C HIS A 207 31.04 32.05 35.39
N THR A 208 30.32 33.03 35.96
CA THR A 208 30.33 34.42 35.41
C THR A 208 30.70 35.40 36.53
N PRO A 209 31.69 36.30 36.37
CA PRO A 209 31.98 37.30 37.40
C PRO A 209 30.78 38.23 37.54
N ILE A 210 30.38 38.53 38.78
CA ILE A 210 29.19 39.40 39.02
C ILE A 210 29.61 40.59 39.89
N ASN A 211 29.48 41.81 39.36
CA ASN A 211 29.88 43.03 40.12
C ASN A 211 28.95 43.24 41.32
N LEU A 212 27.64 43.05 41.15
CA LEU A 212 26.67 43.31 42.24
C LEU A 212 26.83 42.25 43.34
N VAL A 213 26.61 42.65 44.60
CA VAL A 213 26.81 41.70 45.73
C VAL A 213 25.83 40.52 45.60
N ARG A 214 24.56 40.80 45.32
CA ARG A 214 23.54 39.71 45.22
C ARG A 214 22.77 39.79 43.90
N ASP A 215 22.59 40.99 43.34
CA ASP A 215 21.75 41.14 42.13
C ASP A 215 22.37 40.41 40.94
N LEU A 216 21.54 39.68 40.17
CA LEU A 216 22.04 38.90 39.00
C LEU A 216 22.49 39.85 37.89
N PRO A 217 23.56 39.54 37.13
CA PRO A 217 24.07 40.41 36.07
C PRO A 217 23.14 40.59 34.85
N GLN A 218 23.16 41.77 34.25
CA GLN A 218 22.33 42.05 33.03
C GLN A 218 22.79 41.14 31.88
N GLY A 219 24.09 40.92 31.74
CA GLY A 219 24.62 40.15 30.60
C GLY A 219 24.12 38.71 30.57
N PHE A 220 23.85 38.19 29.37
CA PHE A 220 23.39 36.78 29.21
C PHE A 220 24.50 35.82 29.64
N SER A 221 24.14 34.72 30.32
CA SER A 221 25.15 33.69 30.67
C SER A 221 24.76 32.39 29.97
N ALA A 222 25.70 31.78 29.23
CA ALA A 222 25.36 30.55 28.47
C ALA A 222 25.73 29.32 29.30
N LEU A 223 24.74 28.55 29.73
CA LEU A 223 24.98 27.35 30.58
C LEU A 223 25.51 26.20 29.71
N GLU A 224 26.48 25.43 30.23
CA GLU A 224 27.01 24.25 29.48
C GLU A 224 26.75 22.99 30.31
N PRO A 225 26.06 21.96 29.77
CA PRO A 225 25.87 20.70 30.49
C PRO A 225 27.17 19.86 30.46
N LEU A 226 27.66 19.46 31.63
CA LEU A 226 28.93 18.69 31.69
C LEU A 226 28.75 17.32 31.02
N VAL A 227 27.65 16.62 31.33
CA VAL A 227 27.41 15.25 30.78
C VAL A 227 25.91 14.96 30.78
N ASP A 228 25.48 13.93 30.03
CA ASP A 228 24.05 13.53 30.05
C ASP A 228 23.94 12.16 30.73
N LEU A 229 23.08 12.03 31.75
CA LEU A 229 22.97 10.76 32.51
C LEU A 229 21.57 10.16 32.32
N PRO A 230 21.43 8.88 31.92
CA PRO A 230 20.13 8.25 31.78
C PRO A 230 19.63 7.70 33.13
N ILE A 231 19.14 8.57 34.02
CA ILE A 231 18.64 8.13 35.35
C ILE A 231 17.43 7.21 35.14
N GLY A 232 16.53 7.57 34.23
CA GLY A 232 15.36 6.72 33.91
C GLY A 232 14.24 6.89 34.93
N ILE A 233 14.39 7.79 35.88
CA ILE A 233 13.37 8.02 36.90
C ILE A 233 13.01 9.49 37.00
N ASN A 234 11.73 9.79 36.84
CA ASN A 234 11.24 11.16 36.93
C ASN A 234 11.45 11.73 38.33
N ILE A 235 11.86 13.00 38.40
CA ILE A 235 12.08 13.66 39.68
C ILE A 235 11.10 14.81 39.83
N THR A 236 10.44 14.89 40.98
CA THR A 236 9.44 15.97 41.20
C THR A 236 9.81 16.81 42.43
N ARG A 237 10.92 16.50 43.11
CA ARG A 237 11.34 17.33 44.27
C ARG A 237 12.86 17.47 44.31
N PHE A 238 13.35 18.67 44.64
CA PHE A 238 14.81 18.95 44.69
C PHE A 238 15.13 19.72 45.98
N GLN A 239 16.33 19.55 46.53
CA GLN A 239 16.73 20.35 47.73
C GLN A 239 18.24 20.60 47.68
N THR A 240 18.70 21.70 48.29
CA THR A 240 20.15 22.03 48.32
C THR A 240 20.81 21.35 49.54
N LEU A 241 22.13 21.17 49.51
CA LEU A 241 22.86 20.51 50.63
C LEU A 241 23.81 21.52 51.29
N LEU A 242 23.82 21.57 52.63
CA LEU A 242 24.66 22.55 53.35
C LEU A 242 25.85 21.84 54.02
N ALA A 243 27.08 22.33 53.81
CA ALA A 243 28.24 21.75 54.51
C ALA A 243 28.41 22.52 55.82
N LEU A 244 28.15 21.87 56.96
CA LEU A 244 28.19 22.58 58.27
C LEU A 244 29.19 21.90 59.20
N HIS A 245 30.00 22.69 59.92
CA HIS A 245 31.05 22.11 60.80
C HIS A 245 30.72 22.40 62.27
N ARG A 246 31.10 21.50 63.17
CA ARG A 246 30.79 21.66 64.62
C ARG A 246 31.53 22.88 65.16
N SER A 247 30.90 23.63 66.07
CA SER A 247 31.54 24.83 66.67
C SER A 247 31.89 24.56 68.14
N TYR A 248 33.15 24.80 68.54
CA TYR A 248 33.58 24.47 69.92
C TYR A 248 33.35 25.66 70.86
N LEU A 249 33.88 25.59 72.09
CA LEU A 249 33.63 26.66 73.10
C LEU A 249 34.26 27.98 72.62
N THR A 250 33.49 29.06 72.67
CA THR A 250 34.00 30.40 72.26
C THR A 250 33.66 31.44 73.34
N PRO A 251 34.54 32.41 73.74
CA PRO A 251 34.12 33.44 74.68
C PRO A 251 33.39 34.60 73.99
N SER A 256 26.17 20.34 69.57
CA SER A 256 27.12 20.50 68.43
C SER A 256 26.74 21.74 67.60
N GLY A 257 27.74 22.51 67.17
CA GLY A 257 27.48 23.70 66.34
C GLY A 257 26.98 23.34 64.95
N TRP A 258 25.98 24.06 64.45
CA TRP A 258 25.43 23.81 63.09
C TRP A 258 25.09 25.14 62.42
N THR A 259 24.90 25.14 61.10
CA THR A 259 24.55 26.38 60.34
C THR A 259 25.59 27.48 60.55
N ALA A 260 26.88 27.12 60.59
CA ALA A 260 27.93 28.15 60.71
C ALA A 260 27.95 28.99 59.43
N GLY A 261 28.08 30.31 59.54
CA GLY A 261 28.11 31.20 58.36
C GLY A 261 26.72 31.50 57.85
N ALA A 262 26.62 32.24 56.73
CA ALA A 262 25.32 32.55 56.12
C ALA A 262 25.30 32.12 54.64
N ALA A 263 24.26 31.41 54.21
CA ALA A 263 24.17 30.95 52.81
C ALA A 263 22.90 31.48 52.16
N ALA A 264 23.02 32.05 50.95
CA ALA A 264 21.83 32.56 50.21
C ALA A 264 21.79 31.91 48.82
N TYR A 265 20.64 31.38 48.41
CA TYR A 265 20.54 30.68 47.10
C TYR A 265 19.30 31.13 46.32
N TYR A 266 19.39 31.19 44.99
CA TYR A 266 18.23 31.58 44.15
C TYR A 266 17.75 30.35 43.38
N VAL A 267 16.44 30.04 43.49
CA VAL A 267 15.89 28.89 42.71
C VAL A 267 14.76 29.39 41.79
N GLY A 268 14.83 29.02 40.50
CA GLY A 268 13.78 29.40 39.55
C GLY A 268 13.32 28.17 38.78
N TYR A 269 12.09 28.17 38.27
CA TYR A 269 11.58 26.94 37.60
C TYR A 269 11.52 27.15 36.09
N LEU A 270 12.19 26.26 35.33
CA LEU A 270 12.22 26.39 33.85
C LEU A 270 10.82 26.15 33.28
N GLN A 271 10.46 26.88 32.23
CA GLN A 271 9.12 26.73 31.59
C GLN A 271 9.31 26.59 30.07
N PRO A 272 8.48 25.80 29.35
CA PRO A 272 8.67 25.61 27.91
C PRO A 272 8.53 26.95 27.18
N ARG A 273 9.46 27.23 26.26
CA ARG A 273 9.43 28.53 25.52
C ARG A 273 10.20 28.39 24.21
N THR A 274 9.98 29.30 23.27
CA THR A 274 10.76 29.28 22.01
C THR A 274 11.79 30.41 22.08
N PHE A 275 13.09 30.09 21.94
CA PHE A 275 14.14 31.12 22.08
C PHE A 275 14.89 31.28 20.76
N LEU A 276 14.95 32.50 20.23
CA LEU A 276 15.77 32.74 19.01
C LEU A 276 17.24 32.63 19.44
N LEU A 277 18.08 31.97 18.64
CA LEU A 277 19.49 31.74 19.06
C LEU A 277 20.45 32.43 18.08
N LYS A 278 21.41 33.19 18.61
CA LYS A 278 22.43 33.82 17.72
C LYS A 278 23.77 33.16 18.04
N TYR A 279 24.44 32.61 17.02
CA TYR A 279 25.72 31.88 17.27
C TYR A 279 26.90 32.83 17.01
N ASN A 280 27.75 33.02 18.02
CA ASN A 280 28.91 33.95 17.90
C ASN A 280 30.01 33.29 17.08
N GLU A 281 30.98 34.08 16.60
CA GLU A 281 32.15 33.51 15.88
C GLU A 281 32.91 32.62 16.87
N ASN A 282 32.91 33.00 18.15
CA ASN A 282 33.56 32.18 19.21
C ASN A 282 32.87 30.81 19.28
N GLY A 283 31.57 30.78 18.92
CA GLY A 283 30.80 29.52 19.00
C GLY A 283 29.99 29.49 20.28
N THR A 284 30.06 30.58 21.05
CA THR A 284 29.31 30.66 22.33
C THR A 284 28.15 31.64 22.15
N ILE A 285 26.91 31.18 22.39
CA ILE A 285 25.72 32.06 22.17
C ILE A 285 25.85 33.25 23.12
N THR A 286 25.65 34.47 22.60
CA THR A 286 25.81 35.69 23.43
C THR A 286 24.51 36.47 23.43
N ASP A 287 23.52 36.02 22.65
CA ASP A 287 22.21 36.73 22.58
C ASP A 287 21.08 35.70 22.50
N ALA A 288 20.04 35.86 23.33
CA ALA A 288 18.87 34.97 23.29
C ALA A 288 17.60 35.83 23.41
N VAL A 289 16.48 35.35 22.86
CA VAL A 289 15.20 36.11 22.92
C VAL A 289 14.08 35.22 23.46
N ASP A 290 13.27 35.75 24.38
CA ASP A 290 12.10 34.98 24.90
C ASP A 290 10.86 35.43 24.13
N CYS A 291 10.33 34.55 23.27
CA CYS A 291 9.27 34.91 22.28
C CYS A 291 8.00 35.35 23.03
N ALA A 292 7.63 34.63 24.08
CA ALA A 292 6.40 34.93 24.86
C ALA A 292 6.48 36.29 25.57
N LEU A 293 7.69 36.72 25.97
CA LEU A 293 7.81 37.95 26.79
C LEU A 293 7.24 39.19 26.09
N ASP A 294 7.55 39.38 24.80
CA ASP A 294 7.09 40.65 24.15
C ASP A 294 6.60 40.40 22.72
N PRO A 295 5.72 41.27 22.15
CA PRO A 295 5.28 41.15 20.76
C PRO A 295 6.45 41.27 19.78
N LEU A 296 7.42 42.13 20.10
CA LEU A 296 8.62 42.29 19.23
C LEU A 296 9.35 40.94 19.17
N SER A 297 9.41 40.22 20.29
CA SER A 297 10.06 38.89 20.31
C SER A 297 9.30 37.93 19.39
N GLU A 298 7.96 38.01 19.37
CA GLU A 298 7.15 37.14 18.46
C GLU A 298 7.52 37.45 17.00
N THR A 299 7.71 38.74 16.68
CA THR A 299 8.10 39.13 15.31
C THR A 299 9.47 38.53 15.00
N LYS A 300 10.39 38.55 15.96
CA LYS A 300 11.76 38.01 15.74
C LYS A 300 11.67 36.51 15.44
N CYS A 301 10.82 35.78 16.16
CA CYS A 301 10.66 34.32 15.94
C CYS A 301 10.13 34.07 14.53
N THR A 302 9.11 34.85 14.11
CA THR A 302 8.52 34.68 12.75
C THR A 302 9.58 35.01 11.69
N LEU A 303 10.33 36.10 11.89
CA LEU A 303 11.41 36.49 10.95
C LEU A 303 12.54 35.45 10.97
N LYS A 304 12.83 34.87 12.15
CA LYS A 304 13.96 33.91 12.34
C LYS A 304 15.25 34.73 12.51
N SER A 305 15.12 36.05 12.64
CA SER A 305 16.30 36.93 12.83
C SER A 305 16.04 37.88 14.01
N PHE A 306 17.07 38.19 14.79
CA PHE A 306 16.92 39.14 15.94
C PHE A 306 16.52 40.52 15.41
N THR A 307 17.14 40.96 14.31
CA THR A 307 16.81 42.29 13.72
C THR A 307 15.36 42.26 13.22
N VAL A 308 14.62 43.35 13.46
CA VAL A 308 13.22 43.45 12.95
C VAL A 308 13.15 44.64 11.98
N GLU A 309 12.66 44.42 10.76
CA GLU A 309 12.49 45.52 9.79
C GLU A 309 11.30 46.38 10.23
N LYS A 310 11.35 47.69 9.97
CA LYS A 310 10.22 48.59 10.32
C LYS A 310 8.99 48.18 9.50
N GLY A 311 7.81 48.13 10.13
CA GLY A 311 6.58 47.76 9.42
C GLY A 311 5.58 47.07 10.34
N ILE A 312 4.43 46.64 9.79
CA ILE A 312 3.41 45.93 10.61
C ILE A 312 3.33 44.47 10.13
N TYR A 313 3.51 43.52 11.06
CA TYR A 313 3.50 42.08 10.68
C TYR A 313 2.52 41.33 11.60
N GLN A 314 1.67 40.46 11.01
CA GLN A 314 0.76 39.64 11.85
C GLN A 314 1.49 38.36 12.23
N THR A 315 1.93 38.26 13.49
CA THR A 315 2.74 37.09 13.92
C THR A 315 1.89 36.12 14.76
N SER A 316 0.64 36.48 15.06
CA SER A 316 -0.20 35.63 15.95
C SER A 316 -1.69 35.88 15.69
N ASN A 317 -2.55 34.97 16.16
CA ASN A 317 -4.03 35.17 16.05
C ASN A 317 -4.61 35.09 17.47
N PHE A 318 -5.47 36.06 17.84
CA PHE A 318 -6.02 36.08 19.22
C PHE A 318 -7.47 35.59 19.21
N ARG A 319 -7.79 34.60 20.05
CA ARG A 319 -9.18 34.10 20.16
C ARG A 319 -9.60 34.17 21.64
N VAL A 320 -10.81 34.66 21.92
CA VAL A 320 -11.31 34.68 23.32
C VAL A 320 -11.42 33.23 23.81
N GLN A 321 -11.00 32.95 25.04
CA GLN A 321 -11.00 31.56 25.57
C GLN A 321 -12.25 31.34 26.42
N PRO A 322 -12.90 30.15 26.37
CA PRO A 322 -14.14 29.93 27.10
C PRO A 322 -13.94 30.05 28.62
N THR A 323 -14.83 30.78 29.29
CA THR A 323 -14.75 30.92 30.77
C THR A 323 -15.00 29.56 31.41
N GLU A 324 -15.98 28.80 30.92
CA GLU A 324 -16.34 27.50 31.52
C GLU A 324 -16.94 26.58 30.46
N SER A 325 -17.00 25.27 30.73
CA SER A 325 -17.63 24.31 29.78
C SER A 325 -19.07 24.06 30.20
N ILE A 326 -20.02 24.19 29.26
CA ILE A 326 -21.46 24.03 29.60
C ILE A 326 -22.01 22.78 28.91
N VAL A 327 -22.72 21.93 29.66
CA VAL A 327 -23.32 20.70 29.06
C VAL A 327 -24.84 20.84 29.14
N ARG A 328 -25.55 20.66 28.01
CA ARG A 328 -27.04 20.70 28.04
C ARG A 328 -27.57 19.41 27.41
N PHE A 329 -28.38 18.64 28.15
CA PHE A 329 -29.00 17.40 27.60
C PHE A 329 -30.37 17.16 28.24
N PRO A 330 -31.28 16.43 27.56
CA PRO A 330 -32.62 16.17 28.10
C PRO A 330 -32.55 15.34 29.39
N ASN A 331 -33.39 15.66 30.37
CA ASN A 331 -33.40 14.88 31.64
C ASN A 331 -34.60 13.93 31.65
N ILE A 332 -34.33 12.62 31.71
CA ILE A 332 -35.42 11.60 31.67
C ILE A 332 -35.21 10.58 32.79
N THR A 333 -36.27 10.16 33.46
CA THR A 333 -36.17 9.11 34.52
C THR A 333 -35.69 7.80 33.89
N ASN A 334 -36.17 7.48 32.69
CA ASN A 334 -36.02 6.14 32.09
C ASN A 334 -34.54 5.84 31.85
N LEU A 335 -34.12 4.59 32.10
CA LEU A 335 -32.71 4.18 31.86
C LEU A 335 -32.72 3.07 30.81
N CYS A 336 -31.89 3.20 29.76
CA CYS A 336 -31.90 2.19 28.67
C CYS A 336 -31.46 0.84 29.24
N PRO A 337 -32.15 -0.28 28.95
CA PRO A 337 -31.82 -1.58 29.54
C PRO A 337 -30.73 -2.36 28.78
N PHE A 338 -29.49 -1.87 28.79
CA PHE A 338 -28.38 -2.61 28.15
C PHE A 338 -28.16 -3.94 28.87
N GLY A 339 -28.22 -3.93 30.20
CA GLY A 339 -27.93 -5.16 30.98
C GLY A 339 -28.92 -6.26 30.69
N GLU A 340 -30.21 -5.95 30.59
CA GLU A 340 -31.23 -7.02 30.39
C GLU A 340 -31.00 -7.75 29.06
N VAL A 341 -30.75 -6.99 27.99
CA VAL A 341 -30.50 -7.60 26.65
C VAL A 341 -29.20 -8.42 26.71
N PHE A 342 -28.16 -7.86 27.32
CA PHE A 342 -26.83 -8.54 27.38
C PHE A 342 -26.92 -9.81 28.23
N ASN A 343 -27.68 -9.77 29.33
CA ASN A 343 -27.72 -10.94 30.27
C ASN A 343 -28.88 -11.87 29.92
N ALA A 344 -29.52 -11.67 28.76
CA ALA A 344 -30.64 -12.53 28.33
C ALA A 344 -30.15 -13.96 28.06
N THR A 345 -30.63 -14.94 28.85
CA THR A 345 -30.18 -16.34 28.70
C THR A 345 -30.57 -16.89 27.31
N ARG A 346 -31.79 -16.58 26.84
CA ARG A 346 -32.26 -17.15 25.55
C ARG A 346 -32.39 -16.04 24.51
N PHE A 347 -31.85 -16.25 23.31
CA PHE A 347 -31.86 -15.20 22.26
C PHE A 347 -32.02 -15.85 20.88
N ALA A 348 -32.41 -15.07 19.87
CA ALA A 348 -32.65 -15.61 18.50
C ALA A 348 -31.34 -15.95 17.78
N SER A 349 -31.41 -16.78 16.74
CA SER A 349 -30.20 -17.24 15.97
C SER A 349 -29.47 -16.07 15.29
N VAL A 350 -28.28 -16.33 14.71
CA VAL A 350 -27.59 -15.23 13.97
C VAL A 350 -28.35 -14.89 12.68
N TYR A 351 -28.88 -15.89 11.96
CA TYR A 351 -29.67 -15.61 10.74
C TYR A 351 -30.92 -14.80 11.11
N ALA A 352 -31.61 -15.18 12.18
CA ALA A 352 -32.78 -14.39 12.66
C ALA A 352 -32.31 -13.39 13.71
N TRP A 353 -31.42 -12.47 13.34
CA TRP A 353 -30.85 -11.51 14.32
C TRP A 353 -31.97 -10.58 14.83
N ASN A 354 -31.95 -10.23 16.11
CA ASN A 354 -33.06 -9.41 16.68
C ASN A 354 -32.56 -7.97 16.88
N ARG A 355 -33.29 -6.99 16.36
CA ARG A 355 -32.90 -5.56 16.52
C ARG A 355 -33.95 -4.86 17.37
N LYS A 356 -33.54 -4.20 18.44
CA LYS A 356 -34.49 -3.51 19.36
C LYS A 356 -34.17 -2.01 19.38
N ARG A 357 -35.17 -1.16 19.13
CA ARG A 357 -34.94 0.31 19.18
C ARG A 357 -35.06 0.79 20.63
N ILE A 358 -34.09 1.58 21.10
CA ILE A 358 -34.17 2.16 22.47
C ILE A 358 -34.26 3.67 22.33
N SER A 359 -35.28 4.30 22.93
CA SER A 359 -35.47 5.77 22.78
C SER A 359 -36.00 6.39 24.07
N ASN A 360 -35.85 7.71 24.23
CA ASN A 360 -36.38 8.43 25.42
C ASN A 360 -35.78 7.86 26.70
N CYS A 361 -34.49 7.51 26.69
CA CYS A 361 -33.82 7.02 27.93
C CYS A 361 -32.38 7.57 27.95
N VAL A 362 -31.79 7.70 29.14
CA VAL A 362 -30.37 8.16 29.23
C VAL A 362 -29.47 6.93 29.14
N ALA A 363 -28.47 6.95 28.26
CA ALA A 363 -27.61 5.76 28.05
C ALA A 363 -26.17 6.04 28.50
N ASP A 364 -25.62 5.18 29.37
CA ASP A 364 -24.20 5.33 29.79
C ASP A 364 -23.48 4.01 29.54
N TYR A 365 -22.36 4.04 28.79
CA TYR A 365 -21.59 2.81 28.53
C TYR A 365 -20.41 2.69 29.50
N SER A 366 -20.23 3.69 30.38
CA SER A 366 -19.09 3.67 31.32
C SER A 366 -19.20 2.47 32.26
N VAL A 367 -20.41 2.19 32.76
CA VAL A 367 -20.62 1.06 33.71
C VAL A 367 -20.29 -0.26 32.99
N LEU A 368 -20.72 -0.40 31.73
CA LEU A 368 -20.46 -1.65 30.97
C LEU A 368 -18.95 -1.83 30.79
N TYR A 369 -18.26 -0.76 30.42
CA TYR A 369 -16.79 -0.82 30.19
C TYR A 369 -16.06 -1.09 31.52
N ASN A 370 -16.50 -0.47 32.61
CA ASN A 370 -15.81 -0.63 33.92
C ASN A 370 -15.90 -2.09 34.38
N SER A 371 -17.06 -2.73 34.21
CA SER A 371 -17.23 -4.15 34.59
C SER A 371 -16.31 -5.02 33.74
N ALA A 372 -16.21 -4.74 32.44
CA ALA A 372 -15.34 -5.51 31.53
C ALA A 372 -15.69 -7.00 31.60
N SER A 373 -16.99 -7.34 31.70
CA SER A 373 -17.41 -8.76 31.70
C SER A 373 -17.07 -9.37 30.34
N PHE A 374 -17.27 -8.61 29.27
CA PHE A 374 -17.02 -9.13 27.89
C PHE A 374 -15.53 -9.44 27.72
N SER A 375 -15.23 -10.63 27.16
CA SER A 375 -13.82 -11.02 26.93
C SER A 375 -13.18 -10.05 25.93
N THR A 376 -13.91 -9.67 24.88
CA THR A 376 -13.35 -8.79 23.83
C THR A 376 -14.28 -7.60 23.57
N PHE A 377 -13.71 -6.42 23.30
CA PHE A 377 -14.51 -5.25 22.97
C PHE A 377 -14.08 -4.78 21.58
N LYS A 378 -15.05 -4.60 20.68
CA LYS A 378 -14.71 -4.15 19.31
C LYS A 378 -15.47 -2.83 19.02
N CYS A 379 -14.73 -1.78 18.66
CA CYS A 379 -15.37 -0.49 18.32
C CYS A 379 -14.80 0.05 17.01
N TYR A 380 -15.67 0.46 16.07
CA TYR A 380 -15.19 0.93 14.75
C TYR A 380 -15.65 2.37 14.52
N GLY A 381 -16.94 2.57 14.23
CA GLY A 381 -17.45 3.92 13.93
C GLY A 381 -17.43 4.81 15.15
N VAL A 382 -17.73 4.23 16.32
CA VAL A 382 -17.68 5.00 17.60
C VAL A 382 -16.80 4.17 18.55
N SER A 383 -16.32 4.77 19.64
CA SER A 383 -15.38 4.05 20.54
C SER A 383 -15.83 4.19 22.01
N PRO A 384 -15.46 3.29 22.94
CA PRO A 384 -16.00 3.29 24.32
C PRO A 384 -15.79 4.56 25.15
N THR A 385 -14.54 4.96 25.37
CA THR A 385 -14.26 6.21 26.12
C THR A 385 -15.15 7.32 25.54
N LYS A 386 -15.28 7.37 24.22
CA LYS A 386 -16.11 8.41 23.55
C LYS A 386 -17.59 8.24 23.90
N LEU A 387 -18.08 7.00 24.04
CA LEU A 387 -19.55 6.78 24.25
C LEU A 387 -20.02 7.52 25.50
N ASN A 388 -19.23 7.53 26.56
CA ASN A 388 -19.63 8.19 27.83
C ASN A 388 -19.98 9.67 27.57
N ASP A 389 -19.03 10.44 27.05
CA ASP A 389 -19.24 11.90 26.79
C ASP A 389 -20.20 12.07 25.61
N LEU A 390 -20.09 11.24 24.58
CA LEU A 390 -20.91 11.39 23.34
C LEU A 390 -22.40 11.17 23.61
N CYS A 391 -23.27 11.87 22.88
CA CYS A 391 -24.70 11.69 23.04
C CYS A 391 -25.21 11.06 21.76
N PHE A 392 -25.90 9.92 21.88
CA PHE A 392 -26.41 9.24 20.70
C PHE A 392 -27.93 9.26 20.60
N THR A 393 -28.42 9.81 19.50
CA THR A 393 -29.86 9.89 19.23
C THR A 393 -30.51 8.52 19.05
N ASN A 394 -29.80 7.62 18.37
CA ASN A 394 -30.35 6.27 18.07
C ASN A 394 -29.57 5.20 18.83
N VAL A 395 -30.26 4.33 19.57
CA VAL A 395 -29.56 3.17 20.21
C VAL A 395 -30.26 1.91 19.72
N TYR A 396 -29.52 0.99 19.12
CA TYR A 396 -30.12 -0.27 18.59
C TYR A 396 -29.38 -1.47 19.19
N ALA A 397 -30.11 -2.46 19.71
CA ALA A 397 -29.46 -3.67 20.26
C ALA A 397 -29.83 -4.86 19.36
N ASP A 398 -28.79 -5.50 18.81
CA ASP A 398 -28.96 -6.66 17.90
C ASP A 398 -28.42 -7.93 18.57
N SER A 399 -29.28 -8.88 18.95
CA SER A 399 -28.82 -10.08 19.69
C SER A 399 -28.76 -11.29 18.75
N PHE A 400 -27.62 -11.98 18.69
CA PHE A 400 -27.46 -13.14 17.78
C PHE A 400 -26.34 -14.08 18.27
N VAL A 401 -26.23 -15.27 17.66
CA VAL A 401 -25.25 -16.30 18.15
C VAL A 401 -24.12 -16.55 17.17
N ILE A 402 -22.86 -16.44 17.61
CA ILE A 402 -21.83 -16.89 16.68
C ILE A 402 -20.60 -17.45 17.41
N ARG A 403 -19.86 -18.32 16.72
CA ARG A 403 -18.63 -18.91 17.29
C ARG A 403 -17.59 -17.79 17.44
N GLY A 404 -16.59 -17.96 18.32
CA GLY A 404 -15.60 -16.89 18.56
C GLY A 404 -14.84 -16.54 17.29
N ASP A 405 -14.43 -17.54 16.50
CA ASP A 405 -13.75 -17.27 15.21
C ASP A 405 -14.73 -16.53 14.28
N GLU A 406 -16.00 -16.92 14.30
CA GLU A 406 -17.03 -16.31 13.41
C GLU A 406 -17.23 -14.83 13.75
N VAL A 407 -17.02 -14.43 15.00
CA VAL A 407 -17.27 -13.01 15.41
C VAL A 407 -16.37 -12.10 14.58
N ARG A 408 -15.13 -12.54 14.31
CA ARG A 408 -14.18 -11.73 13.50
C ARG A 408 -14.77 -11.51 12.11
N GLN A 409 -15.45 -12.51 11.56
CA GLN A 409 -16.02 -12.41 10.19
C GLN A 409 -17.05 -11.28 10.14
N ILE A 410 -17.85 -11.10 11.20
CA ILE A 410 -18.92 -10.05 11.20
C ILE A 410 -18.30 -8.70 11.58
N ALA A 411 -17.66 -8.03 10.62
CA ALA A 411 -17.08 -6.68 10.88
C ALA A 411 -17.32 -5.82 9.64
N PRO A 412 -17.45 -4.47 9.75
CA PRO A 412 -17.59 -3.63 8.56
C PRO A 412 -16.28 -3.71 7.76
N GLY A 413 -16.39 -3.90 6.43
CA GLY A 413 -15.19 -4.01 5.58
C GLY A 413 -14.50 -5.36 5.76
N GLN A 414 -15.18 -6.32 6.39
CA GLN A 414 -14.58 -7.66 6.63
C GLN A 414 -15.43 -8.72 5.92
N THR A 415 -14.80 -9.64 5.19
CA THR A 415 -15.55 -10.67 4.42
C THR A 415 -15.42 -12.03 5.11
N GLY A 416 -16.55 -12.68 5.39
CA GLY A 416 -16.54 -14.01 6.05
C GLY A 416 -17.72 -14.85 5.58
N LYS A 417 -17.68 -16.17 5.80
CA LYS A 417 -18.82 -17.04 5.43
C LYS A 417 -20.04 -16.58 6.23
N ILE A 418 -19.86 -16.27 7.52
CA ILE A 418 -20.99 -15.78 8.36
C ILE A 418 -21.49 -14.45 7.80
N ALA A 419 -20.56 -13.56 7.41
CA ALA A 419 -20.95 -12.24 6.85
C ALA A 419 -21.70 -12.43 5.54
N ASP A 420 -21.26 -13.37 4.70
CA ASP A 420 -21.87 -13.57 3.36
C ASP A 420 -23.34 -14.01 3.42
N TYR A 421 -23.69 -14.91 4.36
CA TYR A 421 -25.08 -15.45 4.30
C TYR A 421 -25.98 -15.09 5.49
N ASN A 422 -25.71 -15.62 6.68
CA ASN A 422 -26.65 -15.41 7.83
C ASN A 422 -26.76 -13.95 8.29
N TYR A 423 -25.65 -13.23 8.45
CA TYR A 423 -25.73 -11.85 8.99
C TYR A 423 -24.68 -10.97 8.31
N LYS A 424 -25.04 -9.71 7.99
CA LYS A 424 -24.10 -8.80 7.27
C LYS A 424 -23.93 -7.50 8.07
N LEU A 425 -22.68 -7.04 8.22
CA LEU A 425 -22.42 -5.75 8.92
C LEU A 425 -21.99 -4.70 7.88
N PRO A 426 -22.61 -3.50 7.87
CA PRO A 426 -22.30 -2.49 6.85
C PRO A 426 -20.86 -1.97 6.92
N ASP A 427 -20.20 -1.80 5.77
CA ASP A 427 -18.82 -1.28 5.72
C ASP A 427 -18.80 0.16 6.25
N ASP A 428 -19.83 0.95 5.92
CA ASP A 428 -19.89 2.38 6.36
C ASP A 428 -20.63 2.47 7.70
N PHE A 429 -21.03 1.34 8.28
CA PHE A 429 -21.79 1.38 9.53
C PHE A 429 -20.99 2.00 10.66
N THR A 430 -21.66 2.82 11.48
CA THR A 430 -20.98 3.48 12.61
C THR A 430 -21.53 2.89 13.92
N GLY A 431 -20.66 2.32 14.75
CA GLY A 431 -21.10 1.75 16.04
C GLY A 431 -20.07 0.83 16.65
N CYS A 432 -20.44 0.12 17.72
CA CYS A 432 -19.52 -0.84 18.38
C CYS A 432 -20.15 -2.23 18.41
N VAL A 433 -19.37 -3.28 18.09
CA VAL A 433 -19.90 -4.67 18.19
C VAL A 433 -19.29 -5.30 19.44
N ILE A 434 -20.13 -5.78 20.37
CA ILE A 434 -19.59 -6.32 21.65
C ILE A 434 -19.81 -7.83 21.69
N ALA A 435 -18.73 -8.59 21.94
CA ALA A 435 -18.84 -10.07 22.00
C ALA A 435 -18.32 -10.57 23.36
N TRP A 436 -19.10 -11.40 24.04
CA TRP A 436 -18.65 -12.00 25.33
C TRP A 436 -18.86 -13.52 25.28
N ASN A 437 -17.94 -14.28 25.87
CA ASN A 437 -18.04 -15.76 25.78
C ASN A 437 -19.32 -16.24 26.48
N SER A 438 -20.06 -17.14 25.84
CA SER A 438 -21.30 -17.69 26.43
C SER A 438 -21.12 -19.19 26.69
N ASN A 439 -19.87 -19.64 26.83
CA ASN A 439 -19.59 -21.09 27.01
C ASN A 439 -20.29 -21.57 28.29
N ASN A 440 -20.28 -20.75 29.34
CA ASN A 440 -20.90 -21.14 30.64
C ASN A 440 -22.41 -21.32 30.48
N LEU A 441 -23.09 -20.43 29.73
CA LEU A 441 -24.57 -20.52 29.68
C LEU A 441 -25.07 -21.14 28.35
N ASP A 442 -24.70 -20.56 27.21
CA ASP A 442 -25.18 -21.05 25.91
C ASP A 442 -24.76 -22.49 25.62
N SER A 443 -23.50 -22.80 25.89
CA SER A 443 -23.03 -24.21 25.75
C SER A 443 -23.51 -25.02 26.96
N LYS A 444 -23.92 -26.28 26.73
CA LYS A 444 -24.49 -27.09 27.84
C LYS A 444 -24.29 -28.57 27.54
N VAL A 445 -24.45 -29.43 28.56
CA VAL A 445 -24.37 -30.90 28.32
C VAL A 445 -25.50 -31.23 27.33
N GLY A 446 -26.64 -30.57 27.47
CA GLY A 446 -27.76 -30.77 26.53
C GLY A 446 -27.37 -30.39 25.11
N GLY A 447 -26.55 -29.35 24.95
CA GLY A 447 -26.12 -28.91 23.60
C GLY A 447 -27.30 -28.61 22.70
N ASN A 448 -28.23 -27.75 23.15
CA ASN A 448 -29.46 -27.45 22.38
C ASN A 448 -29.08 -26.86 21.02
N TYR A 449 -29.83 -27.21 19.97
CA TYR A 449 -29.52 -26.76 18.59
C TYR A 449 -30.44 -25.60 18.19
N ASN A 450 -31.03 -24.92 19.18
CA ASN A 450 -31.97 -23.79 18.89
C ASN A 450 -31.25 -22.71 18.10
N TYR A 451 -29.98 -22.43 18.42
CA TYR A 451 -29.18 -21.45 17.63
C TYR A 451 -28.98 -22.02 16.22
N LEU A 452 -29.11 -21.17 15.19
CA LEU A 452 -28.99 -21.65 13.79
C LEU A 452 -28.23 -20.61 12.96
N TYR A 453 -27.57 -21.05 11.87
CA TYR A 453 -26.88 -20.09 10.96
C TYR A 453 -27.16 -20.52 9.52
N ARG A 454 -27.07 -19.59 8.56
CA ARG A 454 -27.40 -19.93 7.16
C ARG A 454 -26.14 -20.43 6.44
N LEU A 455 -26.04 -21.74 6.22
CA LEU A 455 -24.88 -22.32 5.49
C LEU A 455 -24.91 -21.86 4.02
N PHE A 456 -26.09 -21.87 3.38
CA PHE A 456 -26.16 -21.55 1.94
C PHE A 456 -27.16 -20.42 1.67
N ARG A 457 -26.75 -19.38 0.94
CA ARG A 457 -27.69 -18.31 0.53
C ARG A 457 -27.53 -18.07 -0.98
N LYS A 458 -28.63 -17.86 -1.70
CA LYS A 458 -28.57 -17.70 -3.18
C LYS A 458 -27.73 -16.46 -3.53
N SER A 459 -27.87 -15.38 -2.77
CA SER A 459 -27.09 -14.14 -3.01
C SER A 459 -26.44 -13.68 -1.70
N ASN A 460 -25.36 -12.90 -1.77
CA ASN A 460 -24.74 -12.37 -0.54
C ASN A 460 -25.73 -11.44 0.18
N LEU A 461 -25.78 -11.52 1.51
CA LEU A 461 -26.76 -10.71 2.29
C LEU A 461 -26.45 -9.22 2.13
N LYS A 462 -27.47 -8.38 1.96
CA LYS A 462 -27.25 -6.91 1.91
C LYS A 462 -26.97 -6.43 3.34
N PRO A 463 -26.24 -5.31 3.56
CA PRO A 463 -25.90 -4.89 4.91
C PRO A 463 -27.15 -4.61 5.75
N PHE A 464 -27.16 -5.09 7.01
CA PHE A 464 -28.33 -4.89 7.92
C PHE A 464 -29.62 -5.39 7.26
N GLU A 465 -29.58 -6.56 6.63
CA GLU A 465 -30.81 -7.15 6.04
C GLU A 465 -31.01 -8.54 6.67
N ARG A 466 -32.25 -8.98 6.83
CA ARG A 466 -32.52 -10.27 7.53
C ARG A 466 -33.17 -11.27 6.57
N ASP A 467 -32.63 -12.49 6.49
CA ASP A 467 -33.27 -13.54 5.65
C ASP A 467 -33.72 -14.67 6.58
N ILE A 468 -35.02 -15.00 6.57
CA ILE A 468 -35.56 -16.09 7.43
C ILE A 468 -36.04 -17.26 6.56
N SER A 469 -35.76 -17.23 5.25
CA SER A 469 -36.28 -18.27 4.32
C SER A 469 -35.72 -19.65 4.69
N THR A 470 -36.58 -20.67 4.73
CA THR A 470 -36.15 -22.06 5.02
C THR A 470 -36.18 -22.91 3.75
N GLU A 471 -36.45 -22.30 2.60
CA GLU A 471 -36.60 -23.08 1.33
C GLU A 471 -35.28 -23.76 0.99
N ILE A 472 -35.32 -25.03 0.58
CA ILE A 472 -34.07 -25.80 0.28
C ILE A 472 -33.36 -25.14 -0.89
N TYR A 473 -32.03 -25.01 -0.81
CA TYR A 473 -31.25 -24.36 -1.91
C TYR A 473 -31.10 -25.35 -3.07
N GLN A 474 -31.44 -24.91 -4.29
CA GLN A 474 -31.36 -25.79 -5.48
C GLN A 474 -29.96 -25.70 -6.09
N ALA A 475 -28.95 -26.28 -5.42
CA ALA A 475 -27.58 -26.32 -6.01
C ALA A 475 -27.61 -27.19 -7.28
N GLY A 476 -28.30 -28.33 -7.22
CA GLY A 476 -28.40 -29.25 -8.37
C GLY A 476 -29.37 -28.76 -9.42
N SER A 477 -29.22 -29.25 -10.67
CA SER A 477 -30.18 -28.89 -11.74
C SER A 477 -31.58 -29.39 -11.37
N THR A 478 -31.67 -30.58 -10.78
CA THR A 478 -32.99 -31.15 -10.39
C THR A 478 -33.63 -30.24 -9.33
N PRO A 479 -34.93 -29.93 -9.43
CA PRO A 479 -35.62 -29.09 -8.43
C PRO A 479 -35.75 -29.78 -7.07
N CYS A 480 -35.53 -29.02 -5.99
CA CYS A 480 -35.70 -29.57 -4.61
C CYS A 480 -37.16 -29.95 -4.38
N ASN A 481 -38.10 -29.14 -4.90
CA ASN A 481 -39.56 -29.39 -4.71
C ASN A 481 -39.97 -29.09 -3.27
N GLY A 482 -39.18 -28.28 -2.56
CA GLY A 482 -39.51 -27.88 -1.19
C GLY A 482 -39.13 -28.93 -0.16
N VAL A 483 -38.44 -29.99 -0.60
CA VAL A 483 -38.02 -31.09 0.31
C VAL A 483 -36.54 -31.38 0.08
N GLU A 484 -35.86 -31.97 1.08
CA GLU A 484 -34.43 -32.33 0.92
C GLU A 484 -34.31 -33.38 -0.19
N GLY A 485 -33.31 -33.26 -1.05
CA GLY A 485 -33.14 -34.19 -2.19
C GLY A 485 -31.68 -34.32 -2.57
N PHE A 486 -31.34 -35.28 -3.44
CA PHE A 486 -29.93 -35.38 -3.90
C PHE A 486 -29.57 -34.08 -4.62
N ASN A 487 -28.41 -33.49 -4.30
CA ASN A 487 -27.95 -32.22 -4.92
C ASN A 487 -28.75 -31.03 -4.36
N CYS A 488 -29.53 -31.26 -3.29
CA CYS A 488 -30.28 -30.15 -2.64
C CYS A 488 -29.80 -30.03 -1.20
N TYR A 489 -29.42 -28.82 -0.77
CA TYR A 489 -28.87 -28.64 0.60
C TYR A 489 -29.71 -27.62 1.36
N PHE A 490 -30.05 -27.94 2.61
CA PHE A 490 -30.90 -27.02 3.43
C PHE A 490 -30.12 -25.71 3.63
N PRO A 491 -30.78 -24.53 3.49
CA PRO A 491 -30.10 -23.24 3.60
C PRO A 491 -29.53 -23.01 5.01
N LEU A 492 -30.26 -23.44 6.05
CA LEU A 492 -29.83 -23.17 7.45
C LEU A 492 -29.23 -24.44 8.07
N GLN A 493 -28.05 -24.32 8.69
CA GLN A 493 -27.44 -25.48 9.40
C GLN A 493 -27.51 -25.20 10.90
N SER A 494 -28.04 -26.15 11.68
CA SER A 494 -28.20 -25.94 13.14
C SER A 494 -26.82 -25.79 13.80
N TYR A 495 -26.68 -24.80 14.69
CA TYR A 495 -25.38 -24.56 15.37
C TYR A 495 -25.06 -25.69 16.35
N GLY A 496 -23.82 -26.15 16.36
CA GLY A 496 -23.41 -27.18 17.35
C GLY A 496 -22.41 -26.60 18.33
N PHE A 497 -22.68 -26.70 19.62
CA PHE A 497 -21.78 -26.07 20.64
C PHE A 497 -21.46 -27.08 21.73
N GLN A 498 -20.29 -26.91 22.37
CA GLN A 498 -19.84 -27.88 23.41
C GLN A 498 -19.61 -27.13 24.73
N PRO A 499 -19.92 -27.72 25.90
CA PRO A 499 -19.73 -27.08 27.20
C PRO A 499 -18.25 -26.78 27.50
N THR A 500 -17.34 -27.66 27.09
CA THR A 500 -15.88 -27.49 27.36
C THR A 500 -15.19 -26.96 26.10
N ASN A 501 -15.94 -26.28 25.22
CA ASN A 501 -15.37 -25.81 23.92
C ASN A 501 -14.20 -24.85 24.16
N GLY A 502 -13.20 -24.86 23.27
CA GLY A 502 -12.03 -23.98 23.40
C GLY A 502 -12.39 -22.53 23.15
N VAL A 503 -11.55 -21.58 23.58
CA VAL A 503 -11.92 -20.13 23.50
C VAL A 503 -12.21 -19.76 22.03
N GLY A 504 -11.43 -20.29 21.09
CA GLY A 504 -11.71 -20.04 19.66
C GLY A 504 -13.06 -20.59 19.27
N TYR A 505 -13.42 -21.77 19.77
CA TYR A 505 -14.71 -22.42 19.40
C TYR A 505 -15.84 -22.05 20.37
N GLN A 506 -15.54 -21.25 21.40
CA GLN A 506 -16.57 -20.92 22.42
C GLN A 506 -17.71 -20.14 21.77
N PRO A 507 -18.99 -20.41 22.10
CA PRO A 507 -20.09 -19.61 21.57
C PRO A 507 -19.94 -18.18 22.11
N TYR A 508 -20.16 -17.16 21.28
CA TYR A 508 -20.04 -15.76 21.72
C TYR A 508 -21.36 -15.02 21.48
N ARG A 509 -21.89 -14.35 22.49
CA ARG A 509 -23.11 -13.53 22.30
C ARG A 509 -22.68 -12.20 21.66
N VAL A 510 -23.29 -11.80 20.56
CA VAL A 510 -22.79 -10.56 19.89
C VAL A 510 -23.92 -9.52 19.78
N VAL A 511 -23.65 -8.29 20.20
CA VAL A 511 -24.65 -7.19 20.12
C VAL A 511 -24.10 -6.10 19.19
N VAL A 512 -24.90 -5.66 18.22
CA VAL A 512 -24.46 -4.61 17.26
C VAL A 512 -25.18 -3.30 17.59
N LEU A 513 -24.44 -2.21 17.78
CA LEU A 513 -25.06 -0.91 18.16
C LEU A 513 -24.90 0.08 17.00
N SER A 514 -25.98 0.77 16.61
CA SER A 514 -25.94 1.77 15.55
C SER A 514 -26.42 3.10 16.10
N PHE A 515 -25.70 4.20 15.81
CA PHE A 515 -26.11 5.52 16.37
C PHE A 515 -26.20 6.57 15.25
N GLU A 516 -27.37 7.21 15.11
CA GLU A 516 -27.59 8.27 14.13
C GLU A 516 -26.71 9.49 14.42
N LEU A 517 -26.55 9.80 15.70
CA LEU A 517 -25.77 10.94 16.21
C LEU A 517 -26.21 12.32 15.74
N LEU A 518 -25.29 13.06 15.13
CA LEU A 518 -25.55 14.42 14.67
C LEU A 518 -26.67 14.52 13.64
N HIS A 519 -27.39 15.65 13.61
CA HIS A 519 -28.51 15.88 12.65
C HIS A 519 -29.76 15.07 13.04
N ALA A 520 -29.91 14.69 14.31
CA ALA A 520 -31.12 13.99 14.74
C ALA A 520 -31.52 14.47 16.13
N PRO A 521 -32.83 14.77 16.34
CA PRO A 521 -33.22 15.21 17.68
C PRO A 521 -32.70 14.20 18.71
N ALA A 522 -32.25 14.66 19.88
CA ALA A 522 -31.62 13.73 20.86
C ALA A 522 -32.67 13.03 21.73
N THR A 523 -33.30 11.97 21.23
CA THR A 523 -34.24 11.18 22.07
C THR A 523 -33.44 10.53 23.18
N VAL A 524 -32.24 10.00 22.87
CA VAL A 524 -31.39 9.32 23.89
C VAL A 524 -30.20 10.23 24.22
N CYS A 525 -29.76 10.24 25.48
CA CYS A 525 -28.66 11.17 25.88
C CYS A 525 -27.66 10.49 26.80
N GLY A 526 -26.41 10.95 26.83
CA GLY A 526 -25.41 10.43 27.79
C GLY A 526 -25.73 10.99 29.16
N PRO A 527 -25.21 10.45 30.29
CA PRO A 527 -25.63 10.96 31.60
C PRO A 527 -25.24 12.44 31.59
N LYS A 528 -23.99 12.78 31.26
CA LYS A 528 -23.62 14.20 31.01
C LYS A 528 -24.39 15.15 31.94
N LYS A 529 -24.14 15.12 33.25
CA LYS A 529 -25.00 15.94 34.15
C LYS A 529 -25.08 17.35 33.57
N SER A 530 -26.30 17.88 33.40
CA SER A 530 -26.46 19.19 32.72
C SER A 530 -26.00 20.35 33.61
N THR A 531 -25.38 21.36 33.00
CA THR A 531 -24.91 22.54 33.77
C THR A 531 -25.71 23.76 33.32
N ASN A 532 -26.12 24.63 34.26
CA ASN A 532 -26.91 25.85 33.95
C ASN A 532 -26.41 26.52 32.66
N LEU A 533 -27.32 26.78 31.71
CA LEU A 533 -26.95 27.48 30.45
C LEU A 533 -26.42 28.90 30.76
N VAL A 534 -25.40 29.36 30.03
CA VAL A 534 -24.87 30.73 30.20
C VAL A 534 -25.04 31.49 28.88
N LYS A 535 -25.57 32.72 28.93
CA LYS A 535 -25.84 33.49 27.69
C LYS A 535 -25.15 34.85 27.75
N ASN A 536 -24.86 35.45 26.59
CA ASN A 536 -24.22 36.80 26.50
C ASN A 536 -22.76 36.72 26.90
N LYS A 537 -22.18 35.51 26.94
CA LYS A 537 -20.74 35.34 27.25
C LYS A 537 -20.17 34.27 26.32
N CYS A 538 -18.87 34.32 26.04
CA CYS A 538 -18.23 33.28 25.19
C CYS A 538 -17.94 32.07 26.07
N VAL A 539 -18.67 30.96 25.85
CA VAL A 539 -18.51 29.75 26.70
C VAL A 539 -18.66 28.51 25.83
N ASN A 540 -18.05 27.38 26.23
CA ASN A 540 -18.24 26.11 25.49
C ASN A 540 -19.67 25.64 25.73
N PHE A 541 -20.33 25.09 24.71
CA PHE A 541 -21.70 24.54 24.89
C PHE A 541 -21.80 23.15 24.24
N ASN A 542 -22.60 22.26 24.83
CA ASN A 542 -22.75 20.88 24.29
C ASN A 542 -24.22 20.67 23.91
N PHE A 543 -24.52 20.47 22.62
CA PHE A 543 -25.91 20.19 22.19
C PHE A 543 -25.96 18.96 21.29
N ASN A 544 -26.78 17.96 21.64
CA ASN A 544 -26.95 16.74 20.79
C ASN A 544 -25.61 16.07 20.48
N GLY A 545 -24.70 16.00 21.46
CA GLY A 545 -23.41 15.30 21.25
C GLY A 545 -22.39 16.13 20.49
N LEU A 546 -22.67 17.42 20.31
CA LEU A 546 -21.72 18.33 19.59
C LEU A 546 -21.21 19.38 20.57
N THR A 547 -19.89 19.57 20.64
CA THR A 547 -19.30 20.60 21.54
C THR A 547 -18.74 21.76 20.71
N GLY A 548 -19.20 22.98 20.98
CA GLY A 548 -18.67 24.17 20.27
C GLY A 548 -18.52 25.33 21.24
N THR A 549 -17.54 26.21 20.99
CA THR A 549 -17.33 27.39 21.86
C THR A 549 -17.80 28.66 21.14
N GLY A 550 -18.83 29.32 21.67
CA GLY A 550 -19.31 30.58 21.07
C GLY A 550 -20.14 31.40 22.02
N VAL A 551 -20.30 32.70 21.76
CA VAL A 551 -21.21 33.55 22.59
C VAL A 551 -22.64 33.07 22.32
N LEU A 552 -23.47 32.96 23.36
CA LEU A 552 -24.85 32.43 23.16
C LEU A 552 -25.86 33.56 23.28
N THR A 553 -26.65 33.78 22.23
CA THR A 553 -27.67 34.87 22.22
C THR A 553 -28.96 34.32 21.61
N GLU A 554 -30.11 34.92 21.94
CA GLU A 554 -31.39 34.49 21.29
C GLU A 554 -31.33 34.85 19.80
N SER A 555 -31.91 34.02 18.94
CA SER A 555 -31.81 34.25 17.47
C SER A 555 -33.17 34.68 16.89
N ASN A 556 -33.18 35.75 16.11
CA ASN A 556 -34.43 36.26 15.48
C ASN A 556 -34.99 35.22 14.51
N LYS A 557 -34.12 34.51 13.78
CA LYS A 557 -34.62 33.56 12.74
C LYS A 557 -35.53 32.51 13.38
N LYS A 558 -36.70 32.27 12.78
CA LYS A 558 -37.66 31.27 13.32
C LYS A 558 -37.15 29.85 13.00
N PHE A 559 -37.35 28.91 13.92
CA PHE A 559 -36.99 27.49 13.64
C PHE A 559 -38.27 26.66 13.59
N LEU A 560 -38.43 25.85 12.55
CA LEU A 560 -39.62 24.97 12.42
C LEU A 560 -39.49 23.86 13.47
N PRO A 561 -40.58 23.19 13.90
CA PRO A 561 -40.51 22.21 14.99
C PRO A 561 -39.55 21.05 14.67
N PHE A 562 -39.56 20.57 13.42
CA PHE A 562 -38.62 19.49 13.02
C PHE A 562 -37.17 19.99 13.13
N GLN A 563 -36.91 21.24 12.74
CA GLN A 563 -35.50 21.74 12.74
C GLN A 563 -34.98 21.79 14.17
N GLN A 564 -33.77 21.25 14.40
CA GLN A 564 -33.15 21.33 15.74
C GLN A 564 -31.89 22.19 15.63
N PHE A 565 -31.34 22.33 14.41
CA PHE A 565 -30.09 23.09 14.21
C PHE A 565 -30.13 23.87 12.90
N GLY A 566 -29.35 24.95 12.80
CA GLY A 566 -29.23 25.69 11.53
C GLY A 566 -27.79 25.55 11.06
N ARG A 567 -27.57 25.11 9.81
CA ARG A 567 -26.16 24.84 9.40
C ARG A 567 -25.75 25.67 8.18
N ASP A 568 -24.53 26.22 8.21
CA ASP A 568 -23.98 26.98 7.06
C ASP A 568 -23.57 25.97 5.97
N ILE A 569 -23.31 26.46 4.76
CA ILE A 569 -22.84 25.57 3.64
C ILE A 569 -21.53 24.91 4.06
N ALA A 570 -20.73 25.61 4.86
CA ALA A 570 -19.43 25.16 5.32
C ALA A 570 -19.52 23.98 6.29
N ASP A 571 -20.75 23.73 6.73
CA ASP A 571 -21.20 22.69 7.68
C ASP A 571 -21.01 23.09 9.13
N THR A 572 -20.54 24.32 9.35
CA THR A 572 -20.41 24.86 10.73
C THR A 572 -21.84 25.11 11.22
N THR A 573 -22.13 24.86 12.50
CA THR A 573 -23.54 25.00 12.97
C THR A 573 -23.75 26.45 13.43
N ASP A 574 -24.47 27.24 12.63
CA ASP A 574 -24.74 28.67 12.96
C ASP A 574 -25.59 28.77 14.22
N ALA A 575 -26.64 27.95 14.34
CA ALA A 575 -27.57 28.05 15.48
C ALA A 575 -28.05 26.67 15.93
N VAL A 576 -28.44 26.52 17.20
CA VAL A 576 -28.98 25.23 17.70
C VAL A 576 -30.22 25.52 18.57
N ARG A 577 -31.09 24.53 18.75
CA ARG A 577 -32.26 24.72 19.66
C ARG A 577 -31.97 23.92 20.93
N ASP A 578 -32.17 24.53 22.10
CA ASP A 578 -31.79 23.84 23.38
C ASP A 578 -32.56 22.54 23.53
N PRO A 579 -31.91 21.42 23.95
CA PRO A 579 -32.63 20.17 24.20
C PRO A 579 -33.61 20.24 25.38
N GLN A 580 -33.22 20.89 26.48
CA GLN A 580 -34.11 20.96 27.68
C GLN A 580 -35.39 21.72 27.37
N THR A 581 -35.28 22.85 26.68
CA THR A 581 -36.46 23.69 26.34
C THR A 581 -36.36 24.13 24.88
N LEU A 582 -37.47 24.19 24.16
CA LEU A 582 -37.41 24.52 22.70
C LEU A 582 -37.32 26.04 22.53
N GLU A 583 -36.16 26.63 22.83
CA GLU A 583 -35.94 28.08 22.66
C GLU A 583 -34.88 28.28 21.57
N ILE A 584 -35.16 29.12 20.58
CA ILE A 584 -34.21 29.29 19.44
C ILE A 584 -33.03 30.14 19.94
N LEU A 585 -31.80 29.66 19.76
CA LEU A 585 -30.60 30.44 20.16
C LEU A 585 -29.65 30.59 18.97
N ASP A 586 -29.26 31.83 18.64
CA ASP A 586 -28.26 32.04 17.56
C ASP A 586 -26.88 31.61 18.07
N ILE A 587 -26.08 30.96 17.22
CA ILE A 587 -24.69 30.62 17.64
C ILE A 587 -23.74 31.64 17.02
N THR A 588 -23.02 32.39 17.85
CA THR A 588 -22.00 33.33 17.31
C THR A 588 -20.64 32.92 17.90
N PRO A 589 -19.63 32.58 17.08
CA PRO A 589 -18.30 32.26 17.60
C PRO A 589 -17.71 33.49 18.31
N CYS A 590 -16.92 33.26 19.36
CA CYS A 590 -16.37 34.40 20.14
C CYS A 590 -15.54 35.27 19.20
N SER A 591 -15.62 36.60 19.33
CA SER A 591 -14.95 37.50 18.36
C SER A 591 -13.44 37.22 18.34
N PHE A 592 -12.86 37.12 17.14
CA PHE A 592 -11.42 36.82 17.01
C PHE A 592 -10.73 37.94 16.21
N GLY A 593 -9.62 38.46 16.74
CA GLY A 593 -8.86 39.49 16.02
C GLY A 593 -7.42 39.07 15.78
N GLY A 594 -6.94 39.14 14.54
CA GLY A 594 -5.54 38.80 14.25
C GLY A 594 -4.61 39.78 14.94
N VAL A 595 -3.52 39.28 15.55
CA VAL A 595 -2.61 40.18 16.31
C VAL A 595 -1.55 40.71 15.33
N SER A 596 -1.55 42.02 15.10
CA SER A 596 -0.57 42.64 14.17
C SER A 596 0.40 43.51 15.00
N VAL A 597 1.70 43.32 14.82
CA VAL A 597 2.68 44.06 15.65
C VAL A 597 3.21 45.26 14.86
N ILE A 598 3.01 46.48 15.40
CA ILE A 598 3.53 47.70 14.73
C ILE A 598 4.68 48.22 15.62
N THR A 599 5.91 48.26 15.09
CA THR A 599 7.05 48.63 15.95
C THR A 599 8.10 49.43 15.17
N PRO A 600 8.85 50.37 15.81
CA PRO A 600 9.95 51.06 15.15
C PRO A 600 11.15 50.09 15.11
N GLY A 601 12.24 50.46 14.43
CA GLY A 601 13.37 49.52 14.30
C GLY A 601 13.85 49.06 15.66
N THR A 602 14.21 47.78 15.79
CA THR A 602 14.57 47.23 17.13
C THR A 602 15.76 47.99 17.71
N ASN A 603 16.75 48.32 16.88
CA ASN A 603 17.91 49.12 17.37
C ASN A 603 17.43 50.49 17.83
N THR A 604 16.52 51.12 17.07
CA THR A 604 16.02 52.48 17.43
C THR A 604 15.25 52.42 18.75
N SER A 605 14.35 51.44 18.91
CA SER A 605 13.56 51.31 20.16
C SER A 605 13.00 49.89 20.31
N ASN A 606 12.69 49.47 21.55
CA ASN A 606 12.08 48.14 21.77
C ASN A 606 10.56 48.29 21.96
N GLN A 607 10.04 49.51 21.87
CA GLN A 607 8.58 49.76 22.12
C GLN A 607 7.76 49.04 21.05
N VAL A 608 6.63 48.44 21.44
CA VAL A 608 5.77 47.68 20.48
C VAL A 608 4.32 48.14 20.63
N ALA A 609 3.56 48.18 19.51
CA ALA A 609 2.13 48.52 19.57
C ALA A 609 1.34 47.34 18.99
N VAL A 610 0.28 46.89 19.67
CA VAL A 610 -0.45 45.68 19.19
C VAL A 610 -1.80 46.08 18.57
N LEU A 611 -2.07 45.62 17.35
CA LEU A 611 -3.37 45.92 16.68
C LEU A 611 -4.14 44.60 16.54
N TYR A 612 -5.41 44.58 16.95
CA TYR A 612 -6.24 43.36 16.78
C TYR A 612 -7.23 43.63 15.64
N GLN A 613 -7.22 42.78 14.60
CA GLN A 613 -8.04 43.07 13.39
C GLN A 613 -9.55 42.90 13.59
N ASP A 614 -10.36 43.86 13.14
CA ASP A 614 -11.84 43.75 13.16
C ASP A 614 -12.39 43.43 14.56
N VAL A 615 -11.85 44.05 15.62
CA VAL A 615 -12.45 43.86 16.98
C VAL A 615 -12.50 45.20 17.71
N ASN A 616 -13.44 45.37 18.64
CA ASN A 616 -13.48 46.59 19.48
C ASN A 616 -12.40 46.44 20.56
N CYS A 617 -11.99 47.53 21.21
CA CYS A 617 -11.01 47.40 22.33
C CYS A 617 -11.77 47.03 23.61
N THR A 618 -12.51 45.92 23.58
CA THR A 618 -13.24 45.44 24.79
C THR A 618 -12.84 43.99 25.08
N GLU A 619 -12.75 43.16 24.02
CA GLU A 619 -12.44 41.71 24.20
C GLU A 619 -11.03 41.53 24.78
N VAL A 620 -10.06 42.33 24.33
CA VAL A 620 -8.65 42.16 24.79
C VAL A 620 -8.53 42.63 26.24
N ASN A 641 -4.04 54.40 26.57
CA ASN A 641 -3.37 54.01 25.29
C ASN A 641 -4.39 53.32 24.38
N VAL A 642 -5.61 53.85 24.29
CA VAL A 642 -6.67 53.13 23.52
C VAL A 642 -7.12 53.97 22.32
N PHE A 643 -7.06 53.40 21.11
CA PHE A 643 -7.58 54.11 19.91
C PHE A 643 -8.33 53.09 19.06
N GLN A 644 -9.35 53.54 18.31
CA GLN A 644 -10.17 52.60 17.50
C GLN A 644 -10.01 52.95 16.02
N THR A 645 -9.72 51.94 15.19
CA THR A 645 -9.54 52.16 13.73
C THR A 645 -10.44 51.19 12.97
N ARG A 646 -10.74 51.49 11.71
CA ARG A 646 -11.58 50.59 10.88
C ARG A 646 -10.84 49.24 10.76
N ALA A 647 -9.51 49.27 10.66
CA ALA A 647 -8.72 48.03 10.57
C ALA A 647 -8.93 47.19 11.83
N GLY A 648 -8.94 47.82 13.01
CA GLY A 648 -9.25 47.07 14.24
C GLY A 648 -8.89 47.85 15.50
N CYS A 649 -8.98 47.21 16.66
CA CYS A 649 -8.59 47.87 17.95
C CYS A 649 -7.08 48.15 17.92
N LEU A 650 -6.67 49.34 18.37
CA LEU A 650 -5.22 49.69 18.40
C LEU A 650 -4.80 49.99 19.85
N ILE A 651 -3.73 49.33 20.33
CA ILE A 651 -3.23 49.58 21.72
C ILE A 651 -1.73 49.89 21.60
N GLY A 652 -1.21 50.75 22.49
CA GLY A 652 0.22 51.15 22.41
C GLY A 652 0.41 52.30 21.43
N ALA A 653 -0.69 52.81 20.86
CA ALA A 653 -0.61 53.96 19.92
C ALA A 653 -1.47 55.11 20.48
N GLU A 654 -0.92 56.32 20.49
CA GLU A 654 -1.64 57.49 21.07
C GLU A 654 -2.20 58.33 19.91
N HIS A 655 -3.51 58.59 19.91
CA HIS A 655 -4.13 59.35 18.78
C HIS A 655 -3.58 60.78 18.77
N VAL A 656 -3.23 61.29 17.59
CA VAL A 656 -2.76 62.71 17.47
C VAL A 656 -3.67 63.43 16.47
N ASN A 657 -4.18 64.61 16.83
CA ASN A 657 -5.03 65.41 15.90
C ASN A 657 -4.19 65.82 14.69
N ASN A 658 -2.93 66.20 14.92
CA ASN A 658 -2.04 66.66 13.82
C ASN A 658 -1.81 65.53 12.82
N SER A 659 -1.74 65.86 11.52
CA SER A 659 -1.56 64.83 10.46
C SER A 659 -0.10 64.75 10.06
N TYR A 660 0.45 63.54 9.94
CA TYR A 660 1.88 63.35 9.58
C TYR A 660 1.97 62.39 8.39
N GLU A 661 3.09 62.43 7.66
CA GLU A 661 3.28 61.51 6.50
C GLU A 661 3.31 60.07 7.03
N CYS A 662 2.73 59.13 6.29
CA CYS A 662 2.61 57.73 6.78
C CYS A 662 4.00 57.12 6.98
N ASP A 663 4.25 56.49 8.13
CA ASP A 663 5.54 55.79 8.36
C ASP A 663 5.29 54.28 8.24
N ILE A 664 4.23 53.79 8.91
CA ILE A 664 3.89 52.33 8.86
C ILE A 664 2.44 52.21 8.39
N PRO A 665 2.12 51.36 7.38
CA PRO A 665 0.75 51.29 6.84
C PRO A 665 -0.19 50.37 7.64
N ILE A 666 -0.76 50.89 8.73
CA ILE A 666 -1.74 50.10 9.55
C ILE A 666 -2.96 49.78 8.67
N GLY A 667 -3.39 50.75 7.86
CA GLY A 667 -4.58 50.55 7.00
C GLY A 667 -5.72 51.45 7.41
N ALA A 668 -6.75 51.57 6.57
CA ALA A 668 -7.93 52.42 6.87
C ALA A 668 -7.53 53.88 7.09
N GLY A 669 -6.51 54.35 6.37
CA GLY A 669 -6.10 55.78 6.47
C GLY A 669 -5.37 56.09 7.76
N ILE A 670 -4.94 55.06 8.49
CA ILE A 670 -4.27 55.26 9.81
C ILE A 670 -2.82 54.79 9.70
N CYS A 671 -1.87 55.60 10.14
CA CYS A 671 -0.43 55.22 10.09
C CYS A 671 0.25 55.56 11.43
N ALA A 672 1.29 54.81 11.79
CA ALA A 672 1.97 55.02 13.09
C ALA A 672 3.44 55.36 12.87
N SER A 673 3.94 56.38 13.57
CA SER A 673 5.38 56.77 13.46
C SER A 673 5.95 57.00 14.86
N TYR A 674 7.27 56.91 15.01
CA TYR A 674 7.91 57.15 16.32
C TYR A 674 8.26 58.63 16.42
N GLN A 675 7.51 59.39 17.23
CA GLN A 675 7.74 60.86 17.34
C GLN A 675 7.61 61.27 18.81
N THR A 676 8.27 62.38 19.20
CA THR A 676 8.23 62.86 20.61
C THR A 676 6.78 63.21 20.98
N SER A 689 11.82 59.85 24.88
CA SER A 689 10.61 60.72 24.81
C SER A 689 9.71 60.28 23.65
N GLN A 690 10.30 59.81 22.56
CA GLN A 690 9.51 59.42 21.36
C GLN A 690 8.59 58.24 21.70
N SER A 691 7.36 58.26 21.21
CA SER A 691 6.39 57.17 21.47
C SER A 691 5.64 56.82 20.17
N ILE A 692 5.20 55.58 20.02
CA ILE A 692 4.40 55.19 18.82
C ILE A 692 3.08 55.98 18.90
N ILE A 693 2.64 56.57 17.78
CA ILE A 693 1.41 57.40 17.79
C ILE A 693 0.51 57.00 16.62
N ALA A 694 -0.81 57.19 16.74
CA ALA A 694 -1.74 56.87 15.64
C ALA A 694 -2.31 58.18 15.08
N TYR A 695 -2.21 58.38 13.77
CA TYR A 695 -2.68 59.65 13.15
C TYR A 695 -3.21 59.37 11.74
N THR A 696 -4.08 60.23 11.22
CA THR A 696 -4.52 60.07 9.81
C THR A 696 -3.34 60.43 8.92
N MET A 697 -3.00 59.59 7.94
CA MET A 697 -1.79 59.86 7.12
C MET A 697 -2.00 61.07 6.21
N SER A 698 -0.98 61.90 6.05
CA SER A 698 -1.06 63.10 5.21
C SER A 698 -1.20 62.77 3.72
N LEU A 699 -1.94 63.61 3.01
CA LEU A 699 -2.16 63.45 1.58
C LEU A 699 -1.20 64.32 0.78
N GLY A 700 -0.25 64.93 1.47
CA GLY A 700 0.72 65.81 0.85
C GLY A 700 0.29 67.24 1.09
N ALA A 701 1.20 68.20 0.96
CA ALA A 701 0.84 69.61 1.21
C ALA A 701 -0.33 70.01 0.31
N GLU A 702 -1.24 70.86 0.81
CA GLU A 702 -2.36 71.34 -0.03
C GLU A 702 -1.98 72.68 -0.65
N ASN A 703 -1.96 72.77 -1.98
CA ASN A 703 -1.57 74.03 -2.66
C ASN A 703 -2.71 74.46 -3.59
N SER A 704 -3.11 75.73 -3.53
CA SER A 704 -4.17 76.22 -4.46
C SER A 704 -3.49 76.99 -5.60
N VAL A 705 -3.69 76.55 -6.85
CA VAL A 705 -3.13 77.28 -8.01
C VAL A 705 -3.84 78.64 -8.11
N ALA A 706 -3.10 79.71 -8.37
CA ALA A 706 -3.73 81.04 -8.55
C ALA A 706 -4.21 81.15 -10.00
N TYR A 707 -5.26 80.41 -10.37
CA TYR A 707 -5.73 80.41 -11.78
C TYR A 707 -6.18 81.83 -12.15
N SER A 708 -5.72 82.32 -13.31
CA SER A 708 -6.15 83.67 -13.77
C SER A 708 -6.64 83.58 -15.22
N ASN A 709 -7.81 84.15 -15.51
CA ASN A 709 -8.34 84.18 -16.89
C ASN A 709 -7.42 85.01 -17.80
N ASN A 710 -6.88 86.12 -17.29
CA ASN A 710 -6.05 87.03 -18.14
C ASN A 710 -4.55 86.87 -17.88
N SER A 711 -4.13 85.92 -17.04
CA SER A 711 -2.68 85.83 -16.70
C SER A 711 -2.14 84.40 -16.82
N ILE A 712 -0.84 84.27 -17.14
CA ILE A 712 -0.21 82.93 -17.29
C ILE A 712 1.10 82.92 -16.49
N ALA A 713 1.58 81.75 -16.08
CA ALA A 713 2.89 81.67 -15.39
C ALA A 713 3.91 80.98 -16.32
N ILE A 714 5.00 81.67 -16.64
CA ILE A 714 6.09 81.07 -17.48
C ILE A 714 7.40 81.13 -16.69
N PRO A 715 8.14 80.02 -16.52
CA PRO A 715 9.36 80.02 -15.71
C PRO A 715 10.48 80.90 -16.31
N THR A 716 11.13 81.71 -15.48
CA THR A 716 12.23 82.54 -15.94
C THR A 716 13.55 81.81 -15.77
N ASN A 717 13.57 80.85 -14.84
CA ASN A 717 14.78 80.06 -14.57
C ASN A 717 14.45 78.57 -14.45
N PHE A 718 15.41 77.73 -14.85
CA PHE A 718 15.23 76.27 -14.79
C PHE A 718 16.43 75.61 -14.11
N THR A 719 16.31 74.33 -13.81
CA THR A 719 17.42 73.59 -13.14
C THR A 719 17.53 72.20 -13.77
N ILE A 720 18.73 71.60 -13.73
CA ILE A 720 18.95 70.25 -14.33
C ILE A 720 19.11 69.23 -13.19
N SER A 721 18.30 68.16 -13.21
CA SER A 721 18.36 67.14 -12.13
C SER A 721 18.40 65.74 -12.75
N VAL A 722 18.94 64.77 -12.02
CA VAL A 722 19.01 63.36 -12.52
C VAL A 722 18.06 62.49 -11.69
N THR A 723 17.20 61.72 -12.35
CA THR A 723 16.23 60.84 -11.65
C THR A 723 16.66 59.38 -11.80
N THR A 724 16.68 58.61 -10.71
CA THR A 724 17.19 57.21 -10.77
C THR A 724 16.02 56.22 -10.81
N GLU A 725 15.95 55.39 -11.85
CA GLU A 725 14.89 54.35 -11.93
C GLU A 725 15.57 52.98 -11.99
N ILE A 726 15.18 52.06 -11.10
CA ILE A 726 15.86 50.73 -11.05
C ILE A 726 14.81 49.63 -11.30
N LEU A 727 15.11 48.71 -12.22
CA LEU A 727 14.16 47.62 -12.55
C LEU A 727 14.87 46.26 -12.53
N PRO A 728 14.45 45.22 -11.77
CA PRO A 728 15.12 43.91 -11.85
C PRO A 728 14.93 43.31 -13.25
N VAL A 729 16.01 42.79 -13.85
CA VAL A 729 15.91 42.17 -15.20
C VAL A 729 15.76 40.65 -15.05
N SER A 730 16.60 40.03 -14.24
CA SER A 730 16.57 38.54 -14.11
C SER A 730 16.63 38.11 -12.64
N MET A 731 15.77 37.17 -12.24
CA MET A 731 15.87 36.60 -10.87
C MET A 731 16.97 35.53 -10.88
N THR A 732 17.49 35.16 -9.70
CA THR A 732 18.61 34.18 -9.64
C THR A 732 18.15 32.87 -10.29
N LYS A 733 19.01 32.25 -11.11
CA LYS A 733 18.64 30.99 -11.80
C LYS A 733 18.81 29.82 -10.82
N THR A 734 17.73 29.07 -10.58
CA THR A 734 17.79 27.93 -9.63
C THR A 734 17.35 26.64 -10.32
N SER A 735 18.14 25.57 -10.23
CA SER A 735 17.73 24.27 -10.80
C SER A 735 17.67 23.24 -9.66
N VAL A 736 16.54 22.53 -9.53
CA VAL A 736 16.38 21.59 -8.39
C VAL A 736 16.17 20.18 -8.94
N ASP A 737 16.90 19.19 -8.39
CA ASP A 737 16.65 17.79 -8.81
C ASP A 737 15.58 17.22 -7.87
N CYS A 738 14.36 17.05 -8.36
CA CYS A 738 13.26 16.59 -7.47
C CYS A 738 13.62 15.19 -6.94
N THR A 739 14.27 14.35 -7.76
CA THR A 739 14.56 12.96 -7.35
C THR A 739 15.50 12.96 -6.14
N MET A 740 16.55 13.78 -6.17
CA MET A 740 17.52 13.85 -5.04
C MET A 740 16.80 14.40 -3.81
N TYR A 741 15.96 15.42 -3.99
CA TYR A 741 15.21 16.02 -2.85
C TYR A 741 14.25 14.99 -2.26
N ILE A 742 13.48 14.30 -3.12
CA ILE A 742 12.47 13.31 -2.64
C ILE A 742 13.14 12.07 -2.02
N CYS A 743 14.21 11.56 -2.65
CA CYS A 743 14.81 10.29 -2.16
C CYS A 743 16.26 10.50 -1.69
N GLY A 744 16.57 10.10 -0.46
CA GLY A 744 17.97 10.18 0.02
C GLY A 744 18.75 8.95 -0.41
N ASP A 745 19.03 8.82 -1.71
CA ASP A 745 19.79 7.66 -2.25
C ASP A 745 19.10 6.35 -1.83
N SER A 746 17.77 6.29 -1.91
CA SER A 746 17.02 5.07 -1.50
C SER A 746 16.42 4.39 -2.74
N THR A 747 16.74 3.10 -2.94
CA THR A 747 16.18 2.34 -4.09
C THR A 747 14.67 2.21 -3.93
N GLU A 748 14.20 1.95 -2.70
CA GLU A 748 12.74 1.76 -2.45
C GLU A 748 12.01 3.05 -2.80
N CYS A 749 12.58 4.20 -2.41
CA CYS A 749 11.95 5.52 -2.72
C CYS A 749 11.90 5.71 -4.23
N SER A 750 12.97 5.31 -4.94
CA SER A 750 13.02 5.48 -6.41
C SER A 750 11.90 4.68 -7.08
N ASN A 751 11.66 3.46 -6.59
CA ASN A 751 10.58 2.60 -7.16
C ASN A 751 9.22 3.29 -6.97
N LEU A 752 9.00 3.85 -5.78
CA LEU A 752 7.73 4.59 -5.51
C LEU A 752 7.67 5.83 -6.42
N LEU A 753 8.81 6.50 -6.62
CA LEU A 753 8.87 7.70 -7.49
C LEU A 753 8.51 7.30 -8.94
N LEU A 754 8.91 6.10 -9.36
CA LEU A 754 8.56 5.61 -10.72
C LEU A 754 7.04 5.53 -10.85
N GLN A 755 6.33 5.13 -9.78
CA GLN A 755 4.85 5.10 -9.81
C GLN A 755 4.33 6.53 -10.04
N TYR A 756 4.95 7.53 -9.40
CA TYR A 756 4.57 8.95 -9.66
C TYR A 756 4.89 9.30 -11.12
N GLY A 757 5.99 8.77 -11.66
CA GLY A 757 6.36 8.98 -13.07
C GLY A 757 6.75 10.41 -13.44
N SER A 758 6.09 11.00 -14.44
CA SER A 758 6.50 12.33 -14.97
C SER A 758 6.25 13.47 -13.98
N PHE A 759 5.51 13.23 -12.90
CA PHE A 759 5.17 14.34 -11.97
C PHE A 759 6.45 14.97 -11.42
N CYS A 760 7.43 14.15 -11.08
CA CYS A 760 8.72 14.66 -10.57
C CYS A 760 9.44 15.39 -11.71
N THR A 761 9.38 14.83 -12.93
CA THR A 761 10.13 15.39 -14.09
C THR A 761 9.57 16.76 -14.49
N GLN A 762 8.25 16.95 -14.46
CA GLN A 762 7.66 18.22 -14.97
C GLN A 762 8.14 19.43 -14.15
N LEU A 763 8.26 19.26 -12.83
CA LEU A 763 8.72 20.36 -11.96
C LEU A 763 10.15 20.76 -12.32
N ASN A 764 11.01 19.78 -12.59
CA ASN A 764 12.44 20.04 -12.93
C ASN A 764 12.51 20.75 -14.28
N ARG A 765 11.69 20.32 -15.24
CA ARG A 765 11.70 20.93 -16.60
C ARG A 765 11.30 22.41 -16.49
N ALA A 766 10.31 22.72 -15.67
CA ALA A 766 9.84 24.12 -15.50
C ALA A 766 10.97 24.97 -14.91
N LEU A 767 11.69 24.43 -13.90
CA LEU A 767 12.81 25.18 -13.26
C LEU A 767 13.92 25.44 -14.29
N THR A 768 14.22 24.44 -15.13
CA THR A 768 15.25 24.62 -16.19
C THR A 768 14.77 25.70 -17.15
N GLY A 769 13.47 25.71 -17.48
CA GLY A 769 12.91 26.74 -18.38
C GLY A 769 13.04 28.12 -17.77
N ILE A 770 12.81 28.25 -16.46
CA ILE A 770 12.92 29.56 -15.76
C ILE A 770 14.37 30.06 -15.90
N ALA A 771 15.35 29.17 -15.72
CA ALA A 771 16.77 29.58 -15.79
C ALA A 771 17.10 30.08 -17.20
N VAL A 772 16.61 29.37 -18.23
CA VAL A 772 16.84 29.79 -19.64
C VAL A 772 16.16 31.14 -19.87
N GLU A 773 14.95 31.32 -19.32
CA GLU A 773 14.18 32.58 -19.51
C GLU A 773 14.98 33.74 -18.92
N GLN A 774 15.58 33.54 -17.73
CA GLN A 774 16.31 34.66 -17.07
C GLN A 774 17.49 35.09 -17.94
N ASP A 775 18.22 34.12 -18.50
CA ASP A 775 19.36 34.44 -19.40
C ASP A 775 18.85 35.20 -20.63
N LYS A 776 17.71 34.76 -21.18
CA LYS A 776 17.13 35.42 -22.38
C LYS A 776 16.76 36.87 -22.03
N ASN A 777 16.16 37.08 -20.86
CA ASN A 777 15.72 38.45 -20.46
C ASN A 777 16.96 39.33 -20.33
N THR A 778 18.04 38.81 -19.72
CA THR A 778 19.26 39.62 -19.51
C THR A 778 19.85 39.99 -20.86
N GLN A 779 19.91 39.03 -21.79
CA GLN A 779 20.53 39.29 -23.11
C GLN A 779 19.72 40.35 -23.85
N GLU A 780 18.39 40.26 -23.82
CA GLU A 780 17.56 41.21 -24.61
C GLU A 780 17.74 42.64 -24.11
N VAL A 781 17.66 42.86 -22.79
CA VAL A 781 17.72 44.26 -22.28
C VAL A 781 19.12 44.86 -22.50
N PHE A 782 20.16 44.11 -22.14
CA PHE A 782 21.55 44.66 -22.24
C PHE A 782 22.02 44.79 -23.70
N ALA A 783 21.73 43.79 -24.55
CA ALA A 783 22.24 43.82 -25.93
C ALA A 783 21.27 44.58 -26.84
N GLN A 784 21.14 45.90 -26.65
CA GLN A 784 20.29 46.71 -27.56
C GLN A 784 21.17 47.45 -28.57
N VAL A 785 22.49 47.22 -28.50
CA VAL A 785 23.44 47.93 -29.43
C VAL A 785 24.21 46.90 -30.27
N LYS A 786 24.17 47.06 -31.59
CA LYS A 786 24.88 46.12 -32.51
C LYS A 786 26.41 46.20 -32.33
N GLN A 787 26.96 47.40 -32.17
CA GLN A 787 28.44 47.55 -32.11
C GLN A 787 28.85 48.19 -30.78
N ILE A 788 29.86 47.62 -30.11
CA ILE A 788 30.36 48.22 -28.84
C ILE A 788 30.95 49.59 -29.17
N TYR A 789 30.65 50.61 -28.34
CA TYR A 789 31.16 51.99 -28.59
C TYR A 789 32.01 52.43 -27.40
N LYS A 790 33.16 53.07 -27.67
CA LYS A 790 34.05 53.56 -26.58
C LYS A 790 34.21 55.08 -26.69
N THR A 791 34.09 55.79 -25.56
CA THR A 791 34.22 57.28 -25.56
C THR A 791 35.66 57.68 -25.85
N PRO A 792 35.90 58.86 -26.47
CA PRO A 792 37.27 59.32 -26.78
C PRO A 792 38.08 59.65 -25.52
N PRO A 793 39.42 59.47 -25.53
CA PRO A 793 40.26 59.76 -24.37
C PRO A 793 40.19 61.24 -23.98
N ILE A 794 40.18 62.14 -24.98
CA ILE A 794 40.04 63.60 -24.67
C ILE A 794 38.57 63.87 -24.35
N LYS A 795 38.31 64.45 -23.18
CA LYS A 795 36.90 64.74 -22.76
C LYS A 795 36.49 66.13 -23.25
N ASP A 796 36.37 66.33 -24.57
CA ASP A 796 35.88 67.64 -25.10
C ASP A 796 34.35 67.60 -25.17
N PHE A 797 33.68 67.55 -24.00
CA PHE A 797 32.20 67.41 -23.98
C PHE A 797 31.53 68.71 -23.53
N GLY A 798 32.26 69.84 -23.55
CA GLY A 798 31.69 71.11 -23.06
C GLY A 798 31.79 71.24 -21.55
N GLY A 799 32.62 70.41 -20.90
CA GLY A 799 32.83 70.49 -19.45
C GLY A 799 31.89 69.60 -18.66
N PHE A 800 30.99 68.89 -19.35
CA PHE A 800 30.06 67.99 -18.66
C PHE A 800 30.80 66.72 -18.26
N ASN A 801 30.93 66.49 -16.94
CA ASN A 801 31.64 65.34 -16.34
C ASN A 801 30.92 63.98 -16.51
N PHE A 802 31.60 63.00 -17.10
CA PHE A 802 30.99 61.71 -17.43
C PHE A 802 31.88 60.58 -16.93
N SER A 803 32.89 60.95 -16.15
CA SER A 803 33.86 59.98 -15.59
C SER A 803 33.15 58.99 -14.65
N GLN A 804 32.24 59.49 -13.81
CA GLN A 804 31.58 58.62 -12.81
C GLN A 804 30.74 57.54 -13.51
N ILE A 805 29.96 57.94 -14.53
CA ILE A 805 29.09 56.97 -15.28
C ILE A 805 29.96 55.99 -16.09
N LEU A 806 31.08 56.47 -16.64
CA LEU A 806 31.99 55.59 -17.43
C LEU A 806 32.65 54.54 -16.54
N PRO A 807 32.88 53.30 -17.04
CA PRO A 807 33.58 52.26 -16.26
C PRO A 807 35.05 52.60 -16.01
N ASP A 808 35.63 52.11 -14.90
CA ASP A 808 37.03 52.45 -14.55
C ASP A 808 37.97 51.35 -15.05
N PRO A 809 38.93 51.67 -15.94
CA PRO A 809 39.93 50.69 -16.42
C PRO A 809 40.84 50.19 -15.29
N SER A 810 41.18 51.07 -14.34
CA SER A 810 42.13 50.69 -13.25
C SER A 810 41.58 49.52 -12.44
N LYS A 811 40.27 49.49 -12.19
CA LYS A 811 39.65 48.35 -11.46
C LYS A 811 39.85 47.08 -12.28
N PRO A 812 40.12 45.90 -11.66
CA PRO A 812 40.40 44.68 -12.42
C PRO A 812 39.16 44.36 -13.27
N SER A 813 37.96 44.54 -12.70
CA SER A 813 36.72 44.38 -13.50
C SER A 813 36.31 45.80 -13.91
N LYS A 814 36.08 46.05 -15.20
CA LYS A 814 35.80 47.45 -15.62
C LYS A 814 34.33 47.77 -15.39
N ARG A 815 34.03 48.42 -14.27
CA ARG A 815 32.64 48.83 -13.95
C ARG A 815 32.67 50.28 -13.45
N SER A 816 31.56 51.01 -13.63
CA SER A 816 31.50 52.43 -13.20
C SER A 816 31.50 52.52 -11.68
N PHE A 817 31.97 53.64 -11.13
CA PHE A 817 31.95 53.82 -9.65
C PHE A 817 30.49 53.79 -9.18
N ILE A 818 29.58 54.39 -9.94
CA ILE A 818 28.13 54.36 -9.60
C ILE A 818 27.68 52.89 -9.62
N GLU A 819 28.12 52.12 -10.62
CA GLU A 819 27.76 50.69 -10.72
C GLU A 819 28.32 49.94 -9.51
N ASP A 820 29.53 50.28 -9.08
CA ASP A 820 30.16 49.60 -7.91
C ASP A 820 29.30 49.83 -6.68
N LEU A 821 28.78 51.05 -6.50
CA LEU A 821 27.93 51.37 -5.33
C LEU A 821 26.68 50.49 -5.36
N LEU A 822 26.07 50.32 -6.54
CA LEU A 822 24.84 49.50 -6.67
C LEU A 822 25.16 48.04 -6.29
N PHE A 823 26.32 47.54 -6.75
CA PHE A 823 26.72 46.15 -6.44
C PHE A 823 26.94 46.01 -4.93
N ASN A 824 27.59 46.99 -4.30
CA ASN A 824 27.89 46.92 -2.85
C ASN A 824 26.60 46.88 -2.02
N LYS A 825 25.61 47.70 -2.37
CA LYS A 825 24.37 47.79 -1.56
C LYS A 825 23.63 46.44 -1.56
N VAL A 826 23.54 45.78 -2.71
CA VAL A 826 22.89 44.45 -2.78
C VAL A 826 23.79 43.43 -2.06
N THR A 827 23.20 42.58 -1.22
CA THR A 827 23.98 41.58 -0.44
C THR A 827 23.34 40.19 -0.59
N LYS A 854 21.19 22.82 -1.80
CA LYS A 854 22.52 22.49 -1.24
C LYS A 854 22.91 21.08 -1.65
N PHE A 855 22.72 20.09 -0.77
CA PHE A 855 23.05 18.68 -1.08
C PHE A 855 21.75 17.92 -1.45
N ASN A 856 20.64 18.65 -1.58
CA ASN A 856 19.33 18.03 -1.90
C ASN A 856 19.11 18.06 -3.42
N GLY A 857 20.15 18.43 -4.17
CA GLY A 857 20.01 18.57 -5.64
C GLY A 857 19.63 19.99 -6.01
N LEU A 858 19.47 20.87 -5.02
CA LEU A 858 19.20 22.30 -5.31
C LEU A 858 20.52 22.93 -5.78
N THR A 859 20.51 23.60 -6.93
CA THR A 859 21.77 24.17 -7.50
C THR A 859 21.51 25.58 -8.03
N VAL A 860 22.55 26.40 -8.11
CA VAL A 860 22.41 27.77 -8.70
C VAL A 860 23.21 27.79 -10.01
N LEU A 861 22.60 28.24 -11.11
CA LEU A 861 23.30 28.21 -12.42
C LEU A 861 23.87 29.60 -12.72
N PRO A 862 25.15 29.72 -13.09
CA PRO A 862 25.76 31.02 -13.40
C PRO A 862 25.11 31.66 -14.63
N PRO A 863 24.85 32.99 -14.61
CA PRO A 863 24.25 33.67 -15.75
C PRO A 863 25.15 33.63 -16.99
N LEU A 864 24.56 33.55 -18.18
CA LEU A 864 25.36 33.50 -19.44
C LEU A 864 26.17 34.80 -19.56
N LEU A 865 25.57 35.93 -19.19
CA LEU A 865 26.26 37.23 -19.29
C LEU A 865 26.94 37.53 -17.94
N THR A 866 28.26 37.71 -17.96
CA THR A 866 29.03 38.01 -16.72
C THR A 866 28.78 39.47 -16.30
N ASP A 867 29.05 39.80 -15.03
CA ASP A 867 28.79 41.16 -14.53
C ASP A 867 29.64 42.16 -15.33
N GLU A 868 30.89 41.81 -15.63
CA GLU A 868 31.77 42.69 -16.45
C GLU A 868 31.17 42.85 -17.85
N MET A 869 30.64 41.77 -18.43
CA MET A 869 29.98 41.85 -19.77
C MET A 869 28.78 42.78 -19.69
N ILE A 870 28.03 42.72 -18.59
CA ILE A 870 26.85 43.62 -18.39
C ILE A 870 27.38 45.07 -18.35
N ALA A 871 28.50 45.29 -17.66
CA ALA A 871 29.09 46.65 -17.57
C ALA A 871 29.50 47.13 -18.96
N GLN A 872 30.07 46.23 -19.79
CA GLN A 872 30.51 46.61 -21.15
C GLN A 872 29.30 46.93 -22.03
N TYR A 873 28.20 46.19 -21.86
CA TYR A 873 26.96 46.45 -22.63
C TYR A 873 26.42 47.84 -22.24
N THR A 874 26.33 48.11 -20.93
CA THR A 874 25.79 49.42 -20.46
C THR A 874 26.70 50.54 -20.97
N SER A 875 28.02 50.30 -20.95
CA SER A 875 28.99 51.34 -21.41
C SER A 875 28.77 51.64 -22.89
N ALA A 876 28.55 50.60 -23.70
CA ALA A 876 28.37 50.80 -25.16
C ALA A 876 27.12 51.66 -25.40
N LEU A 877 26.02 51.34 -24.70
CA LEU A 877 24.79 52.18 -24.81
C LEU A 877 25.07 53.58 -24.27
N LEU A 878 25.79 53.66 -23.14
CA LEU A 878 26.08 54.98 -22.51
C LEU A 878 26.96 55.81 -23.46
N ALA A 879 27.98 55.20 -24.05
CA ALA A 879 28.89 55.94 -24.97
C ALA A 879 28.09 56.40 -26.19
N GLY A 880 27.20 55.55 -26.70
CA GLY A 880 26.43 55.89 -27.90
C GLY A 880 25.53 57.10 -27.65
N THR A 881 24.90 57.16 -26.48
CA THR A 881 24.04 58.32 -26.15
C THR A 881 24.89 59.60 -26.04
N ILE A 882 26.03 59.52 -25.36
CA ILE A 882 26.89 60.73 -25.15
C ILE A 882 27.51 61.20 -26.46
N THR A 883 28.06 60.28 -27.27
CA THR A 883 28.79 60.71 -28.50
C THR A 883 27.90 60.81 -29.74
N SER A 884 26.93 59.90 -29.91
CA SER A 884 26.12 59.90 -31.16
C SER A 884 24.68 60.34 -30.93
N GLY A 885 24.34 60.80 -29.71
CA GLY A 885 22.94 61.16 -29.43
C GLY A 885 22.01 59.97 -29.62
N TRP A 886 20.89 60.16 -30.35
CA TRP A 886 19.90 59.07 -30.52
C TRP A 886 20.19 58.25 -31.80
N THR A 887 21.20 58.64 -32.58
CA THR A 887 21.47 57.96 -33.88
C THR A 887 21.85 56.49 -33.66
N PHE A 888 22.59 56.17 -32.59
CA PHE A 888 23.08 54.78 -32.39
C PHE A 888 21.91 53.76 -32.28
N GLY A 889 20.83 54.13 -31.59
CA GLY A 889 19.67 53.21 -31.53
C GLY A 889 19.04 52.98 -32.89
N ALA A 890 18.82 54.06 -33.65
CA ALA A 890 18.18 53.95 -35.00
C ALA A 890 19.10 53.25 -36.00
N GLY A 891 20.40 53.55 -35.99
CA GLY A 891 21.33 53.01 -37.00
C GLY A 891 22.77 53.14 -36.55
N ALA A 892 23.71 53.07 -37.50
CA ALA A 892 25.15 53.18 -37.14
C ALA A 892 25.39 54.52 -36.45
N ALA A 893 26.22 54.53 -35.40
CA ALA A 893 26.41 55.77 -34.61
C ALA A 893 27.03 56.88 -35.48
N LEU A 894 26.51 58.11 -35.36
CA LEU A 894 27.07 59.26 -36.12
C LEU A 894 27.62 60.28 -35.12
N GLN A 895 28.89 60.68 -35.26
CA GLN A 895 29.49 61.58 -34.25
C GLN A 895 28.77 62.93 -34.26
N ILE A 896 28.53 63.51 -33.09
CA ILE A 896 27.89 64.86 -33.00
C ILE A 896 28.54 65.58 -31.82
N PRO A 897 28.81 66.91 -31.88
CA PRO A 897 29.34 67.64 -30.73
C PRO A 897 28.31 67.53 -29.59
N PHE A 898 28.78 67.37 -28.35
CA PHE A 898 27.81 67.14 -27.23
C PHE A 898 26.87 68.34 -27.07
N ALA A 899 27.39 69.56 -27.20
CA ALA A 899 26.55 70.76 -27.00
C ALA A 899 25.43 70.78 -28.05
N MET A 900 25.75 70.46 -29.31
CA MET A 900 24.73 70.38 -30.39
C MET A 900 23.74 69.24 -30.09
N GLN A 901 24.25 68.12 -29.59
CA GLN A 901 23.37 66.97 -29.23
C GLN A 901 22.41 67.39 -28.12
N MET A 902 22.91 68.14 -27.13
CA MET A 902 22.06 68.63 -26.01
C MET A 902 20.98 69.57 -26.57
N ALA A 903 21.35 70.40 -27.55
CA ALA A 903 20.35 71.31 -28.19
C ALA A 903 19.27 70.48 -28.88
N TYR A 904 19.65 69.35 -29.48
CA TYR A 904 18.69 68.48 -30.15
C TYR A 904 17.71 67.95 -29.11
N ARG A 905 18.23 67.61 -27.94
CA ARG A 905 17.40 67.10 -26.84
C ARG A 905 16.42 68.18 -26.40
N PHE A 906 16.90 69.42 -26.34
CA PHE A 906 16.08 70.56 -25.97
C PHE A 906 14.97 70.78 -27.00
N ASN A 907 15.31 70.59 -28.27
CA ASN A 907 14.34 70.76 -29.35
C ASN A 907 13.21 69.76 -29.17
N GLY A 908 13.57 68.53 -28.78
CA GLY A 908 12.55 67.49 -28.54
C GLY A 908 11.62 67.87 -27.39
N ILE A 909 12.17 68.40 -26.31
CA ILE A 909 11.32 68.86 -25.16
C ILE A 909 10.64 70.18 -25.54
N GLY A 910 11.09 70.83 -26.63
CA GLY A 910 10.45 72.07 -27.12
C GLY A 910 11.09 73.35 -26.61
N VAL A 911 12.06 73.26 -25.68
CA VAL A 911 12.79 74.50 -25.25
C VAL A 911 13.72 74.92 -26.40
N THR A 912 13.88 76.22 -26.63
CA THR A 912 14.69 76.70 -27.79
C THR A 912 16.16 76.31 -27.61
N GLN A 913 16.85 75.99 -28.71
CA GLN A 913 18.28 75.58 -28.66
C GLN A 913 19.15 76.73 -28.13
N ASN A 914 18.82 77.98 -28.49
CA ASN A 914 19.67 79.13 -28.09
C ASN A 914 19.76 79.19 -26.56
N VAL A 915 18.68 78.87 -25.86
CA VAL A 915 18.69 78.93 -24.40
C VAL A 915 19.74 77.99 -23.82
N LEU A 916 19.85 76.79 -24.39
CA LEU A 916 20.82 75.82 -23.92
C LEU A 916 22.25 76.34 -24.12
N TYR A 917 22.50 76.96 -25.27
CA TYR A 917 23.82 77.50 -25.57
C TYR A 917 24.22 78.61 -24.61
N GLU A 918 23.26 79.48 -24.30
CA GLU A 918 23.50 80.62 -23.37
C GLU A 918 23.74 80.10 -21.96
N ASN A 919 23.00 79.06 -21.55
CA ASN A 919 23.11 78.53 -20.16
C ASN A 919 23.91 77.23 -20.14
N GLN A 920 24.71 76.96 -21.18
CA GLN A 920 25.42 75.65 -21.28
C GLN A 920 26.34 75.47 -20.07
N LYS A 921 27.05 76.51 -19.65
CA LYS A 921 27.95 76.42 -18.48
C LYS A 921 27.12 76.08 -17.23
N LEU A 922 25.96 76.74 -17.07
CA LEU A 922 25.07 76.47 -15.91
C LEU A 922 24.57 75.03 -15.98
N ILE A 923 24.18 74.57 -17.18
CA ILE A 923 23.63 73.19 -17.35
C ILE A 923 24.74 72.18 -16.98
N ALA A 924 25.97 72.44 -17.41
CA ALA A 924 27.07 71.49 -17.13
C ALA A 924 27.30 71.41 -15.62
N ASN A 925 27.29 72.55 -14.93
CA ASN A 925 27.49 72.57 -13.46
C ASN A 925 26.34 71.82 -12.79
N GLN A 926 25.10 72.07 -13.23
CA GLN A 926 23.92 71.42 -12.61
C GLN A 926 23.99 69.91 -12.85
N PHE A 927 24.38 69.49 -14.05
CA PHE A 927 24.46 68.04 -14.38
C PHE A 927 25.51 67.37 -13.50
N ASN A 928 26.67 68.01 -13.34
CA ASN A 928 27.77 67.42 -12.52
C ASN A 928 27.29 67.32 -11.06
N SER A 929 26.63 68.36 -10.57
CA SER A 929 26.13 68.36 -9.17
C SER A 929 25.08 67.24 -9.00
N ALA A 930 24.19 67.08 -9.98
CA ALA A 930 23.12 66.06 -9.88
C ALA A 930 23.73 64.66 -9.83
N ILE A 931 24.76 64.40 -10.65
CA ILE A 931 25.43 63.07 -10.66
C ILE A 931 26.06 62.82 -9.27
N GLY A 932 26.69 63.85 -8.69
CA GLY A 932 27.29 63.71 -7.35
C GLY A 932 26.23 63.43 -6.30
N LYS A 933 25.08 64.10 -6.39
CA LYS A 933 23.97 63.89 -5.42
C LYS A 933 23.48 62.44 -5.53
N ILE A 934 23.36 61.93 -6.76
CA ILE A 934 22.85 60.54 -6.96
C ILE A 934 23.81 59.55 -6.30
N GLN A 935 25.12 59.75 -6.48
CA GLN A 935 26.13 58.85 -5.87
C GLN A 935 26.03 58.93 -4.35
N ASP A 936 25.87 60.14 -3.81
CA ASP A 936 25.76 60.32 -2.34
C ASP A 936 24.51 59.61 -1.83
N SER A 937 23.40 59.71 -2.58
CA SER A 937 22.13 59.06 -2.16
C SER A 937 22.30 57.55 -2.14
N LEU A 938 22.99 56.98 -3.15
CA LEU A 938 23.17 55.50 -3.21
C LEU A 938 24.01 55.05 -2.01
N SER A 939 25.08 55.78 -1.70
CA SER A 939 25.93 55.44 -0.52
C SER A 939 25.12 55.62 0.78
N SER A 940 24.39 56.73 0.90
CA SER A 940 23.62 57.02 2.13
C SER A 940 22.49 56.02 2.35
N THR A 941 21.75 55.66 1.28
CA THR A 941 20.56 54.79 1.46
C THR A 941 20.67 53.53 0.60
N ALA A 942 20.45 52.35 1.20
CA ALA A 942 20.45 51.09 0.42
C ALA A 942 19.00 50.80 -0.03
N SER A 943 18.08 51.72 0.29
CA SER A 943 16.65 51.54 -0.06
C SER A 943 16.46 51.46 -1.58
N ALA A 944 17.24 52.24 -2.34
CA ALA A 944 17.12 52.23 -3.82
C ALA A 944 17.45 50.83 -4.34
N LEU A 945 18.46 50.16 -3.75
CA LEU A 945 18.82 48.78 -4.17
C LEU A 945 18.04 47.78 -3.30
N GLY A 946 17.18 48.28 -2.41
CA GLY A 946 16.40 47.41 -1.52
C GLY A 946 15.46 46.49 -2.30
N LYS A 947 14.85 46.99 -3.37
CA LYS A 947 13.95 46.16 -4.22
C LYS A 947 14.77 45.02 -4.86
N LEU A 948 15.97 45.32 -5.34
CA LEU A 948 16.85 44.26 -5.92
C LEU A 948 17.20 43.26 -4.81
N GLN A 949 17.52 43.77 -3.62
CA GLN A 949 17.85 42.89 -2.47
C GLN A 949 16.62 42.05 -2.11
N ASP A 950 15.43 42.65 -2.17
CA ASP A 950 14.17 41.93 -1.82
C ASP A 950 13.97 40.77 -2.78
N VAL A 951 14.27 40.98 -4.08
CA VAL A 951 14.13 39.88 -5.08
C VAL A 951 15.11 38.76 -4.71
N VAL A 952 16.33 39.11 -4.32
CA VAL A 952 17.34 38.09 -3.90
C VAL A 952 16.81 37.38 -2.65
N ASN A 953 16.23 38.14 -1.72
CA ASN A 953 15.70 37.56 -0.45
C ASN A 953 14.56 36.60 -0.77
N GLN A 954 13.69 36.95 -1.71
CA GLN A 954 12.54 36.08 -2.08
C GLN A 954 13.07 34.76 -2.64
N ASN A 955 14.10 34.82 -3.50
CA ASN A 955 14.69 33.57 -4.07
C ASN A 955 15.29 32.74 -2.93
N ALA A 956 15.99 33.38 -1.99
CA ALA A 956 16.59 32.68 -0.85
C ALA A 956 15.48 32.05 0.00
N GLN A 957 14.39 32.79 0.22
CA GLN A 957 13.26 32.29 1.06
C GLN A 957 12.64 31.05 0.41
N ALA A 958 12.48 31.06 -0.92
CA ALA A 958 11.86 29.91 -1.61
C ALA A 958 12.71 28.66 -1.41
N LEU A 959 14.02 28.77 -1.63
CA LEU A 959 14.92 27.64 -1.43
C LEU A 959 14.93 27.22 0.03
N ASN A 960 14.93 28.21 0.91
CA ASN A 960 14.93 27.96 2.35
C ASN A 960 13.66 27.26 2.78
N THR A 961 12.55 27.67 2.19
CA THR A 961 11.25 27.09 2.50
C THR A 961 11.21 25.61 2.12
N LEU A 962 11.82 25.27 0.99
CA LEU A 962 11.85 23.89 0.51
C LEU A 962 12.59 23.00 1.50
N VAL A 963 13.69 23.51 2.05
CA VAL A 963 14.48 22.76 3.02
C VAL A 963 13.66 22.47 4.27
N LYS A 964 12.92 23.47 4.73
CA LYS A 964 12.09 23.30 5.91
C LYS A 964 11.05 22.22 5.66
N GLN A 965 10.60 22.15 4.42
CA GLN A 965 9.60 21.15 4.02
C GLN A 965 10.16 19.74 4.18
N LEU A 966 11.41 19.56 3.74
CA LEU A 966 12.06 18.25 3.82
C LEU A 966 12.19 17.76 5.25
N SER A 967 12.35 18.69 6.18
CA SER A 967 12.52 18.35 7.59
C SER A 967 11.24 17.80 8.20
N SER A 968 10.10 18.38 7.81
CA SER A 968 8.81 17.95 8.34
C SER A 968 8.53 16.50 7.97
N ASN A 969 7.95 15.76 8.91
CA ASN A 969 7.67 14.34 8.73
C ASN A 969 6.60 13.97 7.68
N PHE A 970 5.61 14.83 7.48
CA PHE A 970 4.49 14.60 6.54
C PHE A 970 3.74 13.30 6.84
N GLY A 971 3.55 12.99 8.12
CA GLY A 971 2.84 11.78 8.50
C GLY A 971 3.75 10.57 8.67
N ALA A 972 4.99 10.69 8.25
CA ALA A 972 5.97 9.58 8.38
C ALA A 972 6.49 9.52 9.81
N ILE A 973 7.02 8.38 10.23
CA ILE A 973 7.57 8.23 11.61
C ILE A 973 8.75 9.21 11.78
N SER A 974 9.61 9.34 10.77
CA SER A 974 10.75 10.30 10.85
C SER A 974 10.87 11.07 9.53
N SER A 975 11.35 12.32 9.59
CA SER A 975 11.58 13.10 8.35
C SER A 975 12.68 12.42 7.52
N VAL A 976 13.73 11.92 8.18
CA VAL A 976 14.87 11.30 7.45
C VAL A 976 14.42 9.94 6.88
N LEU A 977 14.68 9.72 5.59
CA LEU A 977 14.31 8.44 4.92
C LEU A 977 15.12 7.29 5.51
N ASN A 978 16.41 7.51 5.78
CA ASN A 978 17.30 6.43 6.28
C ASN A 978 16.82 5.92 7.64
N ASP A 979 16.35 6.84 8.50
CA ASP A 979 15.88 6.43 9.86
C ASP A 979 14.69 5.48 9.72
N ILE A 980 13.78 5.77 8.79
CA ILE A 980 12.60 4.89 8.56
C ILE A 980 13.09 3.51 8.10
N LEU A 981 14.04 3.49 7.15
CA LEU A 981 14.52 2.20 6.59
C LEU A 981 15.18 1.35 7.69
N SER A 982 15.99 1.97 8.55
CA SER A 982 16.72 1.21 9.59
C SER A 982 15.76 0.58 10.62
N ARG A 983 14.72 1.31 11.02
CA ARG A 983 13.83 0.81 12.12
C ARG A 983 12.64 0.01 11.58
N LEU A 984 12.46 -0.09 10.26
CA LEU A 984 11.24 -0.76 9.73
C LEU A 984 11.60 -1.75 8.61
N ASP A 985 10.70 -2.68 8.32
CA ASP A 985 10.88 -3.62 7.22
C ASP A 985 10.73 -2.82 5.92
N PRO A 986 11.29 -3.33 4.81
CA PRO A 986 11.22 -2.56 3.56
C PRO A 986 9.78 -2.29 3.07
N PRO A 987 8.89 -3.27 3.15
CA PRO A 987 7.50 -3.06 2.70
C PRO A 987 6.80 -2.00 3.55
N GLU A 988 7.06 -2.06 4.85
CA GLU A 988 6.46 -1.13 5.86
C GLU A 988 7.12 0.24 5.71
N ALA A 989 8.44 0.26 5.49
CA ALA A 989 9.17 1.54 5.33
C ALA A 989 8.64 2.27 4.10
N GLU A 990 8.32 1.52 3.03
CA GLU A 990 7.85 2.15 1.76
C GLU A 990 6.57 2.94 2.01
N VAL A 991 5.66 2.43 2.84
CA VAL A 991 4.39 3.14 3.15
C VAL A 991 4.72 4.48 3.81
N GLN A 992 5.65 4.49 4.78
CA GLN A 992 6.08 5.75 5.43
C GLN A 992 6.75 6.65 4.41
N ILE A 993 7.58 6.08 3.53
CA ILE A 993 8.30 6.87 2.48
C ILE A 993 7.25 7.50 1.56
N ASP A 994 6.19 6.77 1.23
CA ASP A 994 5.15 7.29 0.29
C ASP A 994 4.50 8.54 0.88
N ARG A 995 4.24 8.56 2.19
CA ARG A 995 3.66 9.76 2.85
C ARG A 995 4.64 10.92 2.69
N LEU A 996 5.94 10.67 2.90
CA LEU A 996 6.96 11.73 2.73
C LEU A 996 6.98 12.18 1.27
N ILE A 997 6.92 11.23 0.32
CA ILE A 997 7.02 11.59 -1.13
C ILE A 997 5.84 12.49 -1.49
N THR A 998 4.64 12.16 -1.03
CA THR A 998 3.47 12.97 -1.32
C THR A 998 3.72 14.42 -0.89
N GLY A 999 4.12 14.59 0.37
CA GLY A 999 4.40 15.91 0.89
C GLY A 999 5.56 16.57 0.18
N ARG A 1000 6.60 15.81 -0.11
CA ARG A 1000 7.77 16.34 -0.80
C ARG A 1000 7.38 16.78 -2.21
N LEU A 1001 6.55 15.99 -2.87
CA LEU A 1001 6.07 16.33 -4.21
C LEU A 1001 5.24 17.61 -4.16
N GLN A 1002 4.41 17.71 -3.12
CA GLN A 1002 3.55 18.87 -2.92
C GLN A 1002 4.40 20.12 -2.69
N SER A 1003 5.47 19.96 -1.93
CA SER A 1003 6.37 21.07 -1.64
C SER A 1003 7.03 21.57 -2.91
N LEU A 1004 7.42 20.64 -3.78
CA LEU A 1004 8.04 21.00 -5.04
C LEU A 1004 7.07 21.71 -5.94
N GLN A 1005 5.84 21.21 -6.01
CA GLN A 1005 4.83 21.84 -6.91
C GLN A 1005 4.56 23.27 -6.44
N THR A 1006 4.41 23.47 -5.12
CA THR A 1006 4.15 24.82 -4.57
C THR A 1006 5.36 25.71 -4.86
N TYR A 1007 6.57 25.19 -4.64
CA TYR A 1007 7.80 25.99 -4.86
C TYR A 1007 7.93 26.37 -6.34
N VAL A 1008 7.66 25.40 -7.23
CA VAL A 1008 7.79 25.66 -8.70
C VAL A 1008 6.74 26.70 -9.11
N THR A 1009 5.52 26.60 -8.57
CA THR A 1009 4.44 27.55 -8.92
C THR A 1009 4.84 28.97 -8.48
N GLN A 1010 5.40 29.09 -7.27
CA GLN A 1010 5.84 30.42 -6.76
C GLN A 1010 6.95 30.94 -7.66
N GLN A 1011 7.90 30.08 -8.05
CA GLN A 1011 9.02 30.48 -8.93
C GLN A 1011 8.49 30.94 -10.29
N LEU A 1012 7.52 30.22 -10.85
CA LEU A 1012 6.95 30.57 -12.18
C LEU A 1012 6.25 31.93 -12.11
N ILE A 1013 5.46 32.17 -11.06
CA ILE A 1013 4.75 33.47 -10.90
C ILE A 1013 5.79 34.57 -10.72
N ARG A 1014 6.83 34.30 -9.92
CA ARG A 1014 7.92 35.29 -9.71
C ARG A 1014 8.62 35.55 -11.04
N ALA A 1015 8.88 34.48 -11.81
CA ALA A 1015 9.58 34.62 -13.11
C ALA A 1015 8.73 35.46 -14.07
N ALA A 1016 7.41 35.27 -14.07
CA ALA A 1016 6.50 36.05 -14.95
C ALA A 1016 6.57 37.52 -14.55
N GLU A 1017 6.56 37.82 -13.24
CA GLU A 1017 6.67 39.23 -12.77
C GLU A 1017 8.04 39.78 -13.18
N ILE A 1018 9.10 38.99 -13.01
CA ILE A 1018 10.47 39.44 -13.37
C ILE A 1018 10.53 39.68 -14.89
N ARG A 1019 9.91 38.80 -15.68
CA ARG A 1019 9.91 38.94 -17.16
C ARG A 1019 9.19 40.23 -17.54
N ALA A 1020 8.06 40.53 -16.88
CA ALA A 1020 7.31 41.77 -17.16
C ALA A 1020 8.19 42.98 -16.81
N SER A 1021 8.89 42.92 -15.68
CA SER A 1021 9.81 44.02 -15.28
C SER A 1021 10.93 44.14 -16.32
N ALA A 1022 11.47 43.02 -16.79
CA ALA A 1022 12.55 43.03 -17.81
C ALA A 1022 12.02 43.64 -19.11
N ASN A 1023 10.78 43.29 -19.50
CA ASN A 1023 10.18 43.84 -20.74
C ASN A 1023 10.03 45.36 -20.58
N LEU A 1024 9.58 45.81 -19.41
CA LEU A 1024 9.44 47.27 -19.15
C LEU A 1024 10.84 47.90 -19.20
N ALA A 1025 11.84 47.25 -18.61
CA ALA A 1025 13.23 47.78 -18.61
C ALA A 1025 13.75 47.88 -20.04
N ALA A 1026 13.48 46.87 -20.87
CA ALA A 1026 13.92 46.90 -22.28
C ALA A 1026 13.22 48.05 -23.00
N THR A 1027 11.92 48.23 -22.76
CA THR A 1027 11.17 49.35 -23.37
C THR A 1027 11.81 50.67 -22.95
N LYS A 1028 12.09 50.82 -21.65
CA LYS A 1028 12.70 52.09 -21.14
C LYS A 1028 14.08 52.28 -21.77
N MET A 1029 14.89 51.23 -21.85
CA MET A 1029 16.27 51.38 -22.39
C MET A 1029 16.17 51.84 -23.84
N SER A 1030 15.19 51.32 -24.59
CA SER A 1030 15.02 51.65 -26.02
C SER A 1030 14.44 53.06 -26.19
N GLU A 1031 13.45 53.44 -25.38
CA GLU A 1031 12.76 54.75 -25.61
C GLU A 1031 13.33 55.85 -24.72
N CYS A 1032 14.27 55.52 -23.83
CA CYS A 1032 14.91 56.56 -22.98
C CYS A 1032 16.41 56.61 -23.31
N VAL A 1033 17.16 55.52 -23.07
CA VAL A 1033 18.63 55.52 -23.34
C VAL A 1033 18.92 55.63 -24.84
N LEU A 1034 18.27 54.81 -25.65
CA LEU A 1034 18.55 54.79 -27.11
C LEU A 1034 18.06 56.08 -27.78
N GLY A 1035 16.88 56.56 -27.40
CA GLY A 1035 16.31 57.76 -28.03
C GLY A 1035 15.52 58.60 -27.03
N GLN A 1036 15.25 59.86 -27.36
CA GLN A 1036 14.53 60.77 -26.42
C GLN A 1036 13.11 60.24 -26.17
N SER A 1037 12.61 60.41 -24.94
CA SER A 1037 11.27 59.86 -24.59
C SER A 1037 10.18 60.89 -24.93
N LYS A 1038 9.43 60.64 -26.00
CA LYS A 1038 8.30 61.54 -26.39
C LYS A 1038 7.21 61.47 -25.31
N ARG A 1039 6.96 60.27 -24.76
CA ARG A 1039 5.87 60.08 -23.76
C ARG A 1039 6.15 60.93 -22.52
N VAL A 1040 5.11 61.55 -21.95
CA VAL A 1040 5.31 62.48 -20.80
C VAL A 1040 5.56 61.66 -19.53
N ASP A 1041 6.67 61.93 -18.83
CA ASP A 1041 6.98 61.24 -17.54
C ASP A 1041 7.06 59.72 -17.75
N PHE A 1042 7.49 59.26 -18.94
CA PHE A 1042 7.68 57.80 -19.13
C PHE A 1042 8.82 57.32 -18.22
N CYS A 1043 9.90 58.10 -18.14
CA CYS A 1043 11.06 57.70 -17.30
C CYS A 1043 11.53 58.89 -16.46
N GLY A 1044 10.86 59.16 -15.32
CA GLY A 1044 11.25 60.27 -14.42
C GLY A 1044 10.36 61.51 -14.54
N LYS A 1045 10.31 62.35 -13.50
CA LYS A 1045 9.48 63.60 -13.51
C LYS A 1045 10.24 64.66 -14.33
N GLY A 1046 9.59 65.78 -14.69
CA GLY A 1046 10.24 66.76 -15.58
C GLY A 1046 10.41 66.19 -16.98
N TYR A 1047 11.07 66.95 -17.87
CA TYR A 1047 11.23 66.52 -19.29
C TYR A 1047 12.56 65.78 -19.45
N HIS A 1048 12.51 64.46 -19.64
CA HIS A 1048 13.74 63.64 -19.77
C HIS A 1048 14.53 64.11 -20.99
N LEU A 1049 15.85 64.29 -20.84
CA LEU A 1049 16.70 64.66 -22.00
C LEU A 1049 17.46 63.43 -22.50
N MET A 1050 18.10 62.69 -21.59
CA MET A 1050 18.91 61.50 -21.99
C MET A 1050 18.96 60.51 -20.82
N SER A 1051 19.20 59.23 -21.12
CA SER A 1051 19.22 58.19 -20.07
C SER A 1051 20.57 57.46 -20.04
N PHE A 1052 21.07 57.19 -18.84
CA PHE A 1052 22.37 56.47 -18.67
C PHE A 1052 22.13 55.12 -18.01
N PRO A 1053 22.52 53.99 -18.65
CA PRO A 1053 22.37 52.66 -18.04
C PRO A 1053 23.53 52.31 -17.10
N GLN A 1054 23.22 51.83 -15.89
CA GLN A 1054 24.27 51.40 -14.93
C GLN A 1054 24.04 49.93 -14.57
N SER A 1055 25.08 49.10 -14.65
CA SER A 1055 24.94 47.66 -14.34
C SER A 1055 24.68 47.47 -12.84
N ALA A 1056 23.78 46.54 -12.49
CA ALA A 1056 23.46 46.25 -11.08
C ALA A 1056 23.25 44.74 -10.93
N PRO A 1057 23.39 44.12 -9.73
CA PRO A 1057 23.26 42.67 -9.63
C PRO A 1057 21.79 42.28 -9.84
N HIS A 1058 21.51 41.48 -10.86
CA HIS A 1058 20.11 41.03 -11.16
C HIS A 1058 19.21 42.26 -11.30
N GLY A 1059 19.73 43.36 -11.86
CA GLY A 1059 18.93 44.60 -11.99
C GLY A 1059 19.49 45.55 -13.02
N VAL A 1060 18.70 46.51 -13.47
CA VAL A 1060 19.19 47.55 -14.42
C VAL A 1060 18.89 48.92 -13.82
N VAL A 1061 19.87 49.83 -13.83
CA VAL A 1061 19.68 51.18 -13.21
C VAL A 1061 19.70 52.23 -14.31
N PHE A 1062 18.71 53.12 -14.32
CA PHE A 1062 18.63 54.18 -15.37
C PHE A 1062 18.78 55.55 -14.72
N LEU A 1063 19.69 56.38 -15.25
CA LEU A 1063 19.83 57.77 -14.72
C LEU A 1063 19.26 58.71 -15.79
N HIS A 1064 18.23 59.49 -15.44
CA HIS A 1064 17.58 60.34 -16.48
C HIS A 1064 17.83 61.82 -16.20
N VAL A 1065 18.50 62.53 -17.11
CA VAL A 1065 18.67 64.00 -16.94
C VAL A 1065 17.30 64.61 -17.25
N THR A 1066 16.81 65.53 -16.42
CA THR A 1066 15.43 66.05 -16.61
C THR A 1066 15.42 67.59 -16.58
N TYR A 1067 14.43 68.20 -17.25
CA TYR A 1067 14.29 69.68 -17.26
C TYR A 1067 13.20 70.05 -16.25
N VAL A 1068 13.58 70.79 -15.20
CA VAL A 1068 12.59 71.22 -14.16
C VAL A 1068 12.69 72.74 -14.03
N PRO A 1069 11.58 73.50 -14.07
CA PRO A 1069 11.64 74.96 -13.85
C PRO A 1069 12.12 75.28 -12.43
N ALA A 1070 13.05 76.23 -12.29
CA ALA A 1070 13.58 76.61 -10.96
C ALA A 1070 12.84 77.84 -10.43
N GLN A 1071 12.69 78.87 -11.27
CA GLN A 1071 11.98 80.11 -10.85
C GLN A 1071 10.82 80.38 -11.81
N GLU A 1072 9.63 80.64 -11.28
CA GLU A 1072 8.43 80.86 -12.14
C GLU A 1072 7.83 82.23 -11.82
N LYS A 1073 7.47 83.00 -12.85
CA LYS A 1073 6.89 84.35 -12.65
C LYS A 1073 5.56 84.47 -13.41
N ASN A 1074 4.66 85.35 -12.97
CA ASN A 1074 3.32 85.46 -13.60
C ASN A 1074 3.26 86.72 -14.47
N PHE A 1075 2.79 86.58 -15.71
CA PHE A 1075 2.69 87.75 -16.64
C PHE A 1075 1.29 87.80 -17.24
N THR A 1076 0.78 89.00 -17.52
CA THR A 1076 -0.55 89.14 -18.18
C THR A 1076 -0.45 88.49 -19.57
N THR A 1077 -1.48 87.78 -20.02
CA THR A 1077 -1.36 87.06 -21.32
C THR A 1077 -2.54 87.38 -22.24
N ALA A 1078 -2.31 87.36 -23.55
CA ALA A 1078 -3.40 87.57 -24.53
C ALA A 1078 -3.43 86.37 -25.48
N PRO A 1079 -4.58 85.72 -25.79
CA PRO A 1079 -4.58 84.64 -26.79
C PRO A 1079 -4.06 85.18 -28.13
N ALA A 1080 -4.52 86.38 -28.53
CA ALA A 1080 -4.09 87.00 -29.80
C ALA A 1080 -4.03 88.52 -29.63
N ILE A 1081 -3.28 89.22 -30.48
CA ILE A 1081 -3.17 90.70 -30.41
C ILE A 1081 -3.49 91.28 -31.80
N CYS A 1082 -4.34 92.33 -31.87
CA CYS A 1082 -4.73 92.89 -33.20
C CYS A 1082 -3.93 94.16 -33.48
N HIS A 1083 -2.96 94.09 -34.40
CA HIS A 1083 -2.19 95.31 -34.79
C HIS A 1083 -3.11 96.31 -35.52
N ASP A 1084 -3.91 95.84 -36.46
CA ASP A 1084 -4.78 96.74 -37.27
C ASP A 1084 -6.22 96.24 -37.21
N GLY A 1085 -6.61 95.59 -36.11
CA GLY A 1085 -7.96 95.00 -36.04
C GLY A 1085 -7.96 93.60 -36.61
N LYS A 1086 -6.78 93.06 -36.92
CA LYS A 1086 -6.67 91.67 -37.42
C LYS A 1086 -5.95 90.84 -36.35
N ALA A 1087 -6.56 89.74 -35.89
CA ALA A 1087 -5.97 88.93 -34.79
C ALA A 1087 -4.65 88.29 -35.23
N HIS A 1088 -3.62 88.34 -34.38
CA HIS A 1088 -2.33 87.67 -34.70
C HIS A 1088 -2.09 86.56 -33.67
N PHE A 1089 -1.94 85.31 -34.13
CA PHE A 1089 -1.62 84.20 -33.19
C PHE A 1089 -0.11 83.88 -33.27
N PRO A 1090 0.68 83.79 -32.18
CA PRO A 1090 2.11 83.52 -32.32
C PRO A 1090 2.35 82.14 -32.95
N ARG A 1091 3.24 82.06 -33.93
CA ARG A 1091 3.59 80.73 -34.52
C ARG A 1091 4.23 79.88 -33.43
N GLU A 1092 5.12 80.47 -32.62
CA GLU A 1092 5.75 79.75 -31.49
C GLU A 1092 5.56 80.56 -30.21
N GLY A 1093 5.12 79.93 -29.13
CA GLY A 1093 5.02 80.63 -27.83
C GLY A 1093 3.73 81.43 -27.67
N VAL A 1094 3.59 82.17 -26.58
CA VAL A 1094 2.34 82.95 -26.28
C VAL A 1094 2.70 84.36 -25.83
N PHE A 1095 1.79 85.32 -25.98
CA PHE A 1095 2.11 86.68 -25.57
C PHE A 1095 2.27 86.79 -24.07
N VAL A 1096 3.34 87.46 -23.64
CA VAL A 1096 3.61 87.68 -22.23
C VAL A 1096 3.70 89.18 -21.99
N SER A 1097 2.92 89.71 -21.05
CA SER A 1097 2.93 91.15 -20.79
C SER A 1097 3.06 91.52 -19.32
N ASN A 1098 4.15 92.19 -18.97
CA ASN A 1098 4.38 92.59 -17.58
C ASN A 1098 3.39 93.64 -17.07
N GLY A 1099 3.01 94.59 -17.92
CA GLY A 1099 2.07 95.62 -17.53
C GLY A 1099 2.39 96.99 -18.11
N THR A 1100 3.36 97.03 -19.01
CA THR A 1100 3.79 98.25 -19.66
C THR A 1100 4.13 97.98 -21.11
N HIS A 1101 4.43 96.71 -21.42
CA HIS A 1101 4.79 96.28 -22.76
C HIS A 1101 4.28 94.87 -23.06
N TRP A 1102 4.17 94.55 -24.35
CA TRP A 1102 3.72 93.23 -24.78
C TRP A 1102 4.85 92.52 -25.53
N PHE A 1103 5.12 91.28 -25.14
CA PHE A 1103 6.21 90.50 -25.79
C PHE A 1103 5.70 89.09 -26.12
N VAL A 1104 6.34 88.39 -27.06
CA VAL A 1104 5.95 86.98 -27.36
C VAL A 1104 7.11 86.08 -26.93
N THR A 1105 6.83 85.06 -26.11
CA THR A 1105 7.91 84.17 -25.60
C THR A 1105 7.47 82.70 -25.68
N GLN A 1106 8.42 81.77 -25.76
CA GLN A 1106 8.08 80.33 -25.76
C GLN A 1106 7.42 79.95 -24.43
N ARG A 1107 6.44 79.04 -24.45
CA ARG A 1107 5.73 78.63 -23.21
C ARG A 1107 6.70 77.93 -22.25
N ASN A 1108 7.62 77.10 -22.78
CA ASN A 1108 8.53 76.31 -21.90
C ASN A 1108 9.46 77.19 -21.06
N PHE A 1109 10.02 78.25 -21.64
CA PHE A 1109 11.00 79.09 -20.88
C PHE A 1109 10.75 80.57 -21.21
N TYR A 1110 11.12 81.48 -20.31
CA TYR A 1110 10.81 82.91 -20.55
C TYR A 1110 11.89 83.55 -21.41
N GLU A 1111 11.60 83.79 -22.68
CA GLU A 1111 12.55 84.46 -23.61
C GLU A 1111 11.78 85.56 -24.33
N PRO A 1112 11.51 86.73 -23.70
CA PRO A 1112 10.65 87.75 -24.33
C PRO A 1112 11.22 88.31 -25.65
N GLN A 1113 10.37 88.44 -26.66
CA GLN A 1113 10.80 88.98 -27.97
C GLN A 1113 9.79 90.05 -28.41
N ILE A 1114 10.26 91.10 -29.08
CA ILE A 1114 9.31 92.14 -29.61
C ILE A 1114 8.39 91.46 -30.63
N ILE A 1115 7.09 91.74 -30.58
CA ILE A 1115 6.13 91.07 -31.49
C ILE A 1115 6.41 91.54 -32.92
N THR A 1116 6.45 90.61 -33.89
CA THR A 1116 6.69 90.96 -35.32
C THR A 1116 5.69 90.19 -36.19
N THR A 1117 5.47 90.66 -37.43
CA THR A 1117 4.55 89.97 -38.36
C THR A 1117 5.08 88.55 -38.62
N ASP A 1118 6.40 88.41 -38.74
CA ASP A 1118 7.02 87.06 -38.94
C ASP A 1118 6.74 86.18 -37.72
N ASN A 1119 6.81 86.75 -36.51
CA ASN A 1119 6.59 85.97 -35.26
C ASN A 1119 5.15 85.43 -35.19
N THR A 1120 4.15 86.22 -35.58
CA THR A 1120 2.74 85.77 -35.39
C THR A 1120 1.98 85.70 -36.73
N PHE A 1121 1.36 84.56 -37.03
CA PHE A 1121 0.52 84.45 -38.25
C PHE A 1121 -0.79 85.21 -38.03
N VAL A 1122 -1.40 85.70 -39.12
CA VAL A 1122 -2.66 86.50 -39.00
C VAL A 1122 -3.83 85.62 -39.46
N SER A 1123 -4.77 85.32 -38.56
CA SER A 1123 -5.99 84.55 -38.94
C SER A 1123 -7.23 85.13 -38.25
N GLY A 1124 -8.34 85.28 -38.96
CA GLY A 1124 -9.59 85.74 -38.32
C GLY A 1124 -9.56 87.21 -37.95
N ASN A 1125 -10.45 87.62 -37.04
CA ASN A 1125 -10.53 89.04 -36.60
C ASN A 1125 -10.78 89.08 -35.08
N CYS A 1126 -10.61 90.25 -34.45
CA CYS A 1126 -10.73 90.38 -32.97
C CYS A 1126 -12.14 90.03 -32.46
N ASP A 1127 -13.18 90.27 -33.27
CA ASP A 1127 -14.57 90.06 -32.74
C ASP A 1127 -14.92 88.58 -32.75
N VAL A 1128 -14.22 87.77 -33.55
CA VAL A 1128 -14.44 86.28 -33.51
C VAL A 1128 -13.71 85.70 -32.30
N VAL A 1129 -12.47 86.14 -32.04
CA VAL A 1129 -11.67 85.61 -30.90
C VAL A 1129 -12.28 86.07 -29.58
N ILE A 1130 -12.21 85.24 -28.53
CA ILE A 1130 -12.83 85.57 -27.21
C ILE A 1130 -11.73 85.91 -26.21
N GLY A 1131 -11.80 87.06 -25.56
CA GLY A 1131 -10.80 87.47 -24.56
C GLY A 1131 -9.56 88.08 -25.21
N ILE A 1132 -9.62 88.51 -26.47
CA ILE A 1132 -8.38 89.20 -26.96
C ILE A 1132 -8.48 90.73 -26.86
N VAL A 1133 -7.38 91.42 -27.09
CA VAL A 1133 -7.36 92.87 -27.02
C VAL A 1133 -6.65 93.44 -28.25
N ASN A 1134 -6.50 94.76 -28.28
CA ASN A 1134 -5.84 95.44 -29.40
C ASN A 1134 -4.50 96.01 -28.95
N ASN A 1135 -3.43 95.64 -29.65
CA ASN A 1135 -2.11 96.12 -29.32
C ASN A 1135 -1.28 96.31 -30.58
N THR A 1136 -0.46 97.36 -30.60
CA THR A 1136 0.40 97.65 -31.79
C THR A 1136 1.46 96.55 -31.95
N VAL A 1137 1.68 96.08 -33.18
CA VAL A 1137 2.72 95.06 -33.46
C VAL A 1137 3.80 95.70 -34.34
N TYR A 1138 5.07 95.60 -33.93
CA TYR A 1138 6.19 96.16 -34.76
C TYR A 1138 6.32 95.33 -36.04
N ASP A 1139 6.58 96.00 -37.17
CA ASP A 1139 6.80 95.27 -38.44
C ASP A 1139 8.26 95.49 -38.88
N PRO A 1140 9.05 94.44 -39.14
CA PRO A 1140 10.43 94.59 -39.62
C PRO A 1140 10.50 95.25 -41.00
N LEU A 1141 9.54 94.96 -41.87
CA LEU A 1141 9.49 95.48 -43.23
C LEU A 1141 9.35 97.00 -43.38
N GLN A 1142 8.54 97.62 -42.53
CA GLN A 1142 8.30 99.06 -42.63
C GLN A 1142 9.53 99.95 -42.48
N PRO A 1143 10.41 99.64 -41.51
CA PRO A 1143 11.62 100.46 -41.33
C PRO A 1143 12.53 100.39 -42.54
N GLU A 1144 12.65 99.21 -43.11
CA GLU A 1144 13.50 98.93 -44.30
C GLU A 1144 12.86 99.56 -45.55
N LEU A 1145 11.54 99.45 -45.69
CA LEU A 1145 10.83 100.04 -46.85
C LEU A 1145 10.97 101.57 -46.80
N ASP A 1146 10.85 102.15 -45.61
CA ASP A 1146 10.99 103.62 -45.44
C ASP A 1146 12.41 104.04 -45.83
N SER A 1147 13.41 103.26 -45.44
CA SER A 1147 14.83 103.58 -45.77
C SER A 1147 15.09 103.28 -47.25
N GLN B 14 -66.71 -9.37 8.19
CA GLN B 14 -65.52 -8.52 7.86
C GLN B 14 -65.04 -8.85 6.44
N CYS B 15 -63.99 -8.15 5.97
CA CYS B 15 -63.40 -8.44 4.64
C CYS B 15 -64.47 -8.35 3.53
N VAL B 16 -65.38 -7.38 3.62
CA VAL B 16 -66.37 -7.17 2.51
C VAL B 16 -65.59 -6.73 1.27
N ASN B 17 -65.94 -7.25 0.10
CA ASN B 17 -65.18 -6.92 -1.14
C ASN B 17 -66.13 -6.39 -2.22
N LEU B 18 -65.79 -5.25 -2.84
CA LEU B 18 -66.62 -4.70 -3.95
C LEU B 18 -65.80 -4.66 -5.24
N THR B 19 -66.28 -5.32 -6.29
CA THR B 19 -65.58 -5.26 -7.61
C THR B 19 -66.44 -4.44 -8.58
N THR B 20 -67.71 -4.20 -8.23
CA THR B 20 -68.65 -3.44 -9.10
C THR B 20 -68.71 -4.08 -10.49
N ARG B 21 -68.62 -3.27 -11.55
CA ARG B 21 -68.69 -3.79 -12.93
C ARG B 21 -67.35 -3.55 -13.65
N THR B 22 -66.99 -2.30 -13.89
CA THR B 22 -65.74 -1.98 -14.64
C THR B 22 -64.82 -1.11 -13.78
N GLN B 23 -63.52 -1.47 -13.72
CA GLN B 23 -62.53 -0.64 -12.97
C GLN B 23 -62.42 0.73 -13.65
N LEU B 24 -62.44 0.78 -14.99
CA LEU B 24 -62.41 2.06 -15.77
C LEU B 24 -60.96 2.54 -15.96
N PRO B 25 -60.65 3.36 -16.99
CA PRO B 25 -59.30 3.91 -17.15
C PRO B 25 -58.97 4.96 -16.08
N PRO B 26 -57.72 5.02 -15.56
CA PRO B 26 -57.32 6.04 -14.60
C PRO B 26 -57.25 7.41 -15.28
N ALA B 27 -57.68 8.48 -14.58
CA ALA B 27 -57.59 9.85 -15.14
C ALA B 27 -56.13 10.31 -15.12
N TYR B 28 -55.76 11.26 -16.00
CA TYR B 28 -54.37 11.79 -16.02
C TYR B 28 -54.39 13.32 -15.88
N THR B 29 -53.55 13.86 -14.99
CA THR B 29 -53.48 15.34 -14.78
C THR B 29 -52.02 15.79 -14.74
N ASN B 30 -51.75 17.06 -15.01
CA ASN B 30 -50.36 17.58 -14.98
C ASN B 30 -50.21 18.56 -13.82
N SER B 31 -49.16 18.39 -13.00
CA SER B 31 -48.90 19.33 -11.88
C SER B 31 -47.71 20.22 -12.26
N PHE B 32 -47.93 21.55 -12.31
CA PHE B 32 -46.87 22.48 -12.74
C PHE B 32 -45.70 22.44 -11.75
N THR B 33 -45.99 22.48 -10.44
CA THR B 33 -44.93 22.37 -9.39
C THR B 33 -45.40 21.36 -8.36
N ARG B 34 -44.57 20.37 -8.00
CA ARG B 34 -45.03 19.31 -7.05
C ARG B 34 -43.83 18.59 -6.42
N GLY B 35 -44.07 17.81 -5.36
CA GLY B 35 -42.99 17.04 -4.71
C GLY B 35 -41.87 17.90 -4.18
N VAL B 36 -42.19 19.02 -3.54
CA VAL B 36 -41.13 19.88 -2.92
C VAL B 36 -41.16 19.66 -1.40
N TYR B 37 -40.05 19.21 -0.82
CA TYR B 37 -39.96 19.00 0.64
C TYR B 37 -38.52 19.27 1.10
N TYR B 38 -38.30 19.39 2.42
CA TYR B 38 -36.95 19.70 2.95
C TYR B 38 -36.17 18.38 3.08
N PRO B 39 -35.13 18.14 2.23
CA PRO B 39 -34.30 16.93 2.33
C PRO B 39 -33.46 16.89 3.62
N ASP B 40 -32.92 18.05 4.04
CA ASP B 40 -32.01 18.08 5.22
C ASP B 40 -32.71 18.70 6.42
N LYS B 41 -32.60 18.06 7.59
CA LYS B 41 -33.22 18.60 8.84
C LYS B 41 -32.59 19.95 9.19
N VAL B 42 -31.28 20.11 8.96
CA VAL B 42 -30.58 21.37 9.40
C VAL B 42 -31.22 22.60 8.74
N PHE B 43 -31.43 23.66 9.52
CA PHE B 43 -32.07 24.91 9.01
C PHE B 43 -31.12 25.67 8.08
N ARG B 44 -31.64 26.25 6.99
CA ARG B 44 -30.80 27.10 6.10
C ARG B 44 -31.52 28.44 5.87
N SER B 45 -30.80 29.55 5.98
CA SER B 45 -31.44 30.89 5.83
C SER B 45 -30.77 31.71 4.71
N SER B 46 -31.55 32.25 3.77
CA SER B 46 -31.00 33.14 2.71
C SER B 46 -29.84 32.49 1.95
N VAL B 47 -29.94 31.19 1.66
CA VAL B 47 -28.87 30.48 0.90
C VAL B 47 -29.51 29.63 -0.20
N LEU B 48 -28.77 29.33 -1.27
CA LEU B 48 -29.31 28.43 -2.34
C LEU B 48 -28.56 27.10 -2.24
N HIS B 49 -29.28 25.99 -2.05
CA HIS B 49 -28.61 24.68 -1.86
C HIS B 49 -29.17 23.65 -2.85
N SER B 50 -28.29 22.88 -3.49
CA SER B 50 -28.76 21.80 -4.41
C SER B 50 -28.57 20.45 -3.73
N THR B 51 -29.64 19.65 -3.63
CA THR B 51 -29.55 18.34 -2.94
C THR B 51 -30.18 17.25 -3.82
N GLN B 52 -29.66 16.02 -3.75
CA GLN B 52 -30.25 14.90 -4.52
C GLN B 52 -31.07 14.03 -3.57
N ASP B 53 -32.37 13.86 -3.84
CA ASP B 53 -33.26 13.06 -2.96
C ASP B 53 -34.45 12.61 -3.81
N LEU B 54 -35.25 11.66 -3.32
CA LEU B 54 -36.47 11.28 -4.08
C LEU B 54 -37.35 12.53 -4.20
N PHE B 55 -37.81 12.84 -5.41
CA PHE B 55 -38.61 14.08 -5.63
C PHE B 55 -39.58 13.87 -6.79
N LEU B 56 -40.64 14.67 -6.86
CA LEU B 56 -41.57 14.55 -8.02
C LEU B 56 -41.19 15.64 -9.03
N PRO B 57 -40.83 15.29 -10.28
CA PRO B 57 -40.40 16.27 -11.27
C PRO B 57 -41.52 17.27 -11.64
N PHE B 58 -41.15 18.53 -11.87
CA PHE B 58 -42.15 19.58 -12.21
C PHE B 58 -42.69 19.35 -13.61
N PHE B 59 -43.92 19.80 -13.88
CA PHE B 59 -44.51 19.68 -15.25
C PHE B 59 -44.48 18.22 -15.71
N SER B 60 -44.80 17.29 -14.80
CA SER B 60 -44.80 15.84 -15.15
C SER B 60 -46.20 15.26 -14.90
N ASN B 61 -46.65 14.35 -15.77
CA ASN B 61 -48.02 13.80 -15.64
C ASN B 61 -48.14 13.06 -14.30
N VAL B 62 -49.23 13.30 -13.56
CA VAL B 62 -49.46 12.59 -12.27
C VAL B 62 -50.74 11.77 -12.43
N THR B 63 -50.68 10.47 -12.14
CA THR B 63 -51.87 9.61 -12.36
C THR B 63 -52.98 10.01 -11.37
N TRP B 64 -54.23 10.07 -11.83
CA TRP B 64 -55.37 10.40 -10.94
C TRP B 64 -56.25 9.16 -10.80
N PHE B 65 -56.49 8.72 -9.56
CA PHE B 65 -57.33 7.51 -9.33
C PHE B 65 -58.57 7.91 -8.53
N HIS B 66 -59.75 7.49 -8.97
CA HIS B 66 -60.96 7.77 -8.15
C HIS B 66 -61.25 6.53 -7.30
N ALA B 67 -61.18 6.65 -5.98
CA ALA B 67 -61.51 5.52 -5.10
C ALA B 67 -62.97 5.17 -5.32
N ILE B 68 -63.84 6.19 -5.40
CA ILE B 68 -65.28 5.94 -5.72
C ILE B 68 -65.62 6.74 -6.98
N HIS B 69 -66.21 6.09 -7.97
CA HIS B 69 -66.62 6.81 -9.21
C HIS B 69 -68.15 6.84 -9.30
N VAL B 70 -68.73 8.02 -9.54
CA VAL B 70 -70.21 8.10 -9.73
C VAL B 70 -70.51 8.44 -11.19
N SER B 71 -71.29 7.60 -11.87
CA SER B 71 -71.69 7.87 -13.27
C SER B 71 -72.84 8.88 -13.27
N GLY B 72 -73.21 9.42 -14.43
CA GLY B 72 -74.25 10.47 -14.45
C GLY B 72 -75.63 9.85 -14.35
N THR B 73 -75.88 9.10 -13.26
CA THR B 73 -77.18 8.43 -13.01
C THR B 73 -77.27 8.16 -11.51
N ASN B 74 -78.47 7.88 -10.99
CA ASN B 74 -78.62 7.69 -9.51
C ASN B 74 -77.79 6.49 -9.07
N GLY B 75 -77.13 6.58 -7.92
CA GLY B 75 -76.28 5.49 -7.41
C GLY B 75 -75.14 5.17 -8.36
N THR B 76 -74.97 3.89 -8.73
CA THR B 76 -73.89 3.45 -9.66
C THR B 76 -72.51 3.85 -9.11
N LYS B 77 -72.31 3.73 -7.79
CA LYS B 77 -70.97 4.01 -7.21
C LYS B 77 -70.01 2.89 -7.63
N ARG B 78 -68.76 3.23 -7.94
CA ARG B 78 -67.79 2.22 -8.46
C ARG B 78 -66.57 2.14 -7.53
N PHE B 79 -66.14 0.93 -7.18
CA PHE B 79 -64.89 0.76 -6.38
C PHE B 79 -63.74 0.69 -7.37
N ASP B 80 -63.00 1.79 -7.56
CA ASP B 80 -61.94 1.80 -8.60
C ASP B 80 -60.54 1.89 -7.99
N ASN B 81 -60.40 1.68 -6.67
CA ASN B 81 -59.07 1.86 -6.03
C ASN B 81 -58.32 0.52 -6.04
N PRO B 82 -57.19 0.41 -6.77
CA PRO B 82 -56.41 -0.84 -6.86
C PRO B 82 -55.13 -0.84 -6.02
N VAL B 83 -54.55 -2.03 -5.79
CA VAL B 83 -53.24 -2.08 -5.08
C VAL B 83 -52.21 -1.35 -5.96
N LEU B 84 -51.40 -0.48 -5.35
CA LEU B 84 -50.42 0.32 -6.15
C LEU B 84 -49.01 0.07 -5.60
N PRO B 85 -47.99 -0.20 -6.46
CA PRO B 85 -46.63 -0.39 -5.98
C PRO B 85 -46.08 0.87 -5.33
N PHE B 86 -45.42 0.74 -4.17
CA PHE B 86 -44.84 1.90 -3.46
C PHE B 86 -43.74 2.54 -4.32
N ASN B 87 -42.91 1.72 -4.96
CA ASN B 87 -41.81 2.24 -5.83
C ASN B 87 -40.77 2.96 -4.96
N ASP B 88 -39.99 3.87 -5.56
CA ASP B 88 -38.96 4.62 -4.81
C ASP B 88 -39.62 5.48 -3.73
N GLY B 89 -40.75 6.12 -4.06
CA GLY B 89 -41.46 6.97 -3.08
C GLY B 89 -42.92 7.16 -3.48
N VAL B 90 -43.74 7.67 -2.57
CA VAL B 90 -45.21 7.84 -2.85
C VAL B 90 -45.65 9.27 -2.53
N TYR B 91 -46.40 9.90 -3.44
CA TYR B 91 -46.96 11.24 -3.14
C TYR B 91 -48.49 11.13 -3.22
N PHE B 92 -49.19 11.63 -2.19
CA PHE B 92 -50.67 11.57 -2.16
C PHE B 92 -51.24 13.00 -2.18
N ALA B 93 -52.12 13.29 -3.14
CA ALA B 93 -52.77 14.62 -3.17
C ALA B 93 -54.29 14.43 -3.27
N SER B 94 -55.07 15.11 -2.42
CA SER B 94 -56.55 15.04 -2.55
C SER B 94 -57.15 16.36 -2.05
N THR B 95 -58.29 16.78 -2.62
CA THR B 95 -58.95 17.98 -2.07
C THR B 95 -59.36 17.66 -0.64
N GLU B 96 -59.95 16.47 -0.42
CA GLU B 96 -60.27 16.03 0.96
C GLU B 96 -61.03 17.10 1.74
N LYS B 97 -62.07 17.70 1.13
CA LYS B 97 -62.91 18.66 1.90
C LYS B 97 -63.53 17.86 3.04
N SER B 98 -63.97 16.62 2.76
CA SER B 98 -64.47 15.72 3.83
C SER B 98 -63.47 14.56 3.90
N ASN B 99 -63.02 14.19 5.09
CA ASN B 99 -61.95 13.15 5.15
C ASN B 99 -62.55 11.74 5.09
N ILE B 100 -62.50 11.12 3.91
CA ILE B 100 -62.97 9.71 3.78
C ILE B 100 -61.72 8.82 3.74
N ILE B 101 -60.57 9.40 3.36
CA ILE B 101 -59.29 8.64 3.37
C ILE B 101 -58.67 8.79 4.76
N ARG B 102 -59.13 7.99 5.72
CA ARG B 102 -58.62 8.10 7.12
C ARG B 102 -57.13 7.74 7.16
N GLY B 103 -56.72 6.71 6.40
CA GLY B 103 -55.32 6.26 6.47
C GLY B 103 -54.86 5.56 5.21
N TRP B 104 -53.55 5.29 5.11
CA TRP B 104 -53.00 4.56 3.94
C TRP B 104 -52.28 3.31 4.44
N ILE B 105 -52.52 2.16 3.81
CA ILE B 105 -51.90 0.90 4.29
C ILE B 105 -50.64 0.61 3.47
N PHE B 106 -49.50 0.42 4.15
CA PHE B 106 -48.22 0.13 3.43
C PHE B 106 -47.72 -1.24 3.87
N GLY B 107 -47.55 -2.17 2.92
CA GLY B 107 -47.02 -3.50 3.24
C GLY B 107 -46.15 -4.03 2.11
N THR B 108 -45.15 -4.85 2.42
CA THR B 108 -44.32 -5.47 1.35
C THR B 108 -45.23 -6.35 0.48
N THR B 109 -46.08 -7.17 1.11
CA THR B 109 -47.04 -8.00 0.34
C THR B 109 -48.47 -7.60 0.72
N LEU B 110 -48.63 -6.66 1.67
CA LEU B 110 -49.97 -6.26 2.16
C LEU B 110 -50.71 -7.52 2.61
N ASP B 111 -50.00 -8.44 3.30
CA ASP B 111 -50.59 -9.74 3.70
C ASP B 111 -50.00 -10.19 5.04
N SER B 112 -50.59 -11.22 5.66
CA SER B 112 -50.08 -11.74 6.96
C SER B 112 -48.68 -12.33 6.76
N LYS B 113 -47.84 -12.29 7.81
CA LYS B 113 -46.43 -12.81 7.77
C LYS B 113 -45.51 -11.72 7.22
N THR B 114 -46.06 -10.57 6.83
CA THR B 114 -45.22 -9.42 6.37
C THR B 114 -45.64 -8.19 7.19
N GLN B 115 -44.68 -7.43 7.71
CA GLN B 115 -45.05 -6.29 8.59
C GLN B 115 -45.87 -5.30 7.77
N SER B 116 -46.97 -4.80 8.33
CA SER B 116 -47.87 -3.87 7.58
C SER B 116 -48.07 -2.58 8.37
N LEU B 117 -47.97 -1.43 7.71
CA LEU B 117 -48.16 -0.12 8.38
C LEU B 117 -49.60 0.34 8.13
N LEU B 118 -50.39 0.48 9.18
CA LEU B 118 -51.81 0.89 9.04
C LEU B 118 -52.04 2.20 9.80
N ILE B 119 -52.67 3.18 9.15
CA ILE B 119 -53.00 4.47 9.83
C ILE B 119 -54.52 4.59 9.88
N VAL B 120 -55.09 4.90 11.05
CA VAL B 120 -56.56 5.11 11.14
C VAL B 120 -56.84 6.48 11.77
N ASN B 121 -57.69 7.28 11.14
CA ASN B 121 -58.01 8.65 11.65
C ASN B 121 -59.40 8.65 12.29
N ASN B 122 -59.97 7.47 12.53
CA ASN B 122 -61.30 7.38 13.22
C ASN B 122 -61.17 7.97 14.62
N ALA B 123 -60.05 7.70 15.31
CA ALA B 123 -59.79 8.27 16.64
C ALA B 123 -59.46 9.76 16.51
N THR B 124 -59.64 10.54 17.58
CA THR B 124 -59.39 12.01 17.52
C THR B 124 -57.92 12.24 17.15
N ASN B 125 -57.01 11.43 17.70
CA ASN B 125 -55.58 11.53 17.32
C ASN B 125 -55.25 10.33 16.43
N VAL B 126 -54.56 10.57 15.31
CA VAL B 126 -54.30 9.46 14.33
C VAL B 126 -53.47 8.38 15.03
N VAL B 127 -53.77 7.10 14.75
CA VAL B 127 -53.01 5.98 15.37
C VAL B 127 -52.29 5.22 14.26
N ILE B 128 -50.98 4.99 14.44
CA ILE B 128 -50.16 4.27 13.42
C ILE B 128 -49.80 2.90 13.99
N LYS B 129 -50.04 1.84 13.24
CA LYS B 129 -49.75 0.46 13.73
C LYS B 129 -48.71 -0.19 12.82
N VAL B 130 -47.78 -0.96 13.39
CA VAL B 130 -46.77 -1.70 12.58
C VAL B 130 -46.89 -3.18 12.94
N CYS B 131 -47.99 -3.83 12.55
CA CYS B 131 -48.16 -5.28 12.83
C CYS B 131 -48.42 -6.01 11.52
N GLU B 132 -48.10 -7.31 11.45
CA GLU B 132 -48.44 -8.04 10.19
C GLU B 132 -49.97 -8.10 10.10
N PHE B 133 -50.52 -7.65 8.97
CA PHE B 133 -52.00 -7.64 8.82
C PHE B 133 -52.37 -8.38 7.53
N GLN B 134 -53.30 -9.33 7.62
CA GLN B 134 -53.78 -10.00 6.38
C GLN B 134 -54.81 -9.07 5.75
N PHE B 135 -54.63 -8.71 4.47
CA PHE B 135 -55.56 -7.76 3.82
C PHE B 135 -56.40 -8.47 2.76
N CYS B 136 -57.71 -8.25 2.78
CA CYS B 136 -58.62 -8.88 1.78
C CYS B 136 -58.41 -8.20 0.43
N ASN B 137 -58.90 -8.81 -0.67
CA ASN B 137 -58.62 -8.25 -2.01
C ASN B 137 -59.13 -6.81 -2.07
N ASP B 138 -60.32 -6.55 -1.51
CA ASP B 138 -60.79 -5.14 -1.42
C ASP B 138 -60.88 -4.78 0.06
N PRO B 139 -59.96 -3.95 0.61
CA PRO B 139 -59.98 -3.57 2.02
C PRO B 139 -60.42 -2.12 2.27
N PHE B 140 -61.51 -1.95 3.03
CA PHE B 140 -61.98 -0.59 3.37
C PHE B 140 -62.51 -0.57 4.81
N LEU B 141 -62.44 0.59 5.47
CA LEU B 141 -62.97 0.71 6.86
C LEU B 141 -64.50 0.57 6.83
N GLY B 142 -65.08 -0.11 7.81
CA GLY B 142 -66.55 -0.21 7.89
C GLY B 142 -67.07 0.65 9.03
N VAL B 143 -68.00 1.56 8.74
CA VAL B 143 -68.46 2.51 9.80
C VAL B 143 -69.88 2.11 10.23
N TYR B 144 -70.09 1.93 11.53
CA TYR B 144 -71.43 1.58 12.06
C TYR B 144 -71.85 2.66 13.07
N TYR B 145 -73.13 3.06 13.04
CA TYR B 145 -73.62 4.06 14.01
C TYR B 145 -73.58 3.43 15.40
N HIS B 146 -72.93 4.10 16.35
CA HIS B 146 -72.83 3.56 17.74
C HIS B 146 -74.22 3.50 18.37
N LYS B 147 -75.09 4.50 18.09
CA LYS B 147 -76.47 4.58 18.67
C LYS B 147 -76.38 5.21 20.06
N ASN B 148 -75.17 5.50 20.52
CA ASN B 148 -74.97 6.13 21.86
C ASN B 148 -74.20 7.43 21.68
N ASN B 149 -74.69 8.54 22.24
CA ASN B 149 -73.98 9.85 22.18
C ASN B 149 -73.88 10.34 20.73
N LYS B 150 -74.80 9.91 19.85
CA LYS B 150 -74.83 10.41 18.44
C LYS B 150 -73.44 10.27 17.81
N SER B 151 -72.80 9.11 17.94
CA SER B 151 -71.40 8.95 17.44
C SER B 151 -71.31 7.83 16.42
N TRP B 152 -70.35 7.93 15.48
CA TRP B 152 -70.14 6.87 14.45
C TRP B 152 -68.80 6.20 14.69
N MET B 153 -68.75 4.86 14.68
CA MET B 153 -67.49 4.13 14.97
C MET B 153 -67.02 3.40 13.71
N GLU B 154 -65.75 3.58 13.33
CA GLU B 154 -65.20 2.89 12.13
C GLU B 154 -64.28 1.76 12.60
N SER B 155 -64.42 0.56 12.04
CA SER B 155 -63.63 -0.60 12.53
C SER B 155 -62.50 -0.95 11.56
N GLU B 156 -61.26 -0.98 12.06
CA GLU B 156 -60.09 -1.36 11.22
C GLU B 156 -60.13 -2.86 10.93
N PHE B 157 -60.88 -3.63 11.74
CA PHE B 157 -60.94 -5.11 11.56
C PHE B 157 -61.54 -5.48 10.20
N ARG B 158 -62.40 -4.62 9.64
CA ARG B 158 -62.90 -4.91 8.27
C ARG B 158 -61.71 -4.94 7.32
N VAL B 159 -60.77 -3.99 7.47
CA VAL B 159 -59.55 -3.94 6.60
C VAL B 159 -58.66 -5.18 6.82
N TYR B 160 -58.43 -5.57 8.08
CA TYR B 160 -57.48 -6.69 8.34
C TYR B 160 -58.14 -7.82 9.14
N SER B 161 -58.00 -9.06 8.65
CA SER B 161 -58.58 -10.23 9.37
C SER B 161 -57.92 -10.42 10.74
N SER B 162 -56.59 -10.29 10.82
CA SER B 162 -55.88 -10.57 12.10
C SER B 162 -54.56 -9.79 12.19
N ALA B 163 -54.05 -9.60 13.42
CA ALA B 163 -52.75 -8.91 13.61
C ALA B 163 -51.80 -9.83 14.39
N ASN B 164 -50.57 -10.01 13.89
CA ASN B 164 -49.60 -10.93 14.55
C ASN B 164 -48.16 -10.40 14.40
N ASN B 165 -47.25 -10.81 15.29
CA ASN B 165 -45.81 -10.42 15.18
C ASN B 165 -45.70 -8.90 15.04
N CYS B 166 -46.40 -8.15 15.90
CA CYS B 166 -46.42 -6.67 15.77
C CYS B 166 -45.15 -6.03 16.35
N THR B 167 -44.10 -5.87 15.53
CA THR B 167 -42.89 -5.13 15.99
C THR B 167 -43.18 -3.89 16.85
N PHE B 168 -44.13 -3.01 16.45
CA PHE B 168 -44.30 -1.72 17.19
C PHE B 168 -45.67 -1.05 16.95
N GLU B 169 -46.04 -0.07 17.80
CA GLU B 169 -47.30 0.71 17.61
C GLU B 169 -47.03 2.17 18.02
N TYR B 170 -47.75 3.16 17.46
CA TYR B 170 -47.45 4.60 17.75
C TYR B 170 -48.73 5.46 17.75
N VAL B 171 -48.70 6.62 18.41
CA VAL B 171 -49.88 7.55 18.44
C VAL B 171 -49.38 8.94 18.01
N SER B 172 -50.07 9.59 17.07
CA SER B 172 -49.61 10.90 16.55
C SER B 172 -50.80 11.86 16.40
N GLN B 173 -50.54 13.16 16.28
CA GLN B 173 -51.65 14.13 16.03
C GLN B 173 -52.27 13.80 14.68
N PRO B 174 -53.58 13.99 14.45
CA PRO B 174 -54.20 13.57 13.19
C PRO B 174 -53.55 14.21 11.97
N PHE B 175 -53.19 13.39 10.98
CA PHE B 175 -52.55 13.91 9.73
C PHE B 175 -53.56 14.76 8.96
N LEU B 176 -54.82 14.31 8.92
CA LEU B 176 -55.85 15.04 8.13
C LEU B 176 -56.69 15.89 9.08
N MET B 177 -56.62 17.22 8.95
CA MET B 177 -57.46 18.13 9.77
C MET B 177 -58.14 19.15 8.86
N ASP B 178 -59.47 19.17 8.85
CA ASP B 178 -60.22 20.14 8.00
C ASP B 178 -60.92 21.18 8.88
N LEU B 179 -60.55 22.46 8.70
CA LEU B 179 -61.24 23.55 9.46
C LEU B 179 -62.69 23.62 9.01
N GLU B 180 -62.95 23.48 7.70
CA GLU B 180 -64.33 23.51 7.12
C GLU B 180 -64.79 24.97 6.97
N GLY B 181 -66.00 25.17 6.42
CA GLY B 181 -66.51 26.54 6.20
C GLY B 181 -65.82 27.17 5.00
N LYS B 182 -65.06 26.38 4.24
CA LYS B 182 -64.30 26.91 3.07
C LYS B 182 -65.28 27.42 2.00
N GLN B 183 -66.40 26.72 1.78
CA GLN B 183 -67.40 27.11 0.74
C GLN B 183 -66.71 27.45 -0.59
N GLY B 184 -65.52 26.87 -0.84
CA GLY B 184 -64.83 27.08 -2.13
C GLY B 184 -63.60 27.95 -2.02
N ASN B 185 -62.65 27.82 -2.96
CA ASN B 185 -61.42 28.65 -3.01
C ASN B 185 -60.36 28.11 -2.03
N PHE B 186 -60.70 27.07 -1.26
CA PHE B 186 -59.71 26.44 -0.35
C PHE B 186 -59.78 24.93 -0.56
N LYS B 187 -60.96 24.33 -0.36
CA LYS B 187 -61.20 22.88 -0.62
C LYS B 187 -60.55 22.02 0.47
N ASN B 188 -59.95 22.63 1.50
CA ASN B 188 -59.24 21.88 2.56
C ASN B 188 -58.20 20.94 1.93
N LEU B 189 -57.50 21.39 0.87
CA LEU B 189 -56.57 20.49 0.15
C LEU B 189 -55.44 20.04 1.09
N ARG B 190 -55.13 18.75 1.08
CA ARG B 190 -54.03 18.21 1.94
C ARG B 190 -53.06 17.42 1.07
N GLU B 191 -51.75 17.67 1.22
CA GLU B 191 -50.72 16.96 0.41
C GLU B 191 -49.88 16.08 1.34
N PHE B 192 -49.68 14.82 0.97
CA PHE B 192 -48.92 13.88 1.84
C PHE B 192 -47.76 13.24 1.07
N VAL B 193 -46.57 13.22 1.65
CA VAL B 193 -45.40 12.54 0.99
C VAL B 193 -45.00 11.35 1.87
N PHE B 194 -44.92 10.14 1.27
CA PHE B 194 -44.48 8.95 2.03
C PHE B 194 -43.22 8.38 1.36
N LYS B 195 -42.15 8.21 2.14
CA LYS B 195 -40.90 7.63 1.58
C LYS B 195 -40.29 6.64 2.58
N ASN B 196 -39.73 5.53 2.08
CA ASN B 196 -39.04 4.58 2.99
C ASN B 196 -37.57 4.48 2.56
N ILE B 197 -36.64 4.91 3.41
CA ILE B 197 -35.18 4.78 3.10
C ILE B 197 -34.47 4.13 4.29
N ASP B 198 -33.63 3.13 4.05
CA ASP B 198 -32.84 2.46 5.13
C ASP B 198 -33.75 2.03 6.27
N GLY B 199 -34.94 1.50 5.96
CA GLY B 199 -35.89 1.03 6.99
C GLY B 199 -36.43 2.17 7.83
N TYR B 200 -36.43 3.39 7.30
CA TYR B 200 -37.00 4.56 8.03
C TYR B 200 -38.15 5.16 7.20
N PHE B 201 -39.30 5.36 7.83
CA PHE B 201 -40.48 5.89 7.09
C PHE B 201 -40.79 7.30 7.58
N LYS B 202 -40.90 8.26 6.65
CA LYS B 202 -41.21 9.66 7.03
C LYS B 202 -42.53 10.09 6.38
N ILE B 203 -43.43 10.67 7.16
CA ILE B 203 -44.74 11.16 6.62
C ILE B 203 -44.71 12.69 6.61
N TYR B 204 -45.03 13.29 5.47
CA TYR B 204 -44.97 14.78 5.34
C TYR B 204 -46.39 15.31 5.12
N SER B 205 -46.79 16.34 5.86
CA SER B 205 -48.16 16.90 5.72
C SER B 205 -48.10 18.38 5.32
N LYS B 206 -48.81 18.75 4.25
CA LYS B 206 -48.89 20.19 3.85
C LYS B 206 -50.36 20.55 3.62
N HIS B 207 -50.82 21.68 4.17
CA HIS B 207 -52.21 22.12 3.90
C HIS B 207 -52.15 23.36 3.00
N THR B 208 -52.71 23.28 1.79
CA THR B 208 -52.62 24.42 0.83
C THR B 208 -54.03 24.81 0.36
N PRO B 209 -54.46 26.09 0.47
CA PRO B 209 -55.75 26.51 -0.09
C PRO B 209 -55.65 26.46 -1.62
N ILE B 210 -56.66 25.88 -2.28
CA ILE B 210 -56.60 25.75 -3.77
C ILE B 210 -57.85 26.39 -4.39
N ASN B 211 -57.67 27.40 -5.25
CA ASN B 211 -58.82 28.02 -5.96
C ASN B 211 -59.42 27.01 -6.93
N LEU B 212 -58.58 26.25 -7.64
CA LEU B 212 -59.07 25.27 -8.66
C LEU B 212 -59.86 24.16 -7.98
N VAL B 213 -60.96 23.73 -8.62
CA VAL B 213 -61.78 22.61 -8.06
C VAL B 213 -60.99 21.31 -8.03
N ARG B 214 -60.24 20.98 -9.09
CA ARG B 214 -59.54 19.67 -9.15
C ARG B 214 -58.04 19.83 -9.41
N ASP B 215 -57.65 20.57 -10.45
CA ASP B 215 -56.21 20.64 -10.86
C ASP B 215 -55.36 21.23 -9.73
N LEU B 216 -54.16 20.67 -9.51
CA LEU B 216 -53.28 21.12 -8.40
C LEU B 216 -52.79 22.55 -8.66
N PRO B 217 -52.59 23.39 -7.62
CA PRO B 217 -52.21 24.80 -7.80
C PRO B 217 -50.79 25.07 -8.35
N GLN B 218 -50.62 26.19 -9.05
CA GLN B 218 -49.30 26.56 -9.63
C GLN B 218 -48.28 26.81 -8.51
N GLY B 219 -48.71 27.41 -7.38
CA GLY B 219 -47.77 27.77 -6.32
C GLY B 219 -47.05 26.58 -5.71
N PHE B 220 -45.76 26.74 -5.38
CA PHE B 220 -44.95 25.65 -4.78
C PHE B 220 -45.49 25.31 -3.38
N SER B 221 -45.47 24.02 -3.03
CA SER B 221 -45.89 23.62 -1.65
C SER B 221 -44.72 22.91 -0.96
N ALA B 222 -44.39 23.32 0.27
CA ALA B 222 -43.24 22.74 1.00
C ALA B 222 -43.76 21.77 2.06
N LEU B 223 -43.25 20.53 2.07
CA LEU B 223 -43.77 19.50 3.02
C LEU B 223 -42.75 19.23 4.12
N GLU B 224 -43.19 19.22 5.38
CA GLU B 224 -42.28 19.00 6.54
C GLU B 224 -42.66 17.68 7.22
N PRO B 225 -41.71 16.79 7.56
CA PRO B 225 -42.06 15.49 8.14
C PRO B 225 -42.58 15.62 9.58
N LEU B 226 -43.76 15.05 9.86
CA LEU B 226 -44.32 15.09 11.24
C LEU B 226 -43.43 14.26 12.17
N VAL B 227 -43.01 13.06 11.75
CA VAL B 227 -42.20 12.15 12.61
C VAL B 227 -41.39 11.21 11.72
N ASP B 228 -40.32 10.62 12.26
CA ASP B 228 -39.55 9.59 11.50
C ASP B 228 -39.65 8.28 12.26
N LEU B 229 -40.05 7.19 11.59
CA LEU B 229 -40.27 5.91 12.30
C LEU B 229 -39.31 4.84 11.76
N PRO B 230 -38.56 4.11 12.61
CA PRO B 230 -37.68 3.03 12.13
C PRO B 230 -38.48 1.71 11.95
N ILE B 231 -39.21 1.61 10.84
CA ILE B 231 -40.03 0.39 10.56
C ILE B 231 -39.10 -0.81 10.42
N GLY B 232 -37.98 -0.64 9.72
CA GLY B 232 -36.98 -1.73 9.59
C GLY B 232 -37.32 -2.70 8.47
N ILE B 233 -38.44 -2.50 7.79
CA ILE B 233 -38.85 -3.38 6.71
C ILE B 233 -39.30 -2.59 5.49
N ASN B 234 -38.71 -2.88 4.34
CA ASN B 234 -39.02 -2.20 3.08
C ASN B 234 -40.45 -2.46 2.63
N ILE B 235 -41.12 -1.42 2.16
CA ILE B 235 -42.49 -1.53 1.67
C ILE B 235 -42.49 -1.33 0.16
N THR B 236 -43.01 -2.30 -0.58
CA THR B 236 -43.02 -2.20 -2.06
C THR B 236 -44.46 -2.08 -2.60
N ARG B 237 -45.47 -2.07 -1.72
CA ARG B 237 -46.87 -1.87 -2.21
C ARG B 237 -47.68 -1.04 -1.20
N PHE B 238 -48.66 -0.27 -1.68
CA PHE B 238 -49.51 0.55 -0.78
C PHE B 238 -50.94 0.62 -1.34
N GLN B 239 -51.95 0.85 -0.49
CA GLN B 239 -53.33 1.04 -0.98
C GLN B 239 -54.06 2.09 -0.13
N THR B 240 -55.04 2.79 -0.70
CA THR B 240 -55.83 3.80 0.04
C THR B 240 -56.90 3.12 0.92
N LEU B 241 -57.39 3.82 1.95
CA LEU B 241 -58.46 3.26 2.82
C LEU B 241 -59.72 4.14 2.70
N LEU B 242 -60.90 3.52 2.58
CA LEU B 242 -62.16 4.29 2.42
C LEU B 242 -63.03 4.10 3.66
N ALA B 243 -63.54 5.19 4.25
CA ALA B 243 -64.49 5.04 5.38
C ALA B 243 -65.90 4.98 4.80
N LEU B 244 -66.53 3.80 4.83
CA LEU B 244 -67.87 3.64 4.19
C LEU B 244 -68.90 3.22 5.24
N HIS B 245 -70.09 3.84 5.22
CA HIS B 245 -71.12 3.54 6.24
C HIS B 245 -72.33 2.86 5.58
N ARG B 246 -73.00 1.97 6.32
CA ARG B 246 -74.17 1.23 5.79
C ARG B 246 -75.30 2.22 5.49
N SER B 247 -76.03 2.00 4.39
CA SER B 247 -77.15 2.91 4.01
C SER B 247 -78.49 2.23 4.27
N TYR B 248 -79.37 2.87 5.05
CA TYR B 248 -80.70 2.29 5.39
C TYR B 248 -81.71 2.58 4.27
N LEU B 249 -82.89 1.96 4.34
CA LEU B 249 -83.89 2.11 3.24
C LEU B 249 -84.25 3.59 3.06
N THR B 250 -84.26 4.06 1.81
CA THR B 250 -84.65 5.47 1.52
C THR B 250 -85.60 5.44 0.31
N PRO B 251 -86.61 6.34 0.22
CA PRO B 251 -87.48 6.36 -0.96
C PRO B 251 -86.88 7.21 -2.09
N SER B 256 -76.09 -4.35 2.53
CA SER B 256 -75.54 -3.20 3.29
C SER B 256 -75.03 -2.13 2.32
N GLY B 257 -75.27 -0.86 2.64
CA GLY B 257 -74.77 0.25 1.78
C GLY B 257 -73.26 0.36 1.84
N TRP B 258 -72.61 0.58 0.69
CA TRP B 258 -71.14 0.71 0.62
C TRP B 258 -70.76 1.78 -0.41
N THR B 259 -69.52 2.27 -0.38
CA THR B 259 -69.03 3.31 -1.34
C THR B 259 -69.91 4.56 -1.30
N ALA B 260 -70.36 4.96 -0.10
CA ALA B 260 -71.16 6.21 0.03
C ALA B 260 -70.29 7.41 -0.33
N GLY B 261 -70.83 8.36 -1.09
CA GLY B 261 -70.06 9.57 -1.48
C GLY B 261 -69.16 9.30 -2.66
N ALA B 262 -68.36 10.30 -3.07
CA ALA B 262 -67.39 10.11 -4.17
C ALA B 262 -65.99 10.51 -3.68
N ALA B 263 -64.99 9.66 -3.92
CA ALA B 263 -63.60 9.96 -3.47
C ALA B 263 -62.65 10.00 -4.66
N ALA B 264 -61.86 11.07 -4.79
CA ALA B 264 -60.86 11.16 -5.88
C ALA B 264 -59.48 11.50 -5.28
N TYR B 265 -58.43 10.77 -5.67
CA TYR B 265 -57.08 11.00 -5.09
C TYR B 265 -56.02 10.98 -6.19
N TYR B 266 -54.94 11.76 -6.01
CA TYR B 266 -53.87 11.83 -7.04
C TYR B 266 -52.63 11.12 -6.50
N VAL B 267 -52.08 10.19 -7.29
CA VAL B 267 -50.88 9.41 -6.83
C VAL B 267 -49.70 9.70 -7.76
N GLY B 268 -48.56 10.09 -7.18
CA GLY B 268 -47.34 10.32 -7.98
C GLY B 268 -46.18 9.60 -7.34
N TYR B 269 -45.17 9.19 -8.13
CA TYR B 269 -44.07 8.39 -7.54
C TYR B 269 -42.78 9.21 -7.51
N LEU B 270 -42.19 9.36 -6.32
CA LEU B 270 -40.95 10.17 -6.18
C LEU B 270 -39.80 9.49 -6.92
N GLN B 271 -39.00 10.25 -7.66
CA GLN B 271 -37.83 9.70 -8.39
C GLN B 271 -36.61 10.51 -7.95
N PRO B 272 -35.45 9.89 -7.63
CA PRO B 272 -34.31 10.66 -7.13
C PRO B 272 -33.93 11.74 -8.16
N ARG B 273 -33.85 13.00 -7.73
CA ARG B 273 -33.54 14.13 -8.64
C ARG B 273 -32.71 15.16 -7.88
N THR B 274 -31.92 15.97 -8.59
CA THR B 274 -31.17 17.06 -7.90
C THR B 274 -32.04 18.32 -7.93
N PHE B 275 -32.33 18.90 -6.76
CA PHE B 275 -33.24 20.07 -6.72
C PHE B 275 -32.53 21.31 -6.19
N LEU B 276 -32.53 22.41 -6.96
CA LEU B 276 -31.96 23.68 -6.44
C LEU B 276 -33.03 24.29 -5.52
N LEU B 277 -32.68 24.61 -4.27
CA LEU B 277 -33.71 25.06 -3.29
C LEU B 277 -33.41 26.50 -2.85
N LYS B 278 -34.42 27.37 -2.88
CA LYS B 278 -34.24 28.77 -2.41
C LYS B 278 -34.71 28.83 -0.96
N TYR B 279 -33.84 29.30 -0.05
CA TYR B 279 -34.20 29.30 1.38
C TYR B 279 -34.52 30.73 1.85
N ASN B 280 -35.69 30.91 2.45
CA ASN B 280 -36.08 32.24 2.98
C ASN B 280 -35.41 32.45 4.35
N GLU B 281 -35.46 33.66 4.90
CA GLU B 281 -34.93 33.88 6.27
C GLU B 281 -35.73 32.97 7.20
N ASN B 282 -37.02 32.78 6.93
CA ASN B 282 -37.87 31.86 7.73
C ASN B 282 -37.34 30.44 7.60
N GLY B 283 -36.76 30.09 6.44
CA GLY B 283 -36.23 28.73 6.21
C GLY B 283 -37.17 27.90 5.35
N THR B 284 -38.32 28.46 4.98
CA THR B 284 -39.24 27.74 4.05
C THR B 284 -38.62 27.73 2.65
N ILE B 285 -38.83 26.65 1.87
CA ILE B 285 -38.26 26.57 0.49
C ILE B 285 -39.22 27.29 -0.47
N THR B 286 -38.97 28.57 -0.73
CA THR B 286 -39.84 29.37 -1.62
C THR B 286 -39.82 28.88 -3.07
N ASP B 287 -38.63 28.57 -3.61
CA ASP B 287 -38.52 28.17 -5.03
C ASP B 287 -37.69 26.89 -5.13
N ALA B 288 -38.11 25.96 -5.99
CA ALA B 288 -37.33 24.72 -6.22
C ALA B 288 -37.18 24.50 -7.73
N VAL B 289 -36.04 23.96 -8.16
CA VAL B 289 -35.79 23.74 -9.61
C VAL B 289 -35.27 22.32 -9.83
N ASP B 290 -35.69 21.64 -10.91
CA ASP B 290 -35.17 20.29 -11.22
C ASP B 290 -34.23 20.40 -12.44
N CYS B 291 -32.94 20.11 -12.25
CA CYS B 291 -31.95 20.24 -13.34
C CYS B 291 -32.27 19.25 -14.47
N ALA B 292 -32.65 18.02 -14.13
CA ALA B 292 -32.89 16.97 -15.15
C ALA B 292 -34.04 17.37 -16.09
N LEU B 293 -35.08 18.03 -15.58
CA LEU B 293 -36.27 18.33 -16.41
C LEU B 293 -35.93 19.20 -17.64
N ASP B 294 -35.11 20.24 -17.48
CA ASP B 294 -34.86 21.16 -18.64
C ASP B 294 -33.39 21.62 -18.68
N PRO B 295 -32.84 21.96 -19.87
CA PRO B 295 -31.46 22.47 -19.99
C PRO B 295 -31.25 23.79 -19.23
N LEU B 296 -32.26 24.67 -19.25
CA LEU B 296 -32.15 25.97 -18.52
C LEU B 296 -31.96 25.67 -17.03
N SER B 297 -32.70 24.67 -16.50
CA SER B 297 -32.55 24.28 -15.08
C SER B 297 -31.15 23.72 -14.82
N GLU B 298 -30.58 22.98 -15.79
CA GLU B 298 -29.19 22.47 -15.64
C GLU B 298 -28.26 23.67 -15.49
N THR B 299 -28.48 24.72 -16.29
CA THR B 299 -27.64 25.94 -16.20
C THR B 299 -27.79 26.55 -14.81
N LYS B 300 -29.02 26.62 -14.30
CA LYS B 300 -29.27 27.22 -12.95
C LYS B 300 -28.52 26.39 -11.89
N CYS B 301 -28.59 25.06 -12.01
CA CYS B 301 -27.95 24.18 -11.00
C CYS B 301 -26.43 24.35 -11.02
N THR B 302 -25.83 24.42 -12.22
CA THR B 302 -24.36 24.60 -12.34
C THR B 302 -23.96 25.97 -11.77
N LEU B 303 -24.72 27.01 -12.10
CA LEU B 303 -24.47 28.37 -11.56
C LEU B 303 -24.71 28.36 -10.05
N LYS B 304 -25.71 27.61 -9.58
CA LYS B 304 -26.11 27.58 -8.14
C LYS B 304 -27.02 28.79 -7.89
N SER B 305 -27.37 29.52 -8.96
CA SER B 305 -28.28 30.70 -8.85
C SER B 305 -29.47 30.49 -9.79
N PHE B 306 -30.70 30.72 -9.30
CA PHE B 306 -31.92 30.54 -10.13
C PHE B 306 -31.86 31.47 -11.34
N THR B 307 -31.46 32.73 -11.12
CA THR B 307 -31.31 33.68 -12.26
C THR B 307 -30.14 33.22 -13.14
N VAL B 308 -30.30 33.27 -14.46
CA VAL B 308 -29.21 32.87 -15.40
C VAL B 308 -28.80 34.09 -16.24
N GLU B 309 -27.51 34.42 -16.26
CA GLU B 309 -27.01 35.55 -17.08
C GLU B 309 -27.03 35.14 -18.56
N LYS B 310 -27.17 36.11 -19.47
CA LYS B 310 -27.14 35.79 -20.92
C LYS B 310 -25.73 35.27 -21.28
N GLY B 311 -25.66 34.21 -22.09
CA GLY B 311 -24.36 33.65 -22.49
C GLY B 311 -24.45 32.15 -22.76
N ILE B 312 -23.32 31.52 -23.10
CA ILE B 312 -23.30 30.05 -23.34
C ILE B 312 -22.45 29.38 -22.26
N TYR B 313 -22.99 28.37 -21.59
CA TYR B 313 -22.25 27.70 -20.48
C TYR B 313 -22.30 26.19 -20.67
N GLN B 314 -21.18 25.49 -20.44
CA GLN B 314 -21.21 24.00 -20.53
C GLN B 314 -21.66 23.48 -19.17
N THR B 315 -22.89 22.96 -19.08
CA THR B 315 -23.44 22.53 -17.76
C THR B 315 -23.52 21.01 -17.67
N SER B 316 -23.21 20.30 -18.76
CA SER B 316 -23.39 18.82 -18.75
C SER B 316 -22.45 18.15 -19.76
N ASN B 317 -22.23 16.84 -19.62
CA ASN B 317 -21.40 16.09 -20.61
C ASN B 317 -22.24 14.94 -21.15
N PHE B 318 -22.28 14.77 -22.47
CA PHE B 318 -23.14 13.71 -23.08
C PHE B 318 -22.26 12.57 -23.62
N ARG B 319 -22.57 11.34 -23.24
CA ARG B 319 -21.82 10.15 -23.76
C ARG B 319 -22.84 9.17 -24.35
N VAL B 320 -22.55 8.61 -25.53
CA VAL B 320 -23.46 7.57 -26.11
C VAL B 320 -23.48 6.38 -25.16
N GLN B 321 -24.67 5.80 -24.92
CA GLN B 321 -24.79 4.68 -23.94
C GLN B 321 -25.00 3.37 -24.71
N PRO B 322 -24.30 2.26 -24.34
CA PRO B 322 -24.39 1.02 -25.10
C PRO B 322 -25.82 0.43 -25.10
N THR B 323 -26.29 0.01 -26.29
CA THR B 323 -27.64 -0.61 -26.39
C THR B 323 -27.65 -1.94 -25.64
N GLU B 324 -26.57 -2.73 -25.78
CA GLU B 324 -26.53 -4.08 -25.15
C GLU B 324 -25.12 -4.39 -24.64
N SER B 325 -24.99 -5.36 -23.72
CA SER B 325 -23.67 -5.76 -23.20
C SER B 325 -23.28 -7.12 -23.79
N ILE B 326 -22.06 -7.23 -24.33
CA ILE B 326 -21.61 -8.50 -24.99
C ILE B 326 -20.54 -9.15 -24.10
N VAL B 327 -20.69 -10.43 -23.75
CA VAL B 327 -19.71 -11.06 -22.87
C VAL B 327 -19.05 -12.32 -23.42
N ARG B 328 -17.73 -12.25 -23.56
CA ARG B 328 -16.96 -13.38 -24.06
C ARG B 328 -15.88 -13.79 -23.05
N PHE B 329 -15.82 -15.08 -22.73
CA PHE B 329 -14.86 -15.57 -21.75
C PHE B 329 -13.58 -16.11 -22.38
N PRO B 330 -12.47 -16.09 -21.63
CA PRO B 330 -11.18 -16.59 -22.09
C PRO B 330 -11.30 -18.07 -22.43
N ASN B 331 -10.97 -18.41 -23.67
CA ASN B 331 -11.05 -19.81 -24.17
C ASN B 331 -10.19 -20.72 -23.30
N ILE B 332 -10.74 -21.89 -22.93
CA ILE B 332 -10.01 -22.82 -22.00
C ILE B 332 -9.95 -24.26 -22.56
N THR B 333 -10.87 -24.65 -23.46
CA THR B 333 -10.90 -26.07 -23.95
C THR B 333 -9.69 -26.42 -24.84
N ASN B 334 -9.23 -25.50 -25.71
CA ASN B 334 -8.13 -25.73 -26.70
C ASN B 334 -8.70 -26.35 -27.98
N LEU B 335 -7.85 -26.97 -28.78
CA LEU B 335 -8.38 -27.46 -30.09
C LEU B 335 -7.86 -28.88 -30.40
N CYS B 336 -8.57 -29.67 -31.21
CA CYS B 336 -8.10 -31.03 -31.62
C CYS B 336 -8.96 -31.53 -32.79
N PRO B 337 -8.64 -32.67 -33.44
CA PRO B 337 -9.54 -33.23 -34.47
C PRO B 337 -10.57 -34.14 -33.79
N PHE B 338 -11.70 -33.56 -33.38
CA PHE B 338 -12.76 -34.34 -32.66
C PHE B 338 -13.33 -35.42 -33.59
N GLY B 339 -13.51 -35.09 -34.87
CA GLY B 339 -14.09 -36.04 -35.84
C GLY B 339 -13.25 -37.28 -36.00
N GLU B 340 -11.91 -37.14 -35.98
CA GLU B 340 -11.01 -38.30 -36.21
C GLU B 340 -11.24 -39.39 -35.15
N VAL B 341 -11.46 -38.98 -33.89
CA VAL B 341 -11.64 -39.98 -32.79
C VAL B 341 -12.87 -40.83 -33.11
N PHE B 342 -13.96 -40.22 -33.56
CA PHE B 342 -15.18 -40.97 -33.97
C PHE B 342 -14.85 -41.81 -35.20
N ASN B 343 -14.03 -41.28 -36.11
CA ASN B 343 -13.74 -41.98 -37.40
C ASN B 343 -12.64 -43.04 -37.22
N ALA B 344 -12.13 -43.25 -36.00
CA ALA B 344 -11.00 -44.18 -35.82
C ALA B 344 -11.39 -45.56 -36.37
N THR B 345 -10.51 -46.19 -37.13
CA THR B 345 -10.84 -47.50 -37.79
C THR B 345 -11.11 -48.60 -36.76
N ARG B 346 -10.36 -48.65 -35.67
CA ARG B 346 -10.52 -49.77 -34.71
C ARG B 346 -10.75 -49.25 -33.28
N PHE B 347 -11.60 -49.93 -32.52
CA PHE B 347 -11.88 -49.54 -31.11
C PHE B 347 -11.41 -50.66 -30.19
N ALA B 348 -10.88 -50.32 -29.01
CA ALA B 348 -10.33 -51.35 -28.08
C ALA B 348 -11.46 -52.22 -27.52
N SER B 349 -11.12 -53.45 -27.10
CA SER B 349 -12.13 -54.37 -26.50
C SER B 349 -12.57 -53.83 -25.13
N VAL B 350 -13.79 -54.15 -24.71
CA VAL B 350 -14.35 -53.59 -23.43
C VAL B 350 -13.51 -54.04 -22.22
N TYR B 351 -13.01 -55.27 -22.20
CA TYR B 351 -12.29 -55.78 -21.00
C TYR B 351 -11.06 -54.89 -20.74
N ALA B 352 -10.38 -54.44 -21.79
CA ALA B 352 -9.24 -53.51 -21.63
C ALA B 352 -9.48 -52.29 -22.51
N TRP B 353 -10.44 -51.44 -22.11
CA TRP B 353 -10.80 -50.24 -22.93
C TRP B 353 -9.63 -49.26 -22.98
N ASN B 354 -9.38 -48.66 -24.15
CA ASN B 354 -8.33 -47.61 -24.25
C ASN B 354 -8.88 -46.33 -23.59
N ARG B 355 -8.03 -45.59 -22.88
CA ARG B 355 -8.49 -44.30 -22.30
C ARG B 355 -7.75 -43.14 -22.98
N LYS B 356 -8.49 -42.19 -23.56
CA LYS B 356 -7.85 -40.98 -24.15
C LYS B 356 -8.43 -39.75 -23.44
N ARG B 357 -7.57 -38.87 -22.93
CA ARG B 357 -8.10 -37.71 -22.16
C ARG B 357 -8.41 -36.59 -23.15
N ILE B 358 -9.63 -36.07 -23.12
CA ILE B 358 -9.97 -34.90 -24.01
C ILE B 358 -9.53 -33.63 -23.27
N SER B 359 -8.22 -33.42 -23.18
CA SER B 359 -7.68 -32.18 -22.54
C SER B 359 -6.83 -31.48 -23.59
N ASN B 360 -6.90 -30.15 -23.65
CA ASN B 360 -6.17 -29.41 -24.73
C ASN B 360 -6.70 -29.88 -26.08
N CYS B 361 -8.00 -30.14 -26.19
CA CYS B 361 -8.62 -30.60 -27.46
C CYS B 361 -10.06 -30.06 -27.56
N VAL B 362 -10.52 -29.65 -28.75
CA VAL B 362 -11.86 -29.07 -28.81
C VAL B 362 -13.00 -29.99 -28.39
N ALA B 363 -14.03 -29.35 -27.83
CA ALA B 363 -15.26 -29.98 -27.37
C ALA B 363 -16.34 -29.44 -28.30
N ASP B 364 -16.80 -30.28 -29.23
CA ASP B 364 -17.80 -29.87 -30.24
C ASP B 364 -18.82 -30.99 -30.43
N TYR B 365 -20.04 -30.79 -29.93
CA TYR B 365 -21.11 -31.80 -30.11
C TYR B 365 -22.09 -31.33 -31.19
N SER B 366 -21.87 -30.13 -31.74
CA SER B 366 -22.77 -29.60 -32.80
C SER B 366 -22.70 -30.52 -34.02
N VAL B 367 -21.49 -30.96 -34.38
CA VAL B 367 -21.31 -31.92 -35.51
C VAL B 367 -22.02 -33.24 -35.16
N LEU B 368 -21.94 -33.65 -33.89
CA LEU B 368 -22.55 -34.93 -33.46
C LEU B 368 -24.07 -34.87 -33.65
N TYR B 369 -24.68 -33.74 -33.30
CA TYR B 369 -26.16 -33.58 -33.48
C TYR B 369 -26.49 -33.64 -34.97
N ASN B 370 -25.68 -32.98 -35.80
CA ASN B 370 -25.93 -32.95 -37.26
C ASN B 370 -25.80 -34.36 -37.84
N SER B 371 -24.79 -35.13 -37.42
CA SER B 371 -24.57 -36.48 -37.99
C SER B 371 -25.75 -37.39 -37.68
N ALA B 372 -26.24 -37.37 -36.44
CA ALA B 372 -27.41 -38.18 -36.03
C ALA B 372 -27.20 -39.65 -36.38
N SER B 373 -25.97 -40.15 -36.26
CA SER B 373 -25.65 -41.55 -36.64
C SER B 373 -25.49 -42.42 -35.39
N PHE B 374 -25.81 -41.88 -34.21
CA PHE B 374 -25.57 -42.62 -32.96
C PHE B 374 -26.88 -43.27 -32.48
N SER B 375 -26.85 -44.59 -32.24
CA SER B 375 -28.06 -45.32 -31.80
C SER B 375 -28.54 -44.76 -30.46
N THR B 376 -27.63 -44.53 -29.51
CA THR B 376 -28.02 -43.89 -28.22
C THR B 376 -27.06 -42.73 -27.94
N PHE B 377 -27.60 -41.53 -27.70
CA PHE B 377 -26.73 -40.38 -27.31
C PHE B 377 -27.35 -39.68 -26.10
N LYS B 378 -27.33 -40.34 -24.94
CA LYS B 378 -27.90 -39.75 -23.70
C LYS B 378 -27.00 -38.62 -23.20
N CYS B 379 -27.59 -37.57 -22.63
CA CYS B 379 -26.79 -36.46 -22.04
C CYS B 379 -27.24 -36.25 -20.59
N TYR B 380 -26.37 -35.75 -19.72
CA TYR B 380 -26.74 -35.68 -18.28
C TYR B 380 -26.49 -34.29 -17.69
N GLY B 381 -27.18 -33.97 -16.59
CA GLY B 381 -26.97 -32.68 -15.89
C GLY B 381 -27.61 -31.47 -16.55
N VAL B 382 -27.29 -31.20 -17.82
CA VAL B 382 -27.80 -29.95 -18.47
C VAL B 382 -28.24 -30.26 -19.90
N SER B 383 -28.98 -29.33 -20.53
CA SER B 383 -29.48 -29.53 -21.92
C SER B 383 -28.30 -29.68 -22.89
N PRO B 384 -28.43 -30.43 -24.00
CA PRO B 384 -27.29 -30.68 -24.89
C PRO B 384 -26.65 -29.43 -25.50
N THR B 385 -27.45 -28.44 -25.90
CA THR B 385 -26.86 -27.17 -26.40
C THR B 385 -26.06 -26.50 -25.29
N LYS B 386 -26.59 -26.50 -24.05
CA LYS B 386 -25.91 -25.79 -22.93
C LYS B 386 -24.54 -26.41 -22.62
N LEU B 387 -24.43 -27.74 -22.59
CA LEU B 387 -23.08 -28.33 -22.38
C LEU B 387 -22.19 -28.03 -23.59
N ASN B 388 -22.78 -28.00 -24.80
CA ASN B 388 -21.92 -27.82 -26.01
C ASN B 388 -21.25 -26.46 -25.93
N ASP B 389 -22.03 -25.43 -25.56
CA ASP B 389 -21.48 -24.05 -25.48
C ASP B 389 -20.43 -23.94 -24.35
N LEU B 390 -20.70 -24.55 -23.20
CA LEU B 390 -19.77 -24.37 -22.04
C LEU B 390 -18.40 -24.97 -22.36
N CYS B 391 -17.33 -24.22 -22.06
CA CYS B 391 -15.96 -24.78 -22.23
C CYS B 391 -15.73 -25.84 -21.15
N PHE B 392 -15.08 -26.96 -21.48
CA PHE B 392 -14.76 -27.97 -20.45
C PHE B 392 -13.25 -27.99 -20.20
N THR B 393 -12.83 -27.73 -18.95
CA THR B 393 -11.38 -27.69 -18.63
C THR B 393 -10.75 -29.07 -18.81
N ASN B 394 -11.41 -30.13 -18.30
CA ASN B 394 -10.87 -31.51 -18.50
C ASN B 394 -12.00 -32.51 -18.79
N VAL B 395 -11.88 -33.29 -19.87
CA VAL B 395 -12.85 -34.32 -20.23
C VAL B 395 -12.14 -35.65 -20.38
N TYR B 396 -12.82 -36.77 -20.10
CA TYR B 396 -12.18 -38.10 -20.21
C TYR B 396 -12.95 -38.97 -21.21
N ALA B 397 -12.25 -39.58 -22.16
CA ALA B 397 -12.93 -40.41 -23.19
C ALA B 397 -12.51 -41.87 -23.04
N ASP B 398 -13.48 -42.79 -22.97
CA ASP B 398 -13.18 -44.24 -22.85
C ASP B 398 -13.70 -44.94 -24.11
N SER B 399 -12.85 -45.70 -24.81
CA SER B 399 -13.27 -46.33 -26.08
C SER B 399 -13.35 -47.85 -25.94
N PHE B 400 -14.51 -48.44 -26.25
CA PHE B 400 -14.70 -49.91 -26.11
C PHE B 400 -15.80 -50.39 -27.07
N VAL B 401 -15.83 -51.70 -27.36
CA VAL B 401 -16.90 -52.27 -28.24
C VAL B 401 -17.76 -53.23 -27.42
N ILE B 402 -19.07 -53.03 -27.43
CA ILE B 402 -20.01 -53.91 -26.66
C ILE B 402 -21.27 -54.15 -27.50
N ARG B 403 -22.08 -55.14 -27.13
CA ARG B 403 -23.37 -55.37 -27.83
C ARG B 403 -24.33 -54.22 -27.46
N GLY B 404 -25.37 -54.00 -28.26
CA GLY B 404 -26.36 -52.95 -27.93
C GLY B 404 -27.03 -53.23 -26.60
N ASP B 405 -27.36 -54.49 -26.32
CA ASP B 405 -27.93 -54.85 -24.99
C ASP B 405 -26.86 -54.59 -23.92
N GLU B 406 -25.59 -54.90 -24.21
CA GLU B 406 -24.48 -54.75 -23.23
C GLU B 406 -24.25 -53.28 -22.86
N VAL B 407 -24.62 -52.34 -23.73
CA VAL B 407 -24.33 -50.89 -23.47
C VAL B 407 -25.01 -50.44 -22.17
N ARG B 408 -26.16 -51.03 -21.83
CA ARG B 408 -26.92 -50.61 -20.61
C ARG B 408 -26.05 -50.84 -19.37
N GLN B 409 -25.26 -51.90 -19.36
CA GLN B 409 -24.40 -52.21 -18.18
C GLN B 409 -23.46 -51.02 -17.98
N ILE B 410 -22.96 -50.42 -19.07
CA ILE B 410 -22.09 -49.21 -18.95
C ILE B 410 -23.00 -47.98 -18.77
N ALA B 411 -23.60 -47.82 -17.59
CA ALA B 411 -24.45 -46.65 -17.30
C ALA B 411 -24.31 -46.31 -15.81
N PRO B 412 -24.61 -45.08 -15.35
CA PRO B 412 -24.40 -44.72 -13.94
C PRO B 412 -25.20 -45.62 -12.98
N GLY B 413 -24.53 -46.16 -11.95
CA GLY B 413 -25.21 -47.01 -10.95
C GLY B 413 -25.91 -48.20 -11.56
N GLN B 414 -25.33 -48.80 -12.61
CA GLN B 414 -26.03 -49.92 -13.30
C GLN B 414 -25.26 -51.22 -13.03
N THR B 415 -25.96 -52.26 -12.59
CA THR B 415 -25.28 -53.54 -12.24
C THR B 415 -25.56 -54.58 -13.34
N GLY B 416 -24.50 -55.10 -13.96
CA GLY B 416 -24.64 -56.11 -15.03
C GLY B 416 -23.34 -56.87 -15.18
N LYS B 417 -23.32 -57.94 -15.97
CA LYS B 417 -22.05 -58.65 -16.26
C LYS B 417 -21.02 -57.66 -16.83
N ILE B 418 -21.41 -56.85 -17.82
CA ILE B 418 -20.48 -55.83 -18.43
C ILE B 418 -20.25 -54.67 -17.45
N ALA B 419 -21.04 -54.54 -16.37
CA ALA B 419 -20.93 -53.40 -15.43
C ALA B 419 -20.14 -53.81 -14.18
N ASP B 420 -20.12 -55.11 -13.91
CA ASP B 420 -19.42 -55.62 -12.71
C ASP B 420 -17.97 -56.01 -13.02
N TYR B 421 -17.65 -56.41 -14.27
CA TYR B 421 -16.24 -56.83 -14.40
C TYR B 421 -15.61 -56.16 -15.63
N ASN B 422 -16.37 -55.93 -16.70
CA ASN B 422 -15.83 -55.21 -17.89
C ASN B 422 -15.47 -53.73 -17.60
N TYR B 423 -16.34 -52.97 -16.92
CA TYR B 423 -16.12 -51.51 -16.68
C TYR B 423 -17.27 -50.96 -15.82
N LYS B 424 -17.12 -49.79 -15.17
CA LYS B 424 -18.21 -49.35 -14.25
C LYS B 424 -18.32 -47.82 -14.30
N LEU B 425 -19.55 -47.30 -14.20
CA LEU B 425 -19.78 -45.82 -14.21
C LEU B 425 -20.35 -45.37 -12.87
N PRO B 426 -19.89 -44.25 -12.29
CA PRO B 426 -20.36 -43.79 -10.97
C PRO B 426 -21.84 -43.41 -10.99
N ASP B 427 -22.54 -43.57 -9.86
CA ASP B 427 -24.01 -43.31 -9.82
C ASP B 427 -24.29 -41.85 -10.18
N ASP B 428 -23.46 -40.91 -9.71
CA ASP B 428 -23.64 -39.49 -10.13
C ASP B 428 -22.72 -39.22 -11.32
N PHE B 429 -23.29 -39.09 -12.52
CA PHE B 429 -22.48 -38.85 -13.74
C PHE B 429 -23.04 -37.64 -14.48
N THR B 430 -22.22 -36.62 -14.75
CA THR B 430 -22.68 -35.45 -15.55
C THR B 430 -22.26 -35.64 -17.01
N GLY B 431 -21.44 -36.66 -17.29
CA GLY B 431 -20.92 -36.88 -18.65
C GLY B 431 -21.97 -37.41 -19.62
N CYS B 432 -21.80 -37.16 -20.92
CA CYS B 432 -22.74 -37.69 -21.95
C CYS B 432 -22.17 -38.97 -22.55
N VAL B 433 -22.98 -40.02 -22.65
CA VAL B 433 -22.51 -41.33 -23.19
C VAL B 433 -22.94 -41.46 -24.64
N ILE B 434 -22.00 -41.74 -25.55
CA ILE B 434 -22.34 -41.82 -27.01
C ILE B 434 -22.17 -43.26 -27.49
N ALA B 435 -23.24 -43.86 -28.03
CA ALA B 435 -23.18 -45.24 -28.55
C ALA B 435 -23.73 -45.26 -29.98
N TRP B 436 -23.02 -45.89 -30.92
CA TRP B 436 -23.53 -46.01 -32.31
C TRP B 436 -23.40 -47.46 -32.79
N ASN B 437 -24.38 -47.93 -33.58
CA ASN B 437 -24.32 -49.31 -34.13
C ASN B 437 -23.10 -49.42 -35.05
N SER B 438 -22.30 -50.48 -34.88
CA SER B 438 -21.08 -50.68 -35.73
C SER B 438 -21.19 -52.01 -36.47
N ASN B 439 -22.42 -52.49 -36.71
CA ASN B 439 -22.62 -53.82 -37.35
C ASN B 439 -21.96 -53.82 -38.73
N ASN B 440 -22.06 -52.72 -39.47
CA ASN B 440 -21.53 -52.68 -40.86
C ASN B 440 -20.02 -52.95 -40.86
N LEU B 441 -19.27 -52.37 -39.92
CA LEU B 441 -17.78 -52.51 -39.96
C LEU B 441 -17.30 -53.63 -39.03
N ASP B 442 -17.74 -53.62 -37.77
CA ASP B 442 -17.19 -54.63 -36.79
C ASP B 442 -17.60 -56.05 -37.17
N SER B 443 -18.86 -56.28 -37.53
CA SER B 443 -19.32 -57.67 -37.81
C SER B 443 -18.72 -58.15 -39.15
N LYS B 444 -18.38 -59.45 -39.21
CA LYS B 444 -17.81 -60.03 -40.46
C LYS B 444 -18.46 -61.40 -40.70
N VAL B 445 -18.41 -61.89 -41.95
CA VAL B 445 -19.05 -63.20 -42.29
C VAL B 445 -18.38 -64.32 -41.48
N GLY B 446 -19.17 -65.28 -41.01
CA GLY B 446 -18.62 -66.36 -40.17
C GLY B 446 -18.51 -65.93 -38.71
N GLY B 447 -18.98 -64.71 -38.40
CA GLY B 447 -18.94 -64.19 -37.02
C GLY B 447 -17.69 -63.37 -36.77
N ASN B 448 -17.75 -62.44 -35.80
CA ASN B 448 -16.54 -61.65 -35.44
C ASN B 448 -16.13 -62.03 -34.02
N TYR B 449 -14.92 -62.57 -33.86
CA TYR B 449 -14.47 -63.04 -32.52
C TYR B 449 -13.29 -62.18 -32.03
N ASN B 450 -12.98 -61.09 -32.74
CA ASN B 450 -11.82 -60.24 -32.37
C ASN B 450 -12.05 -59.63 -30.99
N TYR B 451 -13.25 -59.13 -30.70
CA TYR B 451 -13.47 -58.45 -29.40
C TYR B 451 -13.70 -59.49 -28.31
N LEU B 452 -13.41 -59.14 -27.06
CA LEU B 452 -13.60 -60.09 -25.92
C LEU B 452 -14.31 -59.35 -24.79
N TYR B 453 -15.09 -60.07 -23.98
CA TYR B 453 -15.74 -59.43 -22.80
C TYR B 453 -15.47 -60.27 -21.55
N ARG B 454 -15.29 -59.61 -20.41
CA ARG B 454 -15.01 -60.34 -19.14
C ARG B 454 -16.36 -60.72 -18.51
N LEU B 455 -16.82 -61.95 -18.76
CA LEU B 455 -18.13 -62.39 -18.23
C LEU B 455 -18.11 -62.43 -16.69
N PHE B 456 -17.01 -62.89 -16.10
CA PHE B 456 -16.89 -62.90 -14.61
C PHE B 456 -15.54 -62.36 -14.14
N ARG B 457 -15.36 -62.26 -12.82
CA ARG B 457 -14.10 -61.73 -12.20
C ARG B 457 -14.17 -62.06 -10.71
N LYS B 458 -13.01 -62.14 -10.03
CA LYS B 458 -12.99 -62.53 -8.60
C LYS B 458 -13.76 -61.49 -7.76
N SER B 459 -13.59 -60.20 -8.08
CA SER B 459 -14.26 -59.12 -7.29
C SER B 459 -14.94 -58.14 -8.25
N ASN B 460 -15.93 -57.39 -7.76
CA ASN B 460 -16.59 -56.35 -8.61
C ASN B 460 -15.56 -55.28 -8.97
N LEU B 461 -15.52 -54.89 -10.24
CA LEU B 461 -14.53 -53.87 -10.71
C LEU B 461 -14.94 -52.46 -10.25
N LYS B 462 -13.96 -51.63 -9.88
CA LYS B 462 -14.24 -50.24 -9.40
C LYS B 462 -14.62 -49.35 -10.59
N PRO B 463 -15.34 -48.23 -10.38
CA PRO B 463 -15.67 -47.30 -11.48
C PRO B 463 -14.43 -46.67 -12.11
N PHE B 464 -14.45 -46.43 -13.43
CA PHE B 464 -13.28 -45.84 -14.15
C PHE B 464 -12.05 -46.72 -13.98
N GLU B 465 -12.23 -48.04 -14.01
CA GLU B 465 -11.10 -48.98 -13.85
C GLU B 465 -11.21 -50.09 -14.90
N ARG B 466 -10.09 -50.70 -15.29
CA ARG B 466 -10.11 -51.84 -16.26
C ARG B 466 -9.35 -53.00 -15.62
N ASP B 467 -9.66 -54.24 -16.03
CA ASP B 467 -8.89 -55.40 -15.51
C ASP B 467 -7.78 -55.73 -16.52
N ILE B 468 -6.52 -55.54 -16.11
CA ILE B 468 -5.36 -55.85 -17.00
C ILE B 468 -4.95 -57.31 -16.76
N SER B 469 -5.58 -57.96 -15.78
CA SER B 469 -5.22 -59.37 -15.45
C SER B 469 -6.27 -60.32 -16.01
N THR B 470 -5.83 -61.33 -16.74
CA THR B 470 -6.68 -62.35 -17.34
C THR B 470 -6.67 -63.65 -16.54
N GLU B 471 -6.13 -63.59 -15.31
CA GLU B 471 -6.04 -64.78 -14.47
C GLU B 471 -7.44 -65.34 -14.21
N ILE B 472 -7.54 -66.67 -14.25
CA ILE B 472 -8.87 -67.33 -14.09
C ILE B 472 -9.48 -66.95 -12.74
N TYR B 473 -10.75 -66.54 -12.73
CA TYR B 473 -11.43 -66.23 -11.44
C TYR B 473 -11.66 -67.58 -10.73
N GLN B 474 -11.65 -67.60 -9.39
CA GLN B 474 -11.94 -68.87 -8.70
C GLN B 474 -13.23 -68.76 -7.89
N ALA B 475 -14.36 -69.24 -8.43
CA ALA B 475 -15.62 -69.26 -7.65
C ALA B 475 -15.45 -70.25 -6.50
N GLY B 476 -14.83 -71.41 -6.78
CA GLY B 476 -14.61 -72.44 -5.75
C GLY B 476 -13.51 -72.06 -4.77
N SER B 477 -13.52 -72.64 -3.57
CA SER B 477 -12.48 -72.37 -2.56
C SER B 477 -11.10 -72.82 -3.09
N THR B 478 -11.07 -73.95 -3.79
CA THR B 478 -9.80 -74.47 -4.36
C THR B 478 -9.25 -73.44 -5.36
N PRO B 479 -7.93 -73.15 -5.38
CA PRO B 479 -7.38 -72.11 -6.25
C PRO B 479 -7.02 -72.57 -7.67
N CYS B 480 -7.68 -72.01 -8.69
CA CYS B 480 -7.34 -72.32 -10.11
C CYS B 480 -5.93 -71.80 -10.41
N ASN B 481 -5.54 -70.67 -9.82
CA ASN B 481 -4.16 -70.13 -9.98
C ASN B 481 -3.82 -69.81 -11.44
N GLY B 482 -4.76 -69.23 -12.19
CA GLY B 482 -4.45 -68.78 -13.57
C GLY B 482 -4.50 -69.90 -14.58
N VAL B 483 -4.94 -71.09 -14.18
CA VAL B 483 -5.11 -72.22 -15.16
C VAL B 483 -6.53 -72.75 -15.01
N GLU B 484 -7.08 -73.35 -16.08
CA GLU B 484 -8.50 -73.81 -16.04
C GLU B 484 -8.64 -74.90 -14.97
N GLY B 485 -9.76 -74.90 -14.23
CA GLY B 485 -9.99 -75.89 -13.18
C GLY B 485 -11.48 -76.07 -12.90
N PHE B 486 -11.86 -77.15 -12.21
CA PHE B 486 -13.30 -77.35 -11.84
C PHE B 486 -13.71 -76.27 -10.83
N ASN B 487 -14.98 -75.82 -10.90
CA ASN B 487 -15.52 -74.80 -9.96
C ASN B 487 -15.06 -73.39 -10.37
N CYS B 488 -14.39 -73.27 -11.52
CA CYS B 488 -13.99 -71.93 -12.02
C CYS B 488 -14.07 -71.91 -13.56
N TYR B 489 -14.20 -70.72 -14.14
CA TYR B 489 -14.34 -70.61 -15.62
C TYR B 489 -13.36 -69.54 -16.13
N PHE B 490 -13.00 -69.58 -17.42
CA PHE B 490 -12.15 -68.50 -18.00
C PHE B 490 -12.97 -67.20 -18.02
N PRO B 491 -12.48 -66.10 -17.38
CA PRO B 491 -13.29 -64.87 -17.27
C PRO B 491 -13.66 -64.24 -18.62
N LEU B 492 -12.71 -64.18 -19.56
CA LEU B 492 -12.98 -63.58 -20.89
C LEU B 492 -13.76 -64.58 -21.75
N GLN B 493 -14.83 -64.12 -22.40
CA GLN B 493 -15.57 -65.00 -23.35
C GLN B 493 -15.53 -64.33 -24.72
N SER B 494 -15.24 -65.08 -25.79
CA SER B 494 -15.11 -64.45 -27.12
C SER B 494 -16.44 -63.85 -27.54
N TYR B 495 -16.43 -62.62 -28.08
CA TYR B 495 -17.67 -61.98 -28.59
C TYR B 495 -18.10 -62.68 -29.88
N GLY B 496 -19.40 -62.71 -30.16
CA GLY B 496 -19.90 -63.29 -31.42
C GLY B 496 -20.76 -62.28 -32.17
N PHE B 497 -20.20 -61.64 -33.21
CA PHE B 497 -20.96 -60.57 -33.91
C PHE B 497 -21.32 -61.03 -35.33
N GLN B 498 -22.61 -60.96 -35.68
CA GLN B 498 -23.06 -61.38 -37.04
C GLN B 498 -24.02 -60.32 -37.60
N PRO B 499 -24.02 -60.05 -38.92
CA PRO B 499 -25.00 -59.13 -39.53
C PRO B 499 -26.42 -59.69 -39.36
N THR B 500 -26.57 -61.01 -39.49
CA THR B 500 -27.90 -61.68 -39.35
C THR B 500 -28.45 -61.48 -37.94
N ASN B 501 -27.57 -61.30 -36.94
CA ASN B 501 -28.02 -61.19 -35.53
C ASN B 501 -28.84 -59.91 -35.30
N GLY B 502 -29.66 -59.88 -34.25
CA GLY B 502 -30.55 -58.73 -33.98
C GLY B 502 -29.78 -57.50 -33.58
N VAL B 503 -30.41 -56.32 -33.61
CA VAL B 503 -29.68 -55.03 -33.36
C VAL B 503 -29.03 -55.04 -31.97
N GLY B 504 -29.70 -55.59 -30.96
CA GLY B 504 -29.05 -55.70 -29.63
C GLY B 504 -27.81 -56.57 -29.69
N TYR B 505 -27.88 -57.69 -30.42
CA TYR B 505 -26.70 -58.58 -30.61
C TYR B 505 -25.62 -57.86 -31.43
N GLN B 506 -26.02 -57.03 -32.40
CA GLN B 506 -25.05 -56.37 -33.32
C GLN B 506 -24.05 -55.50 -32.54
N PRO B 507 -22.76 -55.45 -32.94
CA PRO B 507 -21.73 -54.70 -32.21
C PRO B 507 -21.94 -53.19 -32.19
N TYR B 508 -21.63 -52.54 -31.06
CA TYR B 508 -21.75 -51.06 -30.96
C TYR B 508 -20.41 -50.48 -30.52
N ARG B 509 -19.93 -49.42 -31.16
CA ARG B 509 -18.71 -48.77 -30.71
C ARG B 509 -19.20 -47.73 -29.72
N VAL B 510 -18.68 -47.71 -28.50
CA VAL B 510 -19.21 -46.74 -27.50
C VAL B 510 -18.07 -45.90 -26.92
N VAL B 511 -18.23 -44.57 -26.93
CA VAL B 511 -17.22 -43.69 -26.28
C VAL B 511 -17.91 -42.97 -25.12
N VAL B 512 -17.30 -43.00 -23.93
CA VAL B 512 -17.92 -42.37 -22.73
C VAL B 512 -17.17 -41.08 -22.42
N LEU B 513 -17.88 -39.95 -22.31
CA LEU B 513 -17.23 -38.66 -22.00
C LEU B 513 -17.53 -38.28 -20.55
N SER B 514 -16.50 -37.95 -19.78
CA SER B 514 -16.69 -37.55 -18.36
C SER B 514 -16.28 -36.09 -18.21
N PHE B 515 -17.13 -35.25 -17.61
CA PHE B 515 -16.82 -33.80 -17.54
C PHE B 515 -16.28 -33.46 -16.16
N GLU B 516 -15.13 -32.80 -16.10
CA GLU B 516 -14.49 -32.45 -14.80
C GLU B 516 -14.04 -30.98 -14.83
N LEU B 517 -13.92 -30.36 -13.65
CA LEU B 517 -13.47 -28.94 -13.57
C LEU B 517 -12.08 -28.89 -12.92
N LEU B 518 -11.13 -28.21 -13.55
CA LEU B 518 -9.77 -28.11 -13.02
C LEU B 518 -9.14 -26.77 -13.38
N HIS B 519 -8.15 -26.35 -12.58
CA HIS B 519 -7.47 -25.08 -12.80
C HIS B 519 -6.73 -25.05 -14.14
N ALA B 520 -6.08 -26.15 -14.49
CA ALA B 520 -5.32 -26.24 -15.73
C ALA B 520 -6.15 -25.82 -16.95
N PRO B 521 -5.70 -24.79 -17.66
CA PRO B 521 -6.39 -24.26 -18.84
C PRO B 521 -5.72 -24.64 -20.16
N ALA B 522 -6.40 -24.31 -21.26
CA ALA B 522 -5.91 -24.58 -22.61
C ALA B 522 -6.19 -23.36 -23.49
N THR B 523 -5.49 -23.25 -24.61
CA THR B 523 -5.59 -22.10 -25.53
C THR B 523 -6.87 -21.71 -26.29
N VAL B 524 -7.66 -22.67 -26.78
CA VAL B 524 -8.87 -22.32 -27.61
C VAL B 524 -10.16 -22.80 -26.94
N CYS B 525 -11.30 -22.74 -27.63
CA CYS B 525 -12.60 -23.31 -27.11
C CYS B 525 -13.59 -23.36 -28.29
N GLY B 526 -14.75 -23.99 -28.11
CA GLY B 526 -15.72 -24.15 -29.22
C GLY B 526 -16.77 -23.04 -29.24
N PRO B 527 -18.06 -23.33 -28.94
CA PRO B 527 -19.11 -22.30 -28.87
C PRO B 527 -18.79 -21.27 -27.78
N LYS B 528 -18.25 -21.70 -26.63
CA LYS B 528 -17.75 -20.76 -25.58
C LYS B 528 -18.83 -20.12 -24.69
N LYS B 529 -20.09 -20.60 -24.73
CA LYS B 529 -21.16 -19.92 -23.96
C LYS B 529 -20.95 -18.41 -24.08
N SER B 530 -20.86 -17.92 -25.31
CA SER B 530 -20.56 -16.48 -25.54
C SER B 530 -21.61 -15.83 -26.44
N THR B 531 -22.14 -14.67 -26.04
CA THR B 531 -23.14 -13.94 -26.87
C THR B 531 -22.46 -13.46 -28.15
N ASN B 532 -23.19 -13.45 -29.27
CA ASN B 532 -22.59 -13.07 -30.58
C ASN B 532 -22.08 -11.62 -30.53
N LEU B 533 -20.91 -11.36 -31.11
CA LEU B 533 -20.32 -9.99 -31.09
C LEU B 533 -21.14 -9.05 -31.98
N VAL B 534 -21.28 -7.79 -31.56
CA VAL B 534 -22.01 -6.78 -32.39
C VAL B 534 -21.01 -5.69 -32.81
N LYS B 535 -21.00 -5.32 -34.09
CA LYS B 535 -19.98 -4.35 -34.60
C LYS B 535 -20.70 -3.17 -35.29
N ASN B 536 -20.03 -2.01 -35.37
CA ASN B 536 -20.58 -0.82 -36.06
C ASN B 536 -21.62 -0.12 -35.17
N LYS B 537 -21.72 -0.53 -33.90
CA LYS B 537 -22.65 0.14 -32.95
C LYS B 537 -21.93 0.30 -31.61
N CYS B 538 -22.22 1.35 -30.85
CA CYS B 538 -21.63 1.49 -29.50
C CYS B 538 -22.14 0.33 -28.65
N VAL B 539 -21.25 -0.44 -28.03
CA VAL B 539 -21.68 -1.64 -27.23
C VAL B 539 -20.72 -1.83 -26.06
N ASN B 540 -21.15 -2.53 -25.01
CA ASN B 540 -20.24 -2.85 -23.89
C ASN B 540 -19.71 -4.26 -24.17
N PHE B 541 -18.39 -4.41 -24.28
CA PHE B 541 -17.85 -5.75 -24.67
C PHE B 541 -16.96 -6.31 -23.56
N ASN B 542 -17.16 -7.59 -23.21
CA ASN B 542 -16.31 -8.24 -22.19
C ASN B 542 -15.44 -9.28 -22.89
N PHE B 543 -14.12 -9.16 -22.76
CA PHE B 543 -13.19 -10.09 -23.39
C PHE B 543 -12.04 -10.45 -22.46
N ASN B 544 -11.93 -11.74 -22.16
CA ASN B 544 -10.88 -12.27 -21.28
C ASN B 544 -10.83 -11.61 -19.91
N GLY B 545 -12.00 -11.34 -19.33
CA GLY B 545 -12.08 -10.72 -18.02
C GLY B 545 -11.94 -9.21 -18.01
N LEU B 546 -11.88 -8.61 -19.20
CA LEU B 546 -11.73 -7.17 -19.31
C LEU B 546 -12.98 -6.56 -19.95
N THR B 547 -13.63 -5.66 -19.22
CA THR B 547 -14.87 -5.01 -19.75
C THR B 547 -14.58 -3.60 -20.26
N GLY B 548 -14.94 -3.31 -21.52
CA GLY B 548 -14.77 -1.95 -22.06
C GLY B 548 -16.00 -1.56 -22.88
N THR B 549 -16.36 -0.28 -22.88
CA THR B 549 -17.51 0.17 -23.73
C THR B 549 -16.98 0.98 -24.92
N GLY B 550 -17.17 0.48 -26.14
CA GLY B 550 -16.74 1.22 -27.34
C GLY B 550 -17.39 0.70 -28.61
N VAL B 551 -17.41 1.51 -29.67
CA VAL B 551 -17.91 1.02 -30.99
C VAL B 551 -16.88 0.01 -31.51
N LEU B 552 -17.33 -1.08 -32.14
CA LEU B 552 -16.37 -2.13 -32.57
C LEU B 552 -16.24 -2.12 -34.10
N THR B 553 -15.01 -2.01 -34.61
CA THR B 553 -14.75 -2.01 -36.07
C THR B 553 -13.51 -2.86 -36.33
N GLU B 554 -13.33 -3.37 -37.56
CA GLU B 554 -12.09 -4.13 -37.89
C GLU B 554 -10.90 -3.18 -37.79
N SER B 555 -9.75 -3.67 -37.32
CA SER B 555 -8.59 -2.76 -37.11
C SER B 555 -7.88 -2.46 -38.42
N ASN B 556 -7.74 -1.17 -38.76
CA ASN B 556 -6.97 -0.78 -39.98
C ASN B 556 -5.50 -1.15 -39.75
N LYS B 557 -4.99 -0.95 -38.53
CA LYS B 557 -3.58 -1.27 -38.21
C LYS B 557 -3.39 -2.79 -38.31
N LYS B 558 -2.20 -3.22 -38.74
CA LYS B 558 -1.91 -4.68 -38.85
C LYS B 558 -1.52 -5.21 -37.48
N PHE B 559 -2.47 -5.27 -36.54
CA PHE B 559 -2.20 -5.80 -35.19
C PHE B 559 -1.93 -7.30 -35.29
N LEU B 560 -0.91 -7.80 -34.58
CA LEU B 560 -0.53 -9.23 -34.72
C LEU B 560 -1.62 -10.14 -34.14
N PRO B 561 -1.90 -11.30 -34.77
CA PRO B 561 -2.98 -12.19 -34.34
C PRO B 561 -2.86 -12.83 -32.95
N PHE B 562 -1.65 -13.20 -32.52
CA PHE B 562 -1.51 -13.95 -31.24
C PHE B 562 -2.07 -13.18 -30.04
N GLN B 563 -1.80 -11.87 -29.94
CA GLN B 563 -2.25 -11.13 -28.72
C GLN B 563 -3.78 -10.99 -28.71
N GLN B 564 -4.39 -11.18 -27.55
CA GLN B 564 -5.83 -11.02 -27.40
C GLN B 564 -6.20 -9.58 -27.01
N PHE B 565 -5.19 -8.79 -26.60
CA PHE B 565 -5.46 -7.41 -26.10
C PHE B 565 -4.52 -6.40 -26.78
N GLY B 566 -4.81 -5.10 -26.61
CA GLY B 566 -3.97 -4.04 -27.20
C GLY B 566 -3.44 -3.10 -26.12
N ARG B 567 -2.27 -2.50 -26.35
CA ARG B 567 -1.64 -1.63 -25.32
C ARG B 567 -1.56 -0.19 -25.82
N ASP B 568 -1.82 0.79 -24.95
CA ASP B 568 -1.78 2.22 -25.32
C ASP B 568 -0.97 2.99 -24.28
N ILE B 569 -0.48 4.19 -24.62
CA ILE B 569 0.27 5.02 -23.63
C ILE B 569 -0.68 5.36 -22.48
N ALA B 570 -1.95 5.65 -22.78
CA ALA B 570 -2.96 5.92 -21.73
C ALA B 570 -3.21 4.64 -20.92
N ASP B 571 -2.89 3.47 -21.49
CA ASP B 571 -3.11 2.13 -20.83
C ASP B 571 -4.52 1.65 -21.13
N THR B 572 -5.30 2.42 -21.89
CA THR B 572 -6.65 1.95 -22.31
C THR B 572 -6.45 0.87 -23.37
N THR B 573 -7.34 -0.12 -23.45
CA THR B 573 -7.14 -1.23 -24.41
C THR B 573 -7.15 -0.64 -25.83
N ASP B 574 -6.20 -1.06 -26.67
CA ASP B 574 -6.11 -0.48 -28.05
C ASP B 574 -6.94 -1.34 -29.01
N ALA B 575 -6.77 -2.66 -28.94
CA ALA B 575 -7.54 -3.57 -29.83
C ALA B 575 -7.91 -4.85 -29.07
N VAL B 576 -8.92 -5.59 -29.55
CA VAL B 576 -9.31 -6.88 -28.91
C VAL B 576 -9.41 -7.95 -30.00
N ARG B 577 -9.23 -9.23 -29.63
CA ARG B 577 -9.40 -10.33 -30.61
C ARG B 577 -10.51 -11.25 -30.10
N ASP B 578 -11.39 -11.72 -30.99
CA ASP B 578 -12.48 -12.63 -30.62
C ASP B 578 -11.94 -13.95 -30.06
N PRO B 579 -12.67 -14.54 -29.11
CA PRO B 579 -12.24 -15.81 -28.52
C PRO B 579 -12.74 -17.01 -29.31
N GLN B 580 -13.61 -16.76 -30.30
CA GLN B 580 -14.18 -17.87 -31.11
C GLN B 580 -13.47 -17.92 -32.46
N THR B 581 -12.85 -16.81 -32.88
CA THR B 581 -12.22 -16.75 -34.23
C THR B 581 -11.07 -15.75 -34.24
N LEU B 582 -10.08 -15.94 -35.11
CA LEU B 582 -8.88 -15.06 -35.12
C LEU B 582 -9.19 -13.80 -35.93
N GLU B 583 -9.98 -12.88 -35.37
CA GLU B 583 -10.31 -11.61 -36.05
C GLU B 583 -9.83 -10.43 -35.18
N ILE B 584 -9.17 -9.45 -35.79
CA ILE B 584 -8.61 -8.31 -35.00
C ILE B 584 -9.60 -7.15 -35.08
N LEU B 585 -10.04 -6.65 -33.92
CA LEU B 585 -11.05 -5.56 -33.89
C LEU B 585 -10.44 -4.33 -33.22
N ASP B 586 -10.45 -3.18 -33.89
CA ASP B 586 -9.96 -1.92 -33.28
C ASP B 586 -10.96 -1.50 -32.19
N ILE B 587 -10.48 -0.87 -31.12
CA ILE B 587 -11.41 -0.37 -30.07
C ILE B 587 -11.54 1.15 -30.21
N THR B 588 -12.75 1.64 -30.47
CA THR B 588 -12.98 3.11 -30.52
C THR B 588 -14.06 3.43 -29.49
N PRO B 589 -13.80 4.30 -28.49
CA PRO B 589 -14.83 4.69 -27.52
C PRO B 589 -16.01 5.38 -28.20
N CYS B 590 -17.22 5.17 -27.68
CA CYS B 590 -18.43 5.75 -28.31
C CYS B 590 -18.30 7.28 -28.33
N SER B 591 -18.76 7.94 -29.41
CA SER B 591 -18.54 9.40 -29.54
C SER B 591 -19.17 10.16 -28.37
N PHE B 592 -18.44 11.13 -27.81
CA PHE B 592 -18.95 11.91 -26.66
C PHE B 592 -18.93 13.40 -27.01
N GLY B 593 -20.04 14.09 -26.78
CA GLY B 593 -20.09 15.55 -27.03
C GLY B 593 -20.47 16.32 -25.79
N GLY B 594 -19.66 17.31 -25.38
CA GLY B 594 -20.02 18.15 -24.23
C GLY B 594 -21.27 18.96 -24.52
N VAL B 595 -22.19 19.06 -23.56
CA VAL B 595 -23.46 19.78 -23.81
C VAL B 595 -23.28 21.23 -23.38
N SER B 596 -23.35 22.16 -24.34
CA SER B 596 -23.24 23.61 -24.00
C SER B 596 -24.62 24.24 -24.21
N VAL B 597 -25.15 24.92 -23.20
CA VAL B 597 -26.53 25.48 -23.32
C VAL B 597 -26.41 26.97 -23.67
N ILE B 598 -26.98 27.37 -24.80
CA ILE B 598 -26.98 28.80 -25.19
C ILE B 598 -28.26 29.40 -24.62
N THR B 599 -28.15 30.25 -23.60
CA THR B 599 -29.37 30.75 -22.94
C THR B 599 -29.37 32.29 -22.85
N PRO B 600 -30.45 32.98 -23.27
CA PRO B 600 -30.56 34.43 -23.09
C PRO B 600 -30.98 34.66 -21.63
N GLY B 601 -31.02 35.91 -21.18
CA GLY B 601 -31.34 36.16 -19.76
C GLY B 601 -32.68 35.52 -19.42
N THR B 602 -32.79 34.92 -18.22
CA THR B 602 -34.03 34.18 -17.87
C THR B 602 -35.25 35.11 -17.91
N ASN B 603 -35.09 36.34 -17.42
CA ASN B 603 -36.20 37.33 -17.48
C ASN B 603 -36.57 37.59 -18.94
N THR B 604 -35.56 37.76 -19.80
CA THR B 604 -35.82 38.07 -21.23
C THR B 604 -36.55 36.90 -21.92
N SER B 605 -36.08 35.67 -21.70
CA SER B 605 -36.70 34.49 -22.36
C SER B 605 -36.34 33.19 -21.61
N ASN B 606 -37.18 32.15 -21.73
CA ASN B 606 -36.85 30.84 -21.13
C ASN B 606 -36.36 29.87 -22.23
N GLN B 607 -36.38 30.32 -23.49
CA GLN B 607 -35.98 29.44 -24.62
C GLN B 607 -34.48 29.14 -24.52
N VAL B 608 -34.08 27.90 -24.82
CA VAL B 608 -32.64 27.50 -24.72
C VAL B 608 -32.21 26.74 -25.98
N ALA B 609 -30.93 26.83 -26.35
CA ALA B 609 -30.41 26.09 -27.52
C ALA B 609 -29.29 25.17 -27.05
N VAL B 610 -29.29 23.90 -27.49
CA VAL B 610 -28.28 22.94 -26.97
C VAL B 610 -27.22 22.67 -28.04
N LEU B 611 -25.94 22.84 -27.69
CA LEU B 611 -24.83 22.57 -28.64
C LEU B 611 -24.03 21.37 -28.11
N TYR B 612 -23.79 20.37 -28.97
CA TYR B 612 -22.99 19.19 -28.56
C TYR B 612 -21.61 19.31 -29.23
N GLN B 613 -20.53 19.28 -28.46
CA GLN B 613 -19.19 19.54 -29.03
C GLN B 613 -18.62 18.36 -29.83
N ASP B 614 -18.13 18.61 -31.05
CA ASP B 614 -17.43 17.57 -31.87
C ASP B 614 -18.28 16.32 -32.10
N VAL B 615 -19.60 16.46 -32.30
CA VAL B 615 -20.44 15.27 -32.64
C VAL B 615 -21.44 15.68 -33.74
N ASN B 616 -21.86 14.73 -34.58
CA ASN B 616 -22.89 15.00 -35.60
C ASN B 616 -24.27 15.04 -34.93
N CYS B 617 -25.25 15.68 -35.56
CA CYS B 617 -26.62 15.80 -34.98
C CYS B 617 -27.25 14.42 -34.83
N THR B 618 -26.85 13.45 -35.66
CA THR B 618 -27.40 12.07 -35.62
C THR B 618 -27.09 11.38 -34.27
N GLU B 619 -25.93 11.64 -33.67
CA GLU B 619 -25.54 10.96 -32.39
C GLU B 619 -26.57 11.28 -31.30
N VAL B 620 -27.06 12.52 -31.26
CA VAL B 620 -28.06 12.93 -30.23
C VAL B 620 -29.41 12.29 -30.56
N ASN B 641 -34.99 23.15 -36.39
CA ASN B 641 -33.90 23.70 -35.54
C ASN B 641 -32.62 22.90 -35.76
N VAL B 642 -32.27 22.57 -37.01
CA VAL B 642 -31.08 21.70 -37.23
C VAL B 642 -29.97 22.50 -37.92
N PHE B 643 -28.79 22.57 -37.30
CA PHE B 643 -27.64 23.25 -37.94
C PHE B 643 -26.37 22.48 -37.57
N GLN B 644 -25.35 22.51 -38.43
CA GLN B 644 -24.06 21.85 -38.11
C GLN B 644 -22.96 22.91 -38.07
N THR B 645 -22.15 22.91 -37.01
CA THR B 645 -21.06 23.92 -36.86
C THR B 645 -19.75 23.18 -36.61
N ARG B 646 -18.61 23.85 -36.83
CA ARG B 646 -17.29 23.22 -36.57
C ARG B 646 -17.19 22.86 -35.09
N ALA B 647 -17.74 23.73 -34.22
CA ALA B 647 -17.75 23.42 -32.77
C ALA B 647 -18.53 22.13 -32.55
N GLY B 648 -19.67 21.96 -33.23
CA GLY B 648 -20.43 20.70 -33.13
C GLY B 648 -21.85 20.82 -33.65
N CYS B 649 -22.67 19.79 -33.42
CA CYS B 649 -24.09 19.83 -33.85
C CYS B 649 -24.83 20.92 -33.05
N LEU B 650 -25.69 21.68 -33.72
CA LEU B 650 -26.46 22.75 -33.02
C LEU B 650 -27.96 22.44 -33.08
N ILE B 651 -28.63 22.46 -31.91
CA ILE B 651 -30.10 22.19 -31.86
C ILE B 651 -30.74 23.37 -31.10
N GLY B 652 -32.00 23.70 -31.42
CA GLY B 652 -32.69 24.82 -30.77
C GLY B 652 -32.38 26.15 -31.44
N ALA B 653 -31.58 26.12 -32.50
CA ALA B 653 -31.26 27.35 -33.26
C ALA B 653 -31.53 27.12 -34.75
N GLU B 654 -32.17 28.10 -35.41
CA GLU B 654 -32.51 27.97 -36.85
C GLU B 654 -31.52 28.80 -37.66
N HIS B 655 -30.84 28.19 -38.64
CA HIS B 655 -29.80 28.93 -39.41
C HIS B 655 -30.42 30.09 -40.20
N VAL B 656 -29.77 31.26 -40.19
CA VAL B 656 -30.25 32.42 -40.98
C VAL B 656 -29.12 32.85 -41.92
N ASN B 657 -29.42 33.01 -43.21
CA ASN B 657 -28.40 33.43 -44.21
C ASN B 657 -27.87 34.83 -43.87
N ASN B 658 -28.77 35.72 -43.42
CA ASN B 658 -28.36 37.13 -43.11
C ASN B 658 -27.35 37.14 -41.98
N SER B 659 -26.36 38.05 -42.04
CA SER B 659 -25.31 38.14 -41.00
C SER B 659 -25.67 39.25 -40.00
N TYR B 660 -25.54 38.96 -38.71
CA TYR B 660 -25.90 39.95 -37.66
C TYR B 660 -24.72 40.10 -36.70
N GLU B 661 -24.66 41.21 -35.95
CA GLU B 661 -23.58 41.40 -34.94
C GLU B 661 -23.71 40.29 -33.90
N CYS B 662 -22.59 39.73 -33.45
CA CYS B 662 -22.63 38.58 -32.51
C CYS B 662 -23.28 38.99 -31.19
N ASP B 663 -24.23 38.19 -30.69
CA ASP B 663 -24.84 38.47 -29.36
C ASP B 663 -24.30 37.43 -28.37
N ILE B 664 -24.37 36.15 -28.72
CA ILE B 664 -23.82 35.06 -27.86
C ILE B 664 -22.82 34.27 -28.71
N PRO B 665 -21.57 34.01 -28.27
CA PRO B 665 -20.60 33.34 -29.12
C PRO B 665 -20.66 31.81 -29.10
N ILE B 666 -21.35 31.21 -30.08
CA ILE B 666 -21.39 29.72 -30.19
C ILE B 666 -19.97 29.24 -30.50
N GLY B 667 -19.26 29.97 -31.35
CA GLY B 667 -17.88 29.57 -31.73
C GLY B 667 -17.81 29.20 -33.20
N ALA B 668 -16.60 29.11 -33.76
CA ALA B 668 -16.40 28.74 -35.18
C ALA B 668 -17.11 29.73 -36.11
N GLY B 669 -17.13 31.01 -35.76
CA GLY B 669 -17.73 32.04 -36.64
C GLY B 669 -19.24 32.05 -36.58
N ILE B 670 -19.84 31.31 -35.64
CA ILE B 670 -21.33 31.22 -35.54
C ILE B 670 -21.76 31.87 -34.22
N CYS B 671 -22.80 32.72 -34.26
CA CYS B 671 -23.29 33.41 -33.05
C CYS B 671 -24.80 33.29 -32.95
N ALA B 672 -25.35 33.43 -31.72
CA ALA B 672 -26.81 33.25 -31.52
C ALA B 672 -27.44 34.53 -30.97
N SER B 673 -28.58 34.94 -31.54
CA SER B 673 -29.31 36.14 -31.03
C SER B 673 -30.80 35.82 -30.95
N TYR B 674 -31.54 36.55 -30.11
CA TYR B 674 -33.01 36.35 -30.04
C TYR B 674 -33.68 37.34 -31.00
N GLN B 675 -34.17 36.84 -32.14
CA GLN B 675 -34.78 37.74 -33.16
C GLN B 675 -36.04 37.08 -33.75
N THR B 676 -36.97 37.88 -34.27
CA THR B 676 -38.23 37.34 -34.84
C THR B 676 -37.91 36.45 -36.05
N SER B 689 -42.72 35.81 -30.72
CA SER B 689 -42.27 35.56 -32.11
C SER B 689 -40.75 35.38 -32.16
N GLN B 690 -40.02 36.10 -31.30
CA GLN B 690 -38.55 36.03 -31.31
C GLN B 690 -38.07 34.63 -30.94
N SER B 691 -37.05 34.12 -31.64
CA SER B 691 -36.51 32.77 -31.35
C SER B 691 -34.98 32.80 -31.46
N ILE B 692 -34.30 31.88 -30.78
CA ILE B 692 -32.81 31.80 -30.92
C ILE B 692 -32.49 31.39 -32.36
N ILE B 693 -31.51 32.05 -32.99
CA ILE B 693 -31.18 31.76 -34.41
C ILE B 693 -29.67 31.55 -34.54
N ALA B 694 -29.23 30.80 -35.55
CA ALA B 694 -27.79 30.59 -35.78
C ALA B 694 -27.37 31.35 -37.04
N TYR B 695 -26.36 32.21 -36.95
CA TYR B 695 -25.96 33.04 -38.12
C TYR B 695 -24.44 33.24 -38.11
N THR B 696 -23.85 33.53 -39.27
CA THR B 696 -22.40 33.86 -39.29
C THR B 696 -22.30 35.29 -38.73
N MET B 697 -21.43 35.52 -37.74
CA MET B 697 -21.38 36.86 -37.11
C MET B 697 -20.82 37.89 -38.10
N SER B 698 -21.40 39.10 -38.11
CA SER B 698 -20.95 40.16 -39.00
C SER B 698 -19.57 40.69 -38.62
N LEU B 699 -18.82 41.09 -39.65
CA LEU B 699 -17.47 41.62 -39.47
C LEU B 699 -17.48 43.14 -39.44
N GLY B 700 -18.68 43.72 -39.44
CA GLY B 700 -18.84 45.16 -39.45
C GLY B 700 -19.18 45.61 -40.85
N ALA B 701 -19.75 46.81 -40.99
CA ALA B 701 -20.14 47.30 -42.32
C ALA B 701 -18.93 47.28 -43.25
N GLU B 702 -19.13 46.98 -44.53
CA GLU B 702 -18.00 47.01 -45.51
C GLU B 702 -18.00 48.37 -46.22
N ASN B 703 -16.91 49.12 -46.09
CA ASN B 703 -16.84 50.47 -46.71
C ASN B 703 -15.62 50.52 -47.65
N SER B 704 -15.80 51.01 -48.87
CA SER B 704 -14.64 51.16 -49.79
C SER B 704 -14.23 52.63 -49.84
N VAL B 705 -12.98 52.93 -49.48
CA VAL B 705 -12.47 54.33 -49.54
C VAL B 705 -12.37 54.73 -51.02
N ALA B 706 -12.75 55.96 -51.35
CA ALA B 706 -12.64 56.43 -52.75
C ALA B 706 -11.22 56.95 -52.98
N TYR B 707 -10.23 56.04 -53.01
CA TYR B 707 -8.82 56.46 -53.18
C TYR B 707 -8.64 57.10 -54.56
N SER B 708 -7.94 58.24 -54.61
CA SER B 708 -7.66 58.89 -55.92
C SER B 708 -6.22 59.41 -55.94
N ASN B 709 -5.56 59.33 -57.10
CA ASN B 709 -4.17 59.84 -57.24
C ASN B 709 -4.15 61.37 -57.05
N ASN B 710 -5.16 62.08 -57.57
CA ASN B 710 -5.13 63.56 -57.51
C ASN B 710 -6.13 64.12 -56.47
N SER B 711 -6.75 63.26 -55.65
CA SER B 711 -7.79 63.77 -54.72
C SER B 711 -7.49 63.42 -53.26
N ILE B 712 -7.72 64.36 -52.34
CA ILE B 712 -7.49 64.12 -50.88
C ILE B 712 -8.77 64.50 -50.13
N ALA B 713 -9.00 63.92 -48.95
CA ALA B 713 -10.17 64.33 -48.13
C ALA B 713 -9.67 65.06 -46.88
N ILE B 714 -10.10 66.30 -46.68
CA ILE B 714 -9.71 67.08 -45.46
C ILE B 714 -11.00 67.48 -44.73
N PRO B 715 -11.15 67.23 -43.41
CA PRO B 715 -12.39 67.52 -42.70
C PRO B 715 -12.71 69.02 -42.68
N THR B 716 -13.94 69.39 -43.00
CA THR B 716 -14.35 70.78 -42.96
C THR B 716 -14.91 71.10 -41.58
N ASN B 717 -15.41 70.06 -40.89
CA ASN B 717 -15.98 70.21 -39.56
C ASN B 717 -15.52 69.07 -38.63
N PHE B 718 -15.39 69.38 -37.34
CA PHE B 718 -14.96 68.40 -36.35
C PHE B 718 -15.89 68.39 -35.14
N THR B 719 -15.76 67.41 -34.27
CA THR B 719 -16.61 67.30 -33.06
C THR B 719 -15.74 66.94 -31.85
N ILE B 720 -16.13 67.38 -30.66
CA ILE B 720 -15.35 67.06 -29.42
C ILE B 720 -16.12 66.00 -28.64
N SER B 721 -15.48 64.87 -28.31
CA SER B 721 -16.18 63.76 -27.61
C SER B 721 -15.33 63.28 -26.44
N VAL B 722 -15.98 62.73 -25.40
CA VAL B 722 -15.24 62.21 -24.22
C VAL B 722 -15.37 60.68 -24.21
N THR B 723 -14.27 59.96 -24.05
CA THR B 723 -14.26 58.49 -24.05
C THR B 723 -13.97 57.97 -22.65
N THR B 724 -14.61 56.87 -22.26
CA THR B 724 -14.42 56.37 -20.88
C THR B 724 -13.63 55.06 -20.89
N GLU B 725 -12.52 54.98 -20.15
CA GLU B 725 -11.75 53.72 -20.03
C GLU B 725 -11.65 53.35 -18.56
N ILE B 726 -12.00 52.11 -18.19
CA ILE B 726 -12.01 51.71 -16.76
C ILE B 726 -11.04 50.54 -16.56
N LEU B 727 -10.14 50.65 -15.57
CA LEU B 727 -9.18 49.55 -15.27
C LEU B 727 -9.25 49.24 -13.77
N PRO B 728 -9.23 47.96 -13.34
CA PRO B 728 -9.22 47.64 -11.90
C PRO B 728 -7.79 47.74 -11.35
N VAL B 729 -7.53 48.78 -10.54
CA VAL B 729 -6.17 48.97 -9.96
C VAL B 729 -5.83 47.85 -8.98
N SER B 730 -6.80 47.44 -8.15
CA SER B 730 -6.50 46.43 -7.10
C SER B 730 -7.64 45.42 -6.95
N MET B 731 -7.36 44.25 -6.37
CA MET B 731 -8.43 43.27 -6.08
C MET B 731 -8.70 43.30 -4.58
N THR B 732 -9.88 42.87 -4.14
CA THR B 732 -10.23 42.96 -2.70
C THR B 732 -9.20 42.14 -1.90
N LYS B 733 -8.69 42.69 -0.80
CA LYS B 733 -7.64 41.98 -0.01
C LYS B 733 -8.30 40.94 0.88
N THR B 734 -7.85 39.69 0.78
CA THR B 734 -8.41 38.60 1.63
C THR B 734 -7.27 37.91 2.40
N SER B 735 -7.42 37.75 3.71
CA SER B 735 -6.40 37.03 4.52
C SER B 735 -7.05 35.79 5.15
N VAL B 736 -6.46 34.61 4.93
CA VAL B 736 -7.05 33.34 5.46
C VAL B 736 -6.05 32.71 6.45
N ASP B 737 -6.52 32.35 7.64
CA ASP B 737 -5.61 31.64 8.60
C ASP B 737 -5.69 30.15 8.25
N CYS B 738 -4.60 29.59 7.72
CA CYS B 738 -4.61 28.16 7.31
C CYS B 738 -4.87 27.31 8.56
N THR B 739 -4.29 27.69 9.70
CA THR B 739 -4.43 26.87 10.93
C THR B 739 -5.91 26.80 11.35
N MET B 740 -6.61 27.94 11.35
CA MET B 740 -8.03 27.97 11.73
C MET B 740 -8.86 27.19 10.71
N TYR B 741 -8.55 27.34 9.43
CA TYR B 741 -9.33 26.65 8.37
C TYR B 741 -9.12 25.13 8.48
N ILE B 742 -7.87 24.69 8.65
CA ILE B 742 -7.56 23.23 8.74
C ILE B 742 -8.07 22.65 10.06
N CYS B 743 -7.89 23.37 11.18
CA CYS B 743 -8.27 22.81 12.51
C CYS B 743 -9.25 23.73 13.23
N GLY B 744 -10.39 23.18 13.69
CA GLY B 744 -11.35 23.99 14.47
C GLY B 744 -10.96 24.01 15.94
N ASP B 745 -9.87 24.70 16.28
CA ASP B 745 -9.40 24.80 17.69
C ASP B 745 -9.20 23.39 18.28
N SER B 746 -8.60 22.48 17.51
CA SER B 746 -8.36 21.10 17.98
C SER B 746 -6.88 20.88 18.27
N THR B 747 -6.55 20.46 19.49
CA THR B 747 -5.13 20.22 19.87
C THR B 747 -4.54 19.08 19.03
N GLU B 748 -5.30 18.01 18.82
CA GLU B 748 -4.80 16.83 18.04
C GLU B 748 -4.51 17.29 16.61
N CYS B 749 -5.41 18.07 16.03
CA CYS B 749 -5.23 18.59 14.64
C CYS B 749 -3.99 19.49 14.59
N SER B 750 -3.79 20.29 15.64
CA SER B 750 -2.62 21.22 15.69
C SER B 750 -1.32 20.41 15.69
N ASN B 751 -1.28 19.28 16.41
CA ASN B 751 -0.07 18.42 16.44
C ASN B 751 0.20 17.88 15.04
N LEU B 752 -0.86 17.49 14.30
CA LEU B 752 -0.68 16.99 12.92
C LEU B 752 -0.22 18.15 12.03
N LEU B 753 -0.72 19.36 12.28
CA LEU B 753 -0.27 20.55 11.52
C LEU B 753 1.21 20.82 11.79
N LEU B 754 1.68 20.56 13.01
CA LEU B 754 3.12 20.71 13.35
C LEU B 754 3.94 19.74 12.48
N GLN B 755 3.40 18.55 12.25
CA GLN B 755 4.06 17.55 11.42
C GLN B 755 4.09 18.10 10.00
N TYR B 756 3.05 18.81 9.60
CA TYR B 756 3.01 19.47 8.29
C TYR B 756 4.06 20.59 8.25
N GLY B 757 4.23 21.28 9.39
CA GLY B 757 5.20 22.34 9.53
C GLY B 757 5.07 23.61 8.70
N SER B 758 6.11 23.89 7.93
CA SER B 758 6.24 25.08 7.09
C SER B 758 5.21 25.27 5.97
N PHE B 759 4.53 24.20 5.57
CA PHE B 759 3.55 24.30 4.49
C PHE B 759 2.46 25.31 4.83
N CYS B 760 1.97 25.27 6.06
CA CYS B 760 0.93 26.21 6.47
C CYS B 760 1.44 27.65 6.45
N THR B 761 2.67 27.84 6.93
CA THR B 761 3.26 29.18 7.00
C THR B 761 3.46 29.88 5.65
N GLN B 762 3.94 29.14 4.65
CA GLN B 762 4.16 29.75 3.33
C GLN B 762 2.86 30.22 2.69
N LEU B 763 1.79 29.44 2.85
CA LEU B 763 0.49 29.79 2.28
C LEU B 763 -0.04 31.08 2.87
N ASN B 764 0.12 31.24 4.19
CA ASN B 764 -0.34 32.44 4.87
C ASN B 764 0.55 33.63 4.52
N ARG B 765 1.83 33.37 4.31
CA ARG B 765 2.81 34.43 3.95
C ARG B 765 2.45 34.97 2.56
N ALA B 766 2.11 34.08 1.63
CA ALA B 766 1.76 34.52 0.25
C ALA B 766 0.52 35.40 0.29
N LEU B 767 -0.49 35.03 1.08
CA LEU B 767 -1.75 35.82 1.17
C LEU B 767 -1.44 37.21 1.75
N THR B 768 -0.58 37.27 2.76
CA THR B 768 -0.20 38.58 3.37
C THR B 768 0.50 39.42 2.30
N GLY B 769 1.36 38.79 1.49
CA GLY B 769 2.07 39.51 0.42
C GLY B 769 1.10 40.08 -0.60
N ILE B 770 0.07 39.33 -0.96
CA ILE B 770 -0.95 39.79 -1.95
C ILE B 770 -1.63 41.05 -1.40
N ALA B 771 -2.00 41.03 -0.11
CA ALA B 771 -2.71 42.18 0.50
C ALA B 771 -1.80 43.42 0.47
N VAL B 772 -0.52 43.25 0.80
CA VAL B 772 0.46 44.39 0.78
C VAL B 772 0.58 44.89 -0.66
N GLU B 773 0.62 43.97 -1.64
CA GLU B 773 0.77 44.34 -3.06
C GLU B 773 -0.42 45.21 -3.48
N GLN B 774 -1.64 44.85 -3.06
CA GLN B 774 -2.83 45.61 -3.50
C GLN B 774 -2.76 47.05 -2.99
N ASP B 775 -2.35 47.23 -1.72
CA ASP B 775 -2.20 48.60 -1.16
C ASP B 775 -1.12 49.35 -1.94
N LYS B 776 0.00 48.68 -2.26
CA LYS B 776 1.11 49.34 -2.98
C LYS B 776 0.63 49.78 -4.37
N ASN B 777 -0.12 48.92 -5.06
CA ASN B 777 -0.60 49.26 -6.43
C ASN B 777 -1.54 50.46 -6.36
N THR B 778 -2.44 50.46 -5.37
CA THR B 778 -3.43 51.57 -5.25
C THR B 778 -2.68 52.87 -4.95
N GLN B 779 -1.70 52.82 -4.05
CA GLN B 779 -0.98 54.06 -3.65
C GLN B 779 -0.23 54.62 -4.88
N GLU B 780 0.44 53.76 -5.65
CA GLU B 780 1.25 54.27 -6.78
C GLU B 780 0.38 54.94 -7.83
N VAL B 781 -0.74 54.31 -8.23
CA VAL B 781 -1.56 54.89 -9.33
C VAL B 781 -2.22 56.19 -8.89
N PHE B 782 -2.88 56.20 -7.72
CA PHE B 782 -3.65 57.39 -7.30
C PHE B 782 -2.75 58.55 -6.87
N ALA B 783 -1.75 58.29 -6.02
CA ALA B 783 -0.90 59.39 -5.52
C ALA B 783 0.23 59.69 -6.52
N GLN B 784 -0.11 60.24 -7.69
CA GLN B 784 0.93 60.61 -8.68
C GLN B 784 1.20 62.12 -8.59
N VAL B 785 0.53 62.82 -7.68
CA VAL B 785 0.69 64.30 -7.60
C VAL B 785 1.31 64.67 -6.24
N LYS B 786 2.39 65.46 -6.25
CA LYS B 786 3.08 65.84 -4.99
C LYS B 786 2.19 66.71 -4.10
N GLN B 787 1.43 67.65 -4.69
CA GLN B 787 0.62 68.59 -3.86
C GLN B 787 -0.86 68.48 -4.23
N ILE B 788 -1.73 68.40 -3.22
CA ILE B 788 -3.20 68.39 -3.50
C ILE B 788 -3.56 69.73 -4.14
N TYR B 789 -4.38 69.72 -5.19
CA TYR B 789 -4.75 70.97 -5.91
C TYR B 789 -6.26 71.19 -5.84
N LYS B 790 -6.69 72.43 -5.62
CA LYS B 790 -8.14 72.75 -5.58
C LYS B 790 -8.49 73.79 -6.65
N THR B 791 -9.57 73.56 -7.41
CA THR B 791 -10.00 74.51 -8.47
C THR B 791 -10.49 75.81 -7.83
N PRO B 792 -10.33 76.98 -8.49
CA PRO B 792 -10.84 78.25 -7.96
C PRO B 792 -12.37 78.27 -7.87
N PRO B 793 -12.97 78.95 -6.88
CA PRO B 793 -14.42 78.94 -6.69
C PRO B 793 -15.14 79.55 -7.91
N ILE B 794 -14.60 80.63 -8.49
CA ILE B 794 -15.20 81.21 -9.72
C ILE B 794 -14.79 80.32 -10.90
N LYS B 795 -15.76 79.81 -11.66
CA LYS B 795 -15.46 78.93 -12.82
C LYS B 795 -15.28 79.78 -14.09
N ASP B 796 -14.23 80.60 -14.16
CA ASP B 796 -13.94 81.38 -15.39
C ASP B 796 -13.08 80.51 -16.32
N PHE B 797 -13.66 79.43 -16.86
CA PHE B 797 -12.87 78.49 -17.70
C PHE B 797 -13.29 78.56 -19.17
N GLY B 798 -13.94 79.66 -19.59
CA GLY B 798 -14.43 79.75 -20.97
C GLY B 798 -15.80 79.11 -21.15
N GLY B 799 -16.48 78.82 -20.03
CA GLY B 799 -17.85 78.25 -20.10
C GLY B 799 -17.84 76.73 -20.11
N PHE B 800 -16.68 76.09 -20.03
CA PHE B 800 -16.65 74.63 -20.00
C PHE B 800 -16.86 74.14 -18.56
N ASN B 801 -18.08 73.72 -18.24
CA ASN B 801 -18.43 73.24 -16.90
C ASN B 801 -17.73 71.94 -16.48
N PHE B 802 -17.15 71.94 -15.28
CA PHE B 802 -16.49 70.75 -14.76
C PHE B 802 -17.15 70.38 -13.43
N SER B 803 -18.35 70.92 -13.19
CA SER B 803 -19.06 70.64 -11.91
C SER B 803 -19.27 69.12 -11.75
N GLN B 804 -19.66 68.43 -12.82
CA GLN B 804 -19.96 66.98 -12.72
C GLN B 804 -18.69 66.20 -12.35
N ILE B 805 -17.56 66.50 -13.00
CA ILE B 805 -16.28 65.77 -12.72
C ILE B 805 -15.76 66.12 -11.32
N LEU B 806 -15.92 67.36 -10.87
CA LEU B 806 -15.41 67.79 -9.54
C LEU B 806 -16.21 67.15 -8.40
N PRO B 807 -15.59 66.81 -7.25
CA PRO B 807 -16.30 66.24 -6.10
C PRO B 807 -17.28 67.21 -5.44
N ASP B 808 -18.35 66.68 -4.83
CA ASP B 808 -19.39 67.55 -4.21
C ASP B 808 -19.10 67.76 -2.73
N PRO B 809 -18.90 69.00 -2.26
CA PRO B 809 -18.68 69.30 -0.84
C PRO B 809 -19.89 68.93 0.04
N SER B 810 -21.11 69.12 -0.48
CA SER B 810 -22.34 68.88 0.33
C SER B 810 -22.41 67.43 0.79
N LYS B 811 -22.01 66.48 -0.06
CA LYS B 811 -21.99 65.04 0.36
C LYS B 811 -21.00 64.88 1.52
N PRO B 812 -21.29 64.05 2.54
CA PRO B 812 -20.41 63.92 3.71
C PRO B 812 -19.05 63.42 3.21
N SER B 813 -19.03 62.49 2.26
CA SER B 813 -17.75 62.06 1.64
C SER B 813 -17.64 62.85 0.33
N LYS B 814 -16.53 63.55 0.10
CA LYS B 814 -16.47 64.42 -1.09
C LYS B 814 -16.08 63.58 -2.32
N ARG B 815 -17.07 63.19 -3.11
CA ARG B 815 -16.87 62.42 -4.32
C ARG B 815 -17.69 63.02 -5.45
N SER B 816 -17.20 62.87 -6.68
CA SER B 816 -17.89 63.41 -7.86
C SER B 816 -19.17 62.64 -8.15
N PHE B 817 -20.13 63.29 -8.81
CA PHE B 817 -21.39 62.65 -9.15
C PHE B 817 -21.09 61.47 -10.06
N ILE B 818 -20.18 61.68 -11.00
CA ILE B 818 -19.74 60.59 -11.92
C ILE B 818 -19.11 59.48 -11.08
N GLU B 819 -18.28 59.85 -10.08
CA GLU B 819 -17.64 58.85 -9.20
C GLU B 819 -18.72 58.08 -8.42
N ASP B 820 -19.75 58.79 -7.97
CA ASP B 820 -20.85 58.15 -7.19
C ASP B 820 -21.52 57.10 -8.07
N LEU B 821 -21.73 57.41 -9.36
CA LEU B 821 -22.37 56.44 -10.29
C LEU B 821 -21.51 55.19 -10.40
N LEU B 822 -20.19 55.35 -10.49
CA LEU B 822 -19.27 54.18 -10.63
C LEU B 822 -19.39 53.32 -9.36
N PHE B 823 -19.43 53.96 -8.19
CA PHE B 823 -19.54 53.20 -6.91
C PHE B 823 -20.88 52.47 -6.87
N ASN B 824 -21.95 53.11 -7.33
CA ASN B 824 -23.30 52.50 -7.31
C ASN B 824 -23.33 51.27 -8.23
N LYS B 825 -22.74 51.37 -9.42
CA LYS B 825 -22.80 50.25 -10.40
C LYS B 825 -22.10 49.02 -9.84
N VAL B 826 -20.94 49.19 -9.21
CA VAL B 826 -20.25 48.03 -8.55
C VAL B 826 -21.10 47.59 -7.36
N THR B 827 -21.32 46.28 -7.19
CA THR B 827 -22.18 45.78 -6.10
C THR B 827 -21.45 44.66 -5.33
N LYS B 854 -15.27 33.63 6.78
CA LYS B 854 -16.21 34.08 7.83
C LYS B 854 -15.66 33.69 9.20
N PHE B 855 -16.14 32.59 9.77
CA PHE B 855 -15.64 32.12 11.10
C PHE B 855 -14.61 31.01 10.88
N ASN B 856 -14.22 30.79 9.62
CA ASN B 856 -13.24 29.71 9.29
C ASN B 856 -11.84 30.32 9.25
N GLY B 857 -11.70 31.57 9.69
CA GLY B 857 -10.39 32.27 9.61
C GLY B 857 -10.28 33.04 8.30
N LEU B 858 -11.33 33.01 7.47
CA LEU B 858 -11.33 33.81 6.22
C LEU B 858 -11.71 35.23 6.59
N THR B 859 -10.87 36.22 6.27
CA THR B 859 -11.14 37.63 6.67
C THR B 859 -10.88 38.55 5.48
N VAL B 860 -11.51 39.73 5.48
CA VAL B 860 -11.27 40.74 4.41
C VAL B 860 -10.53 41.93 5.04
N LEU B 861 -9.43 42.36 4.44
CA LEU B 861 -8.61 43.45 5.05
C LEU B 861 -8.97 44.78 4.39
N PRO B 862 -9.31 45.83 5.16
CA PRO B 862 -9.59 47.15 4.59
C PRO B 862 -8.34 47.76 3.95
N PRO B 863 -8.47 48.45 2.79
CA PRO B 863 -7.31 49.05 2.11
C PRO B 863 -6.72 50.22 2.90
N LEU B 864 -5.42 50.46 2.73
CA LEU B 864 -4.74 51.58 3.44
C LEU B 864 -5.38 52.89 2.97
N LEU B 865 -5.70 53.00 1.69
CA LEU B 865 -6.28 54.26 1.15
C LEU B 865 -7.81 54.16 1.23
N THR B 866 -8.46 55.07 1.96
CA THR B 866 -9.94 55.07 2.09
C THR B 866 -10.56 55.58 0.78
N ASP B 867 -11.84 55.28 0.54
CA ASP B 867 -12.52 55.71 -0.71
C ASP B 867 -12.54 57.24 -0.78
N GLU B 868 -12.77 57.91 0.34
CA GLU B 868 -12.74 59.39 0.37
C GLU B 868 -11.33 59.88 0.04
N MET B 869 -10.29 59.22 0.58
CA MET B 869 -8.89 59.58 0.26
C MET B 869 -8.63 59.39 -1.23
N ILE B 870 -9.16 58.29 -1.80
CA ILE B 870 -8.99 58.02 -3.26
C ILE B 870 -9.65 59.16 -4.03
N ALA B 871 -10.83 59.59 -3.61
CA ALA B 871 -11.55 60.71 -4.28
C ALA B 871 -10.72 61.99 -4.17
N GLN B 872 -10.10 62.23 -3.01
CA GLN B 872 -9.24 63.44 -2.82
C GLN B 872 -8.03 63.38 -3.76
N TYR B 873 -7.43 62.19 -3.94
CA TYR B 873 -6.28 62.04 -4.87
C TYR B 873 -6.75 62.31 -6.31
N THR B 874 -7.83 61.66 -6.74
CA THR B 874 -8.33 61.83 -8.10
C THR B 874 -8.62 63.30 -8.36
N SER B 875 -9.19 63.96 -7.36
CA SER B 875 -9.52 65.38 -7.45
C SER B 875 -8.28 66.24 -7.65
N ALA B 876 -7.22 65.91 -6.93
CA ALA B 876 -5.96 66.70 -7.03
C ALA B 876 -5.41 66.61 -8.46
N LEU B 877 -5.40 65.41 -9.04
CA LEU B 877 -4.93 65.23 -10.44
C LEU B 877 -5.90 65.97 -11.38
N LEU B 878 -7.21 65.85 -11.12
CA LEU B 878 -8.23 66.48 -11.99
C LEU B 878 -8.06 68.00 -11.94
N ALA B 879 -7.88 68.56 -10.75
CA ALA B 879 -7.75 70.03 -10.59
C ALA B 879 -6.48 70.51 -11.32
N GLY B 880 -5.39 69.74 -11.21
CA GLY B 880 -4.14 70.12 -11.88
C GLY B 880 -4.31 70.15 -13.39
N THR B 881 -5.01 69.17 -13.95
CA THR B 881 -5.27 69.17 -15.42
C THR B 881 -6.14 70.38 -15.80
N ILE B 882 -7.19 70.65 -15.01
CA ILE B 882 -8.13 71.76 -15.36
C ILE B 882 -7.46 73.13 -15.25
N THR B 883 -6.68 73.38 -14.20
CA THR B 883 -6.12 74.74 -13.98
C THR B 883 -4.69 74.87 -14.52
N SER B 884 -3.82 73.91 -14.25
CA SER B 884 -2.39 74.06 -14.64
C SER B 884 -2.07 73.32 -15.95
N GLY B 885 -3.07 72.70 -16.58
CA GLY B 885 -2.79 71.91 -17.79
C GLY B 885 -1.81 70.77 -17.51
N TRP B 886 -0.76 70.64 -18.33
CA TRP B 886 0.20 69.51 -18.16
C TRP B 886 1.38 69.91 -17.26
N THR B 887 1.42 71.16 -16.81
CA THR B 887 2.58 71.64 -16.00
C THR B 887 2.68 70.87 -14.67
N PHE B 888 1.56 70.52 -14.05
CA PHE B 888 1.59 69.85 -12.71
C PHE B 888 2.32 68.51 -12.79
N GLY B 889 2.12 67.74 -13.87
CA GLY B 889 2.85 66.47 -14.03
C GLY B 889 4.35 66.70 -14.17
N ALA B 890 4.76 67.69 -14.96
CA ALA B 890 6.20 68.00 -15.17
C ALA B 890 6.84 68.51 -13.87
N GLY B 891 6.13 69.35 -13.10
CA GLY B 891 6.72 69.95 -11.90
C GLY B 891 5.73 70.86 -11.20
N ALA B 892 6.19 71.99 -10.65
CA ALA B 892 5.28 72.88 -9.88
C ALA B 892 4.17 73.36 -10.82
N ALA B 893 2.92 73.37 -10.32
CA ALA B 893 1.76 73.76 -11.17
C ALA B 893 1.90 75.23 -11.60
N LEU B 894 1.63 75.51 -12.89
CA LEU B 894 1.68 76.91 -13.39
C LEU B 894 0.30 77.30 -13.89
N GLN B 895 -0.26 78.41 -13.41
CA GLN B 895 -1.65 78.79 -13.79
C GLN B 895 -1.69 79.10 -15.29
N ILE B 896 -2.73 78.63 -15.98
CA ILE B 896 -2.91 78.96 -17.43
C ILE B 896 -4.40 79.09 -17.69
N PRO B 897 -4.87 80.05 -18.55
CA PRO B 897 -6.30 80.12 -18.89
C PRO B 897 -6.71 78.81 -19.56
N PHE B 898 -7.90 78.29 -19.24
CA PHE B 898 -8.33 76.98 -19.79
C PHE B 898 -8.46 77.04 -21.32
N ALA B 899 -8.96 78.16 -21.85
CA ALA B 899 -9.11 78.30 -23.31
C ALA B 899 -7.73 78.21 -23.96
N MET B 900 -6.73 78.87 -23.36
CA MET B 900 -5.33 78.78 -23.89
C MET B 900 -4.83 77.34 -23.75
N GLN B 901 -5.16 76.67 -22.65
CA GLN B 901 -4.73 75.25 -22.45
C GLN B 901 -5.34 74.38 -23.56
N MET B 902 -6.60 74.63 -23.91
CA MET B 902 -7.26 73.86 -25.00
C MET B 902 -6.52 74.13 -26.32
N ALA B 903 -6.08 75.37 -26.54
CA ALA B 903 -5.31 75.70 -27.77
C ALA B 903 -4.00 74.91 -27.77
N TYR B 904 -3.36 74.77 -26.60
CA TYR B 904 -2.08 74.01 -26.50
C TYR B 904 -2.34 72.55 -26.90
N ARG B 905 -3.47 71.98 -26.47
CA ARG B 905 -3.81 70.57 -26.82
C ARG B 905 -3.98 70.47 -28.34
N PHE B 906 -4.66 71.44 -28.95
CA PHE B 906 -4.85 71.44 -30.42
C PHE B 906 -3.48 71.58 -31.10
N ASN B 907 -2.61 72.43 -30.57
CA ASN B 907 -1.25 72.62 -31.14
C ASN B 907 -0.49 71.30 -31.04
N GLY B 908 -0.67 70.56 -29.94
CA GLY B 908 0.01 69.27 -29.76
C GLY B 908 -0.38 68.26 -30.84
N ILE B 909 -1.66 68.24 -31.23
CA ILE B 909 -2.12 67.31 -32.31
C ILE B 909 -1.95 67.98 -33.67
N GLY B 910 -1.50 69.24 -33.70
CA GLY B 910 -1.22 69.93 -34.98
C GLY B 910 -2.38 70.76 -35.50
N VAL B 911 -3.55 70.71 -34.86
CA VAL B 911 -4.67 71.60 -35.29
C VAL B 911 -4.30 73.03 -34.91
N THR B 912 -4.60 74.00 -35.78
CA THR B 912 -4.22 75.41 -35.50
C THR B 912 -4.99 75.94 -34.28
N GLN B 913 -4.34 76.74 -33.44
CA GLN B 913 -4.98 77.33 -32.24
C GLN B 913 -6.13 78.24 -32.66
N ASN B 914 -5.99 78.97 -33.77
CA ASN B 914 -7.02 79.95 -34.20
C ASN B 914 -8.35 79.23 -34.43
N VAL B 915 -8.33 78.03 -35.01
CA VAL B 915 -9.59 77.29 -35.32
C VAL B 915 -10.31 77.02 -34.00
N LEU B 916 -9.57 76.66 -32.95
CA LEU B 916 -10.19 76.38 -31.63
C LEU B 916 -10.89 77.64 -31.11
N TYR B 917 -10.24 78.81 -31.23
CA TYR B 917 -10.82 80.07 -30.71
C TYR B 917 -12.10 80.42 -31.50
N GLU B 918 -12.08 80.19 -32.81
CA GLU B 918 -13.28 80.47 -33.66
C GLU B 918 -14.43 79.57 -33.23
N ASN B 919 -14.13 78.31 -32.90
CA ASN B 919 -15.19 77.32 -32.53
C ASN B 919 -15.22 77.11 -31.01
N GLN B 920 -14.66 78.05 -30.23
CA GLN B 920 -14.54 77.83 -28.76
C GLN B 920 -15.92 77.62 -28.13
N LYS B 921 -16.92 78.41 -28.54
CA LYS B 921 -18.29 78.24 -28.00
C LYS B 921 -18.81 76.83 -28.36
N LEU B 922 -18.59 76.40 -29.61
CA LEU B 922 -19.05 75.06 -30.06
C LEU B 922 -18.32 73.99 -29.25
N ILE B 923 -17.01 74.15 -29.05
CA ILE B 923 -16.20 73.12 -28.32
C ILE B 923 -16.71 73.01 -26.88
N ALA B 924 -17.01 74.16 -26.24
CA ALA B 924 -17.48 74.14 -24.85
C ALA B 924 -18.81 73.39 -24.77
N ASN B 925 -19.72 73.65 -25.72
CA ASN B 925 -21.03 72.96 -25.73
C ASN B 925 -20.82 71.46 -25.96
N GLN B 926 -19.92 71.10 -26.89
CA GLN B 926 -19.68 69.67 -27.19
C GLN B 926 -19.11 68.97 -25.96
N PHE B 927 -18.17 69.62 -25.26
CA PHE B 927 -17.53 69.01 -24.07
C PHE B 927 -18.58 68.78 -22.99
N ASN B 928 -19.45 69.78 -22.76
CA ASN B 928 -20.48 69.67 -21.70
C ASN B 928 -21.46 68.55 -22.06
N SER B 929 -21.85 68.47 -23.34
CA SER B 929 -22.79 67.41 -23.79
C SER B 929 -22.14 66.04 -23.62
N ALA B 930 -20.84 65.93 -23.96
CA ALA B 930 -20.13 64.63 -23.87
C ALA B 930 -20.09 64.15 -22.41
N ILE B 931 -19.82 65.07 -21.47
CA ILE B 931 -19.77 64.71 -20.03
C ILE B 931 -21.15 64.20 -19.60
N GLY B 932 -22.22 64.88 -20.04
CA GLY B 932 -23.60 64.44 -19.71
C GLY B 932 -23.88 63.07 -20.30
N LYS B 933 -23.44 62.83 -21.54
CA LYS B 933 -23.67 61.51 -22.21
C LYS B 933 -22.94 60.42 -21.42
N ILE B 934 -21.73 60.71 -20.93
CA ILE B 934 -20.94 59.70 -20.17
C ILE B 934 -21.72 59.32 -18.91
N GLN B 935 -22.28 60.32 -18.22
CA GLN B 935 -23.05 60.04 -16.97
C GLN B 935 -24.27 59.19 -17.32
N ASP B 936 -24.95 59.51 -18.43
CA ASP B 936 -26.15 58.74 -18.85
C ASP B 936 -25.74 57.30 -19.16
N SER B 937 -24.59 57.12 -19.83
CA SER B 937 -24.12 55.76 -20.21
C SER B 937 -23.84 54.93 -18.96
N LEU B 938 -23.19 55.55 -17.95
CA LEU B 938 -22.86 54.81 -16.71
C LEU B 938 -24.15 54.40 -15.99
N SER B 939 -25.13 55.31 -15.92
CA SER B 939 -26.42 54.99 -15.27
C SER B 939 -27.16 53.90 -16.04
N SER B 940 -27.20 54.01 -17.38
CA SER B 940 -27.95 53.02 -18.21
C SER B 940 -27.31 51.63 -18.15
N THR B 941 -25.98 51.54 -18.22
CA THR B 941 -25.33 50.21 -18.28
C THR B 941 -24.33 50.01 -17.13
N ALA B 942 -24.44 48.88 -16.42
CA ALA B 942 -23.46 48.56 -15.35
C ALA B 942 -22.33 47.73 -15.96
N SER B 943 -22.39 47.49 -17.28
CA SER B 943 -21.36 46.68 -17.99
C SER B 943 -19.99 47.36 -17.88
N ALA B 944 -19.94 48.69 -17.95
CA ALA B 944 -18.66 49.43 -17.88
C ALA B 944 -17.98 49.15 -16.53
N LEU B 945 -18.76 49.10 -15.44
CA LEU B 945 -18.20 48.78 -14.10
C LEU B 945 -18.27 47.27 -13.88
N GLY B 946 -18.76 46.52 -14.87
CA GLY B 946 -18.91 45.06 -14.74
C GLY B 946 -17.57 44.37 -14.52
N LYS B 947 -16.52 44.83 -15.21
CA LYS B 947 -15.18 44.21 -15.07
C LYS B 947 -14.68 44.39 -13.63
N LEU B 948 -14.88 45.56 -13.03
CA LEU B 948 -14.50 45.78 -11.60
C LEU B 948 -15.33 44.84 -10.72
N GLN B 949 -16.62 44.74 -11.02
CA GLN B 949 -17.52 43.83 -10.24
C GLN B 949 -17.05 42.39 -10.43
N ASP B 950 -16.63 42.03 -11.65
CA ASP B 950 -16.20 40.64 -11.94
C ASP B 950 -14.97 40.30 -11.09
N VAL B 951 -14.05 41.24 -10.92
CA VAL B 951 -12.83 40.99 -10.07
C VAL B 951 -13.30 40.74 -8.64
N VAL B 952 -14.24 41.53 -8.13
CA VAL B 952 -14.79 41.32 -6.77
C VAL B 952 -15.47 39.95 -6.71
N ASN B 953 -16.21 39.59 -7.76
CA ASN B 953 -16.93 38.29 -7.81
C ASN B 953 -15.91 37.14 -7.77
N GLN B 954 -14.79 37.28 -8.48
CA GLN B 954 -13.74 36.22 -8.51
C GLN B 954 -13.19 36.02 -7.09
N ASN B 955 -12.95 37.10 -6.36
CA ASN B 955 -12.46 37.00 -4.96
C ASN B 955 -13.51 36.28 -4.12
N ALA B 956 -14.79 36.66 -4.30
CA ALA B 956 -15.90 36.05 -3.53
C ALA B 956 -15.99 34.56 -3.89
N GLN B 957 -15.84 34.22 -5.17
CA GLN B 957 -15.95 32.80 -5.62
C GLN B 957 -14.85 31.97 -4.95
N ALA B 958 -13.64 32.53 -4.85
CA ALA B 958 -12.52 31.79 -4.23
C ALA B 958 -12.84 31.51 -2.75
N LEU B 959 -13.40 32.49 -2.04
CA LEU B 959 -13.81 32.29 -0.62
C LEU B 959 -14.93 31.24 -0.57
N ASN B 960 -15.88 31.32 -1.50
CA ASN B 960 -17.01 30.34 -1.54
C ASN B 960 -16.46 28.94 -1.78
N THR B 961 -15.45 28.81 -2.65
CA THR B 961 -14.86 27.50 -2.97
C THR B 961 -14.25 26.89 -1.70
N LEU B 962 -13.60 27.71 -0.87
CA LEU B 962 -13.01 27.22 0.40
C LEU B 962 -14.14 26.71 1.31
N VAL B 963 -15.26 27.43 1.35
CA VAL B 963 -16.43 27.00 2.17
C VAL B 963 -16.94 25.66 1.64
N LYS B 964 -17.00 25.48 0.32
CA LYS B 964 -17.47 24.21 -0.29
C LYS B 964 -16.49 23.08 0.09
N GLN B 965 -15.20 23.38 0.14
CA GLN B 965 -14.18 22.37 0.45
C GLN B 965 -14.39 21.81 1.85
N LEU B 966 -14.71 22.68 2.80
CA LEU B 966 -14.97 22.23 4.20
C LEU B 966 -16.12 21.21 4.18
N SER B 967 -17.15 21.44 3.35
CA SER B 967 -18.27 20.47 3.21
C SER B 967 -17.77 19.14 2.66
N SER B 968 -16.78 19.16 1.77
CA SER B 968 -16.27 17.90 1.14
C SER B 968 -15.65 16.99 2.21
N ASN B 969 -15.98 15.69 2.15
CA ASN B 969 -15.43 14.71 3.14
C ASN B 969 -13.91 14.55 2.98
N PHE B 970 -13.40 14.57 1.74
CA PHE B 970 -11.95 14.34 1.48
C PHE B 970 -11.56 12.93 1.92
N GLY B 971 -12.49 11.97 1.85
CA GLY B 971 -12.21 10.57 2.23
C GLY B 971 -12.37 10.33 3.73
N ALA B 972 -12.67 11.38 4.49
CA ALA B 972 -12.92 11.22 5.95
C ALA B 972 -14.35 10.71 6.16
N ILE B 973 -14.61 10.07 7.30
CA ILE B 973 -15.99 9.57 7.61
C ILE B 973 -16.95 10.75 7.67
N SER B 974 -16.53 11.86 8.28
CA SER B 974 -17.38 13.09 8.32
C SER B 974 -16.58 14.31 7.87
N SER B 975 -17.23 15.22 7.15
CA SER B 975 -16.54 16.47 6.72
C SER B 975 -16.16 17.30 7.94
N VAL B 976 -17.04 17.37 8.94
CA VAL B 976 -16.77 18.21 10.14
C VAL B 976 -15.66 17.55 10.96
N LEU B 977 -14.63 18.33 11.35
CA LEU B 977 -13.53 17.80 12.18
C LEU B 977 -14.09 17.40 13.55
N ASN B 978 -15.00 18.22 14.10
CA ASN B 978 -15.54 17.96 15.46
C ASN B 978 -16.30 16.62 15.49
N ASP B 979 -17.05 16.31 14.42
CA ASP B 979 -17.86 15.07 14.41
C ASP B 979 -16.92 13.86 14.52
N ILE B 980 -15.81 13.88 13.79
CA ILE B 980 -14.82 12.76 13.86
C ILE B 980 -14.24 12.70 15.28
N LEU B 981 -13.90 13.85 15.85
CA LEU B 981 -13.27 13.87 17.21
C LEU B 981 -14.24 13.30 18.24
N SER B 982 -15.51 13.70 18.17
CA SER B 982 -16.52 13.25 19.18
C SER B 982 -16.75 11.74 19.10
N ARG B 983 -16.80 11.17 17.90
CA ARG B 983 -17.14 9.72 17.77
C ARG B 983 -15.92 8.81 17.80
N LEU B 984 -14.70 9.36 17.69
CA LEU B 984 -13.52 8.45 17.58
C LEU B 984 -12.43 8.80 18.60
N ASP B 985 -11.58 7.85 18.93
CA ASP B 985 -10.49 8.08 19.86
C ASP B 985 -9.52 9.03 19.15
N PRO B 986 -8.69 9.75 19.93
CA PRO B 986 -7.80 10.72 19.29
C PRO B 986 -6.86 10.09 18.28
N PRO B 987 -6.28 8.92 18.60
CA PRO B 987 -5.40 8.33 17.60
C PRO B 987 -6.16 7.98 16.32
N GLU B 988 -7.34 7.38 16.48
CA GLU B 988 -8.19 7.00 15.37
C GLU B 988 -8.71 8.21 14.59
N ALA B 989 -9.10 9.24 15.34
CA ALA B 989 -9.64 10.50 14.78
C ALA B 989 -8.57 11.17 13.93
N GLU B 990 -7.31 11.11 14.38
CA GLU B 990 -6.21 11.80 13.66
C GLU B 990 -6.09 11.24 12.24
N VAL B 991 -6.25 9.92 12.06
CA VAL B 991 -6.10 9.33 10.70
C VAL B 991 -7.16 9.93 9.78
N GLN B 992 -8.41 10.02 10.26
CA GLN B 992 -9.49 10.66 9.46
C GLN B 992 -9.18 12.15 9.29
N ILE B 993 -8.62 12.79 10.33
CA ILE B 993 -8.23 14.24 10.22
C ILE B 993 -7.15 14.37 9.14
N ASP B 994 -6.18 13.45 9.13
CA ASP B 994 -5.05 13.53 8.15
C ASP B 994 -5.63 13.61 6.74
N ARG B 995 -6.70 12.86 6.48
CA ARG B 995 -7.29 12.85 5.10
C ARG B 995 -7.94 14.21 4.85
N LEU B 996 -8.67 14.75 5.83
CA LEU B 996 -9.27 16.09 5.68
C LEU B 996 -8.17 17.13 5.51
N ILE B 997 -7.09 17.02 6.29
CA ILE B 997 -5.99 18.05 6.24
C ILE B 997 -5.39 18.05 4.83
N THR B 998 -5.17 16.86 4.25
CA THR B 998 -4.51 16.79 2.92
C THR B 998 -5.40 17.51 1.90
N GLY B 999 -6.71 17.24 1.93
CA GLY B 999 -7.65 17.93 1.02
C GLY B 999 -7.71 19.42 1.28
N ARG B 1000 -7.78 19.82 2.56
CA ARG B 1000 -7.86 21.25 2.94
C ARG B 1000 -6.58 21.97 2.53
N LEU B 1001 -5.41 21.36 2.76
CA LEU B 1001 -4.11 21.97 2.38
C LEU B 1001 -4.07 22.12 0.86
N GLN B 1002 -4.53 21.10 0.12
CA GLN B 1002 -4.54 21.14 -1.36
C GLN B 1002 -5.46 22.27 -1.80
N SER B 1003 -6.62 22.42 -1.14
CA SER B 1003 -7.59 23.50 -1.48
C SER B 1003 -6.95 24.86 -1.20
N LEU B 1004 -6.25 25.00 -0.08
CA LEU B 1004 -5.60 26.29 0.27
C LEU B 1004 -4.52 26.61 -0.77
N GLN B 1005 -3.74 25.61 -1.18
CA GLN B 1005 -2.67 25.83 -2.18
C GLN B 1005 -3.29 26.28 -3.51
N THR B 1006 -4.39 25.63 -3.91
CA THR B 1006 -5.09 26.01 -5.17
C THR B 1006 -5.63 27.44 -5.02
N TYR B 1007 -6.21 27.75 -3.87
CA TYR B 1007 -6.80 29.10 -3.62
C TYR B 1007 -5.68 30.15 -3.67
N VAL B 1008 -4.54 29.85 -3.03
CA VAL B 1008 -3.40 30.82 -3.00
C VAL B 1008 -2.90 31.02 -4.44
N THR B 1009 -2.80 29.93 -5.21
CA THR B 1009 -2.30 30.02 -6.61
C THR B 1009 -3.26 30.89 -7.43
N GLN B 1010 -4.56 30.69 -7.28
CA GLN B 1010 -5.56 31.47 -8.06
C GLN B 1010 -5.44 32.95 -7.66
N GLN B 1011 -5.30 33.21 -6.36
CA GLN B 1011 -5.19 34.62 -5.87
C GLN B 1011 -3.90 35.25 -6.42
N LEU B 1012 -2.79 34.50 -6.43
CA LEU B 1012 -1.49 35.02 -6.93
C LEU B 1012 -1.61 35.36 -8.42
N ILE B 1013 -2.23 34.46 -9.20
CA ILE B 1013 -2.41 34.70 -10.67
C ILE B 1013 -3.32 35.91 -10.87
N ARG B 1014 -4.39 36.02 -10.08
CA ARG B 1014 -5.31 37.18 -10.16
C ARG B 1014 -4.54 38.45 -9.78
N ALA B 1015 -3.70 38.36 -8.74
CA ALA B 1015 -2.92 39.53 -8.29
C ALA B 1015 -1.96 39.98 -9.39
N ALA B 1016 -1.33 39.02 -10.08
CA ALA B 1016 -0.40 39.35 -11.18
C ALA B 1016 -1.17 40.06 -12.30
N GLU B 1017 -2.36 39.57 -12.65
CA GLU B 1017 -3.20 40.23 -13.70
C GLU B 1017 -3.58 41.62 -13.21
N ILE B 1018 -3.96 41.73 -11.93
CA ILE B 1018 -4.36 43.05 -11.34
C ILE B 1018 -3.16 43.99 -11.36
N ARG B 1019 -1.96 43.48 -11.04
CA ARG B 1019 -0.74 44.33 -11.01
C ARG B 1019 -0.46 44.85 -12.43
N ALA B 1020 -0.62 43.99 -13.44
CA ALA B 1020 -0.41 44.42 -14.85
C ALA B 1020 -1.42 45.52 -15.19
N SER B 1021 -2.68 45.35 -14.77
CA SER B 1021 -3.72 46.38 -15.01
C SER B 1021 -3.35 47.67 -14.28
N ALA B 1022 -2.85 47.56 -13.05
CA ALA B 1022 -2.45 48.75 -12.26
C ALA B 1022 -1.28 49.45 -12.95
N ASN B 1023 -0.32 48.68 -13.47
CA ASN B 1023 0.85 49.29 -14.18
C ASN B 1023 0.34 50.03 -15.43
N LEU B 1024 -0.60 49.43 -16.16
CA LEU B 1024 -1.18 50.08 -17.35
C LEU B 1024 -1.93 51.35 -16.91
N ALA B 1025 -2.67 51.28 -15.80
CA ALA B 1025 -3.42 52.44 -15.28
C ALA B 1025 -2.45 53.55 -14.89
N ALA B 1026 -1.34 53.19 -14.23
CA ALA B 1026 -0.32 54.20 -13.84
C ALA B 1026 0.27 54.83 -15.09
N THR B 1027 0.55 54.02 -16.11
CA THR B 1027 1.11 54.55 -17.39
C THR B 1027 0.10 55.51 -18.02
N LYS B 1028 -1.19 55.11 -18.03
CA LYS B 1028 -2.25 55.98 -18.62
C LYS B 1028 -2.33 57.28 -17.83
N MET B 1029 -2.30 57.22 -16.50
CA MET B 1029 -2.44 58.44 -15.68
C MET B 1029 -1.25 59.37 -15.96
N SER B 1030 -0.04 58.80 -16.02
CA SER B 1030 1.18 59.61 -16.26
C SER B 1030 1.19 60.23 -17.66
N GLU B 1031 0.78 59.47 -18.68
CA GLU B 1031 0.90 59.98 -20.07
C GLU B 1031 -0.43 60.50 -20.63
N CYS B 1032 -1.52 60.44 -19.86
CA CYS B 1032 -2.79 61.05 -20.37
C CYS B 1032 -3.30 62.14 -19.42
N VAL B 1033 -3.60 61.78 -18.17
CA VAL B 1033 -4.16 62.78 -17.21
C VAL B 1033 -3.09 63.85 -16.94
N LEU B 1034 -1.85 63.43 -16.66
CA LEU B 1034 -0.76 64.38 -16.33
C LEU B 1034 -0.35 65.20 -17.55
N GLY B 1035 -0.25 64.57 -18.73
CA GLY B 1035 0.21 65.27 -19.94
C GLY B 1035 -0.44 64.72 -21.20
N GLN B 1036 -0.45 65.50 -22.29
CA GLN B 1036 -1.06 65.05 -23.57
C GLN B 1036 -0.28 63.84 -24.12
N SER B 1037 -0.99 62.89 -24.74
CA SER B 1037 -0.34 61.67 -25.29
C SER B 1037 -0.32 61.72 -26.81
N LYS B 1038 0.86 61.55 -27.42
CA LYS B 1038 0.96 61.51 -28.90
C LYS B 1038 0.75 60.07 -29.40
N ARG B 1039 0.70 59.11 -28.48
CA ARG B 1039 0.46 57.69 -28.87
C ARG B 1039 -0.94 57.57 -29.48
N VAL B 1040 -1.09 56.74 -30.52
CA VAL B 1040 -2.41 56.67 -31.23
C VAL B 1040 -3.33 55.66 -30.53
N ASP B 1041 -4.52 56.12 -30.10
CA ASP B 1041 -5.52 55.23 -29.47
C ASP B 1041 -5.05 54.78 -28.08
N PHE B 1042 -4.04 55.44 -27.53
CA PHE B 1042 -3.58 55.12 -26.15
C PHE B 1042 -4.72 55.45 -25.17
N CYS B 1043 -5.40 56.57 -25.39
CA CYS B 1043 -6.51 56.99 -24.49
C CYS B 1043 -7.74 57.33 -25.33
N GLY B 1044 -8.43 56.32 -25.87
CA GLY B 1044 -9.68 56.55 -26.62
C GLY B 1044 -9.46 56.71 -28.11
N LYS B 1045 -10.51 56.48 -28.92
CA LYS B 1045 -10.42 56.66 -30.39
C LYS B 1045 -10.33 58.15 -30.70
N GLY B 1046 -9.64 58.52 -31.78
CA GLY B 1046 -9.44 59.96 -32.10
C GLY B 1046 -8.19 60.50 -31.45
N TYR B 1047 -7.96 61.81 -31.57
CA TYR B 1047 -6.70 62.40 -31.04
C TYR B 1047 -6.92 62.82 -29.59
N HIS B 1048 -6.25 62.13 -28.64
CA HIS B 1048 -6.43 62.43 -27.20
C HIS B 1048 -5.90 63.83 -26.89
N LEU B 1049 -6.66 64.62 -26.11
CA LEU B 1049 -6.18 65.97 -25.70
C LEU B 1049 -5.79 65.93 -24.22
N MET B 1050 -6.71 65.45 -23.36
CA MET B 1050 -6.45 65.40 -21.90
C MET B 1050 -7.35 64.31 -21.28
N SER B 1051 -7.01 63.85 -20.09
CA SER B 1051 -7.83 62.80 -19.40
C SER B 1051 -8.19 63.25 -17.99
N PHE B 1052 -9.37 62.81 -17.50
CA PHE B 1052 -9.82 63.18 -16.13
C PHE B 1052 -9.97 61.91 -15.28
N PRO B 1053 -9.32 61.81 -14.11
CA PRO B 1053 -9.44 60.63 -13.25
C PRO B 1053 -10.70 60.63 -12.38
N GLN B 1054 -11.41 59.50 -12.36
CA GLN B 1054 -12.64 59.37 -11.51
C GLN B 1054 -12.45 58.19 -10.56
N SER B 1055 -12.71 58.40 -9.26
CA SER B 1055 -12.54 57.32 -8.25
C SER B 1055 -13.56 56.22 -8.47
N ALA B 1056 -13.15 54.95 -8.37
CA ALA B 1056 -14.06 53.80 -8.53
C ALA B 1056 -13.67 52.74 -7.49
N PRO B 1057 -14.55 51.81 -7.06
CA PRO B 1057 -14.16 50.86 -6.01
C PRO B 1057 -13.15 49.86 -6.58
N HIS B 1058 -11.94 49.81 -5.99
CA HIS B 1058 -10.87 48.88 -6.48
C HIS B 1058 -10.62 49.12 -7.97
N GLY B 1059 -10.71 50.37 -8.42
CA GLY B 1059 -10.56 50.65 -9.87
C GLY B 1059 -10.29 52.12 -10.15
N VAL B 1060 -9.85 52.44 -11.37
CA VAL B 1060 -9.65 53.86 -11.78
C VAL B 1060 -10.40 54.09 -13.10
N VAL B 1061 -11.03 55.27 -13.25
CA VAL B 1061 -11.78 55.59 -14.49
C VAL B 1061 -11.13 56.81 -15.15
N PHE B 1062 -10.84 56.74 -16.45
CA PHE B 1062 -10.24 57.89 -17.16
C PHE B 1062 -11.24 58.42 -18.21
N LEU B 1063 -11.51 59.72 -18.20
CA LEU B 1063 -12.38 60.31 -19.25
C LEU B 1063 -11.47 61.11 -20.19
N HIS B 1064 -11.30 60.71 -21.44
CA HIS B 1064 -10.40 61.45 -22.30
C HIS B 1064 -11.08 62.24 -23.40
N VAL B 1065 -10.82 63.55 -23.43
CA VAL B 1065 -11.39 64.41 -24.51
C VAL B 1065 -10.65 64.06 -25.80
N THR B 1066 -11.37 63.88 -26.90
CA THR B 1066 -10.71 63.43 -28.16
C THR B 1066 -11.15 64.30 -29.34
N TYR B 1067 -10.30 64.39 -30.37
CA TYR B 1067 -10.63 65.18 -31.59
C TYR B 1067 -11.09 64.21 -32.68
N VAL B 1068 -12.35 64.33 -33.11
CA VAL B 1068 -12.89 63.44 -34.18
C VAL B 1068 -13.46 64.32 -35.30
N PRO B 1069 -13.11 64.09 -36.59
CA PRO B 1069 -13.72 64.86 -37.68
C PRO B 1069 -15.23 64.60 -37.76
N ALA B 1070 -16.03 65.66 -37.92
CA ALA B 1070 -17.50 65.51 -38.03
C ALA B 1070 -17.93 65.51 -39.50
N GLN B 1071 -17.42 66.48 -40.29
CA GLN B 1071 -17.79 66.58 -41.73
C GLN B 1071 -16.51 66.59 -42.56
N GLU B 1072 -16.45 65.78 -43.62
CA GLU B 1072 -15.23 65.70 -44.47
C GLU B 1072 -15.60 65.94 -45.94
N LYS B 1073 -14.76 66.66 -46.67
CA LYS B 1073 -15.03 66.96 -48.11
C LYS B 1073 -13.80 66.60 -48.94
N ASN B 1074 -13.98 66.33 -50.25
CA ASN B 1074 -12.86 65.90 -51.11
C ASN B 1074 -12.38 67.07 -51.96
N PHE B 1075 -11.06 67.32 -52.00
CA PHE B 1075 -10.51 68.45 -52.78
C PHE B 1075 -9.38 67.94 -53.68
N THR B 1076 -9.22 68.54 -54.86
CA THR B 1076 -8.09 68.16 -55.75
C THR B 1076 -6.78 68.54 -55.05
N THR B 1077 -5.74 67.70 -55.14
CA THR B 1077 -4.51 67.98 -54.36
C THR B 1077 -3.25 67.89 -55.24
N ALA B 1078 -2.23 68.67 -54.93
CA ALA B 1078 -0.94 68.60 -55.67
C ALA B 1078 0.20 68.38 -54.68
N PRO B 1079 1.15 67.45 -54.94
CA PRO B 1079 2.31 67.29 -54.06
C PRO B 1079 3.13 68.59 -54.04
N ALA B 1080 3.31 69.22 -55.22
CA ALA B 1080 4.05 70.49 -55.30
C ALA B 1080 3.41 71.38 -56.38
N ILE B 1081 3.63 72.69 -56.30
CA ILE B 1081 3.05 73.65 -57.30
C ILE B 1081 4.17 74.53 -57.87
N CYS B 1082 4.22 74.72 -59.19
CA CYS B 1082 5.33 75.49 -59.80
C CYS B 1082 4.86 76.93 -60.09
N HIS B 1083 5.27 77.89 -59.27
CA HIS B 1083 4.93 79.32 -59.55
C HIS B 1083 5.65 79.80 -60.81
N ASP B 1084 6.95 79.51 -60.93
CA ASP B 1084 7.76 79.96 -62.11
C ASP B 1084 8.54 78.77 -62.66
N GLY B 1085 7.97 77.56 -62.61
CA GLY B 1085 8.74 76.37 -63.02
C GLY B 1085 9.59 75.86 -61.87
N LYS B 1086 9.40 76.40 -60.67
CA LYS B 1086 10.15 75.93 -59.47
C LYS B 1086 9.16 75.24 -58.52
N ALA B 1087 9.47 74.02 -58.09
CA ALA B 1087 8.52 73.27 -57.23
C ALA B 1087 8.35 73.96 -55.87
N HIS B 1088 7.12 74.07 -55.38
CA HIS B 1088 6.86 74.66 -54.04
C HIS B 1088 6.23 73.61 -53.14
N PHE B 1089 6.77 73.41 -51.94
CA PHE B 1089 6.17 72.45 -50.98
C PHE B 1089 5.71 73.24 -49.75
N PRO B 1090 4.46 73.07 -49.26
CA PRO B 1090 3.98 73.88 -48.14
C PRO B 1090 4.78 73.60 -46.87
N ARG B 1091 5.19 74.66 -46.16
CA ARG B 1091 5.89 74.47 -44.86
C ARG B 1091 4.90 73.82 -43.89
N GLU B 1092 3.65 74.28 -43.88
CA GLU B 1092 2.60 73.67 -43.01
C GLU B 1092 1.38 73.33 -43.88
N GLY B 1093 0.82 72.14 -43.72
CA GLY B 1093 -0.40 71.76 -44.46
C GLY B 1093 -0.11 71.25 -45.86
N VAL B 1094 -1.16 71.04 -46.66
CA VAL B 1094 -0.99 70.52 -48.06
C VAL B 1094 -1.88 71.31 -49.03
N PHE B 1095 -1.54 71.32 -50.31
CA PHE B 1095 -2.33 72.07 -51.32
C PHE B 1095 -3.71 71.44 -51.51
N VAL B 1096 -4.76 72.26 -51.64
CA VAL B 1096 -6.14 71.75 -51.90
C VAL B 1096 -6.76 72.65 -52.98
N SER B 1097 -7.69 72.13 -53.78
CA SER B 1097 -8.30 72.95 -54.83
C SER B 1097 -9.80 72.73 -54.98
N ASN B 1098 -10.60 73.77 -54.80
CA ASN B 1098 -12.05 73.61 -54.93
C ASN B 1098 -12.48 73.32 -56.37
N GLY B 1099 -11.75 73.87 -57.33
CA GLY B 1099 -12.04 73.62 -58.73
C GLY B 1099 -11.97 74.93 -59.48
N THR B 1100 -11.59 75.98 -58.76
CA THR B 1100 -11.49 77.29 -59.33
C THR B 1100 -10.18 77.94 -58.90
N HIS B 1101 -9.77 77.63 -57.67
CA HIS B 1101 -8.56 78.28 -57.05
C HIS B 1101 -7.74 77.24 -56.29
N TRP B 1102 -6.47 77.54 -56.01
CA TRP B 1102 -5.61 76.63 -55.21
C TRP B 1102 -5.36 77.23 -53.83
N PHE B 1103 -5.51 76.44 -52.77
CA PHE B 1103 -5.34 76.95 -51.38
C PHE B 1103 -4.41 76.01 -50.60
N VAL B 1104 -3.79 76.49 -49.53
CA VAL B 1104 -2.97 75.60 -48.66
C VAL B 1104 -3.63 75.53 -47.28
N THR B 1105 -3.89 74.32 -46.78
CA THR B 1105 -4.59 74.17 -45.47
C THR B 1105 -4.00 73.00 -44.67
N GLN B 1106 -4.15 73.03 -43.34
CA GLN B 1106 -3.67 71.91 -42.49
C GLN B 1106 -4.47 70.65 -42.79
N ARG B 1107 -3.84 69.48 -42.68
CA ARG B 1107 -4.52 68.18 -42.95
C ARG B 1107 -5.66 67.97 -41.95
N ASN B 1108 -5.45 68.32 -40.68
CA ASN B 1108 -6.47 68.03 -39.62
C ASN B 1108 -7.79 68.76 -39.86
N PHE B 1109 -7.76 70.03 -40.28
CA PHE B 1109 -9.01 70.81 -40.44
C PHE B 1109 -8.93 71.66 -41.71
N TYR B 1110 -10.07 71.94 -42.34
CA TYR B 1110 -10.04 72.69 -43.63
C TYR B 1110 -10.07 74.20 -43.36
N GLU B 1111 -8.94 74.87 -43.57
CA GLU B 1111 -8.85 76.35 -43.39
C GLU B 1111 -8.19 76.89 -44.67
N PRO B 1112 -8.92 77.11 -45.78
CA PRO B 1112 -8.28 77.52 -47.03
C PRO B 1112 -7.54 78.86 -46.91
N GLN B 1113 -6.31 78.91 -47.42
CA GLN B 1113 -5.50 80.17 -47.38
C GLN B 1113 -4.90 80.40 -48.76
N ILE B 1114 -4.81 81.66 -49.20
CA ILE B 1114 -4.16 81.95 -50.51
C ILE B 1114 -2.70 81.51 -50.40
N ILE B 1115 -2.18 80.82 -51.41
CA ILE B 1115 -0.77 80.32 -51.36
C ILE B 1115 0.17 81.52 -51.40
N THR B 1116 1.20 81.53 -50.55
CA THR B 1116 2.20 82.63 -50.56
C THR B 1116 3.61 82.03 -50.55
N THR B 1117 4.61 82.81 -50.98
CA THR B 1117 6.01 82.32 -50.95
C THR B 1117 6.41 82.04 -49.50
N ASP B 1118 5.96 82.87 -48.56
CA ASP B 1118 6.24 82.62 -47.12
C ASP B 1118 5.60 81.30 -46.70
N ASN B 1119 4.37 81.03 -47.16
CA ASN B 1119 3.65 79.77 -46.80
C ASN B 1119 4.37 78.53 -47.34
N THR B 1120 4.88 78.58 -48.57
CA THR B 1120 5.47 77.36 -49.18
C THR B 1120 6.96 77.54 -49.48
N PHE B 1121 7.81 76.65 -48.95
CA PHE B 1121 9.26 76.70 -49.26
C PHE B 1121 9.49 76.21 -50.69
N VAL B 1122 10.57 76.69 -51.33
CA VAL B 1122 10.88 76.25 -52.72
C VAL B 1122 12.06 75.27 -52.67
N SER B 1123 11.86 74.04 -53.14
CA SER B 1123 12.97 73.05 -53.18
C SER B 1123 12.89 72.20 -54.45
N GLY B 1124 14.03 71.83 -55.03
CA GLY B 1124 14.03 70.92 -56.21
C GLY B 1124 13.48 71.58 -57.46
N ASN B 1125 13.06 70.78 -58.43
CA ASN B 1125 12.46 71.32 -59.68
C ASN B 1125 11.22 70.49 -60.04
N CYS B 1126 10.33 71.03 -60.87
CA CYS B 1126 9.05 70.33 -61.19
C CYS B 1126 9.30 68.99 -61.88
N ASP B 1127 10.28 68.90 -62.77
CA ASP B 1127 10.47 67.64 -63.55
C ASP B 1127 10.76 66.47 -62.60
N VAL B 1128 11.58 66.68 -61.58
CA VAL B 1128 11.94 65.58 -60.63
C VAL B 1128 10.69 65.12 -59.87
N VAL B 1129 9.85 66.06 -59.44
CA VAL B 1129 8.63 65.71 -58.65
C VAL B 1129 7.64 64.95 -59.53
N ILE B 1130 6.89 64.00 -58.97
CA ILE B 1130 5.94 63.16 -59.76
C ILE B 1130 4.51 63.57 -59.39
N GLY B 1131 3.65 63.80 -60.39
CA GLY B 1131 2.25 64.20 -60.13
C GLY B 1131 2.15 65.69 -59.86
N ILE B 1132 3.24 66.42 -60.06
CA ILE B 1132 3.27 67.89 -59.77
C ILE B 1132 2.37 68.65 -60.75
N VAL B 1133 1.75 69.74 -60.32
CA VAL B 1133 0.89 70.55 -61.17
C VAL B 1133 1.48 71.95 -61.25
N ASN B 1134 0.92 72.78 -62.13
CA ASN B 1134 1.39 74.15 -62.29
C ASN B 1134 0.35 75.18 -61.86
N ASN B 1135 0.76 76.11 -61.00
CA ASN B 1135 -0.14 77.15 -60.52
C ASN B 1135 0.64 78.34 -59.96
N THR B 1136 0.18 79.54 -60.29
CA THR B 1136 0.84 80.79 -59.82
C THR B 1136 0.78 80.86 -58.30
N VAL B 1137 1.87 81.32 -57.66
CA VAL B 1137 1.88 81.48 -56.17
C VAL B 1137 2.01 82.98 -55.86
N TYR B 1138 1.11 83.51 -55.03
CA TYR B 1138 1.13 84.96 -54.68
C TYR B 1138 2.41 85.28 -53.91
N ASP B 1139 3.01 86.44 -54.17
CA ASP B 1139 4.22 86.86 -53.41
C ASP B 1139 3.82 88.03 -52.50
N PRO B 1140 3.98 87.92 -51.16
CA PRO B 1140 3.69 89.03 -50.24
C PRO B 1140 4.62 90.23 -50.49
N LEU B 1141 5.87 89.96 -50.85
CA LEU B 1141 6.89 90.98 -51.11
C LEU B 1141 6.61 91.93 -52.27
N GLN B 1142 6.03 91.41 -53.35
CA GLN B 1142 5.77 92.22 -54.55
C GLN B 1142 4.85 93.42 -54.35
N PRO B 1143 3.76 93.25 -53.58
CA PRO B 1143 2.86 94.38 -53.36
C PRO B 1143 3.58 95.51 -52.63
N GLU B 1144 4.41 95.12 -51.65
CA GLU B 1144 5.20 96.07 -50.83
C GLU B 1144 6.29 96.71 -51.69
N LEU B 1145 6.92 95.92 -52.56
CA LEU B 1145 7.96 96.47 -53.48
C LEU B 1145 7.31 97.48 -54.42
N ASP B 1146 6.12 97.19 -54.92
CA ASP B 1146 5.40 98.13 -55.82
C ASP B 1146 5.08 99.41 -55.05
N SER B 1147 4.68 99.28 -53.79
CA SER B 1147 4.37 100.47 -52.94
C SER B 1147 5.67 101.12 -52.47
N GLN C 14 25.91 -44.17 -31.93
CA GLN C 14 25.35 -42.84 -31.62
C GLN C 14 26.31 -42.10 -30.67
N CYS C 15 25.99 -40.84 -30.34
CA CYS C 15 26.82 -40.04 -29.39
C CYS C 15 28.28 -39.96 -29.86
N VAL C 16 28.50 -39.81 -31.17
CA VAL C 16 29.90 -39.63 -31.68
C VAL C 16 30.44 -38.30 -31.14
N ASN C 17 31.70 -38.28 -30.70
CA ASN C 17 32.27 -37.04 -30.10
C ASN C 17 33.57 -36.66 -30.83
N LEU C 18 33.70 -35.39 -31.23
CA LEU C 18 34.97 -34.93 -31.87
C LEU C 18 35.57 -33.81 -31.01
N THR C 19 36.80 -33.99 -30.51
CA THR C 19 37.47 -32.92 -29.73
C THR C 19 38.64 -32.36 -30.55
N THR C 20 39.07 -33.08 -31.59
CA THR C 20 40.22 -32.65 -32.43
C THR C 20 41.46 -32.40 -31.55
N ARG C 21 42.15 -31.28 -31.76
CA ARG C 21 43.39 -30.98 -30.99
C ARG C 21 43.19 -29.69 -30.18
N THR C 22 43.07 -28.55 -30.86
CA THR C 22 42.97 -27.25 -30.14
C THR C 22 41.64 -26.56 -30.48
N GLN C 23 40.92 -26.08 -29.47
CA GLN C 23 39.65 -25.33 -29.71
C GLN C 23 39.99 -24.02 -30.45
N LEU C 24 41.11 -23.37 -30.11
CA LEU C 24 41.59 -22.12 -30.78
C LEU C 24 40.93 -20.90 -30.15
N PRO C 25 41.54 -19.69 -30.21
CA PRO C 25 40.90 -18.48 -29.68
C PRO C 25 39.65 -18.11 -30.51
N PRO C 26 38.54 -17.68 -29.87
CA PRO C 26 37.35 -17.25 -30.61
C PRO C 26 37.64 -15.97 -31.41
N ALA C 27 37.14 -15.90 -32.65
CA ALA C 27 37.32 -14.67 -33.47
C ALA C 27 36.39 -13.57 -32.92
N TYR C 28 36.72 -12.31 -33.17
CA TYR C 28 35.89 -11.18 -32.64
C TYR C 28 35.51 -10.23 -33.77
N THR C 29 34.30 -9.67 -33.72
CA THR C 29 33.81 -8.74 -34.78
C THR C 29 32.93 -7.66 -34.14
N ASN C 30 32.80 -6.51 -34.80
CA ASN C 30 31.93 -5.43 -34.27
C ASN C 30 30.73 -5.24 -35.20
N SER C 31 29.51 -5.24 -34.63
CA SER C 31 28.31 -4.97 -35.46
C SER C 31 27.80 -3.55 -35.17
N PHE C 32 27.79 -2.69 -36.18
CA PHE C 32 27.35 -1.28 -35.98
C PHE C 32 25.86 -1.25 -35.60
N THR C 33 25.03 -2.02 -36.30
CA THR C 33 23.58 -2.10 -35.98
C THR C 33 23.19 -3.58 -35.92
N ARG C 34 22.60 -4.04 -34.80
CA ARG C 34 22.28 -5.49 -34.67
C ARG C 34 21.20 -5.70 -33.61
N GLY C 35 20.57 -6.89 -33.61
CA GLY C 35 19.55 -7.23 -32.59
C GLY C 35 18.39 -6.24 -32.55
N VAL C 36 17.90 -5.82 -33.73
CA VAL C 36 16.73 -4.90 -33.78
C VAL C 36 15.48 -5.75 -34.02
N TYR C 37 14.50 -5.67 -33.10
CA TYR C 37 13.25 -6.45 -33.23
C TYR C 37 12.08 -5.61 -32.69
N TYR C 38 10.84 -6.02 -32.97
CA TYR C 38 9.65 -5.28 -32.48
C TYR C 38 9.32 -5.76 -31.05
N PRO C 39 9.55 -4.95 -30.00
CA PRO C 39 9.20 -5.32 -28.63
C PRO C 39 7.69 -5.44 -28.41
N ASP C 40 6.91 -4.53 -29.01
CA ASP C 40 5.44 -4.50 -28.76
C ASP C 40 4.67 -5.03 -29.97
N LYS C 41 3.71 -5.92 -29.74
CA LYS C 41 2.87 -6.49 -30.83
C LYS C 41 2.03 -5.39 -31.49
N VAL C 42 1.58 -4.40 -30.70
CA VAL C 42 0.67 -3.34 -31.25
C VAL C 42 1.35 -2.67 -32.45
N PHE C 43 0.62 -2.49 -33.55
CA PHE C 43 1.20 -1.91 -34.78
C PHE C 43 1.35 -0.39 -34.62
N ARG C 44 2.53 0.14 -34.98
CA ARG C 44 2.74 1.62 -34.93
C ARG C 44 3.25 2.08 -36.29
N SER C 45 2.68 3.16 -36.84
CA SER C 45 3.10 3.68 -38.16
C SER C 45 3.50 5.15 -38.08
N SER C 46 4.66 5.53 -38.62
CA SER C 46 5.11 6.96 -38.66
C SER C 46 5.10 7.59 -37.26
N VAL C 47 5.54 6.86 -36.24
CA VAL C 47 5.59 7.40 -34.84
C VAL C 47 6.92 6.99 -34.19
N LEU C 48 7.33 7.71 -33.14
CA LEU C 48 8.58 7.35 -32.41
C LEU C 48 8.20 6.82 -31.03
N HIS C 49 8.70 5.64 -30.67
CA HIS C 49 8.32 5.02 -29.36
C HIS C 49 9.57 4.53 -28.63
N SER C 50 9.56 4.53 -27.29
CA SER C 50 10.70 4.02 -26.50
C SER C 50 10.25 2.84 -25.64
N THR C 51 10.97 1.72 -25.71
CA THR C 51 10.63 0.53 -24.87
C THR C 51 11.92 -0.05 -24.26
N GLN C 52 11.83 -0.61 -23.05
CA GLN C 52 13.03 -1.27 -22.45
C GLN C 52 12.83 -2.79 -22.54
N ASP C 53 13.77 -3.48 -23.21
CA ASP C 53 13.65 -4.96 -23.41
C ASP C 53 15.05 -5.52 -23.66
N LEU C 54 15.22 -6.84 -23.62
CA LEU C 54 16.55 -7.41 -23.96
C LEU C 54 16.86 -7.01 -25.40
N PHE C 55 18.05 -6.45 -25.66
CA PHE C 55 18.42 -6.01 -27.03
C PHE C 55 19.93 -6.16 -27.19
N LEU C 56 20.41 -6.32 -28.43
CA LEU C 56 21.88 -6.37 -28.64
C LEU C 56 22.39 -4.94 -28.74
N PRO C 57 23.31 -4.48 -27.86
CA PRO C 57 23.77 -3.09 -27.87
C PRO C 57 24.47 -2.73 -29.19
N PHE C 58 24.23 -1.53 -29.70
CA PHE C 58 24.83 -1.09 -30.98
C PHE C 58 26.33 -0.84 -30.80
N PHE C 59 27.12 -1.04 -31.87
CA PHE C 59 28.58 -0.77 -31.82
C PHE C 59 29.22 -1.52 -30.66
N SER C 60 28.85 -2.79 -30.48
CA SER C 60 29.40 -3.61 -29.36
C SER C 60 30.06 -4.87 -29.93
N ASN C 61 31.17 -5.32 -29.32
CA ASN C 61 31.91 -6.50 -29.84
C ASN C 61 30.99 -7.73 -29.80
N VAL C 62 30.97 -8.51 -30.88
CA VAL C 62 30.15 -9.75 -30.93
C VAL C 62 31.11 -10.93 -31.13
N THR C 63 31.04 -11.94 -30.26
CA THR C 63 31.99 -13.08 -30.34
C THR C 63 31.67 -13.92 -31.60
N TRP C 64 32.71 -14.37 -32.31
CA TRP C 64 32.52 -15.19 -33.52
C TRP C 64 33.11 -16.58 -33.25
N PHE C 65 32.32 -17.63 -33.46
CA PHE C 65 32.79 -19.02 -33.21
C PHE C 65 32.69 -19.82 -34.51
N HIS C 66 33.76 -20.54 -34.87
CA HIS C 66 33.67 -21.40 -36.07
C HIS C 66 33.26 -22.81 -35.60
N ALA C 67 32.09 -23.28 -36.00
CA ALA C 67 31.65 -24.65 -35.63
C ALA C 67 32.63 -25.65 -36.25
N ILE C 68 32.99 -25.44 -37.52
CA ILE C 68 34.02 -26.30 -38.17
C ILE C 68 35.10 -25.36 -38.69
N HIS C 69 36.36 -25.60 -38.31
CA HIS C 69 37.47 -24.70 -38.73
C HIS C 69 38.43 -25.48 -39.64
N VAL C 70 38.75 -24.91 -40.80
CA VAL C 70 39.70 -25.59 -41.74
C VAL C 70 41.00 -24.79 -41.79
N SER C 71 42.13 -25.45 -41.51
CA SER C 71 43.47 -24.80 -41.60
C SER C 71 43.88 -24.72 -43.08
N GLY C 72 44.94 -23.97 -43.41
CA GLY C 72 45.33 -23.82 -44.82
C GLY C 72 46.09 -25.05 -45.29
N THR C 73 45.46 -26.21 -45.21
CA THR C 73 46.08 -27.49 -45.64
C THR C 73 44.93 -28.47 -45.89
N ASN C 74 45.19 -29.59 -46.56
CA ASN C 74 44.10 -30.56 -46.89
C ASN C 74 43.49 -31.09 -45.59
N GLY C 75 42.16 -31.22 -45.53
CA GLY C 75 41.48 -31.73 -44.33
C GLY C 75 41.71 -30.86 -43.11
N THR C 76 42.16 -31.46 -41.99
CA THR C 76 42.41 -30.71 -40.73
C THR C 76 41.13 -29.97 -40.27
N LYS C 77 39.97 -30.62 -40.41
CA LYS C 77 38.71 -30.00 -39.92
C LYS C 77 38.75 -29.98 -38.38
N ARG C 78 38.28 -28.89 -37.76
CA ARG C 78 38.36 -28.76 -36.29
C ARG C 78 36.96 -28.56 -35.69
N PHE C 79 36.61 -29.31 -34.65
CA PHE C 79 35.31 -29.10 -33.97
C PHE C 79 35.55 -27.99 -32.93
N ASP C 80 35.25 -26.74 -33.28
CA ASP C 80 35.58 -25.61 -32.37
C ASP C 80 34.33 -25.05 -31.68
N ASN C 81 33.18 -25.72 -31.79
CA ASN C 81 31.94 -25.15 -31.21
C ASN C 81 31.74 -25.68 -29.78
N PRO C 82 31.81 -24.80 -28.74
CA PRO C 82 31.60 -25.21 -27.36
C PRO C 82 30.19 -24.91 -26.83
N VAL C 83 29.79 -25.53 -25.72
CA VAL C 83 28.47 -25.17 -25.11
C VAL C 83 28.55 -23.70 -24.70
N LEU C 84 27.51 -22.91 -25.02
CA LEU C 84 27.55 -21.45 -24.73
C LEU C 84 26.43 -21.09 -23.75
N PRO C 85 26.70 -20.35 -22.66
CA PRO C 85 25.67 -19.96 -21.70
C PRO C 85 24.62 -19.06 -22.38
N PHE C 86 23.33 -19.31 -22.11
CA PHE C 86 22.24 -18.52 -22.73
C PHE C 86 22.33 -17.06 -22.26
N ASN C 87 22.63 -16.83 -20.98
CA ASN C 87 22.74 -15.44 -20.42
C ASN C 87 21.35 -14.79 -20.41
N ASP C 88 21.31 -13.44 -20.40
CA ASP C 88 20.01 -12.72 -20.40
C ASP C 88 19.27 -13.03 -21.70
N GLY C 89 19.98 -13.05 -22.84
CA GLY C 89 19.36 -13.35 -24.13
C GLY C 89 20.39 -13.90 -25.10
N VAL C 90 19.95 -14.58 -26.17
CA VAL C 90 20.90 -15.17 -27.16
C VAL C 90 20.58 -14.64 -28.56
N TYR C 91 21.60 -14.24 -29.31
CA TYR C 91 21.39 -13.80 -30.72
C TYR C 91 22.26 -14.67 -31.63
N PHE C 92 21.68 -15.21 -32.70
CA PHE C 92 22.45 -16.06 -33.64
C PHE C 92 22.50 -15.41 -35.02
N ALA C 93 23.70 -15.20 -35.57
CA ALA C 93 23.82 -14.65 -36.95
C ALA C 93 24.79 -15.54 -37.75
N SER C 94 24.38 -16.02 -38.91
CA SER C 94 25.32 -16.78 -39.78
C SER C 94 24.94 -16.55 -41.25
N THR C 95 25.93 -16.47 -42.15
CA THR C 95 25.55 -16.37 -43.59
C THR C 95 24.82 -17.64 -43.97
N GLU C 96 25.37 -18.81 -43.62
CA GLU C 96 24.66 -20.09 -43.83
C GLU C 96 24.07 -20.18 -45.24
N LYS C 97 24.88 -19.99 -46.30
CA LYS C 97 24.32 -20.19 -47.67
C LYS C 97 23.88 -21.65 -47.75
N SER C 98 24.65 -22.58 -47.18
CA SER C 98 24.21 -23.99 -47.10
C SER C 98 23.75 -24.23 -45.66
N ASN C 99 22.57 -24.82 -45.45
CA ASN C 99 22.06 -24.93 -44.06
C ASN C 99 22.65 -26.16 -43.36
N ILE C 100 23.56 -25.93 -42.40
CA ILE C 100 24.12 -27.06 -41.61
C ILE C 100 23.61 -26.87 -40.17
N ILE C 101 23.19 -25.65 -39.82
CA ILE C 101 22.62 -25.39 -38.47
C ILE C 101 21.12 -25.70 -38.54
N ARG C 102 20.76 -26.98 -38.55
CA ARG C 102 19.33 -27.36 -38.67
C ARG C 102 18.57 -26.84 -37.45
N GLY C 103 19.17 -26.92 -36.27
CA GLY C 103 18.45 -26.52 -35.04
C GLY C 103 19.36 -26.07 -33.92
N TRP C 104 18.79 -25.45 -32.89
CA TRP C 104 19.60 -25.03 -31.71
C TRP C 104 19.02 -25.73 -30.48
N ILE C 105 19.87 -26.31 -29.63
CA ILE C 105 19.38 -27.04 -28.43
C ILE C 105 19.46 -26.09 -27.22
N PHE C 106 18.33 -25.88 -26.55
CA PHE C 106 18.31 -24.99 -25.36
C PHE C 106 17.93 -25.82 -24.13
N GLY C 107 18.80 -25.87 -23.12
CA GLY C 107 18.48 -26.60 -21.87
C GLY C 107 19.12 -25.93 -20.68
N THR C 108 18.50 -26.04 -19.50
CA THR C 108 19.14 -25.49 -18.28
C THR C 108 20.44 -26.26 -18.04
N THR C 109 20.39 -27.58 -18.15
CA THR C 109 21.61 -28.42 -17.97
C THR C 109 21.92 -29.14 -19.29
N LEU C 110 21.07 -28.96 -20.31
CA LEU C 110 21.25 -29.70 -21.59
C LEU C 110 21.46 -31.18 -21.26
N ASP C 111 20.65 -31.71 -20.33
CA ASP C 111 20.79 -33.13 -19.88
C ASP C 111 19.41 -33.71 -19.62
N SER C 112 19.31 -35.03 -19.44
CA SER C 112 18.02 -35.68 -19.12
C SER C 112 17.52 -35.18 -17.76
N LYS C 113 16.20 -35.14 -17.54
CA LYS C 113 15.58 -34.64 -16.27
C LYS C 113 15.43 -33.13 -16.35
N THR C 114 15.86 -32.50 -17.44
CA THR C 114 15.66 -31.03 -17.64
C THR C 114 14.95 -30.83 -18.98
N GLN C 115 13.86 -30.05 -18.99
CA GLN C 115 13.12 -29.79 -20.26
C GLN C 115 14.07 -29.18 -21.28
N SER C 116 14.30 -29.87 -22.40
CA SER C 116 15.26 -29.39 -23.42
C SER C 116 14.53 -29.01 -24.70
N LEU C 117 14.84 -27.85 -25.27
CA LEU C 117 14.18 -27.39 -26.52
C LEU C 117 15.04 -27.82 -27.71
N LEU C 118 14.48 -28.65 -28.59
CA LEU C 118 15.23 -29.14 -29.79
C LEU C 118 14.52 -28.70 -31.05
N ILE C 119 15.24 -28.12 -32.00
CA ILE C 119 14.64 -27.73 -33.31
C ILE C 119 15.30 -28.60 -34.38
N VAL C 120 14.51 -29.21 -35.28
CA VAL C 120 15.13 -30.00 -36.40
C VAL C 120 14.60 -29.47 -37.74
N ASN C 121 15.50 -29.17 -38.67
CA ASN C 121 15.10 -28.70 -40.02
C ASN C 121 15.30 -29.84 -41.03
N ASN C 122 15.60 -31.05 -40.56
CA ASN C 122 15.76 -32.21 -41.49
C ASN C 122 14.42 -32.45 -42.19
N ALA C 123 13.30 -32.34 -41.48
CA ALA C 123 11.96 -32.48 -42.09
C ALA C 123 11.65 -31.23 -42.91
N THR C 124 10.75 -31.34 -43.89
CA THR C 124 10.44 -30.19 -44.78
C THR C 124 9.90 -29.03 -43.92
N ASN C 125 9.07 -29.34 -42.92
CA ASN C 125 8.58 -28.28 -42.00
C ASN C 125 9.34 -28.43 -40.68
N VAL C 126 9.81 -27.31 -40.11
CA VAL C 126 10.65 -27.38 -38.88
C VAL C 126 9.83 -28.03 -37.76
N VAL C 127 10.48 -28.88 -36.96
CA VAL C 127 9.76 -29.55 -35.82
C VAL C 127 10.42 -29.08 -34.52
N ILE C 128 9.60 -28.57 -33.58
CA ILE C 128 10.14 -28.06 -32.29
C ILE C 128 9.71 -29.02 -31.19
N LYS C 129 10.66 -29.45 -30.34
CA LYS C 129 10.35 -30.44 -29.28
C LYS C 129 10.74 -29.86 -27.91
N VAL C 130 9.95 -30.12 -26.87
CA VAL C 130 10.29 -29.67 -25.50
C VAL C 130 10.27 -30.91 -24.62
N CYS C 131 11.24 -31.81 -24.80
CA CYS C 131 11.30 -33.05 -23.98
C CYS C 131 12.66 -33.11 -23.30
N GLU C 132 12.77 -33.83 -22.18
CA GLU C 132 14.11 -33.97 -21.54
C GLU C 132 14.97 -34.84 -22.46
N PHE C 133 16.17 -34.36 -22.80
CA PHE C 133 17.06 -35.13 -23.70
C PHE C 133 18.44 -35.29 -23.03
N GLN C 134 18.97 -36.51 -23.01
CA GLN C 134 20.34 -36.70 -22.45
C GLN C 134 21.34 -36.45 -23.59
N PHE C 135 21.80 -35.20 -23.71
CA PHE C 135 22.74 -34.84 -24.81
C PHE C 135 24.12 -35.44 -24.53
N CYS C 136 24.81 -35.88 -25.59
CA CYS C 136 26.18 -36.42 -25.46
C CYS C 136 27.15 -35.25 -25.29
N ASN C 137 28.40 -35.52 -24.91
CA ASN C 137 29.34 -34.40 -24.65
C ASN C 137 29.48 -33.57 -25.93
N ASP C 138 29.58 -34.23 -27.09
CA ASP C 138 29.57 -33.47 -28.37
C ASP C 138 28.31 -33.89 -29.15
N PRO C 139 27.29 -33.03 -29.30
CA PRO C 139 26.06 -33.39 -29.98
C PRO C 139 25.93 -32.81 -31.40
N PHE C 140 25.88 -33.68 -32.41
CA PHE C 140 25.68 -33.21 -33.81
C PHE C 140 24.81 -34.23 -34.55
N LEU C 141 24.03 -33.76 -35.53
CA LEU C 141 23.17 -34.67 -36.32
C LEU C 141 24.05 -35.57 -37.19
N GLY C 142 23.68 -36.85 -37.34
CA GLY C 142 24.44 -37.75 -38.22
C GLY C 142 23.63 -38.06 -39.46
N VAL C 143 24.19 -37.81 -40.65
CA VAL C 143 23.41 -37.99 -41.91
C VAL C 143 23.85 -39.28 -42.60
N TYR C 144 22.89 -40.17 -42.90
CA TYR C 144 23.20 -41.42 -43.62
C TYR C 144 22.42 -41.43 -44.93
N TYR C 145 23.03 -41.89 -46.02
CA TYR C 145 22.29 -41.98 -47.30
C TYR C 145 21.16 -43.01 -47.12
N HIS C 146 19.93 -42.61 -47.44
CA HIS C 146 18.78 -43.55 -47.33
C HIS C 146 18.96 -44.70 -48.31
N LYS C 147 19.46 -44.42 -49.52
CA LYS C 147 19.67 -45.44 -50.60
C LYS C 147 18.33 -45.64 -51.33
N ASN C 148 17.28 -44.96 -50.87
CA ASN C 148 15.95 -45.04 -51.53
C ASN C 148 15.50 -43.62 -51.88
N ASN C 149 15.07 -43.39 -53.12
CA ASN C 149 14.56 -42.06 -53.56
C ASN C 149 15.71 -41.04 -53.61
N LYS C 150 16.96 -41.52 -53.67
CA LYS C 150 18.14 -40.60 -53.80
C LYS C 150 18.09 -39.53 -52.70
N SER C 151 17.83 -39.92 -51.46
CA SER C 151 17.66 -38.91 -50.37
C SER C 151 18.61 -39.20 -49.21
N TRP C 152 19.00 -38.16 -48.46
CA TRP C 152 19.90 -38.33 -47.29
C TRP C 152 19.10 -38.04 -46.01
N MET C 153 19.18 -38.92 -45.01
CA MET C 153 18.38 -38.74 -43.76
C MET C 153 19.31 -38.43 -42.59
N GLU C 154 18.99 -37.40 -41.81
CA GLU C 154 19.83 -37.02 -40.64
C GLU C 154 19.11 -37.42 -39.36
N SER C 155 19.82 -38.04 -38.41
CA SER C 155 19.18 -38.57 -37.17
C SER C 155 19.53 -37.71 -35.95
N GLU C 156 18.53 -37.37 -35.13
CA GLU C 156 18.78 -36.60 -33.88
C GLU C 156 19.16 -37.58 -32.78
N PHE C 157 19.17 -38.88 -33.07
CA PHE C 157 19.59 -39.91 -32.08
C PHE C 157 21.05 -39.68 -31.71
N ARG C 158 21.88 -39.26 -32.67
CA ARG C 158 23.29 -38.95 -32.38
C ARG C 158 23.33 -37.79 -31.37
N VAL C 159 22.46 -36.79 -31.55
CA VAL C 159 22.45 -35.59 -30.65
C VAL C 159 22.10 -36.00 -29.21
N TYR C 160 21.07 -36.84 -29.02
CA TYR C 160 20.64 -37.21 -27.65
C TYR C 160 20.29 -38.70 -27.57
N SER C 161 20.66 -39.35 -26.46
CA SER C 161 20.41 -40.80 -26.29
C SER C 161 18.91 -41.12 -26.25
N SER C 162 18.11 -40.32 -25.52
CA SER C 162 16.67 -40.67 -25.36
C SER C 162 15.81 -39.43 -25.03
N ALA C 163 14.49 -39.54 -25.20
CA ALA C 163 13.56 -38.43 -24.88
C ALA C 163 12.54 -38.90 -23.84
N ASN C 164 12.34 -38.13 -22.77
CA ASN C 164 11.41 -38.57 -21.68
C ASN C 164 10.70 -37.37 -21.05
N ASN C 165 9.54 -37.57 -20.41
CA ASN C 165 8.82 -36.49 -19.69
C ASN C 165 8.63 -35.27 -20.59
N CYS C 166 8.13 -35.48 -21.81
CA CYS C 166 8.01 -34.35 -22.78
C CYS C 166 6.78 -33.48 -22.47
N THR C 167 6.95 -32.43 -21.66
CA THR C 167 5.83 -31.46 -21.41
C THR C 167 5.05 -31.09 -22.69
N PHE C 168 5.72 -30.86 -23.83
CA PHE C 168 4.99 -30.34 -25.03
C PHE C 168 5.75 -30.57 -26.35
N GLU C 169 5.10 -30.36 -27.51
CA GLU C 169 5.74 -30.53 -28.85
C GLU C 169 5.02 -29.61 -29.86
N TYR C 170 5.67 -29.21 -30.96
CA TYR C 170 5.05 -28.24 -31.93
C TYR C 170 5.56 -28.46 -33.36
N VAL C 171 4.80 -27.99 -34.38
CA VAL C 171 5.24 -28.10 -35.81
C VAL C 171 5.15 -26.70 -36.42
N SER C 172 6.20 -26.24 -37.10
CA SER C 172 6.21 -24.85 -37.65
C SER C 172 6.85 -24.85 -39.05
N GLN C 173 6.64 -23.79 -39.83
CA GLN C 173 7.31 -23.67 -41.15
C GLN C 173 8.82 -23.59 -40.93
N PRO C 174 9.69 -24.07 -41.83
CA PRO C 174 11.13 -24.11 -41.57
C PRO C 174 11.70 -22.71 -41.26
N PHE C 175 12.42 -22.60 -40.13
CA PHE C 175 12.99 -21.29 -39.72
C PHE C 175 14.09 -20.89 -40.70
N LEU C 176 14.85 -21.87 -41.19
CA LEU C 176 15.98 -21.58 -42.12
C LEU C 176 15.55 -21.94 -43.54
N MET C 177 15.49 -20.94 -44.43
CA MET C 177 15.15 -21.21 -45.86
C MET C 177 16.22 -20.56 -46.74
N ASP C 178 16.79 -21.33 -47.68
CA ASP C 178 17.80 -20.78 -48.62
C ASP C 178 17.35 -21.08 -50.06
N LEU C 179 16.90 -20.05 -50.79
CA LEU C 179 16.45 -20.22 -52.19
C LEU C 179 17.64 -20.70 -53.03
N GLU C 180 18.83 -20.13 -52.82
CA GLU C 180 20.07 -20.54 -53.54
C GLU C 180 20.11 -19.93 -54.94
N GLY C 181 21.19 -20.19 -55.69
CA GLY C 181 21.35 -19.63 -57.06
C GLY C 181 21.92 -18.22 -56.98
N LYS C 182 22.10 -17.70 -55.77
CA LYS C 182 22.67 -16.34 -55.55
C LYS C 182 24.13 -16.32 -56.00
N GLN C 183 24.88 -17.41 -55.73
CA GLN C 183 26.33 -17.50 -56.09
C GLN C 183 27.10 -16.31 -55.50
N GLY C 184 26.78 -15.93 -54.27
CA GLY C 184 27.49 -14.80 -53.61
C GLY C 184 26.69 -13.51 -53.68
N ASN C 185 27.26 -12.41 -53.18
CA ASN C 185 26.59 -11.07 -53.22
C ASN C 185 25.33 -11.09 -52.34
N PHE C 186 24.89 -12.27 -51.89
CA PHE C 186 23.72 -12.38 -50.99
C PHE C 186 24.13 -13.17 -49.75
N LYS C 187 24.67 -14.38 -49.96
CA LYS C 187 25.18 -15.24 -48.85
C LYS C 187 24.01 -15.91 -48.12
N ASN C 188 22.78 -15.55 -48.48
CA ASN C 188 21.59 -16.12 -47.84
C ASN C 188 21.70 -15.94 -46.33
N LEU C 189 22.10 -14.75 -45.91
CA LEU C 189 22.33 -14.50 -44.47
C LEU C 189 21.02 -14.64 -43.69
N ARG C 190 21.07 -15.34 -42.54
CA ARG C 190 19.86 -15.52 -41.71
C ARG C 190 20.16 -15.04 -40.28
N GLU C 191 19.25 -14.26 -39.69
CA GLU C 191 19.47 -13.73 -38.32
C GLU C 191 18.38 -14.29 -37.40
N PHE C 192 18.79 -14.81 -36.22
CA PHE C 192 17.81 -15.43 -35.28
C PHE C 192 17.94 -14.80 -33.90
N VAL C 193 16.82 -14.41 -33.29
CA VAL C 193 16.86 -13.87 -31.89
C VAL C 193 16.16 -14.88 -30.98
N PHE C 194 16.82 -15.31 -29.92
CA PHE C 194 16.21 -16.25 -28.95
C PHE C 194 16.19 -15.61 -27.56
N LYS C 195 15.01 -15.49 -26.96
CA LYS C 195 14.90 -14.89 -25.60
C LYS C 195 13.86 -15.66 -24.78
N ASN C 196 14.11 -15.82 -23.47
CA ASN C 196 13.09 -16.46 -22.59
C ASN C 196 12.70 -15.46 -21.51
N ILE C 197 11.43 -15.04 -21.47
CA ILE C 197 10.95 -14.13 -20.39
C ILE C 197 9.68 -14.73 -19.77
N ASP C 198 9.61 -14.81 -18.44
CA ASP C 198 8.40 -15.31 -17.72
C ASP C 198 8.00 -16.69 -18.28
N GLY C 199 8.97 -17.55 -18.57
CA GLY C 199 8.66 -18.92 -19.06
C GLY C 199 8.12 -18.92 -20.47
N TYR C 200 8.33 -17.83 -21.23
CA TYR C 200 7.84 -17.75 -22.63
C TYR C 200 9.04 -17.55 -23.57
N PHE C 201 9.12 -18.37 -24.63
CA PHE C 201 10.26 -18.30 -25.57
C PHE C 201 9.77 -17.82 -26.94
N LYS C 202 10.42 -16.81 -27.50
CA LYS C 202 10.04 -16.30 -28.83
C LYS C 202 11.20 -16.46 -29.80
N ILE C 203 10.93 -17.00 -31.00
CA ILE C 203 12.00 -17.20 -32.04
C ILE C 203 11.77 -16.18 -33.15
N TYR C 204 12.80 -15.41 -33.50
CA TYR C 204 12.65 -14.34 -34.53
C TYR C 204 13.52 -14.71 -35.74
N SER C 205 12.96 -14.62 -36.95
CA SER C 205 13.73 -14.97 -38.17
C SER C 205 13.82 -13.77 -39.13
N LYS C 206 15.03 -13.42 -39.58
CA LYS C 206 15.19 -12.34 -40.58
C LYS C 206 16.13 -12.83 -41.69
N HIS C 207 15.77 -12.60 -42.95
CA HIS C 207 16.68 -12.97 -44.07
C HIS C 207 17.19 -11.67 -44.73
N THR C 208 18.50 -11.45 -44.72
CA THR C 208 19.06 -10.19 -45.28
C THR C 208 20.14 -10.50 -46.32
N PRO C 209 20.06 -9.98 -47.56
CA PRO C 209 21.14 -10.18 -48.53
C PRO C 209 22.35 -9.34 -48.09
N ILE C 210 23.54 -9.94 -48.06
CA ILE C 210 24.75 -9.21 -47.59
C ILE C 210 25.85 -9.28 -48.66
N ASN C 211 26.32 -8.13 -49.14
CA ASN C 211 27.44 -8.11 -50.13
C ASN C 211 28.72 -8.63 -49.46
N LEU C 212 28.97 -8.22 -48.21
CA LEU C 212 30.21 -8.62 -47.50
C LEU C 212 30.20 -10.13 -47.24
N VAL C 213 31.36 -10.78 -47.41
CA VAL C 213 31.46 -12.25 -47.20
C VAL C 213 31.19 -12.59 -45.73
N ARG C 214 31.76 -11.85 -44.78
CA ARG C 214 31.63 -12.22 -43.34
C ARG C 214 31.12 -11.06 -42.49
N ASP C 215 31.69 -9.85 -42.65
CA ASP C 215 31.34 -8.72 -41.75
C ASP C 215 29.86 -8.38 -41.86
N LEU C 216 29.20 -8.14 -40.72
CA LEU C 216 27.73 -7.86 -40.70
C LEU C 216 27.45 -6.53 -41.40
N PRO C 217 26.33 -6.39 -42.15
CA PRO C 217 26.04 -5.17 -42.91
C PRO C 217 25.67 -3.93 -42.07
N GLN C 218 25.93 -2.73 -42.60
CA GLN C 218 25.60 -1.47 -41.89
C GLN C 218 24.07 -1.35 -41.72
N GLY C 219 23.29 -1.78 -42.72
CA GLY C 219 21.83 -1.60 -42.67
C GLY C 219 21.17 -2.31 -41.51
N PHE C 220 20.16 -1.68 -40.90
CA PHE C 220 19.42 -2.28 -39.75
C PHE C 220 18.61 -3.48 -40.24
N SER C 221 18.48 -4.51 -39.40
CA SER C 221 17.62 -5.67 -39.75
C SER C 221 16.51 -5.82 -38.70
N ALA C 222 15.26 -5.94 -39.14
CA ALA C 222 14.12 -6.02 -38.19
C ALA C 222 13.66 -7.47 -38.07
N LEU C 223 13.55 -7.98 -36.84
CA LEU C 223 13.19 -9.41 -36.63
C LEU C 223 11.78 -9.52 -36.04
N GLU C 224 10.95 -10.39 -36.62
CA GLU C 224 9.54 -10.57 -36.14
C GLU C 224 9.38 -11.99 -35.59
N PRO C 225 8.73 -12.21 -34.44
CA PRO C 225 8.64 -13.55 -33.86
C PRO C 225 7.67 -14.43 -34.65
N LEU C 226 8.14 -15.60 -35.10
CA LEU C 226 7.27 -16.53 -35.88
C LEU C 226 6.14 -17.04 -34.96
N VAL C 227 6.48 -17.42 -33.73
CA VAL C 227 5.47 -17.97 -32.76
C VAL C 227 5.94 -17.68 -31.33
N ASP C 228 5.03 -17.70 -30.37
CA ASP C 228 5.42 -17.56 -28.94
C ASP C 228 5.13 -18.88 -28.23
N LEU C 229 6.13 -19.48 -27.58
CA LEU C 229 5.94 -20.82 -26.97
C LEU C 229 6.13 -20.73 -25.45
N PRO C 230 5.18 -21.25 -24.63
CA PRO C 230 5.35 -21.26 -23.18
C PRO C 230 6.17 -22.46 -22.69
N ILE C 231 7.49 -22.39 -22.83
CA ILE C 231 8.38 -23.53 -22.42
C ILE C 231 8.23 -23.75 -20.91
N GLY C 232 8.21 -22.68 -20.12
CA GLY C 232 7.98 -22.79 -18.66
C GLY C 232 9.24 -23.16 -17.89
N ILE C 233 10.38 -23.29 -18.56
CA ILE C 233 11.62 -23.63 -17.90
C ILE C 233 12.76 -22.71 -18.33
N ASN C 234 13.47 -22.15 -17.36
CA ASN C 234 14.58 -21.24 -17.61
C ASN C 234 15.71 -21.96 -18.34
N ILE C 235 16.31 -21.28 -19.31
CA ILE C 235 17.41 -21.84 -20.08
C ILE C 235 18.68 -21.04 -19.82
N THR C 236 19.72 -21.71 -19.33
CA THR C 236 21.00 -21.01 -19.02
C THR C 236 22.13 -21.51 -19.91
N ARG C 237 21.87 -22.47 -20.81
CA ARG C 237 22.93 -22.92 -21.76
C ARG C 237 22.33 -23.32 -23.10
N PHE C 238 23.09 -23.15 -24.19
CA PHE C 238 22.60 -23.54 -25.54
C PHE C 238 23.79 -23.97 -26.43
N GLN C 239 23.54 -24.81 -27.45
CA GLN C 239 24.63 -25.17 -28.40
C GLN C 239 24.06 -25.32 -29.81
N THR C 240 24.86 -25.07 -30.84
CA THR C 240 24.43 -25.24 -32.25
C THR C 240 24.42 -26.73 -32.63
N LEU C 241 23.61 -27.11 -33.64
CA LEU C 241 23.60 -28.52 -34.12
C LEU C 241 24.13 -28.54 -35.56
N LEU C 242 25.03 -29.49 -35.87
CA LEU C 242 25.64 -29.57 -37.22
C LEU C 242 25.18 -30.85 -37.90
N ALA C 243 24.67 -30.76 -39.14
CA ALA C 243 24.29 -31.98 -39.88
C ALA C 243 25.53 -32.46 -40.67
N LEU C 244 26.08 -33.62 -40.32
CA LEU C 244 27.34 -34.09 -40.96
C LEU C 244 27.09 -35.44 -41.64
N HIS C 245 27.55 -35.59 -42.89
CA HIS C 245 27.31 -36.85 -43.65
C HIS C 245 28.59 -37.69 -43.69
N ARG C 246 28.46 -39.01 -43.74
CA ARG C 246 29.64 -39.92 -43.73
C ARG C 246 30.46 -39.74 -45.01
N SER C 247 31.79 -39.83 -44.92
CA SER C 247 32.66 -39.71 -46.12
C SER C 247 33.26 -41.08 -46.43
N TYR C 248 33.13 -41.54 -47.68
CA TYR C 248 33.62 -42.89 -48.07
C TYR C 248 35.08 -42.84 -48.53
N LEU C 249 35.63 -43.99 -48.96
CA LEU C 249 37.06 -44.06 -49.34
C LEU C 249 37.36 -43.07 -50.47
N THR C 250 38.47 -42.32 -50.36
CA THR C 250 38.88 -41.36 -51.42
C THR C 250 40.37 -41.56 -51.68
N PRO C 251 40.90 -41.32 -52.90
CA PRO C 251 42.34 -41.46 -53.14
C PRO C 251 43.08 -40.16 -52.78
N SER C 256 34.58 -43.35 -39.85
CA SER C 256 33.45 -42.69 -40.55
C SER C 256 33.77 -41.20 -40.76
N GLY C 257 33.42 -40.64 -41.93
CA GLY C 257 33.68 -39.21 -42.21
C GLY C 257 32.81 -38.31 -41.36
N TRP C 258 33.39 -37.22 -40.83
CA TRP C 258 32.64 -36.27 -39.96
C TRP C 258 33.11 -34.83 -40.23
N THR C 259 32.33 -33.83 -39.80
CA THR C 259 32.69 -32.39 -39.98
C THR C 259 32.92 -32.07 -41.46
N ALA C 260 32.09 -32.61 -42.35
CA ALA C 260 32.20 -32.26 -43.79
C ALA C 260 31.88 -30.77 -43.97
N GLY C 261 32.67 -30.06 -44.76
CA GLY C 261 32.44 -28.62 -45.01
C GLY C 261 32.98 -27.76 -43.89
N ALA C 262 32.81 -26.44 -43.98
CA ALA C 262 33.25 -25.51 -42.90
C ALA C 262 32.07 -24.65 -42.45
N ALA C 263 31.86 -24.52 -41.13
CA ALA C 263 30.72 -23.73 -40.62
C ALA C 263 31.23 -22.61 -39.69
N ALA C 264 30.75 -21.38 -39.89
CA ALA C 264 31.13 -20.26 -38.99
C ALA C 264 29.85 -19.55 -38.52
N TYR C 265 29.74 -19.26 -37.21
CA TYR C 265 28.50 -18.64 -36.68
C TYR C 265 28.84 -17.53 -35.68
N TYR C 266 27.99 -16.49 -35.61
CA TYR C 266 28.22 -15.35 -34.69
C TYR C 266 27.18 -15.41 -33.56
N VAL C 267 27.62 -15.32 -32.30
CA VAL C 267 26.65 -15.30 -31.17
C VAL C 267 26.73 -13.96 -30.43
N GLY C 268 25.59 -13.27 -30.30
CA GLY C 268 25.53 -12.01 -29.55
C GLY C 268 24.55 -12.11 -28.41
N TYR C 269 24.93 -11.67 -27.21
CA TYR C 269 24.04 -11.87 -26.03
C TYR C 269 23.20 -10.60 -25.79
N LEU C 270 21.88 -10.75 -25.80
CA LEU C 270 20.97 -9.58 -25.61
C LEU C 270 21.12 -9.04 -24.18
N GLN C 271 21.17 -7.73 -24.02
CA GLN C 271 21.27 -7.10 -22.68
C GLN C 271 20.08 -6.15 -22.52
N PRO C 272 19.32 -6.16 -21.41
CA PRO C 272 18.14 -5.31 -21.31
C PRO C 272 18.56 -3.85 -21.43
N ARG C 273 17.95 -3.09 -22.36
CA ARG C 273 18.32 -1.68 -22.60
C ARG C 273 17.09 -0.92 -23.09
N THR C 274 17.06 0.40 -22.90
CA THR C 274 15.93 1.18 -23.47
C THR C 274 16.29 1.52 -24.92
N PHE C 275 15.43 1.15 -25.87
CA PHE C 275 15.78 1.37 -27.30
C PHE C 275 14.79 2.32 -27.96
N LEU C 276 15.28 3.41 -28.56
CA LEU C 276 14.37 4.30 -29.32
C LEU C 276 13.98 3.55 -30.61
N LEU C 277 12.70 3.61 -30.98
CA LEU C 277 12.23 2.86 -32.18
C LEU C 277 11.67 3.86 -33.21
N LYS C 278 12.12 3.78 -34.46
CA LYS C 278 11.56 4.65 -35.51
C LYS C 278 10.62 3.82 -36.38
N TYR C 279 9.37 4.25 -36.53
CA TYR C 279 8.38 3.44 -37.29
C TYR C 279 8.16 4.10 -38.66
N ASN C 280 8.28 3.31 -39.73
CA ASN C 280 8.07 3.83 -41.10
C ASN C 280 6.57 3.90 -41.37
N GLU C 281 6.14 4.49 -42.49
CA GLU C 281 4.71 4.48 -42.85
C GLU C 281 4.30 3.00 -42.99
N ASN C 282 5.21 2.17 -43.51
CA ASN C 282 4.97 0.70 -43.61
C ASN C 282 4.77 0.14 -42.21
N GLY C 283 5.47 0.70 -41.21
CA GLY C 283 5.36 0.24 -39.82
C GLY C 283 6.53 -0.64 -39.41
N THR C 284 7.38 -1.02 -40.36
CA THR C 284 8.55 -1.83 -40.06
C THR C 284 9.58 -0.97 -39.36
N ILE C 285 10.20 -1.50 -38.29
CA ILE C 285 11.20 -0.74 -37.57
C ILE C 285 12.44 -0.54 -38.44
N THR C 286 12.99 0.67 -38.42
CA THR C 286 14.19 0.97 -39.20
C THR C 286 15.33 1.40 -38.29
N ASP C 287 15.38 2.69 -37.99
CA ASP C 287 16.42 3.23 -37.11
C ASP C 287 16.19 2.78 -35.68
N ALA C 288 17.28 2.53 -34.95
CA ALA C 288 17.17 2.09 -33.53
C ALA C 288 18.31 2.75 -32.76
N VAL C 289 18.07 3.11 -31.49
CA VAL C 289 19.12 3.83 -30.70
C VAL C 289 19.38 3.09 -29.39
N ASP C 290 20.65 2.92 -29.01
CA ASP C 290 20.99 2.28 -27.71
C ASP C 290 21.25 3.38 -26.69
N CYS C 291 20.41 3.48 -25.65
CA CYS C 291 20.29 4.70 -24.83
C CYS C 291 21.61 4.99 -24.08
N ALA C 292 22.24 3.96 -23.52
CA ALA C 292 23.46 4.18 -22.69
C ALA C 292 24.72 4.19 -23.55
N LEU C 293 24.60 3.88 -24.85
CA LEU C 293 25.80 3.78 -25.72
C LEU C 293 26.52 5.14 -25.81
N ASP C 294 25.77 6.23 -25.95
CA ASP C 294 26.41 7.56 -26.12
C ASP C 294 25.58 8.65 -25.42
N PRO C 295 26.16 9.82 -25.08
CA PRO C 295 25.41 10.92 -24.47
C PRO C 295 24.29 11.44 -25.40
N LEU C 296 24.55 11.46 -26.70
CA LEU C 296 23.51 11.90 -27.68
C LEU C 296 22.30 10.96 -27.58
N SER C 297 22.56 9.66 -27.43
CA SER C 297 21.45 8.67 -27.29
C SER C 297 20.65 8.96 -26.01
N GLU C 298 21.33 9.33 -24.92
CA GLU C 298 20.63 9.70 -23.66
C GLU C 298 19.75 10.92 -23.91
N THR C 299 20.26 11.90 -24.67
CA THR C 299 19.47 13.10 -25.02
C THR C 299 18.25 12.68 -25.85
N LYS C 300 18.44 11.75 -26.79
CA LYS C 300 17.33 11.28 -27.65
C LYS C 300 16.27 10.60 -26.77
N CYS C 301 16.70 9.83 -25.77
CA CYS C 301 15.74 9.13 -24.88
C CYS C 301 14.91 10.15 -24.10
N THR C 302 15.55 11.20 -23.57
CA THR C 302 14.82 12.24 -22.80
C THR C 302 13.85 12.98 -23.73
N LEU C 303 14.30 13.34 -24.92
CA LEU C 303 13.43 14.03 -25.91
C LEU C 303 12.32 13.11 -26.39
N LYS C 304 12.60 11.79 -26.52
CA LYS C 304 11.63 10.80 -27.06
C LYS C 304 11.65 10.92 -28.59
N SER C 305 12.58 11.70 -29.13
CA SER C 305 12.71 11.89 -30.59
C SER C 305 14.15 11.62 -31.03
N PHE C 306 14.34 10.94 -32.16
CA PHE C 306 15.71 10.68 -32.69
C PHE C 306 16.38 12.02 -33.03
N THR C 307 15.64 12.93 -33.64
CA THR C 307 16.20 14.26 -34.00
C THR C 307 16.45 15.04 -32.70
N VAL C 308 17.62 15.67 -32.58
CA VAL C 308 17.92 16.52 -31.39
C VAL C 308 18.18 17.96 -31.87
N GLU C 309 17.47 18.93 -31.29
CA GLU C 309 17.68 20.35 -31.66
C GLU C 309 19.05 20.80 -31.13
N LYS C 310 19.71 21.71 -31.85
CA LYS C 310 21.04 22.21 -31.39
C LYS C 310 20.85 22.95 -30.06
N GLY C 311 21.73 22.70 -29.08
CA GLY C 311 21.60 23.33 -27.76
C GLY C 311 22.18 22.45 -26.66
N ILE C 312 22.07 22.90 -25.40
CA ILE C 312 22.62 22.12 -24.25
C ILE C 312 21.45 21.67 -23.37
N TYR C 313 21.36 20.36 -23.10
CA TYR C 313 20.24 19.81 -22.28
C TYR C 313 20.80 18.93 -21.16
N GLN C 314 20.31 19.10 -19.93
CA GLN C 314 20.77 18.23 -18.81
C GLN C 314 19.87 16.99 -18.78
N THR C 315 20.41 15.84 -19.21
CA THR C 315 19.58 14.60 -19.29
C THR C 315 19.93 13.64 -18.16
N SER C 316 20.92 13.96 -17.33
CA SER C 316 21.36 13.00 -16.28
C SER C 316 22.03 13.73 -15.11
N ASN C 317 22.17 13.06 -13.96
CA ASN C 317 22.90 13.65 -12.80
C ASN C 317 24.02 12.68 -12.40
N PHE C 318 25.24 13.19 -12.19
CA PHE C 318 26.39 12.31 -11.87
C PHE C 318 26.76 12.47 -10.39
N ARG C 319 26.89 11.35 -9.66
CA ARG C 319 27.30 11.40 -8.23
C ARG C 319 28.51 10.47 -8.04
N VAL C 320 29.51 10.91 -7.27
CA VAL C 320 30.67 10.02 -6.98
C VAL C 320 30.16 8.81 -6.18
N GLN C 321 30.64 7.61 -6.48
CA GLN C 321 30.15 6.37 -5.80
C GLN C 321 31.24 5.86 -4.85
N PRO C 322 30.91 5.49 -3.58
CA PRO C 322 31.93 5.08 -2.62
C PRO C 322 32.71 3.84 -3.05
N THR C 323 34.05 3.90 -2.96
CA THR C 323 34.90 2.73 -3.31
C THR C 323 34.65 1.60 -2.30
N GLU C 324 34.53 1.93 -1.02
CA GLU C 324 34.37 0.88 0.03
C GLU C 324 33.40 1.36 1.10
N SER C 325 32.86 0.42 1.90
CA SER C 325 31.92 0.78 2.99
C SER C 325 32.65 0.75 4.34
N ILE C 326 32.51 1.80 5.15
CA ILE C 326 33.23 1.88 6.46
C ILE C 326 32.22 1.62 7.58
N VAL C 327 32.56 0.74 8.54
CA VAL C 327 31.66 0.46 9.68
C VAL C 327 32.32 0.93 10.97
N ARG C 328 31.62 1.71 11.80
CA ARG C 328 32.16 2.15 13.11
C ARG C 328 31.15 1.80 14.21
N PHE C 329 31.60 1.12 15.27
CA PHE C 329 30.69 0.74 16.39
C PHE C 329 31.27 1.19 17.74
N PRO C 330 30.46 1.78 18.64
CA PRO C 330 30.96 2.32 19.91
C PRO C 330 31.47 1.31 20.95
N ASN C 331 32.53 1.66 21.68
CA ASN C 331 33.12 0.73 22.68
C ASN C 331 33.86 1.55 23.76
N ILE C 332 33.15 1.96 24.81
CA ILE C 332 33.82 2.69 25.93
C ILE C 332 34.18 1.68 27.03
N THR C 333 35.47 1.41 27.19
CA THR C 333 35.93 0.41 28.21
C THR C 333 35.61 0.91 29.62
N ASN C 334 35.86 2.19 29.90
CA ASN C 334 35.67 2.73 31.28
C ASN C 334 36.52 1.87 32.22
N LEU C 335 35.93 1.39 33.33
CA LEU C 335 36.66 0.45 34.21
C LEU C 335 35.98 -0.92 34.05
N CYS C 336 36.73 -1.94 33.60
CA CYS C 336 36.09 -3.25 33.32
C CYS C 336 36.59 -4.31 34.31
N PRO C 337 35.69 -5.05 34.99
CA PRO C 337 36.08 -6.09 35.94
C PRO C 337 36.29 -7.46 35.25
N PHE C 338 36.06 -7.54 33.94
CA PHE C 338 36.19 -8.86 33.25
C PHE C 338 37.58 -9.45 33.52
N GLY C 339 38.64 -8.65 33.42
CA GLY C 339 40.01 -9.16 33.55
C GLY C 339 40.42 -9.25 35.01
N GLU C 340 39.79 -8.44 35.87
CA GLU C 340 40.05 -8.49 37.33
C GLU C 340 39.50 -9.81 37.89
N VAL C 341 38.31 -10.22 37.42
CA VAL C 341 37.67 -11.48 37.92
C VAL C 341 38.57 -12.67 37.58
N PHE C 342 39.14 -12.68 36.38
CA PHE C 342 40.04 -13.80 35.95
C PHE C 342 41.27 -13.82 36.85
N ASN C 343 41.78 -12.64 37.23
CA ASN C 343 43.03 -12.54 38.03
C ASN C 343 42.71 -12.48 39.52
N ALA C 344 41.44 -12.66 39.91
CA ALA C 344 41.05 -12.52 41.34
C ALA C 344 41.83 -13.52 42.20
N THR C 345 42.33 -13.07 43.35
CA THR C 345 43.12 -13.95 44.25
C THR C 345 42.26 -15.10 44.78
N ARG C 346 40.98 -14.83 45.09
CA ARG C 346 40.11 -15.89 45.68
C ARG C 346 38.82 -16.00 44.87
N PHE C 347 38.19 -17.18 44.87
CA PHE C 347 36.96 -17.42 44.11
C PHE C 347 35.87 -17.98 45.02
N ALA C 348 34.61 -17.75 44.66
CA ALA C 348 33.49 -18.22 45.50
C ALA C 348 33.38 -19.75 45.43
N SER C 349 32.84 -20.37 46.49
CA SER C 349 32.68 -21.84 46.53
C SER C 349 31.62 -22.27 45.51
N VAL C 350 31.69 -23.51 45.04
CA VAL C 350 30.75 -23.99 43.98
C VAL C 350 29.30 -24.01 44.48
N TYR C 351 29.06 -24.34 45.75
CA TYR C 351 27.65 -24.49 46.20
C TYR C 351 26.95 -23.13 46.25
N ALA C 352 27.67 -22.06 46.62
CA ALA C 352 27.06 -20.71 46.53
C ALA C 352 27.94 -19.83 45.64
N TRP C 353 27.92 -20.09 44.33
CA TRP C 353 28.76 -19.32 43.37
C TRP C 353 28.30 -17.86 43.33
N ASN C 354 29.24 -16.91 43.35
CA ASN C 354 28.86 -15.47 43.25
C ASN C 354 28.40 -15.18 41.82
N ARG C 355 27.31 -14.42 41.67
CA ARG C 355 26.87 -14.01 40.31
C ARG C 355 26.94 -12.48 40.23
N LYS C 356 27.66 -11.96 39.23
CA LYS C 356 27.77 -10.49 39.05
C LYS C 356 27.24 -10.10 37.67
N ARG C 357 26.36 -9.09 37.58
CA ARG C 357 25.95 -8.62 36.23
C ARG C 357 26.74 -7.35 35.89
N ILE C 358 27.32 -7.28 34.69
CA ILE C 358 28.16 -6.12 34.30
C ILE C 358 27.44 -5.35 33.18
N SER C 359 27.34 -4.02 33.30
CA SER C 359 26.59 -3.21 32.31
C SER C 359 27.48 -2.11 31.71
N ASN C 360 27.40 -1.91 30.39
CA ASN C 360 28.15 -0.82 29.69
C ASN C 360 29.68 -0.99 29.88
N CYS C 361 30.17 -2.24 29.93
CA CYS C 361 31.64 -2.46 29.99
C CYS C 361 32.05 -3.39 28.84
N VAL C 362 33.05 -2.98 28.06
CA VAL C 362 33.44 -3.80 26.87
C VAL C 362 34.85 -4.37 27.06
N ALA C 363 35.03 -5.66 26.80
CA ALA C 363 36.36 -6.31 26.91
C ALA C 363 36.73 -6.88 25.54
N ASP C 364 38.02 -6.83 25.17
CA ASP C 364 38.41 -7.28 23.81
C ASP C 364 38.55 -8.81 23.81
N TYR C 365 37.93 -9.47 22.84
CA TYR C 365 37.95 -10.96 22.81
C TYR C 365 39.34 -11.44 22.38
N SER C 366 39.98 -10.71 21.46
CA SER C 366 41.30 -11.15 20.92
C SER C 366 42.36 -11.26 22.02
N VAL C 367 42.40 -10.29 22.96
CA VAL C 367 43.42 -10.32 24.04
C VAL C 367 43.20 -11.56 24.91
N LEU C 368 41.94 -11.93 25.16
CA LEU C 368 41.63 -13.15 25.95
C LEU C 368 42.18 -14.38 25.20
N TYR C 369 41.99 -14.42 23.89
CA TYR C 369 42.51 -15.56 23.08
C TYR C 369 44.04 -15.55 23.16
N ASN C 370 44.65 -14.37 23.09
CA ASN C 370 46.14 -14.26 23.11
C ASN C 370 46.67 -14.79 24.45
N SER C 371 45.99 -14.48 25.56
CA SER C 371 46.46 -14.91 26.89
C SER C 371 46.47 -16.45 26.95
N ALA C 372 45.42 -17.10 26.45
CA ALA C 372 45.36 -18.58 26.39
C ALA C 372 45.62 -19.16 27.78
N SER C 373 45.09 -18.54 28.83
CA SER C 373 45.38 -19.01 30.21
C SER C 373 44.28 -19.95 30.69
N PHE C 374 43.33 -20.29 29.83
CA PHE C 374 42.18 -21.11 30.27
C PHE C 374 42.33 -22.57 29.82
N SER C 375 42.32 -23.51 30.77
CA SER C 375 42.44 -24.95 30.46
C SER C 375 41.23 -25.42 29.64
N THR C 376 40.03 -24.98 30.00
CA THR C 376 38.80 -25.43 29.31
C THR C 376 37.95 -24.21 28.95
N PHE C 377 38.35 -23.45 27.92
CA PHE C 377 37.51 -22.32 27.45
C PHE C 377 36.70 -22.80 26.25
N LYS C 378 35.37 -22.81 26.38
CA LYS C 378 34.51 -23.32 25.28
C LYS C 378 33.23 -22.50 25.21
N CYS C 379 32.60 -22.43 24.04
CA CYS C 379 31.33 -21.70 23.88
C CYS C 379 30.31 -22.65 23.25
N TYR C 380 29.02 -22.51 23.58
CA TYR C 380 28.02 -23.49 23.09
C TYR C 380 27.11 -22.84 22.04
N GLY C 381 26.73 -23.61 21.01
CA GLY C 381 25.82 -23.11 19.97
C GLY C 381 26.54 -22.28 18.91
N VAL C 382 27.29 -21.26 19.33
CA VAL C 382 27.93 -20.33 18.34
C VAL C 382 29.42 -20.16 18.69
N SER C 383 30.26 -19.90 17.69
CA SER C 383 31.72 -19.73 17.90
C SER C 383 32.00 -18.47 18.73
N PRO C 384 33.08 -18.41 19.54
CA PRO C 384 33.33 -17.25 20.41
C PRO C 384 33.52 -15.95 19.63
N THR C 385 34.18 -16.01 18.46
CA THR C 385 34.35 -14.79 17.63
C THR C 385 32.99 -14.34 17.09
N LYS C 386 32.14 -15.29 16.67
CA LYS C 386 30.82 -14.95 16.09
C LYS C 386 29.92 -14.28 17.14
N LEU C 387 29.91 -14.79 18.38
CA LEU C 387 29.11 -14.12 19.44
C LEU C 387 29.75 -12.77 19.82
N ASN C 388 31.06 -12.62 19.59
CA ASN C 388 31.74 -11.34 19.89
C ASN C 388 31.11 -10.22 19.06
N ASP C 389 30.80 -10.48 17.78
CA ASP C 389 30.12 -9.45 16.96
C ASP C 389 28.72 -9.17 17.55
N LEU C 390 28.01 -10.20 18.02
CA LEU C 390 26.62 -10.03 18.53
C LEU C 390 26.61 -9.16 19.78
N CYS C 391 25.59 -8.30 19.95
CA CYS C 391 25.47 -7.45 21.16
C CYS C 391 24.61 -8.17 22.21
N PHE C 392 25.05 -8.16 23.47
CA PHE C 392 24.27 -8.82 24.56
C PHE C 392 23.84 -7.77 25.60
N THR C 393 22.54 -7.71 25.89
CA THR C 393 22.02 -6.70 26.85
C THR C 393 22.59 -6.91 28.25
N ASN C 394 22.68 -8.17 28.69
CA ASN C 394 23.16 -8.46 30.07
C ASN C 394 24.25 -9.54 30.02
N VAL C 395 25.36 -9.31 30.72
CA VAL C 395 26.42 -10.36 30.82
C VAL C 395 26.59 -10.74 32.29
N TYR C 396 26.54 -12.03 32.61
CA TYR C 396 26.61 -12.47 34.01
C TYR C 396 27.86 -13.32 34.21
N ALA C 397 28.65 -13.03 35.27
CA ALA C 397 29.85 -13.86 35.56
C ALA C 397 29.58 -14.69 36.81
N ASP C 398 29.70 -16.01 36.71
CA ASP C 398 29.44 -16.91 37.88
C ASP C 398 30.78 -17.49 38.33
N SER C 399 31.21 -17.22 39.56
CA SER C 399 32.55 -17.68 39.99
C SER C 399 32.43 -18.86 40.96
N PHE C 400 33.00 -20.02 40.59
CA PHE C 400 32.96 -21.22 41.46
C PHE C 400 34.19 -22.09 41.18
N VAL C 401 34.59 -22.92 42.16
CA VAL C 401 35.77 -23.81 41.98
C VAL C 401 35.33 -25.27 42.12
N ILE C 402 35.69 -26.12 41.14
CA ILE C 402 35.28 -27.55 41.16
C ILE C 402 36.47 -28.42 40.74
N ARG C 403 36.44 -29.71 41.10
CA ARG C 403 37.50 -30.66 40.66
C ARG C 403 37.32 -30.93 39.16
N GLY C 404 38.36 -31.41 38.47
CA GLY C 404 38.27 -31.65 37.02
C GLY C 404 37.19 -32.68 36.70
N ASP C 405 37.08 -33.74 37.51
CA ASP C 405 36.00 -34.74 37.32
C ASP C 405 34.65 -34.04 37.53
N GLU C 406 34.56 -33.16 38.53
CA GLU C 406 33.31 -32.40 38.79
C GLU C 406 32.98 -31.48 37.60
N VAL C 407 34.02 -30.91 36.96
CA VAL C 407 33.79 -30.05 35.76
C VAL C 407 33.15 -30.90 34.67
N ARG C 408 33.58 -32.15 34.52
CA ARG C 408 32.96 -33.06 33.52
C ARG C 408 31.47 -33.27 33.89
N GLN C 409 31.18 -33.42 35.18
CA GLN C 409 29.78 -33.67 35.63
C GLN C 409 28.90 -32.46 35.24
N ILE C 410 29.43 -31.24 35.38
CA ILE C 410 28.60 -30.04 35.11
C ILE C 410 28.71 -29.70 33.62
N ALA C 411 27.66 -30.00 32.85
CA ALA C 411 27.64 -29.68 31.41
C ALA C 411 26.20 -29.30 31.03
N PRO C 412 25.95 -28.51 29.96
CA PRO C 412 24.57 -28.22 29.57
C PRO C 412 23.84 -29.50 29.16
N GLY C 413 22.64 -29.72 29.73
CA GLY C 413 21.84 -30.92 29.37
C GLY C 413 22.36 -32.18 30.03
N GLN C 414 23.33 -32.07 30.94
CA GLN C 414 23.95 -33.27 31.55
C GLN C 414 23.70 -33.26 33.06
N THR C 415 23.29 -34.39 33.62
CA THR C 415 22.97 -34.45 35.08
C THR C 415 24.11 -35.15 35.81
N GLY C 416 24.70 -34.49 36.82
CA GLY C 416 25.77 -35.10 37.63
C GLY C 416 25.54 -34.78 39.10
N LYS C 417 26.09 -35.57 40.01
CA LYS C 417 25.79 -35.35 41.45
C LYS C 417 26.27 -33.96 41.84
N ILE C 418 27.47 -33.56 41.40
CA ILE C 418 27.98 -32.18 41.67
C ILE C 418 27.07 -31.16 40.99
N ALA C 419 26.69 -31.42 39.73
CA ALA C 419 25.88 -30.43 38.97
C ALA C 419 24.52 -30.25 39.62
N ASP C 420 23.89 -31.34 40.07
CA ASP C 420 22.51 -31.26 40.62
C ASP C 420 22.46 -30.39 41.88
N TYR C 421 23.43 -30.54 42.79
CA TYR C 421 23.34 -29.81 44.09
C TYR C 421 24.23 -28.57 44.16
N ASN C 422 25.03 -28.28 43.13
CA ASN C 422 25.98 -27.13 43.21
C ASN C 422 25.64 -26.09 42.14
N TYR C 423 26.16 -26.27 40.92
CA TYR C 423 25.83 -25.35 39.81
C TYR C 423 25.13 -26.14 38.70
N LYS C 424 23.98 -25.65 38.23
CA LYS C 424 23.20 -26.40 37.20
C LYS C 424 23.21 -25.62 35.88
N LEU C 425 23.47 -26.31 34.77
CA LEU C 425 23.56 -25.64 33.44
C LEU C 425 22.30 -25.95 32.62
N PRO C 426 21.67 -24.95 31.97
CA PRO C 426 20.48 -25.18 31.14
C PRO C 426 20.82 -26.05 29.92
N ASP C 427 19.85 -26.82 29.42
CA ASP C 427 20.12 -27.76 28.30
C ASP C 427 20.62 -27.00 27.08
N ASP C 428 20.02 -25.84 26.78
CA ASP C 428 20.52 -25.00 25.65
C ASP C 428 21.17 -23.75 26.23
N PHE C 429 22.46 -23.54 25.94
CA PHE C 429 23.18 -22.36 26.50
C PHE C 429 23.88 -21.61 25.37
N THR C 430 23.64 -20.30 25.24
CA THR C 430 24.37 -19.48 24.23
C THR C 430 25.63 -18.91 24.90
N GLY C 431 25.71 -19.02 26.22
CA GLY C 431 26.86 -18.47 26.98
C GLY C 431 28.11 -19.32 26.86
N CYS C 432 29.27 -18.75 27.20
CA CYS C 432 30.56 -19.51 27.15
C CYS C 432 30.94 -19.93 28.57
N VAL C 433 31.26 -21.22 28.76
CA VAL C 433 31.73 -21.69 30.09
C VAL C 433 33.26 -21.62 30.10
N ILE C 434 33.85 -20.96 31.09
CA ILE C 434 35.33 -20.79 31.13
C ILE C 434 35.88 -21.56 32.32
N ALA C 435 36.85 -22.45 32.10
CA ALA C 435 37.49 -23.19 33.21
C ALA C 435 39.01 -23.09 33.07
N TRP C 436 39.72 -22.81 34.18
CA TRP C 436 41.21 -22.82 34.13
C TRP C 436 41.74 -23.46 35.42
N ASN C 437 42.92 -24.10 35.34
CA ASN C 437 43.44 -24.82 36.54
C ASN C 437 43.71 -23.79 37.64
N SER C 438 43.23 -24.05 38.86
CA SER C 438 43.48 -23.14 40.00
C SER C 438 44.46 -23.81 40.96
N ASN C 439 45.16 -24.85 40.51
CA ASN C 439 46.10 -25.60 41.37
C ASN C 439 47.19 -24.66 41.88
N ASN C 440 47.65 -23.74 41.03
CA ASN C 440 48.77 -22.85 41.42
C ASN C 440 48.38 -22.00 42.64
N LEU C 441 47.16 -21.47 42.70
CA LEU C 441 46.81 -20.55 43.81
C LEU C 441 45.93 -21.23 44.86
N ASP C 442 44.81 -21.85 44.44
CA ASP C 442 43.85 -22.42 45.43
C ASP C 442 44.47 -23.58 46.22
N SER C 443 45.18 -24.49 45.55
CA SER C 443 45.71 -25.69 46.27
C SER C 443 46.82 -25.28 47.24
N LYS C 444 46.87 -25.92 48.41
CA LYS C 444 47.91 -25.61 49.42
C LYS C 444 48.41 -26.93 50.02
N VAL C 445 49.61 -26.91 50.63
CA VAL C 445 50.20 -28.16 51.20
C VAL C 445 49.30 -28.68 52.32
N GLY C 446 49.14 -30.01 52.43
CA GLY C 446 48.24 -30.59 53.44
C GLY C 446 46.80 -30.59 52.96
N GLY C 447 46.58 -30.18 51.71
CA GLY C 447 45.22 -30.14 51.14
C GLY C 447 44.56 -28.78 51.32
N ASN C 448 43.60 -28.43 50.46
CA ASN C 448 42.87 -27.15 50.61
C ASN C 448 41.43 -27.49 51.00
N TYR C 449 41.00 -27.06 52.19
CA TYR C 449 39.63 -27.40 52.68
C TYR C 449 38.76 -26.15 52.75
N ASN C 450 39.28 -25.02 52.24
CA ASN C 450 38.52 -23.74 52.29
C ASN C 450 37.23 -23.88 51.49
N TYR C 451 37.30 -24.51 50.30
CA TYR C 451 36.12 -24.65 49.43
C TYR C 451 35.16 -25.71 49.99
N LEU C 452 33.85 -25.52 49.77
CA LEU C 452 32.84 -26.51 50.24
C LEU C 452 31.98 -26.93 49.03
N TYR C 453 31.64 -28.21 48.94
CA TYR C 453 30.74 -28.66 47.85
C TYR C 453 29.56 -29.41 48.47
N ARG C 454 28.36 -29.25 47.89
CA ARG C 454 27.16 -29.93 48.44
C ARG C 454 27.06 -31.31 47.80
N LEU C 455 27.51 -32.35 48.52
CA LEU C 455 27.45 -33.73 47.99
C LEU C 455 25.99 -34.17 47.81
N PHE C 456 25.13 -33.83 48.78
CA PHE C 456 23.70 -34.25 48.71
C PHE C 456 22.78 -33.09 49.11
N ARG C 457 21.59 -33.03 48.52
CA ARG C 457 20.58 -32.00 48.90
C ARG C 457 19.20 -32.66 48.84
N LYS C 458 18.22 -32.13 49.56
CA LYS C 458 16.86 -32.74 49.60
C LYS C 458 16.28 -32.74 48.18
N SER C 459 16.47 -31.64 47.43
CA SER C 459 15.97 -31.56 46.04
C SER C 459 17.10 -31.06 45.13
N ASN C 460 17.04 -31.38 43.84
CA ASN C 460 18.06 -30.88 42.89
C ASN C 460 17.98 -29.35 42.81
N LEU C 461 19.13 -28.67 42.82
CA LEU C 461 19.16 -27.18 42.72
C LEU C 461 18.71 -26.78 41.30
N LYS C 462 17.98 -25.65 41.19
CA LYS C 462 17.46 -25.19 39.88
C LYS C 462 18.62 -24.69 39.01
N PRO C 463 18.51 -24.69 37.66
CA PRO C 463 19.56 -24.14 36.79
C PRO C 463 19.76 -22.65 37.09
N PHE C 464 21.02 -22.20 37.09
CA PHE C 464 21.35 -20.77 37.39
C PHE C 464 20.82 -20.37 38.78
N GLU C 465 20.88 -21.29 39.74
CA GLU C 465 20.48 -20.96 41.14
C GLU C 465 21.60 -21.40 42.09
N ARG C 466 21.90 -20.58 43.10
CA ARG C 466 22.95 -20.93 44.10
C ARG C 466 22.28 -21.11 45.46
N ASP C 467 22.60 -22.18 46.18
CA ASP C 467 21.96 -22.43 47.50
C ASP C 467 22.94 -22.08 48.60
N ILE C 468 22.61 -21.07 49.41
CA ILE C 468 23.48 -20.70 50.57
C ILE C 468 22.95 -21.41 51.82
N SER C 469 21.76 -22.00 51.74
CA SER C 469 21.16 -22.66 52.92
C SER C 469 22.01 -23.88 53.30
N THR C 470 22.32 -24.03 54.59
CA THR C 470 23.18 -25.14 55.05
C THR C 470 22.35 -26.12 55.90
N GLU C 471 21.02 -26.04 55.79
CA GLU C 471 20.13 -26.91 56.60
C GLU C 471 20.44 -28.37 56.28
N ILE C 472 20.44 -29.24 57.29
CA ILE C 472 20.87 -30.65 57.06
C ILE C 472 19.95 -31.30 56.03
N TYR C 473 20.53 -31.94 55.01
CA TYR C 473 19.71 -32.66 54.01
C TYR C 473 19.17 -33.93 54.68
N GLN C 474 17.90 -34.27 54.43
CA GLN C 474 17.30 -35.43 55.14
C GLN C 474 16.96 -36.53 54.12
N ALA C 475 17.74 -37.62 54.10
CA ALA C 475 17.39 -38.77 53.23
C ALA C 475 16.09 -39.39 53.75
N GLY C 476 15.95 -39.51 55.08
CA GLY C 476 14.74 -40.07 55.68
C GLY C 476 13.56 -39.13 55.57
N SER C 477 12.33 -39.68 55.55
CA SER C 477 11.11 -38.83 55.46
C SER C 477 11.02 -37.92 56.69
N THR C 478 11.36 -38.45 57.88
CA THR C 478 11.31 -37.65 59.13
C THR C 478 12.33 -36.50 59.04
N PRO C 479 11.97 -35.27 59.46
CA PRO C 479 12.91 -34.15 59.46
C PRO C 479 13.97 -34.24 60.56
N CYS C 480 15.21 -33.82 60.26
CA CYS C 480 16.28 -33.79 61.29
C CYS C 480 16.27 -32.42 61.99
N ASN C 481 15.40 -31.50 61.53
CA ASN C 481 15.26 -30.16 62.16
C ASN C 481 16.58 -29.39 62.14
N GLY C 482 17.36 -29.51 61.06
CA GLY C 482 18.59 -28.71 60.94
C GLY C 482 19.71 -29.15 61.88
N VAL C 483 19.61 -30.37 62.43
CA VAL C 483 20.69 -30.90 63.32
C VAL C 483 21.08 -32.29 62.80
N GLU C 484 22.33 -32.71 63.03
CA GLU C 484 22.80 -34.03 62.52
C GLU C 484 22.00 -35.15 63.19
N GLY C 485 21.63 -36.17 62.43
CA GLY C 485 20.84 -37.31 62.98
C GLY C 485 20.98 -38.54 62.11
N PHE C 486 20.56 -39.71 62.60
CA PHE C 486 20.57 -40.93 61.76
C PHE C 486 19.62 -40.76 60.57
N ASN C 487 19.99 -41.26 59.39
CA ASN C 487 19.13 -41.19 58.18
C ASN C 487 19.23 -39.81 57.51
N CYS C 488 20.10 -38.93 58.01
CA CYS C 488 20.32 -37.62 57.34
C CYS C 488 21.80 -37.26 57.43
N TYR C 489 22.30 -36.47 56.47
CA TYR C 489 23.75 -36.13 56.44
C TYR C 489 23.93 -34.63 56.22
N PHE C 490 25.06 -34.08 56.66
CA PHE C 490 25.34 -32.64 56.43
C PHE C 490 25.38 -32.42 54.91
N PRO C 491 24.68 -31.40 54.36
CA PRO C 491 24.63 -31.20 52.91
C PRO C 491 26.02 -30.87 52.34
N LEU C 492 26.80 -30.06 53.05
CA LEU C 492 28.12 -29.62 52.51
C LEU C 492 29.23 -30.56 52.99
N GLN C 493 30.06 -31.04 52.06
CA GLN C 493 31.23 -31.87 52.44
C GLN C 493 32.47 -31.07 52.07
N SER C 494 33.47 -30.99 52.96
CA SER C 494 34.64 -30.13 52.67
C SER C 494 35.37 -30.60 51.41
N TYR C 495 35.70 -29.69 50.50
CA TYR C 495 36.45 -30.04 49.28
C TYR C 495 37.91 -30.32 49.65
N GLY C 496 38.58 -31.24 48.95
CA GLY C 496 40.01 -31.47 49.19
C GLY C 496 40.82 -31.22 47.93
N PHE C 497 41.80 -30.31 47.99
CA PHE C 497 42.62 -29.97 46.80
C PHE C 497 44.10 -30.14 47.12
N GLN C 498 44.80 -31.00 46.37
CA GLN C 498 46.24 -31.27 46.68
C GLN C 498 47.08 -31.08 45.42
N PRO C 499 48.21 -30.33 45.48
CA PRO C 499 49.11 -30.19 44.32
C PRO C 499 49.72 -31.56 43.96
N THR C 500 50.05 -32.37 44.98
CA THR C 500 50.63 -33.72 44.76
C THR C 500 49.62 -34.60 44.01
N ASN C 501 48.33 -34.43 44.30
CA ASN C 501 47.27 -35.27 43.68
C ASN C 501 47.13 -34.95 42.18
N GLY C 502 46.43 -35.82 41.43
CA GLY C 502 46.32 -35.66 39.97
C GLY C 502 45.56 -34.42 39.56
N VAL C 503 45.67 -34.01 38.28
CA VAL C 503 45.04 -32.74 37.81
C VAL C 503 43.52 -32.76 38.05
N GLY C 504 42.87 -33.92 37.90
CA GLY C 504 41.43 -33.98 38.21
C GLY C 504 41.18 -33.63 39.67
N TYR C 505 42.01 -34.12 40.60
CA TYR C 505 41.90 -33.74 42.02
C TYR C 505 42.21 -32.24 42.19
N GLN C 506 43.18 -31.73 41.43
CA GLN C 506 43.61 -30.31 41.58
C GLN C 506 42.43 -29.37 41.28
N PRO C 507 42.29 -28.25 42.01
CA PRO C 507 41.14 -27.35 41.83
C PRO C 507 41.08 -26.64 40.48
N TYR C 508 39.88 -26.43 39.95
CA TYR C 508 39.73 -25.66 38.70
C TYR C 508 38.86 -24.43 38.99
N ARG C 509 39.36 -23.23 38.69
CA ARG C 509 38.52 -22.02 38.88
C ARG C 509 37.64 -21.87 37.63
N VAL C 510 36.33 -21.85 37.81
CA VAL C 510 35.41 -21.82 36.63
C VAL C 510 34.55 -20.55 36.68
N VAL C 511 34.57 -19.75 35.61
CA VAL C 511 33.66 -18.56 35.55
C VAL C 511 32.72 -18.76 34.35
N VAL C 512 31.42 -18.58 34.55
CA VAL C 512 30.47 -18.85 33.44
C VAL C 512 29.89 -17.51 32.96
N LEU C 513 29.98 -17.25 31.65
CA LEU C 513 29.44 -16.00 31.08
C LEU C 513 28.05 -16.28 30.50
N SER C 514 27.05 -15.50 30.89
CA SER C 514 25.65 -15.73 30.43
C SER C 514 25.25 -14.64 29.45
N PHE C 515 24.76 -15.02 28.26
CA PHE C 515 24.42 -14.02 27.23
C PHE C 515 22.92 -14.08 26.92
N GLU C 516 22.24 -12.93 26.95
CA GLU C 516 20.78 -12.88 26.64
C GLU C 516 20.48 -11.63 25.80
N LEU C 517 19.38 -11.67 25.03
CA LEU C 517 18.99 -10.50 24.18
C LEU C 517 17.64 -9.96 24.64
N LEU C 518 17.53 -8.62 24.78
CA LEU C 518 16.27 -8.00 25.27
C LEU C 518 15.86 -6.87 24.33
N HIS C 519 14.60 -6.46 24.38
CA HIS C 519 14.09 -5.37 23.49
C HIS C 519 14.85 -4.07 23.78
N ALA C 520 15.15 -3.80 25.05
CA ALA C 520 15.89 -2.58 25.44
C ALA C 520 17.29 -2.65 24.82
N PRO C 521 17.91 -1.51 24.41
CA PRO C 521 19.21 -1.53 23.72
C PRO C 521 20.29 -2.19 24.59
N ALA C 522 21.17 -2.99 23.98
CA ALA C 522 22.18 -3.73 24.76
C ALA C 522 23.12 -2.77 25.49
N THR C 523 23.37 -3.01 26.78
CA THR C 523 24.34 -2.18 27.53
C THR C 523 25.73 -2.43 26.94
N VAL C 524 26.03 -3.69 26.60
CA VAL C 524 27.35 -4.05 25.99
C VAL C 524 27.08 -4.44 24.53
N CYS C 525 27.75 -3.78 23.58
CA CYS C 525 27.49 -4.07 22.14
C CYS C 525 28.79 -4.52 21.47
N GLY C 526 28.74 -5.64 20.74
CA GLY C 526 29.91 -6.13 20.03
C GLY C 526 30.55 -5.18 19.04
N PRO C 527 31.88 -5.27 18.90
CA PRO C 527 32.76 -4.48 18.02
C PRO C 527 32.44 -4.71 16.55
N LYS C 528 32.09 -5.95 16.20
CA LYS C 528 31.75 -6.37 14.84
C LYS C 528 32.87 -6.20 13.80
N LYS C 529 34.10 -6.41 14.25
CA LYS C 529 35.29 -6.35 13.35
C LYS C 529 35.13 -5.11 12.45
N SER C 530 34.84 -3.96 13.05
CA SER C 530 34.59 -2.73 12.26
C SER C 530 35.81 -2.40 11.40
N THR C 531 35.59 -1.99 10.14
CA THR C 531 36.72 -1.74 9.21
C THR C 531 37.50 -0.48 9.62
N ASN C 532 38.77 -0.39 9.22
CA ASN C 532 39.62 0.78 9.60
C ASN C 532 39.01 2.05 8.98
N LEU C 533 39.09 3.17 9.71
CA LEU C 533 38.49 4.45 9.23
C LEU C 533 39.17 4.91 7.94
N VAL C 534 38.39 5.43 6.98
CA VAL C 534 38.96 5.93 5.70
C VAL C 534 38.69 7.44 5.62
N LYS C 535 39.71 8.23 5.27
CA LYS C 535 39.55 9.71 5.26
C LYS C 535 40.02 10.30 3.93
N ASN C 536 39.46 11.46 3.53
CA ASN C 536 39.89 12.17 2.29
C ASN C 536 39.38 11.45 1.03
N LYS C 537 38.44 10.52 1.17
CA LYS C 537 37.84 9.85 -0.01
C LYS C 537 36.33 9.70 0.23
N CYS C 538 35.52 9.77 -0.85
CA CYS C 538 34.06 9.52 -0.67
C CYS C 538 33.89 8.07 -0.24
N VAL C 539 33.15 7.82 0.86
CA VAL C 539 33.01 6.44 1.39
C VAL C 539 31.61 6.28 2.02
N ASN C 540 31.12 5.04 2.12
CA ASN C 540 29.84 4.81 2.83
C ASN C 540 30.22 4.47 4.27
N PHE C 541 29.79 5.27 5.25
CA PHE C 541 30.27 5.04 6.64
C PHE C 541 29.10 4.68 7.58
N ASN C 542 29.30 3.66 8.41
CA ASN C 542 28.27 3.31 9.41
C ASN C 542 28.79 3.78 10.77
N PHE C 543 28.10 4.74 11.41
CA PHE C 543 28.51 5.23 12.74
C PHE C 543 27.37 5.02 13.74
N ASN C 544 27.60 4.21 14.78
CA ASN C 544 26.57 3.99 15.84
C ASN C 544 25.25 3.54 15.21
N GLY C 545 25.30 2.67 14.20
CA GLY C 545 24.06 2.15 13.58
C GLY C 545 23.42 3.12 12.59
N LEU C 546 24.11 4.20 12.24
CA LEU C 546 23.60 5.18 11.25
C LEU C 546 24.46 5.12 9.99
N THR C 547 23.85 4.92 8.83
CA THR C 547 24.66 4.76 7.57
C THR C 547 24.52 6.00 6.69
N GLY C 548 25.64 6.62 6.31
CA GLY C 548 25.61 7.77 5.38
C GLY C 548 26.74 7.66 4.37
N THR C 549 26.54 8.15 3.15
CA THR C 549 27.65 8.14 2.16
C THR C 549 28.20 9.56 1.99
N GLY C 550 29.44 9.79 2.44
CA GLY C 550 30.08 11.11 2.27
C GLY C 550 31.59 11.05 2.47
N VAL C 551 32.32 12.06 1.99
CA VAL C 551 33.79 12.11 2.24
C VAL C 551 33.97 12.34 3.76
N LEU C 552 34.96 11.66 4.37
CA LEU C 552 35.23 11.87 5.81
C LEU C 552 36.51 12.70 5.97
N THR C 553 36.42 13.82 6.70
CA THR C 553 37.60 14.70 6.90
C THR C 553 37.65 15.10 8.38
N GLU C 554 38.83 15.52 8.87
CA GLU C 554 38.97 15.98 10.28
C GLU C 554 38.14 17.25 10.48
N SER C 555 37.82 17.58 11.74
CA SER C 555 36.91 18.73 11.97
C SER C 555 37.55 19.86 12.78
N ASN C 556 37.58 21.08 12.21
CA ASN C 556 38.05 22.25 13.00
C ASN C 556 37.03 22.48 14.13
N LYS C 557 35.74 22.31 13.82
CA LYS C 557 34.66 22.50 14.81
C LYS C 557 34.73 21.41 15.89
N LYS C 558 34.30 21.72 17.11
CA LYS C 558 34.35 20.73 18.21
C LYS C 558 32.99 20.61 18.89
N PHE C 559 32.40 19.40 18.89
CA PHE C 559 31.12 19.18 19.61
C PHE C 559 31.35 19.26 21.12
N LEU C 560 30.31 19.59 21.89
CA LEU C 560 30.44 19.58 23.37
C LEU C 560 30.50 18.13 23.84
N PRO C 561 31.00 17.81 25.05
CA PRO C 561 31.17 16.40 25.45
C PRO C 561 29.85 15.63 25.42
N PHE C 562 28.76 16.24 25.88
CA PHE C 562 27.43 15.57 25.82
C PHE C 562 27.02 15.33 24.36
N GLN C 563 27.29 16.30 23.47
CA GLN C 563 26.89 16.17 22.04
C GLN C 563 27.71 15.06 21.37
N GLN C 564 27.06 14.17 20.62
CA GLN C 564 27.80 13.10 19.89
C GLN C 564 27.70 13.35 18.38
N PHE C 565 26.59 13.92 17.91
CA PHE C 565 26.39 14.09 16.45
C PHE C 565 25.87 15.51 16.15
N GLY C 566 26.05 15.85 14.87
CA GLY C 566 25.55 17.13 14.36
C GLY C 566 24.76 16.91 13.08
N ARG C 567 23.47 17.28 13.03
CA ARG C 567 22.62 17.21 11.80
C ARG C 567 22.24 18.63 11.37
N ASP C 568 22.33 18.95 10.08
CA ASP C 568 22.08 20.35 9.58
C ASP C 568 20.59 20.70 9.49
N ILE C 569 20.25 21.75 8.73
CA ILE C 569 18.84 22.24 8.62
C ILE C 569 18.02 21.17 7.87
N ALA C 570 18.62 20.54 6.85
CA ALA C 570 17.93 19.49 6.08
C ALA C 570 17.77 18.23 6.95
N ASP C 571 18.45 18.17 8.10
CA ASP C 571 18.42 17.02 9.04
C ASP C 571 19.48 15.99 8.63
N THR C 572 20.24 16.27 7.57
CA THR C 572 21.37 15.37 7.21
C THR C 572 22.45 15.57 8.27
N THR C 573 23.28 14.56 8.53
CA THR C 573 24.26 14.71 9.64
C THR C 573 25.38 15.66 9.19
N ASP C 574 25.51 16.81 9.84
CA ASP C 574 26.57 17.79 9.47
C ASP C 574 27.94 17.20 9.75
N ALA C 575 28.12 16.54 10.90
CA ALA C 575 29.40 15.91 11.26
C ALA C 575 29.15 14.73 12.20
N VAL C 576 30.06 13.74 12.21
CA VAL C 576 29.94 12.60 13.16
C VAL C 576 31.18 12.52 14.04
N ARG C 577 31.02 12.45 15.36
CA ARG C 577 32.20 12.25 16.24
C ARG C 577 32.55 10.77 16.19
N ASP C 578 33.83 10.43 16.05
CA ASP C 578 34.23 9.00 15.91
C ASP C 578 33.82 8.27 17.21
N PRO C 579 33.20 7.07 17.14
CA PRO C 579 32.86 6.31 18.35
C PRO C 579 34.06 5.77 19.14
N GLN C 580 35.05 5.18 18.46
CA GLN C 580 36.22 4.57 19.15
C GLN C 580 37.05 5.64 19.86
N THR C 581 37.29 6.78 19.20
CA THR C 581 38.06 7.89 19.81
C THR C 581 37.26 9.18 19.63
N LEU C 582 37.29 10.10 20.60
CA LEU C 582 36.40 11.29 20.51
C LEU C 582 37.05 12.35 19.61
N GLU C 583 37.08 12.11 18.29
CA GLU C 583 37.60 13.12 17.33
C GLU C 583 36.47 13.49 16.38
N ILE C 584 36.17 14.78 16.23
CA ILE C 584 35.03 15.21 15.37
C ILE C 584 35.43 14.98 13.91
N LEU C 585 34.55 14.37 13.11
CA LEU C 585 34.83 14.19 11.67
C LEU C 585 33.76 14.93 10.86
N ASP C 586 34.18 15.87 10.00
CA ASP C 586 33.21 16.62 9.15
C ASP C 586 32.63 15.66 8.10
N ILE C 587 31.34 15.81 7.81
CA ILE C 587 30.72 14.97 6.73
C ILE C 587 30.50 15.86 5.51
N THR C 588 31.13 15.54 4.39
CA THR C 588 30.87 16.29 3.14
C THR C 588 30.40 15.26 2.10
N PRO C 589 29.17 15.39 1.53
CA PRO C 589 28.68 14.44 0.55
C PRO C 589 29.60 14.43 -0.67
N CYS C 590 29.78 13.28 -1.31
CA CYS C 590 30.74 13.18 -2.44
C CYS C 590 30.34 14.20 -3.51
N SER C 591 31.31 14.88 -4.12
CA SER C 591 30.97 15.98 -5.07
C SER C 591 30.12 15.45 -6.23
N PHE C 592 29.07 16.18 -6.59
CA PHE C 592 28.15 15.74 -7.67
C PHE C 592 28.07 16.82 -8.76
N GLY C 593 28.23 16.43 -10.02
CA GLY C 593 28.08 17.39 -11.13
C GLY C 593 26.99 16.95 -12.09
N GLY C 594 26.01 17.83 -12.36
CA GLY C 594 24.95 17.49 -13.33
C GLY C 594 25.54 17.31 -14.72
N VAL C 595 25.11 16.28 -15.45
CA VAL C 595 25.70 16.01 -16.80
C VAL C 595 24.89 16.77 -17.84
N SER C 596 25.50 17.78 -18.46
CA SER C 596 24.81 18.56 -19.52
C SER C 596 25.45 18.23 -20.86
N VAL C 597 24.65 17.82 -21.84
CA VAL C 597 25.22 17.38 -23.14
C VAL C 597 25.12 18.54 -24.13
N ILE C 598 26.27 19.00 -24.66
CA ILE C 598 26.27 20.08 -25.68
C ILE C 598 26.22 19.37 -27.04
N THR C 599 25.09 19.47 -27.74
CA THR C 599 24.96 18.70 -29.00
C THR C 599 24.54 19.61 -30.17
N PRO C 600 25.25 19.56 -31.32
CA PRO C 600 24.82 20.31 -32.52
C PRO C 600 23.71 19.47 -33.18
N GLY C 601 23.05 20.01 -34.21
CA GLY C 601 21.93 19.27 -34.80
C GLY C 601 22.39 17.90 -35.25
N THR C 602 21.58 16.86 -35.03
CA THR C 602 22.02 15.46 -35.33
C THR C 602 22.37 15.33 -36.81
N ASN C 603 21.57 15.93 -37.69
CA ASN C 603 21.87 15.88 -39.15
C ASN C 603 23.22 16.55 -39.41
N THR C 604 23.48 17.70 -38.77
CA THR C 604 24.76 18.44 -38.97
C THR C 604 25.94 17.60 -38.46
N SER C 605 25.83 17.01 -37.26
CA SER C 605 26.95 16.23 -36.69
C SER C 605 26.46 15.28 -35.59
N ASN C 606 27.20 14.19 -35.33
CA ASN C 606 26.85 13.28 -34.21
C ASN C 606 27.80 13.51 -33.03
N GLN C 607 28.76 14.44 -33.19
CA GLN C 607 29.75 14.72 -32.11
C GLN C 607 29.03 15.37 -30.92
N VAL C 608 29.43 15.02 -29.70
CA VAL C 608 28.78 15.59 -28.47
C VAL C 608 29.85 16.02 -27.46
N ALA C 609 29.56 17.05 -26.66
CA ALA C 609 30.50 17.51 -25.62
C ALA C 609 29.81 17.41 -24.25
N VAL C 610 30.50 16.91 -23.23
CA VAL C 610 29.83 16.70 -21.90
C VAL C 610 30.31 17.75 -20.91
N LEU C 611 29.36 18.44 -20.25
CA LEU C 611 29.72 19.45 -19.22
C LEU C 611 29.20 18.95 -17.86
N TYR C 612 30.05 18.95 -16.84
CA TYR C 612 29.61 18.53 -15.48
C TYR C 612 29.50 19.79 -14.63
N GLN C 613 28.33 20.06 -14.04
CA GLN C 613 28.10 21.34 -13.33
C GLN C 613 28.85 21.45 -11.99
N ASP C 614 29.51 22.59 -11.74
CA ASP C 614 30.15 22.88 -10.43
C ASP C 614 31.13 21.78 -10.00
N VAL C 615 31.93 21.22 -10.90
CA VAL C 615 32.97 20.23 -10.49
C VAL C 615 34.27 20.49 -11.26
N ASN C 616 35.41 20.12 -10.68
CA ASN C 616 36.71 20.23 -11.41
C ASN C 616 36.78 19.07 -12.40
N CYS C 617 37.67 19.13 -13.39
CA CYS C 617 37.82 17.98 -14.31
C CYS C 617 38.74 16.92 -13.67
N THR C 618 38.47 16.55 -12.42
CA THR C 618 39.25 15.48 -11.75
C THR C 618 38.26 14.42 -11.24
N GLU C 619 37.05 14.84 -10.86
CA GLU C 619 36.03 13.92 -10.32
C GLU C 619 35.62 12.89 -11.39
N VAL C 620 35.46 13.34 -12.64
CA VAL C 620 34.98 12.42 -13.72
C VAL C 620 36.11 11.44 -14.09
N ASN C 641 40.95 17.63 -25.08
CA ASN C 641 39.56 18.15 -24.90
C ASN C 641 39.35 18.57 -23.44
N VAL C 642 40.32 19.25 -22.83
CA VAL C 642 40.18 19.58 -21.38
C VAL C 642 40.00 21.08 -21.21
N PHE C 643 38.89 21.50 -20.60
CA PHE C 643 38.69 22.95 -20.31
C PHE C 643 37.96 23.08 -18.97
N GLN C 644 38.21 24.16 -18.24
CA GLN C 644 37.48 24.40 -16.96
C GLN C 644 36.69 25.70 -17.07
N THR C 645 35.40 25.67 -16.71
CA THR C 645 34.54 26.88 -16.80
C THR C 645 33.87 27.09 -15.43
N ARG C 646 33.37 28.30 -15.17
CA ARG C 646 32.64 28.57 -13.91
C ARG C 646 31.41 27.66 -13.87
N ALA C 647 30.78 27.44 -15.03
CA ALA C 647 29.60 26.54 -15.08
C ALA C 647 30.00 25.14 -14.62
N GLY C 648 31.16 24.65 -15.06
CA GLY C 648 31.64 23.34 -14.58
C GLY C 648 32.77 22.77 -15.42
N CYS C 649 33.15 21.51 -15.16
CA CYS C 649 34.19 20.84 -15.97
C CYS C 649 33.67 20.65 -17.40
N LEU C 650 34.50 20.91 -18.41
CA LEU C 650 34.07 20.79 -19.83
C LEU C 650 34.94 19.75 -20.54
N ILE C 651 34.29 18.77 -21.20
CA ILE C 651 35.04 17.73 -21.97
C ILE C 651 34.41 17.65 -23.37
N GLY C 652 35.20 17.26 -24.38
CA GLY C 652 34.69 17.16 -25.76
C GLY C 652 34.75 18.50 -26.47
N ALA C 653 35.30 19.52 -25.82
CA ALA C 653 35.44 20.87 -26.45
C ALA C 653 36.88 21.33 -26.35
N GLU C 654 37.41 21.94 -27.43
CA GLU C 654 38.82 22.44 -27.42
C GLU C 654 38.78 23.97 -27.31
N HIS C 655 39.49 24.54 -26.33
CA HIS C 655 39.42 26.01 -26.11
C HIS C 655 40.00 26.77 -27.30
N VAL C 656 39.34 27.83 -27.75
CA VAL C 656 39.87 28.68 -28.86
C VAL C 656 40.02 30.11 -28.34
N ASN C 657 41.18 30.73 -28.54
CA ASN C 657 41.43 32.12 -28.06
C ASN C 657 40.48 33.09 -28.79
N ASN C 658 40.24 32.87 -30.08
CA ASN C 658 39.39 33.80 -30.88
C ASN C 658 37.96 33.80 -30.33
N SER C 659 37.31 34.97 -30.33
CA SER C 659 35.93 35.09 -29.80
C SER C 659 34.92 35.04 -30.96
N TYR C 660 33.86 34.26 -30.81
CA TYR C 660 32.84 34.11 -31.88
C TYR C 660 31.46 34.40 -31.32
N GLU C 661 30.49 34.73 -32.18
CA GLU C 661 29.11 34.96 -31.70
C GLU C 661 28.61 33.67 -31.04
N CYS C 662 27.88 33.78 -29.93
CA CYS C 662 27.48 32.56 -29.18
C CYS C 662 26.57 31.68 -30.03
N ASP C 663 26.86 30.38 -30.11
CA ASP C 663 25.98 29.44 -30.86
C ASP C 663 25.21 28.59 -29.84
N ILE C 664 25.92 28.01 -28.86
CA ILE C 664 25.27 27.19 -27.79
C ILE C 664 25.66 27.81 -26.46
N PRO C 665 24.71 28.13 -25.54
CA PRO C 665 25.06 28.81 -24.30
C PRO C 665 25.54 27.89 -23.16
N ILE C 666 26.85 27.65 -23.10
CA ILE C 666 27.43 26.83 -21.99
C ILE C 666 27.21 27.60 -20.68
N GLY C 667 27.35 28.94 -20.73
CA GLY C 667 27.17 29.76 -19.52
C GLY C 667 28.49 30.34 -19.03
N ALA C 668 28.44 31.34 -18.15
CA ALA C 668 29.66 31.97 -17.59
C ALA C 668 30.53 32.58 -18.69
N GLY C 669 29.92 33.13 -19.74
CA GLY C 669 30.68 33.81 -20.81
C GLY C 669 31.31 32.84 -21.79
N ILE C 670 30.97 31.54 -21.69
CA ILE C 670 31.57 30.50 -22.57
C ILE C 670 30.47 29.96 -23.49
N CYS C 671 30.76 29.85 -24.79
CA CYS C 671 29.77 29.33 -25.77
C CYS C 671 30.42 28.30 -26.67
N ALA C 672 29.62 27.40 -27.27
CA ALA C 672 30.17 26.31 -28.11
C ALA C 672 29.63 26.40 -29.54
N SER C 673 30.50 26.28 -30.54
CA SER C 673 30.05 26.27 -31.96
C SER C 673 30.78 25.15 -32.71
N TYR C 674 30.18 24.65 -33.80
CA TYR C 674 30.86 23.61 -34.60
C TYR C 674 31.67 24.30 -35.71
N GLN C 675 32.99 24.34 -35.56
CA GLN C 675 33.86 25.04 -36.55
C GLN C 675 35.11 24.21 -36.82
N THR C 676 35.73 24.40 -38.00
CA THR C 676 36.95 23.63 -38.35
C THR C 676 38.08 23.96 -37.37
N SER C 689 36.34 17.68 -40.33
CA SER C 689 37.37 18.58 -39.72
C SER C 689 36.72 19.43 -38.63
N GLN C 690 35.46 19.82 -38.81
CA GLN C 690 34.78 20.69 -37.82
C GLN C 690 34.63 19.96 -36.48
N SER C 691 34.85 20.67 -35.37
CA SER C 691 34.73 20.05 -34.03
C SER C 691 34.08 21.04 -33.06
N ILE C 692 33.42 20.54 -32.00
CA ILE C 692 32.85 21.46 -30.98
C ILE C 692 34.01 22.19 -30.31
N ILE C 693 33.89 23.51 -30.10
CA ILE C 693 35.02 24.30 -29.53
C ILE C 693 34.49 25.15 -28.37
N ALA C 694 35.36 25.49 -27.41
CA ALA C 694 34.95 26.35 -26.28
C ALA C 694 35.62 27.72 -26.44
N TYR C 695 34.82 28.79 -26.45
CA TYR C 695 35.39 30.15 -26.68
C TYR C 695 34.62 31.18 -25.84
N THR C 696 35.24 32.31 -25.53
CA THR C 696 34.50 33.39 -24.84
C THR C 696 33.55 34.00 -25.88
N MET C 697 32.26 34.17 -25.54
CA MET C 697 31.32 34.66 -26.58
C MET C 697 31.63 36.12 -26.93
N SER C 698 31.56 36.45 -28.22
CA SER C 698 31.83 37.80 -28.68
C SER C 698 30.73 38.79 -28.25
N LEU C 699 31.14 40.03 -28.01
CA LEU C 699 30.23 41.09 -27.60
C LEU C 699 29.77 41.92 -28.80
N GLY C 700 30.16 41.47 -30.00
CA GLY C 700 29.84 42.14 -31.23
C GLY C 700 31.04 42.96 -31.68
N ALA C 701 31.09 43.30 -32.96
CA ALA C 701 32.25 44.07 -33.48
C ALA C 701 32.34 45.40 -32.75
N GLU C 702 33.57 45.91 -32.53
CA GLU C 702 33.75 47.18 -31.78
C GLU C 702 34.03 48.32 -32.77
N ASN C 703 33.23 49.38 -32.71
CA ASN C 703 33.44 50.55 -33.61
C ASN C 703 33.79 51.77 -32.74
N SER C 704 34.86 52.49 -33.09
CA SER C 704 35.19 53.72 -32.33
C SER C 704 34.56 54.92 -33.04
N VAL C 705 33.66 55.63 -32.37
CA VAL C 705 33.05 56.85 -32.96
C VAL C 705 34.15 57.92 -33.06
N ALA C 706 34.25 58.60 -34.21
CA ALA C 706 35.25 59.69 -34.34
C ALA C 706 34.64 60.98 -33.81
N TYR C 707 34.41 61.06 -32.49
CA TYR C 707 33.74 62.26 -31.91
C TYR C 707 34.63 63.48 -32.13
N SER C 708 34.04 64.59 -32.58
CA SER C 708 34.82 65.84 -32.75
C SER C 708 33.99 67.04 -32.26
N ASN C 709 34.65 68.02 -31.63
CA ASN C 709 33.96 69.24 -31.16
C ASN C 709 33.43 70.04 -32.35
N ASN C 710 34.18 70.11 -33.46
CA ASN C 710 33.78 70.95 -34.61
C ASN C 710 33.24 70.11 -35.77
N SER C 711 33.07 68.80 -35.61
CA SER C 711 32.66 67.95 -36.76
C SER C 711 31.38 67.16 -36.47
N ILE C 712 30.48 67.06 -37.46
CA ILE C 712 29.22 66.27 -37.30
C ILE C 712 29.11 65.33 -38.51
N ALA C 713 28.42 64.20 -38.35
CA ALA C 713 28.19 63.30 -39.52
C ALA C 713 26.71 63.34 -39.89
N ILE C 714 26.40 63.74 -41.12
CA ILE C 714 24.98 63.76 -41.60
C ILE C 714 24.90 62.89 -42.86
N PRO C 715 23.99 61.90 -42.95
CA PRO C 715 23.95 61.00 -44.10
C PRO C 715 23.58 61.70 -45.42
N THR C 716 24.31 61.38 -46.48
CA THR C 716 24.02 61.96 -47.79
C THR C 716 23.04 61.05 -48.53
N ASN C 717 23.02 59.77 -48.14
CA ASN C 717 22.14 58.78 -48.75
C ASN C 717 21.46 57.90 -47.70
N PHE C 718 20.22 57.49 -47.97
CA PHE C 718 19.46 56.65 -47.05
C PHE C 718 18.88 55.44 -47.77
N THR C 719 18.39 54.46 -47.02
CA THR C 719 17.80 53.23 -47.62
C THR C 719 16.50 52.90 -46.90
N ILE C 720 15.55 52.28 -47.61
CA ILE C 720 14.23 51.93 -47.00
C ILE C 720 14.21 50.41 -46.76
N SER C 721 13.93 49.99 -45.52
CA SER C 721 13.96 48.54 -45.19
C SER C 721 12.68 48.17 -44.41
N VAL C 722 12.27 46.90 -44.50
CA VAL C 722 11.05 46.43 -43.77
C VAL C 722 11.51 45.47 -42.66
N THR C 723 11.05 45.70 -41.42
CA THR C 723 11.47 44.85 -40.27
C THR C 723 10.28 44.00 -39.83
N THR C 724 10.50 42.71 -39.53
CA THR C 724 9.38 41.81 -39.20
C THR C 724 9.37 41.47 -37.70
N GLU C 725 8.26 41.72 -37.00
CA GLU C 725 8.15 41.34 -35.58
C GLU C 725 6.92 40.44 -35.40
N ILE C 726 7.09 39.27 -34.79
CA ILE C 726 5.95 38.30 -34.66
C ILE C 726 5.65 38.07 -33.18
N LEU C 727 4.37 38.24 -32.77
CA LEU C 727 3.97 38.00 -31.36
C LEU C 727 2.81 37.00 -31.35
N PRO C 728 2.80 35.98 -30.47
CA PRO C 728 1.67 35.06 -30.39
C PRO C 728 0.50 35.68 -29.61
N VAL C 729 -0.59 36.01 -30.31
CA VAL C 729 -1.78 36.64 -29.66
C VAL C 729 -2.44 35.66 -28.70
N SER C 730 -2.60 34.39 -29.09
CA SER C 730 -3.36 33.44 -28.22
C SER C 730 -2.75 32.04 -28.24
N MET C 731 -2.99 31.25 -27.18
CA MET C 731 -2.52 29.84 -27.16
C MET C 731 -3.72 28.96 -27.53
N THR C 732 -3.47 27.75 -28.02
CA THR C 732 -4.57 26.87 -28.49
C THR C 732 -5.53 26.59 -27.33
N LYS C 733 -6.83 26.72 -27.56
CA LYS C 733 -7.83 26.53 -26.46
C LYS C 733 -8.04 25.03 -26.23
N THR C 734 -7.90 24.58 -24.98
CA THR C 734 -8.12 23.15 -24.65
C THR C 734 -9.06 23.04 -23.43
N SER C 735 -10.07 22.18 -23.51
CA SER C 735 -10.96 21.94 -22.34
C SER C 735 -10.84 20.48 -21.91
N VAL C 736 -10.59 20.24 -20.62
CA VAL C 736 -10.40 18.85 -20.12
C VAL C 736 -11.49 18.54 -19.10
N ASP C 737 -12.17 17.41 -19.23
CA ASP C 737 -13.19 17.02 -18.21
C ASP C 737 -12.44 16.30 -17.08
N CYS C 738 -12.46 16.89 -15.88
CA CYS C 738 -11.74 16.28 -14.73
C CYS C 738 -12.37 14.93 -14.39
N THR C 739 -13.71 14.84 -14.41
CA THR C 739 -14.38 13.59 -14.00
C THR C 739 -13.99 12.44 -14.94
N MET C 740 -14.00 12.69 -16.26
CA MET C 740 -13.67 11.62 -17.24
C MET C 740 -12.21 11.19 -17.05
N TYR C 741 -11.31 12.16 -16.85
CA TYR C 741 -9.87 11.85 -16.66
C TYR C 741 -9.67 11.05 -15.36
N ILE C 742 -10.31 11.49 -14.26
CA ILE C 742 -10.13 10.83 -12.95
C ILE C 742 -10.79 9.44 -12.94
N CYS C 743 -11.99 9.30 -13.51
CA CYS C 743 -12.71 8.00 -13.42
C CYS C 743 -12.96 7.40 -14.81
N GLY C 744 -12.58 6.14 -15.01
CA GLY C 744 -12.89 5.47 -16.29
C GLY C 744 -14.27 4.86 -16.25
N ASP C 745 -15.32 5.70 -16.24
CA ASP C 745 -16.73 5.23 -16.20
C ASP C 745 -16.94 4.29 -15.00
N SER C 746 -16.39 4.65 -13.83
CA SER C 746 -16.53 3.80 -12.61
C SER C 746 -17.43 4.49 -11.58
N THR C 747 -18.49 3.82 -11.15
CA THR C 747 -19.42 4.39 -10.13
C THR C 747 -18.67 4.57 -8.80
N GLU C 748 -17.83 3.59 -8.43
CA GLU C 748 -17.09 3.67 -7.14
C GLU C 748 -16.16 4.87 -7.18
N CYS C 749 -15.48 5.10 -8.30
CA CYS C 749 -14.58 6.26 -8.44
C CYS C 749 -15.39 7.55 -8.31
N SER C 750 -16.59 7.58 -8.90
CA SER C 750 -17.45 8.79 -8.84
C SER C 750 -17.83 9.09 -7.39
N ASN C 751 -18.12 8.06 -6.59
CA ASN C 751 -18.47 8.27 -5.16
C ASN C 751 -17.27 8.88 -4.43
N LEU C 752 -16.06 8.38 -4.71
CA LEU C 752 -14.84 8.96 -4.09
C LEU C 752 -14.66 10.41 -4.59
N LEU C 753 -14.96 10.65 -5.88
CA LEU C 753 -14.86 12.02 -6.46
C LEU C 753 -15.86 12.94 -5.73
N LEU C 754 -17.03 12.42 -5.36
CA LEU C 754 -18.03 13.23 -4.60
C LEU C 754 -17.41 13.67 -3.27
N GLN C 755 -16.61 12.81 -2.64
CA GLN C 755 -15.91 13.20 -1.39
C GLN C 755 -14.98 14.37 -1.69
N TYR C 756 -14.30 14.37 -2.84
CA TYR C 756 -13.47 15.53 -3.25
C TYR C 756 -14.37 16.76 -3.47
N GLY C 757 -15.56 16.56 -4.04
CA GLY C 757 -16.54 17.67 -4.19
C GLY C 757 -16.11 18.77 -5.12
N SER C 758 -16.00 20.01 -4.62
CA SER C 758 -15.71 21.19 -5.47
C SER C 758 -14.33 21.13 -6.12
N PHE C 759 -13.45 20.22 -5.66
CA PHE C 759 -12.07 20.17 -6.20
C PHE C 759 -12.10 19.94 -7.71
N CYS C 760 -12.99 19.05 -8.17
CA CYS C 760 -13.09 18.75 -9.62
C CYS C 760 -13.69 19.95 -10.35
N THR C 761 -14.66 20.64 -9.73
CA THR C 761 -15.37 21.75 -10.42
C THR C 761 -14.46 22.95 -10.69
N GLN C 762 -13.61 23.34 -9.74
CA GLN C 762 -12.79 24.57 -9.91
C GLN C 762 -11.82 24.42 -11.09
N LEU C 763 -11.21 23.24 -11.26
CA LEU C 763 -10.22 23.03 -12.35
C LEU C 763 -10.91 23.20 -13.71
N ASN C 764 -12.08 22.57 -13.89
CA ASN C 764 -12.83 22.68 -15.16
C ASN C 764 -13.23 24.13 -15.40
N ARG C 765 -13.64 24.84 -14.34
CA ARG C 765 -14.06 26.26 -14.49
C ARG C 765 -12.87 27.10 -14.96
N ALA C 766 -11.68 26.84 -14.40
CA ALA C 766 -10.47 27.60 -14.78
C ALA C 766 -10.15 27.37 -16.26
N LEU C 767 -10.25 26.11 -16.71
CA LEU C 767 -9.93 25.77 -18.13
C LEU C 767 -10.90 26.49 -19.07
N THR C 768 -12.19 26.52 -18.70
CA THR C 768 -13.20 27.24 -19.53
C THR C 768 -12.83 28.73 -19.58
N GLY C 769 -12.41 29.29 -18.45
CA GLY C 769 -12.02 30.71 -18.39
C GLY C 769 -10.82 30.99 -19.30
N ILE C 770 -9.84 30.08 -19.31
CA ILE C 770 -8.63 30.27 -20.16
C ILE C 770 -9.06 30.29 -21.64
N ALA C 771 -9.97 29.40 -22.03
CA ALA C 771 -10.42 29.34 -23.44
C ALA C 771 -11.14 30.65 -23.80
N VAL C 772 -11.97 31.17 -22.90
CA VAL C 772 -12.69 32.45 -23.15
C VAL C 772 -11.65 33.58 -23.26
N GLU C 773 -10.62 33.53 -22.41
CA GLU C 773 -9.58 34.60 -22.42
C GLU C 773 -8.86 34.60 -23.78
N GLN C 774 -8.57 33.42 -24.33
CA GLN C 774 -7.83 33.36 -25.62
C GLN C 774 -8.67 33.99 -26.72
N ASP C 775 -9.98 33.71 -26.74
CA ASP C 775 -10.89 34.32 -27.74
C ASP C 775 -10.92 35.83 -27.54
N LYS C 776 -10.97 36.28 -26.28
CA LYS C 776 -11.03 37.74 -25.97
C LYS C 776 -9.75 38.41 -26.48
N ASN C 777 -8.59 37.79 -26.25
CA ASN C 777 -7.30 38.38 -26.68
C ASN C 777 -7.28 38.47 -28.21
N THR C 778 -7.72 37.41 -28.88
CA THR C 778 -7.72 37.38 -30.38
C THR C 778 -8.64 38.49 -30.89
N GLN C 779 -9.83 38.61 -30.31
CA GLN C 779 -10.81 39.61 -30.78
C GLN C 779 -10.24 41.02 -30.60
N GLU C 780 -9.61 41.29 -29.44
CA GLU C 780 -9.13 42.68 -29.18
C GLU C 780 -8.04 43.08 -30.18
N VAL C 781 -7.05 42.22 -30.42
CA VAL C 781 -5.92 42.62 -31.30
C VAL C 781 -6.40 42.75 -32.75
N PHE C 782 -7.14 41.76 -33.25
CA PHE C 782 -7.55 41.78 -34.68
C PHE C 782 -8.62 42.85 -34.98
N ALA C 783 -9.62 42.99 -34.09
CA ALA C 783 -10.72 43.94 -34.36
C ALA C 783 -10.36 45.34 -33.85
N GLN C 784 -9.39 46.01 -34.48
CA GLN C 784 -9.07 47.41 -34.09
C GLN C 784 -9.68 48.37 -35.11
N VAL C 785 -10.40 47.85 -36.10
CA VAL C 785 -10.99 48.72 -37.17
C VAL C 785 -12.52 48.58 -37.15
N LYS C 786 -13.23 49.71 -37.06
CA LYS C 786 -14.72 49.69 -37.02
C LYS C 786 -15.31 49.15 -38.34
N GLN C 787 -14.74 49.54 -39.48
CA GLN C 787 -15.33 49.14 -40.79
C GLN C 787 -14.31 48.36 -41.62
N ILE C 788 -14.73 47.23 -42.20
CA ILE C 788 -13.82 46.46 -43.10
C ILE C 788 -13.47 47.35 -44.30
N TYR C 789 -12.20 47.37 -44.71
CA TYR C 789 -11.76 48.27 -45.81
C TYR C 789 -11.17 47.44 -46.96
N LYS C 790 -11.49 47.80 -48.20
CA LYS C 790 -10.95 47.07 -49.39
C LYS C 790 -10.16 48.05 -50.26
N THR C 791 -8.96 47.66 -50.71
CA THR C 791 -8.11 48.54 -51.57
C THR C 791 -8.76 48.68 -52.96
N PRO C 792 -8.59 49.83 -53.64
CA PRO C 792 -9.15 50.03 -54.99
C PRO C 792 -8.50 49.09 -56.03
N PRO C 793 -9.24 48.64 -57.06
CA PRO C 793 -8.71 47.69 -58.04
C PRO C 793 -7.49 48.28 -58.80
N ILE C 794 -7.55 49.56 -59.17
CA ILE C 794 -6.39 50.21 -59.83
C ILE C 794 -5.33 50.49 -58.77
N LYS C 795 -4.10 49.99 -58.98
CA LYS C 795 -3.00 50.24 -58.02
C LYS C 795 -2.24 51.52 -58.38
N ASP C 796 -2.90 52.68 -58.26
CA ASP C 796 -2.19 53.97 -58.51
C ASP C 796 -1.54 54.42 -57.21
N PHE C 797 -0.53 53.69 -56.73
CA PHE C 797 0.09 54.01 -55.42
C PHE C 797 1.52 54.56 -55.58
N GLY C 798 1.87 55.02 -56.78
CA GLY C 798 3.24 55.49 -57.03
C GLY C 798 4.20 54.36 -57.36
N GLY C 799 3.67 53.18 -57.69
CA GLY C 799 4.52 52.04 -58.09
C GLY C 799 4.94 51.17 -56.92
N PHE C 800 4.49 51.49 -55.71
CA PHE C 800 4.82 50.67 -54.54
C PHE C 800 3.90 49.46 -54.53
N ASN C 801 4.42 48.29 -54.89
CA ASN C 801 3.63 47.07 -54.92
C ASN C 801 3.14 46.64 -53.52
N PHE C 802 1.88 46.24 -53.43
CA PHE C 802 1.32 45.78 -52.16
C PHE C 802 0.61 44.47 -52.40
N SER C 803 0.90 43.83 -53.54
CA SER C 803 0.19 42.58 -53.92
C SER C 803 0.49 41.47 -52.91
N GLN C 804 1.77 41.31 -52.57
CA GLN C 804 2.21 40.18 -51.70
C GLN C 804 1.75 40.40 -50.26
N ILE C 805 1.48 41.64 -49.85
CA ILE C 805 0.93 41.86 -48.47
C ILE C 805 -0.61 41.80 -48.53
N LEU C 806 -1.20 41.88 -49.73
CA LEU C 806 -2.69 41.91 -49.85
C LEU C 806 -3.24 40.47 -49.95
N PRO C 807 -4.43 40.10 -49.41
CA PRO C 807 -4.92 38.72 -49.57
C PRO C 807 -5.24 38.35 -51.02
N ASP C 808 -5.10 37.06 -51.36
CA ASP C 808 -5.32 36.62 -52.77
C ASP C 808 -6.78 36.16 -52.94
N PRO C 809 -7.56 36.78 -53.85
CA PRO C 809 -8.94 36.35 -54.13
C PRO C 809 -9.00 34.94 -54.71
N SER C 810 -8.03 34.57 -55.55
CA SER C 810 -8.06 33.25 -56.24
C SER C 810 -8.07 32.10 -55.23
N LYS C 811 -7.32 32.24 -54.13
CA LYS C 811 -7.31 31.19 -53.06
C LYS C 811 -8.72 31.09 -52.47
N PRO C 812 -9.23 29.87 -52.14
CA PRO C 812 -10.59 29.72 -51.63
C PRO C 812 -10.72 30.53 -50.33
N SER C 813 -9.69 30.47 -49.47
CA SER C 813 -9.68 31.32 -48.26
C SER C 813 -8.83 32.54 -48.62
N LYS C 814 -9.34 33.75 -48.40
CA LYS C 814 -8.57 34.94 -48.87
C LYS C 814 -7.50 35.30 -47.84
N ARG C 815 -6.26 34.86 -48.09
CA ARG C 815 -5.13 35.18 -47.18
C ARG C 815 -3.96 35.64 -48.05
N SER C 816 -3.08 36.49 -47.51
CA SER C 816 -1.93 37.02 -48.29
C SER C 816 -0.91 35.91 -48.53
N PHE C 817 -0.10 36.03 -49.58
CA PHE C 817 0.96 35.02 -49.84
C PHE C 817 1.92 35.00 -48.66
N ILE C 818 2.24 36.18 -48.12
CA ILE C 818 3.13 36.26 -46.91
C ILE C 818 2.41 35.55 -45.76
N GLU C 819 1.10 35.76 -45.61
CA GLU C 819 0.31 35.10 -44.54
C GLU C 819 0.34 33.58 -44.76
N ASP C 820 0.25 33.15 -46.01
CA ASP C 820 0.25 31.69 -46.32
C ASP C 820 1.58 31.08 -45.85
N LEU C 821 2.69 31.79 -46.07
CA LEU C 821 4.02 31.28 -45.64
C LEU C 821 4.03 31.13 -44.12
N LEU C 822 3.47 32.11 -43.40
CA LEU C 822 3.44 32.06 -41.92
C LEU C 822 2.62 30.86 -41.46
N PHE C 823 1.47 30.62 -42.11
CA PHE C 823 0.61 29.46 -41.75
C PHE C 823 1.35 28.15 -42.03
N ASN C 824 2.04 28.07 -43.17
CA ASN C 824 2.74 26.82 -43.57
C ASN C 824 3.86 26.48 -42.57
N LYS C 825 4.63 27.48 -42.14
CA LYS C 825 5.80 27.22 -41.25
C LYS C 825 5.33 26.65 -39.91
N VAL C 826 4.26 27.20 -39.34
CA VAL C 826 3.70 26.64 -38.07
C VAL C 826 3.09 25.27 -38.38
N THR C 827 3.36 24.27 -37.54
CA THR C 827 2.84 22.89 -37.76
C THR C 827 2.24 22.35 -36.46
N LYS C 854 -7.52 13.34 -25.75
CA LYS C 854 -8.17 12.54 -26.82
C LYS C 854 -9.45 11.90 -26.27
N PHE C 855 -9.38 10.64 -25.85
CA PHE C 855 -10.56 9.91 -25.31
C PHE C 855 -10.54 9.97 -23.78
N ASN C 856 -9.61 10.76 -23.21
CA ASN C 856 -9.47 10.86 -21.74
C ASN C 856 -10.30 12.04 -21.25
N GLY C 857 -11.13 12.62 -22.12
CA GLY C 857 -11.90 13.83 -21.75
C GLY C 857 -11.12 15.08 -22.14
N LEU C 858 -9.94 14.90 -22.73
CA LEU C 858 -9.15 16.06 -23.22
C LEU C 858 -9.74 16.48 -24.57
N THR C 859 -10.12 17.75 -24.72
CA THR C 859 -10.76 18.22 -25.98
C THR C 859 -10.09 19.51 -26.44
N VAL C 860 -10.15 19.81 -27.75
CA VAL C 860 -9.58 21.09 -28.28
C VAL C 860 -10.75 21.94 -28.77
N LEU C 861 -10.81 23.21 -28.36
CA LEU C 861 -11.95 24.08 -28.74
C LEU C 861 -11.53 25.02 -29.87
N PRO C 862 -12.28 25.08 -30.99
CA PRO C 862 -11.95 25.99 -32.09
C PRO C 862 -12.13 27.46 -31.67
N PRO C 863 -11.25 28.39 -32.13
CA PRO C 863 -11.37 29.81 -31.79
C PRO C 863 -12.66 30.43 -32.36
N LEU C 864 -13.23 31.41 -31.64
CA LEU C 864 -14.47 32.07 -32.10
C LEU C 864 -14.20 32.75 -33.45
N LEU C 865 -13.01 33.36 -33.60
CA LEU C 865 -12.65 34.00 -34.89
C LEU C 865 -11.94 32.97 -35.76
N THR C 866 -12.46 32.71 -36.96
CA THR C 866 -11.84 31.72 -37.89
C THR C 866 -10.58 32.32 -38.50
N ASP C 867 -9.69 31.47 -39.04
CA ASP C 867 -8.41 31.96 -39.62
C ASP C 867 -8.73 32.90 -40.80
N GLU C 868 -9.73 32.58 -41.60
CA GLU C 868 -10.14 33.46 -42.72
C GLU C 868 -10.63 34.81 -42.16
N MET C 869 -11.45 34.77 -41.13
CA MET C 869 -11.85 36.04 -40.50
C MET C 869 -10.57 36.78 -40.13
N ILE C 870 -9.66 36.16 -39.38
CA ILE C 870 -8.43 36.84 -38.89
C ILE C 870 -7.73 37.51 -40.08
N ALA C 871 -7.66 36.81 -41.22
CA ALA C 871 -7.05 37.39 -42.43
C ALA C 871 -7.85 38.60 -42.89
N GLN C 872 -9.18 38.54 -42.82
CA GLN C 872 -10.05 39.67 -43.26
C GLN C 872 -9.86 40.86 -42.32
N TYR C 873 -9.66 40.61 -41.02
CA TYR C 873 -9.41 41.67 -40.05
C TYR C 873 -8.07 42.35 -40.31
N THR C 874 -7.03 41.55 -40.59
CA THR C 874 -5.70 42.11 -40.93
C THR C 874 -5.81 42.90 -42.24
N SER C 875 -6.57 42.37 -43.21
CA SER C 875 -6.73 43.04 -44.52
C SER C 875 -7.38 44.41 -44.34
N ALA C 876 -8.40 44.50 -43.48
CA ALA C 876 -9.11 45.79 -43.25
C ALA C 876 -8.14 46.82 -42.66
N LEU C 877 -7.35 46.41 -41.66
CA LEU C 877 -6.34 47.33 -41.07
C LEU C 877 -5.30 47.68 -42.13
N LEU C 878 -4.87 46.69 -42.91
CA LEU C 878 -3.82 46.90 -43.94
C LEU C 878 -4.35 47.88 -44.99
N ALA C 879 -5.60 47.70 -45.44
CA ALA C 879 -6.16 48.57 -46.50
C ALA C 879 -6.25 50.00 -45.97
N GLY C 880 -6.66 50.17 -44.71
CA GLY C 880 -6.76 51.51 -44.11
C GLY C 880 -5.42 52.20 -44.06
N THR C 881 -4.36 51.47 -43.68
CA THR C 881 -3.00 52.07 -43.67
C THR C 881 -2.57 52.44 -45.09
N ILE C 882 -2.79 51.54 -46.06
CA ILE C 882 -2.32 51.78 -47.46
C ILE C 882 -3.07 52.94 -48.12
N THR C 883 -4.40 53.01 -47.95
CA THR C 883 -5.18 54.04 -48.69
C THR C 883 -5.48 55.28 -47.84
N SER C 884 -5.87 55.10 -46.58
CA SER C 884 -6.29 56.27 -45.74
C SER C 884 -5.16 56.75 -44.83
N GLY C 885 -3.97 56.12 -44.88
CA GLY C 885 -2.90 56.49 -43.95
C GLY C 885 -3.32 56.28 -42.50
N TRP C 886 -3.11 57.29 -41.64
CA TRP C 886 -3.43 57.13 -40.20
C TRP C 886 -4.85 57.59 -39.87
N THR C 887 -5.60 58.09 -40.86
CA THR C 887 -6.96 58.64 -40.60
C THR C 887 -7.90 57.55 -40.09
N PHE C 888 -7.78 56.32 -40.58
CA PHE C 888 -8.72 55.23 -40.19
C PHE C 888 -8.64 54.96 -38.69
N GLY C 889 -7.45 54.97 -38.10
CA GLY C 889 -7.32 54.78 -36.65
C GLY C 889 -8.00 55.89 -35.87
N ALA C 890 -7.81 57.15 -36.29
CA ALA C 890 -8.44 58.31 -35.61
C ALA C 890 -9.97 58.28 -35.76
N GLY C 891 -10.46 57.90 -36.94
CA GLY C 891 -11.92 57.95 -37.19
C GLY C 891 -12.25 57.48 -38.60
N ALA C 892 -13.25 58.10 -39.26
CA ALA C 892 -13.66 57.64 -40.59
C ALA C 892 -12.46 57.73 -41.55
N ALA C 893 -12.27 56.70 -42.39
CA ALA C 893 -11.11 56.67 -43.29
C ALA C 893 -11.22 57.82 -44.31
N LEU C 894 -10.11 58.53 -44.55
CA LEU C 894 -10.10 59.64 -45.53
C LEU C 894 -9.09 59.33 -46.64
N GLN C 895 -9.53 59.38 -47.90
CA GLN C 895 -8.61 58.99 -49.01
C GLN C 895 -7.45 59.97 -49.09
N ILE C 896 -6.24 59.44 -49.33
CA ILE C 896 -5.05 60.33 -49.51
C ILE C 896 -4.14 59.66 -50.55
N PRO C 897 -3.45 60.39 -51.45
CA PRO C 897 -2.50 59.77 -52.37
C PRO C 897 -1.37 59.10 -51.57
N PHE C 898 -0.93 57.90 -51.99
CA PHE C 898 0.08 57.16 -51.20
C PHE C 898 1.40 57.94 -51.10
N ALA C 899 1.80 58.59 -52.21
CA ALA C 899 3.07 59.36 -52.21
C ALA C 899 2.97 60.48 -51.17
N MET C 900 1.82 61.16 -51.09
CA MET C 900 1.62 62.22 -50.07
C MET C 900 1.65 61.60 -48.68
N GLN C 901 1.05 60.40 -48.52
CA GLN C 901 1.05 59.71 -47.19
C GLN C 901 2.50 59.41 -46.79
N MET C 902 3.33 58.97 -47.75
CA MET C 902 4.76 58.69 -47.46
C MET C 902 5.45 59.99 -47.02
N ALA C 903 5.11 61.11 -47.67
CA ALA C 903 5.71 62.42 -47.29
C ALA C 903 5.31 62.76 -45.85
N TYR C 904 4.07 62.45 -45.46
CA TYR C 904 3.61 62.71 -44.06
C TYR C 904 4.46 61.90 -43.09
N ARG C 905 4.78 60.64 -43.45
CA ARG C 905 5.61 59.77 -42.58
C ARG C 905 6.99 60.40 -42.44
N PHE C 906 7.55 60.92 -43.54
CA PHE C 906 8.88 61.59 -43.48
C PHE C 906 8.78 62.84 -42.61
N ASN C 907 7.68 63.60 -42.74
CA ASN C 907 7.47 64.82 -41.91
C ASN C 907 7.40 64.42 -40.44
N GLY C 908 6.77 63.28 -40.14
CA GLY C 908 6.67 62.79 -38.75
C GLY C 908 8.02 62.51 -38.15
N ILE C 909 8.93 61.91 -38.93
CA ILE C 909 10.32 61.64 -38.44
C ILE C 909 11.20 62.88 -38.62
N GLY C 910 10.66 63.93 -39.27
CA GLY C 910 11.41 65.20 -39.42
C GLY C 910 12.19 65.31 -40.72
N VAL C 911 12.25 64.25 -41.53
CA VAL C 911 12.92 64.37 -42.86
C VAL C 911 12.01 65.22 -43.76
N THR C 912 12.58 66.08 -44.62
CA THR C 912 11.76 66.98 -45.44
C THR C 912 10.93 66.19 -46.46
N GLN C 913 9.70 66.64 -46.74
CA GLN C 913 8.81 65.95 -47.71
C GLN C 913 9.43 65.98 -49.10
N ASN C 914 10.10 67.08 -49.46
CA ASN C 914 10.66 67.22 -50.84
C ASN C 914 11.66 66.10 -51.10
N VAL C 915 12.45 65.73 -50.09
CA VAL C 915 13.50 64.68 -50.28
C VAL C 915 12.80 63.38 -50.70
N LEU C 916 11.67 63.06 -50.08
CA LEU C 916 10.95 61.81 -50.41
C LEU C 916 10.48 61.86 -51.87
N TYR C 917 9.93 63.00 -52.31
CA TYR C 917 9.41 63.12 -53.70
C TYR C 917 10.56 62.96 -54.71
N GLU C 918 11.71 63.57 -54.40
CA GLU C 918 12.89 63.48 -55.30
C GLU C 918 13.35 62.02 -55.39
N ASN C 919 13.31 61.28 -54.28
CA ASN C 919 13.82 59.88 -54.24
C ASN C 919 12.64 58.91 -54.25
N GLN C 920 11.45 59.33 -54.69
CA GLN C 920 10.25 58.46 -54.59
C GLN C 920 10.45 57.16 -55.40
N LYS C 921 11.05 57.27 -56.60
CA LYS C 921 11.31 56.06 -57.42
C LYS C 921 12.26 55.13 -56.67
N LEU C 922 13.31 55.69 -56.07
CA LEU C 922 14.29 54.87 -55.30
C LEU C 922 13.58 54.22 -54.11
N ILE C 923 12.74 54.99 -53.41
CA ILE C 923 12.04 54.46 -52.20
C ILE C 923 11.10 53.31 -52.62
N ALA C 924 10.40 53.47 -53.75
CA ALA C 924 9.46 52.42 -54.20
C ALA C 924 10.24 51.14 -54.51
N ASN C 925 11.38 51.27 -55.19
CA ASN C 925 12.21 50.07 -55.53
C ASN C 925 12.71 49.43 -54.23
N GLN C 926 13.18 50.24 -53.28
CA GLN C 926 13.71 49.71 -52.00
C GLN C 926 12.59 49.01 -51.23
N PHE C 927 11.40 49.60 -51.21
CA PHE C 927 10.26 49.00 -50.47
C PHE C 927 9.89 47.65 -51.09
N ASN C 928 9.84 47.58 -52.42
CA ASN C 928 9.46 46.32 -53.11
C ASN C 928 10.53 45.26 -52.81
N SER C 929 11.81 45.65 -52.86
CA SER C 929 12.91 44.70 -52.59
C SER C 929 12.82 44.20 -51.13
N ALA C 930 12.54 45.11 -50.20
CA ALA C 930 12.48 44.74 -48.76
C ALA C 930 11.34 43.74 -48.54
N ILE C 931 10.18 43.96 -49.17
CA ILE C 931 9.03 43.03 -49.02
C ILE C 931 9.44 41.66 -49.58
N GLY C 932 10.11 41.65 -50.73
CA GLY C 932 10.57 40.39 -51.35
C GLY C 932 11.55 39.66 -50.44
N LYS C 933 12.47 40.40 -49.82
CA LYS C 933 13.48 39.80 -48.90
C LYS C 933 12.76 39.16 -47.72
N ILE C 934 11.72 39.82 -47.20
CA ILE C 934 10.98 39.28 -46.02
C ILE C 934 10.34 37.94 -46.40
N GLN C 935 9.75 37.85 -47.60
CA GLN C 935 9.11 36.58 -48.05
C GLN C 935 10.18 35.49 -48.17
N ASP C 936 11.35 35.85 -48.73
CA ASP C 936 12.45 34.87 -48.90
C ASP C 936 12.91 34.40 -47.53
N SER C 937 13.01 35.32 -46.56
CA SER C 937 13.47 34.96 -45.19
C SER C 937 12.47 34.01 -44.54
N LEU C 938 11.16 34.27 -44.70
CA LEU C 938 10.13 33.42 -44.05
C LEU C 938 10.21 32.00 -44.62
N SER C 939 10.38 31.88 -45.94
CA SER C 939 10.51 30.54 -46.57
C SER C 939 11.82 29.86 -46.13
N SER C 940 12.93 30.62 -46.11
CA SER C 940 14.25 30.03 -45.78
C SER C 940 14.31 29.57 -44.31
N THR C 941 13.77 30.37 -43.38
CA THR C 941 13.90 30.02 -41.94
C THR C 941 12.53 29.94 -41.27
N ALA C 942 12.29 28.88 -40.50
CA ALA C 942 11.02 28.73 -39.74
C ALA C 942 11.22 29.31 -38.35
N SER C 943 12.40 29.90 -38.08
CA SER C 943 12.71 30.47 -36.74
C SER C 943 11.74 31.60 -36.40
N ALA C 944 11.37 32.41 -37.39
CA ALA C 944 10.44 33.55 -37.16
C ALA C 944 9.09 33.00 -36.65
N LEU C 945 8.64 31.88 -37.22
CA LEU C 945 7.36 31.25 -36.79
C LEU C 945 7.65 30.25 -35.66
N GLY C 946 8.92 30.13 -35.27
CA GLY C 946 9.32 29.18 -34.21
C GLY C 946 8.66 29.51 -32.88
N LYS C 947 8.55 30.80 -32.56
CA LYS C 947 7.92 31.21 -31.27
C LYS C 947 6.47 30.74 -31.24
N LEU C 948 5.74 30.92 -32.34
CA LEU C 948 4.33 30.45 -32.43
C LEU C 948 4.31 28.92 -32.33
N GLN C 949 5.26 28.25 -33.01
CA GLN C 949 5.33 26.77 -32.98
C GLN C 949 5.62 26.31 -31.54
N ASP C 950 6.49 27.03 -30.83
CA ASP C 950 6.86 26.64 -29.45
C ASP C 950 5.62 26.68 -28.55
N VAL C 951 4.77 27.70 -28.72
CA VAL C 951 3.52 27.81 -27.90
C VAL C 951 2.64 26.60 -28.19
N VAL C 952 2.49 26.22 -29.47
CA VAL C 952 1.68 25.03 -29.85
C VAL C 952 2.32 23.79 -29.23
N ASN C 953 3.65 23.69 -29.27
CA ASN C 953 4.37 22.51 -28.72
C ASN C 953 4.12 22.42 -27.21
N GLN C 954 4.12 23.56 -26.51
CA GLN C 954 3.91 23.57 -25.04
C GLN C 954 2.51 23.03 -24.72
N ASN C 955 1.51 23.45 -25.49
CA ASN C 955 0.12 22.96 -25.28
C ASN C 955 0.09 21.45 -25.53
N ALA C 956 0.74 20.99 -26.62
CA ALA C 956 0.76 19.55 -26.95
C ALA C 956 1.47 18.77 -25.85
N GLN C 957 2.57 19.32 -25.32
CA GLN C 957 3.36 18.61 -24.28
C GLN C 957 2.50 18.43 -23.03
N ALA C 958 1.73 19.46 -22.67
CA ALA C 958 0.86 19.37 -21.47
C ALA C 958 -0.18 18.26 -21.66
N LEU C 959 -0.77 18.17 -22.85
CA LEU C 959 -1.75 17.08 -23.14
C LEU C 959 -1.04 15.73 -23.07
N ASN C 960 0.18 15.65 -23.62
CA ASN C 960 0.96 14.38 -23.63
C ASN C 960 1.26 13.96 -22.18
N THR C 961 1.59 14.93 -21.33
CA THR C 961 1.93 14.61 -19.91
C THR C 961 0.71 13.97 -19.24
N LEU C 962 -0.49 14.50 -19.50
CA LEU C 962 -1.73 13.95 -18.89
C LEU C 962 -1.91 12.49 -19.34
N VAL C 963 -1.66 12.20 -20.61
CA VAL C 963 -1.79 10.81 -21.15
C VAL C 963 -0.80 9.90 -20.41
N LYS C 964 0.43 10.38 -20.20
CA LYS C 964 1.46 9.59 -19.48
C LYS C 964 1.01 9.36 -18.03
N GLN C 965 0.38 10.36 -17.41
CA GLN C 965 -0.02 10.25 -15.98
C GLN C 965 -1.04 9.13 -15.77
N LEU C 966 -1.94 8.91 -16.74
CA LEU C 966 -2.90 7.80 -16.62
C LEU C 966 -2.12 6.48 -16.52
N SER C 967 -1.04 6.33 -17.28
CA SER C 967 -0.18 5.12 -17.19
C SER C 967 0.46 5.03 -15.81
N SER C 968 0.85 6.16 -15.22
CA SER C 968 1.57 6.12 -13.91
C SER C 968 0.67 5.48 -12.84
N ASN C 969 1.22 4.56 -12.06
CA ASN C 969 0.44 3.84 -11.01
C ASN C 969 -0.02 4.80 -9.90
N PHE C 970 0.83 5.74 -9.49
CA PHE C 970 0.52 6.65 -8.35
C PHE C 970 0.37 5.82 -7.07
N GLY C 971 1.10 4.70 -6.97
CA GLY C 971 1.04 3.84 -5.77
C GLY C 971 -0.05 2.79 -5.87
N ALA C 972 -0.90 2.85 -6.90
CA ALA C 972 -1.93 1.81 -7.11
C ALA C 972 -1.28 0.54 -7.65
N ILE C 973 -1.87 -0.62 -7.38
CA ILE C 973 -1.33 -1.91 -7.92
C ILE C 973 -1.41 -1.88 -9.46
N SER C 974 -2.52 -1.38 -10.01
CA SER C 974 -2.71 -1.33 -11.48
C SER C 974 -3.11 0.08 -11.92
N SER C 975 -2.56 0.56 -13.05
CA SER C 975 -2.96 1.88 -13.60
C SER C 975 -4.44 1.85 -14.00
N VAL C 976 -4.89 0.75 -14.60
CA VAL C 976 -6.30 0.66 -15.11
C VAL C 976 -7.25 0.54 -13.91
N LEU C 977 -8.29 1.39 -13.87
CA LEU C 977 -9.30 1.33 -12.78
C LEU C 977 -10.06 0.01 -12.85
N ASN C 978 -10.42 -0.44 -14.06
CA ASN C 978 -11.24 -1.67 -14.23
C ASN C 978 -10.46 -2.89 -13.70
N ASP C 979 -9.16 -2.94 -13.95
CA ASP C 979 -8.35 -4.12 -13.52
C ASP C 979 -8.40 -4.22 -11.99
N ILE C 980 -8.29 -3.09 -11.30
CA ILE C 980 -8.33 -3.10 -9.80
C ILE C 980 -9.71 -3.61 -9.35
N LEU C 981 -10.78 -3.15 -9.99
CA LEU C 981 -12.15 -3.54 -9.56
C LEU C 981 -12.35 -5.04 -9.77
N SER C 982 -11.90 -5.58 -10.90
CA SER C 982 -12.11 -7.01 -11.20
C SER C 982 -11.37 -7.93 -10.23
N ARG C 983 -10.12 -7.60 -9.87
CA ARG C 983 -9.31 -8.51 -9.02
C ARG C 983 -9.44 -8.21 -7.53
N LEU C 984 -10.19 -7.17 -7.14
CA LEU C 984 -10.23 -6.81 -5.69
C LEU C 984 -11.67 -6.64 -5.20
N ASP C 985 -11.86 -6.68 -3.89
CA ASP C 985 -13.17 -6.44 -3.28
C ASP C 985 -13.44 -4.94 -3.42
N PRO C 986 -14.72 -4.54 -3.32
CA PRO C 986 -15.04 -3.11 -3.50
C PRO C 986 -14.36 -2.17 -2.51
N PRO C 987 -14.31 -2.54 -1.22
CA PRO C 987 -13.66 -1.68 -0.22
C PRO C 987 -12.17 -1.51 -0.50
N GLU C 988 -11.53 -2.61 -0.89
CA GLU C 988 -10.08 -2.67 -1.21
C GLU C 988 -9.83 -1.96 -2.55
N ALA C 989 -10.71 -2.17 -3.53
CA ALA C 989 -10.53 -1.56 -4.87
C ALA C 989 -10.61 -0.03 -4.74
N GLU C 990 -11.52 0.46 -3.90
CA GLU C 990 -11.72 1.93 -3.75
C GLU C 990 -10.42 2.57 -3.21
N VAL C 991 -9.74 1.90 -2.28
CA VAL C 991 -8.49 2.47 -1.69
C VAL C 991 -7.44 2.62 -2.80
N GLN C 992 -7.29 1.60 -3.65
CA GLN C 992 -6.33 1.68 -4.78
C GLN C 992 -6.77 2.77 -5.75
N ILE C 993 -8.08 2.86 -6.01
CA ILE C 993 -8.62 3.91 -6.93
C ILE C 993 -8.31 5.29 -6.32
N ASP C 994 -8.42 5.42 -5.00
CA ASP C 994 -8.17 6.72 -4.32
C ASP C 994 -6.74 7.18 -4.57
N ARG C 995 -5.77 6.26 -4.55
CA ARG C 995 -4.36 6.63 -4.83
C ARG C 995 -4.27 7.16 -6.27
N LEU C 996 -4.93 6.49 -7.21
CA LEU C 996 -4.94 6.99 -8.62
C LEU C 996 -5.65 8.34 -8.68
N ILE C 997 -6.76 8.50 -7.95
CA ILE C 997 -7.54 9.77 -8.01
C ILE C 997 -6.66 10.91 -7.52
N THR C 998 -5.89 10.69 -6.44
CA THR C 998 -5.07 11.80 -5.88
C THR C 998 -4.05 12.24 -6.94
N GLY C 999 -3.40 11.27 -7.60
CA GLY C 999 -2.44 11.60 -8.67
C GLY C 999 -3.12 12.27 -9.86
N ARG C 1000 -4.29 11.76 -10.26
CA ARG C 1000 -5.03 12.32 -11.42
C ARG C 1000 -5.52 13.74 -11.10
N LEU C 1001 -6.02 13.96 -9.88
CA LEU C 1001 -6.46 15.32 -9.45
C LEU C 1001 -5.23 16.24 -9.46
N GLN C 1002 -4.09 15.73 -8.98
CA GLN C 1002 -2.84 16.52 -8.96
C GLN C 1002 -2.46 16.86 -10.40
N SER C 1003 -2.65 15.91 -11.33
CA SER C 1003 -2.29 16.14 -12.76
C SER C 1003 -3.13 17.28 -13.32
N LEU C 1004 -4.42 17.28 -13.03
CA LEU C 1004 -5.32 18.37 -13.50
C LEU C 1004 -4.89 19.69 -12.86
N GLN C 1005 -4.56 19.68 -11.56
CA GLN C 1005 -4.18 20.92 -10.85
C GLN C 1005 -2.87 21.46 -11.45
N THR C 1006 -1.90 20.58 -11.69
CA THR C 1006 -0.60 21.00 -12.30
C THR C 1006 -0.87 21.52 -13.72
N TYR C 1007 -1.72 20.82 -14.47
CA TYR C 1007 -2.02 21.20 -15.87
C TYR C 1007 -2.68 22.59 -15.88
N VAL C 1008 -3.64 22.81 -14.97
CA VAL C 1008 -4.36 24.11 -14.91
C VAL C 1008 -3.36 25.21 -14.54
N THR C 1009 -2.47 24.94 -13.58
CA THR C 1009 -1.50 25.97 -13.13
C THR C 1009 -0.57 26.33 -14.29
N GLN C 1010 -0.07 25.33 -15.01
CA GLN C 1010 0.86 25.60 -16.14
C GLN C 1010 0.13 26.37 -17.24
N GLN C 1011 -1.12 25.98 -17.53
CA GLN C 1011 -1.92 26.67 -18.57
C GLN C 1011 -2.17 28.13 -18.16
N LEU C 1012 -2.48 28.36 -16.87
CA LEU C 1012 -2.75 29.73 -16.37
C LEU C 1012 -1.49 30.60 -16.52
N ILE C 1013 -0.32 30.06 -16.17
CA ILE C 1013 0.95 30.82 -16.29
C ILE C 1013 1.22 31.09 -17.77
N ARG C 1014 1.01 30.09 -18.63
CA ARG C 1014 1.21 30.28 -20.10
C ARG C 1014 0.22 31.32 -20.61
N ALA C 1015 -1.04 31.25 -20.13
CA ALA C 1015 -2.08 32.20 -20.58
C ALA C 1015 -1.70 33.63 -20.18
N ALA C 1016 -1.17 33.80 -18.97
CA ALA C 1016 -0.76 35.15 -18.50
C ALA C 1016 0.36 35.69 -19.39
N GLU C 1017 1.33 34.85 -19.74
CA GLU C 1017 2.43 35.28 -20.64
C GLU C 1017 1.83 35.60 -22.02
N ILE C 1018 0.91 34.76 -22.50
CA ILE C 1018 0.27 34.97 -23.82
C ILE C 1018 -0.54 36.28 -23.77
N ARG C 1019 -1.23 36.53 -22.67
CA ARG C 1019 -2.06 37.77 -22.53
C ARG C 1019 -1.15 38.99 -22.58
N ALA C 1020 0.01 38.93 -21.92
CA ALA C 1020 0.96 40.07 -21.93
C ALA C 1020 1.46 40.29 -23.36
N SER C 1021 1.76 39.21 -24.10
CA SER C 1021 2.19 39.32 -25.51
C SER C 1021 1.06 39.92 -26.35
N ALA C 1022 -0.18 39.48 -26.10
CA ALA C 1022 -1.35 40.00 -26.85
C ALA C 1022 -1.52 41.49 -26.57
N ASN C 1023 -1.34 41.90 -25.31
CA ASN C 1023 -1.46 43.34 -24.95
C ASN C 1023 -0.37 44.13 -25.67
N LEU C 1024 0.85 43.60 -25.73
CA LEU C 1024 1.96 44.28 -26.45
C LEU C 1024 1.60 44.35 -27.95
N ALA C 1025 1.05 43.26 -28.50
CA ALA C 1025 0.67 43.24 -29.93
C ALA C 1025 -0.44 44.27 -30.19
N ALA C 1026 -1.41 44.36 -29.28
CA ALA C 1026 -2.52 45.34 -29.44
C ALA C 1026 -1.94 46.76 -29.39
N THR C 1027 -1.00 47.00 -28.47
CA THR C 1027 -0.38 48.34 -28.35
C THR C 1027 0.37 48.65 -29.64
N LYS C 1028 1.11 47.67 -30.18
CA LYS C 1028 1.87 47.88 -31.44
C LYS C 1028 0.88 48.16 -32.58
N MET C 1029 -0.22 47.40 -32.66
CA MET C 1029 -1.16 47.60 -33.79
C MET C 1029 -1.76 49.01 -33.69
N SER C 1030 -2.13 49.43 -32.48
CA SER C 1030 -2.73 50.77 -32.28
C SER C 1030 -1.73 51.89 -32.59
N GLU C 1031 -0.47 51.74 -32.18
CA GLU C 1031 0.49 52.87 -32.36
C GLU C 1031 1.38 52.71 -33.60
N CYS C 1032 1.26 51.60 -34.35
CA CYS C 1032 2.15 51.41 -35.52
C CYS C 1032 1.35 51.21 -36.80
N VAL C 1033 0.50 50.17 -36.86
CA VAL C 1033 -0.36 49.96 -38.06
C VAL C 1033 -1.35 51.11 -38.18
N LEU C 1034 -2.02 51.46 -37.07
CA LEU C 1034 -3.07 52.52 -37.11
C LEU C 1034 -2.46 53.91 -37.38
N GLY C 1035 -1.31 54.20 -36.76
CA GLY C 1035 -0.69 55.54 -36.91
C GLY C 1035 0.82 55.48 -36.76
N GLN C 1036 1.53 56.53 -37.19
CA GLN C 1036 3.02 56.56 -37.02
C GLN C 1036 3.36 56.64 -35.53
N SER C 1037 4.46 55.99 -35.11
CA SER C 1037 4.88 55.99 -33.69
C SER C 1037 6.15 56.84 -33.52
N LYS C 1038 6.12 57.79 -32.57
CA LYS C 1038 7.33 58.63 -32.31
C LYS C 1038 8.23 57.92 -31.28
N ARG C 1039 7.76 56.81 -30.69
CA ARG C 1039 8.58 56.05 -29.73
C ARG C 1039 9.79 55.47 -30.47
N VAL C 1040 10.97 55.47 -29.85
CA VAL C 1040 12.20 55.03 -30.57
C VAL C 1040 12.33 53.51 -30.52
N ASP C 1041 12.41 52.87 -31.69
CA ASP C 1041 12.61 51.38 -31.77
C ASP C 1041 11.37 50.64 -31.25
N PHE C 1042 10.22 51.32 -31.17
CA PHE C 1042 8.96 50.63 -30.75
C PHE C 1042 8.60 49.59 -31.81
N CYS C 1043 8.77 49.94 -33.09
CA CYS C 1043 8.42 49.01 -34.19
C CYS C 1043 9.61 48.88 -35.16
N GLY C 1044 10.65 48.14 -34.75
CA GLY C 1044 11.81 47.90 -35.63
C GLY C 1044 12.93 48.92 -35.44
N LYS C 1045 14.16 48.56 -35.81
CA LYS C 1045 15.32 49.48 -35.70
C LYS C 1045 15.17 50.58 -36.76
N GLY C 1046 15.63 51.80 -36.46
CA GLY C 1046 15.45 52.93 -37.39
C GLY C 1046 14.16 53.67 -37.12
N TYR C 1047 13.80 54.62 -38.00
CA TYR C 1047 12.59 55.45 -37.75
C TYR C 1047 11.37 54.77 -38.39
N HIS C 1048 10.44 54.30 -37.56
CA HIS C 1048 9.24 53.57 -38.09
C HIS C 1048 8.35 54.56 -38.86
N LEU C 1049 7.89 54.15 -40.05
CA LEU C 1049 6.94 55.02 -40.82
C LEU C 1049 5.53 54.43 -40.71
N MET C 1050 5.36 53.18 -41.10
CA MET C 1050 4.06 52.50 -41.06
C MET C 1050 4.20 51.04 -40.64
N SER C 1051 3.12 50.46 -40.12
CA SER C 1051 3.14 49.07 -39.67
C SER C 1051 2.16 48.18 -40.44
N PHE C 1052 2.63 47.02 -40.87
CA PHE C 1052 1.81 46.07 -41.62
C PHE C 1052 1.59 44.79 -40.82
N PRO C 1053 0.32 44.34 -40.74
CA PRO C 1053 -0.06 43.14 -40.00
C PRO C 1053 -0.46 41.97 -40.91
N GLN C 1054 0.13 40.81 -40.67
CA GLN C 1054 -0.17 39.61 -41.45
C GLN C 1054 -0.72 38.51 -40.54
N SER C 1055 -1.82 37.89 -40.95
CA SER C 1055 -2.44 36.83 -40.12
C SER C 1055 -1.48 35.65 -39.95
N ALA C 1056 -1.42 35.08 -38.75
CA ALA C 1056 -0.57 33.91 -38.47
C ALA C 1056 -1.34 32.98 -37.53
N PRO C 1057 -1.05 31.66 -37.45
CA PRO C 1057 -1.87 30.79 -36.59
C PRO C 1057 -1.57 31.14 -35.13
N HIS C 1058 -2.60 31.56 -34.39
CA HIS C 1058 -2.43 31.94 -32.96
C HIS C 1058 -1.34 33.00 -32.82
N GLY C 1059 -1.24 33.92 -33.80
CA GLY C 1059 -0.17 34.94 -33.77
C GLY C 1059 -0.46 36.12 -34.66
N VAL C 1060 0.26 37.23 -34.48
CA VAL C 1060 0.11 38.40 -35.39
C VAL C 1060 1.50 38.80 -35.88
N VAL C 1061 1.62 39.20 -37.15
CA VAL C 1061 2.93 39.60 -37.73
C VAL C 1061 2.87 41.07 -38.14
N PHE C 1062 3.86 41.87 -37.73
CA PHE C 1062 3.89 43.31 -38.12
C PHE C 1062 5.10 43.57 -39.02
N LEU C 1063 4.87 44.12 -40.21
CA LEU C 1063 6.01 44.49 -41.09
C LEU C 1063 6.16 46.02 -41.02
N HIS C 1064 7.30 46.52 -40.53
CA HIS C 1064 7.40 48.00 -40.33
C HIS C 1064 8.40 48.61 -41.32
N VAL C 1065 7.94 49.62 -42.09
CA VAL C 1065 8.87 50.34 -43.01
C VAL C 1065 9.72 51.26 -42.14
N THR C 1066 11.05 51.20 -42.27
CA THR C 1066 11.93 51.97 -41.35
C THR C 1066 12.90 52.83 -42.16
N TYR C 1067 13.39 53.93 -41.57
CA TYR C 1067 14.35 54.84 -42.27
C TYR C 1067 15.75 54.57 -41.73
N VAL C 1068 16.66 54.11 -42.59
CA VAL C 1068 18.07 53.82 -42.18
C VAL C 1068 19.02 54.59 -43.10
N PRO C 1069 19.99 55.37 -42.59
CA PRO C 1069 20.97 56.04 -43.45
C PRO C 1069 21.83 55.01 -44.20
N ALA C 1070 22.06 55.22 -45.50
CA ALA C 1070 22.88 54.29 -46.30
C ALA C 1070 24.33 54.79 -46.41
N GLN C 1071 24.51 56.08 -46.75
CA GLN C 1071 25.86 56.66 -46.89
C GLN C 1071 25.98 57.89 -45.98
N GLU C 1072 27.05 57.98 -45.19
CA GLU C 1072 27.20 59.11 -44.23
C GLU C 1072 28.53 59.83 -44.49
N LYS C 1073 28.53 61.16 -44.40
CA LYS C 1073 29.76 61.96 -44.64
C LYS C 1073 29.98 62.94 -43.48
N ASN C 1074 31.22 63.38 -43.27
CA ASN C 1074 31.54 64.27 -42.11
C ASN C 1074 31.66 65.71 -42.59
N PHE C 1075 30.98 66.65 -41.91
CA PHE C 1075 31.02 68.08 -42.30
C PHE C 1075 31.37 68.95 -41.09
N THR C 1076 32.14 70.03 -41.30
CA THR C 1076 32.46 70.96 -40.19
C THR C 1076 31.15 71.62 -39.74
N THR C 1077 30.95 71.81 -38.44
CA THR C 1077 29.65 72.36 -37.96
C THR C 1077 29.87 73.48 -36.95
N ALA C 1078 28.93 74.43 -36.89
CA ALA C 1078 29.02 75.54 -35.90
C ALA C 1078 27.71 75.60 -35.10
N PRO C 1079 27.75 75.78 -33.77
CA PRO C 1079 26.51 75.94 -32.99
C PRO C 1079 25.77 77.21 -33.43
N ALA C 1080 26.52 78.31 -33.67
CA ALA C 1080 25.91 79.57 -34.12
C ALA C 1080 26.87 80.27 -35.10
N ILE C 1081 26.34 81.19 -35.93
CA ILE C 1081 27.18 81.90 -36.93
C ILE C 1081 26.93 83.42 -36.82
N CYS C 1082 27.97 84.25 -36.98
CA CYS C 1082 27.80 85.72 -36.82
C CYS C 1082 27.91 86.41 -38.17
N HIS C 1083 26.86 87.13 -38.59
CA HIS C 1083 26.91 87.91 -39.86
C HIS C 1083 27.23 89.37 -39.56
N ASP C 1084 26.52 89.97 -38.59
CA ASP C 1084 26.74 91.39 -38.22
C ASP C 1084 27.22 91.44 -36.77
N GLY C 1085 27.80 90.34 -36.27
CA GLY C 1085 28.17 90.28 -34.84
C GLY C 1085 27.01 89.77 -34.02
N LYS C 1086 25.95 89.30 -34.68
CA LYS C 1086 24.77 88.74 -33.99
C LYS C 1086 24.73 87.23 -34.24
N ALA C 1087 24.57 86.43 -33.17
CA ALA C 1087 24.56 84.96 -33.32
C ALA C 1087 23.35 84.51 -34.15
N HIS C 1088 23.54 83.54 -35.05
CA HIS C 1088 22.42 83.01 -35.88
C HIS C 1088 22.20 81.55 -35.52
N PHE C 1089 20.96 81.14 -35.23
CA PHE C 1089 20.67 79.72 -34.93
C PHE C 1089 19.65 79.22 -35.96
N PRO C 1090 19.88 78.07 -36.64
CA PRO C 1090 18.97 77.63 -37.69
C PRO C 1090 17.57 77.30 -37.12
N ARG C 1091 16.51 77.80 -37.77
CA ARG C 1091 15.14 77.44 -37.32
C ARG C 1091 14.95 75.94 -37.52
N GLU C 1092 15.43 75.40 -38.65
CA GLU C 1092 15.33 73.94 -38.91
C GLU C 1092 16.72 73.39 -39.26
N GLY C 1093 17.13 72.29 -38.64
CA GLY C 1093 18.42 71.65 -38.99
C GLY C 1093 19.62 72.32 -38.33
N VAL C 1094 20.83 72.00 -38.78
CA VAL C 1094 22.08 72.55 -38.17
C VAL C 1094 23.04 73.01 -39.26
N PHE C 1095 23.97 73.91 -38.93
CA PHE C 1095 24.95 74.43 -39.92
C PHE C 1095 25.94 73.33 -40.35
N VAL C 1096 26.31 73.30 -41.63
CA VAL C 1096 27.33 72.33 -42.13
C VAL C 1096 28.30 73.10 -43.05
N SER C 1097 29.54 72.64 -43.15
CA SER C 1097 30.52 73.32 -43.99
C SER C 1097 31.46 72.35 -44.70
N ASN C 1098 31.43 72.40 -46.03
CA ASN C 1098 32.27 71.52 -46.85
C ASN C 1098 33.75 71.82 -46.63
N GLY C 1099 34.07 73.11 -46.50
CA GLY C 1099 35.44 73.54 -46.29
C GLY C 1099 35.75 74.78 -47.10
N THR C 1100 34.73 75.28 -47.80
CA THR C 1100 34.85 76.49 -48.65
C THR C 1100 33.62 77.37 -48.44
N HIS C 1101 32.49 76.79 -48.04
CA HIS C 1101 31.23 77.56 -47.86
C HIS C 1101 30.44 77.01 -46.66
N TRP C 1102 29.51 77.80 -46.13
CA TRP C 1102 28.67 77.33 -44.99
C TRP C 1102 27.22 77.14 -45.48
N PHE C 1103 26.60 76.01 -45.11
CA PHE C 1103 25.22 75.70 -45.57
C PHE C 1103 24.36 75.30 -44.37
N VAL C 1104 23.03 75.39 -44.50
CA VAL C 1104 22.13 74.92 -43.40
C VAL C 1104 21.33 73.72 -43.93
N THR C 1105 21.33 72.60 -43.20
CA THR C 1105 20.62 71.37 -43.66
C THR C 1105 19.92 70.70 -42.49
N GLN C 1106 18.89 69.88 -42.77
CA GLN C 1106 18.18 69.14 -41.70
C GLN C 1106 19.13 68.10 -41.08
N ARG C 1107 18.98 67.82 -39.79
CA ARG C 1107 19.85 66.85 -39.09
C ARG C 1107 19.68 65.44 -39.68
N ASN C 1108 18.45 65.05 -40.02
CA ASN C 1108 18.19 63.66 -40.48
C ASN C 1108 18.86 63.34 -41.82
N PHE C 1109 18.85 64.27 -42.77
CA PHE C 1109 19.38 63.96 -44.13
C PHE C 1109 20.17 65.16 -44.66
N TYR C 1110 21.16 64.93 -45.54
CA TYR C 1110 22.00 66.05 -45.99
C TYR C 1110 21.35 66.75 -47.20
N GLU C 1111 20.83 67.96 -46.99
CA GLU C 1111 20.23 68.76 -48.08
C GLU C 1111 20.81 70.18 -47.95
N PRO C 1112 22.04 70.46 -48.42
CA PRO C 1112 22.66 71.77 -48.19
C PRO C 1112 21.88 72.93 -48.82
N GLN C 1113 21.70 74.02 -48.06
CA GLN C 1113 20.98 75.22 -48.57
C GLN C 1113 21.80 76.45 -48.21
N ILE C 1114 21.76 77.49 -49.05
CA ILE C 1114 22.48 78.77 -48.71
C ILE C 1114 21.81 79.35 -47.46
N ILE C 1115 22.62 79.78 -46.49
CA ILE C 1115 22.07 80.34 -45.22
C ILE C 1115 21.37 81.66 -45.52
N THR C 1116 20.16 81.85 -44.99
CA THR C 1116 19.42 83.13 -45.18
C THR C 1116 18.91 83.62 -43.83
N THR C 1117 18.58 84.91 -43.71
CA THR C 1117 18.04 85.46 -42.44
C THR C 1117 16.71 84.76 -42.14
N ASP C 1118 15.91 84.49 -43.17
CA ASP C 1118 14.63 83.74 -42.96
C ASP C 1118 14.94 82.33 -42.44
N ASN C 1119 15.97 81.69 -42.98
CA ASN C 1119 16.33 80.30 -42.56
C ASN C 1119 16.77 80.25 -41.09
N THR C 1120 17.55 81.24 -40.63
CA THR C 1120 18.10 81.16 -39.25
C THR C 1120 17.59 82.31 -38.36
N PHE C 1121 17.00 81.99 -37.21
CA PHE C 1121 16.56 83.05 -36.26
C PHE C 1121 17.79 83.65 -35.57
N VAL C 1122 17.70 84.92 -35.16
CA VAL C 1122 18.83 85.60 -34.47
C VAL C 1122 18.48 85.75 -32.99
N SER C 1123 19.32 85.20 -32.09
CA SER C 1123 19.09 85.38 -30.63
C SER C 1123 20.43 85.47 -29.91
N GLY C 1124 20.49 86.18 -28.78
CA GLY C 1124 21.72 86.23 -27.97
C GLY C 1124 22.84 87.02 -28.65
N ASN C 1125 24.09 86.79 -28.23
CA ASN C 1125 25.25 87.47 -28.84
C ASN C 1125 26.36 86.44 -29.07
N CYS C 1126 27.30 86.73 -29.98
CA CYS C 1126 28.37 85.76 -30.33
C CYS C 1126 29.25 85.43 -29.12
N ASP C 1127 29.56 86.42 -28.27
CA ASP C 1127 30.50 86.18 -27.13
C ASP C 1127 29.95 85.11 -26.20
N VAL C 1128 28.64 85.15 -25.90
CA VAL C 1128 28.05 84.18 -24.93
C VAL C 1128 28.15 82.75 -25.49
N VAL C 1129 27.91 82.57 -26.80
CA VAL C 1129 27.94 81.22 -27.41
C VAL C 1129 29.37 80.67 -27.38
N ILE C 1130 29.53 79.35 -27.19
CA ILE C 1130 30.88 78.74 -27.08
C ILE C 1130 31.17 77.92 -28.35
N GLY C 1131 32.34 78.09 -28.96
CA GLY C 1131 32.68 77.38 -30.21
C GLY C 1131 32.05 78.04 -31.41
N ILE C 1132 31.52 79.25 -31.24
CA ILE C 1132 30.82 79.97 -32.34
C ILE C 1132 31.83 80.39 -33.42
N VAL C 1133 31.42 80.41 -34.67
CA VAL C 1133 32.28 80.82 -35.78
C VAL C 1133 31.68 82.04 -36.46
N ASN C 1134 32.44 82.64 -37.36
CA ASN C 1134 31.98 83.81 -38.10
C ASN C 1134 31.75 83.52 -39.58
N ASN C 1135 30.56 83.85 -40.08
CA ASN C 1135 30.24 83.62 -41.48
C ASN C 1135 29.11 84.54 -41.93
N THR C 1136 29.27 85.15 -43.10
CA THR C 1136 28.25 86.08 -43.66
C THR C 1136 26.95 85.31 -43.92
N VAL C 1137 25.81 85.92 -43.62
CA VAL C 1137 24.48 85.27 -43.86
C VAL C 1137 23.75 86.09 -44.93
N TYR C 1138 23.28 85.42 -45.99
CA TYR C 1138 22.59 86.11 -47.10
C TYR C 1138 21.25 86.67 -46.60
N ASP C 1139 20.85 87.85 -47.09
CA ASP C 1139 19.51 88.40 -46.73
C ASP C 1139 18.65 88.41 -47.99
N PRO C 1140 17.46 87.75 -48.00
CA PRO C 1140 16.56 87.80 -49.16
C PRO C 1140 16.04 89.23 -49.43
N LEU C 1141 15.81 90.00 -48.37
CA LEU C 1141 15.31 91.37 -48.45
C LEU C 1141 16.23 92.37 -49.16
N GLN C 1142 17.54 92.24 -48.96
CA GLN C 1142 18.50 93.19 -49.53
C GLN C 1142 18.52 93.29 -51.05
N PRO C 1143 18.43 92.16 -51.76
CA PRO C 1143 18.43 92.24 -53.22
C PRO C 1143 17.23 93.03 -53.73
N GLU C 1144 16.09 92.80 -53.08
CA GLU C 1144 14.80 93.47 -53.41
C GLU C 1144 14.90 94.95 -53.02
N LEU C 1145 15.50 95.24 -51.86
CA LEU C 1145 15.68 96.65 -51.41
C LEU C 1145 16.58 97.37 -52.40
N ASP C 1146 17.64 96.71 -52.88
CA ASP C 1146 18.57 97.33 -53.87
C ASP C 1146 17.80 97.61 -55.16
N SER C 1147 16.92 96.70 -55.57
CA SER C 1147 16.11 96.89 -56.79
C SER C 1147 14.96 97.87 -56.50
N ILE D 1 -32.89 -39.17 -41.74
CA ILE D 1 -33.74 -40.26 -41.30
C ILE D 1 -35.21 -39.91 -41.53
N VAL D 2 -35.44 -38.93 -42.39
CA VAL D 2 -36.80 -38.44 -42.64
C VAL D 2 -37.64 -39.56 -43.24
N LEU D 3 -38.89 -39.67 -42.78
CA LEU D 3 -39.86 -40.63 -43.31
C LEU D 3 -41.01 -39.89 -43.97
N THR D 4 -41.53 -40.47 -45.05
CA THR D 4 -42.67 -39.91 -45.76
C THR D 4 -43.68 -40.96 -46.21
N GLN D 5 -44.08 -41.88 -45.35
CA GLN D 5 -44.77 -43.10 -45.75
C GLN D 5 -45.99 -42.94 -46.67
N SER D 6 -47.08 -42.35 -46.16
CA SER D 6 -48.34 -42.34 -46.91
C SER D 6 -49.28 -41.22 -46.48
N PRO D 7 -49.50 -40.19 -47.32
CA PRO D 7 -50.36 -39.05 -46.92
C PRO D 7 -51.65 -39.43 -46.22
N PHE D 8 -52.52 -40.21 -46.87
CA PHE D 8 -53.68 -40.78 -46.22
C PHE D 8 -54.24 -41.92 -47.04
N GLN D 9 -55.44 -42.39 -46.71
CA GLN D 9 -56.01 -43.55 -47.37
C GLN D 9 -57.43 -43.24 -47.84
N SER D 10 -57.78 -43.80 -48.99
CA SER D 10 -59.12 -43.68 -49.56
C SER D 10 -59.31 -44.87 -50.48
N VAL D 11 -60.08 -45.86 -50.01
CA VAL D 11 -60.17 -47.17 -50.66
C VAL D 11 -61.35 -47.91 -50.04
N SER D 12 -61.98 -48.80 -50.82
CA SER D 12 -62.99 -49.66 -50.24
C SER D 12 -62.38 -50.46 -49.08
N PRO D 13 -63.15 -50.69 -48.01
CA PRO D 13 -62.63 -51.51 -46.92
C PRO D 13 -62.50 -52.97 -47.32
N LYS D 14 -62.11 -53.83 -46.39
CA LYS D 14 -61.98 -55.28 -46.56
C LYS D 14 -60.86 -55.65 -47.53
N GLU D 15 -60.11 -54.70 -48.07
CA GLU D 15 -59.07 -55.00 -49.05
C GLU D 15 -57.70 -55.01 -48.38
N LYS D 16 -56.73 -55.59 -49.10
CA LYS D 16 -55.34 -55.60 -48.68
C LYS D 16 -54.72 -54.27 -49.06
N VAL D 17 -54.85 -53.29 -48.17
CA VAL D 17 -54.44 -51.92 -48.42
C VAL D 17 -53.06 -51.68 -47.81
N THR D 18 -52.11 -51.24 -48.62
CA THR D 18 -50.74 -51.09 -48.19
C THR D 18 -50.43 -49.63 -47.93
N ILE D 19 -49.65 -49.37 -46.88
CA ILE D 19 -49.09 -48.06 -46.58
C ILE D 19 -47.57 -48.22 -46.61
N THR D 20 -46.91 -47.35 -47.37
CA THR D 20 -45.56 -47.60 -47.83
C THR D 20 -44.57 -46.68 -47.12
N CYS D 21 -43.94 -47.18 -46.05
CA CYS D 21 -42.93 -46.36 -45.32
C CYS D 21 -41.82 -45.93 -46.29
N ARG D 22 -41.78 -44.64 -46.63
CA ARG D 22 -40.69 -44.13 -47.50
C ARG D 22 -39.54 -43.69 -46.58
N ALA D 23 -38.56 -44.56 -46.37
CA ALA D 23 -37.44 -44.26 -45.45
C ALA D 23 -36.40 -43.38 -46.14
N SER D 24 -35.49 -42.77 -45.37
CA SER D 24 -34.40 -41.94 -45.92
C SER D 24 -33.32 -42.85 -46.51
N GLN D 25 -32.31 -42.28 -47.17
CA GLN D 25 -31.26 -43.11 -47.84
C GLN D 25 -30.58 -43.99 -46.78
N SER D 26 -30.35 -43.47 -45.58
CA SER D 26 -29.79 -44.33 -44.49
C SER D 26 -30.79 -45.45 -44.18
N ILE D 27 -30.31 -46.68 -44.02
CA ILE D 27 -31.24 -47.83 -43.81
C ILE D 27 -31.21 -48.28 -42.35
N SER D 28 -32.36 -48.69 -41.80
CA SER D 28 -32.39 -49.18 -40.43
C SER D 28 -33.35 -50.37 -40.40
N SER D 29 -32.81 -51.54 -40.08
CA SER D 29 -33.60 -52.76 -40.00
C SER D 29 -34.75 -52.61 -39.01
N ASN D 30 -34.49 -51.86 -37.94
CA ASN D 30 -35.50 -51.70 -36.85
C ASN D 30 -36.49 -50.58 -37.15
N LEU D 31 -37.72 -50.72 -36.68
CA LEU D 31 -38.78 -49.73 -36.86
C LEU D 31 -39.91 -50.02 -35.88
N HIS D 32 -40.98 -49.24 -35.95
CA HIS D 32 -42.21 -49.51 -35.22
C HIS D 32 -43.38 -48.85 -35.92
N TRP D 33 -44.58 -49.24 -35.55
CA TRP D 33 -45.77 -48.63 -36.12
C TRP D 33 -46.86 -48.56 -35.05
N TYR D 34 -47.55 -47.43 -35.01
CA TYR D 34 -48.52 -47.14 -33.97
C TYR D 34 -49.85 -46.71 -34.56
N GLN D 35 -50.94 -47.10 -33.90
CA GLN D 35 -52.30 -46.74 -34.30
C GLN D 35 -52.82 -45.61 -33.44
N GLN D 36 -53.28 -44.55 -34.09
CA GLN D 36 -53.81 -43.37 -33.43
C GLN D 36 -55.30 -43.27 -33.68
N LYS D 37 -56.03 -42.88 -32.65
CA LYS D 37 -57.46 -42.64 -32.74
C LYS D 37 -57.70 -41.18 -32.39
N PRO D 38 -58.77 -40.57 -32.93
CA PRO D 38 -59.01 -39.13 -32.71
C PRO D 38 -58.97 -38.72 -31.25
N ASP D 39 -57.97 -37.92 -30.90
CA ASP D 39 -57.77 -37.41 -29.53
C ASP D 39 -57.58 -38.56 -28.54
N GLN D 40 -56.94 -39.63 -29.03
CA GLN D 40 -56.64 -40.81 -28.22
C GLN D 40 -55.15 -41.06 -28.29
N SER D 41 -54.52 -41.21 -27.13
CA SER D 41 -53.11 -41.55 -27.06
C SER D 41 -52.86 -42.82 -27.87
N PRO D 42 -52.12 -42.73 -28.96
CA PRO D 42 -51.95 -43.90 -29.84
C PRO D 42 -51.24 -45.06 -29.16
N LYS D 43 -51.12 -46.18 -29.85
CA LYS D 43 -50.45 -47.35 -29.31
C LYS D 43 -49.69 -48.05 -30.42
N LEU D 44 -48.49 -48.52 -30.10
CA LEU D 44 -47.65 -49.18 -31.09
C LEU D 44 -48.29 -50.49 -31.53
N LEU D 45 -48.43 -50.65 -32.85
CA LEU D 45 -48.97 -51.87 -33.44
C LEU D 45 -47.87 -52.86 -33.81
N ILE D 46 -46.98 -52.44 -34.71
CA ILE D 46 -45.97 -53.31 -35.29
C ILE D 46 -44.66 -53.06 -34.55
N LYS D 47 -44.18 -54.09 -33.86
CA LYS D 47 -42.90 -54.03 -33.16
C LYS D 47 -41.81 -54.63 -34.03
N TYR D 48 -40.73 -53.86 -34.23
CA TYR D 48 -39.58 -54.27 -35.02
C TYR D 48 -39.94 -54.56 -36.48
N ALA D 49 -41.14 -54.14 -36.90
CA ALA D 49 -41.66 -54.25 -38.26
C ALA D 49 -41.94 -55.69 -38.68
N SER D 50 -41.63 -56.68 -37.85
CA SER D 50 -41.88 -58.08 -38.19
C SER D 50 -42.52 -58.89 -37.08
N GLN D 51 -42.29 -58.56 -35.81
CA GLN D 51 -42.81 -59.34 -34.70
C GLN D 51 -44.14 -58.75 -34.21
N SER D 52 -44.99 -59.62 -33.70
CA SER D 52 -46.28 -59.21 -33.15
C SER D 52 -46.15 -59.11 -31.64
N ILE D 53 -46.70 -58.03 -31.07
CA ILE D 53 -46.82 -57.91 -29.63
C ILE D 53 -48.17 -58.47 -29.24
N SER D 54 -48.35 -58.77 -27.96
CA SER D 54 -49.60 -59.38 -27.52
C SER D 54 -50.74 -58.36 -27.59
N GLY D 55 -51.87 -58.80 -28.13
CA GLY D 55 -53.08 -58.01 -28.12
C GLY D 55 -53.45 -57.33 -29.42
N ILE D 56 -52.87 -57.74 -30.54
CA ILE D 56 -53.15 -57.14 -31.85
C ILE D 56 -53.85 -58.20 -32.70
N PRO D 57 -55.08 -57.95 -33.15
CA PRO D 57 -55.64 -58.79 -34.23
C PRO D 57 -54.74 -58.70 -35.46
N SER D 58 -54.66 -59.81 -36.20
CA SER D 58 -53.70 -59.93 -37.28
C SER D 58 -54.16 -59.27 -38.58
N ARG D 59 -55.09 -58.32 -38.51
CA ARG D 59 -55.60 -57.68 -39.72
C ARG D 59 -54.52 -56.95 -40.50
N PHE D 60 -53.54 -56.35 -39.84
CA PHE D 60 -52.50 -55.55 -40.51
C PHE D 60 -51.15 -56.19 -40.22
N SER D 61 -50.47 -56.62 -41.28
CA SER D 61 -49.13 -57.18 -41.19
C SER D 61 -48.11 -56.11 -41.52
N GLY D 62 -46.86 -56.34 -41.11
CA GLY D 62 -45.76 -55.42 -41.49
C GLY D 62 -44.72 -56.20 -42.27
N SER D 63 -44.66 -56.01 -43.60
CA SER D 63 -43.63 -56.68 -44.42
C SER D 63 -42.81 -55.63 -45.18
N GLY D 64 -41.49 -55.66 -45.04
CA GLY D 64 -40.63 -54.65 -45.70
C GLY D 64 -39.30 -55.21 -46.13
N SER D 65 -38.69 -54.62 -47.16
CA SER D 65 -37.33 -55.06 -47.60
C SER D 65 -36.34 -53.91 -47.38
N GLY D 66 -35.26 -54.17 -46.64
CA GLY D 66 -34.25 -53.12 -46.36
C GLY D 66 -34.87 -51.91 -45.69
N THR D 67 -34.55 -50.70 -46.17
CA THR D 67 -35.08 -49.45 -45.58
C THR D 67 -36.61 -49.39 -45.76
N ASP D 68 -37.11 -49.77 -46.93
CA ASP D 68 -38.58 -49.65 -47.20
C ASP D 68 -39.36 -50.66 -46.35
N PHE D 69 -40.51 -50.24 -45.80
CA PHE D 69 -41.39 -51.17 -45.03
C PHE D 69 -42.83 -50.92 -45.47
N THR D 70 -43.65 -51.97 -45.59
CA THR D 70 -45.10 -51.75 -45.90
C THR D 70 -45.97 -52.39 -44.81
N LEU D 71 -46.91 -51.63 -44.26
CA LEU D 71 -47.85 -52.22 -43.26
C LEU D 71 -49.14 -52.59 -43.99
N THR D 72 -49.17 -53.76 -44.63
CA THR D 72 -50.32 -54.18 -45.41
C THR D 72 -51.46 -54.50 -44.44
N ILE D 73 -52.41 -53.59 -44.34
CA ILE D 73 -53.64 -53.84 -43.59
C ILE D 73 -54.47 -54.76 -44.45
N ASN D 74 -54.55 -56.03 -44.07
CA ASN D 74 -55.34 -57.00 -44.80
C ASN D 74 -56.76 -57.04 -44.26
N SER D 75 -57.73 -56.92 -45.16
CA SER D 75 -59.15 -56.98 -44.82
C SER D 75 -59.48 -56.07 -43.64
N LEU D 76 -59.28 -54.77 -43.84
CA LEU D 76 -59.66 -53.80 -42.83
C LEU D 76 -61.08 -53.31 -43.07
N GLU D 77 -61.82 -53.13 -41.98
CA GLU D 77 -63.21 -52.75 -42.02
C GLU D 77 -63.38 -51.30 -41.56
N ALA D 78 -64.64 -50.87 -41.46
CA ALA D 78 -64.95 -49.54 -40.97
C ALA D 78 -64.93 -49.43 -39.46
N GLU D 79 -64.36 -50.42 -38.76
CA GLU D 79 -64.29 -50.39 -37.32
C GLU D 79 -62.90 -50.01 -36.79
N ASP D 80 -61.85 -50.17 -37.60
CA ASP D 80 -60.49 -50.08 -37.12
C ASP D 80 -59.73 -48.84 -37.58
N PHE D 81 -60.05 -48.28 -38.74
CA PHE D 81 -59.15 -47.30 -39.32
C PHE D 81 -59.14 -45.99 -38.53
N GLY D 82 -57.94 -45.44 -38.37
CA GLY D 82 -57.72 -44.13 -37.79
C GLY D 82 -56.50 -43.52 -38.45
N ILE D 83 -55.59 -42.99 -37.66
CA ILE D 83 -54.28 -42.61 -38.20
C ILE D 83 -53.30 -43.73 -37.88
N TYR D 84 -52.26 -43.87 -38.69
CA TYR D 84 -51.24 -44.87 -38.39
C TYR D 84 -49.87 -44.25 -38.65
N PHE D 85 -49.12 -44.08 -37.58
CA PHE D 85 -47.81 -43.44 -37.63
C PHE D 85 -46.70 -44.47 -37.70
N CYS D 86 -45.67 -44.14 -38.46
CA CYS D 86 -44.44 -44.91 -38.51
C CYS D 86 -43.45 -44.33 -37.52
N GLN D 87 -42.53 -45.17 -37.04
CA GLN D 87 -41.45 -44.69 -36.12
C GLN D 87 -40.09 -45.26 -36.56
N GLN D 88 -39.02 -44.45 -36.49
CA GLN D 88 -37.66 -44.92 -36.84
C GLN D 88 -36.78 -44.83 -35.59
N THR D 89 -36.05 -45.90 -35.25
CA THR D 89 -35.29 -45.90 -33.97
C THR D 89 -33.76 -45.86 -34.15
N ASN D 90 -33.23 -46.19 -35.33
CA ASN D 90 -31.74 -46.24 -35.46
C ASN D 90 -31.09 -44.86 -35.33
N PHE D 91 -31.64 -43.83 -35.98
CA PHE D 91 -30.98 -42.49 -35.98
C PHE D 91 -31.25 -41.75 -34.66
N TRP D 92 -30.23 -41.09 -34.10
CA TRP D 92 -30.38 -40.43 -32.77
C TRP D 92 -31.72 -39.70 -32.60
N PRO D 93 -32.14 -38.67 -33.41
CA PRO D 93 -33.46 -38.10 -33.20
C PRO D 93 -34.50 -39.04 -33.78
N TYR D 94 -35.17 -39.79 -32.92
CA TYR D 94 -36.04 -40.86 -33.39
C TYR D 94 -37.25 -40.24 -34.03
N ILE D 95 -37.10 -39.80 -35.29
CA ILE D 95 -38.17 -39.03 -35.97
C ILE D 95 -39.41 -39.88 -36.29
N PHE D 96 -40.56 -39.21 -36.48
CA PHE D 96 -41.80 -39.93 -36.86
C PHE D 96 -42.23 -39.39 -38.22
N GLY D 97 -42.71 -40.26 -39.10
CA GLY D 97 -43.11 -39.85 -40.46
C GLY D 97 -44.44 -39.11 -40.46
N GLN D 98 -44.85 -38.58 -41.61
CA GLN D 98 -46.11 -37.80 -41.69
C GLN D 98 -47.27 -38.67 -41.20
N GLY D 99 -47.23 -39.97 -41.54
CA GLY D 99 -48.27 -40.90 -41.04
C GLY D 99 -49.44 -40.99 -41.99
N THR D 100 -50.24 -42.06 -41.89
CA THR D 100 -51.36 -42.25 -42.84
C THR D 100 -52.69 -42.04 -42.11
N LYS D 101 -53.50 -41.08 -42.55
CA LYS D 101 -54.84 -40.92 -41.96
C LYS D 101 -55.76 -41.87 -42.72
N LEU D 102 -55.87 -43.11 -42.26
CA LEU D 102 -56.65 -44.12 -43.02
C LEU D 102 -58.11 -43.68 -43.13
N GLU D 103 -58.66 -43.70 -44.35
CA GLU D 103 -60.09 -43.37 -44.55
C GLU D 103 -60.59 -44.41 -45.56
N ILE D 104 -61.90 -44.69 -45.59
CA ILE D 104 -62.39 -45.76 -46.43
C ILE D 104 -63.86 -45.53 -46.75
N LEU D 105 -64.33 -46.17 -47.80
CA LEU D 105 -65.72 -46.06 -48.20
C LEU D 105 -66.64 -46.64 -47.13
N GLN E 3 36.16 -46.71 16.36
CA GLN E 3 36.71 -46.39 15.05
C GLN E 3 35.92 -45.27 14.37
N LEU E 4 36.64 -44.43 13.64
CA LEU E 4 36.06 -43.28 12.95
C LEU E 4 36.21 -43.45 11.45
N VAL E 5 35.25 -42.90 10.70
CA VAL E 5 35.24 -43.00 9.24
C VAL E 5 34.87 -41.65 8.66
N GLN E 6 35.76 -41.11 7.82
CA GLN E 6 35.50 -39.79 7.20
C GLN E 6 35.07 -40.00 5.76
N SER E 7 34.84 -38.90 5.04
CA SER E 7 34.51 -38.98 3.62
C SER E 7 35.80 -39.15 2.82
N GLY E 8 35.64 -39.41 1.53
CA GLY E 8 36.80 -39.60 0.67
C GLY E 8 37.57 -38.31 0.48
N ALA E 9 38.64 -38.42 -0.30
CA ALA E 9 39.48 -37.25 -0.60
C ALA E 9 38.76 -36.34 -1.59
N GLU E 10 38.91 -35.03 -1.39
CA GLU E 10 38.10 -34.07 -2.12
C GLU E 10 38.93 -32.88 -2.58
N VAL E 11 38.42 -32.16 -3.57
CA VAL E 11 39.08 -31.00 -4.15
C VAL E 11 38.02 -29.96 -4.49
N LYS E 12 38.29 -28.68 -4.23
CA LYS E 12 37.20 -27.68 -4.40
C LYS E 12 37.68 -26.32 -4.94
N LYS E 13 36.76 -25.53 -5.49
CA LYS E 13 37.09 -24.16 -5.99
C LYS E 13 37.30 -23.22 -4.80
N PRO E 14 38.13 -22.16 -4.92
CA PRO E 14 38.31 -21.18 -3.84
C PRO E 14 37.08 -20.32 -3.56
N GLY E 15 36.81 -20.00 -2.29
CA GLY E 15 35.68 -19.10 -1.94
C GLY E 15 34.35 -19.83 -1.85
N ALA E 16 34.33 -21.14 -2.10
CA ALA E 16 33.09 -21.94 -1.98
C ALA E 16 32.88 -22.37 -0.52
N THR E 17 31.74 -22.99 -0.21
CA THR E 17 31.53 -23.53 1.17
C THR E 17 31.37 -25.05 1.07
N VAL E 18 32.15 -25.81 1.84
CA VAL E 18 32.10 -27.30 1.77
C VAL E 18 31.96 -27.88 3.18
N LYS E 19 31.28 -29.02 3.31
CA LYS E 19 31.13 -29.68 4.64
C LYS E 19 31.66 -31.12 4.56
N ILE E 20 32.53 -31.52 5.50
CA ILE E 20 33.02 -32.93 5.54
C ILE E 20 32.32 -33.63 6.71
N SER E 21 32.59 -34.91 6.95
CA SER E 21 31.89 -35.65 7.98
C SER E 21 32.81 -36.66 8.62
N CYS E 22 32.33 -37.26 9.71
CA CYS E 22 33.12 -38.31 10.43
C CYS E 22 32.18 -39.11 11.34
N LYS E 23 31.61 -40.20 10.82
CA LYS E 23 30.69 -41.04 11.61
C LYS E 23 31.47 -41.81 12.68
N VAL E 24 30.83 -42.13 13.81
CA VAL E 24 31.52 -42.84 14.92
C VAL E 24 30.98 -44.28 15.00
N SER E 25 31.88 -45.26 15.10
CA SER E 25 31.47 -46.69 15.16
C SER E 25 32.06 -47.38 16.39
N GLY E 26 31.24 -48.13 17.13
CA GLY E 26 31.76 -48.90 18.29
C GLY E 26 31.72 -48.10 19.59
N TYR E 27 31.36 -46.82 19.55
CA TYR E 27 31.21 -46.04 20.80
C TYR E 27 30.07 -45.02 20.66
N SER E 28 29.43 -44.66 21.77
CA SER E 28 28.34 -43.65 21.73
C SER E 28 28.90 -42.29 21.34
N PHE E 29 28.22 -41.58 20.43
CA PHE E 29 28.71 -40.26 19.95
C PHE E 29 28.75 -39.29 21.12
N SER E 30 27.70 -39.26 21.94
CA SER E 30 27.62 -38.32 23.10
C SER E 30 28.72 -38.61 24.12
N ASN E 31 29.05 -39.89 24.33
CA ASN E 31 30.03 -40.27 25.37
C ASN E 31 31.40 -39.64 25.13
N TYR E 32 31.87 -39.56 23.88
CA TYR E 32 33.24 -39.07 23.64
C TYR E 32 33.28 -37.76 22.85
N TYR E 33 34.13 -36.81 23.26
CA TYR E 33 34.28 -35.51 22.55
C TYR E 33 34.80 -35.76 21.13
N ILE E 34 34.42 -34.90 20.18
CA ILE E 34 35.00 -35.02 18.82
C ILE E 34 35.98 -33.87 18.60
N HIS E 35 37.22 -34.18 18.23
CA HIS E 35 38.25 -33.13 18.01
C HIS E 35 38.65 -33.11 16.54
N TRP E 36 38.67 -31.92 15.92
CA TRP E 36 39.09 -31.81 14.50
C TRP E 36 40.49 -31.19 14.45
N VAL E 37 41.43 -31.87 13.80
CA VAL E 37 42.83 -31.35 13.68
C VAL E 37 43.23 -31.33 12.21
N LYS E 38 43.83 -30.23 11.76
CA LYS E 38 44.29 -30.13 10.35
C LYS E 38 45.81 -30.21 10.32
N GLN E 39 46.36 -31.19 9.60
CA GLN E 39 47.84 -31.32 9.48
C GLN E 39 48.27 -31.08 8.04
N ALA E 40 49.12 -30.08 7.81
CA ALA E 40 49.65 -29.86 6.44
C ALA E 40 50.67 -30.96 6.14
N PRO E 41 50.75 -31.50 4.89
CA PRO E 41 51.65 -32.60 4.60
C PRO E 41 53.11 -32.17 4.81
N GLY E 42 53.91 -33.01 5.49
CA GLY E 42 55.32 -32.66 5.78
C GLY E 42 55.41 -31.33 6.52
N LYS E 43 54.48 -31.08 7.46
CA LYS E 43 54.46 -29.79 8.20
C LYS E 43 53.88 -29.99 9.59
N SER E 44 54.05 -29.01 10.48
CA SER E 44 53.58 -29.15 11.89
C SER E 44 52.06 -29.32 11.96
N LEU E 45 51.58 -30.18 12.86
CA LEU E 45 50.12 -30.38 13.04
C LEU E 45 49.51 -29.09 13.59
N GLU E 46 48.27 -28.77 13.21
CA GLU E 46 47.58 -27.56 13.73
C GLU E 46 46.19 -27.95 14.25
N TRP E 47 45.73 -27.33 15.34
CA TRP E 47 44.39 -27.62 15.88
C TRP E 47 43.41 -26.52 15.44
N ILE E 48 42.53 -26.83 14.48
CA ILE E 48 41.51 -25.85 14.01
C ILE E 48 40.51 -25.57 15.13
N GLY E 49 40.12 -26.60 15.88
CA GLY E 49 39.13 -26.44 16.97
C GLY E 49 38.39 -27.74 17.23
N TYR E 50 37.49 -27.76 18.22
CA TYR E 50 36.78 -29.02 18.57
C TYR E 50 35.29 -28.76 18.76
N ILE E 51 34.46 -29.79 18.56
CA ILE E 51 32.98 -29.63 18.70
C ILE E 51 32.46 -30.59 19.78
N ASP E 52 31.64 -30.09 20.70
CA ASP E 52 31.04 -31.00 21.73
C ASP E 52 30.05 -31.93 21.03
N PRO E 53 30.07 -33.25 21.26
CA PRO E 53 29.09 -34.17 20.69
C PRO E 53 27.65 -34.04 21.20
N PHE E 54 27.47 -33.88 22.51
CA PHE E 54 26.11 -33.85 23.10
C PHE E 54 25.31 -32.65 22.59
N ASN E 55 25.94 -31.48 22.52
CA ASN E 55 25.26 -30.24 22.07
C ASN E 55 26.14 -29.58 21.02
N GLY E 56 25.57 -28.80 20.10
CA GLY E 56 26.39 -28.24 19.01
C GLY E 56 27.15 -27.01 19.44
N GLY E 57 28.11 -27.16 20.36
CA GLY E 57 28.95 -26.03 20.80
C GLY E 57 30.38 -26.21 20.33
N THR E 58 30.91 -25.24 19.59
CA THR E 58 32.27 -25.43 19.00
C THR E 58 33.25 -24.38 19.54
N SER E 59 34.42 -24.81 20.00
CA SER E 59 35.47 -23.85 20.41
C SER E 59 36.57 -23.90 19.36
N ASP E 60 36.88 -22.77 18.72
CA ASP E 60 37.86 -22.78 17.61
C ASP E 60 39.06 -21.89 17.95
N ASN E 61 40.28 -22.38 17.71
CA ASN E 61 41.50 -21.54 17.94
C ASN E 61 41.43 -20.34 17.00
N LEU E 62 41.71 -19.14 17.51
CA LEU E 62 41.62 -17.91 16.68
C LEU E 62 43.00 -17.51 16.16
N LYS E 63 44.07 -18.21 16.55
CA LYS E 63 45.40 -17.92 16.00
C LYS E 63 45.35 -18.20 14.49
N PHE E 64 44.73 -19.31 14.09
CA PHE E 64 44.53 -19.61 12.65
C PHE E 64 43.03 -19.80 12.43
N LYS E 65 42.45 -19.06 11.48
CA LYS E 65 41.01 -19.29 11.18
C LYS E 65 40.83 -19.68 9.72
N GLY E 66 40.23 -20.85 9.47
CA GLY E 66 39.91 -21.27 8.10
C GLY E 66 38.41 -21.24 7.90
N ALA E 67 37.69 -20.53 8.79
CA ALA E 67 36.21 -20.53 8.76
C ALA E 67 35.72 -21.96 8.96
N ALA E 68 36.41 -22.73 9.81
CA ALA E 68 36.04 -24.15 10.04
C ALA E 68 34.95 -24.24 11.12
N THR E 69 33.71 -23.85 10.78
CA THR E 69 32.60 -24.00 11.74
C THR E 69 32.31 -25.50 11.93
N LEU E 70 32.07 -25.96 13.15
CA LEU E 70 31.88 -27.41 13.40
C LEU E 70 30.48 -27.64 13.97
N THR E 71 29.73 -28.61 13.40
CA THR E 71 28.39 -28.96 13.94
C THR E 71 28.33 -30.46 14.23
N ALA E 72 27.85 -30.84 15.42
CA ALA E 72 27.72 -32.29 15.76
C ALA E 72 26.30 -32.59 16.26
N ASP E 73 25.68 -33.65 15.77
CA ASP E 73 24.33 -34.05 16.26
C ASP E 73 24.43 -35.46 16.85
N THR E 74 23.92 -35.63 18.08
CA THR E 74 24.02 -36.96 18.76
C THR E 74 23.23 -38.02 18.00
N SER E 75 22.02 -37.69 17.51
CA SER E 75 21.17 -38.71 16.85
C SER E 75 21.83 -39.24 15.56
N THR E 76 22.41 -38.34 14.76
CA THR E 76 23.10 -38.76 13.51
C THR E 76 24.35 -39.59 13.85
N ASP E 77 25.05 -39.25 14.94
CA ASP E 77 26.31 -39.95 15.34
C ASP E 77 27.42 -39.54 14.36
N THR E 78 27.23 -38.43 13.65
CA THR E 78 28.22 -37.96 12.65
C THR E 78 28.69 -36.55 13.02
N ALA E 79 30.00 -36.30 12.99
CA ALA E 79 30.52 -34.95 13.28
C ALA E 79 30.80 -34.24 11.94
N TYR E 80 30.32 -33.00 11.78
CA TYR E 80 30.46 -32.30 10.47
C TYR E 80 31.43 -31.14 10.60
N MET E 81 32.40 -31.04 9.68
CA MET E 81 33.32 -29.88 9.66
C MET E 81 33.03 -29.04 8.41
N GLU E 82 32.73 -27.76 8.57
CA GLU E 82 32.36 -26.92 7.40
C GLU E 82 33.50 -25.95 7.11
N LEU E 83 33.99 -25.92 5.86
CA LEU E 83 35.16 -25.06 5.51
C LEU E 83 34.74 -24.04 4.45
N SER E 84 35.09 -22.77 4.65
CA SER E 84 34.74 -21.69 3.69
C SER E 84 35.97 -20.83 3.43
N SER E 85 35.97 -20.04 2.34
CA SER E 85 37.15 -19.21 1.98
C SER E 85 38.39 -20.11 1.89
N LEU E 86 38.32 -21.16 1.07
CA LEU E 86 39.44 -22.14 0.98
C LEU E 86 40.73 -21.43 0.58
N ARG E 87 41.85 -21.79 1.21
CA ARG E 87 43.16 -21.13 0.94
C ARG E 87 44.25 -22.21 0.87
N SER E 88 45.48 -21.81 0.53
CA SER E 88 46.60 -22.77 0.47
C SER E 88 46.80 -23.42 1.85
N GLU E 89 46.65 -22.64 2.93
CA GLU E 89 46.74 -23.20 4.30
C GLU E 89 45.61 -24.23 4.49
N ASP E 90 44.42 -23.93 3.95
CA ASP E 90 43.25 -24.86 4.06
C ASP E 90 43.51 -26.16 3.30
N THR E 91 44.45 -26.15 2.33
CA THR E 91 44.74 -27.36 1.53
C THR E 91 45.66 -28.27 2.34
N ALA E 92 45.10 -28.95 3.36
CA ALA E 92 45.89 -29.85 4.21
C ALA E 92 45.01 -31.06 4.55
N VAL E 93 45.62 -32.17 4.98
CA VAL E 93 44.81 -33.35 5.40
C VAL E 93 43.99 -32.93 6.63
N TYR E 94 42.70 -33.31 6.67
CA TYR E 94 41.83 -32.98 7.82
C TYR E 94 41.50 -34.28 8.56
N TYR E 95 41.73 -34.31 9.88
CA TYR E 95 41.52 -35.57 10.63
C TYR E 95 40.53 -35.38 11.76
N CYS E 96 39.50 -36.24 11.84
CA CYS E 96 38.62 -36.21 13.04
C CYS E 96 39.39 -37.04 14.06
N ALA E 97 39.04 -36.97 15.35
CA ALA E 97 39.89 -37.64 16.33
C ALA E 97 39.08 -37.91 17.59
N ARG E 98 39.19 -39.13 18.14
CA ARG E 98 38.37 -39.51 19.33
C ARG E 98 38.94 -38.82 20.57
N SER E 99 38.07 -38.26 21.40
CA SER E 99 38.54 -37.51 22.61
C SER E 99 37.71 -37.92 23.82
N GLU E 100 38.27 -37.78 25.04
CA GLU E 100 37.51 -38.11 26.27
C GLU E 100 36.42 -37.06 26.48
N TYR E 101 35.43 -37.33 27.33
CA TYR E 101 34.28 -36.40 27.45
C TYR E 101 34.70 -35.01 27.96
N ASP E 102 35.58 -34.91 28.96
CA ASP E 102 36.00 -33.52 29.35
C ASP E 102 37.44 -33.45 29.88
N PRO E 103 37.77 -33.95 31.10
CA PRO E 103 39.12 -33.76 31.66
C PRO E 103 40.27 -34.45 30.92
N TYR E 104 40.06 -35.67 30.44
CA TYR E 104 41.18 -36.44 29.83
C TYR E 104 41.21 -36.27 28.30
N TYR E 105 40.68 -35.16 27.77
CA TYR E 105 40.62 -35.05 26.28
C TYR E 105 42.01 -35.25 25.65
N VAL E 106 42.08 -36.14 24.65
CA VAL E 106 43.38 -36.45 23.96
C VAL E 106 43.01 -36.95 22.56
N MET E 107 43.96 -36.98 21.62
CA MET E 107 43.67 -37.55 20.28
C MET E 107 44.44 -38.87 20.14
N ASP E 108 43.73 -39.99 19.91
CA ASP E 108 44.40 -41.33 19.81
C ASP E 108 43.72 -42.15 18.71
N TYR E 109 42.40 -42.00 18.54
CA TYR E 109 41.68 -42.68 17.49
C TYR E 109 41.18 -41.63 16.49
N TRP E 110 41.37 -41.91 15.21
CA TRP E 110 41.32 -40.89 14.17
C TRP E 110 40.39 -41.35 13.05
N GLY E 111 40.18 -40.44 12.11
CA GLY E 111 39.58 -40.78 10.84
C GLY E 111 40.68 -41.08 9.85
N GLN E 112 40.31 -41.56 8.66
CA GLN E 112 41.33 -41.96 7.66
C GLN E 112 42.15 -40.74 7.21
N GLY E 113 41.70 -39.53 7.55
CA GLY E 113 42.38 -38.33 7.08
C GLY E 113 41.92 -38.00 5.68
N THR E 114 41.42 -36.79 5.47
CA THR E 114 40.91 -36.44 4.15
C THR E 114 41.57 -35.17 3.65
N THR E 115 42.16 -35.25 2.47
CA THR E 115 42.69 -34.04 1.88
C THR E 115 41.56 -33.21 1.27
N VAL E 116 41.67 -31.90 1.45
CA VAL E 116 40.75 -30.99 0.78
C VAL E 116 41.58 -30.06 -0.09
N THR E 117 41.82 -30.49 -1.32
CA THR E 117 42.72 -29.76 -2.21
C THR E 117 42.06 -28.49 -2.69
N VAL E 118 42.85 -27.40 -2.81
CA VAL E 118 42.29 -26.14 -3.37
C VAL E 118 42.92 -25.93 -4.76
N SER E 119 42.09 -25.75 -5.79
CA SER E 119 42.63 -25.62 -7.17
C SER E 119 41.91 -24.49 -7.90
N SER E 120 42.56 -23.90 -8.91
CA SER E 120 41.90 -22.84 -9.73
C SER E 120 40.67 -23.43 -10.42
N ALA E 121 40.78 -24.67 -10.93
CA ALA E 121 39.60 -25.35 -11.52
C ALA E 121 39.37 -26.66 -10.76
N SER E 122 38.15 -26.88 -10.27
CA SER E 122 37.87 -28.11 -9.47
C SER E 122 37.64 -29.30 -10.41
N ILE F 1 52.63 -20.79 24.21
CA ILE F 1 52.62 -22.23 24.41
C ILE F 1 53.35 -22.92 23.27
N VAL F 2 54.15 -22.16 22.53
CA VAL F 2 54.82 -22.69 21.35
C VAL F 2 55.78 -23.79 21.76
N LEU F 3 55.84 -24.86 20.98
CA LEU F 3 56.76 -25.96 21.17
C LEU F 3 57.73 -26.06 20.00
N THR F 4 58.97 -26.43 20.30
CA THR F 4 59.99 -26.60 19.28
C THR F 4 60.88 -27.82 19.50
N GLN F 5 60.31 -28.99 19.80
CA GLN F 5 61.05 -30.11 20.36
C GLN F 5 62.32 -30.53 19.62
N SER F 6 62.20 -31.06 18.40
CA SER F 6 63.36 -31.68 17.73
C SER F 6 63.19 -31.74 16.21
N PRO F 7 63.96 -30.93 15.44
CA PRO F 7 63.79 -30.91 13.97
C PRO F 7 63.65 -32.27 13.30
N PHE F 8 64.64 -33.15 13.46
CA PHE F 8 64.51 -34.55 13.04
C PHE F 8 65.59 -35.39 13.70
N GLN F 9 65.76 -36.62 13.23
CA GLN F 9 66.70 -37.55 13.86
C GLN F 9 67.61 -38.15 12.81
N SER F 10 68.86 -38.36 13.22
CA SER F 10 69.86 -39.02 12.37
C SER F 10 70.89 -39.62 13.31
N VAL F 11 70.84 -40.94 13.50
CA VAL F 11 71.60 -41.64 14.52
C VAL F 11 71.52 -43.13 14.23
N SER F 12 72.55 -43.87 14.65
CA SER F 12 72.45 -45.31 14.55
C SER F 12 71.24 -45.82 15.34
N PRO F 13 70.55 -46.84 14.84
CA PRO F 13 69.42 -47.39 15.60
C PRO F 13 69.88 -48.11 16.85
N LYS F 14 68.96 -48.72 17.58
CA LYS F 14 69.21 -49.50 18.78
C LYS F 14 69.74 -48.67 19.95
N GLU F 15 69.87 -47.36 19.79
CA GLU F 15 70.42 -46.52 20.85
C GLU F 15 69.31 -45.81 21.62
N LYS F 16 69.67 -45.28 22.79
CA LYS F 16 68.77 -44.48 23.60
C LYS F 16 68.79 -43.06 23.05
N VAL F 17 67.91 -42.81 22.08
CA VAL F 17 67.87 -41.55 21.35
C VAL F 17 66.77 -40.67 21.94
N THR F 18 67.14 -39.46 22.35
CA THR F 18 66.23 -38.57 23.04
C THR F 18 65.73 -37.49 22.08
N ILE F 19 64.46 -37.14 22.20
CA ILE F 19 63.85 -36.02 21.51
C ILE F 19 63.34 -35.07 22.58
N THR F 20 63.87 -33.84 22.61
CA THR F 20 63.58 -32.95 23.76
C THR F 20 62.45 -31.95 23.47
N CYS F 21 61.29 -32.14 24.08
CA CYS F 21 60.18 -31.15 23.90
C CYS F 21 60.64 -29.78 24.43
N ARG F 22 60.36 -28.72 23.66
CA ARG F 22 60.71 -27.35 24.10
C ARG F 22 59.40 -26.63 24.42
N ALA F 23 59.33 -25.91 25.53
CA ALA F 23 58.05 -25.29 25.94
C ALA F 23 58.21 -23.82 26.25
N SER F 24 57.11 -23.07 26.27
CA SER F 24 57.14 -21.61 26.58
C SER F 24 57.39 -21.42 28.08
N GLN F 25 57.60 -20.19 28.54
CA GLN F 25 57.93 -19.95 29.96
C GLN F 25 56.82 -20.51 30.85
N SER F 26 55.55 -20.37 30.44
CA SER F 26 54.45 -21.01 31.20
C SER F 26 54.64 -22.53 31.16
N ILE F 27 54.51 -23.21 32.30
CA ILE F 27 54.79 -24.67 32.35
C ILE F 27 53.47 -25.43 32.42
N SER F 28 53.37 -26.58 31.74
CA SER F 28 52.16 -27.40 31.85
C SER F 28 52.58 -28.83 32.13
N SER F 29 52.21 -29.33 33.31
CA SER F 29 52.54 -30.69 33.72
C SER F 29 52.03 -31.71 32.70
N ASN F 30 50.87 -31.40 32.10
CA ASN F 30 50.21 -32.35 31.17
C ASN F 30 50.75 -32.20 29.75
N LEU F 31 50.78 -33.29 28.99
CA LEU F 31 51.24 -33.31 27.61
C LEU F 31 50.77 -34.59 26.94
N HIS F 32 51.16 -34.78 25.68
CA HIS F 32 50.95 -36.04 24.99
C HIS F 32 51.96 -36.18 23.86
N TRP F 33 52.10 -37.39 23.34
CA TRP F 33 53.01 -37.62 22.22
C TRP F 33 52.41 -38.66 21.30
N TYR F 34 52.52 -38.42 19.99
CA TYR F 34 51.88 -39.24 18.99
C TYR F 34 52.88 -39.67 17.92
N GLN F 35 52.69 -40.89 17.41
CA GLN F 35 53.53 -41.44 16.35
C GLN F 35 52.80 -41.35 15.01
N GLN F 36 53.47 -40.76 14.03
CA GLN F 36 52.95 -40.58 12.69
C GLN F 36 53.73 -41.45 11.72
N LYS F 37 52.99 -42.04 10.78
CA LYS F 37 53.58 -42.83 9.71
C LYS F 37 53.21 -42.16 8.40
N PRO F 38 54.05 -42.31 7.35
CA PRO F 38 53.79 -41.61 6.09
C PRO F 38 52.39 -41.81 5.54
N ASP F 39 51.62 -40.72 5.51
CA ASP F 39 50.24 -40.71 5.02
C ASP F 39 49.36 -41.66 5.84
N GLN F 40 49.67 -41.75 7.12
CA GLN F 40 48.93 -42.59 8.07
C GLN F 40 48.47 -41.70 9.22
N SER F 41 47.18 -41.76 9.53
CA SER F 41 46.63 -41.05 10.66
C SER F 41 47.40 -41.43 11.91
N PRO F 42 48.14 -40.50 12.51
CA PRO F 42 49.00 -40.85 13.64
C PRO F 42 48.22 -41.35 14.85
N LYS F 43 48.93 -41.76 15.89
CA LYS F 43 48.29 -42.25 17.10
C LYS F 43 49.10 -41.81 18.31
N LEU F 44 48.41 -41.40 19.37
CA LEU F 44 49.08 -40.93 20.57
C LEU F 44 49.84 -42.07 21.23
N LEU F 45 51.13 -41.83 21.50
CA LEU F 45 51.99 -42.80 22.17
C LEU F 45 52.03 -42.56 23.67
N ILE F 46 52.49 -41.38 24.08
CA ILE F 46 52.73 -41.06 25.48
C ILE F 46 51.55 -40.25 25.99
N LYS F 47 50.83 -40.82 26.96
CA LYS F 47 49.71 -40.15 27.60
C LYS F 47 50.19 -39.50 28.89
N TYR F 48 49.90 -38.20 29.03
CA TYR F 48 50.24 -37.41 30.20
C TYR F 48 51.75 -37.37 30.45
N ALA F 49 52.55 -37.77 29.46
CA ALA F 49 54.01 -37.73 29.44
C ALA F 49 54.63 -38.72 30.42
N SER F 50 53.83 -39.44 31.22
CA SER F 50 54.37 -40.40 32.16
C SER F 50 53.65 -41.74 32.19
N GLN F 51 52.37 -41.79 31.86
CA GLN F 51 51.60 -43.03 31.93
C GLN F 51 51.57 -43.71 30.56
N SER F 52 51.49 -45.03 30.58
CA SER F 52 51.41 -45.83 29.37
C SER F 52 49.97 -46.18 29.10
N ILE F 53 49.55 -46.04 27.85
CA ILE F 53 48.24 -46.52 27.43
C ILE F 53 48.42 -47.94 26.92
N SER F 54 47.33 -48.69 26.83
CA SER F 54 47.43 -50.08 26.41
C SER F 54 47.82 -50.18 24.93
N GLY F 55 48.77 -51.06 24.64
CA GLY F 55 49.14 -51.37 23.28
C GLY F 55 50.41 -50.74 22.75
N ILE F 56 51.27 -50.24 23.63
CA ILE F 56 52.53 -49.61 23.22
C ILE F 56 53.67 -50.49 23.73
N PRO F 57 54.52 -51.02 22.84
CA PRO F 57 55.80 -51.57 23.31
C PRO F 57 56.60 -50.50 24.03
N SER F 58 57.36 -50.92 25.04
CA SER F 58 58.03 -49.98 25.92
C SER F 58 59.33 -49.42 25.36
N ARG F 59 59.52 -49.47 24.04
CA ARG F 59 60.77 -48.99 23.45
C ARG F 59 61.03 -47.52 23.72
N PHE F 60 59.99 -46.68 23.77
CA PHE F 60 60.16 -45.24 23.95
C PHE F 60 59.47 -44.82 25.23
N SER F 61 60.24 -44.29 26.17
CA SER F 61 59.71 -43.77 27.42
C SER F 61 59.55 -42.26 27.31
N GLY F 62 58.67 -41.71 28.14
CA GLY F 62 58.44 -40.27 28.20
C GLY F 62 58.65 -39.76 29.61
N SER F 63 59.27 -38.58 29.73
CA SER F 63 59.55 -37.99 31.06
C SER F 63 59.93 -36.51 30.90
N GLY F 64 60.44 -35.88 31.95
CA GLY F 64 60.89 -34.48 31.87
C GLY F 64 60.72 -33.75 33.19
N SER F 65 61.13 -32.49 33.26
CA SER F 65 60.93 -31.68 34.50
C SER F 65 60.20 -30.39 34.17
N GLY F 66 59.09 -30.11 34.85
CA GLY F 66 58.33 -28.87 34.61
C GLY F 66 57.93 -28.73 33.16
N THR F 67 58.19 -27.56 32.56
CA THR F 67 57.87 -27.32 31.13
C THR F 67 58.69 -28.28 30.24
N ASP F 68 59.97 -28.46 30.56
CA ASP F 68 60.86 -29.29 29.70
C ASP F 68 60.38 -30.74 29.72
N PHE F 69 60.38 -31.40 28.55
CA PHE F 69 60.00 -32.84 28.47
C PHE F 69 60.99 -33.54 27.54
N THR F 70 61.20 -34.85 27.71
CA THR F 70 62.19 -35.59 26.89
C THR F 70 61.69 -37.01 26.62
N LEU F 71 61.33 -37.32 25.37
CA LEU F 71 60.95 -38.69 25.06
C LEU F 71 62.22 -39.42 24.64
N THR F 72 62.61 -40.41 25.43
CA THR F 72 63.79 -41.22 25.14
C THR F 72 63.34 -42.52 24.50
N ILE F 73 63.49 -42.62 23.19
CA ILE F 73 63.27 -43.87 22.47
C ILE F 73 64.46 -44.75 22.78
N ASN F 74 64.26 -45.76 23.62
CA ASN F 74 65.33 -46.68 23.98
C ASN F 74 65.34 -47.86 23.03
N SER F 75 66.51 -48.14 22.47
CA SER F 75 66.73 -49.26 21.56
C SER F 75 65.67 -49.30 20.45
N LEU F 76 65.65 -48.24 19.64
CA LEU F 76 64.77 -48.21 18.49
C LEU F 76 65.46 -48.78 17.27
N GLU F 77 64.71 -49.53 16.48
CA GLU F 77 65.22 -50.22 15.30
C GLU F 77 64.72 -49.55 14.03
N ALA F 78 65.04 -50.16 12.89
CA ALA F 78 64.59 -49.67 11.61
C ALA F 78 63.16 -50.09 11.28
N GLU F 79 62.41 -50.58 12.26
CA GLU F 79 61.03 -50.99 12.04
C GLU F 79 60.01 -49.98 12.53
N ASP F 80 60.38 -49.09 13.45
CA ASP F 80 59.44 -48.27 14.17
C ASP F 80 59.47 -46.78 13.80
N PHE F 81 60.61 -46.26 13.36
CA PHE F 81 60.72 -44.81 13.30
C PHE F 81 59.87 -44.21 12.19
N GLY F 82 59.23 -43.09 12.50
CA GLY F 82 58.49 -42.28 11.56
C GLY F 82 58.60 -40.84 11.98
N ILE F 83 57.49 -40.13 12.03
CA ILE F 83 57.47 -38.82 12.66
C ILE F 83 56.92 -38.97 14.06
N TYR F 84 57.31 -38.09 14.97
CA TYR F 84 56.77 -38.14 16.32
C TYR F 84 56.44 -36.72 16.76
N PHE F 85 55.15 -36.45 16.93
CA PHE F 85 54.67 -35.13 17.28
C PHE F 85 54.42 -35.01 18.77
N CYS F 86 54.71 -33.84 19.30
CA CYS F 86 54.38 -33.49 20.67
C CYS F 86 53.06 -32.76 20.69
N GLN F 87 52.34 -32.86 21.82
CA GLN F 87 51.05 -32.14 21.97
C GLN F 87 50.98 -31.50 23.37
N GLN F 88 50.43 -30.28 23.48
CA GLN F 88 50.26 -29.61 24.80
C GLN F 88 48.77 -29.30 25.02
N THR F 89 48.19 -29.68 26.17
CA THR F 89 46.72 -29.52 26.34
C THR F 89 46.34 -28.49 27.42
N ASN F 90 47.25 -28.14 28.32
CA ASN F 90 46.86 -27.24 29.44
C ASN F 90 46.42 -25.87 28.89
N PHE F 91 47.15 -25.34 27.89
CA PHE F 91 46.76 -24.06 27.26
C PHE F 91 45.50 -24.27 26.39
N TRP F 92 44.66 -23.23 26.24
CA TRP F 92 43.38 -23.40 25.50
C TRP F 92 43.62 -23.82 24.05
N PRO F 93 44.53 -23.21 23.26
CA PRO F 93 44.82 -23.71 21.91
C PRO F 93 45.77 -24.90 22.09
N TYR F 94 45.44 -26.03 21.47
CA TYR F 94 46.29 -27.24 21.63
C TYR F 94 47.42 -27.16 20.59
N ILE F 95 48.38 -26.25 20.82
CA ILE F 95 49.49 -26.03 19.85
C ILE F 95 50.35 -27.30 19.78
N PHE F 96 50.76 -27.68 18.57
CA PHE F 96 51.66 -28.85 18.41
C PHE F 96 53.03 -28.32 18.01
N GLY F 97 54.09 -29.07 18.31
CA GLY F 97 55.46 -28.64 17.98
C GLY F 97 55.78 -28.85 16.51
N GLN F 98 56.99 -28.43 16.08
CA GLN F 98 57.40 -28.62 14.68
C GLN F 98 57.35 -30.13 14.38
N GLY F 99 57.63 -30.97 15.39
CA GLY F 99 57.52 -32.42 15.20
C GLY F 99 58.88 -33.10 15.12
N THR F 100 59.09 -34.12 15.94
CA THR F 100 60.39 -34.86 15.95
C THR F 100 60.35 -35.99 14.92
N LYS F 101 60.69 -35.70 13.66
CA LYS F 101 60.77 -36.78 12.64
C LYS F 101 61.95 -37.68 13.01
N LEU F 102 61.84 -38.98 12.78
CA LEU F 102 62.92 -39.90 13.19
C LEU F 102 63.53 -40.59 11.96
N GLU F 103 64.84 -40.46 11.78
CA GLU F 103 65.54 -41.17 10.67
C GLU F 103 66.75 -41.85 11.31
N ILE F 104 67.29 -42.89 10.68
CA ILE F 104 68.36 -43.64 11.33
C ILE F 104 69.16 -44.39 10.27
N LEU F 105 70.37 -44.78 10.65
CA LEU F 105 71.24 -45.52 9.74
C LEU F 105 70.64 -46.89 9.43
N GLN G 1 -4.65 -67.05 -34.69
CA GLN G 1 -5.12 -67.71 -35.91
C GLN G 1 -4.26 -68.91 -36.27
N GLN G 2 -2.97 -68.83 -35.97
CA GLN G 2 -2.02 -69.77 -36.56
C GLN G 2 -0.89 -70.02 -35.59
N LEU G 3 -0.37 -71.24 -35.61
CA LEU G 3 0.69 -71.67 -34.70
C LEU G 3 1.80 -72.31 -35.52
N VAL G 4 3.05 -71.94 -35.21
CA VAL G 4 4.21 -72.53 -35.88
C VAL G 4 5.11 -73.14 -34.82
N GLU G 5 5.88 -74.16 -35.21
CA GLU G 5 6.62 -74.98 -34.27
C GLU G 5 8.10 -74.97 -34.62
N SER G 6 8.94 -75.23 -33.63
CA SER G 6 10.36 -75.43 -33.87
C SER G 6 10.58 -76.77 -34.56
N GLY G 7 11.77 -76.94 -35.12
CA GLY G 7 12.06 -78.11 -35.92
C GLY G 7 12.26 -79.36 -35.08
N GLY G 8 11.62 -80.43 -35.52
CA GLY G 8 11.86 -81.73 -34.93
C GLY G 8 13.05 -82.41 -35.57
N GLY G 9 13.48 -83.49 -34.95
CA GLY G 9 14.67 -84.19 -35.42
C GLY G 9 14.98 -85.39 -34.57
N VAL G 10 16.10 -86.04 -34.91
CA VAL G 10 16.55 -87.24 -34.23
C VAL G 10 17.59 -86.83 -33.19
N VAL G 11 17.28 -87.11 -31.93
CA VAL G 11 18.12 -86.74 -30.79
C VAL G 11 18.43 -88.02 -30.02
N GLN G 12 19.71 -88.14 -29.54
CA GLN G 12 20.07 -89.28 -28.69
C GLN G 12 19.38 -89.17 -27.33
N PRO G 13 19.09 -90.31 -26.69
CA PRO G 13 18.42 -90.28 -25.39
C PRO G 13 19.26 -89.63 -24.30
N GLY G 14 18.56 -89.19 -23.25
CA GLY G 14 19.18 -88.47 -22.16
C GLY G 14 19.45 -87.00 -22.43
N ARG G 15 19.23 -86.53 -23.64
CA ARG G 15 19.59 -85.17 -24.03
C ARG G 15 18.42 -84.21 -23.79
N SER G 16 18.55 -83.02 -24.35
CA SER G 16 17.56 -81.97 -24.19
C SER G 16 17.36 -81.25 -25.52
N LEU G 17 16.13 -80.82 -25.78
CA LEU G 17 15.82 -80.10 -27.02
C LEU G 17 14.69 -79.11 -26.80
N ARG G 18 15.03 -77.82 -26.79
CA ARG G 18 14.04 -76.78 -26.56
C ARG G 18 13.01 -76.71 -27.70
N LEU G 19 11.74 -76.63 -27.32
CA LEU G 19 10.63 -76.60 -28.26
C LEU G 19 10.04 -75.20 -28.29
N SER G 20 10.08 -74.59 -29.47
CA SER G 20 9.57 -73.26 -29.71
C SER G 20 8.29 -73.35 -30.51
N CYS G 21 7.30 -72.55 -30.12
CA CYS G 21 6.04 -72.52 -30.86
C CYS G 21 5.48 -71.11 -30.78
N ALA G 22 5.42 -70.45 -31.93
CA ALA G 22 5.00 -69.05 -31.98
C ALA G 22 3.57 -68.95 -32.50
N ALA G 23 2.85 -67.96 -31.96
CA ALA G 23 1.46 -67.74 -32.34
C ALA G 23 1.36 -66.64 -33.39
N SER G 24 0.16 -66.49 -33.93
CA SER G 24 -0.15 -65.48 -34.95
C SER G 24 -1.65 -65.32 -35.00
N GLY G 25 -2.09 -64.13 -35.40
CA GLY G 25 -3.49 -63.79 -35.41
C GLY G 25 -4.01 -63.23 -34.11
N PHE G 26 -4.04 -64.02 -33.04
CA PHE G 26 -4.21 -63.45 -31.72
C PHE G 26 -3.07 -63.95 -30.85
N THR G 27 -2.76 -63.16 -29.83
CA THR G 27 -1.66 -63.40 -28.92
C THR G 27 -1.81 -64.69 -28.14
N PHE G 28 -0.66 -65.26 -27.79
CA PHE G 28 -0.55 -66.16 -26.65
C PHE G 28 -1.01 -65.52 -25.35
N SER G 29 -0.76 -64.22 -25.19
CA SER G 29 -0.62 -63.57 -23.88
C SER G 29 -1.85 -63.72 -23.01
N SER G 30 -3.04 -63.50 -23.57
CA SER G 30 -4.22 -63.52 -22.74
C SER G 30 -4.67 -64.94 -22.41
N TYR G 31 -4.15 -65.93 -23.10
CA TYR G 31 -4.63 -67.28 -22.90
C TYR G 31 -3.61 -68.12 -22.14
N ALA G 32 -3.94 -69.40 -21.97
CA ALA G 32 -3.01 -70.44 -21.59
C ALA G 32 -2.47 -71.06 -22.88
N MET G 33 -1.67 -72.12 -22.77
CA MET G 33 -1.36 -72.94 -23.93
C MET G 33 -0.89 -74.30 -23.42
N HIS G 34 -1.01 -75.31 -24.27
CA HIS G 34 -0.70 -76.68 -23.90
C HIS G 34 0.25 -77.31 -24.90
N TRP G 35 0.75 -78.47 -24.52
CA TRP G 35 1.42 -79.40 -25.42
C TRP G 35 0.76 -80.77 -25.30
N VAL G 36 0.59 -81.43 -26.43
CA VAL G 36 0.16 -82.82 -26.42
C VAL G 36 1.06 -83.62 -27.33
N ARG G 37 0.95 -84.95 -27.21
CA ARG G 37 1.79 -85.92 -27.87
C ARG G 37 0.92 -86.87 -28.67
N GLN G 38 1.37 -87.22 -29.88
CA GLN G 38 0.78 -88.32 -30.63
C GLN G 38 1.89 -89.22 -31.13
N ALA G 39 2.00 -90.38 -30.55
CA ALA G 39 2.79 -91.45 -31.12
C ALA G 39 2.03 -92.07 -32.29
N PRO G 40 2.72 -92.65 -33.27
CA PRO G 40 2.01 -93.21 -34.43
C PRO G 40 1.15 -94.41 -34.06
N GLY G 41 -0.13 -94.30 -34.37
CA GLY G 41 -1.10 -95.31 -33.96
C GLY G 41 -1.58 -95.18 -32.54
N LYS G 42 -1.04 -94.24 -31.77
CA LYS G 42 -1.44 -94.06 -30.38
C LYS G 42 -2.33 -92.85 -30.25
N GLY G 43 -3.11 -92.83 -29.18
CA GLY G 43 -4.01 -91.73 -28.93
C GLY G 43 -3.26 -90.46 -28.55
N LEU G 44 -4.02 -89.37 -28.54
CA LEU G 44 -3.49 -88.07 -28.17
C LEU G 44 -3.33 -88.01 -26.66
N GLU G 45 -2.11 -87.86 -26.19
CA GLU G 45 -1.81 -87.86 -24.77
C GLU G 45 -1.35 -86.46 -24.37
N TRP G 46 -2.06 -85.85 -23.44
CA TRP G 46 -1.71 -84.53 -22.94
C TRP G 46 -0.36 -84.55 -22.23
N VAL G 47 0.38 -83.46 -22.36
CA VAL G 47 1.74 -83.40 -21.82
C VAL G 47 1.86 -82.39 -20.69
N ALA G 48 1.66 -81.10 -20.98
CA ALA G 48 1.92 -80.07 -19.98
C ALA G 48 1.18 -78.79 -20.37
N VAL G 49 0.91 -77.95 -19.36
CA VAL G 49 0.23 -76.68 -19.56
C VAL G 49 1.24 -75.56 -19.48
N ILE G 50 0.81 -74.37 -19.86
CA ILE G 50 1.43 -73.13 -19.42
C ILE G 50 0.27 -72.22 -19.03
N SER G 51 0.50 -71.34 -18.06
CA SER G 51 -0.53 -70.42 -17.60
C SER G 51 0.11 -69.06 -17.42
N TYR G 52 0.03 -68.21 -18.44
CA TYR G 52 0.70 -66.92 -18.35
C TYR G 52 -0.03 -65.93 -17.46
N ASP G 53 -1.35 -66.07 -17.30
CA ASP G 53 -2.15 -65.03 -16.66
C ASP G 53 -1.87 -64.90 -15.16
N GLY G 54 -1.26 -65.93 -14.57
CA GLY G 54 -0.52 -65.75 -13.35
C GLY G 54 0.93 -66.09 -13.61
N SER G 55 1.37 -67.20 -13.02
CA SER G 55 2.46 -68.02 -13.53
C SER G 55 2.40 -69.36 -12.81
N ASN G 56 2.22 -70.43 -13.58
CA ASN G 56 2.15 -71.77 -13.02
C ASN G 56 2.39 -72.77 -14.15
N LYS G 57 3.04 -73.87 -13.80
CA LYS G 57 3.39 -74.90 -14.76
C LYS G 57 3.01 -76.26 -14.20
N TYR G 58 2.16 -76.98 -14.93
CA TYR G 58 1.77 -78.32 -14.55
C TYR G 58 2.21 -79.30 -15.63
N TYR G 59 2.71 -80.45 -15.18
CA TYR G 59 3.26 -81.49 -16.03
C TYR G 59 2.45 -82.75 -15.82
N ALA G 60 2.40 -83.60 -16.84
CA ALA G 60 1.86 -84.94 -16.64
C ALA G 60 2.82 -85.76 -15.80
N ASP G 61 2.29 -86.41 -14.77
CA ASP G 61 3.12 -87.35 -14.02
C ASP G 61 3.26 -88.69 -14.72
N SER G 62 2.46 -88.94 -15.75
CA SER G 62 2.64 -90.11 -16.59
C SER G 62 3.97 -90.05 -17.33
N VAL G 63 4.30 -88.90 -17.89
CA VAL G 63 5.62 -88.64 -18.44
C VAL G 63 6.15 -87.45 -17.64
N LYS G 64 6.79 -87.75 -16.53
CA LYS G 64 7.27 -86.74 -15.59
C LYS G 64 8.79 -86.70 -15.76
N GLY G 65 9.23 -85.94 -16.75
CA GLY G 65 10.64 -85.84 -17.06
C GLY G 65 11.23 -84.47 -16.87
N ARG G 66 10.54 -83.57 -16.15
CA ARG G 66 10.89 -82.15 -16.01
C ARG G 66 11.07 -81.49 -17.36
N PHE G 67 10.11 -81.76 -18.25
CA PHE G 67 10.03 -81.05 -19.52
C PHE G 67 9.59 -79.63 -19.25
N THR G 68 10.54 -78.70 -19.18
CA THR G 68 10.25 -77.39 -18.63
C THR G 68 9.55 -76.50 -19.64
N ILE G 69 8.61 -75.70 -19.15
CA ILE G 69 7.77 -74.86 -19.98
C ILE G 69 7.80 -73.44 -19.45
N SER G 70 8.13 -72.51 -20.36
CA SER G 70 8.18 -71.06 -20.05
C SER G 70 7.72 -70.37 -21.33
N ARG G 71 7.82 -69.06 -21.46
CA ARG G 71 7.25 -68.44 -22.69
C ARG G 71 7.99 -67.18 -23.17
N ASP G 72 7.85 -66.86 -24.45
CA ASP G 72 8.38 -65.57 -24.98
C ASP G 72 7.10 -64.81 -25.33
N ASN G 73 6.40 -64.28 -24.32
CA ASN G 73 5.09 -63.68 -24.53
C ASN G 73 5.14 -62.57 -25.57
N SER G 74 6.23 -61.81 -25.59
CA SER G 74 6.33 -60.67 -26.48
C SER G 74 6.58 -61.10 -27.92
N LYS G 75 6.96 -62.35 -28.13
CA LYS G 75 6.97 -62.93 -29.46
C LYS G 75 5.81 -63.88 -29.69
N ASN G 76 4.90 -64.00 -28.72
CA ASN G 76 3.75 -64.91 -28.74
C ASN G 76 4.20 -66.35 -28.96
N THR G 77 5.22 -66.75 -28.22
CA THR G 77 5.96 -67.97 -28.46
C THR G 77 6.09 -68.69 -27.12
N LEU G 78 6.33 -69.99 -27.16
CA LEU G 78 6.35 -70.81 -25.96
C LEU G 78 7.40 -71.89 -26.10
N TYR G 79 8.09 -72.16 -24.98
CA TYR G 79 9.33 -72.94 -24.97
C TYR G 79 9.19 -74.06 -23.95
N LEU G 80 9.28 -75.30 -24.42
CA LEU G 80 9.33 -76.47 -23.55
C LEU G 80 10.52 -77.32 -23.94
N GLN G 81 11.49 -77.42 -23.05
CA GLN G 81 12.75 -78.08 -23.33
C GLN G 81 12.62 -79.56 -23.03
N MET G 82 12.91 -80.38 -24.03
CA MET G 82 12.83 -81.82 -23.91
C MET G 82 13.98 -82.35 -23.07
N ASN G 83 13.70 -82.67 -21.81
CA ASN G 83 14.71 -83.09 -20.86
C ASN G 83 14.45 -84.54 -20.47
N SER G 84 15.54 -85.27 -20.21
CA SER G 84 15.54 -86.66 -19.73
C SER G 84 14.80 -87.57 -20.71
N LEU G 85 15.36 -87.70 -21.90
CA LEU G 85 14.67 -88.36 -23.00
C LEU G 85 14.67 -89.88 -22.84
N ARG G 86 13.72 -90.52 -23.52
CA ARG G 86 13.58 -91.96 -23.59
C ARG G 86 12.70 -92.29 -24.79
N ALA G 87 13.01 -93.44 -25.42
CA ALA G 87 12.75 -93.65 -26.84
C ALA G 87 11.27 -93.69 -27.17
N GLU G 88 10.44 -94.12 -26.22
CA GLU G 88 9.01 -94.21 -26.44
C GLU G 88 8.35 -92.83 -26.54
N ASP G 89 9.06 -91.77 -26.17
CA ASP G 89 8.58 -90.41 -26.41
C ASP G 89 8.75 -89.97 -27.86
N THR G 90 9.34 -90.82 -28.70
CA THR G 90 9.47 -90.54 -30.13
C THR G 90 8.09 -90.44 -30.77
N ALA G 91 7.70 -89.24 -31.16
CA ALA G 91 6.32 -88.94 -31.53
C ALA G 91 6.26 -87.57 -32.20
N VAL G 92 5.04 -87.13 -32.47
CA VAL G 92 4.80 -85.77 -32.95
C VAL G 92 4.18 -84.97 -31.81
N TYR G 93 4.52 -83.69 -31.71
CA TYR G 93 3.92 -82.86 -30.67
C TYR G 93 3.02 -81.80 -31.29
N TYR G 94 2.04 -81.35 -30.51
CA TYR G 94 1.14 -80.28 -30.89
C TYR G 94 1.05 -79.20 -29.81
N CYS G 95 0.94 -77.97 -30.28
CA CYS G 95 0.63 -76.81 -29.45
C CYS G 95 -0.89 -76.74 -29.34
N ALA G 96 -1.43 -76.62 -28.13
CA ALA G 96 -2.85 -76.89 -27.94
C ALA G 96 -3.56 -75.83 -27.10
N ARG G 97 -4.89 -75.88 -27.16
CA ARG G 97 -5.76 -75.01 -26.39
C ARG G 97 -7.11 -75.72 -26.21
N HIS G 98 -7.69 -75.56 -25.03
CA HIS G 98 -8.91 -76.26 -24.63
C HIS G 98 -10.04 -75.26 -24.45
N ALA G 99 -11.17 -75.51 -25.11
CA ALA G 99 -12.36 -74.72 -24.88
C ALA G 99 -12.96 -75.09 -23.53
N THR G 100 -12.76 -74.26 -22.51
CA THR G 100 -13.15 -74.59 -21.15
C THR G 100 -14.52 -73.95 -20.88
N LEU G 101 -15.52 -74.35 -21.69
CA LEU G 101 -16.93 -74.01 -21.57
C LEU G 101 -17.22 -72.52 -21.85
N MET G 102 -16.18 -71.72 -22.01
CA MET G 102 -16.31 -70.29 -22.15
C MET G 102 -15.87 -69.88 -23.54
N ASN G 103 -14.66 -70.28 -23.91
CA ASN G 103 -14.11 -69.86 -25.17
C ASN G 103 -14.41 -70.88 -26.25
N ASN G 104 -14.04 -70.54 -27.47
CA ASN G 104 -13.80 -71.49 -28.55
C ASN G 104 -12.47 -71.08 -29.15
N LYS G 105 -11.38 -71.48 -28.50
CA LYS G 105 -10.06 -71.07 -28.96
C LYS G 105 -9.14 -72.23 -29.25
N ASP G 106 -9.68 -73.44 -29.46
CA ASP G 106 -8.85 -74.62 -29.62
C ASP G 106 -8.11 -74.56 -30.95
N ILE G 107 -6.85 -74.13 -30.90
CA ILE G 107 -6.02 -73.95 -32.08
C ILE G 107 -4.80 -74.85 -31.94
N TRP G 108 -4.43 -75.51 -33.03
CA TRP G 108 -3.47 -76.58 -33.00
C TRP G 108 -2.35 -76.28 -33.98
N GLY G 109 -1.12 -76.57 -33.59
CA GLY G 109 0.02 -76.36 -34.46
C GLY G 109 0.06 -77.38 -35.59
N GLN G 110 1.11 -77.28 -36.41
CA GLN G 110 1.19 -78.17 -37.61
C GLN G 110 1.69 -79.57 -37.19
N GLY G 111 2.47 -79.66 -36.12
CA GLY G 111 3.00 -80.94 -35.70
C GLY G 111 4.41 -81.18 -36.21
N THR G 112 5.33 -81.40 -35.28
CA THR G 112 6.70 -81.76 -35.61
C THR G 112 7.13 -83.00 -34.85
N LEU G 113 8.00 -83.78 -35.47
CA LEU G 113 8.45 -85.05 -34.90
C LEU G 113 9.67 -84.85 -34.03
N VAL G 114 9.54 -85.18 -32.76
CA VAL G 114 10.67 -85.45 -31.89
C VAL G 114 10.99 -86.93 -32.00
N THR G 115 12.27 -87.25 -32.15
CA THR G 115 12.72 -88.64 -32.24
C THR G 115 13.78 -88.86 -31.18
N VAL G 116 13.62 -89.90 -30.37
CA VAL G 116 14.57 -90.22 -29.33
C VAL G 116 15.19 -91.58 -29.69
N SER G 117 16.41 -91.54 -30.24
CA SER G 117 17.11 -92.73 -30.67
C SER G 117 18.59 -92.40 -30.84
N SER G 118 19.44 -93.40 -30.61
CA SER G 118 20.86 -93.28 -30.87
C SER G 118 21.20 -93.45 -32.34
N ALA G 119 20.29 -93.99 -33.13
CA ALA G 119 20.50 -94.20 -34.56
C ALA G 119 19.82 -93.07 -35.32
N SER G 120 20.61 -92.27 -36.02
CA SER G 120 20.09 -91.11 -36.74
C SER G 120 19.32 -91.53 -37.99
N GLN H 1 39.04 -22.20 62.56
CA GLN H 1 40.39 -22.63 62.92
C GLN H 1 40.57 -22.71 64.44
N GLN H 2 39.90 -21.83 65.17
CA GLN H 2 40.25 -21.60 66.55
C GLN H 2 39.01 -21.21 67.34
N LEU H 3 38.96 -21.64 68.60
CA LEU H 3 37.83 -21.41 69.47
C LEU H 3 38.32 -20.81 70.78
N VAL H 4 37.64 -19.77 71.25
CA VAL H 4 37.98 -19.15 72.52
C VAL H 4 36.74 -19.18 73.42
N GLU H 5 36.96 -19.20 74.72
CA GLU H 5 35.91 -19.45 75.70
C GLU H 5 35.80 -18.30 76.68
N SER H 6 34.63 -18.15 77.28
CA SER H 6 34.46 -17.20 78.37
C SER H 6 35.15 -17.73 79.62
N GLY H 7 35.33 -16.84 80.59
CA GLY H 7 36.10 -17.19 81.77
C GLY H 7 35.33 -18.08 82.73
N GLY H 8 36.02 -19.11 83.20
CA GLY H 8 35.49 -19.95 84.25
C GLY H 8 35.79 -19.36 85.61
N GLY H 9 35.15 -19.93 86.62
CA GLY H 9 35.30 -19.42 87.97
C GLY H 9 34.49 -20.20 88.97
N VAL H 10 34.53 -19.75 90.21
CA VAL H 10 33.83 -20.39 91.31
C VAL H 10 32.51 -19.66 91.51
N VAL H 11 31.42 -20.40 91.36
CA VAL H 11 30.06 -19.88 91.47
C VAL H 11 29.32 -20.69 92.52
N GLN H 12 28.49 -20.00 93.35
CA GLN H 12 27.67 -20.69 94.32
C GLN H 12 26.57 -21.48 93.63
N PRO H 13 26.13 -22.60 94.21
CA PRO H 13 25.07 -23.42 93.59
C PRO H 13 23.74 -22.69 93.47
N GLY H 14 22.92 -23.17 92.54
CA GLY H 14 21.65 -22.56 92.23
C GLY H 14 21.72 -21.34 91.35
N ARG H 15 22.91 -20.86 91.02
CA ARG H 15 23.07 -19.62 90.26
C ARG H 15 23.11 -19.89 88.77
N SER H 16 23.53 -18.88 88.01
CA SER H 16 23.59 -18.94 86.56
C SER H 16 24.87 -18.26 86.08
N LEU H 17 25.45 -18.78 85.01
CA LEU H 17 26.66 -18.20 84.44
C LEU H 17 26.71 -18.43 82.94
N ARG H 18 26.52 -17.35 82.18
CA ARG H 18 26.51 -17.43 80.72
C ARG H 18 27.88 -17.81 80.18
N LEU H 19 27.88 -18.77 79.26
CA LEU H 19 29.11 -19.29 78.65
C LEU H 19 29.21 -18.78 77.22
N SER H 20 30.28 -18.04 76.95
CA SER H 20 30.57 -17.47 75.65
C SER H 20 31.71 -18.22 75.01
N CYS H 21 31.58 -18.53 73.72
CA CYS H 21 32.64 -19.20 73.00
C CYS H 21 32.64 -18.70 71.56
N ALA H 22 33.70 -18.00 71.17
CA ALA H 22 33.77 -17.37 69.86
C ALA H 22 34.67 -18.19 68.94
N ALA H 23 34.30 -18.20 67.65
CA ALA H 23 35.05 -18.94 66.66
C ALA H 23 36.01 -18.01 65.91
N SER H 24 36.87 -18.62 65.10
CA SER H 24 37.84 -17.91 64.28
C SER H 24 38.33 -18.87 63.21
N GLY H 25 38.76 -18.29 62.09
CA GLY H 25 39.15 -19.06 60.93
C GLY H 25 38.02 -19.42 59.99
N PHE H 26 37.07 -20.25 60.43
CA PHE H 26 35.82 -20.35 59.71
C PHE H 26 34.69 -20.09 60.69
N THR H 27 33.57 -19.64 60.14
CA THR H 27 32.40 -19.25 60.90
C THR H 27 31.79 -20.41 61.67
N PHE H 28 31.17 -20.06 62.79
CA PHE H 28 30.11 -20.87 63.37
C PHE H 28 28.96 -21.14 62.42
N SER H 29 28.64 -20.15 61.58
CA SER H 29 27.31 -19.98 60.99
C SER H 29 26.85 -21.20 60.20
N SER H 30 27.71 -21.73 59.35
CA SER H 30 27.27 -22.82 58.49
C SER H 30 27.19 -24.15 59.23
N TYR H 31 27.77 -24.24 60.42
CA TYR H 31 27.82 -25.52 61.11
C TYR H 31 26.85 -25.55 62.28
N ALA H 32 26.89 -26.64 63.02
CA ALA H 32 26.32 -26.76 64.35
C ALA H 32 27.43 -26.44 65.34
N MET H 33 27.17 -26.57 66.63
CA MET H 33 28.25 -26.59 67.62
C MET H 33 27.72 -27.28 68.87
N HIS H 34 28.65 -27.78 69.67
CA HIS H 34 28.30 -28.56 70.85
C HIS H 34 29.03 -28.03 72.08
N TRP H 35 28.60 -28.52 73.23
CA TRP H 35 29.32 -28.42 74.49
C TRP H 35 29.50 -29.80 75.08
N VAL H 36 30.68 -30.05 75.63
CA VAL H 36 30.90 -31.27 76.40
C VAL H 36 31.55 -30.89 77.72
N ARG H 37 31.57 -31.86 78.63
CA ARG H 37 32.02 -31.73 80.00
C ARG H 37 33.12 -32.74 80.27
N GLN H 38 34.15 -32.33 80.99
CA GLN H 38 35.12 -33.27 81.54
C GLN H 38 35.35 -32.92 83.01
N ALA H 39 34.85 -33.76 83.88
CA ALA H 39 35.23 -33.74 85.28
C ALA H 39 36.60 -34.37 85.42
N PRO H 40 37.38 -33.99 86.44
CA PRO H 40 38.74 -34.54 86.57
C PRO H 40 38.72 -36.03 86.87
N GLY H 41 39.40 -36.80 86.02
CA GLY H 41 39.36 -38.23 86.10
C GLY H 41 38.14 -38.88 85.50
N LYS H 42 37.18 -38.10 85.02
CA LYS H 42 35.96 -38.64 84.45
C LYS H 42 36.00 -38.51 82.93
N GLY H 43 35.21 -39.35 82.27
CA GLY H 43 35.15 -39.34 80.82
C GLY H 43 34.50 -38.08 80.29
N LEU H 44 34.62 -37.92 78.98
CA LEU H 44 34.02 -36.79 78.29
C LEU H 44 32.54 -37.05 78.13
N GLU H 45 31.72 -36.21 78.74
CA GLU H 45 30.27 -36.38 78.72
C GLU H 45 29.66 -35.25 77.91
N TRP H 46 28.93 -35.61 76.87
CA TRP H 46 28.26 -34.63 76.03
C TRP H 46 27.18 -33.88 76.81
N VAL H 47 27.00 -32.60 76.46
CA VAL H 47 26.09 -31.75 77.21
C VAL H 47 24.90 -31.32 76.37
N ALA H 48 25.15 -30.54 75.31
CA ALA H 48 24.05 -29.95 74.55
C ALA H 48 24.53 -29.55 73.17
N VAL H 49 23.59 -29.47 72.22
CA VAL H 49 23.89 -29.07 70.84
C VAL H 49 23.44 -27.63 70.64
N ILE H 50 23.84 -27.07 69.51
CA ILE H 50 23.14 -25.94 68.91
C ILE H 50 23.06 -26.28 67.43
N SER H 51 22.00 -25.81 66.78
CA SER H 51 21.79 -26.07 65.35
C SER H 51 21.33 -24.78 64.71
N TYR H 52 22.27 -24.01 64.15
CA TYR H 52 21.90 -22.72 63.61
C TYR H 52 21.19 -22.83 62.26
N ASP H 53 21.42 -23.89 61.49
CA ASP H 53 20.98 -23.96 60.11
C ASP H 53 19.46 -24.08 59.98
N GLY H 54 18.80 -24.47 61.06
CA GLY H 54 17.40 -24.16 61.24
C GLY H 54 17.24 -23.28 62.46
N SER H 55 16.64 -23.86 63.50
CA SER H 55 16.85 -23.47 64.90
C SER H 55 16.29 -24.59 65.76
N ASN H 56 17.15 -25.21 66.55
CA ASN H 56 16.73 -26.27 67.46
C ASN H 56 17.81 -26.45 68.52
N LYS H 57 17.37 -26.79 69.72
CA LYS H 57 18.26 -26.95 70.85
C LYS H 57 17.94 -28.25 71.56
N TYR H 58 18.93 -29.13 71.66
CA TYR H 58 18.79 -30.39 72.38
C TYR H 58 19.76 -30.42 73.55
N TYR H 59 19.26 -30.94 74.67
CA TYR H 59 19.98 -30.99 75.93
C TYR H 59 20.11 -32.44 76.34
N ALA H 60 21.16 -32.75 77.10
CA ALA H 60 21.23 -34.07 77.73
C ALA H 60 20.21 -34.14 78.84
N ASP H 61 19.43 -35.22 78.86
CA ASP H 61 18.53 -35.43 80.00
C ASP H 61 19.26 -36.02 81.19
N SER H 62 20.50 -36.47 81.01
CA SER H 62 21.33 -36.89 82.14
C SER H 62 21.64 -35.70 83.05
N VAL H 63 22.00 -34.57 82.46
CA VAL H 63 22.11 -33.31 83.18
C VAL H 63 21.11 -32.37 82.51
N LYS H 64 19.87 -32.42 82.99
CA LYS H 64 18.76 -31.66 82.41
C LYS H 64 18.49 -30.52 83.37
N GLY H 65 19.24 -29.44 83.21
CA GLY H 65 19.11 -28.29 84.08
C GLY H 65 18.65 -27.03 83.40
N ARG H 66 18.12 -27.14 82.17
CA ARG H 66 17.77 -26.01 81.30
C ARG H 66 18.96 -25.08 81.10
N PHE H 67 20.11 -25.69 80.83
CA PHE H 67 21.29 -24.95 80.41
C PHE H 67 21.06 -24.41 79.01
N THR H 68 20.65 -23.15 78.91
CA THR H 68 20.11 -22.65 77.66
C THR H 68 21.22 -22.31 76.68
N ILE H 69 20.96 -22.57 75.39
CA ILE H 69 21.97 -22.28 74.35
C ILE H 69 21.41 -21.18 73.41
N SER H 70 22.24 -20.20 73.06
CA SER H 70 21.81 -19.07 72.19
C SER H 70 22.85 -18.88 71.08
N ARG H 71 22.47 -18.25 69.97
CA ARG H 71 23.41 -18.13 68.82
C ARG H 71 23.91 -16.70 68.65
N ASP H 72 25.18 -16.53 68.29
CA ASP H 72 25.72 -15.18 67.98
C ASP H 72 26.44 -15.33 66.64
N ASN H 73 25.68 -15.46 65.54
CA ASN H 73 26.28 -15.71 64.20
C ASN H 73 27.19 -14.54 63.78
N SER H 74 26.81 -13.31 64.11
CA SER H 74 27.59 -12.12 63.67
C SER H 74 29.01 -12.19 64.23
N LYS H 75 29.16 -12.62 65.49
CA LYS H 75 30.51 -12.66 66.13
C LYS H 75 31.05 -14.09 66.13
N ASN H 76 30.31 -15.04 65.52
CA ASN H 76 30.74 -16.44 65.47
C ASN H 76 30.93 -17.00 66.89
N THR H 77 29.95 -16.74 67.73
CA THR H 77 30.05 -16.94 69.16
C THR H 77 28.79 -17.67 69.60
N LEU H 78 28.85 -18.33 70.75
CA LEU H 78 27.76 -19.18 71.21
C LEU H 78 27.66 -19.11 72.72
N TYR H 79 26.42 -19.07 73.21
CA TYR H 79 26.10 -18.71 74.59
C TYR H 79 25.25 -19.81 75.20
N LEU H 80 25.76 -20.42 76.27
CA LEU H 80 25.00 -21.38 77.06
C LEU H 80 25.08 -20.99 78.51
N GLN H 81 23.94 -20.60 79.09
CA GLN H 81 23.90 -20.06 80.43
C GLN H 81 23.77 -21.20 81.42
N MET H 82 24.70 -21.26 82.38
CA MET H 82 24.70 -22.28 83.40
C MET H 82 23.60 -22.02 84.42
N ASN H 83 22.51 -22.78 84.30
CA ASN H 83 21.34 -22.59 85.13
C ASN H 83 21.14 -23.83 86.01
N SER H 84 20.62 -23.59 87.22
CA SER H 84 20.28 -24.62 88.20
C SER H 84 21.49 -25.48 88.56
N LEU H 85 22.47 -24.85 89.18
CA LEU H 85 23.77 -25.47 89.39
C LEU H 85 23.73 -26.50 90.52
N ARG H 86 24.70 -27.40 90.49
CA ARG H 86 24.92 -28.42 91.50
C ARG H 86 26.34 -28.94 91.36
N ALA H 87 26.93 -29.29 92.51
CA ALA H 87 28.38 -29.24 92.71
C ALA H 87 29.14 -30.23 91.84
N GLU H 88 28.50 -31.35 91.50
CA GLU H 88 29.14 -32.36 90.67
C GLU H 88 29.33 -31.91 89.23
N ASP H 89 28.69 -30.82 88.82
CA ASP H 89 28.96 -30.21 87.52
C ASP H 89 30.27 -29.43 87.51
N THR H 90 30.96 -29.32 88.64
CA THR H 90 32.25 -28.66 88.71
C THR H 90 33.26 -29.41 87.84
N ALA H 91 33.65 -28.79 86.74
CA ALA H 91 34.39 -29.49 85.69
C ALA H 91 34.95 -28.46 84.71
N VAL H 92 35.54 -28.96 83.62
CA VAL H 92 35.97 -28.11 82.51
C VAL H 92 35.00 -28.35 81.36
N TYR H 93 34.71 -27.29 80.60
CA TYR H 93 33.85 -27.47 79.43
C TYR H 93 34.62 -27.26 78.14
N TYR H 94 34.12 -27.87 77.07
CA TYR H 94 34.69 -27.71 75.73
C TYR H 94 33.61 -27.35 74.71
N CYS H 95 33.99 -26.51 73.77
CA CYS H 95 33.20 -26.21 72.58
C CYS H 95 33.55 -27.26 71.54
N ALA H 96 32.55 -27.90 70.94
CA ALA H 96 32.80 -29.13 70.21
C ALA H 96 32.13 -29.18 68.84
N ARG H 97 32.58 -30.13 68.04
CA ARG H 97 32.04 -30.40 66.71
C ARG H 97 32.31 -31.86 66.36
N HIS H 98 31.35 -32.50 65.71
CA HIS H 98 31.38 -33.92 65.39
C HIS H 98 31.48 -34.13 63.89
N ALA H 99 32.45 -34.91 63.46
CA ALA H 99 32.51 -35.30 62.06
C ALA H 99 31.44 -36.34 61.78
N THR H 100 30.35 -35.92 61.14
CA THR H 100 29.19 -36.79 60.94
C THR H 100 29.29 -37.41 59.55
N LEU H 101 30.38 -38.17 59.32
CA LEU H 101 30.67 -38.98 58.14
C LEU H 101 30.91 -38.15 56.87
N MET H 102 30.70 -36.85 56.96
CA MET H 102 30.76 -35.96 55.81
C MET H 102 31.93 -35.02 55.98
N ASN H 103 31.95 -34.32 57.10
CA ASN H 103 32.96 -33.31 57.31
C ASN H 103 34.16 -33.89 58.05
N ASN H 104 35.18 -33.08 58.19
CA ASN H 104 36.20 -33.25 59.21
C ASN H 104 36.35 -31.87 59.84
N LYS H 105 35.45 -31.53 60.75
CA LYS H 105 35.47 -30.21 61.34
C LYS H 105 35.56 -30.23 62.86
N ASP H 106 36.00 -31.33 63.44
CA ASP H 106 36.00 -31.47 64.89
C ASP H 106 37.05 -30.55 65.50
N ILE H 107 36.60 -29.39 65.99
CA ILE H 107 37.47 -28.36 66.54
C ILE H 107 37.03 -28.12 67.97
N TRP H 108 38.01 -28.00 68.87
CA TRP H 108 37.78 -28.01 70.30
C TRP H 108 38.37 -26.76 70.91
N GLY H 109 37.65 -26.17 71.86
CA GLY H 109 38.14 -24.99 72.55
C GLY H 109 39.27 -25.32 73.50
N GLN H 110 39.73 -24.30 74.22
CA GLN H 110 40.91 -24.49 75.11
C GLN H 110 40.47 -25.16 76.42
N GLY H 111 39.23 -24.95 76.85
CA GLY H 111 38.76 -25.52 78.10
C GLY H 111 38.86 -24.54 79.25
N THR H 112 37.71 -24.27 79.87
CA THR H 112 37.65 -23.44 81.07
C THR H 112 36.89 -24.15 82.17
N LEU H 113 37.29 -23.87 83.42
CA LEU H 113 36.69 -24.53 84.56
C LEU H 113 35.50 -23.76 85.08
N VAL H 114 34.35 -24.42 85.07
CA VAL H 114 33.21 -24.02 85.88
C VAL H 114 33.33 -24.73 87.22
N THR H 115 33.12 -24.00 88.29
CA THR H 115 33.17 -24.54 89.64
C THR H 115 31.86 -24.21 90.33
N VAL H 116 31.22 -25.23 90.91
CA VAL H 116 29.97 -25.04 91.63
C VAL H 116 30.22 -25.39 93.09
N SER H 117 30.39 -24.35 93.91
CA SER H 117 30.67 -24.51 95.33
C SER H 117 30.38 -23.20 96.04
N SER H 118 29.99 -23.31 97.31
CA SER H 118 29.80 -22.15 98.16
C SER H 118 31.11 -21.61 98.72
N ALA H 119 32.18 -22.41 98.65
CA ALA H 119 33.49 -22.01 99.15
C ALA H 119 34.33 -21.56 97.96
N SER H 120 34.71 -20.28 97.97
CA SER H 120 35.47 -19.70 96.85
C SER H 120 36.92 -20.20 96.85
N GLY I 1 -5.77 -90.02 -7.22
CA GLY I 1 -5.17 -90.49 -8.46
C GLY I 1 -5.67 -89.75 -9.69
N ASP I 2 -5.33 -90.28 -10.86
CA ASP I 2 -5.77 -89.67 -12.11
C ASP I 2 -7.25 -89.96 -12.36
N ILE I 3 -7.81 -89.27 -13.32
CA ILE I 3 -9.18 -89.52 -13.75
C ILE I 3 -9.13 -90.37 -15.02
N GLN I 4 -9.73 -91.56 -14.93
CA GLN I 4 -9.74 -92.48 -16.06
C GLN I 4 -10.87 -92.12 -17.01
N LEU I 5 -10.59 -92.23 -18.30
CA LEU I 5 -11.62 -92.13 -19.32
C LEU I 5 -11.92 -93.51 -19.87
N THR I 6 -13.11 -93.65 -20.44
CA THR I 6 -13.54 -94.91 -21.04
C THR I 6 -14.28 -94.54 -22.32
N GLN I 7 -13.60 -94.66 -23.45
CA GLN I 7 -14.19 -94.35 -24.73
C GLN I 7 -14.63 -95.64 -25.39
N SER I 8 -15.92 -95.75 -25.69
CA SER I 8 -16.44 -96.99 -26.22
C SER I 8 -17.41 -96.70 -27.37
N PRO I 9 -17.33 -97.44 -28.48
CA PRO I 9 -16.27 -98.39 -28.81
C PRO I 9 -15.03 -97.66 -29.31
N SER I 10 -13.88 -98.31 -29.26
CA SER I 10 -12.66 -97.66 -29.71
C SER I 10 -12.53 -97.66 -31.23
N SER I 11 -13.41 -98.34 -31.94
CA SER I 11 -13.56 -98.18 -33.38
C SER I 11 -14.95 -98.63 -33.76
N LEU I 12 -15.44 -98.12 -34.88
CA LEU I 12 -16.70 -98.58 -35.44
C LEU I 12 -16.70 -98.32 -36.94
N SER I 13 -16.60 -99.38 -37.71
CA SER I 13 -16.62 -99.32 -39.17
C SER I 13 -18.06 -99.15 -39.62
N ALA I 14 -18.33 -98.05 -40.30
CA ALA I 14 -19.70 -97.61 -40.48
C ALA I 14 -20.00 -97.38 -41.96
N SER I 15 -21.25 -96.97 -42.22
CA SER I 15 -21.77 -96.84 -43.56
C SER I 15 -22.40 -95.46 -43.75
N VAL I 16 -22.98 -95.25 -44.94
CA VAL I 16 -23.45 -93.93 -45.31
C VAL I 16 -24.80 -93.64 -44.65
N GLY I 17 -24.92 -92.47 -44.04
CA GLY I 17 -26.18 -92.03 -43.47
C GLY I 17 -26.50 -92.59 -42.12
N ASP I 18 -25.52 -93.12 -41.40
CA ASP I 18 -25.75 -93.74 -40.10
C ASP I 18 -26.03 -92.69 -39.03
N ARG I 19 -26.26 -93.17 -37.82
CA ARG I 19 -26.37 -92.34 -36.63
C ARG I 19 -25.59 -93.03 -35.52
N VAL I 20 -24.29 -92.73 -35.43
CA VAL I 20 -23.36 -93.42 -34.56
C VAL I 20 -23.31 -92.71 -33.22
N THR I 21 -23.37 -93.48 -32.14
CA THR I 21 -23.28 -92.96 -30.79
C THR I 21 -21.94 -93.39 -30.20
N ILE I 22 -20.95 -92.51 -30.26
CA ILE I 22 -19.63 -92.81 -29.71
C ILE I 22 -19.61 -92.33 -28.27
N THR I 23 -19.52 -93.27 -27.35
CA THR I 23 -19.65 -93.00 -25.93
C THR I 23 -18.29 -92.77 -25.31
N CYS I 24 -18.17 -91.75 -24.44
CA CYS I 24 -16.90 -91.54 -23.69
C CYS I 24 -17.23 -91.39 -22.20
N ARG I 25 -17.43 -92.51 -21.50
CA ARG I 25 -17.76 -92.48 -20.05
C ARG I 25 -16.53 -92.01 -19.26
N ALA I 26 -16.74 -91.34 -18.13
CA ALA I 26 -15.62 -90.89 -17.27
C ALA I 26 -15.73 -91.58 -15.91
N SER I 27 -14.63 -92.13 -15.40
CA SER I 27 -14.65 -92.86 -14.10
C SER I 27 -15.05 -91.89 -12.99
N GLN I 28 -14.54 -90.67 -13.02
CA GLN I 28 -14.93 -89.64 -12.02
C GLN I 28 -15.95 -88.70 -12.67
N SER I 29 -17.04 -88.39 -11.97
CA SER I 29 -18.12 -87.57 -12.58
C SER I 29 -17.59 -86.20 -13.00
N ILE I 30 -17.95 -85.76 -14.22
CA ILE I 30 -17.54 -84.41 -14.70
C ILE I 30 -18.83 -83.61 -14.90
N SER I 31 -18.97 -82.45 -14.25
CA SER I 31 -20.27 -81.73 -14.34
C SER I 31 -20.59 -81.30 -15.77
N SER I 32 -19.63 -80.69 -16.46
CA SER I 32 -19.87 -80.21 -17.86
C SER I 32 -18.55 -80.04 -18.63
N TYR I 33 -17.41 -80.39 -18.03
CA TYR I 33 -16.11 -80.14 -18.68
C TYR I 33 -15.73 -81.28 -19.64
N LEU I 34 -16.43 -81.42 -20.77
CA LEU I 34 -16.03 -82.44 -21.77
C LEU I 34 -16.05 -81.86 -23.18
N ASN I 35 -15.11 -82.26 -24.04
CA ASN I 35 -15.03 -81.74 -25.43
C ASN I 35 -14.85 -82.92 -26.39
N TRP I 36 -15.20 -82.74 -27.67
CA TRP I 36 -15.02 -83.81 -28.69
C TRP I 36 -14.11 -83.32 -29.83
N TYR I 37 -13.15 -84.14 -30.24
CA TYR I 37 -12.18 -83.72 -31.31
C TYR I 37 -12.29 -84.63 -32.53
N GLN I 38 -12.33 -84.05 -33.74
CA GLN I 38 -12.33 -84.88 -34.97
C GLN I 38 -10.93 -84.75 -35.60
N GLN I 39 -10.24 -85.88 -35.81
CA GLN I 39 -8.85 -85.81 -36.33
C GLN I 39 -8.67 -86.82 -37.46
N LYS I 40 -7.80 -86.51 -38.42
CA LYS I 40 -7.48 -87.44 -39.53
C LYS I 40 -5.96 -87.56 -39.59
N PRO I 41 -5.37 -88.65 -40.13
CA PRO I 41 -3.91 -88.80 -40.10
C PRO I 41 -3.25 -87.63 -40.86
N GLY I 42 -2.21 -87.03 -40.26
CA GLY I 42 -1.52 -85.89 -40.90
C GLY I 42 -2.32 -84.60 -40.77
N LYS I 43 -3.37 -84.58 -39.94
CA LYS I 43 -4.24 -83.38 -39.82
C LYS I 43 -4.35 -82.97 -38.35
N ALA I 44 -4.47 -81.67 -38.07
CA ALA I 44 -4.63 -81.17 -36.69
C ALA I 44 -6.03 -81.52 -36.17
N PRO I 45 -6.22 -81.81 -34.87
CA PRO I 45 -7.54 -82.10 -34.31
C PRO I 45 -8.50 -80.90 -34.43
N LYS I 46 -9.77 -81.14 -34.73
CA LYS I 46 -10.77 -80.05 -34.84
C LYS I 46 -11.83 -80.24 -33.75
N LEU I 47 -12.07 -79.21 -32.93
CA LEU I 47 -13.11 -79.31 -31.87
C LEU I 47 -14.49 -79.41 -32.52
N LEU I 48 -15.33 -80.35 -32.06
CA LEU I 48 -16.71 -80.47 -32.59
C LEU I 48 -17.70 -79.89 -31.58
N ILE I 49 -17.59 -80.26 -30.30
CA ILE I 49 -18.56 -79.80 -29.27
C ILE I 49 -17.76 -79.20 -28.11
N TYR I 50 -18.19 -78.04 -27.60
CA TYR I 50 -17.51 -77.47 -26.40
C TYR I 50 -18.46 -77.58 -25.19
N ALA I 51 -18.00 -78.19 -24.09
CA ALA I 51 -18.81 -78.37 -22.86
C ALA I 51 -19.79 -79.53 -23.05
N ALA I 52 -19.77 -80.17 -24.24
CA ALA I 52 -20.63 -81.34 -24.53
C ALA I 52 -22.11 -80.93 -24.53
N SER I 53 -22.40 -79.63 -24.57
CA SER I 53 -23.81 -79.15 -24.60
C SER I 53 -24.01 -78.20 -25.79
N SER I 54 -22.95 -77.48 -26.19
CA SER I 54 -23.08 -76.48 -27.29
C SER I 54 -22.11 -76.84 -28.42
N LEU I 55 -22.61 -76.84 -29.66
CA LEU I 55 -21.76 -77.20 -30.83
C LEU I 55 -20.71 -76.10 -31.06
N GLN I 56 -19.49 -76.48 -31.43
CA GLN I 56 -18.42 -75.48 -31.74
C GLN I 56 -18.82 -74.73 -33.02
N SER I 57 -18.47 -73.45 -33.11
CA SER I 57 -18.78 -72.65 -34.33
C SER I 57 -18.04 -73.25 -35.53
N GLY I 58 -18.68 -73.30 -36.70
CA GLY I 58 -18.07 -73.90 -37.90
C GLY I 58 -18.22 -75.42 -37.92
N VAL I 59 -19.03 -75.97 -37.01
CA VAL I 59 -19.25 -77.44 -36.96
C VAL I 59 -20.70 -77.72 -37.38
N PRO I 60 -20.96 -78.69 -38.27
CA PRO I 60 -22.32 -78.96 -38.76
C PRO I 60 -23.28 -79.41 -37.64
N SER I 61 -24.57 -79.11 -37.80
CA SER I 61 -25.58 -79.44 -36.76
C SER I 61 -25.68 -80.96 -36.55
N ARG I 62 -25.33 -81.74 -37.57
CA ARG I 62 -25.46 -83.23 -37.47
C ARG I 62 -24.61 -83.73 -36.31
N PHE I 63 -23.40 -83.19 -36.12
CA PHE I 63 -22.59 -83.56 -34.93
C PHE I 63 -23.27 -82.96 -33.70
N SER I 64 -23.43 -83.74 -32.62
CA SER I 64 -24.16 -83.26 -31.43
C SER I 64 -23.47 -83.72 -30.14
N GLY I 65 -23.65 -82.98 -29.05
CA GLY I 65 -23.06 -83.37 -27.76
C GLY I 65 -24.14 -83.84 -26.80
N SER I 66 -23.98 -85.01 -26.19
CA SER I 66 -25.04 -85.58 -25.32
C SER I 66 -24.42 -86.19 -24.05
N GLY I 67 -25.23 -86.35 -23.00
CA GLY I 67 -24.74 -86.98 -21.75
C GLY I 67 -24.27 -85.97 -20.73
N SER I 68 -24.19 -86.37 -19.45
CA SER I 68 -23.75 -85.45 -18.38
C SER I 68 -23.19 -86.27 -17.20
N GLY I 69 -22.43 -85.63 -16.31
CA GLY I 69 -21.89 -86.34 -15.13
C GLY I 69 -20.96 -87.47 -15.50
N THR I 70 -21.19 -88.67 -14.95
CA THR I 70 -20.27 -89.82 -15.18
C THR I 70 -20.24 -90.21 -16.67
N ASP I 71 -21.39 -90.20 -17.35
CA ASP I 71 -21.41 -90.70 -18.75
C ASP I 71 -21.56 -89.55 -19.75
N PHE I 72 -20.69 -89.50 -20.76
CA PHE I 72 -20.79 -88.47 -21.83
C PHE I 72 -20.71 -89.18 -23.18
N THR I 73 -21.35 -88.63 -24.21
CA THR I 73 -21.38 -89.34 -25.53
C THR I 73 -21.43 -88.35 -26.70
N LEU I 74 -21.04 -88.80 -27.90
CA LEU I 74 -21.10 -87.95 -29.12
C LEU I 74 -22.17 -88.51 -30.04
N THR I 75 -23.07 -87.65 -30.53
CA THR I 75 -24.12 -88.11 -31.48
C THR I 75 -23.75 -87.64 -32.89
N ILE I 76 -23.62 -88.57 -33.84
CA ILE I 76 -23.32 -88.20 -35.25
C ILE I 76 -24.49 -88.67 -36.10
N SER I 77 -25.01 -87.80 -36.97
CA SER I 77 -26.17 -88.17 -37.83
C SER I 77 -25.86 -87.79 -39.28
N SER I 78 -26.59 -88.37 -40.24
CA SER I 78 -26.36 -88.06 -41.68
C SER I 78 -24.87 -88.29 -42.02
N LEU I 79 -24.33 -89.46 -41.66
CA LEU I 79 -22.89 -89.72 -41.86
C LEU I 79 -22.55 -89.61 -43.35
N GLN I 80 -21.42 -88.98 -43.67
CA GLN I 80 -21.02 -88.76 -45.10
C GLN I 80 -19.57 -89.22 -45.25
N PRO I 81 -19.06 -89.48 -46.48
CA PRO I 81 -17.69 -90.00 -46.64
C PRO I 81 -16.67 -89.02 -46.05
N GLU I 82 -16.88 -87.71 -46.25
CA GLU I 82 -15.99 -86.68 -45.63
C GLU I 82 -16.09 -86.77 -44.10
N ASP I 83 -17.29 -87.04 -43.57
CA ASP I 83 -17.49 -87.07 -42.09
C ASP I 83 -16.65 -88.19 -41.45
N PHE I 84 -16.51 -89.35 -42.10
CA PHE I 84 -15.80 -90.47 -41.44
C PHE I 84 -14.42 -89.98 -41.00
N ALA I 85 -14.07 -90.17 -39.71
CA ALA I 85 -12.79 -89.68 -39.17
C ALA I 85 -12.50 -90.34 -37.81
N THR I 86 -11.31 -90.13 -37.26
CA THR I 86 -11.01 -90.65 -35.90
C THR I 86 -11.49 -89.60 -34.88
N TYR I 87 -12.27 -90.00 -33.87
CA TYR I 87 -12.83 -89.03 -32.89
C TYR I 87 -12.26 -89.29 -31.50
N TYR I 88 -11.75 -88.24 -30.85
CA TYR I 88 -11.17 -88.39 -29.48
C TYR I 88 -12.01 -87.56 -28.50
N CYS I 89 -12.39 -88.14 -27.36
CA CYS I 89 -13.11 -87.32 -26.34
C CYS I 89 -12.09 -86.51 -25.54
N GLN I 90 -12.54 -85.79 -24.51
CA GLN I 90 -11.65 -84.90 -23.79
C GLN I 90 -12.23 -84.44 -22.47
N GLN I 91 -11.49 -84.67 -21.38
CA GLN I 91 -11.81 -84.04 -20.11
C GLN I 91 -11.11 -82.70 -20.01
N SER I 92 -11.66 -81.80 -19.21
CA SER I 92 -10.94 -80.64 -18.71
C SER I 92 -11.27 -80.39 -17.26
N TYR I 93 -11.67 -81.42 -16.54
CA TYR I 93 -12.18 -81.28 -15.19
C TYR I 93 -11.06 -80.95 -14.23
N SER I 94 -10.04 -81.79 -14.17
CA SER I 94 -8.92 -81.61 -13.26
C SER I 94 -7.63 -81.53 -14.04
N THR I 95 -6.56 -81.41 -13.32
CA THR I 95 -5.24 -81.63 -13.86
C THR I 95 -4.70 -82.93 -13.30
N PRO I 96 -4.22 -83.88 -14.12
CA PRO I 96 -3.99 -83.92 -15.57
C PRO I 96 -5.22 -84.10 -16.44
N ARG I 97 -5.16 -83.52 -17.63
CA ARG I 97 -6.15 -83.80 -18.65
C ARG I 97 -5.75 -85.08 -19.36
N THR I 98 -6.73 -85.94 -19.64
CA THR I 98 -6.51 -87.08 -20.49
C THR I 98 -7.51 -87.01 -21.63
N PHE I 99 -7.19 -87.69 -22.70
CA PHE I 99 -8.05 -87.75 -23.86
C PHE I 99 -8.45 -89.20 -24.02
N GLY I 100 -9.53 -89.45 -24.75
CA GLY I 100 -9.89 -90.83 -25.04
C GLY I 100 -8.91 -91.48 -26.00
N GLN I 101 -9.02 -92.80 -26.13
CA GLN I 101 -8.10 -93.51 -27.02
C GLN I 101 -8.43 -93.32 -28.48
N GLY I 102 -9.58 -92.75 -28.81
CA GLY I 102 -9.93 -92.50 -30.19
C GLY I 102 -10.95 -93.49 -30.69
N THR I 103 -11.79 -93.05 -31.62
CA THR I 103 -12.74 -93.92 -32.29
C THR I 103 -12.70 -93.61 -33.78
N LYS I 104 -12.25 -94.57 -34.56
CA LYS I 104 -12.11 -94.42 -36.00
C LYS I 104 -13.41 -94.87 -36.67
N VAL I 105 -14.19 -93.92 -37.14
CA VAL I 105 -15.35 -94.21 -37.96
C VAL I 105 -14.88 -94.31 -39.40
N GLU I 106 -15.17 -95.43 -40.05
CA GLU I 106 -14.54 -95.75 -41.33
C GLU I 106 -15.54 -96.50 -42.20
N ILE I 107 -15.29 -96.48 -43.50
CA ILE I 107 -16.27 -96.92 -44.48
C ILE I 107 -16.32 -98.44 -44.53
N LYS I 108 -17.53 -98.97 -44.43
CA LYS I 108 -17.76 -100.41 -44.42
C LYS I 108 -17.62 -101.01 -45.80
N GLN J 3 -49.55 -48.56 -16.45
CA GLN J 3 -50.36 -47.41 -16.84
C GLN J 3 -49.74 -46.11 -16.38
N LEU J 4 -49.89 -45.06 -17.19
CA LEU J 4 -49.33 -43.75 -16.92
C LEU J 4 -50.45 -42.74 -16.73
N VAL J 5 -50.19 -41.73 -15.92
CA VAL J 5 -51.18 -40.70 -15.61
C VAL J 5 -50.50 -39.34 -15.61
N GLN J 6 -50.97 -38.45 -16.48
CA GLN J 6 -50.38 -37.09 -16.57
C GLN J 6 -51.28 -36.10 -15.85
N SER J 7 -50.90 -34.82 -15.87
CA SER J 7 -51.73 -33.78 -15.30
C SER J 7 -52.83 -33.41 -16.30
N GLY J 8 -53.76 -32.58 -15.84
CA GLY J 8 -54.85 -32.16 -16.69
C GLY J 8 -54.38 -31.25 -17.81
N ALA J 9 -55.34 -30.83 -18.64
CA ALA J 9 -55.04 -29.93 -19.74
C ALA J 9 -54.78 -28.52 -19.22
N GLU J 10 -53.80 -27.84 -19.83
CA GLU J 10 -53.32 -26.58 -19.27
C GLU J 10 -53.11 -25.55 -20.36
N VAL J 11 -53.06 -24.28 -19.95
CA VAL J 11 -52.87 -23.14 -20.85
C VAL J 11 -51.99 -22.12 -20.15
N LYS J 12 -51.10 -21.48 -20.91
CA LYS J 12 -50.18 -20.48 -20.34
C LYS J 12 -49.66 -19.42 -21.32
N LYS J 13 -49.21 -18.28 -20.77
CA LYS J 13 -48.74 -17.14 -21.61
C LYS J 13 -47.29 -17.36 -22.03
N PRO J 14 -46.79 -16.70 -23.10
CA PRO J 14 -45.41 -16.84 -23.55
C PRO J 14 -44.34 -16.30 -22.59
N GLY J 15 -43.19 -16.97 -22.51
CA GLY J 15 -42.07 -16.49 -21.66
C GLY J 15 -42.19 -16.95 -20.22
N ALA J 16 -43.26 -17.66 -19.88
CA ALA J 16 -43.44 -18.21 -18.51
C ALA J 16 -42.69 -19.54 -18.39
N THR J 17 -42.58 -20.09 -17.18
CA THR J 17 -41.95 -21.43 -17.00
C THR J 17 -43.02 -22.41 -16.51
N VAL J 18 -43.14 -23.58 -17.15
CA VAL J 18 -44.21 -24.55 -16.77
C VAL J 18 -43.58 -25.94 -16.58
N LYS J 19 -44.18 -26.78 -15.72
CA LYS J 19 -43.67 -28.15 -15.50
C LYS J 19 -44.85 -29.13 -15.48
N ILE J 20 -44.75 -30.23 -16.24
CA ILE J 20 -45.82 -31.21 -16.29
C ILE J 20 -45.27 -32.50 -15.68
N SER J 21 -46.15 -33.47 -15.47
CA SER J 21 -45.73 -34.65 -14.74
C SER J 21 -46.36 -35.89 -15.37
N CYS J 22 -45.90 -37.06 -14.92
CA CYS J 22 -46.46 -38.35 -15.43
C CYS J 22 -46.04 -39.48 -14.49
N LYS J 23 -46.87 -39.79 -13.49
CA LYS J 23 -46.57 -40.88 -12.52
C LYS J 23 -46.67 -42.24 -13.22
N VAL J 24 -45.87 -43.21 -12.78
CA VAL J 24 -45.88 -44.57 -13.39
C VAL J 24 -46.51 -45.57 -12.41
N SER J 25 -47.43 -46.41 -12.90
CA SER J 25 -48.08 -47.41 -12.03
C SER J 25 -48.06 -48.79 -12.69
N GLY J 26 -47.94 -49.86 -11.89
CA GLY J 26 -47.95 -51.23 -12.43
C GLY J 26 -46.57 -51.70 -12.87
N TYR J 27 -45.57 -50.83 -12.81
CA TYR J 27 -44.17 -51.24 -13.12
C TYR J 27 -43.17 -50.36 -12.36
N SER J 28 -41.97 -50.88 -12.12
CA SER J 28 -40.91 -50.08 -11.44
C SER J 28 -40.46 -48.93 -12.34
N PHE J 29 -40.26 -47.75 -11.77
CA PHE J 29 -39.85 -46.56 -12.59
C PHE J 29 -38.50 -46.85 -13.24
N SER J 30 -37.56 -47.41 -12.48
CA SER J 30 -36.19 -47.69 -13.00
C SER J 30 -36.22 -48.71 -14.13
N ASN J 31 -37.09 -49.73 -14.05
CA ASN J 31 -37.08 -50.83 -15.04
C ASN J 31 -37.37 -50.31 -16.46
N TYR J 32 -38.30 -49.37 -16.61
CA TYR J 32 -38.68 -48.92 -17.98
C TYR J 32 -38.37 -47.44 -18.20
N TYR J 33 -37.74 -47.11 -19.33
CA TYR J 33 -37.39 -45.70 -19.65
C TYR J 33 -38.67 -44.91 -19.93
N ILE J 34 -38.60 -43.58 -19.81
CA ILE J 34 -39.78 -42.73 -20.13
C ILE J 34 -39.47 -41.92 -21.39
N HIS J 35 -40.39 -41.94 -22.37
CA HIS J 35 -40.21 -41.16 -23.62
C HIS J 35 -41.24 -40.03 -23.64
N TRP J 36 -40.82 -38.79 -23.91
CA TRP J 36 -41.80 -37.68 -24.03
C TRP J 36 -42.02 -37.36 -25.50
N VAL J 37 -43.27 -37.46 -25.97
CA VAL J 37 -43.59 -37.21 -27.41
C VAL J 37 -44.62 -36.08 -27.48
N LYS J 38 -44.39 -35.09 -28.35
CA LYS J 38 -45.36 -33.97 -28.51
C LYS J 38 -46.01 -34.09 -29.88
N GLN J 39 -47.35 -34.14 -29.94
CA GLN J 39 -48.04 -34.18 -31.25
C GLN J 39 -48.82 -32.87 -31.44
N ALA J 40 -48.50 -32.12 -32.50
CA ALA J 40 -49.28 -30.90 -32.81
C ALA J 40 -50.64 -31.33 -33.36
N PRO J 41 -51.75 -30.61 -33.08
CA PRO J 41 -53.07 -31.06 -33.54
C PRO J 41 -53.09 -31.14 -35.07
N GLY J 42 -53.62 -32.25 -35.62
CA GLY J 42 -53.63 -32.44 -37.08
C GLY J 42 -52.24 -32.35 -37.68
N LYS J 43 -51.23 -32.89 -36.97
CA LYS J 43 -49.82 -32.79 -37.44
C LYS J 43 -49.03 -34.04 -37.01
N SER J 44 -47.85 -34.25 -37.60
CA SER J 44 -47.04 -35.47 -37.31
C SER J 44 -46.51 -35.47 -35.87
N LEU J 45 -46.34 -36.67 -35.28
CA LEU J 45 -45.78 -36.78 -33.91
C LEU J 45 -44.34 -36.26 -33.92
N GLU J 46 -43.93 -35.56 -32.86
CA GLU J 46 -42.52 -35.09 -32.76
C GLU J 46 -41.95 -35.56 -31.42
N TRP J 47 -40.75 -36.16 -31.42
CA TRP J 47 -40.13 -36.66 -30.17
C TRP J 47 -39.30 -35.53 -29.56
N ILE J 48 -39.86 -34.85 -28.55
CA ILE J 48 -39.15 -33.68 -27.95
C ILE J 48 -37.87 -34.14 -27.23
N GLY J 49 -37.96 -35.21 -26.44
CA GLY J 49 -36.78 -35.72 -25.70
C GLY J 49 -37.04 -37.08 -25.06
N TYR J 50 -35.98 -37.78 -24.65
CA TYR J 50 -36.16 -39.05 -23.90
C TYR J 50 -35.43 -38.94 -22.56
N ILE J 51 -36.07 -39.38 -21.47
CA ILE J 51 -35.47 -39.19 -20.11
C ILE J 51 -35.19 -40.56 -19.48
N ASP J 52 -33.97 -40.74 -18.93
CA ASP J 52 -33.63 -42.01 -18.24
C ASP J 52 -34.13 -41.95 -16.79
N PRO J 53 -34.97 -42.89 -16.34
CA PRO J 53 -35.54 -42.84 -14.98
C PRO J 53 -34.58 -43.04 -13.81
N PHE J 54 -33.67 -44.03 -13.89
CA PHE J 54 -32.78 -44.33 -12.73
C PHE J 54 -31.84 -43.16 -12.44
N ASN J 55 -31.25 -42.59 -13.50
CA ASN J 55 -30.30 -41.46 -13.33
C ASN J 55 -30.83 -40.28 -14.14
N GLY J 56 -30.88 -39.08 -13.56
CA GLY J 56 -31.49 -37.95 -14.29
C GLY J 56 -30.80 -37.73 -15.62
N GLY J 57 -31.57 -37.60 -16.70
CA GLY J 57 -30.98 -37.44 -18.04
C GLY J 57 -31.62 -36.28 -18.78
N THR J 58 -30.84 -35.58 -19.60
CA THR J 58 -31.35 -34.42 -20.37
C THR J 58 -30.98 -34.60 -21.84
N SER J 59 -31.62 -35.53 -22.53
CA SER J 59 -31.37 -35.73 -23.99
C SER J 59 -32.56 -35.16 -24.75
N ASP J 60 -32.33 -34.19 -25.64
CA ASP J 60 -33.46 -33.52 -26.34
C ASP J 60 -33.23 -33.50 -27.85
N ASN J 61 -34.30 -33.50 -28.64
CA ASN J 61 -34.18 -33.41 -30.12
C ASN J 61 -33.57 -32.05 -30.47
N LEU J 62 -32.66 -32.02 -31.45
CA LEU J 62 -32.00 -30.75 -31.85
C LEU J 62 -32.70 -30.13 -33.06
N LYS J 63 -33.75 -30.77 -33.58
CA LYS J 63 -34.52 -30.19 -34.71
C LYS J 63 -35.16 -28.88 -34.22
N PHE J 64 -35.71 -28.88 -33.00
CA PHE J 64 -36.27 -27.63 -32.42
C PHE J 64 -35.89 -27.62 -30.93
N LYS J 65 -35.77 -26.43 -30.34
CA LYS J 65 -35.48 -26.38 -28.87
C LYS J 65 -36.70 -25.80 -28.15
N GLY J 66 -37.31 -26.57 -27.24
CA GLY J 66 -38.44 -26.09 -26.44
C GLY J 66 -38.01 -25.83 -25.01
N ALA J 67 -36.71 -25.84 -24.75
CA ALA J 67 -36.19 -25.69 -23.36
C ALA J 67 -36.80 -26.79 -22.49
N ALA J 68 -36.89 -28.02 -23.02
CA ALA J 68 -37.55 -29.13 -22.29
C ALA J 68 -36.56 -29.79 -21.32
N THR J 69 -36.35 -29.20 -20.14
CA THR J 69 -35.47 -29.83 -19.12
C THR J 69 -36.16 -31.09 -18.60
N LEU J 70 -35.40 -32.19 -18.43
CA LEU J 70 -36.00 -33.46 -17.96
C LEU J 70 -35.36 -33.84 -16.62
N THR J 71 -36.19 -34.06 -15.59
CA THR J 71 -35.67 -34.49 -14.26
C THR J 71 -36.37 -35.79 -13.84
N ALA J 72 -35.60 -36.79 -13.41
CA ALA J 72 -36.19 -38.09 -13.01
C ALA J 72 -35.74 -38.49 -11.61
N ASP J 73 -36.67 -38.85 -10.73
CA ASP J 73 -36.28 -39.36 -9.39
C ASP J 73 -36.84 -40.78 -9.25
N THR J 74 -35.98 -41.75 -8.93
CA THR J 74 -36.44 -43.17 -8.87
C THR J 74 -37.48 -43.34 -7.77
N SER J 75 -37.27 -42.72 -6.60
CA SER J 75 -38.20 -42.90 -5.45
C SER J 75 -39.59 -42.34 -5.78
N THR J 76 -39.66 -41.18 -6.42
CA THR J 76 -40.97 -40.53 -6.73
C THR J 76 -41.76 -41.39 -7.72
N ASP J 77 -41.09 -42.03 -8.69
CA ASP J 77 -41.77 -42.83 -9.74
C ASP J 77 -42.51 -41.90 -10.71
N THR J 78 -42.11 -40.62 -10.76
CA THR J 78 -42.80 -39.63 -11.63
C THR J 78 -41.78 -39.00 -12.59
N ALA J 79 -42.13 -38.90 -13.87
CA ALA J 79 -41.24 -38.25 -14.86
C ALA J 79 -41.65 -36.79 -15.01
N TYR J 80 -40.69 -35.86 -14.90
CA TYR J 80 -41.04 -34.42 -14.96
C TYR J 80 -40.48 -33.77 -16.22
N MET J 81 -41.33 -33.07 -16.98
CA MET J 81 -40.86 -32.35 -18.19
C MET J 81 -41.13 -30.85 -17.97
N GLU J 82 -40.12 -30.01 -18.18
CA GLU J 82 -40.27 -28.56 -17.92
C GLU J 82 -40.31 -27.80 -19.26
N LEU J 83 -41.33 -26.96 -19.47
CA LEU J 83 -41.46 -26.21 -20.74
C LEU J 83 -41.32 -24.72 -20.46
N SER J 84 -40.43 -24.03 -21.19
CA SER J 84 -40.18 -22.58 -20.96
C SER J 84 -40.16 -21.87 -22.32
N SER J 85 -40.32 -20.54 -22.33
CA SER J 85 -40.37 -19.78 -23.61
C SER J 85 -41.44 -20.42 -24.51
N LEU J 86 -42.68 -20.48 -24.03
CA LEU J 86 -43.76 -21.17 -24.79
C LEU J 86 -43.91 -20.57 -26.19
N ARG J 87 -44.10 -21.43 -27.20
CA ARG J 87 -44.19 -20.98 -28.61
C ARG J 87 -45.38 -21.67 -29.27
N SER J 88 -45.71 -21.29 -30.51
CA SER J 88 -46.85 -21.92 -31.24
C SER J 88 -46.59 -23.42 -31.37
N GLU J 89 -45.34 -23.83 -31.59
CA GLU J 89 -44.99 -25.26 -31.65
C GLU J 89 -45.30 -25.91 -30.30
N ASP J 90 -45.04 -25.19 -29.20
CA ASP J 90 -45.29 -25.71 -27.83
C ASP J 90 -46.79 -25.89 -27.56
N THR J 91 -47.66 -25.27 -28.39
CA THR J 91 -49.12 -25.46 -28.23
C THR J 91 -49.51 -26.78 -28.89
N ALA J 92 -49.19 -27.91 -28.24
CA ALA J 92 -49.48 -29.24 -28.83
C ALA J 92 -49.75 -30.23 -27.69
N VAL J 93 -50.42 -31.34 -27.99
CA VAL J 93 -50.63 -32.39 -26.94
C VAL J 93 -49.27 -32.97 -26.57
N TYR J 94 -49.02 -33.17 -25.26
CA TYR J 94 -47.73 -33.75 -24.80
C TYR J 94 -48.01 -35.12 -24.18
N TYR J 95 -47.31 -36.16 -24.61
CA TYR J 95 -47.61 -37.53 -24.12
C TYR J 95 -46.38 -38.17 -23.48
N CYS J 96 -46.51 -38.67 -22.25
CA CYS J 96 -45.40 -39.47 -21.68
C CYS J 96 -45.59 -40.86 -22.28
N ALA J 97 -44.59 -41.74 -22.21
CA ALA J 97 -44.74 -42.99 -22.94
C ALA J 97 -43.83 -44.04 -22.32
N ARG J 98 -44.35 -45.26 -22.19
CA ARG J 98 -43.54 -46.36 -21.67
C ARG J 98 -42.52 -46.78 -22.72
N SER J 99 -41.30 -47.03 -22.28
CA SER J 99 -40.20 -47.36 -23.18
C SER J 99 -39.45 -48.58 -22.69
N GLU J 100 -38.85 -49.29 -23.64
CA GLU J 100 -37.87 -50.30 -23.29
C GLU J 100 -36.72 -49.67 -22.51
N TYR J 101 -35.91 -50.50 -21.87
CA TYR J 101 -34.69 -50.00 -21.20
C TYR J 101 -33.54 -50.37 -22.13
N ASP J 102 -33.81 -50.43 -23.44
CA ASP J 102 -32.80 -50.91 -24.42
C ASP J 102 -32.87 -50.07 -25.70
N PRO J 103 -31.93 -50.19 -26.66
CA PRO J 103 -31.90 -49.34 -27.88
C PRO J 103 -33.10 -49.49 -28.82
N TYR J 104 -33.92 -50.53 -28.65
CA TYR J 104 -35.14 -50.69 -29.49
C TYR J 104 -36.08 -49.50 -29.28
N TYR J 105 -36.25 -49.05 -28.02
CA TYR J 105 -37.07 -47.85 -27.70
C TYR J 105 -38.50 -47.95 -28.25
N VAL J 106 -39.14 -49.12 -28.18
CA VAL J 106 -40.57 -49.18 -28.62
C VAL J 106 -41.42 -48.45 -27.57
N MET J 107 -42.39 -47.66 -28.01
CA MET J 107 -43.30 -46.95 -27.08
C MET J 107 -44.74 -47.42 -27.32
N ASP J 108 -45.43 -47.91 -26.29
CA ASP J 108 -46.79 -48.48 -26.51
C ASP J 108 -47.75 -48.08 -25.38
N TYR J 109 -47.23 -47.73 -24.20
CA TYR J 109 -48.09 -47.30 -23.11
C TYR J 109 -47.83 -45.82 -22.83
N TRP J 110 -48.90 -45.05 -22.69
CA TRP J 110 -48.85 -43.61 -22.80
C TRP J 110 -49.52 -42.98 -21.61
N GLY J 111 -49.42 -41.65 -21.53
CA GLY J 111 -50.25 -40.86 -20.65
C GLY J 111 -51.48 -40.40 -21.40
N GLN J 112 -52.38 -39.75 -20.67
CA GLN J 112 -53.65 -39.34 -21.26
C GLN J 112 -53.43 -38.37 -22.42
N GLY J 113 -52.25 -37.76 -22.46
CA GLY J 113 -51.96 -36.70 -23.40
C GLY J 113 -52.46 -35.39 -22.85
N THR J 114 -51.60 -34.39 -22.74
CA THR J 114 -51.99 -33.13 -22.16
C THR J 114 -51.69 -31.98 -23.12
N THR J 115 -52.70 -31.19 -23.43
CA THR J 115 -52.44 -30.00 -24.23
C THR J 115 -51.85 -28.91 -23.35
N VAL J 116 -50.89 -28.19 -23.92
CA VAL J 116 -50.35 -27.02 -23.26
C VAL J 116 -50.57 -25.84 -24.18
N THR J 117 -51.73 -25.21 -24.05
CA THR J 117 -52.13 -24.15 -24.97
C THR J 117 -51.31 -22.89 -24.71
N VAL J 118 -50.93 -22.20 -25.77
CA VAL J 118 -50.21 -20.90 -25.59
C VAL J 118 -51.16 -19.77 -26.00
N SER J 119 -51.37 -18.79 -25.13
CA SER J 119 -52.34 -17.71 -25.42
C SER J 119 -51.77 -16.36 -25.00
N SER J 120 -52.26 -15.27 -25.59
CA SER J 120 -51.81 -13.91 -25.18
C SER J 120 -52.16 -13.72 -23.71
N ALA J 121 -53.36 -14.15 -23.29
CA ALA J 121 -53.74 -14.10 -21.86
C ALA J 121 -54.18 -15.50 -21.43
N SER J 122 -53.64 -16.01 -20.32
CA SER J 122 -53.97 -17.39 -19.87
C SER J 122 -55.36 -17.43 -19.26
N SER K 1 51.39 19.87 92.87
CA SER K 1 52.50 19.13 92.32
C SER K 1 53.74 20.01 92.22
N VAL K 2 53.94 20.60 91.06
CA VAL K 2 55.11 21.44 90.82
C VAL K 2 54.78 22.91 91.03
N LEU K 3 53.53 23.24 91.36
CA LEU K 3 53.09 24.63 91.44
C LEU K 3 52.82 24.98 92.90
N THR K 4 52.45 26.24 93.14
CA THR K 4 52.35 26.77 94.50
C THR K 4 50.96 27.33 94.76
N GLN K 5 50.23 26.69 95.65
CA GLN K 5 49.05 27.27 96.27
C GLN K 5 48.75 26.54 97.57
N ALA K 6 48.03 27.21 98.45
CA ALA K 6 47.88 26.73 99.81
C ALA K 6 46.80 25.65 99.89
N PRO K 7 46.78 24.83 100.95
CA PRO K 7 45.70 23.83 101.08
C PRO K 7 44.32 24.42 101.25
N SER K 8 44.17 25.48 102.05
CA SER K 8 42.84 25.99 102.36
C SER K 8 42.88 27.48 102.60
N VAL K 9 41.71 28.11 102.48
CA VAL K 9 41.54 29.54 102.75
C VAL K 9 40.10 29.75 103.16
N SER K 10 39.86 30.79 103.98
CA SER K 10 38.55 31.03 104.55
C SER K 10 38.20 32.51 104.48
N GLY K 11 36.92 32.80 104.30
CA GLY K 11 36.44 34.17 104.28
C GLY K 11 34.94 34.18 104.59
N ALA K 12 34.47 35.35 105.03
CA ALA K 12 33.07 35.57 105.36
C ALA K 12 32.21 35.60 104.09
N PRO K 13 30.93 35.25 104.20
CA PRO K 13 30.09 35.17 103.01
C PRO K 13 29.86 36.54 102.38
N GLY K 14 29.49 36.52 101.09
CA GLY K 14 29.19 37.74 100.38
C GLY K 14 30.34 38.70 100.21
N GLN K 15 31.54 38.33 100.62
CA GLN K 15 32.68 39.23 100.59
C GLN K 15 33.41 39.09 99.26
N LYS K 16 34.55 39.76 99.12
CA LYS K 16 35.38 39.70 97.93
C LYS K 16 36.80 39.34 98.31
N VAL K 17 37.23 38.14 97.94
CA VAL K 17 38.60 37.69 98.14
C VAL K 17 38.93 36.67 97.06
N THR K 18 40.18 36.69 96.59
CA THR K 18 40.60 35.89 95.46
C THR K 18 41.58 34.83 95.92
N ILE K 19 42.07 34.04 94.96
CA ILE K 19 43.08 33.01 95.20
C ILE K 19 44.09 33.06 94.06
N SER K 20 45.36 32.95 94.40
CA SER K 20 46.45 33.07 93.44
C SER K 20 47.26 31.78 93.40
N CYS K 21 47.99 31.59 92.31
CA CYS K 21 48.82 30.43 92.08
C CYS K 21 50.14 30.88 91.48
N SER K 22 51.26 30.49 92.11
CA SER K 22 52.58 30.98 91.74
C SER K 22 53.30 29.91 90.92
N GLY K 23 53.54 30.19 89.65
CA GLY K 23 54.26 29.32 88.76
C GLY K 23 55.64 29.85 88.42
N SER K 24 56.14 29.42 87.26
CA SER K 24 57.43 29.90 86.77
C SER K 24 57.30 30.36 85.32
N SER K 25 58.39 30.88 84.76
CA SER K 25 58.38 31.22 83.34
C SER K 25 58.32 29.97 82.49
N SER K 26 58.82 28.85 83.01
CA SER K 26 58.78 27.58 82.31
C SER K 26 57.38 26.99 82.21
N ASN K 27 56.43 27.50 83.00
CA ASN K 27 55.08 26.96 83.00
C ASN K 27 54.04 28.07 82.79
N ILE K 28 53.88 29.00 83.73
CA ILE K 28 52.86 30.03 83.56
C ILE K 28 53.35 31.13 82.62
N GLY K 29 54.66 31.37 82.57
CA GLY K 29 55.20 32.48 81.83
C GLY K 29 54.76 32.58 80.39
N ASN K 30 54.98 31.52 79.61
CA ASN K 30 54.60 31.51 78.20
C ASN K 30 53.28 30.81 77.92
N ASN K 31 52.59 30.32 78.94
CA ASN K 31 51.44 29.46 78.72
C ASN K 31 50.18 30.04 79.35
N TYR K 32 49.04 29.63 78.83
CA TYR K 32 47.75 30.06 79.35
C TYR K 32 47.33 29.22 80.55
N VAL K 33 46.57 29.84 81.44
CA VAL K 33 46.22 29.25 82.74
C VAL K 33 44.74 28.90 82.75
N SER K 34 44.41 27.81 83.42
CA SER K 34 43.03 27.38 83.63
C SER K 34 42.79 27.20 85.12
N TRP K 35 41.51 27.12 85.48
CA TRP K 35 41.10 26.97 86.86
C TRP K 35 39.89 26.05 86.94
N TYR K 36 39.83 25.24 88.00
CA TYR K 36 38.86 24.17 88.09
C TYR K 36 38.24 24.14 89.47
N GLN K 37 36.99 23.68 89.55
CA GLN K 37 36.26 23.55 90.80
C GLN K 37 35.69 22.15 90.93
N GLN K 38 35.76 21.58 92.12
CA GLN K 38 35.14 20.30 92.43
C GLN K 38 34.50 20.37 93.80
N LEU K 39 33.31 19.88 93.91
CA LEU K 39 32.65 19.62 95.17
C LEU K 39 33.04 18.23 95.67
N PRO K 40 32.82 17.93 96.96
CA PRO K 40 33.24 16.63 97.49
C PRO K 40 32.66 15.46 96.68
N GLY K 41 33.54 14.56 96.26
CA GLY K 41 33.16 13.43 95.45
C GLY K 41 32.39 13.77 94.18
N THR K 42 32.76 14.84 93.48
CA THR K 42 32.03 15.28 92.30
C THR K 42 32.99 15.50 91.15
N ALA K 43 32.45 16.05 90.08
CA ALA K 43 33.09 16.29 88.80
C ALA K 43 33.78 17.66 88.76
N PRO K 44 35.11 17.68 88.69
CA PRO K 44 35.81 18.97 88.70
C PRO K 44 35.46 19.83 87.50
N LYS K 45 34.66 20.86 87.73
CA LYS K 45 34.23 21.83 86.67
C LYS K 45 35.22 22.94 86.37
N LEU K 46 35.48 23.18 85.08
CA LEU K 46 36.39 24.27 84.65
C LEU K 46 35.77 25.60 85.08
N LEU K 47 36.58 26.48 85.67
CA LEU K 47 36.09 27.81 86.15
C LEU K 47 36.42 28.87 85.11
N ILE K 48 37.71 29.09 84.82
CA ILE K 48 38.11 30.13 83.88
C ILE K 48 39.25 29.58 83.03
N TYR K 49 39.21 29.83 81.73
CA TYR K 49 40.29 29.36 80.86
C TYR K 49 41.12 30.53 80.34
N ASP K 50 42.43 30.47 80.67
CA ASP K 50 43.49 31.44 80.32
C ASP K 50 43.46 32.76 81.12
N ASN K 51 42.59 32.79 82.14
CA ASN K 51 42.37 33.90 83.09
C ASN K 51 41.62 35.13 82.54
N ASN K 52 41.17 35.05 81.30
CA ASN K 52 40.43 36.15 80.67
C ASN K 52 39.07 35.75 80.13
N LYS K 53 38.73 34.46 80.25
CA LYS K 53 37.47 33.96 79.72
C LYS K 53 36.65 33.09 80.66
N ARG K 54 35.34 33.06 80.40
CA ARG K 54 34.40 32.28 81.18
C ARG K 54 33.78 31.20 80.31
N PRO K 55 33.77 29.96 80.77
CA PRO K 55 32.98 28.91 80.12
C PRO K 55 31.50 29.20 80.23
N SER K 56 30.72 28.51 79.40
CA SER K 56 29.28 28.69 79.42
C SER K 56 28.69 28.23 80.75
N GLY K 57 27.94 29.12 81.38
CA GLY K 57 27.31 28.83 82.65
C GLY K 57 28.07 29.34 83.87
N ILE K 58 29.13 30.11 83.68
CA ILE K 58 29.94 30.60 84.79
C ILE K 58 29.42 31.99 85.18
N PRO K 59 29.21 32.26 86.47
CA PRO K 59 28.88 33.63 86.88
C PRO K 59 29.95 34.60 86.44
N ASP K 60 29.51 35.76 85.93
CA ASP K 60 30.45 36.77 85.47
C ASP K 60 31.29 37.31 86.61
N ARG K 61 30.87 37.02 87.85
CA ARG K 61 31.62 37.52 89.04
C ARG K 61 33.08 37.03 88.97
N PHE K 62 33.31 35.84 88.43
CA PHE K 62 34.69 35.28 88.34
C PHE K 62 35.53 36.05 87.31
N SER K 63 36.81 36.27 87.60
CA SER K 63 37.73 36.96 86.65
C SER K 63 39.11 36.31 86.71
N GLY K 64 40.18 37.03 86.35
CA GLY K 64 41.50 36.45 86.47
C GLY K 64 42.56 37.41 85.97
N SER K 65 43.80 37.11 86.34
CA SER K 65 44.95 37.91 85.93
C SER K 65 46.19 37.04 85.91
N LYS K 66 47.15 37.44 85.08
CA LYS K 66 48.47 36.84 85.07
C LYS K 66 49.50 37.95 85.17
N SER K 67 50.22 38.01 86.28
CA SER K 67 51.32 38.94 86.46
C SER K 67 52.61 38.14 86.55
N GLY K 68 53.42 38.22 85.50
CA GLY K 68 54.65 37.44 85.46
C GLY K 68 54.35 35.96 85.61
N THR K 69 55.00 35.35 86.59
CA THR K 69 54.81 33.94 86.91
C THR K 69 53.65 33.72 87.87
N SER K 70 52.95 34.77 88.26
CA SER K 70 51.87 34.70 89.23
C SER K 70 50.53 34.87 88.51
N ALA K 71 49.59 33.99 88.83
CA ALA K 71 48.26 34.01 88.23
C ALA K 71 47.20 33.95 89.33
N THR K 72 46.39 35.00 89.42
CA THR K 72 45.34 35.10 90.42
C THR K 72 44.01 34.75 89.78
N LEU K 73 43.18 34.01 90.51
CA LEU K 73 41.83 33.68 90.09
C LEU K 73 40.88 34.61 90.82
N GLY K 74 40.26 35.52 90.09
CA GLY K 74 39.33 36.46 90.68
C GLY K 74 38.09 35.75 91.22
N ILE K 75 37.83 35.95 92.49
CA ILE K 75 36.71 35.33 93.18
C ILE K 75 35.95 36.42 93.91
N THR K 76 34.71 36.67 93.50
CA THR K 76 33.91 37.75 94.06
C THR K 76 32.51 37.26 94.35
N GLY K 77 31.79 38.01 95.19
CA GLY K 77 30.42 37.69 95.51
C GLY K 77 30.28 36.32 96.14
N LEU K 78 30.99 36.10 97.25
CA LEU K 78 31.02 34.79 97.88
C LEU K 78 29.62 34.29 98.20
N GLN K 79 29.39 33.01 97.95
CA GLN K 79 28.12 32.35 98.22
C GLN K 79 28.30 31.24 99.23
N THR K 80 27.20 30.86 99.85
CA THR K 80 27.24 29.73 100.78
C THR K 80 27.57 28.44 100.05
N GLY K 81 27.27 28.37 98.75
CA GLY K 81 27.59 27.19 97.96
C GLY K 81 28.91 27.29 97.24
N ASP K 82 29.75 28.26 97.57
CA ASP K 82 31.02 28.44 96.89
C ASP K 82 32.17 27.72 97.57
N GLU K 83 31.91 26.98 98.65
CA GLU K 83 32.98 26.30 99.36
C GLU K 83 33.37 25.05 98.61
N ALA K 84 34.63 24.99 98.17
CA ALA K 84 35.17 23.90 97.37
C ALA K 84 36.63 24.22 97.09
N ASP K 85 37.32 23.28 96.46
CA ASP K 85 38.72 23.45 96.11
C ASP K 85 38.85 23.96 94.68
N TYR K 86 39.74 24.93 94.49
CA TYR K 86 40.03 25.47 93.17
C TYR K 86 41.46 25.10 92.78
N TYR K 87 41.63 24.66 91.53
CA TYR K 87 42.90 24.15 91.05
C TYR K 87 43.42 25.03 89.92
N CYS K 88 44.68 25.44 90.02
CA CYS K 88 45.37 26.12 88.94
C CYS K 88 46.05 25.10 88.04
N GLY K 89 46.09 25.42 86.75
CA GLY K 89 46.88 24.65 85.81
C GLY K 89 47.28 25.50 84.63
N THR K 90 48.38 25.11 83.99
CA THR K 90 48.84 25.72 82.76
C THR K 90 49.72 24.71 82.03
N TRP K 91 49.91 24.92 80.74
CA TRP K 91 50.71 23.99 79.96
C TRP K 91 52.17 24.05 80.38
N ASP K 92 52.81 22.88 80.40
CA ASP K 92 54.21 22.77 80.77
C ASP K 92 55.01 22.27 79.57
N SER K 93 56.05 23.00 79.20
CA SER K 93 57.00 22.49 78.22
C SER K 93 58.19 21.82 78.87
N SER K 94 58.36 21.99 80.18
CA SER K 94 59.50 21.38 80.88
C SER K 94 59.48 19.87 80.72
N LEU K 95 58.50 19.21 81.34
CA LEU K 95 58.27 17.80 81.08
C LEU K 95 57.38 17.62 79.85
N SER K 96 57.02 18.72 79.18
CA SER K 96 56.13 18.72 78.01
C SER K 96 54.84 17.98 78.33
N ALA K 97 54.07 18.55 79.25
CA ALA K 97 52.89 17.88 79.78
C ALA K 97 51.96 18.90 80.39
N VAL K 98 50.97 18.37 81.11
CA VAL K 98 49.98 19.18 81.82
C VAL K 98 50.27 19.09 83.32
N VAL K 99 50.31 20.24 83.99
CA VAL K 99 50.64 20.31 85.40
C VAL K 99 49.54 21.01 86.16
N PHE K 100 49.50 20.76 87.47
CA PHE K 100 48.55 21.38 88.37
C PHE K 100 49.20 21.67 89.71
N GLY K 101 48.54 22.51 90.50
CA GLY K 101 48.92 22.69 91.88
C GLY K 101 48.17 21.75 92.80
N GLY K 102 48.57 21.75 94.07
CA GLY K 102 47.95 20.87 95.04
C GLY K 102 46.48 21.14 95.28
N GLY K 103 46.01 22.34 94.99
CA GLY K 103 44.61 22.67 95.23
C GLY K 103 44.42 23.44 96.53
N THR K 104 43.43 24.33 96.51
CA THR K 104 43.14 25.19 97.64
C THR K 104 41.66 25.09 97.96
N LYS K 105 41.33 24.56 99.14
CA LYS K 105 39.94 24.35 99.50
C LYS K 105 39.43 25.60 100.20
N LEU K 106 38.56 26.32 99.52
CA LEU K 106 37.98 27.55 100.04
C LEU K 106 37.02 27.18 101.16
N THR K 107 36.77 28.12 102.06
CA THR K 107 35.75 27.98 103.09
C THR K 107 35.02 29.31 103.20
N VAL K 108 33.71 29.29 103.05
CA VAL K 108 32.90 30.49 103.21
C VAL K 108 32.42 30.56 104.66
N LEU K 109 32.89 31.56 105.39
CA LEU K 109 32.66 31.63 106.83
C LEU K 109 31.25 32.09 107.16
N ILE L 2 -27.02 -42.94 27.98
CA ILE L 2 -26.61 -42.55 29.36
C ILE L 2 -25.74 -43.68 29.96
N VAL L 3 -26.16 -44.93 29.79
CA VAL L 3 -25.39 -46.10 30.29
C VAL L 3 -25.01 -46.98 29.08
N LEU L 4 -23.77 -47.45 29.00
CA LEU L 4 -23.35 -48.21 27.80
C LEU L 4 -22.71 -49.55 28.21
N THR L 5 -22.80 -50.55 27.32
CA THR L 5 -22.21 -51.88 27.58
C THR L 5 -21.42 -52.29 26.33
N GLN L 6 -20.48 -53.22 26.44
CA GLN L 6 -19.73 -53.71 25.24
C GLN L 6 -19.77 -55.24 25.20
N SER L 7 -19.57 -55.82 24.01
CA SER L 7 -19.56 -57.30 23.87
C SER L 7 -18.68 -57.92 24.97
N PRO L 8 -19.03 -59.07 25.62
CA PRO L 8 -18.14 -59.59 26.68
C PRO L 8 -16.73 -59.91 26.21
N THR L 9 -16.60 -60.65 25.11
CA THR L 9 -15.30 -60.99 24.54
C THR L 9 -15.47 -61.23 23.05
N LEU L 10 -14.44 -60.93 22.27
CA LEU L 10 -14.25 -61.52 20.95
C LEU L 10 -12.76 -61.63 20.66
N SER L 11 -12.36 -62.73 20.04
CA SER L 11 -10.98 -62.99 19.67
C SER L 11 -10.92 -63.34 18.18
N LEU L 12 -9.88 -62.87 17.50
CA LEU L 12 -9.91 -62.76 16.05
C LEU L 12 -8.56 -63.21 15.49
N SER L 13 -8.36 -62.99 14.19
CA SER L 13 -7.16 -63.42 13.50
C SER L 13 -6.84 -62.41 12.39
N PRO L 14 -5.59 -62.37 11.92
CA PRO L 14 -5.25 -61.43 10.84
C PRO L 14 -6.12 -61.64 9.62
N GLY L 15 -6.30 -60.56 8.85
CA GLY L 15 -7.15 -60.56 7.69
C GLY L 15 -8.62 -60.42 7.99
N GLU L 16 -9.02 -60.63 9.24
CA GLU L 16 -10.43 -60.63 9.60
C GLU L 16 -10.96 -59.21 9.80
N ARG L 17 -12.26 -59.06 9.57
CA ARG L 17 -12.89 -57.75 9.66
C ARG L 17 -13.68 -57.63 10.96
N ALA L 18 -13.14 -56.82 11.86
CA ALA L 18 -13.62 -56.73 13.24
C ALA L 18 -14.84 -55.82 13.31
N THR L 19 -15.88 -56.30 13.96
CA THR L 19 -17.02 -55.48 14.36
C THR L 19 -17.38 -55.85 15.79
N LEU L 20 -17.24 -54.89 16.70
CA LEU L 20 -17.65 -55.09 18.09
C LEU L 20 -18.94 -54.34 18.35
N SER L 21 -19.74 -54.90 19.24
CA SER L 21 -21.05 -54.35 19.55
C SER L 21 -20.93 -53.36 20.69
N CYS L 22 -21.13 -52.09 20.39
CA CYS L 22 -21.22 -51.05 21.42
C CYS L 22 -22.70 -50.93 21.74
N ARG L 23 -23.09 -51.33 22.94
CA ARG L 23 -24.49 -51.47 23.29
C ARG L 23 -24.91 -50.27 24.13
N ALA L 24 -25.73 -49.40 23.55
CA ALA L 24 -26.12 -48.16 24.19
C ALA L 24 -27.54 -48.26 24.72
N SER L 25 -27.68 -48.14 26.03
CA SER L 25 -29.01 -48.00 26.60
C SER L 25 -29.60 -46.63 26.25
N GLU L 26 -30.80 -46.39 26.75
CA GLU L 26 -31.50 -45.13 26.53
C GLU L 26 -31.55 -44.76 25.06
N SER L 27 -31.32 -43.50 24.75
CA SER L 27 -31.53 -42.98 23.41
C SER L 27 -30.51 -43.54 22.43
N VAL L 28 -30.87 -43.50 21.15
CA VAL L 28 -29.97 -43.97 20.12
C VAL L 28 -29.30 -42.69 19.66
N ASP L 29 -27.98 -42.61 19.85
CA ASP L 29 -27.21 -41.41 19.44
C ASP L 29 -27.83 -40.14 20.05
N ASN L 30 -28.05 -39.10 19.23
CA ASN L 30 -28.59 -37.82 19.74
C ASN L 30 -29.27 -37.06 18.58
N TYR L 31 -29.93 -35.94 18.88
CA TYR L 31 -30.58 -35.12 17.82
C TYR L 31 -29.52 -34.68 16.80
N GLY L 32 -28.31 -34.36 17.27
CA GLY L 32 -27.22 -33.94 16.37
C GLY L 32 -26.82 -35.05 15.41
N ILE L 33 -26.79 -36.31 15.89
CA ILE L 33 -26.37 -37.48 15.06
C ILE L 33 -24.89 -37.31 14.67
N SER L 34 -24.15 -36.54 15.46
CA SER L 34 -22.69 -36.35 15.23
C SER L 34 -21.98 -36.62 16.55
N PHE L 35 -22.27 -37.76 17.19
CA PHE L 35 -21.72 -38.05 18.54
C PHE L 35 -21.20 -39.47 18.60
N MET L 36 -20.51 -39.85 19.70
CA MET L 36 -19.90 -41.20 19.92
C MET L 36 -18.41 -41.16 19.56
N ASN L 37 -17.62 -42.07 20.11
CA ASN L 37 -16.14 -42.01 19.90
C ASN L 37 -15.56 -43.43 19.96
N TRP L 38 -14.34 -43.64 19.45
CA TRP L 38 -13.67 -44.95 19.55
C TRP L 38 -12.27 -44.79 20.15
N PHE L 39 -11.80 -45.78 20.93
CA PHE L 39 -10.48 -45.68 21.61
C PHE L 39 -9.75 -47.03 21.61
N GLN L 40 -8.42 -47.02 21.71
CA GLN L 40 -7.58 -48.22 21.73
C GLN L 40 -6.51 -48.11 22.79
N GLN L 41 -6.53 -49.00 23.78
CA GLN L 41 -5.53 -49.02 24.84
C GLN L 41 -4.54 -50.16 24.61
N LYS L 42 -3.35 -49.81 24.25
CA LYS L 42 -2.31 -50.81 24.15
C LYS L 42 -1.55 -50.90 25.47
N PRO L 43 -0.95 -52.04 25.80
CA PRO L 43 -0.15 -52.11 27.03
C PRO L 43 1.01 -51.12 26.97
N GLY L 44 1.26 -50.46 28.10
CA GLY L 44 2.31 -49.47 28.19
C GLY L 44 2.11 -48.26 27.30
N GLN L 45 0.99 -48.24 26.56
CA GLN L 45 0.70 -47.11 25.64
C GLN L 45 -0.68 -46.56 25.98
N ALA L 46 -0.75 -45.36 26.56
CA ALA L 46 -2.03 -44.79 26.95
C ALA L 46 -2.96 -44.74 25.74
N PRO L 47 -4.27 -44.79 25.96
CA PRO L 47 -5.19 -44.91 24.84
C PRO L 47 -5.12 -43.76 23.84
N ARG L 48 -5.90 -43.89 22.76
CA ARG L 48 -5.73 -43.02 21.62
C ARG L 48 -7.06 -42.90 20.90
N LEU L 49 -7.30 -41.71 20.35
CA LEU L 49 -8.45 -41.49 19.49
C LEU L 49 -8.41 -42.43 18.30
N LEU L 50 -9.60 -42.82 17.82
CA LEU L 50 -9.67 -43.58 16.59
C LEU L 50 -10.46 -42.81 15.54
N ILE L 51 -11.79 -42.89 15.66
CA ILE L 51 -12.73 -42.23 14.77
C ILE L 51 -13.97 -41.88 15.59
N TYR L 52 -14.37 -40.61 15.54
CA TYR L 52 -15.60 -40.15 16.25
C TYR L 52 -16.67 -39.80 15.21
N ALA L 53 -17.14 -40.80 14.46
CA ALA L 53 -18.14 -40.59 13.38
C ALA L 53 -17.49 -39.84 12.22
N ALA L 54 -16.15 -39.81 12.17
CA ALA L 54 -15.40 -39.13 11.07
C ALA L 54 -15.80 -37.66 11.00
N SER L 55 -16.11 -37.03 12.13
CA SER L 55 -16.46 -35.59 12.15
C SER L 55 -15.26 -34.76 11.73
N ASN L 56 -14.06 -35.08 12.24
CA ASN L 56 -12.84 -34.28 11.95
C ASN L 56 -11.61 -35.12 12.27
N GLN L 57 -10.41 -34.66 11.87
CA GLN L 57 -9.14 -35.36 12.19
C GLN L 57 -9.14 -36.79 11.67
N GLY L 58 -9.67 -37.03 10.47
CA GLY L 58 -9.64 -38.37 9.86
C GLY L 58 -8.20 -38.82 9.60
N SER L 59 -7.35 -37.89 9.15
CA SER L 59 -5.92 -38.21 8.84
C SER L 59 -5.18 -38.60 10.13
N GLY L 60 -4.23 -39.53 10.02
CA GLY L 60 -3.47 -39.99 11.20
C GLY L 60 -3.87 -41.40 11.58
N ILE L 61 -4.99 -41.89 11.04
CA ILE L 61 -5.46 -43.23 11.33
C ILE L 61 -5.51 -44.04 10.04
N PRO L 62 -4.99 -45.27 10.06
CA PRO L 62 -5.07 -46.04 8.82
C PRO L 62 -6.51 -46.18 8.35
N SER L 63 -6.72 -45.93 7.06
CA SER L 63 -8.06 -46.05 6.50
C SER L 63 -8.60 -47.47 6.62
N ARG L 64 -7.74 -48.46 6.90
CA ARG L 64 -8.26 -49.79 7.20
C ARG L 64 -9.19 -49.73 8.39
N PHE L 65 -8.97 -48.77 9.28
CA PHE L 65 -9.92 -48.48 10.33
C PHE L 65 -11.15 -47.83 9.73
N SER L 66 -12.32 -48.29 10.14
CA SER L 66 -13.57 -47.80 9.58
C SER L 66 -14.72 -48.25 10.48
N GLY L 67 -15.92 -47.97 10.04
CA GLY L 67 -17.10 -48.28 10.81
C GLY L 67 -18.17 -47.22 10.58
N SER L 68 -19.23 -47.33 11.36
CA SER L 68 -20.27 -46.33 11.42
C SER L 68 -21.07 -46.60 12.69
N GLY L 69 -22.18 -45.91 12.85
CA GLY L 69 -23.02 -46.16 14.00
C GLY L 69 -24.47 -45.84 13.71
N SER L 70 -25.35 -46.51 14.42
CA SER L 70 -26.76 -46.18 14.38
C SER L 70 -27.43 -46.80 15.60
N GLY L 71 -28.61 -46.29 15.92
CA GLY L 71 -29.39 -46.89 16.97
C GLY L 71 -28.64 -46.98 18.29
N THR L 72 -28.84 -48.13 18.93
CA THR L 72 -28.21 -48.45 20.20
C THR L 72 -26.91 -49.24 20.04
N ASP L 73 -26.49 -49.51 18.81
CA ASP L 73 -25.25 -50.23 18.57
C ASP L 73 -24.48 -49.56 17.45
N PHE L 74 -23.29 -49.06 17.78
CA PHE L 74 -22.38 -48.52 16.79
C PHE L 74 -21.60 -49.65 16.14
N SER L 75 -21.39 -49.53 14.83
CA SER L 75 -20.81 -50.61 14.05
C SER L 75 -19.32 -50.38 13.91
N LEU L 76 -18.53 -51.27 14.52
CA LEU L 76 -17.09 -51.24 14.38
C LEU L 76 -16.68 -51.89 13.07
N THR L 77 -15.60 -51.39 12.47
CA THR L 77 -15.09 -52.03 11.26
C THR L 77 -13.57 -51.96 11.22
N ILE L 78 -12.95 -53.08 10.85
CA ILE L 78 -11.52 -53.15 10.56
C ILE L 78 -11.37 -54.09 9.37
N SER L 79 -10.20 -54.06 8.73
CA SER L 79 -9.88 -55.00 7.63
C SER L 79 -8.37 -55.28 7.67
N SER L 80 -7.93 -56.51 7.36
CA SER L 80 -6.48 -56.84 7.32
C SER L 80 -5.76 -56.49 8.63
N LEU L 81 -6.32 -56.89 9.78
CA LEU L 81 -5.71 -56.59 11.11
C LEU L 81 -4.29 -57.18 11.21
N GLU L 82 -3.40 -56.54 11.98
CA GLU L 82 -2.05 -57.02 12.15
C GLU L 82 -1.89 -57.60 13.56
N PRO L 83 -1.17 -58.71 13.70
CA PRO L 83 -1.19 -59.45 14.97
C PRO L 83 -0.68 -58.66 16.15
N GLU L 84 0.01 -57.55 15.89
CA GLU L 84 0.46 -56.64 16.93
C GLU L 84 -0.50 -55.48 17.17
N ASP L 85 -1.52 -55.32 16.33
CA ASP L 85 -2.39 -54.15 16.40
C ASP L 85 -3.65 -54.38 17.21
N PHE L 86 -3.84 -55.54 17.82
CA PHE L 86 -5.04 -55.72 18.61
C PHE L 86 -4.89 -55.01 19.95
N ALA L 87 -5.96 -54.35 20.38
CA ALA L 87 -6.08 -53.87 21.74
C ALA L 87 -7.54 -53.62 22.01
N VAL L 88 -7.90 -53.54 23.30
CA VAL L 88 -9.28 -53.31 23.66
C VAL L 88 -9.76 -52.01 23.05
N TYR L 89 -10.95 -52.03 22.46
CA TYR L 89 -11.55 -50.86 21.87
C TYR L 89 -12.66 -50.33 22.74
N PHE L 90 -12.66 -49.00 22.92
CA PHE L 90 -13.61 -48.33 23.79
C PHE L 90 -14.43 -47.34 22.99
N CYS L 91 -15.74 -47.39 23.24
CA CYS L 91 -16.70 -46.50 22.58
C CYS L 91 -17.38 -45.61 23.61
N GLN L 92 -16.67 -44.54 24.00
CA GLN L 92 -17.19 -43.60 25.03
C GLN L 92 -18.44 -42.87 24.52
N GLN L 93 -19.43 -42.71 25.40
CA GLN L 93 -20.67 -41.99 25.06
C GLN L 93 -20.47 -40.47 25.06
N SER L 94 -21.48 -39.73 24.60
CA SER L 94 -21.29 -38.26 24.49
C SER L 94 -22.61 -37.48 24.41
N LYS L 95 -22.66 -36.27 25.00
CA LYS L 95 -23.85 -35.36 24.91
C LYS L 95 -24.94 -35.72 25.93
N GLU L 96 -24.96 -36.93 26.48
CA GLU L 96 -26.00 -37.20 27.52
C GLU L 96 -25.36 -37.72 28.80
N VAL L 97 -25.47 -36.99 29.92
CA VAL L 97 -25.01 -37.46 31.27
C VAL L 97 -23.48 -37.67 31.27
N PRO L 98 -22.81 -38.20 32.33
CA PRO L 98 -21.38 -38.54 32.26
C PRO L 98 -21.16 -39.43 31.03
N ARG L 99 -20.04 -39.26 30.33
CA ARG L 99 -19.85 -40.02 29.06
C ARG L 99 -19.81 -41.52 29.34
N ILE L 100 -19.05 -41.97 30.34
CA ILE L 100 -18.88 -43.43 30.66
C ILE L 100 -18.07 -44.12 29.54
N PHE L 101 -17.72 -45.40 29.68
CA PHE L 101 -16.81 -46.05 28.71
C PHE L 101 -17.18 -47.52 28.47
N GLY L 102 -16.63 -48.14 27.42
CA GLY L 102 -16.94 -49.54 27.09
C GLY L 102 -16.52 -50.53 28.17
N GLN L 103 -17.21 -51.67 28.26
CA GLN L 103 -16.86 -52.70 29.27
C GLN L 103 -15.46 -53.24 28.95
N GLY L 104 -15.16 -53.42 27.67
CA GLY L 104 -13.80 -53.86 27.27
C GLY L 104 -13.78 -55.26 26.67
N THR L 105 -13.32 -55.37 25.42
CA THR L 105 -13.18 -56.70 24.77
C THR L 105 -11.74 -56.85 24.27
N LYS L 106 -11.07 -57.95 24.62
CA LYS L 106 -9.64 -58.11 24.23
C LYS L 106 -9.53 -59.14 23.10
N VAL L 107 -8.96 -58.74 21.96
CA VAL L 107 -8.74 -59.71 20.84
C VAL L 107 -7.63 -60.67 21.27
N GLU L 108 -7.80 -61.96 21.01
CA GLU L 108 -6.78 -62.97 21.41
C GLU L 108 -6.48 -63.87 20.21
N ILE L 109 -5.69 -63.40 19.25
CA ILE L 109 -5.31 -64.25 18.12
C ILE L 109 -4.67 -65.51 18.68
N LEU L 110 -4.97 -66.65 18.05
CA LEU L 110 -4.32 -67.90 18.39
C LEU L 110 -3.05 -68.05 17.56
N LYS L 111 -2.45 -69.23 17.57
CA LYS L 111 -1.30 -69.52 16.72
C LYS L 111 -0.11 -68.62 17.04
N GLU M 1 25.81 21.67 74.21
CA GLU M 1 26.78 21.14 73.26
C GLU M 1 26.85 19.62 73.28
N VAL M 2 27.54 19.09 74.30
CA VAL M 2 27.96 17.70 74.35
C VAL M 2 27.92 17.19 75.79
N GLN M 3 27.41 15.97 75.96
CA GLN M 3 27.61 15.18 77.15
C GLN M 3 28.42 13.96 76.74
N LEU M 4 29.09 13.34 77.70
CA LEU M 4 29.99 12.24 77.40
C LEU M 4 29.39 10.95 77.94
N LEU M 5 30.06 9.84 77.64
CA LEU M 5 29.76 8.59 78.31
C LEU M 5 30.65 8.49 79.54
N GLU M 6 30.48 7.43 80.33
CA GLU M 6 31.30 7.35 81.51
C GLU M 6 32.73 6.96 81.11
N GLN M 7 33.68 7.26 82.00
CA GLN M 7 35.07 6.93 81.73
C GLN M 7 35.39 5.44 81.75
N SER M 8 34.93 4.75 82.78
CA SER M 8 35.16 3.31 82.92
C SER M 8 34.02 2.56 83.59
N GLY M 9 32.84 3.19 83.69
CA GLY M 9 31.73 2.56 84.38
C GLY M 9 32.13 2.28 85.81
N ALA M 10 31.91 1.03 86.26
CA ALA M 10 32.31 0.64 87.64
C ALA M 10 33.28 -0.54 87.55
N GLU M 11 34.56 -0.33 87.87
CA GLU M 11 35.58 -1.41 87.71
C GLU M 11 36.31 -1.67 89.03
N VAL M 12 36.42 -2.94 89.43
CA VAL M 12 37.22 -3.29 90.64
C VAL M 12 38.20 -4.39 90.26
N LYS M 13 39.51 -4.15 90.44
CA LYS M 13 40.52 -5.21 90.16
C LYS M 13 41.41 -5.39 91.40
N LYS M 14 41.45 -6.59 91.98
CA LYS M 14 42.25 -6.82 93.21
C LYS M 14 43.75 -6.77 92.85
N PRO M 15 44.73 -6.64 93.79
CA PRO M 15 46.14 -6.64 93.36
C PRO M 15 46.48 -7.85 92.53
N GLY M 16 47.46 -7.69 91.64
CA GLY M 16 47.72 -8.69 90.62
C GLY M 16 46.83 -8.61 89.41
N ALA M 17 46.45 -7.41 88.97
CA ALA M 17 45.60 -7.22 87.81
C ALA M 17 45.97 -5.92 87.10
N SER M 18 45.24 -5.62 86.02
CA SER M 18 45.38 -4.38 85.29
C SER M 18 44.08 -4.09 84.57
N VAL M 19 43.80 -2.81 84.32
CA VAL M 19 42.46 -2.40 83.92
C VAL M 19 42.53 -1.37 82.79
N ARG M 20 41.74 -1.63 81.74
CA ARG M 20 41.51 -0.68 80.66
C ARG M 20 40.44 0.32 81.09
N VAL M 21 40.47 1.51 80.50
CA VAL M 21 39.47 2.53 80.75
C VAL M 21 38.95 3.03 79.42
N SER M 22 37.68 2.75 79.14
CA SER M 22 37.08 3.06 77.83
C SER M 22 36.08 4.19 77.98
N CYS M 23 36.44 5.36 77.48
CA CYS M 23 35.65 6.58 77.62
C CYS M 23 35.00 6.90 76.27
N LYS M 24 33.68 6.83 76.23
CA LYS M 24 32.99 7.17 74.99
C LYS M 24 32.37 8.56 75.10
N VAL M 25 31.80 9.03 73.99
CA VAL M 25 31.30 10.40 73.90
C VAL M 25 29.89 10.37 73.34
N SER M 26 29.28 11.55 73.26
CA SER M 26 28.00 11.72 72.61
C SER M 26 27.91 13.16 72.11
N GLY M 27 27.25 13.35 70.97
CA GLY M 27 27.11 14.66 70.37
C GLY M 27 28.31 15.11 69.57
N TYR M 28 29.47 14.49 69.80
CA TYR M 28 30.60 14.61 68.88
C TYR M 28 30.97 13.25 68.31
N THR M 29 31.96 13.22 67.44
CA THR M 29 32.59 11.98 67.01
C THR M 29 33.98 11.95 67.61
N LEU M 30 34.49 10.74 67.85
CA LEU M 30 35.71 10.59 68.63
C LEU M 30 36.87 11.39 68.05
N PRO M 31 37.30 11.18 66.80
CA PRO M 31 38.50 11.88 66.36
C PRO M 31 38.23 13.22 65.71
N GLU M 32 37.31 14.02 66.26
CA GLU M 32 37.32 15.45 66.03
C GLU M 32 37.81 16.22 67.25
N VAL M 33 38.09 15.52 68.34
CA VAL M 33 38.43 16.16 69.62
C VAL M 33 39.34 15.22 70.38
N ALA M 34 40.28 15.77 71.12
CA ALA M 34 41.34 15.01 71.76
C ALA M 34 40.96 14.70 73.21
N MET M 35 41.26 13.49 73.66
CA MET M 35 41.01 13.11 75.04
C MET M 35 42.23 13.40 75.91
N HIS M 36 42.04 13.20 77.21
CA HIS M 36 43.05 13.48 78.22
C HIS M 36 42.71 12.70 79.47
N TRP M 37 43.68 12.59 80.37
CA TRP M 37 43.48 11.83 81.59
C TRP M 37 44.18 12.51 82.75
N VAL M 38 43.59 12.42 83.93
CA VAL M 38 44.17 13.01 85.13
C VAL M 38 43.98 12.06 86.30
N ARG M 39 45.06 11.77 87.02
CA ARG M 39 44.92 11.08 88.28
C ARG M 39 44.37 12.02 89.33
N GLN M 40 43.35 11.54 90.06
CA GLN M 40 42.76 12.32 91.18
C GLN M 40 42.55 11.37 92.37
N ALA M 41 43.46 11.41 93.35
CA ALA M 41 43.37 10.54 94.52
C ALA M 41 42.48 11.21 95.56
N PRO M 42 41.54 10.48 96.17
CA PRO M 42 40.64 11.10 97.13
C PRO M 42 41.40 11.75 98.28
N GLY M 43 40.93 12.91 98.70
CA GLY M 43 41.65 13.68 99.69
C GLY M 43 42.98 14.22 99.20
N LYS M 44 43.16 14.25 97.88
CA LYS M 44 44.42 14.68 97.28
C LYS M 44 44.10 15.52 96.05
N GLY M 45 45.12 15.84 95.26
CA GLY M 45 44.97 16.73 94.14
C GLY M 45 45.04 16.04 92.78
N LEU M 46 45.26 16.86 91.76
CA LEU M 46 45.28 16.39 90.37
C LEU M 46 46.67 15.97 89.95
N GLU M 47 46.74 14.88 89.19
CA GLU M 47 47.96 14.44 88.53
C GLU M 47 47.58 14.10 87.09
N TRP M 48 48.09 14.85 86.13
CA TRP M 48 47.67 14.67 84.75
C TRP M 48 48.27 13.40 84.17
N MET M 49 47.62 12.88 83.13
CA MET M 49 47.93 11.54 82.65
C MET M 49 47.48 11.41 81.20
N GLY M 50 48.07 10.44 80.52
CA GLY M 50 47.64 10.12 79.16
C GLY M 50 47.69 11.34 78.26
N GLY M 51 46.56 11.62 77.61
CA GLY M 51 46.41 12.86 76.86
C GLY M 51 46.89 12.75 75.43
N PHE M 52 46.34 13.64 74.59
CA PHE M 52 46.73 13.78 73.19
C PHE M 52 47.43 15.12 73.04
N ASP M 53 48.35 15.20 72.07
CA ASP M 53 49.11 16.42 71.87
C ASP M 53 48.59 17.15 70.63
N PRO M 54 48.04 18.37 70.78
CA PRO M 54 47.67 19.14 69.59
C PRO M 54 48.84 19.36 68.65
N GLU M 55 50.00 19.69 69.19
CA GLU M 55 51.21 19.76 68.38
C GLU M 55 51.70 18.35 68.09
N ASP M 56 52.41 18.19 66.97
CA ASP M 56 53.11 16.96 66.64
C ASP M 56 52.15 15.79 66.39
N GLY M 57 50.87 15.97 66.74
CA GLY M 57 49.84 14.98 66.48
C GLY M 57 49.93 13.70 67.27
N GLU M 58 50.91 13.55 68.15
CA GLU M 58 51.03 12.34 68.95
C GLU M 58 50.01 12.34 70.09
N THR M 59 49.75 11.16 70.60
CA THR M 59 49.00 10.97 71.84
C THR M 59 50.03 10.98 72.97
N MET M 60 49.96 11.98 73.82
CA MET M 60 50.96 12.12 74.88
C MET M 60 50.86 11.02 75.91
N TYR M 61 51.94 10.82 76.63
CA TYR M 61 51.98 9.96 77.81
C TYR M 61 52.82 10.65 78.87
N ALA M 62 52.23 10.83 80.06
CA ALA M 62 52.91 11.54 81.13
C ALA M 62 54.24 10.85 81.44
N GLN M 63 55.32 11.62 81.37
CA GLN M 63 56.67 11.05 81.49
C GLN M 63 56.83 10.26 82.78
N LYS M 64 56.40 10.83 83.91
CA LYS M 64 56.48 10.12 85.18
C LYS M 64 55.81 8.76 85.09
N PHE M 65 54.63 8.70 84.51
CA PHE M 65 53.87 7.47 84.36
C PHE M 65 54.05 6.81 83.02
N GLN M 66 54.94 7.33 82.17
CA GLN M 66 55.10 6.83 80.81
C GLN M 66 55.48 5.36 80.79
N GLY M 67 54.90 4.61 79.86
CA GLY M 67 55.19 3.21 79.67
C GLY M 67 54.35 2.27 80.49
N ARG M 68 53.80 2.72 81.62
CA ARG M 68 52.90 1.89 82.41
C ARG M 68 51.47 1.92 81.88
N VAL M 69 51.06 3.03 81.27
CA VAL M 69 49.69 3.20 80.77
C VAL M 69 49.74 3.49 79.29
N THR M 70 48.82 2.88 78.55
CA THR M 70 48.75 3.05 77.10
C THR M 70 47.32 3.40 76.71
N MET M 71 47.16 3.88 75.49
CA MET M 71 45.86 4.30 74.97
C MET M 71 45.69 3.85 73.53
N THR M 72 44.48 3.41 73.19
CA THR M 72 44.09 3.12 71.82
C THR M 72 42.74 3.79 71.55
N GLU M 73 42.35 3.83 70.29
CA GLU M 73 41.15 4.55 69.86
C GLU M 73 40.41 3.76 68.80
N ASP M 74 39.09 3.64 68.95
CA ASP M 74 38.21 3.18 67.87
C ASP M 74 37.33 4.35 67.47
N THR M 75 37.58 4.90 66.29
CA THR M 75 36.96 6.17 65.90
C THR M 75 35.45 6.04 65.74
N SER M 76 34.98 4.93 65.15
CA SER M 76 33.56 4.81 64.87
C SER M 76 32.75 4.57 66.13
N THR M 77 33.21 3.68 67.00
CA THR M 77 32.50 3.38 68.24
C THR M 77 32.87 4.31 69.38
N ASP M 78 33.78 5.25 69.15
CA ASP M 78 34.12 6.30 70.10
C ASP M 78 34.73 5.74 71.40
N THR M 79 35.33 4.56 71.30
CA THR M 79 35.88 3.87 72.47
C THR M 79 37.38 4.14 72.55
N ALA M 80 37.80 4.84 73.60
CA ALA M 80 39.21 5.10 73.85
C ALA M 80 39.62 4.39 75.13
N TYR M 81 40.45 3.37 74.99
CA TYR M 81 40.83 2.49 76.09
C TYR M 81 42.11 2.98 76.75
N MET M 82 42.02 3.25 78.04
CA MET M 82 43.20 3.59 78.84
C MET M 82 43.55 2.40 79.72
N GLU M 83 44.63 1.71 79.38
CA GLU M 83 45.09 0.54 80.10
C GLU M 83 46.23 0.91 81.03
N LEU M 84 45.97 0.85 82.33
CA LEU M 84 47.02 0.99 83.33
C LEU M 84 47.40 -0.38 83.84
N SER M 85 48.69 -0.57 84.10
CA SER M 85 49.23 -1.88 84.40
C SER M 85 50.09 -1.83 85.67
N SER M 86 50.40 -3.01 86.18
CA SER M 86 51.35 -3.19 87.29
C SER M 86 50.91 -2.41 88.52
N LEU M 87 49.81 -2.88 89.11
CA LEU M 87 49.19 -2.18 90.24
C LEU M 87 50.19 -1.93 91.36
N ARG M 88 50.10 -0.76 91.98
CA ARG M 88 50.95 -0.40 93.10
C ARG M 88 50.10 0.21 94.23
N SER M 89 50.77 0.60 95.31
CA SER M 89 50.07 1.10 96.50
C SER M 89 49.19 2.32 96.20
N GLU M 90 49.81 3.49 96.00
CA GLU M 90 49.04 4.74 95.86
C GLU M 90 48.37 4.82 94.49
N ASP M 91 48.53 3.80 93.65
CA ASP M 91 47.99 3.89 92.26
C ASP M 91 46.47 4.05 92.27
N THR M 92 45.75 3.38 93.18
CA THR M 92 44.27 3.47 93.10
C THR M 92 43.87 4.95 93.22
N ALA M 93 43.10 5.45 92.24
CA ALA M 93 42.69 6.87 92.25
C ALA M 93 41.51 7.03 91.27
N VAL M 94 40.77 8.14 91.37
CA VAL M 94 39.69 8.40 90.40
C VAL M 94 40.33 9.02 89.15
N TYR M 95 40.20 8.36 87.99
CA TYR M 95 40.88 8.85 86.77
C TYR M 95 39.85 9.57 85.90
N TYR M 96 40.00 10.88 85.71
CA TYR M 96 38.95 11.65 84.99
C TYR M 96 39.20 11.68 83.48
N CYS M 97 38.19 11.27 82.70
CA CYS M 97 38.30 11.35 81.23
C CYS M 97 38.17 12.83 80.86
N ALA M 98 39.20 13.40 80.23
CA ALA M 98 39.17 14.86 79.96
C ALA M 98 39.20 15.09 78.44
N THR M 99 38.88 16.31 77.96
CA THR M 99 38.99 16.58 76.50
C THR M 99 39.47 18.00 76.18
N THR M 100 40.41 18.18 75.23
CA THR M 100 40.81 19.55 74.81
C THR M 100 40.82 19.60 73.27
N THR M 101 40.70 20.79 72.68
CA THR M 101 40.62 20.89 71.20
C THR M 101 41.92 20.40 70.52
N PRO M 102 41.88 19.60 69.41
CA PRO M 102 43.10 19.22 68.68
C PRO M 102 43.52 20.35 67.73
N PHE M 103 42.74 21.44 67.67
CA PHE M 103 43.05 22.59 66.78
C PHE M 103 44.21 23.37 67.38
N SER M 104 44.71 22.95 68.54
CA SER M 104 45.88 23.60 69.21
C SER M 104 45.47 24.84 70.01
N SER M 105 46.40 25.40 70.80
CA SER M 105 46.14 26.63 71.59
C SER M 105 44.96 26.42 72.55
N SER M 106 44.76 25.20 73.04
CA SER M 106 43.68 24.95 74.04
C SER M 106 44.24 24.17 75.24
N TYR M 107 44.06 24.70 76.46
CA TYR M 107 44.50 23.97 77.68
C TYR M 107 43.27 23.49 78.45
N TRP M 108 42.15 24.23 78.36
CA TRP M 108 40.94 23.90 79.17
C TRP M 108 40.40 22.51 78.81
N PHE M 109 39.95 21.75 79.81
CA PHE M 109 39.50 20.35 79.58
C PHE M 109 38.00 20.28 79.26
N ASP M 110 37.28 21.41 79.34
CA ASP M 110 35.85 21.42 78.92
C ASP M 110 35.06 20.28 79.61
N PRO M 111 34.33 19.35 78.94
CA PRO M 111 33.51 18.34 79.63
C PRO M 111 34.29 17.25 80.38
N TRP M 112 33.65 16.59 81.35
CA TRP M 112 34.34 15.58 82.19
C TRP M 112 33.72 14.19 82.00
N GLY M 113 34.54 13.15 81.89
CA GLY M 113 34.01 11.77 81.81
C GLY M 113 33.57 11.31 83.17
N GLN M 114 33.48 12.22 84.15
CA GLN M 114 33.01 11.91 85.52
C GLN M 114 34.05 11.03 86.24
N GLY M 115 35.11 10.62 85.54
CA GLY M 115 36.21 9.87 86.18
C GLY M 115 35.82 8.44 86.53
N THR M 116 36.68 7.74 87.26
CA THR M 116 36.39 6.33 87.71
C THR M 116 37.47 5.86 88.68
N LEU M 117 37.07 5.33 89.83
CA LEU M 117 38.05 4.88 90.85
C LEU M 117 38.50 3.47 90.49
N VAL M 118 39.77 3.30 90.11
CA VAL M 118 40.32 1.95 89.83
C VAL M 118 40.63 1.28 91.17
N THR M 119 40.84 -0.04 91.18
CA THR M 119 41.22 -0.74 92.44
C THR M 119 42.60 -1.37 92.26
N VAL M 120 43.43 -1.34 93.30
CA VAL M 120 44.76 -2.03 93.24
C VAL M 120 44.73 -3.22 94.20
N SER N 1 -106.72 -2.68 18.17
CA SER N 1 -106.52 -2.30 19.56
C SER N 1 -107.23 -0.99 19.85
N VAL N 2 -106.48 0.10 19.76
CA VAL N 2 -107.02 1.43 20.07
C VAL N 2 -107.49 2.14 18.80
N LEU N 3 -107.31 1.52 17.63
CA LEU N 3 -107.60 2.17 16.35
C LEU N 3 -108.83 1.52 15.72
N THR N 4 -109.24 2.05 14.57
CA THR N 4 -110.51 1.68 13.96
C THR N 4 -110.30 1.18 12.53
N GLN N 5 -110.58 -0.12 12.34
CA GLN N 5 -110.54 -0.76 10.99
C GLN N 5 -111.44 -2.00 11.08
N ALA N 6 -112.16 -2.36 10.01
CA ALA N 6 -113.13 -3.44 10.04
C ALA N 6 -112.41 -4.80 10.00
N PRO N 7 -113.08 -5.88 10.40
CA PRO N 7 -112.45 -7.20 10.29
C PRO N 7 -112.17 -7.64 8.86
N SER N 8 -113.08 -7.42 7.93
CA SER N 8 -112.92 -7.96 6.58
C SER N 8 -113.58 -7.04 5.56
N VAL N 9 -113.16 -7.19 4.31
CA VAL N 9 -113.73 -6.46 3.19
C VAL N 9 -113.53 -7.31 1.94
N SER N 10 -114.41 -7.15 0.96
CA SER N 10 -114.40 -7.99 -0.22
C SER N 10 -114.62 -7.14 -1.48
N GLY N 11 -114.00 -7.55 -2.57
CA GLY N 11 -114.18 -6.88 -3.86
C GLY N 11 -113.80 -7.83 -4.98
N ALA N 12 -114.31 -7.53 -6.17
CA ALA N 12 -114.05 -8.31 -7.38
C ALA N 12 -112.61 -8.12 -7.84
N PRO N 13 -112.04 -9.11 -8.55
CA PRO N 13 -110.63 -9.03 -8.93
C PRO N 13 -110.40 -7.92 -9.94
N GLY N 14 -109.14 -7.48 -10.03
CA GLY N 14 -108.75 -6.48 -10.98
C GLY N 14 -109.37 -5.11 -10.79
N GLN N 15 -110.13 -4.91 -9.72
CA GLN N 15 -110.86 -3.67 -9.51
C GLN N 15 -109.98 -2.71 -8.71
N LYS N 16 -110.55 -1.57 -8.33
CA LYS N 16 -109.86 -0.56 -7.53
C LYS N 16 -110.70 -0.22 -6.31
N VAL N 17 -110.22 -0.62 -5.14
CA VAL N 17 -110.86 -0.26 -3.86
C VAL N 17 -109.78 -0.23 -2.79
N THR N 18 -109.92 0.70 -1.85
CA THR N 18 -108.91 0.95 -0.85
C THR N 18 -109.41 0.54 0.52
N ILE N 19 -108.57 0.75 1.54
CA ILE N 19 -108.91 0.48 2.93
C ILE N 19 -108.39 1.64 3.77
N SER N 20 -109.19 2.09 4.73
CA SER N 20 -108.88 3.24 5.56
C SER N 20 -108.83 2.83 7.03
N CYS N 21 -108.14 3.65 7.82
CA CYS N 21 -107.98 3.43 9.25
C CYS N 21 -108.17 4.76 9.97
N SER N 22 -109.06 4.79 10.94
CA SER N 22 -109.45 6.02 11.62
C SER N 22 -108.76 6.10 12.98
N GLY N 23 -107.85 7.06 13.13
CA GLY N 23 -107.16 7.31 14.37
C GLY N 23 -107.60 8.58 15.04
N SER N 24 -106.70 9.13 15.85
CA SER N 24 -106.98 10.41 16.51
C SER N 24 -105.81 11.37 16.30
N SER N 25 -105.95 12.59 16.80
CA SER N 25 -104.83 13.54 16.76
C SER N 25 -103.72 13.08 17.68
N SER N 26 -104.06 12.34 18.73
CA SER N 26 -103.07 11.81 19.67
C SER N 26 -102.22 10.70 19.06
N ASN N 27 -102.63 10.13 17.93
CA ASN N 27 -101.91 9.03 17.31
C ASN N 27 -101.58 9.32 15.85
N ILE N 28 -102.59 9.39 14.98
CA ILE N 28 -102.31 9.62 13.57
C ILE N 28 -102.03 11.09 13.28
N GLY N 29 -102.62 11.99 14.08
CA GLY N 29 -102.53 13.40 13.81
C GLY N 29 -101.13 13.95 13.62
N ASN N 30 -100.26 13.74 14.60
CA ASN N 30 -98.89 14.24 14.53
C ASN N 30 -97.88 13.19 14.09
N ASN N 31 -98.30 11.97 13.78
CA ASN N 31 -97.38 10.87 13.57
C ASN N 31 -97.56 10.26 12.18
N TYR N 32 -96.49 9.62 11.71
CA TYR N 32 -96.51 8.96 10.42
C TYR N 32 -97.12 7.56 10.53
N VAL N 33 -97.74 7.12 9.44
CA VAL N 33 -98.53 5.89 9.42
C VAL N 33 -97.79 4.83 8.59
N SER N 34 -97.92 3.58 9.01
CA SER N 34 -97.39 2.45 8.28
C SER N 34 -98.50 1.44 8.02
N TRP N 35 -98.24 0.52 7.11
CA TRP N 35 -99.20 -0.51 6.73
C TRP N 35 -98.49 -1.81 6.47
N TYR N 36 -99.12 -2.92 6.85
CA TYR N 36 -98.47 -4.22 6.86
C TYR N 36 -99.39 -5.27 6.25
N GLN N 37 -98.79 -6.30 5.66
CA GLN N 37 -99.51 -7.40 5.04
C GLN N 37 -98.97 -8.72 5.57
N GLN N 38 -99.86 -9.67 5.85
CA GLN N 38 -99.47 -11.02 6.24
C GLN N 38 -100.40 -12.00 5.55
N LEU N 39 -99.85 -13.04 5.00
CA LEU N 39 -100.56 -14.21 4.54
C LEU N 39 -100.77 -15.18 5.70
N PRO N 40 -101.69 -16.14 5.58
CA PRO N 40 -101.95 -17.06 6.69
C PRO N 40 -100.69 -17.74 7.17
N GLY N 41 -100.44 -17.67 8.48
CA GLY N 41 -99.25 -18.23 9.08
C GLY N 41 -97.94 -17.79 8.47
N THR N 42 -97.80 -16.52 8.10
CA THR N 42 -96.60 -16.04 7.43
C THR N 42 -96.08 -14.78 8.13
N ALA N 43 -95.10 -14.17 7.50
CA ALA N 43 -94.35 -13.02 7.98
C ALA N 43 -95.00 -11.71 7.54
N PRO N 44 -95.52 -10.93 8.49
CA PRO N 44 -96.21 -9.69 8.13
C PRO N 44 -95.27 -8.71 7.44
N LYS N 45 -95.67 -8.28 6.26
CA LYS N 45 -94.79 -7.53 5.36
C LYS N 45 -95.15 -6.06 5.38
N LEU N 46 -94.15 -5.21 5.55
CA LEU N 46 -94.37 -3.79 5.45
C LEU N 46 -94.90 -3.43 4.06
N LEU N 47 -96.02 -2.72 4.05
CA LEU N 47 -96.67 -2.31 2.80
C LEU N 47 -96.24 -0.92 2.36
N ILE N 48 -96.60 0.10 3.12
CA ILE N 48 -96.27 1.50 2.83
C ILE N 48 -95.87 2.17 4.13
N TYR N 49 -94.82 2.98 4.09
CA TYR N 49 -94.40 3.75 5.25
C TYR N 49 -94.49 5.23 4.95
N ASP N 50 -95.06 5.95 5.92
CA ASP N 50 -95.25 7.40 5.84
C ASP N 50 -96.47 7.77 4.98
N ASN N 51 -97.14 6.76 4.39
CA ASN N 51 -98.37 6.99 3.58
C ASN N 51 -98.05 7.57 2.19
N ASN N 52 -96.79 7.60 1.76
CA ASN N 52 -96.41 8.03 0.43
C ASN N 52 -95.15 7.32 -0.04
N LYS N 53 -94.60 6.46 0.80
CA LYS N 53 -93.36 5.75 0.49
C LYS N 53 -93.51 4.24 0.38
N ARG N 54 -92.94 3.70 -0.69
CA ARG N 54 -92.98 2.26 -0.95
C ARG N 54 -91.65 1.64 -0.55
N PRO N 55 -91.69 0.57 0.23
CA PRO N 55 -90.50 -0.24 0.46
C PRO N 55 -90.03 -0.91 -0.82
N SER N 56 -88.79 -1.39 -0.79
CA SER N 56 -88.24 -2.07 -1.96
C SER N 56 -88.99 -3.35 -2.25
N GLY N 57 -89.47 -3.47 -3.48
CA GLY N 57 -90.20 -4.65 -3.91
C GLY N 57 -91.71 -4.50 -3.88
N ILE N 58 -92.24 -3.32 -3.60
CA ILE N 58 -93.67 -3.09 -3.50
C ILE N 58 -94.17 -2.64 -4.87
N PRO N 59 -95.26 -3.21 -5.38
CA PRO N 59 -95.86 -2.68 -6.61
C PRO N 59 -96.24 -1.21 -6.44
N ASP N 60 -95.94 -0.42 -7.47
CA ASP N 60 -96.24 1.01 -7.42
C ASP N 60 -97.74 1.26 -7.34
N ARG N 61 -98.54 0.23 -7.62
CA ARG N 61 -100.02 0.39 -7.62
C ARG N 61 -100.47 0.90 -6.24
N PHE N 62 -99.80 0.48 -5.17
CA PHE N 62 -100.18 0.89 -3.79
C PHE N 62 -99.84 2.37 -3.55
N SER N 63 -100.69 3.09 -2.81
CA SER N 63 -100.43 4.52 -2.48
C SER N 63 -100.89 4.79 -1.05
N GLY N 64 -101.25 6.04 -0.72
CA GLY N 64 -101.76 6.31 0.62
C GLY N 64 -102.06 7.78 0.80
N SER N 65 -102.82 8.07 1.85
CA SER N 65 -103.18 9.44 2.18
C SER N 65 -103.47 9.54 3.67
N LYS N 66 -103.27 10.75 4.20
CA LYS N 66 -103.66 11.06 5.56
C LYS N 66 -104.50 12.32 5.54
N SER N 67 -105.78 12.19 5.88
CA SER N 67 -106.69 13.34 5.99
C SER N 67 -107.08 13.45 7.46
N GLY N 68 -106.56 14.47 8.13
CA GLY N 68 -106.82 14.64 9.55
C GLY N 68 -106.41 13.40 10.32
N THR N 69 -107.34 12.85 11.08
CA THR N 69 -107.13 11.64 11.86
C THR N 69 -107.39 10.38 11.05
N SER N 70 -107.72 10.51 9.77
CA SER N 70 -108.07 9.39 8.91
C SER N 70 -106.94 9.14 7.93
N ALA N 71 -106.54 7.87 7.80
CA ALA N 71 -105.46 7.46 6.91
C ALA N 71 -105.93 6.30 6.05
N THR N 72 -105.97 6.52 4.74
CA THR N 72 -106.40 5.51 3.78
C THR N 72 -105.17 4.88 3.14
N LEU N 73 -105.24 3.56 2.96
CA LEU N 73 -104.20 2.82 2.27
C LEU N 73 -104.69 2.55 0.85
N GLY N 74 -104.06 3.20 -0.13
CA GLY N 74 -104.42 3.03 -1.52
C GLY N 74 -104.15 1.61 -1.99
N ILE N 75 -105.20 0.97 -2.49
CA ILE N 75 -105.12 -0.41 -2.96
C ILE N 75 -105.74 -0.45 -4.35
N THR N 76 -104.92 -0.75 -5.35
CA THR N 76 -105.37 -0.73 -6.74
C THR N 76 -104.88 -1.98 -7.47
N GLY N 77 -105.50 -2.27 -8.60
CA GLY N 77 -105.09 -3.40 -9.41
C GLY N 77 -105.17 -4.72 -8.67
N LEU N 78 -106.37 -5.04 -8.14
CA LEU N 78 -106.54 -6.21 -7.31
C LEU N 78 -106.07 -7.48 -8.04
N GLN N 79 -105.40 -8.34 -7.29
CA GLN N 79 -104.88 -9.60 -7.80
C GLN N 79 -105.51 -10.76 -7.04
N THR N 80 -105.46 -11.94 -7.66
CA THR N 80 -105.94 -13.14 -7.00
C THR N 80 -105.09 -13.47 -5.77
N GLY N 81 -103.83 -13.02 -5.77
CA GLY N 81 -102.96 -13.25 -4.63
C GLY N 81 -102.93 -12.10 -3.65
N ASP N 82 -103.87 -11.16 -3.76
CA ASP N 82 -103.86 -10.00 -2.87
C ASP N 82 -104.74 -10.20 -1.64
N GLU N 83 -105.34 -11.37 -1.47
CA GLU N 83 -106.23 -11.60 -0.33
C GLU N 83 -105.39 -11.87 0.91
N ALA N 84 -105.53 -11.01 1.91
CA ALA N 84 -104.76 -11.04 3.15
C ALA N 84 -105.24 -9.89 4.02
N ASP N 85 -104.73 -9.83 5.23
CA ASP N 85 -105.08 -8.79 6.18
C ASP N 85 -104.06 -7.66 6.11
N TYR N 86 -104.56 -6.42 6.12
CA TYR N 86 -103.71 -5.24 6.15
C TYR N 86 -103.88 -4.51 7.47
N TYR N 87 -102.77 -4.09 8.06
CA TYR N 87 -102.74 -3.51 9.39
C TYR N 87 -102.25 -2.06 9.33
N CYS N 88 -103.00 -1.16 9.93
CA CYS N 88 -102.56 0.22 10.11
C CYS N 88 -101.80 0.36 11.41
N GLY N 89 -100.80 1.23 11.40
CA GLY N 89 -100.12 1.61 12.62
C GLY N 89 -99.51 2.99 12.49
N THR N 90 -99.33 3.64 13.63
CA THR N 90 -98.64 4.92 13.71
C THR N 90 -98.11 5.08 15.13
N TRP N 91 -97.15 5.98 15.29
CA TRP N 91 -96.56 6.17 16.61
C TRP N 91 -97.56 6.79 17.56
N ASP N 92 -97.53 6.35 18.81
CA ASP N 92 -98.41 6.86 19.85
C ASP N 92 -97.58 7.55 20.93
N SER N 93 -97.94 8.80 21.23
CA SER N 93 -97.35 9.45 22.39
C SER N 93 -98.22 9.33 23.62
N SER N 94 -99.47 8.87 23.45
CA SER N 94 -100.37 8.74 24.59
C SER N 94 -99.79 7.78 25.62
N LEU N 95 -99.71 6.51 25.28
CA LEU N 95 -98.98 5.56 26.11
C LEU N 95 -97.50 5.56 25.76
N SER N 96 -97.10 6.45 24.84
CA SER N 96 -95.72 6.54 24.36
C SER N 96 -95.21 5.18 23.88
N ALA N 97 -95.84 4.68 22.83
CA ALA N 97 -95.59 3.33 22.37
C ALA N 97 -96.02 3.20 20.91
N VAL N 98 -96.04 1.95 20.46
CA VAL N 98 -96.46 1.60 19.11
C VAL N 98 -97.84 0.95 19.17
N VAL N 99 -98.75 1.42 18.33
CA VAL N 99 -100.14 0.94 18.34
C VAL N 99 -100.52 0.42 16.96
N PHE N 100 -101.55 -0.41 16.93
CA PHE N 100 -102.09 -0.97 15.70
C PHE N 100 -103.60 -1.09 15.80
N GLY N 101 -104.22 -1.27 14.63
CA GLY N 101 -105.62 -1.63 14.61
C GLY N 101 -105.82 -3.13 14.59
N GLY N 102 -107.08 -3.54 14.71
CA GLY N 102 -107.40 -4.96 14.73
C GLY N 102 -107.05 -5.70 13.45
N GLY N 103 -106.94 -5.01 12.34
CA GLY N 103 -106.64 -5.67 11.07
C GLY N 103 -107.89 -5.89 10.24
N THR N 104 -107.70 -5.83 8.93
CA THR N 104 -108.79 -5.98 7.98
C THR N 104 -108.40 -7.01 6.94
N LYS N 105 -109.12 -8.12 6.90
CA LYS N 105 -108.78 -9.21 6.00
C LYS N 105 -109.51 -8.99 4.68
N LEU N 106 -108.76 -8.64 3.66
CA LEU N 106 -109.29 -8.39 2.33
C LEU N 106 -109.74 -9.72 1.74
N THR N 107 -110.68 -9.67 0.80
CA THR N 107 -111.08 -10.83 0.03
C THR N 107 -111.26 -10.38 -1.42
N VAL N 108 -110.55 -11.04 -2.33
CA VAL N 108 -110.69 -10.75 -3.75
C VAL N 108 -111.74 -11.69 -4.33
N LEU N 109 -112.85 -11.13 -4.77
CA LEU N 109 -114.00 -11.92 -5.18
C LEU N 109 -113.80 -12.54 -6.56
N VAL O 2 1.37 -30.54 22.74
CA VAL O 2 1.79 -31.81 22.09
C VAL O 2 2.35 -32.75 23.18
N LYS O 3 2.86 -32.19 24.28
CA LYS O 3 3.44 -33.01 25.37
C LYS O 3 2.64 -32.77 26.66
N LEU O 4 2.17 -33.83 27.31
CA LEU O 4 1.48 -33.67 28.61
C LEU O 4 2.31 -34.36 29.70
N VAL O 5 2.64 -33.61 30.76
CA VAL O 5 3.47 -34.16 31.88
C VAL O 5 2.54 -34.45 33.06
N GLU O 6 3.03 -35.10 34.11
CA GLU O 6 2.22 -35.51 35.24
C GLU O 6 3.01 -35.39 36.53
N SER O 7 2.34 -35.68 37.64
CA SER O 7 3.01 -36.15 38.85
C SER O 7 3.21 -37.65 38.76
N GLY O 8 4.20 -38.16 39.50
CA GLY O 8 4.33 -39.58 39.69
C GLY O 8 3.32 -40.10 40.70
N GLY O 9 3.41 -41.40 40.98
CA GLY O 9 2.51 -42.00 41.94
C GLY O 9 2.66 -41.43 43.34
N GLY O 10 1.69 -41.74 44.19
CA GLY O 10 1.68 -41.17 45.52
C GLY O 10 0.99 -42.07 46.52
N LEU O 11 1.35 -41.88 47.78
CA LEU O 11 0.84 -42.67 48.90
C LEU O 11 0.23 -41.74 49.92
N VAL O 12 -1.05 -41.96 50.24
CA VAL O 12 -1.72 -41.21 51.29
C VAL O 12 -2.56 -42.18 52.11
N LYS O 13 -2.64 -41.93 53.42
CA LYS O 13 -3.57 -42.67 54.25
C LYS O 13 -4.99 -42.39 53.79
N PRO O 14 -5.87 -43.38 53.79
CA PRO O 14 -7.27 -43.12 53.46
C PRO O 14 -7.88 -42.11 54.42
N GLY O 15 -8.87 -41.37 53.92
CA GLY O 15 -9.54 -40.36 54.70
C GLY O 15 -9.04 -38.95 54.52
N GLY O 16 -7.81 -38.77 54.04
CA GLY O 16 -7.21 -37.46 53.87
C GLY O 16 -7.48 -36.89 52.50
N SER O 17 -6.56 -36.03 52.04
CA SER O 17 -6.64 -35.42 50.73
C SER O 17 -5.25 -35.38 50.11
N LEU O 18 -5.20 -35.19 48.80
CA LEU O 18 -3.93 -34.94 48.13
C LEU O 18 -4.18 -34.13 46.88
N ARG O 19 -3.23 -33.28 46.55
CA ARG O 19 -3.29 -32.45 45.35
C ARG O 19 -2.42 -33.08 44.26
N LEU O 20 -2.97 -33.10 43.05
CA LEU O 20 -2.33 -33.80 41.94
C LEU O 20 -2.15 -32.83 40.78
N SER O 21 -1.10 -33.05 40.01
CA SER O 21 -0.68 -32.07 39.02
C SER O 21 -0.63 -32.69 37.64
N CYS O 22 -0.70 -31.86 36.60
CA CYS O 22 -0.56 -32.34 35.21
C CYS O 22 -0.08 -31.18 34.32
N ALA O 23 1.23 -31.02 34.18
CA ALA O 23 1.77 -29.91 33.37
C ALA O 23 1.37 -30.08 31.91
N ALA O 24 1.01 -28.98 31.24
CA ALA O 24 0.60 -29.04 29.82
C ALA O 24 1.56 -28.18 28.99
N SER O 25 2.11 -28.73 27.90
CA SER O 25 3.10 -27.99 27.08
C SER O 25 2.82 -28.20 25.59
N GLY O 26 3.29 -27.27 24.75
CA GLY O 26 3.10 -27.37 23.29
C GLY O 26 1.79 -26.75 22.84
N PHE O 27 0.98 -26.26 23.78
CA PHE O 27 -0.29 -25.56 23.45
C PHE O 27 -0.64 -24.57 24.56
N THR O 28 -1.42 -23.54 24.24
CA THR O 28 -1.87 -22.58 25.29
C THR O 28 -2.88 -23.31 26.19
N PHE O 29 -2.74 -23.15 27.51
CA PHE O 29 -3.65 -23.83 28.47
C PHE O 29 -5.08 -23.32 28.24
N THR O 30 -5.24 -22.02 27.99
CA THR O 30 -6.58 -21.42 27.75
C THR O 30 -7.21 -22.02 26.49
N ASN O 31 -6.42 -22.26 25.44
CA ASN O 31 -6.99 -22.73 24.15
C ASN O 31 -7.67 -24.10 24.28
N TYR O 32 -7.07 -25.04 25.02
CA TYR O 32 -7.65 -26.42 25.05
C TYR O 32 -8.00 -26.84 26.48
N GLY O 33 -9.22 -27.36 26.68
CA GLY O 33 -9.66 -27.82 28.01
C GLY O 33 -8.94 -29.09 28.45
N MET O 34 -8.86 -29.33 29.76
CA MET O 34 -8.15 -30.52 30.30
C MET O 34 -9.09 -31.29 31.23
N SER O 35 -9.04 -32.63 31.19
CA SER O 35 -9.96 -33.45 32.02
C SER O 35 -9.19 -34.58 32.72
N TRP O 36 -9.73 -35.11 33.82
CA TRP O 36 -9.08 -36.25 34.52
C TRP O 36 -9.90 -37.53 34.33
N VAL O 37 -9.26 -38.61 33.87
CA VAL O 37 -9.96 -39.92 33.70
C VAL O 37 -9.21 -40.95 34.55
N ARG O 38 -9.94 -41.75 35.34
CA ARG O 38 -9.29 -42.80 36.18
C ARG O 38 -9.73 -44.19 35.73
N GLN O 39 -8.76 -45.09 35.47
CA GLN O 39 -9.10 -46.49 35.10
C GLN O 39 -8.64 -47.44 36.20
N ALA O 40 -9.58 -48.18 36.80
CA ALA O 40 -9.20 -49.19 37.82
C ALA O 40 -8.48 -50.35 37.12
N PRO O 41 -7.46 -50.99 37.73
CA PRO O 41 -6.72 -52.06 37.05
C PRO O 41 -7.65 -53.23 36.71
N GLY O 42 -7.58 -53.74 35.48
CA GLY O 42 -8.45 -54.85 35.04
C GLY O 42 -9.91 -54.42 35.02
N LYS O 43 -10.19 -53.11 34.86
CA LYS O 43 -11.58 -52.60 34.88
C LYS O 43 -11.70 -51.49 33.83
N ARG O 44 -12.94 -51.13 33.45
CA ARG O 44 -13.17 -50.07 32.44
C ARG O 44 -12.79 -48.70 33.04
N LEU O 45 -12.46 -47.73 32.18
CA LEU O 45 -12.06 -46.38 32.66
C LEU O 45 -13.28 -45.65 33.23
N GLU O 46 -13.06 -44.67 34.12
CA GLU O 46 -14.17 -43.84 34.66
C GLU O 46 -13.84 -42.37 34.39
N TRP O 47 -14.77 -41.62 33.81
CA TRP O 47 -14.53 -40.18 33.49
C TRP O 47 -15.05 -39.34 34.66
N VAL O 48 -14.14 -38.85 35.51
CA VAL O 48 -14.59 -38.09 36.73
C VAL O 48 -15.25 -36.77 36.34
N ALA O 49 -14.61 -35.98 35.46
CA ALA O 49 -15.15 -34.65 35.12
C ALA O 49 -14.45 -34.05 33.91
N GLU O 50 -14.97 -32.96 33.36
CA GLU O 50 -14.29 -32.24 32.25
C GLU O 50 -14.27 -30.75 32.61
N ILE O 51 -13.29 -30.00 32.11
CA ILE O 51 -13.16 -28.57 32.48
C ILE O 51 -13.32 -27.68 31.24
N SER O 52 -14.18 -26.67 31.29
CA SER O 52 -14.32 -25.73 30.15
C SER O 52 -13.05 -24.89 30.01
N SER O 53 -12.69 -24.50 28.79
CA SER O 53 -11.41 -23.77 28.58
C SER O 53 -11.42 -22.42 29.31
N GLY O 54 -12.54 -21.68 29.24
CA GLY O 54 -12.61 -20.35 29.88
C GLY O 54 -12.50 -20.40 31.40
N GLY O 55 -13.18 -21.35 32.04
CA GLY O 55 -13.18 -21.45 33.52
C GLY O 55 -13.46 -22.87 33.95
N SER O 56 -13.14 -23.25 35.20
CA SER O 56 -13.30 -24.67 35.57
C SER O 56 -14.79 -25.06 35.52
N TYR O 57 -15.12 -26.10 34.75
CA TYR O 57 -16.52 -26.59 34.67
C TYR O 57 -16.91 -27.23 36.02
N THR O 58 -15.97 -27.94 36.65
CA THR O 58 -16.23 -28.62 37.97
C THR O 58 -17.47 -29.52 37.86
N TYR O 59 -17.58 -30.28 36.76
CA TYR O 59 -18.74 -31.18 36.55
C TYR O 59 -18.72 -32.30 37.60
N TYR O 60 -19.90 -32.73 38.07
CA TYR O 60 -19.98 -33.86 39.02
C TYR O 60 -20.82 -34.99 38.40
N PRO O 61 -20.36 -36.27 38.46
CA PRO O 61 -21.06 -37.38 37.80
C PRO O 61 -22.46 -37.64 38.38
N ASP O 62 -23.39 -38.10 37.53
CA ASP O 62 -24.77 -38.41 37.99
C ASP O 62 -24.72 -39.66 38.87
N THR O 63 -25.71 -39.85 39.75
CA THR O 63 -25.73 -40.99 40.71
C THR O 63 -24.48 -40.92 41.60
N VAL O 64 -23.69 -41.99 41.67
CA VAL O 64 -22.51 -42.00 42.58
C VAL O 64 -21.54 -40.88 42.17
N THR O 65 -21.00 -40.15 43.15
CA THR O 65 -20.10 -39.00 42.83
C THR O 65 -18.70 -39.27 43.38
N GLY O 66 -17.67 -39.09 42.54
CA GLY O 66 -16.27 -39.25 43.00
C GLY O 66 -15.94 -38.23 44.07
N ARG O 67 -16.44 -36.99 43.92
CA ARG O 67 -16.21 -35.89 44.89
C ARG O 67 -14.82 -35.27 44.68
N PHE O 68 -14.10 -35.70 43.64
CA PHE O 68 -12.80 -35.09 43.31
C PHE O 68 -13.04 -33.69 42.75
N THR O 69 -12.16 -32.74 43.07
CA THR O 69 -12.33 -31.34 42.59
C THR O 69 -11.22 -31.00 41.60
N ILE O 70 -11.57 -30.48 40.41
CA ILE O 70 -10.55 -30.20 39.37
C ILE O 70 -10.45 -28.68 39.16
N SER O 71 -9.24 -28.12 39.22
CA SER O 71 -9.03 -26.67 39.03
C SER O 71 -7.92 -26.44 37.99
N ARG O 72 -8.04 -25.38 37.19
CA ARG O 72 -7.03 -25.10 36.13
C ARG O 72 -6.40 -23.72 36.34
N ASP O 73 -5.06 -23.63 36.31
CA ASP O 73 -4.42 -22.29 36.39
C ASP O 73 -3.79 -22.00 35.01
N ASN O 74 -4.29 -20.98 34.31
CA ASN O 74 -3.79 -20.68 32.94
C ASN O 74 -2.32 -20.27 32.98
N ALA O 75 -1.93 -19.42 33.95
CA ALA O 75 -0.53 -18.95 34.02
C ALA O 75 0.40 -20.12 34.31
N LYS O 76 0.01 -21.00 35.23
CA LYS O 76 0.84 -22.20 35.56
C LYS O 76 0.87 -23.16 34.37
N ASN O 77 -0.24 -23.29 33.63
CA ASN O 77 -0.33 -24.28 32.52
C ASN O 77 -0.38 -25.68 33.12
N THR O 78 -0.79 -25.79 34.39
CA THR O 78 -0.80 -27.10 35.08
C THR O 78 -2.23 -27.45 35.50
N LEU O 79 -2.71 -28.66 35.15
CA LEU O 79 -4.06 -29.11 35.56
C LEU O 79 -3.97 -29.63 37.00
N TYR O 80 -4.91 -29.21 37.87
CA TYR O 80 -4.81 -29.60 39.31
C TYR O 80 -6.02 -30.44 39.73
N LEU O 81 -5.77 -31.57 40.39
CA LEU O 81 -6.88 -32.44 40.88
C LEU O 81 -6.73 -32.62 42.39
N GLN O 82 -7.81 -32.40 43.16
CA GLN O 82 -7.74 -32.68 44.62
C GLN O 82 -8.78 -33.76 44.95
N MET O 83 -8.37 -34.82 45.64
CA MET O 83 -9.29 -35.94 45.94
C MET O 83 -9.55 -36.00 47.44
N ASN O 84 -10.82 -36.09 47.85
CA ASN O 84 -11.18 -36.10 49.29
C ASN O 84 -11.85 -37.43 49.62
N SER O 85 -11.85 -37.83 50.90
CA SER O 85 -12.44 -39.14 51.29
C SER O 85 -11.81 -40.26 50.47
N LEU O 86 -10.47 -40.30 50.41
CA LEU O 86 -9.77 -41.31 49.57
C LEU O 86 -10.15 -42.72 50.01
N ARG O 87 -10.41 -43.62 49.05
CA ARG O 87 -10.85 -45.00 49.37
C ARG O 87 -10.10 -45.99 48.45
N ALA O 88 -10.06 -47.26 48.83
CA ALA O 88 -9.43 -48.29 47.97
C ALA O 88 -10.21 -48.37 46.64
N GLU O 89 -11.54 -48.26 46.70
CA GLU O 89 -12.38 -48.26 45.48
C GLU O 89 -11.99 -47.05 44.62
N ASP O 90 -11.72 -45.90 45.25
CA ASP O 90 -11.34 -44.66 44.52
C ASP O 90 -10.04 -44.90 43.75
N THR O 91 -9.12 -45.70 44.31
CA THR O 91 -7.79 -45.87 43.65
C THR O 91 -7.97 -46.35 42.21
N ALA O 92 -7.32 -45.66 41.27
CA ALA O 92 -7.36 -46.06 39.83
C ALA O 92 -6.20 -45.36 39.12
N VAL O 93 -5.75 -45.86 37.96
CA VAL O 93 -4.70 -45.12 37.21
C VAL O 93 -5.32 -43.80 36.71
N TYR O 94 -4.66 -42.67 36.92
CA TYR O 94 -5.27 -41.36 36.57
C TYR O 94 -4.56 -40.74 35.36
N TYR O 95 -5.32 -40.42 34.30
CA TYR O 95 -4.73 -39.84 33.07
C TYR O 95 -5.34 -38.46 32.82
N CYS O 96 -4.51 -37.43 32.63
CA CYS O 96 -5.06 -36.10 32.23
C CYS O 96 -5.09 -36.07 30.70
N ALA O 97 -6.16 -35.54 30.09
CA ALA O 97 -6.26 -35.64 28.62
C ALA O 97 -6.59 -34.28 28.00
N ARG O 98 -6.12 -34.00 26.78
CA ARG O 98 -6.31 -32.64 26.17
C ARG O 98 -7.47 -32.60 25.18
N PHE O 99 -8.36 -31.61 25.32
CA PHE O 99 -9.52 -31.44 24.39
C PHE O 99 -9.09 -30.80 23.07
N ARG O 100 -9.92 -30.95 22.04
CA ARG O 100 -9.62 -30.29 20.74
C ARG O 100 -10.77 -29.33 20.42
N TYR O 101 -10.96 -28.98 19.15
CA TYR O 101 -12.09 -28.11 18.74
C TYR O 101 -13.39 -28.92 18.85
N GLY O 102 -14.52 -28.22 19.01
CA GLY O 102 -15.80 -28.93 19.23
C GLY O 102 -16.21 -29.84 18.10
N GLY O 103 -16.78 -31.01 18.43
CA GLY O 103 -17.25 -31.96 17.41
C GLY O 103 -17.94 -33.15 18.07
N GLY O 104 -17.50 -34.37 17.75
CA GLY O 104 -18.06 -35.55 18.39
C GLY O 104 -17.60 -35.93 19.79
N GLY O 105 -16.28 -35.88 20.03
CA GLY O 105 -15.73 -36.25 21.34
C GLY O 105 -14.91 -35.22 22.08
N THR O 106 -14.31 -34.28 21.34
CA THR O 106 -13.50 -33.19 21.89
C THR O 106 -12.25 -33.54 22.74
N VAL O 107 -11.51 -34.59 22.39
CA VAL O 107 -10.28 -34.92 23.14
C VAL O 107 -9.33 -35.83 22.37
N ASP O 108 -8.06 -35.41 22.25
CA ASP O 108 -7.06 -36.22 21.54
C ASP O 108 -5.81 -36.65 22.32
N TYR O 109 -5.08 -35.67 22.89
CA TYR O 109 -3.79 -35.98 23.57
C TYR O 109 -3.99 -36.63 24.93
N TRP O 110 -2.95 -37.33 25.43
CA TRP O 110 -3.02 -38.00 26.71
C TRP O 110 -1.78 -37.75 27.53
N GLY O 111 -1.98 -37.56 28.83
CA GLY O 111 -0.96 -37.87 29.78
C GLY O 111 -0.89 -39.39 29.93
N GLN O 112 0.33 -39.90 30.07
CA GLN O 112 0.53 -41.34 30.07
C GLN O 112 -0.20 -42.04 31.20
N GLY O 113 -0.51 -41.32 32.27
CA GLY O 113 -1.23 -41.90 33.39
C GLY O 113 -0.35 -42.10 34.61
N THR O 114 -1.00 -42.14 35.77
CA THR O 114 -0.28 -42.17 37.04
C THR O 114 -1.05 -43.00 38.05
N LEU O 115 -0.31 -43.78 38.83
CA LEU O 115 -0.91 -44.65 39.83
C LEU O 115 -1.51 -43.85 40.98
N VAL O 116 -2.39 -44.52 41.72
CA VAL O 116 -2.93 -44.03 42.97
C VAL O 116 -2.74 -45.10 44.02
N THR O 117 -2.14 -44.72 45.15
CA THR O 117 -2.06 -45.62 46.30
C THR O 117 -2.77 -44.96 47.47
N VAL O 118 -3.91 -45.50 47.83
CA VAL O 118 -4.65 -45.10 49.03
C VAL O 118 -4.46 -46.25 50.01
N SER O 119 -3.63 -46.04 51.03
CA SER O 119 -3.25 -47.16 51.87
C SER O 119 -2.77 -46.68 53.22
N SER O 120 -2.75 -47.61 54.17
CA SER O 120 -2.15 -47.40 55.47
C SER O 120 -0.63 -47.38 55.34
N SER P 1 37.42 -66.98 -64.49
CA SER P 1 36.10 -67.28 -65.00
C SER P 1 36.02 -66.95 -66.48
N VAL P 2 35.53 -65.74 -66.77
CA VAL P 2 35.34 -65.33 -68.15
C VAL P 2 36.53 -64.49 -68.63
N LEU P 3 37.51 -64.25 -67.76
CA LEU P 3 38.62 -63.35 -68.07
C LEU P 3 39.90 -64.16 -68.23
N THR P 4 40.99 -63.48 -68.57
CA THR P 4 42.23 -64.14 -68.94
C THR P 4 43.39 -63.66 -68.07
N GLN P 5 43.91 -64.60 -67.25
CA GLN P 5 45.12 -64.35 -66.41
C GLN P 5 45.71 -65.72 -66.10
N ALA P 6 47.05 -65.85 -66.02
CA ALA P 6 47.70 -67.15 -65.86
C ALA P 6 47.58 -67.62 -64.41
N PRO P 7 47.77 -68.91 -64.15
CA PRO P 7 47.74 -69.38 -62.76
C PRO P 7 48.85 -68.83 -61.89
N SER P 8 50.08 -68.74 -62.39
CA SER P 8 51.20 -68.36 -61.53
C SER P 8 52.26 -67.62 -62.35
N VAL P 9 53.10 -66.87 -61.63
CA VAL P 9 54.22 -66.15 -62.24
C VAL P 9 55.28 -66.00 -61.16
N SER P 10 56.55 -65.92 -61.58
CA SER P 10 57.67 -65.89 -60.65
C SER P 10 58.68 -64.85 -61.08
N GLY P 11 59.33 -64.24 -60.10
CA GLY P 11 60.39 -63.27 -60.35
C GLY P 11 61.27 -63.14 -59.13
N ALA P 12 62.49 -62.65 -59.35
CA ALA P 12 63.48 -62.43 -58.31
C ALA P 12 63.08 -61.27 -57.41
N PRO P 13 63.52 -61.28 -56.15
CA PRO P 13 63.09 -60.24 -55.20
C PRO P 13 63.62 -58.87 -55.60
N GLY P 14 62.96 -57.83 -55.09
CA GLY P 14 63.37 -56.47 -55.31
C GLY P 14 63.33 -56.01 -56.75
N GLN P 15 62.81 -56.83 -57.66
CA GLN P 15 62.83 -56.50 -59.08
C GLN P 15 61.54 -55.76 -59.44
N LYS P 16 61.35 -55.50 -60.73
CA LYS P 16 60.15 -54.82 -61.23
C LYS P 16 59.53 -55.66 -62.33
N VAL P 17 58.36 -56.23 -62.05
CA VAL P 17 57.58 -56.97 -63.04
C VAL P 17 56.11 -56.86 -62.67
N THR P 18 55.25 -56.78 -63.68
CA THR P 18 53.83 -56.53 -63.48
C THR P 18 53.02 -57.75 -63.87
N ILE P 19 51.70 -57.63 -63.76
CA ILE P 19 50.77 -58.68 -64.16
C ILE P 19 49.60 -58.02 -64.88
N SER P 20 49.16 -58.64 -65.97
CA SER P 20 48.11 -58.10 -66.82
C SER P 20 46.94 -59.05 -66.88
N CYS P 21 45.78 -58.51 -67.25
CA CYS P 21 44.53 -59.26 -67.36
C CYS P 21 43.82 -58.82 -68.63
N SER P 22 43.48 -59.79 -69.49
CA SER P 22 42.93 -59.50 -70.81
C SER P 22 41.42 -59.73 -70.78
N GLY P 23 40.65 -58.64 -70.93
CA GLY P 23 39.22 -58.69 -71.00
C GLY P 23 38.68 -58.41 -72.39
N SER P 24 37.44 -57.93 -72.43
CA SER P 24 36.84 -57.55 -73.71
C SER P 24 36.24 -56.15 -73.61
N SER P 25 35.69 -55.66 -74.72
CA SER P 25 34.99 -54.38 -74.67
C SER P 25 33.70 -54.50 -73.88
N SER P 26 33.13 -55.71 -73.84
CA SER P 26 31.91 -55.95 -73.08
C SER P 26 32.14 -55.93 -71.57
N ASN P 27 33.39 -55.98 -71.12
CA ASN P 27 33.69 -56.02 -69.70
C ASN P 27 34.71 -54.94 -69.32
N ILE P 28 35.95 -55.02 -69.78
CA ILE P 28 36.94 -54.03 -69.38
C ILE P 28 36.79 -52.76 -70.21
N GLY P 29 36.30 -52.87 -71.44
CA GLY P 29 36.26 -51.74 -72.34
C GLY P 29 35.58 -50.50 -71.80
N ASN P 30 34.34 -50.63 -71.35
CA ASN P 30 33.60 -49.49 -70.82
C ASN P 30 33.59 -49.40 -69.30
N ASN P 31 34.27 -50.31 -68.61
CA ASN P 31 34.12 -50.43 -67.17
C ASN P 31 35.47 -50.25 -66.48
N TYR P 32 35.40 -49.86 -65.21
CA TYR P 32 36.60 -49.69 -64.40
C TYR P 32 37.05 -51.02 -63.80
N VAL P 33 38.36 -51.12 -63.58
CA VAL P 33 38.99 -52.38 -63.19
C VAL P 33 39.47 -52.27 -61.74
N SER P 34 39.37 -53.38 -61.02
CA SER P 34 39.89 -53.49 -59.66
C SER P 34 40.86 -54.66 -59.57
N TRP P 35 41.63 -54.69 -58.49
CA TRP P 35 42.61 -55.73 -58.26
C TRP P 35 42.66 -56.08 -56.78
N TYR P 36 42.86 -57.36 -56.50
CA TYR P 36 42.71 -57.87 -55.14
C TYR P 36 43.88 -58.79 -54.80
N GLN P 37 44.22 -58.85 -53.51
CA GLN P 37 45.30 -59.70 -53.00
C GLN P 37 44.78 -60.53 -51.84
N GLN P 38 45.16 -61.80 -51.80
CA GLN P 38 44.87 -62.68 -50.68
C GLN P 38 46.09 -63.53 -50.37
N LEU P 39 46.41 -63.64 -49.12
CA LEU P 39 47.36 -64.60 -48.60
C LEU P 39 46.66 -65.93 -48.34
N PRO P 40 47.40 -67.03 -48.19
CA PRO P 40 46.76 -68.33 -47.99
C PRO P 40 45.80 -68.31 -46.80
N GLY P 41 44.58 -68.76 -47.05
CA GLY P 41 43.53 -68.76 -46.05
C GLY P 41 43.27 -67.43 -45.37
N THR P 42 43.30 -66.32 -46.11
CA THR P 42 43.15 -64.99 -45.53
C THR P 42 42.10 -64.21 -46.28
N ALA P 43 41.99 -62.93 -45.95
CA ALA P 43 41.02 -61.98 -46.43
C ALA P 43 41.52 -61.27 -47.67
N PRO P 44 40.88 -61.50 -48.82
CA PRO P 44 41.35 -60.87 -50.06
C PRO P 44 41.25 -59.36 -49.99
N LYS P 45 42.39 -58.71 -50.24
CA LYS P 45 42.55 -57.29 -49.99
C LYS P 45 42.48 -56.52 -51.30
N LEU P 46 41.68 -55.47 -51.33
CA LEU P 46 41.65 -54.58 -52.48
C LEU P 46 43.02 -53.98 -52.71
N LEU P 47 43.53 -54.11 -53.93
CA LEU P 47 44.84 -53.60 -54.30
C LEU P 47 44.75 -52.21 -54.92
N ILE P 48 44.14 -52.10 -56.10
CA ILE P 48 43.99 -50.85 -56.82
C ILE P 48 42.59 -50.80 -57.40
N TYR P 49 41.93 -49.65 -57.32
CA TYR P 49 40.62 -49.47 -57.90
C TYR P 49 40.68 -48.39 -58.96
N ASP P 50 39.90 -48.57 -60.03
CA ASP P 50 39.79 -47.58 -61.10
C ASP P 50 40.99 -47.42 -62.02
N ASN P 51 41.98 -48.32 -61.90
CA ASN P 51 43.22 -48.26 -62.72
C ASN P 51 44.13 -47.07 -62.32
N ASN P 52 43.68 -46.18 -61.45
CA ASN P 52 44.49 -45.01 -61.05
C ASN P 52 44.43 -44.69 -59.55
N LYS P 53 43.61 -45.41 -58.81
CA LYS P 53 43.45 -45.13 -57.39
C LYS P 53 43.91 -46.26 -56.46
N ARG P 54 44.67 -45.89 -55.45
CA ARG P 54 45.16 -46.85 -54.47
C ARG P 54 44.50 -46.59 -53.12
N PRO P 55 43.88 -47.64 -52.55
CA PRO P 55 43.18 -47.61 -51.27
C PRO P 55 44.12 -47.17 -50.15
N SER P 56 43.52 -46.81 -49.02
CA SER P 56 44.29 -46.38 -47.87
C SER P 56 45.14 -47.53 -47.34
N GLY P 57 46.44 -47.28 -47.22
CA GLY P 57 47.38 -48.27 -46.74
C GLY P 57 48.12 -49.04 -47.81
N ILE P 58 47.98 -48.66 -49.07
CA ILE P 58 48.62 -49.38 -50.18
C ILE P 58 49.96 -48.69 -50.47
N PRO P 59 51.05 -49.44 -50.60
CA PRO P 59 52.31 -48.81 -51.04
C PRO P 59 52.13 -48.13 -52.39
N ASP P 60 52.70 -46.93 -52.50
CA ASP P 60 52.59 -46.18 -53.75
C ASP P 60 53.29 -46.89 -54.90
N ARG P 61 54.12 -47.87 -54.59
CA ARG P 61 54.89 -48.57 -55.65
C ARG P 61 53.92 -49.16 -56.69
N PHE P 62 52.67 -49.41 -56.30
CA PHE P 62 51.71 -50.07 -57.22
C PHE P 62 51.08 -49.07 -58.20
N SER P 63 51.02 -49.41 -59.49
CA SER P 63 50.36 -48.59 -60.48
C SER P 63 49.42 -49.46 -61.30
N GLY P 64 48.85 -48.87 -62.34
CA GLY P 64 47.97 -49.63 -63.22
C GLY P 64 47.75 -48.91 -64.53
N SER P 65 47.22 -49.66 -65.50
CA SER P 65 46.93 -49.11 -66.81
C SER P 65 45.81 -49.92 -67.46
N LYS P 66 45.08 -49.26 -68.35
CA LYS P 66 44.09 -49.93 -69.19
C LYS P 66 44.36 -49.55 -70.63
N SER P 67 44.78 -50.52 -71.44
CA SER P 67 44.97 -50.32 -72.87
C SER P 67 43.95 -51.18 -73.59
N GLY P 68 42.95 -50.53 -74.18
CA GLY P 68 41.87 -51.26 -74.84
C GLY P 68 41.21 -52.22 -73.88
N THR P 69 41.16 -53.49 -74.29
CA THR P 69 40.60 -54.56 -73.47
C THR P 69 41.61 -55.15 -72.51
N SER P 70 42.83 -54.62 -72.48
CA SER P 70 43.91 -55.16 -71.66
C SER P 70 44.16 -54.22 -70.49
N ALA P 71 44.26 -54.77 -69.29
CA ALA P 71 44.51 -54.01 -68.07
C ALA P 71 45.66 -54.63 -67.30
N THR P 72 46.73 -53.87 -67.13
CA THR P 72 47.92 -54.32 -66.42
C THR P 72 47.91 -53.75 -65.01
N LEU P 73 48.30 -54.58 -64.05
CA LEU P 73 48.45 -54.15 -62.67
C LEU P 73 49.93 -53.91 -62.41
N GLY P 74 50.31 -52.64 -62.22
CA GLY P 74 51.69 -52.29 -61.97
C GLY P 74 52.16 -52.85 -60.64
N ILE P 75 53.24 -53.63 -60.71
CA ILE P 75 53.81 -54.28 -59.53
C ILE P 75 55.30 -53.97 -59.53
N THR P 76 55.76 -53.23 -58.53
CA THR P 76 57.14 -52.80 -58.46
C THR P 76 57.68 -53.00 -57.04
N GLY P 77 59.00 -52.99 -56.93
CA GLY P 77 59.64 -53.13 -55.63
C GLY P 77 59.28 -54.42 -54.94
N LEU P 78 59.53 -55.55 -55.59
CA LEU P 78 59.12 -56.84 -55.07
C LEU P 78 59.67 -57.07 -53.67
N GLN P 79 58.83 -57.63 -52.81
CA GLN P 79 59.20 -57.94 -51.43
C GLN P 79 59.08 -59.44 -51.20
N THR P 80 59.75 -59.90 -50.14
CA THR P 80 59.64 -61.30 -49.76
C THR P 80 58.23 -61.63 -49.29
N GLY P 81 57.49 -60.62 -48.82
CA GLY P 81 56.12 -60.84 -48.40
C GLY P 81 55.10 -60.54 -49.48
N ASP P 82 55.53 -60.37 -50.72
CA ASP P 82 54.60 -60.04 -51.80
C ASP P 82 54.08 -61.25 -52.53
N GLU P 83 54.44 -62.46 -52.11
CA GLU P 83 53.99 -63.67 -52.81
C GLU P 83 52.56 -63.98 -52.40
N ALA P 84 51.67 -63.97 -53.39
CA ALA P 84 50.24 -64.16 -53.19
C ALA P 84 49.58 -64.09 -54.58
N ASP P 85 48.29 -64.35 -54.61
CA ASP P 85 47.52 -64.31 -55.85
C ASP P 85 46.85 -62.95 -56.00
N TYR P 86 46.91 -62.40 -57.21
CA TYR P 86 46.25 -61.14 -57.54
C TYR P 86 45.12 -61.40 -58.53
N TYR P 87 43.98 -60.78 -58.27
CA TYR P 87 42.76 -61.02 -59.05
C TYR P 87 42.33 -59.75 -59.75
N CYS P 88 42.07 -59.86 -61.04
CA CYS P 88 41.47 -58.78 -61.82
C CYS P 88 39.95 -58.89 -61.77
N GLY P 89 39.30 -57.74 -61.78
CA GLY P 89 37.86 -57.69 -61.94
C GLY P 89 37.42 -56.37 -62.52
N THR P 90 36.27 -56.39 -63.18
CA THR P 90 35.64 -55.18 -63.69
C THR P 90 34.15 -55.47 -63.84
N TRP P 91 33.36 -54.41 -63.93
CA TRP P 91 31.92 -54.58 -64.04
C TRP P 91 31.55 -55.20 -65.38
N ASP P 92 30.57 -56.08 -65.37
CA ASP P 92 30.08 -56.74 -66.57
C ASP P 92 28.64 -56.34 -66.83
N SER P 93 28.37 -55.85 -68.03
CA SER P 93 26.99 -55.64 -68.44
C SER P 93 26.45 -56.82 -69.23
N SER P 94 27.33 -57.74 -69.65
CA SER P 94 26.88 -58.89 -70.43
C SER P 94 25.87 -59.70 -69.65
N LEU P 95 26.31 -60.36 -68.58
CA LEU P 95 25.39 -60.97 -67.65
C LEU P 95 24.90 -59.98 -66.61
N SER P 96 25.30 -58.71 -66.75
CA SER P 96 24.96 -57.63 -65.82
C SER P 96 25.30 -58.03 -64.39
N ALA P 97 26.59 -58.20 -64.15
CA ALA P 97 27.06 -58.74 -62.88
C ALA P 97 28.52 -58.36 -62.66
N VAL P 98 29.12 -58.99 -61.67
CA VAL P 98 30.51 -58.80 -61.32
C VAL P 98 31.30 -60.04 -61.74
N VAL P 99 32.42 -59.84 -62.43
CA VAL P 99 33.21 -60.93 -62.97
C VAL P 99 34.64 -60.83 -62.47
N PHE P 100 35.36 -61.95 -62.52
CA PHE P 100 36.75 -62.02 -62.13
C PHE P 100 37.49 -63.00 -63.02
N GLY P 101 38.81 -62.91 -62.99
CA GLY P 101 39.64 -63.92 -63.61
C GLY P 101 39.99 -65.03 -62.64
N GLY P 102 40.64 -66.07 -63.17
CA GLY P 102 41.02 -67.21 -62.34
C GLY P 102 42.00 -66.88 -61.24
N GLY P 103 42.77 -65.82 -61.39
CA GLY P 103 43.77 -65.47 -60.39
C GLY P 103 45.16 -65.92 -60.80
N THR P 104 46.14 -65.14 -60.38
CA THR P 104 47.54 -65.38 -60.71
C THR P 104 48.37 -65.35 -59.44
N LYS P 105 48.95 -66.48 -59.08
CA LYS P 105 49.69 -66.58 -57.84
C LYS P 105 51.14 -66.20 -58.11
N LEU P 106 51.54 -65.05 -57.61
CA LEU P 106 52.89 -64.54 -57.79
C LEU P 106 53.84 -65.39 -56.95
N THR P 107 55.10 -65.43 -57.34
CA THR P 107 56.16 -66.06 -56.55
C THR P 107 57.37 -65.15 -56.60
N VAL P 108 57.86 -64.75 -55.43
CA VAL P 108 59.07 -63.94 -55.35
C VAL P 108 60.26 -64.87 -55.18
N LEU P 109 61.14 -64.91 -56.19
CA LEU P 109 62.21 -65.90 -56.24
C LEU P 109 63.36 -65.53 -55.30
N GLY Q 1 14.88 -45.32 75.39
CA GLY Q 1 15.91 -44.87 76.30
C GLY Q 1 17.17 -44.41 75.59
N ASP Q 2 18.24 -44.20 76.37
CA ASP Q 2 19.51 -43.78 75.81
C ASP Q 2 20.20 -44.95 75.12
N ILE Q 3 21.23 -44.64 74.36
CA ILE Q 3 22.06 -45.66 73.74
C ILE Q 3 23.31 -45.84 74.59
N GLN Q 4 23.50 -47.06 75.09
CA GLN Q 4 24.64 -47.36 75.95
C GLN Q 4 25.85 -47.67 75.08
N LEU Q 5 27.01 -47.20 75.52
CA LEU Q 5 28.28 -47.60 74.92
C LEU Q 5 28.99 -48.56 75.86
N THR Q 6 29.88 -49.34 75.29
CA THR Q 6 30.68 -50.29 76.05
C THR Q 6 32.09 -50.25 75.48
N GLN Q 7 32.98 -49.53 76.15
CA GLN Q 7 34.36 -49.41 75.73
C GLN Q 7 35.21 -50.39 76.52
N SER Q 8 35.88 -51.29 75.81
CA SER Q 8 36.63 -52.31 76.50
C SER Q 8 37.98 -52.51 75.81
N PRO Q 9 39.07 -52.63 76.57
CA PRO Q 9 39.14 -52.42 78.02
C PRO Q 9 39.20 -50.94 78.33
N SER Q 10 38.86 -50.54 79.54
CA SER Q 10 38.89 -49.13 79.90
C SER Q 10 40.29 -48.62 80.20
N SER Q 11 41.28 -49.51 80.25
CA SER Q 11 42.69 -49.12 80.24
C SER Q 11 43.49 -50.30 79.73
N LEU Q 12 44.67 -50.02 79.19
CA LEU Q 12 45.59 -51.06 78.81
C LEU Q 12 47.00 -50.49 78.82
N SER Q 13 47.80 -50.90 79.81
CA SER Q 13 49.18 -50.48 79.95
C SER Q 13 50.02 -51.26 78.96
N ALA Q 14 50.67 -50.56 78.05
CA ALA Q 14 51.21 -51.20 76.86
C ALA Q 14 52.70 -50.87 76.70
N SER Q 15 53.28 -51.41 75.64
CA SER Q 15 54.72 -51.34 75.39
C SER Q 15 54.97 -50.85 73.97
N VAL Q 16 56.26 -50.80 73.61
CA VAL Q 16 56.66 -50.18 72.36
C VAL Q 16 56.40 -51.12 71.18
N GLY Q 17 55.77 -50.61 70.14
CA GLY Q 17 55.57 -51.37 68.93
C GLY Q 17 54.41 -52.33 68.95
N ASP Q 18 53.47 -52.17 69.88
CA ASP Q 18 52.35 -53.08 70.02
C ASP Q 18 51.34 -52.89 68.89
N ARG Q 19 50.29 -53.70 68.95
CA ARG Q 19 49.13 -53.55 68.08
C ARG Q 19 47.89 -53.75 68.95
N VAL Q 20 47.40 -52.66 69.53
CA VAL Q 20 46.35 -52.67 70.53
C VAL Q 20 45.01 -52.54 69.84
N THR Q 21 44.05 -53.37 70.23
CA THR Q 21 42.69 -53.33 69.71
C THR Q 21 41.77 -52.82 70.80
N ILE Q 22 41.48 -51.53 70.78
CA ILE Q 22 40.58 -50.93 71.77
C ILE Q 22 39.17 -51.00 71.22
N THR Q 23 38.33 -51.79 71.87
CA THR Q 23 37.00 -52.09 71.38
C THR Q 23 35.99 -51.14 71.99
N CYS Q 24 35.07 -50.61 71.17
CA CYS Q 24 33.96 -49.78 71.72
C CYS Q 24 32.63 -50.31 71.19
N ARG Q 25 32.10 -51.38 71.81
CA ARG Q 25 30.81 -51.98 71.37
C ARG Q 25 29.67 -51.03 71.69
N ALA Q 26 28.60 -51.04 70.88
CA ALA Q 26 27.43 -50.18 71.13
C ALA Q 26 26.20 -51.07 71.39
N SER Q 27 25.42 -50.76 72.43
CA SER Q 27 24.24 -51.60 72.79
C SER Q 27 23.24 -51.59 71.63
N GLN Q 28 23.04 -50.44 70.98
CA GLN Q 28 22.12 -50.36 69.82
C GLN Q 28 22.97 -50.32 68.55
N SER Q 29 22.57 -51.09 67.53
CA SER Q 29 23.40 -51.18 66.29
C SER Q 29 23.55 -49.80 65.64
N ILE Q 30 24.77 -49.46 65.23
CA ILE Q 30 25.02 -48.16 64.54
C ILE Q 30 25.58 -48.49 63.15
N SER Q 31 24.95 -48.01 62.08
CA SER Q 31 25.41 -48.42 60.72
C SER Q 31 26.84 -47.95 60.46
N SER Q 32 27.15 -46.67 60.72
CA SER Q 32 28.50 -46.14 60.44
C SER Q 32 28.81 -44.89 61.27
N TYR Q 33 27.90 -44.50 62.17
CA TYR Q 33 28.10 -43.22 62.92
C TYR Q 33 28.97 -43.44 64.16
N LEU Q 34 30.28 -43.67 63.98
CA LEU Q 34 31.19 -43.78 65.15
C LEU Q 34 32.50 -43.01 64.87
N ASN Q 35 33.08 -42.38 65.90
CA ASN Q 35 34.33 -41.61 65.74
C ASN Q 35 35.30 -41.98 66.88
N TRP Q 36 36.61 -41.77 66.69
CA TRP Q 36 37.60 -42.06 67.76
C TRP Q 36 38.38 -40.80 68.12
N TYR Q 37 38.54 -40.53 69.42
CA TYR Q 37 39.24 -39.30 69.87
C TYR Q 37 40.50 -39.64 70.67
N GLN Q 38 41.61 -38.96 70.39
CA GLN Q 38 42.84 -39.17 71.19
C GLN Q 38 43.04 -37.93 72.07
N GLN Q 39 43.10 -38.10 73.39
CA GLN Q 39 43.19 -36.93 74.30
C GLN Q 39 44.30 -37.15 75.33
N LYS Q 40 44.94 -36.06 75.79
CA LYS Q 40 45.97 -36.16 76.85
C LYS Q 40 45.60 -35.14 77.93
N PRO Q 41 46.01 -35.28 79.20
CA PRO Q 41 45.58 -34.34 80.24
C PRO Q 41 46.02 -32.92 79.88
N GLY Q 42 45.11 -31.95 80.00
CA GLY Q 42 45.43 -30.55 79.67
C GLY Q 42 45.45 -30.30 78.16
N LYS Q 43 44.95 -31.25 77.38
CA LYS Q 43 45.00 -31.13 75.89
C LYS Q 43 43.60 -31.34 75.30
N ALA Q 44 43.28 -30.64 74.20
CA ALA Q 44 41.97 -30.82 73.53
C ALA Q 44 41.92 -32.19 72.84
N PRO Q 45 40.74 -32.86 72.76
CA PRO Q 45 40.63 -34.14 72.05
C PRO Q 45 40.92 -34.00 70.54
N LYS Q 46 41.61 -34.99 69.96
CA LYS Q 46 41.93 -34.96 68.51
C LYS Q 46 41.23 -36.14 67.82
N LEU Q 47 40.45 -35.86 66.77
CA LEU Q 47 39.75 -36.95 66.03
C LEU Q 47 40.79 -37.82 65.32
N LEU Q 48 40.66 -39.15 65.43
CA LEU Q 48 41.59 -40.06 64.70
C LEU Q 48 40.88 -40.66 63.48
N ILE Q 49 39.66 -41.17 63.68
CA ILE Q 49 38.92 -41.84 62.56
C ILE Q 49 37.52 -41.22 62.45
N TYR Q 50 37.08 -40.89 61.24
CA TYR Q 50 35.69 -40.37 61.07
C TYR Q 50 34.85 -41.43 60.37
N ALA Q 51 33.70 -41.79 60.97
CA ALA Q 51 32.77 -42.80 60.40
C ALA Q 51 33.32 -44.21 60.67
N ALA Q 52 34.48 -44.31 61.33
CA ALA Q 52 35.09 -45.61 61.70
C ALA Q 52 35.50 -46.38 60.43
N SER Q 53 35.54 -45.71 59.28
CA SER Q 53 35.95 -46.36 58.01
C SER Q 53 37.09 -45.57 57.35
N SER Q 54 37.11 -44.25 57.56
CA SER Q 54 38.13 -43.40 56.89
C SER Q 54 38.95 -42.64 57.93
N LEU Q 55 40.28 -42.66 57.80
CA LEU Q 55 41.17 -41.97 58.77
C LEU Q 55 41.00 -40.45 58.64
N GLN Q 56 41.01 -39.73 59.76
CA GLN Q 56 40.91 -38.24 59.73
C GLN Q 56 42.19 -37.68 59.09
N SER Q 57 42.08 -36.57 58.36
CA SER Q 57 43.28 -35.94 57.74
C SER Q 57 44.26 -35.48 58.83
N GLY Q 58 45.56 -35.66 58.62
CA GLY Q 58 46.56 -35.31 59.64
C GLY Q 58 46.73 -36.39 60.69
N VAL Q 59 46.14 -37.57 60.46
CA VAL Q 59 46.27 -38.71 61.42
C VAL Q 59 47.11 -39.80 60.75
N PRO Q 60 48.11 -40.38 61.44
CA PRO Q 60 49.00 -41.39 60.84
C PRO Q 60 48.25 -42.66 60.42
N SER Q 61 48.75 -43.34 59.39
CA SER Q 61 48.08 -44.56 58.85
C SER Q 61 48.03 -45.66 59.91
N ARG Q 62 48.95 -45.65 60.88
CA ARG Q 62 49.02 -46.73 61.90
C ARG Q 62 47.68 -46.78 62.65
N PHE Q 63 47.10 -45.62 62.99
CA PHE Q 63 45.75 -45.61 63.62
C PHE Q 63 44.74 -46.03 62.56
N SER Q 64 43.83 -46.96 62.90
CA SER Q 64 42.86 -47.48 61.88
C SER Q 64 41.47 -47.64 62.50
N GLY Q 65 40.41 -47.57 61.68
CA GLY Q 65 39.04 -47.77 62.18
C GLY Q 65 38.49 -49.10 61.70
N SER Q 66 37.95 -49.91 62.62
CA SER Q 66 37.48 -51.27 62.24
C SER Q 66 36.13 -51.57 62.92
N GLY Q 67 35.38 -52.54 62.39
CA GLY Q 67 34.10 -52.94 63.00
C GLY Q 67 32.91 -52.23 62.39
N SER Q 68 31.71 -52.78 62.57
CA SER Q 68 30.47 -52.16 62.00
C SER Q 68 29.26 -52.63 62.81
N GLY Q 69 28.13 -51.92 62.68
CA GLY Q 69 26.89 -52.32 63.38
C GLY Q 69 27.04 -52.29 64.89
N THR Q 70 26.67 -53.38 65.58
CA THR Q 70 26.71 -53.40 67.07
C THR Q 70 28.14 -53.23 67.59
N ASP Q 71 29.14 -53.83 66.95
CA ASP Q 71 30.52 -53.79 67.51
C ASP Q 71 31.42 -52.88 66.68
N PHE Q 72 32.13 -51.96 67.35
CA PHE Q 72 33.10 -51.06 66.65
C PHE Q 72 34.41 -51.12 67.43
N THR Q 73 35.55 -50.91 66.75
CA THR Q 73 36.86 -51.04 67.45
C THR Q 73 37.92 -50.11 66.84
N LEU Q 74 38.98 -49.81 67.60
CA LEU Q 74 40.09 -48.96 67.09
C LEU Q 74 41.34 -49.85 66.94
N THR Q 75 41.99 -49.80 65.78
CA THR Q 75 43.24 -50.59 65.59
C THR Q 75 44.44 -49.64 65.67
N ILE Q 76 45.37 -49.90 66.59
CA ILE Q 76 46.60 -49.06 66.71
C ILE Q 76 47.79 -49.98 66.41
N SER Q 77 48.72 -49.54 65.56
CA SER Q 77 49.91 -50.36 65.20
C SER Q 77 51.17 -49.51 65.32
N SER Q 78 52.34 -50.15 65.42
CA SER Q 78 53.62 -49.40 65.54
C SER Q 78 53.52 -48.41 66.71
N LEU Q 79 53.10 -48.88 67.89
CA LEU Q 79 52.89 -47.97 69.04
C LEU Q 79 54.20 -47.26 69.39
N GLN Q 80 54.13 -45.95 69.68
CA GLN Q 80 55.35 -45.14 69.96
C GLN Q 80 55.11 -44.37 71.26
N PRO Q 81 56.15 -43.85 71.96
CA PRO Q 81 55.95 -43.17 73.25
C PRO Q 81 55.01 -41.97 73.07
N GLU Q 82 55.16 -41.21 71.98
CA GLU Q 82 54.25 -40.07 71.69
C GLU Q 82 52.83 -40.61 71.49
N ASP Q 83 52.68 -41.77 70.84
CA ASP Q 83 51.34 -42.34 70.53
C ASP Q 83 50.56 -42.63 71.82
N PHE Q 84 51.23 -43.11 72.88
CA PHE Q 84 50.47 -43.52 74.09
C PHE Q 84 49.60 -42.34 74.55
N ALA Q 85 48.30 -42.57 74.73
CA ALA Q 85 47.36 -41.48 75.11
C ALA Q 85 46.04 -42.07 75.60
N THR Q 86 45.14 -41.24 76.13
CA THR Q 86 43.79 -41.73 76.52
C THR Q 86 42.89 -41.66 75.27
N TYR Q 87 42.17 -42.75 74.95
CA TYR Q 87 41.36 -42.78 73.72
C TYR Q 87 39.87 -42.91 74.08
N TYR Q 88 39.02 -42.06 73.52
CA TYR Q 88 37.56 -42.09 73.80
C TYR Q 88 36.82 -42.41 72.51
N CYS Q 89 35.88 -43.37 72.54
CA CYS Q 89 35.06 -43.63 71.32
C CYS Q 89 33.93 -42.59 71.24
N GLN Q 90 33.03 -42.73 70.27
CA GLN Q 90 32.01 -41.71 70.07
C GLN Q 90 30.88 -42.18 69.16
N GLN Q 91 29.64 -42.06 69.64
CA GLN Q 91 28.48 -42.40 68.77
C GLN Q 91 27.73 -41.12 68.38
N SER Q 92 27.44 -40.93 67.08
CA SER Q 92 26.66 -39.81 66.60
C SER Q 92 25.35 -40.26 65.97
N TYR Q 93 24.86 -41.42 66.41
CA TYR Q 93 23.71 -42.05 65.80
C TYR Q 93 22.43 -41.30 66.12
N SER Q 94 22.14 -41.14 67.40
CA SER Q 94 20.94 -40.47 67.86
C SER Q 94 21.30 -39.28 68.72
N THR Q 95 20.29 -38.64 69.21
CA THR Q 95 20.43 -37.70 70.31
C THR Q 95 19.84 -38.33 71.56
N PRO Q 96 20.54 -38.38 72.70
CA PRO Q 96 21.85 -37.84 73.07
C PRO Q 96 23.07 -38.61 72.54
N ARG Q 97 24.13 -37.86 72.31
CA ARG Q 97 25.42 -38.47 72.04
C ARG Q 97 26.07 -38.83 73.35
N THR Q 98 26.68 -40.00 73.41
CA THR Q 98 27.52 -40.37 74.54
C THR Q 98 28.88 -40.73 74.00
N PHE Q 99 29.87 -40.65 74.88
CA PHE Q 99 31.23 -40.99 74.53
C PHE Q 99 31.62 -42.16 75.41
N GLY Q 100 32.64 -42.90 75.01
CA GLY Q 100 33.12 -43.98 75.85
C GLY Q 100 33.79 -43.45 77.10
N GLN Q 101 34.05 -44.35 78.04
CA GLN Q 101 34.67 -43.91 79.30
C GLN Q 101 36.15 -43.63 79.14
N GLY Q 102 36.76 -44.00 78.02
CA GLY Q 102 38.16 -43.71 77.80
C GLY Q 102 39.02 -44.94 77.98
N THR Q 103 40.11 -45.00 77.24
CA THR Q 103 41.09 -46.05 77.38
C THR Q 103 42.47 -45.43 77.38
N LYS Q 104 43.16 -45.53 78.50
CA LYS Q 104 44.48 -44.94 78.66
C LYS Q 104 45.53 -45.97 78.29
N VAL Q 105 46.14 -45.78 77.13
CA VAL Q 105 47.29 -46.58 76.72
C VAL Q 105 48.53 -45.92 77.30
N GLU Q 106 49.31 -46.68 78.05
CA GLU Q 106 50.37 -46.10 78.86
C GLU Q 106 51.54 -47.06 78.92
N ILE Q 107 52.71 -46.51 79.25
CA ILE Q 107 53.97 -47.24 79.09
C ILE Q 107 54.14 -48.25 80.21
N LYS Q 108 54.45 -49.49 79.83
CA LYS Q 108 54.59 -50.58 80.77
C LYS Q 108 55.92 -50.51 81.51
N GLU R 1 -80.27 -6.08 1.02
CA GLU R 1 -79.72 -5.42 2.21
C GLU R 1 -79.34 -6.43 3.28
N VAL R 2 -80.36 -6.92 4.00
CA VAL R 2 -80.18 -7.66 5.24
C VAL R 2 -81.24 -8.74 5.37
N GLN R 3 -80.83 -9.92 5.84
CA GLN R 3 -81.80 -11.03 6.10
C GLN R 3 -81.86 -11.19 7.62
N LEU R 4 -82.98 -11.65 8.18
CA LEU R 4 -83.10 -11.72 9.67
C LEU R 4 -83.22 -13.16 10.15
N LEU R 5 -82.49 -13.51 11.21
CA LEU R 5 -82.54 -14.88 11.80
C LEU R 5 -83.86 -15.08 12.56
N GLU R 6 -84.22 -16.33 12.84
CA GLU R 6 -85.51 -16.63 13.53
C GLU R 6 -85.50 -15.96 14.92
N GLN R 7 -86.67 -15.48 15.38
CA GLN R 7 -86.71 -14.72 16.66
C GLN R 7 -86.24 -15.59 17.84
N SER R 8 -86.70 -16.84 17.94
CA SER R 8 -86.19 -17.75 19.00
C SER R 8 -86.18 -19.21 18.52
N GLY R 9 -86.19 -19.45 17.21
CA GLY R 9 -86.28 -20.83 16.70
C GLY R 9 -87.57 -21.50 17.15
N ALA R 10 -87.48 -22.71 17.72
CA ALA R 10 -88.69 -23.36 18.27
C ALA R 10 -88.55 -23.49 19.79
N GLU R 11 -89.50 -22.92 20.55
CA GLU R 11 -89.44 -23.00 22.03
C GLU R 11 -90.80 -23.49 22.57
N VAL R 12 -90.78 -24.50 23.45
CA VAL R 12 -92.05 -24.95 24.10
C VAL R 12 -91.83 -24.92 25.61
N LYS R 13 -92.64 -24.14 26.34
CA LYS R 13 -92.55 -24.14 27.83
C LYS R 13 -93.93 -24.41 28.40
N LYS R 14 -94.10 -25.49 29.17
CA LYS R 14 -95.42 -25.84 29.75
C LYS R 14 -95.78 -24.81 30.82
N PRO R 15 -97.04 -24.64 31.31
CA PRO R 15 -97.29 -23.65 32.36
C PRO R 15 -96.37 -23.87 33.55
N GLY R 16 -96.08 -22.78 34.27
CA GLY R 16 -95.03 -22.80 35.26
C GLY R 16 -93.63 -22.64 34.74
N ALA R 17 -93.44 -21.82 33.71
CA ALA R 17 -92.14 -21.57 33.12
C ALA R 17 -92.05 -20.14 32.60
N SER R 18 -90.91 -19.80 32.01
CA SER R 18 -90.69 -18.51 31.37
C SER R 18 -89.60 -18.67 30.32
N VAL R 19 -89.64 -17.83 29.28
CA VAL R 19 -88.84 -18.08 28.09
C VAL R 19 -88.19 -16.79 27.60
N ARG R 20 -86.88 -16.87 27.35
CA ARG R 20 -86.13 -15.82 26.67
C ARG R 20 -86.32 -15.94 25.17
N VAL R 21 -86.17 -14.83 24.47
CA VAL R 21 -86.25 -14.81 23.00
C VAL R 21 -85.04 -14.09 22.47
N SER R 22 -84.16 -14.82 21.78
CA SER R 22 -82.88 -14.31 21.32
C SER R 22 -82.90 -14.16 19.81
N CYS R 23 -82.95 -12.92 19.34
CA CYS R 23 -83.09 -12.60 17.93
C CYS R 23 -81.76 -12.06 17.41
N LYS R 24 -81.12 -12.80 16.51
CA LYS R 24 -79.87 -12.34 15.95
C LYS R 24 -80.09 -11.79 14.54
N VAL R 25 -79.03 -11.23 13.95
CA VAL R 25 -79.13 -10.53 12.69
C VAL R 25 -78.04 -11.04 11.76
N SER R 26 -78.05 -10.53 10.53
CA SER R 26 -76.98 -10.80 9.57
C SER R 26 -76.94 -9.62 8.60
N GLY R 27 -75.73 -9.29 8.15
CA GLY R 27 -75.53 -8.18 7.24
C GLY R 27 -75.50 -6.82 7.91
N TYR R 28 -76.00 -6.72 9.13
CA TYR R 28 -75.74 -5.57 9.99
C TYR R 28 -75.02 -6.01 11.25
N THR R 29 -74.69 -5.05 12.10
CA THR R 29 -74.24 -5.32 13.45
C THR R 29 -75.35 -4.88 14.40
N LEU R 30 -75.42 -5.55 15.55
CA LEU R 30 -76.57 -5.37 16.43
C LEU R 30 -76.81 -3.92 16.80
N PRO R 31 -75.86 -3.20 17.42
CA PRO R 31 -76.19 -1.84 17.86
C PRO R 31 -75.90 -0.77 16.84
N GLU R 32 -76.21 -1.00 15.57
CA GLU R 32 -76.44 0.08 14.63
C GLU R 32 -77.91 0.26 14.30
N VAL R 33 -78.77 -0.61 14.83
CA VAL R 33 -80.18 -0.63 14.47
C VAL R 33 -80.95 -1.15 15.67
N ALA R 34 -82.16 -0.63 15.86
CA ALA R 34 -82.94 -0.89 17.05
C ALA R 34 -83.92 -2.02 16.81
N MET R 35 -84.10 -2.90 17.79
CA MET R 35 -85.06 -3.99 17.68
C MET R 35 -86.41 -3.57 18.24
N HIS R 36 -87.39 -4.45 18.07
CA HIS R 36 -88.76 -4.21 18.47
C HIS R 36 -89.46 -5.55 18.59
N TRP R 37 -90.62 -5.55 19.24
CA TRP R 37 -91.36 -6.78 19.45
C TRP R 37 -92.85 -6.51 19.34
N VAL R 38 -93.59 -7.49 18.82
CA VAL R 38 -95.04 -7.36 18.68
C VAL R 38 -95.67 -8.70 19.04
N ARG R 39 -96.67 -8.66 19.91
CA ARG R 39 -97.50 -9.83 20.12
C ARG R 39 -98.42 -10.04 18.93
N GLN R 40 -98.47 -11.28 18.42
CA GLN R 40 -99.40 -11.63 17.32
C GLN R 40 -100.06 -12.97 17.67
N ALA R 41 -101.30 -12.94 18.16
CA ALA R 41 -102.01 -14.16 18.52
C ALA R 41 -102.71 -14.72 17.30
N PRO R 42 -102.62 -16.02 17.04
CA PRO R 42 -103.23 -16.57 15.83
C PRO R 42 -104.73 -16.30 15.79
N GLY R 43 -105.23 -15.98 14.60
CA GLY R 43 -106.60 -15.56 14.47
C GLY R 43 -106.90 -14.24 15.12
N LYS R 44 -105.87 -13.45 15.41
CA LYS R 44 -106.02 -12.18 16.09
C LYS R 44 -105.07 -11.17 15.46
N GLY R 45 -104.93 -10.01 16.09
CA GLY R 45 -104.15 -8.92 15.52
C GLY R 45 -102.82 -8.68 16.22
N LEU R 46 -102.28 -7.49 15.96
CA LEU R 46 -100.96 -7.11 16.47
C LEU R 46 -101.08 -6.42 17.82
N GLU R 47 -100.14 -6.74 18.71
CA GLU R 47 -99.97 -6.04 19.98
C GLU R 47 -98.49 -5.76 20.14
N TRP R 48 -98.09 -4.50 20.12
CA TRP R 48 -96.69 -4.16 20.12
C TRP R 48 -96.08 -4.40 21.50
N MET R 49 -94.76 -4.57 21.52
CA MET R 49 -94.10 -5.08 22.71
C MET R 49 -92.63 -4.69 22.68
N GLY R 50 -92.01 -4.68 23.85
CA GLY R 50 -90.58 -4.45 23.94
C GLY R 50 -90.17 -3.16 23.27
N GLY R 51 -89.23 -3.25 22.35
CA GLY R 51 -88.88 -2.13 21.50
C GLY R 51 -87.81 -1.22 22.10
N PHE R 52 -87.13 -0.51 21.22
CA PHE R 52 -86.14 0.50 21.60
C PHE R 52 -86.68 1.86 21.21
N ASP R 53 -86.27 2.90 21.94
CA ASP R 53 -86.77 4.24 21.68
C ASP R 53 -85.71 5.06 20.97
N PRO R 54 -85.95 5.51 19.74
CA PRO R 54 -84.98 6.42 19.10
C PRO R 54 -84.74 7.68 19.91
N GLU R 55 -85.81 8.26 20.45
CA GLU R 55 -85.65 9.37 21.40
C GLU R 55 -85.21 8.83 22.74
N ASP R 56 -84.51 9.67 23.50
CA ASP R 56 -84.17 9.38 24.90
C ASP R 56 -83.21 8.20 25.03
N GLY R 57 -83.01 7.45 23.95
CA GLY R 57 -82.06 6.36 23.92
C GLY R 57 -82.41 5.14 24.74
N GLU R 58 -83.54 5.15 25.43
CA GLU R 58 -83.92 3.99 26.23
C GLU R 58 -84.47 2.87 25.35
N THR R 59 -84.46 1.66 25.90
CA THR R 59 -85.14 0.52 25.32
C THR R 59 -86.55 0.51 25.90
N MET R 60 -87.55 0.73 25.06
CA MET R 60 -88.91 0.85 25.54
C MET R 60 -89.43 -0.48 26.08
N TYR R 61 -90.47 -0.38 26.89
CA TYR R 61 -91.24 -1.52 27.35
C TYR R 61 -92.72 -1.13 27.35
N ALA R 62 -93.52 -1.92 26.64
CA ALA R 62 -94.94 -1.61 26.51
C ALA R 62 -95.57 -1.51 27.89
N GLN R 63 -96.21 -0.36 28.16
CA GLN R 63 -96.71 -0.08 29.50
C GLN R 63 -97.67 -1.16 29.99
N LYS R 64 -98.61 -1.57 29.13
CA LYS R 64 -99.53 -2.64 29.51
C LYS R 64 -98.78 -3.88 29.97
N PHE R 65 -97.75 -4.27 29.22
CA PHE R 65 -96.95 -5.44 29.54
C PHE R 65 -95.68 -5.12 30.31
N GLN R 66 -95.50 -3.86 30.69
CA GLN R 66 -94.25 -3.44 31.33
C GLN R 66 -93.99 -4.22 32.60
N GLY R 67 -92.72 -4.56 32.82
CA GLY R 67 -92.28 -5.25 34.02
C GLY R 67 -92.35 -6.75 33.94
N ARG R 68 -93.20 -7.31 33.09
CA ARG R 68 -93.25 -8.75 32.90
C ARG R 68 -92.20 -9.26 31.92
N VAL R 69 -91.82 -8.43 30.94
CA VAL R 69 -90.86 -8.81 29.92
C VAL R 69 -89.68 -7.84 29.95
N THR R 70 -88.48 -8.38 29.80
CA THR R 70 -87.27 -7.59 29.82
C THR R 70 -86.42 -7.93 28.61
N MET R 71 -85.44 -7.08 28.33
CA MET R 71 -84.56 -7.24 27.17
C MET R 71 -83.13 -6.93 27.56
N THR R 72 -82.19 -7.71 27.03
CA THR R 72 -80.76 -7.44 27.12
C THR R 72 -80.15 -7.58 25.74
N GLU R 73 -78.90 -7.15 25.59
CA GLU R 73 -78.24 -7.09 24.30
C GLU R 73 -76.77 -7.50 24.45
N ASP R 74 -76.30 -8.37 23.56
CA ASP R 74 -74.88 -8.62 23.38
C ASP R 74 -74.50 -8.12 22.00
N THR R 75 -73.74 -7.02 21.96
CA THR R 75 -73.50 -6.31 20.71
C THR R 75 -72.68 -7.14 19.73
N SER R 76 -71.66 -7.84 20.22
CA SER R 76 -70.76 -8.56 19.31
C SER R 76 -71.43 -9.80 18.73
N THR R 77 -72.13 -10.57 19.55
CA THR R 77 -72.78 -11.79 19.08
C THR R 77 -74.19 -11.52 18.56
N ASP R 78 -74.65 -10.27 18.61
CA ASP R 78 -75.92 -9.86 18.01
C ASP R 78 -77.13 -10.56 18.65
N THR R 79 -76.96 -10.98 19.91
CA THR R 79 -78.00 -11.72 20.62
C THR R 79 -78.79 -10.77 21.50
N ALA R 80 -80.07 -10.59 21.18
CA ALA R 80 -80.97 -9.77 21.99
C ALA R 80 -82.04 -10.67 22.60
N TYR R 81 -81.98 -10.83 23.92
CA TYR R 81 -82.83 -11.76 24.63
C TYR R 81 -84.09 -11.07 25.14
N MET R 82 -85.23 -11.57 24.72
CA MET R 82 -86.52 -11.11 25.23
C MET R 82 -87.08 -12.17 26.17
N GLU R 83 -87.06 -11.86 27.46
CA GLU R 83 -87.53 -12.78 28.50
C GLU R 83 -88.93 -12.36 28.93
N LEU R 84 -89.92 -13.19 28.63
CA LEU R 84 -91.27 -13.03 29.14
C LEU R 84 -91.47 -14.00 30.29
N SER R 85 -92.20 -13.56 31.31
CA SER R 85 -92.31 -14.29 32.55
C SER R 85 -93.77 -14.42 32.97
N SER R 86 -94.00 -15.30 33.93
CA SER R 86 -95.30 -15.46 34.59
C SER R 86 -96.40 -15.78 33.57
N LEU R 87 -96.30 -17.00 33.01
CA LEU R 87 -97.19 -17.43 31.95
C LEU R 87 -98.66 -17.28 32.35
N ARG R 88 -99.49 -16.85 31.40
CA ARG R 88 -100.92 -16.69 31.62
C ARG R 88 -101.69 -17.31 30.46
N SER R 89 -103.02 -17.23 30.51
CA SER R 89 -103.87 -17.86 29.51
C SER R 89 -103.59 -17.37 28.10
N GLU R 90 -103.89 -16.11 27.81
CA GLU R 90 -103.89 -15.58 26.46
C GLU R 90 -102.51 -15.17 25.97
N ASP R 91 -101.46 -15.39 26.76
CA ASP R 91 -100.15 -14.86 26.40
C ASP R 91 -99.29 -15.85 25.62
N THR R 92 -99.83 -17.01 25.25
CA THR R 92 -99.13 -17.85 24.28
C THR R 92 -99.48 -17.41 22.87
N ALA R 93 -98.48 -16.98 22.10
CA ALA R 93 -98.76 -16.43 20.74
C ALA R 93 -97.47 -16.26 19.95
N VAL R 94 -97.58 -16.05 18.63
CA VAL R 94 -96.38 -15.80 17.79
C VAL R 94 -95.80 -14.44 18.18
N TYR R 95 -94.48 -14.36 18.38
CA TYR R 95 -93.83 -13.07 18.72
C TYR R 95 -92.88 -12.70 17.59
N TYR R 96 -93.01 -11.47 17.05
CA TYR R 96 -92.21 -11.09 15.86
C TYR R 96 -91.05 -10.17 16.24
N CYS R 97 -89.85 -10.48 15.76
CA CYS R 97 -88.66 -9.63 16.05
C CYS R 97 -88.55 -8.59 14.93
N ALA R 98 -88.61 -7.30 15.27
CA ALA R 98 -88.60 -6.27 14.21
C ALA R 98 -87.36 -5.38 14.34
N THR R 99 -87.03 -4.63 13.28
CA THR R 99 -85.86 -3.70 13.29
C THR R 99 -86.23 -2.32 12.72
N THR R 100 -85.89 -1.24 13.42
CA THR R 100 -86.12 0.13 12.89
C THR R 100 -84.85 0.96 13.11
N THR R 101 -84.63 1.99 12.30
CA THR R 101 -83.40 2.81 12.42
C THR R 101 -83.39 3.54 13.77
N PRO R 102 -82.24 3.66 14.45
CA PRO R 102 -82.14 4.41 15.71
C PRO R 102 -81.91 5.90 15.42
N PHE R 103 -81.82 6.26 14.13
CA PHE R 103 -81.60 7.67 13.72
C PHE R 103 -82.88 8.47 13.97
N SER R 104 -83.99 7.81 14.30
CA SER R 104 -85.31 8.45 14.57
C SER R 104 -86.12 8.58 13.28
N SER R 105 -87.36 9.07 13.38
CA SER R 105 -88.25 9.18 12.19
C SER R 105 -88.38 7.81 11.51
N SER R 106 -88.52 6.74 12.30
CA SER R 106 -88.65 5.37 11.75
C SER R 106 -89.61 4.55 12.62
N TYR R 107 -90.88 4.47 12.21
CA TYR R 107 -91.90 3.70 12.97
C TYR R 107 -92.04 2.32 12.31
N TRP R 108 -91.96 2.29 10.98
CA TRP R 108 -92.11 1.01 10.22
C TRP R 108 -91.15 -0.08 10.70
N PHE R 109 -91.64 -1.32 10.81
CA PHE R 109 -90.83 -2.44 11.38
C PHE R 109 -89.75 -2.96 10.42
N ASP R 110 -89.77 -2.56 9.14
CA ASP R 110 -88.66 -2.94 8.22
C ASP R 110 -88.51 -4.48 8.18
N PRO R 111 -87.32 -5.15 8.29
CA PRO R 111 -87.26 -6.62 8.28
C PRO R 111 -87.87 -7.32 9.51
N TRP R 112 -88.25 -8.59 9.35
CA TRP R 112 -88.93 -9.35 10.44
C TRP R 112 -88.17 -10.63 10.78
N GLY R 113 -88.31 -11.14 12.00
CA GLY R 113 -87.65 -12.40 12.41
C GLY R 113 -88.46 -13.62 12.00
N GLN R 114 -89.65 -13.43 11.42
CA GLN R 114 -90.55 -14.52 10.92
C GLN R 114 -91.48 -15.01 12.04
N GLY R 115 -91.23 -14.59 13.29
CA GLY R 115 -92.16 -14.91 14.40
C GLY R 115 -91.89 -16.24 15.08
N THR R 116 -92.20 -16.34 16.38
CA THR R 116 -92.06 -17.64 17.11
C THR R 116 -93.24 -17.80 18.07
N LEU R 117 -93.90 -18.96 18.04
CA LEU R 117 -95.06 -19.21 18.95
C LEU R 117 -94.54 -19.61 20.33
N VAL R 118 -95.12 -19.08 21.41
CA VAL R 118 -94.68 -19.50 22.73
C VAL R 118 -95.72 -20.44 23.32
N THR R 119 -95.52 -20.84 24.58
CA THR R 119 -96.37 -21.84 25.19
C THR R 119 -96.61 -21.47 26.66
N VAL R 120 -97.85 -21.64 27.10
CA VAL R 120 -98.21 -21.33 28.48
C VAL R 120 -98.74 -22.56 29.20
N GLU S 1 39.34 -47.56 -41.61
CA GLU S 1 38.17 -46.68 -41.34
C GLU S 1 37.05 -47.51 -40.74
N VAL S 2 36.37 -48.32 -41.56
CA VAL S 2 35.22 -49.15 -41.08
C VAL S 2 35.56 -50.63 -41.31
N GLN S 3 35.36 -51.47 -40.28
CA GLN S 3 35.60 -52.92 -40.42
C GLN S 3 34.26 -53.66 -40.31
N LEU S 4 33.97 -54.54 -41.28
CA LEU S 4 32.71 -55.32 -41.25
C LEU S 4 32.72 -56.28 -40.06
N LEU S 5 31.58 -56.40 -39.37
CA LEU S 5 31.50 -57.34 -38.21
C LEU S 5 31.52 -58.78 -38.75
N GLU S 6 31.76 -59.76 -37.87
CA GLU S 6 31.86 -61.17 -38.33
C GLU S 6 30.51 -61.58 -38.91
N GLN S 7 30.50 -62.39 -39.96
CA GLN S 7 29.23 -62.74 -40.64
C GLN S 7 28.67 -64.05 -40.05
N SER S 8 28.65 -65.12 -40.85
CA SER S 8 28.12 -66.42 -40.37
C SER S 8 28.98 -66.96 -39.22
N GLY S 9 30.30 -66.78 -39.31
CA GLY S 9 31.21 -67.34 -38.29
C GLY S 9 31.59 -68.76 -38.64
N ALA S 10 31.36 -69.72 -37.74
CA ALA S 10 31.58 -71.14 -38.09
C ALA S 10 30.23 -71.82 -38.31
N GLU S 11 30.00 -72.34 -39.53
CA GLU S 11 28.72 -73.03 -39.83
C GLU S 11 29.00 -74.43 -40.40
N VAL S 12 28.35 -75.46 -39.85
CA VAL S 12 28.50 -76.84 -40.40
C VAL S 12 27.11 -77.30 -40.84
N LYS S 13 26.98 -77.73 -42.10
CA LYS S 13 25.68 -78.18 -42.63
C LYS S 13 25.88 -79.47 -43.43
N LYS S 14 25.47 -80.61 -42.89
CA LYS S 14 25.57 -81.86 -43.64
C LYS S 14 24.64 -81.80 -44.84
N PRO S 15 24.87 -82.61 -45.87
CA PRO S 15 23.97 -82.61 -47.02
C PRO S 15 22.52 -82.81 -46.59
N GLY S 16 21.60 -82.27 -47.38
CA GLY S 16 20.22 -82.18 -46.97
C GLY S 16 19.89 -81.03 -46.05
N ALA S 17 20.51 -79.86 -46.25
CA ALA S 17 20.28 -78.68 -45.45
C ALA S 17 20.44 -77.42 -46.30
N SER S 18 20.27 -76.27 -45.66
CA SER S 18 20.49 -74.98 -46.29
C SER S 18 20.80 -73.96 -45.21
N VAL S 19 21.55 -72.92 -45.56
CA VAL S 19 22.16 -72.05 -44.56
C VAL S 19 22.02 -70.59 -44.96
N ARG S 20 21.54 -69.78 -44.01
CA ARG S 20 21.54 -68.33 -44.12
C ARG S 20 22.91 -67.78 -43.74
N VAL S 21 23.25 -66.61 -44.27
CA VAL S 21 24.50 -65.94 -43.95
C VAL S 21 24.18 -64.50 -43.56
N SER S 22 24.42 -64.17 -42.29
CA SER S 22 24.03 -62.87 -41.73
C SER S 22 25.28 -62.06 -41.45
N CYS S 23 25.50 -61.03 -42.27
CA CYS S 23 26.70 -60.20 -42.21
C CYS S 23 26.33 -58.85 -41.62
N LYS S 24 26.87 -58.55 -40.43
CA LYS S 24 26.60 -57.26 -39.82
C LYS S 24 27.79 -56.34 -40.00
N VAL S 25 27.64 -55.08 -39.57
CA VAL S 25 28.63 -54.05 -39.81
C VAL S 25 28.91 -53.33 -38.51
N SER S 26 29.87 -52.40 -38.55
CA SER S 26 30.14 -51.50 -37.43
C SER S 26 30.73 -50.21 -37.99
N GLY S 27 30.41 -49.10 -37.36
CA GLY S 27 30.89 -47.80 -37.79
C GLY S 27 30.10 -47.20 -38.93
N TYR S 28 29.33 -48.01 -39.64
CA TYR S 28 28.29 -47.52 -40.54
C TYR S 28 26.93 -48.02 -40.10
N THR S 29 25.89 -47.60 -40.81
CA THR S 29 24.57 -48.19 -40.69
C THR S 29 24.29 -48.98 -41.96
N LEU S 30 23.49 -50.02 -41.82
CA LEU S 30 23.33 -50.98 -42.92
C LEU S 30 22.92 -50.32 -44.22
N PRO S 31 21.78 -49.60 -44.31
CA PRO S 31 21.37 -49.11 -45.62
C PRO S 31 21.90 -47.73 -45.94
N GLU S 32 23.16 -47.43 -45.63
CA GLU S 32 23.89 -46.38 -46.32
C GLU S 32 24.91 -46.93 -47.29
N VAL S 33 25.07 -48.24 -47.35
CA VAL S 33 26.12 -48.87 -48.13
C VAL S 33 25.61 -50.24 -48.57
N ALA S 34 26.01 -50.68 -49.76
CA ALA S 34 25.46 -51.87 -50.38
C ALA S 34 26.38 -53.05 -50.11
N MET S 35 25.79 -54.22 -49.85
CA MET S 35 26.56 -55.43 -49.65
C MET S 35 26.74 -56.19 -50.96
N HIS S 36 27.55 -57.24 -50.89
CA HIS S 36 27.90 -58.05 -52.05
C HIS S 36 28.39 -59.40 -51.54
N TRP S 37 28.46 -60.36 -52.46
CA TRP S 37 28.87 -61.70 -52.09
C TRP S 37 29.72 -62.31 -53.20
N VAL S 38 30.69 -63.12 -52.82
CA VAL S 38 31.56 -63.79 -53.79
C VAL S 38 31.82 -65.21 -53.32
N ARG S 39 31.61 -66.17 -54.21
CA ARG S 39 32.06 -67.52 -53.94
C ARG S 39 33.57 -67.61 -54.08
N GLN S 40 34.22 -68.14 -53.05
CA GLN S 40 35.63 -68.49 -53.12
C GLN S 40 35.80 -69.93 -52.66
N ALA S 41 36.20 -70.79 -53.58
CA ALA S 41 36.48 -72.18 -53.25
C ALA S 41 37.96 -72.35 -52.97
N PRO S 42 38.33 -73.04 -51.90
CA PRO S 42 39.75 -73.17 -51.56
C PRO S 42 40.53 -73.81 -52.70
N GLY S 43 41.74 -73.30 -52.93
CA GLY S 43 42.51 -73.73 -54.08
C GLY S 43 41.91 -73.32 -55.40
N LYS S 44 40.99 -72.36 -55.39
CA LYS S 44 40.30 -71.93 -56.60
C LYS S 44 40.16 -70.40 -56.55
N GLY S 45 39.38 -69.86 -57.47
CA GLY S 45 39.27 -68.41 -57.62
C GLY S 45 37.95 -67.84 -57.14
N LEU S 46 37.68 -66.62 -57.58
CA LEU S 46 36.50 -65.88 -57.16
C LEU S 46 35.32 -66.13 -58.10
N GLU S 47 34.13 -66.26 -57.50
CA GLU S 47 32.88 -66.31 -58.24
C GLU S 47 31.92 -65.37 -57.53
N TRP S 48 31.52 -64.29 -58.21
CA TRP S 48 30.72 -63.28 -57.54
C TRP S 48 29.29 -63.76 -57.35
N MET S 49 28.60 -63.15 -56.40
CA MET S 49 27.35 -63.69 -55.92
C MET S 49 26.53 -62.59 -55.26
N GLY S 50 25.22 -62.81 -55.19
CA GLY S 50 24.35 -61.89 -54.47
C GLY S 50 24.49 -60.47 -54.97
N GLY S 51 24.76 -59.55 -54.06
CA GLY S 51 25.10 -58.19 -54.42
C GLY S 51 23.89 -57.29 -54.57
N PHE S 52 24.15 -55.99 -54.41
CA PHE S 52 23.16 -54.94 -54.61
C PHE S 52 23.55 -54.15 -55.85
N ASP S 53 22.55 -53.58 -56.54
CA ASP S 53 22.82 -52.84 -57.76
C ASP S 53 22.72 -51.35 -57.49
N PRO S 54 23.80 -50.59 -57.64
CA PRO S 54 23.68 -49.13 -57.52
C PRO S 54 22.67 -48.54 -58.51
N GLU S 55 22.69 -49.01 -59.74
CA GLU S 55 21.65 -48.64 -60.70
C GLU S 55 20.37 -49.41 -60.38
N ASP S 56 19.22 -48.82 -60.74
CA ASP S 56 17.94 -49.50 -60.69
C ASP S 56 17.51 -49.82 -59.25
N GLY S 57 18.43 -49.68 -58.30
CA GLY S 57 18.12 -49.86 -56.89
C GLY S 57 17.81 -51.27 -56.45
N GLU S 58 17.84 -52.25 -57.36
CA GLU S 58 17.57 -53.62 -56.96
C GLU S 58 18.77 -54.24 -56.26
N THR S 59 18.49 -55.32 -55.53
CA THR S 59 19.53 -56.18 -54.99
C THR S 59 19.78 -57.26 -56.03
N MET S 60 20.98 -57.27 -56.60
CA MET S 60 21.29 -58.19 -57.67
C MET S 60 21.32 -59.63 -57.18
N TYR S 61 21.17 -60.55 -58.14
CA TYR S 61 21.39 -61.97 -57.92
C TYR S 61 22.11 -62.53 -59.13
N ALA S 62 23.25 -63.18 -58.89
CA ALA S 62 24.05 -63.70 -59.98
C ALA S 62 23.23 -64.66 -60.82
N GLN S 63 23.15 -64.37 -62.13
CA GLN S 63 22.27 -65.12 -63.01
C GLN S 63 22.54 -66.62 -62.95
N LYS S 64 23.81 -67.01 -63.04
CA LYS S 64 24.17 -68.42 -62.94
C LYS S 64 23.59 -69.05 -61.68
N PHE S 65 23.72 -68.36 -60.55
CA PHE S 65 23.23 -68.87 -59.27
C PHE S 65 21.86 -68.30 -58.91
N GLN S 66 21.23 -67.54 -59.80
CA GLN S 66 19.98 -66.87 -59.48
C GLN S 66 18.90 -67.87 -59.09
N GLY S 67 18.10 -67.48 -58.09
CA GLY S 67 16.99 -68.28 -57.63
C GLY S 67 17.33 -69.29 -56.56
N ARG S 68 18.58 -69.73 -56.47
CA ARG S 68 19.00 -70.62 -55.41
C ARG S 68 19.33 -69.90 -54.13
N VAL S 69 19.81 -68.66 -54.21
CA VAL S 69 20.21 -67.87 -53.06
C VAL S 69 19.41 -66.58 -53.03
N THR S 70 18.99 -66.19 -51.83
CA THR S 70 18.20 -64.99 -51.63
C THR S 70 18.81 -64.16 -50.52
N MET S 71 18.39 -62.89 -50.45
CA MET S 71 18.92 -61.95 -49.47
C MET S 71 17.78 -61.12 -48.88
N THR S 72 17.86 -60.85 -47.58
CA THR S 72 16.98 -59.92 -46.90
C THR S 72 17.83 -59.01 -46.04
N GLU S 73 17.22 -57.94 -45.53
CA GLU S 73 17.94 -56.90 -44.80
C GLU S 73 17.10 -56.42 -43.62
N ASP S 74 17.73 -56.30 -42.46
CA ASP S 74 17.17 -55.58 -41.32
C ASP S 74 18.04 -54.35 -41.07
N THR S 75 17.48 -53.18 -41.38
CA THR S 75 18.29 -51.97 -41.41
C THR S 75 18.80 -51.58 -40.03
N SER S 76 17.97 -51.72 -39.00
CA SER S 76 18.37 -51.26 -37.67
C SER S 76 19.40 -52.17 -37.05
N THR S 77 19.21 -53.48 -37.14
CA THR S 77 20.15 -54.43 -36.55
C THR S 77 21.28 -54.80 -37.50
N ASP S 78 21.29 -54.24 -38.72
CA ASP S 78 22.39 -54.39 -39.67
C ASP S 78 22.60 -55.85 -40.09
N THR S 79 21.55 -56.65 -40.01
CA THR S 79 21.62 -58.07 -40.33
C THR S 79 21.15 -58.30 -41.75
N ALA S 80 22.06 -58.75 -42.61
CA ALA S 80 21.73 -59.10 -43.99
C ALA S 80 21.93 -60.60 -44.18
N TYR S 81 20.83 -61.32 -44.36
CA TYR S 81 20.84 -62.77 -44.42
C TYR S 81 20.98 -63.26 -45.85
N MET S 82 22.01 -64.04 -46.11
CA MET S 82 22.20 -64.70 -47.39
C MET S 82 21.88 -66.16 -47.23
N GLU S 83 20.74 -66.59 -47.78
CA GLU S 83 20.28 -67.97 -47.70
C GLU S 83 20.58 -68.68 -49.00
N LEU S 84 21.50 -69.65 -48.94
CA LEU S 84 21.76 -70.54 -50.05
C LEU S 84 21.06 -71.87 -49.78
N SER S 85 20.53 -72.48 -50.84
CA SER S 85 19.67 -73.64 -50.69
C SER S 85 20.11 -74.74 -51.64
N SER S 86 19.58 -75.94 -51.40
CA SER S 86 19.75 -77.09 -52.29
C SER S 86 21.23 -77.43 -52.48
N LEU S 87 21.83 -77.92 -51.39
CA LEU S 87 23.26 -78.18 -51.37
C LEU S 87 23.68 -79.11 -52.52
N ARG S 88 24.86 -78.84 -53.10
CA ARG S 88 25.38 -79.69 -54.21
C ARG S 88 26.81 -80.11 -53.86
N SER S 89 27.39 -81.06 -54.60
CA SER S 89 28.73 -81.59 -54.24
C SER S 89 29.81 -80.50 -54.32
N GLU S 90 29.80 -79.67 -55.36
CA GLU S 90 30.85 -78.63 -55.54
C GLU S 90 30.36 -77.29 -54.98
N ASP S 91 29.15 -77.28 -54.41
CA ASP S 91 28.54 -76.02 -53.90
C ASP S 91 29.37 -75.43 -52.74
N THR S 92 29.93 -76.28 -51.87
CA THR S 92 30.62 -75.73 -50.67
C THR S 92 31.77 -74.81 -51.09
N ALA S 93 31.83 -73.61 -50.49
CA ALA S 93 32.93 -72.66 -50.79
C ALA S 93 33.04 -71.65 -49.63
N VAL S 94 34.20 -71.02 -49.47
CA VAL S 94 34.34 -69.95 -48.43
C VAL S 94 33.65 -68.70 -48.98
N TYR S 95 32.74 -68.10 -48.19
CA TYR S 95 31.98 -66.93 -48.70
C TYR S 95 32.46 -65.68 -47.96
N TYR S 96 32.84 -64.64 -48.70
CA TYR S 96 33.38 -63.42 -48.08
C TYR S 96 32.36 -62.29 -48.22
N CYS S 97 32.00 -61.65 -47.11
CA CYS S 97 31.09 -60.48 -47.18
C CYS S 97 31.80 -59.38 -47.96
N ALA S 98 31.09 -58.71 -48.87
CA ALA S 98 31.71 -57.65 -49.70
C ALA S 98 30.79 -56.43 -49.70
N THR S 99 31.29 -55.25 -50.07
CA THR S 99 30.45 -54.02 -49.99
C THR S 99 30.91 -52.99 -51.03
N THR S 100 30.00 -52.32 -51.73
CA THR S 100 30.46 -51.23 -52.63
C THR S 100 29.88 -49.88 -52.18
N THR S 101 30.41 -48.77 -52.69
CA THR S 101 29.96 -47.40 -52.24
C THR S 101 28.54 -47.10 -52.70
N PRO S 102 27.73 -46.36 -51.90
CA PRO S 102 26.37 -45.95 -52.28
C PRO S 102 26.34 -44.91 -53.41
N PHE S 103 27.39 -44.10 -53.56
CA PHE S 103 27.40 -43.00 -54.55
C PHE S 103 27.29 -43.54 -55.97
N SER S 104 27.60 -44.82 -56.20
CA SER S 104 27.53 -45.47 -57.54
C SER S 104 28.81 -45.23 -58.32
N SER S 105 28.89 -45.70 -59.57
CA SER S 105 30.13 -45.59 -60.37
C SER S 105 31.25 -46.29 -59.57
N SER S 106 30.91 -47.38 -58.88
CA SER S 106 31.90 -48.10 -58.04
C SER S 106 31.75 -49.61 -58.30
N TYR S 107 32.84 -50.36 -58.10
CA TYR S 107 32.81 -51.82 -58.35
C TYR S 107 33.66 -52.52 -57.28
N TRP S 108 34.72 -51.85 -56.83
CA TRP S 108 35.67 -52.46 -55.84
C TRP S 108 34.93 -52.98 -54.60
N PHE S 109 35.33 -54.15 -54.08
CA PHE S 109 34.60 -54.79 -52.96
C PHE S 109 34.79 -54.10 -51.61
N ASP S 110 35.75 -53.17 -51.49
CA ASP S 110 35.86 -52.35 -50.24
C ASP S 110 36.15 -53.27 -49.04
N PRO S 111 35.77 -52.99 -47.76
CA PRO S 111 35.97 -53.95 -46.65
C PRO S 111 35.48 -55.39 -46.89
N TRP S 112 35.94 -56.33 -46.07
CA TRP S 112 35.59 -57.77 -46.27
C TRP S 112 35.11 -58.40 -44.97
N GLY S 113 34.26 -59.43 -45.06
CA GLY S 113 33.76 -60.14 -43.86
C GLY S 113 34.81 -61.03 -43.23
N GLN S 114 35.98 -61.19 -43.87
CA GLN S 114 37.12 -62.04 -43.37
C GLN S 114 36.97 -63.49 -43.86
N GLY S 115 35.76 -63.91 -44.24
CA GLY S 115 35.58 -65.25 -44.84
C GLY S 115 34.99 -66.29 -43.92
N THR S 116 33.94 -66.98 -44.38
CA THR S 116 33.30 -68.08 -43.60
C THR S 116 33.08 -69.26 -44.54
N LEU S 117 33.23 -70.49 -44.07
CA LEU S 117 33.12 -71.66 -44.99
C LEU S 117 31.79 -72.38 -44.76
N VAL S 118 30.95 -72.48 -45.79
CA VAL S 118 29.68 -73.25 -45.68
C VAL S 118 30.01 -74.74 -45.85
N THR S 119 29.11 -75.63 -45.46
CA THR S 119 29.35 -77.09 -45.68
C THR S 119 28.18 -77.69 -46.45
N VAL S 120 28.44 -78.65 -47.34
CA VAL S 120 27.35 -79.34 -48.09
C VAL S 120 27.28 -80.80 -47.61
C1 NAG T . 18.78 79.78 -11.69
C2 NAG T . 19.63 80.82 -10.96
C3 NAG T . 21.05 80.30 -10.81
C4 NAG T . 21.01 78.98 -10.06
C5 NAG T . 20.11 78.00 -10.81
C6 NAG T . 20.01 76.67 -10.07
C7 NAG T . 18.85 83.09 -11.36
C8 NAG T . 18.38 83.96 -12.49
N2 NAG T . 19.63 82.07 -11.70
O3 NAG T . 21.83 81.24 -10.08
O4 NAG T . 22.34 78.44 -9.95
O5 NAG T . 18.80 78.55 -10.95
O6 NAG T . 19.36 76.87 -8.81
O7 NAG T . 18.55 83.31 -10.20
C1 NAG T . 22.68 78.33 -8.57
C2 NAG T . 23.64 77.17 -8.34
C3 NAG T . 23.95 77.04 -6.86
C4 NAG T . 24.52 78.36 -6.36
C5 NAG T . 23.52 79.47 -6.64
C6 NAG T . 24.08 80.82 -6.18
C7 NAG T . 23.61 75.27 -9.84
C8 NAG T . 23.81 73.80 -9.63
N2 NAG T . 23.06 75.93 -8.83
O3 NAG T . 24.90 75.99 -6.65
O4 NAG T . 24.75 78.27 -4.95
O5 NAG T . 23.25 79.54 -8.04
O6 NAG T . 25.25 81.14 -6.93
O7 NAG T . 23.92 75.81 -10.89
C1 NAG U . 34.93 65.42 -12.62
C2 NAG U . 35.09 66.07 -11.25
C3 NAG U . 36.54 65.98 -10.80
C4 NAG U . 36.97 64.52 -10.81
C5 NAG U . 36.74 63.93 -12.19
C6 NAG U . 37.14 62.46 -12.23
C7 NAG U . 33.48 67.83 -10.81
C8 NAG U . 33.07 69.24 -11.15
N2 NAG U . 34.67 67.46 -11.28
O3 NAG U . 36.68 66.52 -9.48
O4 NAG U . 38.36 64.42 -10.46
O5 NAG U . 35.37 64.07 -12.58
O6 NAG U . 36.26 61.71 -11.38
O7 NAG U . 32.77 67.09 -10.15
C1 NAG U . 38.50 63.58 -9.30
C2 NAG U . 39.88 62.94 -9.32
C3 NAG U . 40.03 62.04 -8.10
C4 NAG U . 39.79 62.87 -6.84
C5 NAG U . 38.42 63.51 -6.92
C6 NAG U . 38.16 64.38 -5.69
C7 NAG U . 40.78 62.63 -11.56
C8 NAG U . 40.88 61.72 -12.75
N2 NAG U . 40.08 62.16 -10.52
O3 NAG U . 41.36 61.49 -8.06
O4 NAG U . 39.87 62.02 -5.69
O5 NAG U . 38.32 64.32 -8.09
O6 NAG U . 39.07 65.48 -5.69
O7 NAG U . 41.33 63.72 -11.53
C1 NAG V . 7.88 95.84 -18.94
C2 NAG V . 8.28 97.07 -18.14
C3 NAG V . 8.73 98.17 -19.09
C4 NAG V . 9.88 97.65 -19.95
C5 NAG V . 9.42 96.40 -20.69
C6 NAG V . 10.55 95.82 -21.53
C7 NAG V . 7.06 97.24 -16.05
C8 NAG V . 6.26 98.21 -15.22
N2 NAG V . 7.16 97.53 -17.35
O3 NAG V . 9.16 99.30 -18.34
O4 NAG V . 10.27 98.66 -20.88
O5 NAG V . 8.98 95.41 -19.76
O6 NAG V . 10.89 96.70 -22.59
O7 NAG V . 7.57 96.25 -15.56
C1 NAG V . 11.61 99.09 -20.55
C2 NAG V . 12.16 99.98 -21.66
C3 NAG V . 13.59 100.37 -21.32
C4 NAG V . 13.61 101.05 -19.96
C5 NAG V . 13.00 100.13 -18.92
C6 NAG V . 13.00 100.79 -17.55
C7 NAG V . 11.25 99.65 -23.88
C8 NAG V . 11.18 98.74 -25.07
N2 NAG V . 12.11 99.30 -22.93
O3 NAG V . 14.10 101.25 -22.32
O4 NAG V . 14.96 101.37 -19.61
O5 NAG V . 11.67 99.77 -19.29
O6 NAG V . 12.15 101.95 -17.59
O7 NAG V . 10.56 100.64 -23.79
C1 NAG W . -20.18 70.91 -37.06
C2 NAG W . -21.45 71.71 -37.37
C3 NAG W . -22.10 72.15 -36.07
C4 NAG W . -22.39 70.93 -35.21
C5 NAG W . -21.09 70.17 -34.98
C6 NAG W . -21.34 68.91 -34.15
C7 NAG W . -21.31 72.87 -39.50
C8 NAG W . -20.34 73.71 -40.29
N2 NAG W . -21.14 72.86 -38.19
O3 NAG W . -23.33 72.84 -36.35
O4 NAG W . -22.96 71.32 -33.96
O5 NAG W . -20.51 69.80 -36.23
O6 NAG W . -22.14 67.99 -34.90
O7 NAG W . -22.18 72.21 -40.04
C1 NAG W . -24.31 70.81 -33.90
C2 NAG W . -24.70 70.53 -32.45
C3 NAG W . -26.10 69.94 -32.43
C4 NAG W . -27.05 70.92 -33.11
C5 NAG W . -26.57 71.19 -34.53
C6 NAG W . -27.49 72.19 -35.23
C7 NAG W . -22.94 69.97 -30.88
C8 NAG W . -22.66 68.94 -29.83
N2 NAG W . -23.77 69.59 -31.84
O3 NAG W . -26.52 69.73 -31.07
O4 NAG W . -28.38 70.35 -33.14
O5 NAG W . -25.25 71.70 -34.50
O6 NAG W . -27.41 73.45 -34.57
O7 NAG W . -22.45 71.08 -30.85
C1 NAG X . -22.54 73.19 -14.07
C2 NAG X . -22.83 74.61 -13.60
C3 NAG X . -23.63 74.57 -12.31
C4 NAG X . -24.90 73.77 -12.52
C5 NAG X . -24.54 72.37 -13.02
C6 NAG X . -25.81 71.57 -13.31
C7 NAG X . -21.17 76.24 -14.28
C8 NAG X . -20.15 77.23 -13.78
N2 NAG X . -21.62 75.37 -13.38
O3 NAG X . -23.97 75.90 -11.90
O4 NAG X . -25.63 73.68 -11.30
O5 NAG X . -23.77 72.49 -14.21
O6 NAG X . -25.46 70.26 -13.75
O7 NAG X . -21.56 76.24 -15.44
C1 NAG X . -26.96 74.21 -11.50
C2 NAG X . -27.96 73.53 -10.58
C3 NAG X . -29.35 74.07 -10.85
C4 NAG X . -29.34 75.58 -10.68
C5 NAG X . -28.29 76.19 -11.59
C6 NAG X . -28.22 77.71 -11.41
C7 NAG X . -27.30 71.27 -9.96
C8 NAG X . -27.61 69.81 -10.13
N2 NAG X . -27.94 72.10 -10.79
O3 NAG X . -30.28 73.49 -9.94
O4 NAG X . -30.62 76.12 -10.98
O5 NAG X . -27.00 75.63 -11.31
O6 NAG X . -27.72 78.01 -10.11
O7 NAG X . -26.53 71.68 -9.12
C1 NAG Y . -13.81 77.89 -56.45
C2 NAG Y . -15.43 77.83 -56.24
C3 NAG Y . -16.12 79.16 -56.43
C4 NAG Y . -15.58 80.12 -55.40
C5 NAG Y . -14.07 80.19 -55.60
C6 NAG Y . -13.43 81.09 -54.54
C7 NAG Y . -16.65 75.71 -56.44
C8 NAG Y . -17.07 74.62 -57.37
N2 NAG Y . -16.08 76.78 -57.01
O3 NAG Y . -17.54 79.01 -56.25
O4 NAG Y . -16.17 81.41 -55.59
O5 NAG Y . -13.49 78.89 -55.46
O6 NAG Y . -13.62 82.47 -54.90
O7 NAG Y . -16.79 75.63 -55.23
C1 NAG Y . -16.73 81.88 -54.36
C2 NAG Y . -17.07 83.36 -54.46
C3 NAG Y . -17.59 83.85 -53.11
C4 NAG Y . -18.79 83.02 -52.71
C5 NAG Y . -18.39 81.54 -52.67
C6 NAG Y . -19.58 80.67 -52.29
C7 NAG Y . -15.75 84.57 -56.10
C8 NAG Y . -14.45 85.26 -56.38
N2 NAG Y . -15.90 84.13 -54.85
O3 NAG Y . -17.97 85.23 -53.23
O4 NAG Y . -19.25 83.43 -51.42
O5 NAG Y . -17.88 81.14 -53.95
O6 NAG Y . -20.59 80.76 -53.31
O7 NAG Y . -16.60 84.41 -56.96
C1 NAG Z . 4.85 73.35 -65.70
C2 NAG Z . 4.91 72.84 -67.13
C3 NAG Z . 6.26 72.15 -67.36
C4 NAG Z . 7.37 73.14 -67.05
C5 NAG Z . 7.22 73.64 -65.63
C6 NAG Z . 8.30 74.67 -65.29
C7 NAG Z . 2.70 72.29 -67.98
C8 NAG Z . 1.63 71.24 -68.07
N2 NAG Z . 3.83 71.91 -67.39
O3 NAG Z . 6.36 71.73 -68.73
O4 NAG Z . 8.63 72.47 -67.18
O5 NAG Z . 5.94 74.24 -65.45
O6 NAG Z . 8.08 75.85 -66.06
O7 NAG Z . 2.55 73.41 -68.42
C1 NAG Z . 9.37 73.09 -68.26
C2 NAG Z . 10.87 72.91 -68.02
C3 NAG Z . 11.65 73.57 -69.14
C4 NAG Z . 11.21 72.97 -70.46
C5 NAG Z . 9.70 73.15 -70.62
C6 NAG Z . 9.22 72.53 -71.93
C7 NAG Z . 11.47 72.74 -65.66
C8 NAG Z . 12.89 72.30 -65.45
N2 NAG Z . 11.25 73.48 -66.74
O3 NAG Z . 13.05 73.35 -68.95
O4 NAG Z . 11.89 73.64 -71.54
O5 NAG Z . 9.02 72.53 -69.52
O6 NAG Z . 9.38 71.11 -71.88
O7 NAG Z . 10.57 72.41 -64.90
C1 NAG AA . 17.44 -17.82 -15.46
C2 NAG AA . 17.24 -16.84 -14.31
C3 NAG AA . 18.18 -15.66 -14.50
C4 NAG AA . 19.61 -16.17 -14.58
C5 NAG AA . 19.71 -17.18 -15.72
C6 NAG AA . 21.13 -17.74 -15.81
C7 NAG AA . 15.00 -16.88 -13.38
C8 NAG AA . 13.62 -16.29 -13.40
N2 NAG AA . 15.87 -16.39 -14.25
O3 NAG AA . 18.05 -14.76 -13.39
O4 NAG AA . 20.48 -15.07 -14.84
O5 NAG AA . 18.80 -18.25 -15.50
O6 NAG AA . 21.41 -18.52 -14.64
O7 NAG AA . 15.30 -17.78 -12.61
C1 NAG AA . 21.31 -14.85 -13.67
C2 NAG AA . 22.65 -14.27 -14.10
C3 NAG AA . 23.53 -14.06 -12.87
C4 NAG AA . 22.79 -13.16 -11.90
C5 NAG AA . 21.45 -13.78 -11.55
C6 NAG AA . 20.66 -12.88 -10.59
C7 NAG AA . 23.33 -14.94 -16.35
C8 NAG AA . 23.96 -16.01 -17.19
N2 NAG AA . 23.32 -15.16 -15.04
O3 NAG AA . 24.77 -13.44 -13.26
O4 NAG AA . 23.57 -12.99 -10.72
O5 NAG AA . 20.68 -13.97 -12.73
O6 NAG AA . 20.31 -11.66 -11.25
O7 NAG AA . 22.85 -13.92 -16.83
C1 NAG BA . 21.90 55.14 -52.10
C2 NAG BA . 22.56 54.96 -53.46
C3 NAG BA . 21.69 54.07 -54.32
C4 NAG BA . 21.46 52.75 -53.60
C5 NAG BA . 20.84 53.01 -52.23
C6 NAG BA . 20.63 51.71 -51.47
C7 NAG BA . 23.93 56.85 -54.11
C8 NAG BA . 23.88 58.36 -54.05
N2 NAG BA . 22.75 56.24 -54.11
O3 NAG BA . 22.32 53.83 -55.58
O4 NAG BA . 20.60 51.90 -54.37
O5 NAG BA . 21.69 53.88 -51.48
O6 NAG BA . 21.91 51.13 -51.16
O7 NAG BA . 24.98 56.24 -54.14
C1 NAG BA . 21.33 50.73 -54.76
C2 NAG BA . 20.39 49.54 -54.88
C3 NAG BA . 21.19 48.30 -55.26
C4 NAG BA . 21.95 48.57 -56.55
C5 NAG BA . 22.84 49.80 -56.36
C6 NAG BA . 23.60 50.11 -57.65
C7 NAG BA . 18.40 49.64 -53.50
C8 NAG BA . 17.58 48.68 -52.71
N2 NAG BA . 19.69 49.32 -53.64
O3 NAG BA . 20.30 47.19 -55.44
O4 NAG BA . 22.77 47.44 -56.87
O5 NAG BA . 22.04 50.92 -55.99
O6 NAG BA . 22.67 50.47 -58.67
O7 NAG BA . 17.94 50.66 -53.98
C1 NAG CA . 4.55 46.80 -59.21
C2 NAG CA . 4.72 48.16 -59.85
C3 NAG CA . 4.48 48.04 -61.35
C4 NAG CA . 5.44 47.01 -61.93
C5 NAG CA . 5.24 45.68 -61.20
C6 NAG CA . 6.20 44.62 -61.72
C7 NAG CA . 2.49 48.81 -59.12
C8 NAG CA . 1.60 49.03 -60.31
N2 NAG CA . 3.77 49.11 -59.29
O3 NAG CA . 4.70 49.30 -61.98
O4 NAG CA . 5.17 46.83 -63.33
O5 NAG CA . 5.45 45.86 -59.80
O6 NAG CA . 7.55 45.00 -61.41
O7 NAG CA . 2.06 48.36 -58.06
C1 NAG CA . 6.38 47.07 -64.07
C2 NAG CA . 6.34 46.28 -65.38
C3 NAG CA . 7.62 46.52 -66.16
C4 NAG CA . 7.80 48.02 -66.37
C5 NAG CA . 7.80 48.73 -65.02
C6 NAG CA . 7.95 50.24 -65.21
C7 NAG CA . 4.98 44.28 -65.27
C8 NAG CA . 4.95 42.80 -64.97
N2 NAG CA . 6.15 44.87 -65.13
O3 NAG CA . 7.56 45.85 -67.42
O4 NAG CA . 9.05 48.26 -67.04
O5 NAG CA . 6.58 48.45 -64.34
O6 NAG CA . 6.79 50.74 -65.91
O7 NAG CA . 3.98 44.89 -65.61
C1 NAG DA . 32.72 69.66 -51.41
C2 NAG DA . 31.68 68.66 -51.91
C3 NAG DA . 32.36 67.64 -52.82
C4 NAG DA . 33.06 68.37 -53.96
C5 NAG DA . 34.05 69.38 -53.38
C6 NAG DA . 34.74 70.16 -54.48
C7 NAG DA . 29.84 68.34 -50.35
C8 NAG DA . 29.30 67.53 -49.21
N2 NAG DA . 31.05 67.98 -50.80
O3 NAG DA . 31.38 66.74 -53.35
O4 NAG DA . 33.76 67.42 -54.76
O5 NAG DA . 33.36 70.29 -52.51
O6 NAG DA . 33.78 70.97 -55.17
O7 NAG DA . 29.23 69.28 -50.83
C1 NAG DA . 33.31 67.54 -56.12
C2 NAG DA . 34.44 67.14 -57.08
C3 NAG DA . 33.96 67.30 -58.51
C4 NAG DA . 32.71 66.47 -58.71
C5 NAG DA . 31.64 66.90 -57.71
C6 NAG DA . 30.38 66.07 -57.87
C7 NAG DA . 36.66 67.50 -56.16
C8 NAG DA . 37.80 68.45 -56.00
N2 NAG DA . 35.62 67.95 -56.85
O3 NAG DA . 34.99 66.86 -59.40
O4 NAG DA . 32.22 66.66 -60.05
O5 NAG DA . 32.15 66.75 -56.38
O6 NAG DA . 30.66 64.70 -57.52
O7 NAG DA . 36.69 66.37 -55.68
C1 NAG EA . 33.56 87.43 -35.16
C2 NAG EA . 34.90 87.97 -34.68
C3 NAG EA . 34.73 88.55 -33.28
C4 NAG EA . 33.66 89.63 -33.33
C5 NAG EA . 32.36 89.03 -33.86
C6 NAG EA . 31.27 90.10 -33.97
C7 NAG EA . 36.76 86.74 -35.65
C8 NAG EA . 37.58 85.48 -35.58
N2 NAG EA . 35.90 86.91 -34.64
O3 NAG EA . 35.97 89.13 -32.84
O4 NAG EA . 33.43 90.11 -32.00
O5 NAG EA . 32.58 88.47 -35.15
O6 NAG EA . 31.62 91.04 -34.99
O7 NAG EA . 36.89 87.56 -36.54
C1 NAG EA . 33.73 91.52 -31.94
C2 NAG EA . 32.88 92.17 -30.85
C3 NAG EA . 33.18 93.66 -30.80
C4 NAG EA . 34.67 93.85 -30.57
C5 NAG EA . 35.45 93.15 -31.66
C6 NAG EA . 36.95 93.30 -31.43
C7 NAG EA . 30.77 91.05 -30.45
C8 NAG EA . 30.05 91.54 -29.22
N2 NAG EA . 31.46 91.96 -31.12
O3 NAG EA . 32.43 94.26 -29.74
O4 NAG EA . 34.97 95.26 -30.57
O5 NAG EA . 35.11 91.76 -31.68
O6 NAG EA . 37.34 92.58 -30.26
O7 NAG EA . 30.70 89.88 -30.81
#